data_9ETT
#
_entry.id   9ETT
#
_cell.length_a   1.00
_cell.length_b   1.00
_cell.length_c   1.00
_cell.angle_alpha   90.00
_cell.angle_beta   90.00
_cell.angle_gamma   90.00
#
_symmetry.space_group_name_H-M   'P 1'
#
loop_
_entity.id
_entity.type
_entity.pdbx_description
1 polymer Flagellin
2 branched alpha-D-mannopyranose-(1-6)-2-acetamido-2-deoxy-beta-D-glucopyranose-(1-4)-2-acetamido-2-deoxy-beta-D-glucopyranose
#
_entity_poly.entity_id   1
_entity_poly.type   'polypeptide(L)'
_entity_poly.pdbx_seq_one_letter_code
;LAGLDTAIILIAFIITAAVLAYVAVNMGLFVTQKAKTTINKGEETASTALSLSGNVLYAVNYPTNTKSYWMYFTVSPSSG
VSSVDLSPSTTAISFTAASRGVSLSNIYQFSLLSVLPSQVNNKVQVKLGTSIINLTLAFSSNSAGQTYVYYSDPNYALLA
LNYTLGQEVKGGQLTSSPLYIISNTSIVASKPWLKNDNVFTFNISVNGTEVEYYAYVNKTFAFTYPVSGFPLAGSDIAPA
GSVIGVMILFGPGEATNVFQYETVTIQITPNIGSPLTISQYIYQPDGKVTVIG
;
_entity_poly.pdbx_strand_id   H,A,B,C,D,E,F,G,I,J,K,L,M,N,O,P,Q,R,S,T
#
loop_
_chem_comp.id
_chem_comp.type
_chem_comp.name
_chem_comp.formula
MAN D-saccharide, alpha linking alpha-D-mannopyranose 'C6 H12 O6'
NAG D-saccharide, beta linking 2-acetamido-2-deoxy-beta-D-glucopyranose 'C8 H15 N O6'
#
# COMPACT_ATOMS: atom_id res chain seq x y z
N LEU A 1 -72.00 43.39 -26.18
CA LEU A 1 -70.93 43.09 -27.18
C LEU A 1 -69.59 42.98 -26.47
N ALA A 2 -69.30 43.88 -25.52
CA ALA A 2 -67.98 43.92 -24.92
C ALA A 2 -67.58 42.53 -24.43
N GLY A 3 -68.54 41.72 -23.96
CA GLY A 3 -68.29 40.36 -23.48
C GLY A 3 -68.34 39.30 -24.58
N LEU A 4 -69.25 39.45 -25.55
CA LEU A 4 -69.44 38.47 -26.60
C LEU A 4 -68.13 38.23 -27.35
N ASP A 5 -67.49 39.32 -27.82
CA ASP A 5 -66.21 39.25 -28.51
C ASP A 5 -65.11 38.82 -27.53
N THR A 6 -65.21 39.31 -26.28
CA THR A 6 -64.26 38.98 -25.22
C THR A 6 -64.36 37.49 -24.88
N ALA A 7 -65.54 36.89 -25.11
CA ALA A 7 -65.78 35.47 -24.86
C ALA A 7 -65.18 34.62 -25.98
N ILE A 8 -64.98 35.21 -27.16
CA ILE A 8 -64.36 34.55 -28.31
C ILE A 8 -62.86 34.41 -28.06
N ILE A 9 -62.25 35.41 -27.41
CA ILE A 9 -60.80 35.44 -27.15
C ILE A 9 -60.44 34.54 -25.96
N LEU A 10 -61.39 34.35 -25.03
CA LEU A 10 -61.22 33.45 -23.90
C LEU A 10 -61.27 31.98 -24.37
N ILE A 11 -62.30 31.57 -25.11
CA ILE A 11 -62.40 30.23 -25.71
C ILE A 11 -61.12 29.86 -26.45
N ALA A 12 -60.67 30.74 -27.36
CA ALA A 12 -59.51 30.51 -28.20
C ALA A 12 -58.21 30.39 -27.39
N PHE A 13 -58.01 31.27 -26.40
CA PHE A 13 -56.81 31.27 -25.58
C PHE A 13 -56.76 30.05 -24.66
N ILE A 14 -57.92 29.57 -24.17
CA ILE A 14 -58.00 28.31 -23.42
C ILE A 14 -57.50 27.15 -24.28
N ILE A 15 -58.04 27.02 -25.50
CA ILE A 15 -57.66 25.98 -26.45
C ILE A 15 -56.16 26.04 -26.72
N THR A 16 -55.63 27.26 -26.94
CA THR A 16 -54.21 27.50 -27.18
C THR A 16 -53.32 27.03 -26.03
N ALA A 17 -53.70 27.34 -24.79
CA ALA A 17 -52.99 26.89 -23.59
C ALA A 17 -53.12 25.37 -23.40
N ALA A 18 -54.31 24.79 -23.64
CA ALA A 18 -54.55 23.36 -23.57
C ALA A 18 -53.68 22.59 -24.56
N VAL A 19 -53.45 23.13 -25.76
CA VAL A 19 -52.54 22.59 -26.77
C VAL A 19 -51.10 22.57 -26.26
N LEU A 20 -50.61 23.64 -25.60
CA LEU A 20 -49.29 23.59 -24.98
C LEU A 20 -49.25 22.55 -23.86
N ALA A 21 -50.28 22.51 -23.00
CA ALA A 21 -50.38 21.52 -21.94
C ALA A 21 -50.25 20.09 -22.49
N TYR A 22 -51.02 19.78 -23.54
CA TYR A 22 -51.01 18.51 -24.24
C TYR A 22 -49.61 18.13 -24.72
N VAL A 23 -48.92 19.07 -25.40
CA VAL A 23 -47.59 18.85 -25.94
C VAL A 23 -46.54 18.70 -24.84
N ALA A 24 -46.54 19.60 -23.85
CA ALA A 24 -45.56 19.61 -22.77
C ALA A 24 -45.64 18.34 -21.92
N VAL A 25 -46.85 17.87 -21.58
CA VAL A 25 -47.04 16.65 -20.80
C VAL A 25 -46.58 15.43 -21.59
N ASN A 26 -47.00 15.30 -22.85
CA ASN A 26 -46.57 14.22 -23.73
C ASN A 26 -45.03 14.17 -23.84
N MET A 27 -44.43 15.33 -24.11
CA MET A 27 -42.99 15.38 -24.34
C MET A 27 -42.18 15.20 -23.06
N GLY A 28 -42.72 15.61 -21.89
CA GLY A 28 -42.17 15.28 -20.58
C GLY A 28 -42.21 13.78 -20.30
N LEU A 29 -43.34 13.12 -20.58
CA LEU A 29 -43.45 11.67 -20.46
C LEU A 29 -42.41 10.98 -21.36
N PHE A 30 -42.25 11.45 -22.60
CA PHE A 30 -41.25 10.94 -23.52
C PHE A 30 -39.83 11.10 -22.96
N VAL A 31 -39.40 12.33 -22.65
CA VAL A 31 -38.02 12.60 -22.26
C VAL A 31 -37.65 11.94 -20.93
N THR A 32 -38.57 11.92 -19.96
CA THR A 32 -38.31 11.24 -18.69
C THR A 32 -38.12 9.74 -18.88
N GLN A 33 -38.82 9.12 -19.84
CA GLN A 33 -38.59 7.73 -20.17
C GLN A 33 -37.26 7.48 -20.91
N LYS A 34 -36.85 8.40 -21.80
CA LYS A 34 -35.51 8.40 -22.39
C LYS A 34 -34.44 8.49 -21.30
N ALA A 35 -34.67 9.32 -20.27
CA ALA A 35 -33.80 9.41 -19.11
C ALA A 35 -33.76 8.08 -18.34
N LYS A 36 -34.92 7.47 -18.03
CA LYS A 36 -34.99 6.17 -17.37
C LYS A 36 -34.14 5.12 -18.10
N THR A 37 -34.34 4.99 -19.41
CA THR A 37 -33.61 4.07 -20.27
C THR A 37 -32.10 4.36 -20.23
N THR A 38 -31.72 5.64 -20.34
CA THR A 38 -30.33 6.07 -20.31
C THR A 38 -29.67 5.72 -18.99
N ILE A 39 -30.34 5.99 -17.86
CA ILE A 39 -29.84 5.67 -16.53
C ILE A 39 -29.56 4.16 -16.41
N ASN A 40 -30.49 3.33 -16.90
CA ASN A 40 -30.33 1.89 -16.94
C ASN A 40 -29.08 1.49 -17.77
N LYS A 41 -28.96 2.00 -19.00
CA LYS A 41 -27.81 1.71 -19.87
C LYS A 41 -26.49 2.20 -19.27
N GLY A 42 -26.50 3.31 -18.52
CA GLY A 42 -25.33 3.82 -17.82
C GLY A 42 -24.86 2.89 -16.71
N GLU A 43 -25.79 2.37 -15.90
CA GLU A 43 -25.48 1.36 -14.90
C GLU A 43 -24.97 0.08 -15.55
N GLU A 44 -25.66 -0.44 -16.58
CA GLU A 44 -25.22 -1.62 -17.32
C GLU A 44 -23.80 -1.45 -17.87
N THR A 45 -23.48 -0.25 -18.38
CA THR A 45 -22.15 0.07 -18.90
C THR A 45 -21.08 0.08 -17.80
N ALA A 46 -21.44 0.49 -16.58
CA ALA A 46 -20.54 0.50 -15.44
C ALA A 46 -20.37 -0.90 -14.82
N SER A 47 -21.42 -1.74 -14.85
CA SER A 47 -21.39 -3.05 -14.23
C SER A 47 -20.81 -4.14 -15.16
N THR A 48 -21.24 -4.18 -16.43
CA THR A 48 -20.80 -5.23 -17.35
C THR A 48 -19.32 -5.08 -17.73
N ALA A 49 -18.55 -6.15 -17.53
CA ALA A 49 -17.13 -6.24 -17.90
C ALA A 49 -16.68 -7.70 -17.86
N LEU A 50 -15.58 -8.03 -18.56
CA LEU A 50 -14.97 -9.36 -18.51
C LEU A 50 -13.62 -9.26 -17.82
N SER A 51 -13.28 -10.31 -17.05
CA SER A 51 -11.94 -10.48 -16.48
C SER A 51 -11.27 -11.67 -17.14
N LEU A 52 -9.95 -11.58 -17.36
CA LEU A 52 -9.14 -12.74 -17.67
C LEU A 52 -9.09 -13.64 -16.43
N SER A 53 -9.63 -14.87 -16.54
CA SER A 53 -9.80 -15.76 -15.40
C SER A 53 -9.12 -17.13 -15.63
N GLY A 54 -7.98 -17.08 -16.31
CA GLY A 54 -7.05 -18.19 -16.46
C GLY A 54 -5.73 -17.67 -17.02
N ASN A 55 -4.76 -18.56 -17.18
CA ASN A 55 -3.54 -18.20 -17.90
C ASN A 55 -3.81 -18.13 -19.40
N VAL A 56 -2.96 -17.38 -20.11
CA VAL A 56 -2.97 -17.33 -21.57
C VAL A 56 -1.96 -18.35 -22.09
N LEU A 57 -2.46 -19.32 -22.87
CA LEU A 57 -1.67 -20.41 -23.41
C LEU A 57 -1.41 -20.15 -24.89
N TYR A 58 -0.18 -20.40 -25.33
CA TYR A 58 0.22 -20.18 -26.72
C TYR A 58 0.87 -21.45 -27.28
N ALA A 59 0.45 -21.89 -28.47
CA ALA A 59 0.91 -23.12 -29.09
C ALA A 59 1.64 -22.86 -30.40
N VAL A 60 2.76 -23.58 -30.62
CA VAL A 60 3.65 -23.41 -31.76
C VAL A 60 4.23 -24.76 -32.18
N ASN A 61 4.87 -24.83 -33.35
CA ASN A 61 5.51 -26.05 -33.85
C ASN A 61 6.84 -26.36 -33.14
N TYR A 62 6.77 -26.46 -31.82
CA TYR A 62 7.90 -26.71 -30.95
C TYR A 62 8.55 -28.06 -31.28
N PRO A 63 9.90 -28.22 -31.20
CA PRO A 63 10.84 -27.17 -30.82
C PRO A 63 11.27 -26.23 -31.95
N THR A 64 10.87 -26.50 -33.19
CA THR A 64 11.37 -25.80 -34.37
C THR A 64 11.00 -24.32 -34.40
N ASN A 65 9.85 -23.96 -33.81
CA ASN A 65 9.39 -22.57 -33.61
C ASN A 65 9.35 -21.73 -34.90
N THR A 66 9.15 -22.37 -36.07
CA THR A 66 8.99 -21.65 -37.32
C THR A 66 7.54 -21.23 -37.56
N LYS A 67 6.56 -21.79 -36.84
CA LYS A 67 5.15 -21.61 -37.17
C LYS A 67 4.26 -21.60 -35.92
N SER A 68 3.18 -20.80 -35.97
CA SER A 68 2.33 -20.47 -34.83
C SER A 68 0.93 -21.08 -35.01
N TYR A 69 0.37 -21.72 -33.97
CA TYR A 69 -0.82 -22.55 -34.10
C TYR A 69 -2.07 -21.90 -33.52
N TRP A 70 -2.07 -21.67 -32.20
CA TRP A 70 -3.23 -21.08 -31.53
C TRP A 70 -2.88 -20.41 -30.22
N MET A 71 -3.78 -19.54 -29.74
CA MET A 71 -3.78 -19.04 -28.37
C MET A 71 -5.11 -19.41 -27.72
N TYR A 72 -5.04 -19.76 -26.43
CA TYR A 72 -6.22 -20.10 -25.64
C TYR A 72 -6.17 -19.29 -24.36
N PHE A 73 -7.31 -18.77 -23.90
CA PHE A 73 -7.43 -18.15 -22.60
C PHE A 73 -8.88 -18.20 -22.11
N THR A 74 -9.09 -17.93 -20.84
CA THR A 74 -10.41 -18.08 -20.24
C THR A 74 -10.87 -16.72 -19.71
N VAL A 75 -12.16 -16.38 -19.91
CA VAL A 75 -12.72 -15.13 -19.41
C VAL A 75 -14.00 -15.41 -18.63
N SER A 76 -14.36 -14.49 -17.73
CA SER A 76 -15.62 -14.57 -16.98
C SER A 76 -16.08 -13.16 -16.64
N PRO A 77 -17.39 -12.88 -16.52
CA PRO A 77 -17.86 -11.58 -16.07
C PRO A 77 -17.24 -11.16 -14.74
N SER A 78 -16.79 -9.89 -14.69
CA SER A 78 -15.98 -9.36 -13.58
C SER A 78 -16.77 -9.32 -12.28
N SER A 79 -16.15 -9.83 -11.18
CA SER A 79 -16.65 -9.67 -9.82
C SER A 79 -18.08 -10.20 -9.63
N GLY A 80 -18.57 -11.06 -10.53
CA GLY A 80 -19.88 -11.68 -10.46
C GLY A 80 -21.08 -10.71 -10.52
N VAL A 81 -20.92 -9.52 -11.11
CA VAL A 81 -21.95 -8.48 -10.96
C VAL A 81 -23.11 -8.61 -11.96
N SER A 82 -22.82 -8.91 -13.23
CA SER A 82 -23.83 -8.95 -14.29
C SER A 82 -23.37 -9.78 -15.50
N SER A 83 -24.33 -10.15 -16.38
CA SER A 83 -24.09 -10.98 -17.56
C SER A 83 -23.51 -10.19 -18.74
N VAL A 84 -22.80 -10.87 -19.65
CA VAL A 84 -22.17 -10.26 -20.83
C VAL A 84 -22.64 -10.96 -22.10
N ASP A 85 -23.18 -10.20 -23.08
CA ASP A 85 -23.47 -10.72 -24.42
C ASP A 85 -22.16 -10.98 -25.16
N LEU A 86 -21.92 -12.23 -25.59
CA LEU A 86 -20.75 -12.59 -26.37
C LEU A 86 -21.11 -13.06 -27.78
N SER A 87 -22.25 -12.65 -28.34
CA SER A 87 -22.59 -13.08 -29.69
C SER A 87 -21.58 -12.57 -30.71
N PRO A 88 -21.06 -13.41 -31.64
CA PRO A 88 -20.02 -12.97 -32.58
C PRO A 88 -20.48 -11.98 -33.64
N SER A 89 -21.80 -11.73 -33.75
CA SER A 89 -22.33 -10.65 -34.57
C SER A 89 -22.16 -9.29 -33.89
N THR A 90 -22.35 -9.22 -32.57
CA THR A 90 -22.33 -7.97 -31.81
C THR A 90 -20.93 -7.65 -31.27
N THR A 91 -20.22 -8.67 -30.79
CA THR A 91 -18.91 -8.54 -30.14
C THR A 91 -17.78 -8.54 -31.18
N ALA A 92 -16.70 -7.79 -30.91
CA ALA A 92 -15.46 -7.93 -31.68
C ALA A 92 -14.35 -8.50 -30.81
N ILE A 93 -13.45 -9.30 -31.39
CA ILE A 93 -12.17 -9.59 -30.76
C ILE A 93 -11.09 -9.10 -31.71
N SER A 94 -10.29 -8.11 -31.29
CA SER A 94 -9.16 -7.64 -32.08
C SER A 94 -7.88 -8.38 -31.66
N PHE A 95 -6.90 -8.41 -32.56
CA PHE A 95 -5.61 -9.02 -32.29
C PHE A 95 -4.53 -8.14 -32.93
N THR A 96 -3.55 -7.69 -32.15
CA THR A 96 -2.45 -6.90 -32.71
C THR A 96 -1.10 -7.38 -32.18
N ALA A 97 -0.15 -7.62 -33.09
CA ALA A 97 1.27 -7.78 -32.76
C ALA A 97 2.00 -6.59 -33.38
N ALA A 98 2.04 -5.48 -32.65
CA ALA A 98 2.36 -4.16 -33.18
C ALA A 98 3.76 -4.10 -33.81
N SER A 99 4.73 -4.78 -33.19
CA SER A 99 6.13 -4.83 -33.62
C SER A 99 6.25 -5.25 -35.09
N ARG A 100 5.50 -6.28 -35.50
CA ARG A 100 5.51 -6.83 -36.84
C ARG A 100 4.40 -6.26 -37.74
N GLY A 101 3.66 -5.25 -37.25
CA GLY A 101 2.65 -4.55 -38.04
C GLY A 101 1.35 -5.34 -38.26
N VAL A 102 1.17 -6.47 -37.55
CA VAL A 102 -0.07 -7.24 -37.62
C VAL A 102 -1.13 -6.56 -36.77
N SER A 103 -2.28 -6.27 -37.39
CA SER A 103 -3.39 -5.65 -36.70
C SER A 103 -4.69 -6.12 -37.34
N LEU A 104 -5.47 -6.91 -36.60
CA LEU A 104 -6.73 -7.45 -37.05
C LEU A 104 -7.83 -6.84 -36.18
N SER A 105 -8.75 -6.10 -36.80
CA SER A 105 -9.74 -5.34 -36.05
C SER A 105 -10.85 -6.24 -35.50
N ASN A 106 -11.20 -7.32 -36.20
CA ASN A 106 -12.14 -8.29 -35.67
C ASN A 106 -11.90 -9.68 -36.25
N ILE A 107 -11.53 -10.63 -35.37
CA ILE A 107 -11.29 -12.02 -35.72
C ILE A 107 -12.39 -12.94 -35.15
N TYR A 108 -13.34 -12.43 -34.39
CA TYR A 108 -14.32 -13.27 -33.72
C TYR A 108 -15.43 -13.70 -34.67
N GLN A 109 -15.63 -15.02 -34.83
CA GLN A 109 -16.55 -15.51 -35.85
C GLN A 109 -17.64 -16.43 -35.31
N PHE A 110 -17.32 -17.27 -34.30
CA PHE A 110 -18.22 -18.35 -33.91
C PHE A 110 -18.29 -18.54 -32.39
N SER A 111 -19.40 -19.11 -31.91
CA SER A 111 -19.50 -19.46 -30.51
C SER A 111 -20.24 -20.78 -30.33
N LEU A 112 -19.71 -21.65 -29.46
CA LEU A 112 -20.41 -22.85 -29.03
C LEU A 112 -21.41 -22.55 -27.91
N LEU A 113 -21.49 -21.30 -27.42
CA LEU A 113 -22.53 -20.91 -26.47
C LEU A 113 -23.92 -21.01 -27.11
N SER A 114 -24.00 -20.84 -28.44
CA SER A 114 -25.21 -21.01 -29.25
C SER A 114 -25.67 -22.48 -29.36
N VAL A 115 -24.79 -23.44 -29.03
CA VAL A 115 -24.93 -24.82 -29.47
C VAL A 115 -25.39 -25.72 -28.30
N LEU A 116 -26.51 -26.43 -28.49
CA LEU A 116 -26.99 -27.40 -27.52
C LEU A 116 -26.18 -28.70 -27.61
N PRO A 117 -25.97 -29.45 -26.50
CA PRO A 117 -25.22 -30.72 -26.54
C PRO A 117 -25.72 -31.70 -27.60
N SER A 118 -27.05 -31.80 -27.79
CA SER A 118 -27.67 -32.68 -28.79
C SER A 118 -27.30 -32.33 -30.24
N GLN A 119 -26.75 -31.14 -30.49
CA GLN A 119 -26.30 -30.73 -31.81
C GLN A 119 -24.88 -31.22 -32.13
N VAL A 120 -24.12 -31.70 -31.13
CA VAL A 120 -22.72 -32.08 -31.30
C VAL A 120 -22.40 -33.50 -30.79
N ASN A 121 -23.01 -33.92 -29.69
CA ASN A 121 -22.80 -35.26 -29.15
C ASN A 121 -23.35 -36.32 -30.11
N ASN A 122 -22.62 -37.43 -30.25
CA ASN A 122 -22.97 -38.54 -31.15
C ASN A 122 -23.03 -38.14 -32.64
N LYS A 123 -22.42 -37.01 -33.04
CA LYS A 123 -22.49 -36.52 -34.42
C LYS A 123 -21.13 -36.46 -35.13
N VAL A 124 -20.04 -36.67 -34.38
CA VAL A 124 -18.74 -37.06 -34.93
C VAL A 124 -18.32 -38.40 -34.33
N GLN A 125 -17.62 -39.22 -35.13
CA GLN A 125 -17.36 -40.60 -34.79
C GLN A 125 -16.02 -41.07 -35.34
N VAL A 126 -15.40 -42.06 -34.66
CA VAL A 126 -14.11 -42.61 -35.06
C VAL A 126 -14.30 -44.05 -35.52
N LYS A 127 -13.76 -44.39 -36.70
CA LYS A 127 -13.67 -45.77 -37.17
C LYS A 127 -12.35 -46.39 -36.69
N LEU A 128 -12.38 -47.11 -35.56
CA LEU A 128 -11.25 -47.92 -35.11
C LEU A 128 -11.40 -49.35 -35.67
N GLY A 129 -10.78 -49.60 -36.83
CA GLY A 129 -10.98 -50.86 -37.55
C GLY A 129 -12.44 -51.06 -37.94
N THR A 130 -13.01 -52.20 -37.53
CA THR A 130 -14.43 -52.53 -37.72
C THR A 130 -15.34 -51.65 -36.86
N SER A 131 -14.91 -51.33 -35.63
CA SER A 131 -15.72 -50.63 -34.64
C SER A 131 -15.88 -49.15 -34.97
N ILE A 132 -17.06 -48.59 -34.70
CA ILE A 132 -17.32 -47.16 -34.87
C ILE A 132 -17.81 -46.57 -33.56
N ILE A 133 -17.09 -45.56 -33.03
CA ILE A 133 -17.36 -45.00 -31.72
C ILE A 133 -17.89 -43.56 -31.87
N ASN A 134 -19.09 -43.31 -31.33
CA ASN A 134 -19.69 -41.98 -31.22
C ASN A 134 -18.98 -41.18 -30.12
N LEU A 135 -18.54 -39.95 -30.42
CA LEU A 135 -17.91 -39.09 -29.42
C LEU A 135 -18.94 -38.27 -28.65
N THR A 136 -18.68 -38.09 -27.34
CA THR A 136 -19.36 -37.10 -26.52
C THR A 136 -18.39 -35.94 -26.30
N LEU A 137 -18.81 -34.72 -26.67
CA LEU A 137 -17.94 -33.55 -26.73
C LEU A 137 -18.40 -32.48 -25.74
N ALA A 138 -19.69 -32.16 -25.74
CA ALA A 138 -20.30 -31.29 -24.75
C ALA A 138 -20.68 -32.13 -23.53
N PHE A 139 -19.99 -31.92 -22.41
CA PHE A 139 -20.38 -32.54 -21.14
C PHE A 139 -21.48 -31.69 -20.50
N SER A 140 -22.24 -32.30 -19.57
CA SER A 140 -23.36 -31.62 -18.94
C SER A 140 -23.63 -32.15 -17.54
N SER A 141 -24.19 -31.29 -16.67
CA SER A 141 -24.60 -31.63 -15.31
C SER A 141 -25.79 -30.78 -14.88
N ASN A 142 -26.51 -31.22 -13.85
CA ASN A 142 -27.73 -30.53 -13.40
C ASN A 142 -27.55 -29.89 -12.03
N SER A 143 -28.06 -28.64 -11.88
CA SER A 143 -28.30 -28.05 -10.56
C SER A 143 -29.57 -27.20 -10.60
N ALA A 144 -30.43 -27.32 -9.58
CA ALA A 144 -31.67 -26.54 -9.46
C ALA A 144 -32.54 -26.58 -10.73
N GLY A 145 -32.55 -27.72 -11.44
CA GLY A 145 -33.36 -27.90 -12.63
C GLY A 145 -32.81 -27.25 -13.90
N GLN A 146 -31.62 -26.63 -13.83
CA GLN A 146 -30.90 -26.13 -14.99
C GLN A 146 -29.87 -27.16 -15.45
N THR A 147 -29.72 -27.34 -16.77
CA THR A 147 -28.62 -28.11 -17.32
C THR A 147 -27.45 -27.18 -17.65
N TYR A 148 -26.32 -27.40 -16.99
CA TYR A 148 -25.06 -26.72 -17.29
C TYR A 148 -24.38 -27.46 -18.44
N VAL A 149 -23.68 -26.72 -19.31
CA VAL A 149 -23.03 -27.30 -20.48
C VAL A 149 -21.60 -26.77 -20.53
N TYR A 150 -20.63 -27.64 -20.86
CA TYR A 150 -19.26 -27.20 -21.02
C TYR A 150 -18.47 -28.18 -21.88
N TYR A 151 -17.31 -27.73 -22.39
CA TYR A 151 -16.36 -28.58 -23.07
C TYR A 151 -15.15 -28.75 -22.16
N SER A 152 -14.74 -30.00 -21.93
CA SER A 152 -13.72 -30.32 -20.95
C SER A 152 -12.33 -29.82 -21.40
N ASP A 153 -12.10 -29.76 -22.72
CA ASP A 153 -10.82 -29.27 -23.26
C ASP A 153 -11.01 -28.55 -24.59
N PRO A 154 -10.00 -27.79 -25.07
CA PRO A 154 -10.04 -27.19 -26.40
C PRO A 154 -10.15 -28.19 -27.55
N ASN A 155 -9.72 -29.45 -27.37
CA ASN A 155 -9.78 -30.46 -28.42
C ASN A 155 -11.23 -30.86 -28.73
N TYR A 156 -12.03 -31.15 -27.69
CA TYR A 156 -13.44 -31.44 -27.87
C TYR A 156 -14.20 -30.20 -28.36
N ALA A 157 -13.81 -29.01 -27.92
CA ALA A 157 -14.35 -27.77 -28.45
C ALA A 157 -14.07 -27.62 -29.94
N LEU A 158 -12.84 -27.90 -30.39
CA LEU A 158 -12.46 -27.84 -31.80
C LEU A 158 -13.29 -28.82 -32.64
N LEU A 159 -13.45 -30.07 -32.19
CA LEU A 159 -14.24 -31.05 -32.91
C LEU A 159 -15.70 -30.64 -33.00
N ALA A 160 -16.28 -30.15 -31.89
CA ALA A 160 -17.63 -29.62 -31.86
C ALA A 160 -17.82 -28.43 -32.81
N LEU A 161 -16.80 -27.57 -32.94
CA LEU A 161 -16.81 -26.48 -33.89
C LEU A 161 -16.69 -26.98 -35.33
N ASN A 162 -15.76 -27.88 -35.64
CA ASN A 162 -15.65 -28.47 -36.98
C ASN A 162 -17.01 -29.02 -37.43
N TYR A 163 -17.68 -29.79 -36.55
CA TYR A 163 -18.99 -30.32 -36.86
C TYR A 163 -19.99 -29.18 -37.11
N THR A 164 -20.11 -28.25 -36.15
CA THR A 164 -21.06 -27.15 -36.23
C THR A 164 -20.91 -26.33 -37.51
N LEU A 165 -19.67 -25.95 -37.87
CA LEU A 165 -19.42 -25.15 -39.06
C LEU A 165 -19.63 -25.95 -40.34
N GLY A 166 -19.21 -27.21 -40.40
CA GLY A 166 -19.52 -28.08 -41.54
C GLY A 166 -21.02 -28.24 -41.75
N GLN A 167 -21.78 -28.37 -40.65
CA GLN A 167 -23.23 -28.46 -40.66
C GLN A 167 -23.89 -27.14 -41.11
N GLU A 168 -23.33 -25.98 -40.73
CA GLU A 168 -23.80 -24.68 -41.21
C GLU A 168 -23.49 -24.45 -42.69
N VAL A 169 -22.35 -24.93 -43.21
CA VAL A 169 -22.05 -24.92 -44.64
C VAL A 169 -23.05 -25.81 -45.39
N LYS A 170 -23.28 -27.03 -44.87
CA LYS A 170 -24.23 -27.99 -45.43
C LYS A 170 -25.65 -27.42 -45.46
N GLY A 171 -26.03 -26.66 -44.43
CA GLY A 171 -27.31 -25.95 -44.35
C GLY A 171 -27.36 -24.63 -45.12
N GLY A 172 -26.28 -24.23 -45.81
CA GLY A 172 -26.20 -23.01 -46.61
C GLY A 172 -26.18 -21.71 -45.80
N GLN A 173 -26.02 -21.78 -44.47
CA GLN A 173 -26.00 -20.62 -43.59
C GLN A 173 -24.64 -19.91 -43.60
N LEU A 174 -23.59 -20.61 -44.02
CA LEU A 174 -22.21 -20.15 -44.04
C LEU A 174 -21.58 -20.54 -45.39
N THR A 175 -20.76 -19.68 -45.99
CA THR A 175 -20.24 -19.91 -47.34
C THR A 175 -19.14 -20.98 -47.36
N SER A 176 -18.18 -20.87 -46.44
CA SER A 176 -17.13 -21.84 -46.17
C SER A 176 -16.79 -21.84 -44.69
N SER A 177 -16.47 -23.03 -44.14
CA SER A 177 -15.86 -23.11 -42.81
C SER A 177 -14.39 -22.74 -42.94
N PRO A 178 -13.83 -21.84 -42.08
CA PRO A 178 -12.40 -21.58 -42.06
C PRO A 178 -11.61 -22.69 -41.37
N LEU A 179 -12.30 -23.59 -40.66
CA LEU A 179 -11.71 -24.73 -39.96
C LEU A 179 -12.14 -26.03 -40.63
N TYR A 180 -11.19 -26.93 -40.88
CA TYR A 180 -11.48 -28.27 -41.35
C TYR A 180 -10.62 -29.28 -40.59
N ILE A 181 -11.25 -30.28 -39.95
CA ILE A 181 -10.54 -31.24 -39.12
C ILE A 181 -10.73 -32.65 -39.66
N ILE A 182 -9.60 -33.38 -39.85
CA ILE A 182 -9.58 -34.74 -40.37
C ILE A 182 -8.57 -35.60 -39.59
N SER A 183 -8.85 -36.91 -39.46
CA SER A 183 -7.90 -37.87 -38.93
C SER A 183 -7.04 -38.46 -40.05
N ASN A 184 -7.68 -38.67 -41.21
CA ASN A 184 -7.07 -39.20 -42.41
C ASN A 184 -6.36 -38.08 -43.18
N THR A 185 -5.02 -38.15 -43.26
CA THR A 185 -4.27 -37.19 -44.07
C THR A 185 -4.25 -37.54 -45.57
N SER A 186 -4.59 -38.78 -45.95
CA SER A 186 -4.60 -39.21 -47.35
C SER A 186 -5.52 -38.34 -48.22
N ILE A 187 -6.57 -37.79 -47.60
CA ILE A 187 -7.58 -36.93 -48.23
C ILE A 187 -6.96 -35.66 -48.84
N VAL A 188 -5.88 -35.14 -48.24
CA VAL A 188 -5.31 -33.83 -48.54
C VAL A 188 -4.88 -33.69 -50.00
N ALA A 189 -4.38 -34.76 -50.62
CA ALA A 189 -3.98 -34.76 -52.03
C ALA A 189 -5.14 -34.42 -52.97
N SER A 190 -6.38 -34.77 -52.58
CA SER A 190 -7.59 -34.51 -53.37
C SER A 190 -8.18 -33.11 -53.13
N LYS A 191 -7.62 -32.35 -52.17
CA LYS A 191 -8.14 -31.07 -51.69
C LYS A 191 -7.02 -30.04 -51.60
N PRO A 192 -6.48 -29.57 -52.75
CA PRO A 192 -5.22 -28.82 -52.78
C PRO A 192 -5.24 -27.48 -52.04
N TRP A 193 -6.42 -26.91 -51.77
CA TRP A 193 -6.54 -25.71 -50.94
C TRP A 193 -6.04 -25.95 -49.50
N LEU A 194 -6.12 -27.19 -49.01
CA LEU A 194 -5.60 -27.56 -47.70
C LEU A 194 -4.07 -27.64 -47.66
N LYS A 195 -3.38 -27.60 -48.82
CA LYS A 195 -1.92 -27.73 -48.86
C LYS A 195 -1.23 -26.52 -48.26
N ASN A 196 -1.80 -25.31 -48.49
CA ASN A 196 -1.10 -24.06 -48.23
C ASN A 196 -1.58 -23.34 -46.96
N ASP A 197 -2.82 -23.60 -46.50
CA ASP A 197 -3.30 -22.99 -45.26
C ASP A 197 -2.66 -23.61 -44.01
N ASN A 198 -2.88 -23.00 -42.83
CA ASN A 198 -2.14 -23.36 -41.63
C ASN A 198 -2.66 -24.66 -41.03
N VAL A 199 -1.76 -25.55 -40.57
CA VAL A 199 -2.16 -26.83 -40.02
C VAL A 199 -1.46 -27.11 -38.68
N PHE A 200 -2.23 -27.59 -37.71
CA PHE A 200 -1.72 -28.11 -36.45
C PHE A 200 -2.43 -29.41 -36.10
N THR A 201 -1.86 -30.19 -35.17
CA THR A 201 -2.45 -31.48 -34.81
C THR A 201 -2.70 -31.57 -33.30
N PHE A 202 -3.69 -32.39 -32.95
CA PHE A 202 -3.97 -32.70 -31.56
C PHE A 202 -4.48 -34.14 -31.44
N ASN A 203 -4.24 -34.76 -30.29
CA ASN A 203 -4.66 -36.13 -30.05
C ASN A 203 -5.81 -36.14 -29.05
N ILE A 204 -6.79 -37.03 -29.28
CA ILE A 204 -7.77 -37.41 -28.27
C ILE A 204 -7.67 -38.93 -28.07
N SER A 205 -8.19 -39.46 -26.95
CA SER A 205 -8.22 -40.90 -26.74
C SER A 205 -9.63 -41.46 -26.90
N VAL A 206 -9.76 -42.53 -27.70
CA VAL A 206 -11.04 -43.19 -27.98
C VAL A 206 -10.81 -44.69 -27.87
N ASN A 207 -11.66 -45.40 -27.09
CA ASN A 207 -11.42 -46.80 -26.76
C ASN A 207 -9.96 -47.00 -26.33
N GLY A 208 -9.47 -46.11 -25.45
CA GLY A 208 -8.11 -46.10 -24.94
C GLY A 208 -6.99 -45.98 -26.00
N THR A 209 -7.36 -45.66 -27.24
CA THR A 209 -6.44 -45.54 -28.37
C THR A 209 -6.26 -44.06 -28.72
N GLU A 210 -5.02 -43.61 -28.92
CA GLU A 210 -4.75 -42.25 -29.37
C GLU A 210 -5.17 -42.05 -30.84
N VAL A 211 -6.04 -41.06 -31.07
CA VAL A 211 -6.46 -40.66 -32.41
C VAL A 211 -5.89 -39.27 -32.67
N GLU A 212 -5.02 -39.12 -33.68
CA GLU A 212 -4.53 -37.82 -34.06
C GLU A 212 -5.47 -37.16 -35.07
N TYR A 213 -5.83 -35.91 -34.79
CA TYR A 213 -6.56 -35.06 -35.71
C TYR A 213 -5.69 -33.92 -36.20
N TYR A 214 -5.84 -33.61 -37.49
CA TYR A 214 -5.16 -32.54 -38.20
C TYR A 214 -6.19 -31.44 -38.43
N ALA A 215 -5.92 -30.24 -37.91
CA ALA A 215 -6.80 -29.08 -38.03
C ALA A 215 -6.21 -28.11 -39.04
N TYR A 216 -6.96 -27.86 -40.11
CA TYR A 216 -6.58 -26.94 -41.19
C TYR A 216 -7.34 -25.64 -41.01
N VAL A 217 -6.61 -24.51 -41.00
CA VAL A 217 -7.14 -23.20 -40.66
C VAL A 217 -6.86 -22.21 -41.80
N ASN A 218 -7.94 -21.72 -42.39
CA ASN A 218 -7.99 -20.92 -43.61
C ASN A 218 -7.51 -19.49 -43.38
N LYS A 219 -7.84 -18.92 -42.20
CA LYS A 219 -7.61 -17.53 -41.83
C LYS A 219 -7.55 -17.41 -40.31
N THR A 220 -6.94 -16.36 -39.76
CA THR A 220 -6.93 -16.19 -38.31
C THR A 220 -8.34 -15.87 -37.82
N PHE A 221 -8.86 -16.68 -36.88
CA PHE A 221 -10.19 -16.47 -36.33
C PHE A 221 -10.22 -16.86 -34.84
N ALA A 222 -11.21 -16.33 -34.13
CA ALA A 222 -11.45 -16.67 -32.74
C ALA A 222 -12.85 -17.27 -32.58
N PHE A 223 -12.97 -18.19 -31.61
CA PHE A 223 -14.26 -18.67 -31.19
C PHE A 223 -14.32 -18.76 -29.66
N THR A 224 -15.53 -18.83 -29.12
CA THR A 224 -15.73 -18.98 -27.69
C THR A 224 -16.55 -20.23 -27.40
N TYR A 225 -16.35 -20.80 -26.19
CA TYR A 225 -17.09 -21.97 -25.77
C TYR A 225 -17.24 -21.99 -24.25
N PRO A 226 -18.28 -22.65 -23.70
CA PRO A 226 -18.48 -22.66 -22.26
C PRO A 226 -17.54 -23.63 -21.55
N VAL A 227 -17.04 -23.21 -20.37
CA VAL A 227 -16.10 -23.98 -19.56
C VAL A 227 -16.69 -24.36 -18.20
N SER A 228 -17.45 -23.46 -17.55
CA SER A 228 -18.27 -23.80 -16.39
C SER A 228 -19.34 -22.74 -16.13
N GLY A 229 -20.31 -23.04 -15.27
CA GLY A 229 -21.30 -22.07 -14.82
C GLY A 229 -22.19 -21.52 -15.94
N PHE A 230 -22.29 -22.24 -17.06
CA PHE A 230 -23.07 -21.81 -18.21
C PHE A 230 -24.31 -22.68 -18.38
N PRO A 231 -25.49 -22.28 -17.85
CA PRO A 231 -26.75 -22.96 -18.11
C PRO A 231 -27.51 -22.44 -19.33
N LEU A 232 -27.08 -21.30 -19.89
CA LEU A 232 -27.83 -20.59 -20.92
C LEU A 232 -27.53 -21.09 -22.34
N ALA A 233 -27.38 -22.41 -22.53
CA ALA A 233 -27.06 -22.98 -23.83
C ALA A 233 -28.12 -22.58 -24.88
N GLY A 234 -27.63 -22.07 -26.04
CA GLY A 234 -28.45 -21.48 -27.08
C GLY A 234 -28.33 -19.96 -27.19
N SER A 235 -27.81 -19.26 -26.16
CA SER A 235 -28.04 -17.82 -26.01
C SER A 235 -26.91 -16.89 -26.49
N ASP A 236 -25.63 -17.35 -26.47
CA ASP A 236 -24.44 -16.49 -26.55
C ASP A 236 -24.24 -15.53 -25.36
N ILE A 237 -24.96 -15.70 -24.24
CA ILE A 237 -24.78 -14.82 -23.08
C ILE A 237 -23.97 -15.54 -22.02
N ALA A 238 -22.88 -14.93 -21.55
CA ALA A 238 -22.15 -15.42 -20.39
C ALA A 238 -22.77 -14.84 -19.12
N PRO A 239 -23.47 -15.64 -18.27
CA PRO A 239 -24.04 -15.10 -17.04
C PRO A 239 -22.96 -14.89 -15.99
N ALA A 240 -23.26 -14.06 -14.98
CA ALA A 240 -22.33 -13.83 -13.89
C ALA A 240 -22.02 -15.16 -13.18
N GLY A 241 -20.72 -15.43 -12.96
CA GLY A 241 -20.28 -16.70 -12.39
C GLY A 241 -20.19 -17.85 -13.40
N SER A 242 -20.22 -17.55 -14.71
CA SER A 242 -19.82 -18.48 -15.77
C SER A 242 -18.35 -18.29 -16.13
N VAL A 243 -17.77 -19.29 -16.80
CA VAL A 243 -16.38 -19.26 -17.25
C VAL A 243 -16.39 -19.68 -18.72
N ILE A 244 -15.79 -18.86 -19.59
CA ILE A 244 -15.86 -18.99 -21.04
C ILE A 244 -14.46 -19.16 -21.60
N GLY A 245 -14.22 -20.22 -22.36
CA GLY A 245 -12.97 -20.37 -23.08
C GLY A 245 -13.01 -19.54 -24.36
N VAL A 246 -11.91 -18.83 -24.63
CA VAL A 246 -11.69 -18.07 -25.85
C VAL A 246 -10.49 -18.70 -26.55
N MET A 247 -10.63 -19.07 -27.82
CA MET A 247 -9.53 -19.66 -28.54
C MET A 247 -9.35 -18.97 -29.89
N ILE A 248 -8.10 -18.61 -30.19
CA ILE A 248 -7.69 -17.98 -31.43
C ILE A 248 -6.87 -18.99 -32.20
N LEU A 249 -7.29 -19.33 -33.43
CA LEU A 249 -6.51 -20.20 -34.30
C LEU A 249 -5.90 -19.33 -35.39
N PHE A 250 -4.58 -19.44 -35.60
CA PHE A 250 -3.90 -18.60 -36.59
C PHE A 250 -4.02 -19.18 -37.99
N GLY A 251 -4.29 -18.30 -38.97
CA GLY A 251 -4.25 -18.65 -40.38
C GLY A 251 -2.84 -18.53 -40.96
N PRO A 252 -2.63 -18.86 -42.26
CA PRO A 252 -1.30 -18.88 -42.85
C PRO A 252 -0.58 -17.54 -42.88
N GLY A 253 -1.32 -16.42 -42.82
CA GLY A 253 -0.77 -15.08 -42.66
C GLY A 253 -0.06 -14.91 -41.33
N GLU A 254 -0.83 -14.88 -40.23
CA GLU A 254 -0.29 -14.63 -38.90
C GLU A 254 0.57 -15.78 -38.36
N ALA A 255 0.37 -16.99 -38.88
CA ALA A 255 1.16 -18.17 -38.49
C ALA A 255 2.63 -18.10 -38.89
N THR A 256 3.00 -17.23 -39.85
CA THR A 256 4.20 -17.35 -40.68
C THR A 256 5.52 -17.47 -39.93
N ASN A 257 5.67 -16.76 -38.79
CA ASN A 257 6.72 -17.05 -37.82
C ASN A 257 6.27 -16.72 -36.40
N VAL A 258 6.89 -17.38 -35.41
CA VAL A 258 6.48 -17.36 -34.02
C VAL A 258 6.67 -15.97 -33.39
N PHE A 259 5.82 -15.61 -32.41
CA PHE A 259 6.02 -14.40 -31.62
C PHE A 259 7.21 -14.56 -30.68
N GLN A 260 8.23 -13.70 -30.83
CA GLN A 260 9.36 -13.66 -29.90
C GLN A 260 9.82 -12.22 -29.72
N TYR A 261 10.11 -11.81 -28.48
CA TYR A 261 10.60 -10.47 -28.20
C TYR A 261 9.61 -9.41 -28.72
N GLU A 262 8.32 -9.69 -28.53
CA GLU A 262 7.23 -8.94 -29.14
C GLU A 262 6.08 -8.79 -28.15
N THR A 263 5.30 -7.71 -28.28
CA THR A 263 4.08 -7.54 -27.49
C THR A 263 2.87 -7.91 -28.34
N VAL A 264 2.06 -8.84 -27.82
CA VAL A 264 0.78 -9.21 -28.43
C VAL A 264 -0.34 -8.66 -27.55
N THR A 265 -1.30 -7.97 -28.20
CA THR A 265 -2.48 -7.43 -27.54
C THR A 265 -3.74 -8.04 -28.16
N ILE A 266 -4.64 -8.51 -27.30
CA ILE A 266 -5.95 -9.00 -27.70
C ILE A 266 -6.97 -8.11 -26.99
N GLN A 267 -8.04 -7.71 -27.67
CA GLN A 267 -9.09 -6.99 -26.99
C GLN A 267 -10.46 -7.57 -27.34
N ILE A 268 -11.25 -7.88 -26.32
CA ILE A 268 -12.62 -8.35 -26.50
C ILE A 268 -13.53 -7.17 -26.18
N THR A 269 -14.36 -6.77 -27.15
CA THR A 269 -15.24 -5.61 -27.00
C THR A 269 -16.69 -6.04 -27.22
N PRO A 270 -17.44 -6.39 -26.14
CA PRO A 270 -18.87 -6.65 -26.26
C PRO A 270 -19.64 -5.35 -26.53
N ASN A 271 -20.92 -5.49 -26.87
CA ASN A 271 -21.77 -4.38 -27.30
C ASN A 271 -22.21 -3.47 -26.14
N ILE A 272 -22.09 -3.94 -24.89
CA ILE A 272 -22.37 -3.17 -23.69
C ILE A 272 -21.22 -3.41 -22.70
N GLY A 273 -20.79 -2.35 -22.01
CA GLY A 273 -19.76 -2.47 -20.99
C GLY A 273 -18.33 -2.29 -21.53
N SER A 274 -17.37 -2.19 -20.61
CA SER A 274 -15.98 -1.95 -20.93
C SER A 274 -15.37 -3.16 -21.65
N PRO A 275 -14.48 -2.95 -22.64
CA PRO A 275 -13.77 -4.06 -23.27
C PRO A 275 -12.71 -4.62 -22.33
N LEU A 276 -12.33 -5.88 -22.57
CA LEU A 276 -11.23 -6.50 -21.86
C LEU A 276 -10.00 -6.46 -22.76
N THR A 277 -8.94 -5.77 -22.31
CA THR A 277 -7.70 -5.67 -23.05
C THR A 277 -6.63 -6.52 -22.39
N ILE A 278 -6.06 -7.44 -23.15
CA ILE A 278 -5.09 -8.43 -22.71
C ILE A 278 -3.79 -8.13 -23.43
N SER A 279 -2.66 -7.98 -22.70
CA SER A 279 -1.36 -7.74 -23.32
C SER A 279 -0.26 -8.58 -22.68
N GLN A 280 0.56 -9.22 -23.51
CA GLN A 280 1.73 -9.97 -23.07
C GLN A 280 2.94 -9.57 -23.91
N TYR A 281 4.08 -9.32 -23.26
CA TYR A 281 5.35 -9.43 -23.96
C TYR A 281 5.73 -10.90 -23.98
N ILE A 282 6.00 -11.43 -25.18
CA ILE A 282 6.24 -12.85 -25.37
C ILE A 282 7.74 -13.08 -25.53
N TYR A 283 8.33 -13.78 -24.56
CA TYR A 283 9.64 -14.38 -24.74
C TYR A 283 9.54 -15.62 -25.62
N GLN A 284 10.68 -16.14 -26.07
CA GLN A 284 10.75 -17.40 -26.83
C GLN A 284 9.87 -18.48 -26.18
N PRO A 285 8.97 -19.15 -26.94
CA PRO A 285 8.09 -20.17 -26.37
C PRO A 285 8.84 -21.46 -26.05
N ASP A 286 8.53 -22.03 -24.88
CA ASP A 286 9.39 -23.01 -24.23
C ASP A 286 8.89 -24.47 -24.29
N GLY A 287 7.70 -24.68 -24.88
CA GLY A 287 7.09 -26.01 -25.04
C GLY A 287 6.03 -26.03 -26.14
N LYS A 288 5.45 -27.22 -26.40
CA LYS A 288 4.36 -27.40 -27.36
C LYS A 288 3.22 -26.42 -27.11
N VAL A 289 2.92 -26.23 -25.82
CA VAL A 289 2.16 -25.10 -25.31
C VAL A 289 3.07 -24.34 -24.36
N THR A 290 2.93 -23.01 -24.29
CA THR A 290 3.68 -22.20 -23.34
C THR A 290 2.73 -21.22 -22.64
N VAL A 291 2.97 -20.96 -21.35
CA VAL A 291 2.20 -19.97 -20.61
C VAL A 291 2.82 -18.59 -20.86
N ILE A 292 2.09 -17.72 -21.57
CA ILE A 292 2.62 -16.40 -21.92
C ILE A 292 2.11 -15.30 -21.00
N GLY A 293 1.01 -15.53 -20.26
CA GLY A 293 0.42 -14.52 -19.39
C GLY A 293 -0.54 -15.12 -18.36
N LEU B 1 -101.56 65.57 -34.67
CA LEU B 1 -100.95 64.61 -35.63
C LEU B 1 -99.46 64.45 -35.31
N ALA B 2 -98.78 65.58 -35.06
CA ALA B 2 -97.35 65.61 -34.75
C ALA B 2 -96.95 64.41 -33.88
N GLY B 3 -97.76 64.13 -32.85
CA GLY B 3 -97.50 63.07 -31.88
C GLY B 3 -98.03 61.71 -32.31
N LEU B 4 -99.21 61.66 -32.95
CA LEU B 4 -99.86 60.41 -33.32
C LEU B 4 -98.91 59.57 -34.18
N ASP B 5 -98.38 60.17 -35.27
CA ASP B 5 -97.42 59.50 -36.15
C ASP B 5 -96.10 59.27 -35.41
N THR B 6 -95.71 60.23 -34.56
CA THR B 6 -94.49 60.14 -33.76
C THR B 6 -94.62 58.99 -32.74
N ALA B 7 -95.85 58.67 -32.34
CA ALA B 7 -96.15 57.59 -31.40
C ALA B 7 -96.07 56.24 -32.10
N ILE B 8 -96.22 56.22 -33.44
CA ILE B 8 -96.12 55.02 -34.25
C ILE B 8 -94.65 54.61 -34.37
N ILE B 9 -93.74 55.60 -34.45
CA ILE B 9 -92.31 55.36 -34.63
C ILE B 9 -91.65 54.98 -33.30
N LEU B 10 -92.22 55.44 -32.17
CA LEU B 10 -91.76 55.07 -30.84
C LEU B 10 -92.12 53.62 -30.52
N ILE B 11 -93.38 53.21 -30.68
CA ILE B 11 -93.82 51.82 -30.51
C ILE B 11 -92.92 50.86 -31.30
N ALA B 12 -92.74 51.13 -32.60
CA ALA B 12 -91.97 50.29 -33.50
C ALA B 12 -90.49 50.20 -33.11
N PHE B 13 -89.88 51.33 -32.76
CA PHE B 13 -88.46 51.36 -32.38
C PHE B 13 -88.22 50.68 -31.03
N ILE B 14 -89.17 50.75 -30.09
CA ILE B 14 -89.12 50.00 -28.85
C ILE B 14 -89.07 48.50 -29.14
N ILE B 15 -90.01 48.01 -29.96
CA ILE B 15 -90.09 46.60 -30.35
C ILE B 15 -88.79 46.16 -31.01
N THR B 16 -88.24 47.00 -31.90
CA THR B 16 -86.99 46.75 -32.62
C THR B 16 -85.81 46.60 -31.66
N ALA B 17 -85.69 47.48 -30.66
CA ALA B 17 -84.65 47.41 -29.63
C ALA B 17 -84.85 46.20 -28.71
N ALA B 18 -86.09 45.90 -28.33
CA ALA B 18 -86.45 44.75 -27.51
C ALA B 18 -86.06 43.43 -28.20
N VAL B 19 -86.22 43.35 -29.52
CA VAL B 19 -85.79 42.21 -30.34
C VAL B 19 -84.26 42.04 -30.30
N LEU B 20 -83.48 43.13 -30.39
CA LEU B 20 -82.03 43.01 -30.21
C LEU B 20 -81.70 42.57 -28.78
N ALA B 21 -82.34 43.15 -27.77
CA ALA B 21 -82.16 42.77 -26.38
C ALA B 21 -82.38 41.27 -26.18
N TYR B 22 -83.50 40.74 -26.70
CA TYR B 22 -83.86 39.33 -26.66
C TYR B 22 -82.75 38.46 -27.26
N VAL B 23 -82.28 38.81 -28.46
CA VAL B 23 -81.25 38.05 -29.18
C VAL B 23 -79.90 38.12 -28.47
N ALA B 24 -79.46 39.33 -28.07
CA ALA B 24 -78.16 39.55 -27.46
C ALA B 24 -78.04 38.82 -26.11
N VAL B 25 -79.10 38.86 -25.28
CA VAL B 25 -79.10 38.18 -23.99
C VAL B 25 -79.07 36.66 -24.18
N ASN B 26 -79.93 36.12 -25.05
CA ASN B 26 -79.94 34.70 -25.38
C ASN B 26 -78.56 34.23 -25.88
N MET B 27 -77.99 34.97 -26.82
CA MET B 27 -76.73 34.55 -27.42
C MET B 27 -75.53 34.74 -26.49
N GLY B 28 -75.57 35.72 -25.57
CA GLY B 28 -74.63 35.85 -24.47
C GLY B 28 -74.72 34.67 -23.50
N LEU B 29 -75.93 34.27 -23.09
CA LEU B 29 -76.12 33.07 -22.28
C LEU B 29 -75.54 31.84 -22.98
N PHE B 30 -75.80 31.68 -24.29
CA PHE B 30 -75.24 30.60 -25.08
C PHE B 30 -73.71 30.62 -25.07
N VAL B 31 -73.08 31.71 -25.52
CA VAL B 31 -71.63 31.76 -25.71
C VAL B 31 -70.88 31.64 -24.38
N THR B 32 -71.38 32.26 -23.31
CA THR B 32 -70.75 32.15 -22.00
C THR B 32 -70.79 30.71 -21.48
N GLN B 33 -71.84 29.94 -21.79
CA GLN B 33 -71.88 28.53 -21.45
C GLN B 33 -70.94 27.68 -22.32
N LYS B 34 -70.80 28.00 -23.61
CA LYS B 34 -69.76 27.40 -24.47
C LYS B 34 -68.36 27.67 -23.90
N ALA B 35 -68.12 28.87 -23.38
CA ALA B 35 -66.89 29.23 -22.69
C ALA B 35 -66.71 28.40 -21.42
N LYS B 36 -67.72 28.28 -20.54
CA LYS B 36 -67.70 27.44 -19.35
C LYS B 36 -67.26 26.02 -19.68
N THR B 37 -67.94 25.40 -20.66
CA THR B 37 -67.65 24.05 -21.12
C THR B 37 -66.22 23.93 -21.64
N THR B 38 -65.78 24.89 -22.46
CA THR B 38 -64.43 24.93 -23.02
C THR B 38 -63.37 25.02 -21.93
N ILE B 39 -63.55 25.90 -20.94
CA ILE B 39 -62.64 26.05 -19.81
C ILE B 39 -62.50 24.73 -19.06
N ASN B 40 -63.62 24.04 -18.80
CA ASN B 40 -63.62 22.73 -18.19
C ASN B 40 -62.79 21.71 -19.01
N LYS B 41 -63.07 21.60 -20.32
CA LYS B 41 -62.35 20.69 -21.21
C LYS B 41 -60.85 21.03 -21.32
N GLY B 42 -60.50 22.31 -21.23
CA GLY B 42 -59.11 22.76 -21.21
C GLY B 42 -58.37 22.29 -19.96
N GLU B 43 -58.99 22.43 -18.78
CA GLU B 43 -58.43 21.90 -17.54
C GLU B 43 -58.31 20.37 -17.60
N GLU B 44 -59.37 19.66 -18.03
CA GLU B 44 -59.35 18.21 -18.17
C GLU B 44 -58.21 17.77 -19.11
N THR B 45 -57.98 18.51 -20.20
CA THR B 45 -56.90 18.23 -21.15
C THR B 45 -55.52 18.43 -20.53
N ALA B 46 -55.37 19.40 -19.62
CA ALA B 46 -54.12 19.66 -18.92
C ALA B 46 -53.88 18.66 -17.77
N SER B 47 -54.94 18.20 -17.10
CA SER B 47 -54.82 17.30 -15.95
C SER B 47 -54.72 15.82 -16.36
N THR B 48 -55.57 15.35 -17.28
CA THR B 48 -55.60 13.94 -17.65
C THR B 48 -54.36 13.53 -18.44
N ALA B 49 -53.67 12.49 -17.96
CA ALA B 49 -52.50 11.89 -18.61
C ALA B 49 -52.21 10.53 -17.99
N LEU B 50 -51.47 9.66 -18.72
CA LEU B 50 -51.01 8.38 -18.20
C LEU B 50 -49.49 8.40 -18.03
N SER B 51 -49.00 7.75 -16.98
CA SER B 51 -47.58 7.49 -16.78
C SER B 51 -47.30 6.00 -16.94
N LEU B 52 -46.15 5.67 -17.52
CA LEU B 52 -45.63 4.30 -17.44
C LEU B 52 -45.21 4.04 -15.99
N SER B 53 -45.88 3.06 -15.34
CA SER B 53 -45.71 2.81 -13.92
C SER B 53 -45.29 1.36 -13.63
N GLY B 54 -44.47 0.81 -14.53
CA GLY B 54 -43.78 -0.46 -14.37
C GLY B 54 -42.70 -0.59 -15.44
N ASN B 55 -41.94 -1.68 -15.40
CA ASN B 55 -41.05 -1.97 -16.50
C ASN B 55 -41.81 -2.49 -17.72
N VAL B 56 -41.20 -2.36 -18.91
CA VAL B 56 -41.75 -2.93 -20.13
C VAL B 56 -41.09 -4.29 -20.35
N LEU B 57 -41.93 -5.33 -20.39
CA LEU B 57 -41.50 -6.71 -20.52
C LEU B 57 -41.77 -7.18 -21.95
N TYR B 58 -40.82 -7.91 -22.53
CA TYR B 58 -40.92 -8.40 -23.89
C TYR B 58 -40.65 -9.90 -23.92
N ALA B 59 -41.51 -10.68 -24.59
CA ALA B 59 -41.43 -12.14 -24.63
C ALA B 59 -41.20 -12.65 -26.05
N VAL B 60 -40.31 -13.66 -26.18
CA VAL B 60 -39.87 -14.22 -27.45
C VAL B 60 -39.63 -15.72 -27.30
N ASN B 61 -39.46 -16.43 -28.42
CA ASN B 61 -39.16 -17.87 -28.42
C ASN B 61 -37.71 -18.17 -28.05
N TYR B 62 -37.30 -17.69 -26.88
CA TYR B 62 -35.96 -17.83 -26.36
C TYR B 62 -35.61 -19.30 -26.13
N PRO B 63 -34.35 -19.75 -26.36
CA PRO B 63 -33.23 -18.92 -26.83
C PRO B 63 -33.15 -18.70 -28.33
N THR B 64 -34.01 -19.36 -29.11
CA THR B 64 -33.90 -19.38 -30.57
C THR B 64 -34.11 -18.00 -31.22
N ASN B 65 -34.92 -17.14 -30.60
CA ASN B 65 -35.15 -15.74 -30.97
C ASN B 65 -35.57 -15.54 -32.43
N THR B 66 -36.23 -16.54 -33.03
CA THR B 66 -36.77 -16.41 -34.39
C THR B 66 -38.16 -15.77 -34.40
N LYS B 67 -38.87 -15.71 -33.26
CA LYS B 67 -40.28 -15.33 -33.23
C LYS B 67 -40.64 -14.56 -31.95
N SER B 68 -41.59 -13.61 -32.09
CA SER B 68 -41.94 -12.63 -31.07
C SER B 68 -43.36 -12.88 -30.54
N TYR B 69 -43.55 -12.85 -29.21
CA TYR B 69 -44.79 -13.33 -28.60
C TYR B 69 -45.68 -12.20 -28.09
N TRP B 70 -45.19 -11.42 -27.11
CA TRP B 70 -45.96 -10.34 -26.51
C TRP B 70 -45.08 -9.28 -25.84
N MET B 71 -45.68 -8.11 -25.62
CA MET B 71 -45.12 -7.09 -24.73
C MET B 71 -46.15 -6.79 -23.64
N TYR B 72 -45.67 -6.56 -22.42
CA TYR B 72 -46.50 -6.22 -21.29
C TYR B 72 -45.91 -4.99 -20.61
N PHE B 73 -46.76 -4.05 -20.19
CA PHE B 73 -46.33 -2.92 -19.37
C PHE B 73 -47.50 -2.40 -18.55
N THR B 74 -47.22 -1.56 -17.55
CA THR B 74 -48.24 -1.10 -16.64
C THR B 74 -48.35 0.42 -16.74
N VAL B 75 -49.58 0.96 -16.70
CA VAL B 75 -49.81 2.40 -16.75
C VAL B 75 -50.74 2.82 -15.61
N SER B 76 -50.65 4.09 -15.22
CA SER B 76 -51.55 4.66 -14.22
C SER B 76 -51.73 6.14 -14.49
N PRO B 77 -52.88 6.77 -14.15
CA PRO B 77 -53.02 8.21 -14.30
C PRO B 77 -51.92 9.00 -13.58
N SER B 78 -51.36 10.00 -14.26
CA SER B 78 -50.17 10.73 -13.82
C SER B 78 -50.43 11.52 -12.54
N SER B 79 -49.51 11.38 -11.56
CA SER B 79 -49.46 12.22 -10.37
C SER B 79 -50.77 12.21 -9.56
N GLY B 80 -51.63 11.20 -9.76
CA GLY B 80 -52.89 11.03 -9.04
C GLY B 80 -53.92 12.15 -9.23
N VAL B 81 -53.88 12.90 -10.35
CA VAL B 81 -54.67 14.13 -10.45
C VAL B 81 -56.12 13.89 -10.89
N SER B 82 -56.33 13.00 -11.88
CA SER B 82 -57.66 12.78 -12.46
C SER B 82 -57.75 11.43 -13.19
N SER B 83 -58.99 10.98 -13.48
CA SER B 83 -59.27 9.70 -14.12
C SER B 83 -59.08 9.73 -15.64
N VAL B 84 -58.83 8.57 -16.27
CA VAL B 84 -58.62 8.45 -17.71
C VAL B 84 -59.58 7.41 -18.29
N ASP B 85 -60.35 7.79 -19.33
CA ASP B 85 -61.16 6.86 -20.12
C ASP B 85 -60.23 5.98 -20.97
N LEU B 86 -60.29 4.65 -20.78
CA LEU B 86 -59.52 3.70 -21.56
C LEU B 86 -60.40 2.78 -22.41
N SER B 87 -61.63 3.20 -22.77
CA SER B 87 -62.48 2.33 -23.58
C SER B 87 -61.85 2.08 -24.95
N PRO B 88 -61.79 0.83 -25.45
CA PRO B 88 -61.12 0.55 -26.73
C PRO B 88 -61.84 1.08 -27.97
N SER B 89 -63.08 1.58 -27.82
CA SER B 89 -63.76 2.30 -28.88
C SER B 89 -63.23 3.73 -29.04
N THR B 90 -62.91 4.40 -27.91
CA THR B 90 -62.50 5.81 -27.90
C THR B 90 -60.98 5.96 -27.99
N THR B 91 -60.24 5.09 -27.29
CA THR B 91 -58.79 5.15 -27.16
C THR B 91 -58.12 4.42 -28.33
N ALA B 92 -56.94 4.90 -28.76
CA ALA B 92 -56.09 4.14 -29.68
C ALA B 92 -54.78 3.74 -28.98
N ILE B 93 -54.24 2.57 -29.32
CA ILE B 93 -52.85 2.26 -29.00
C ILE B 93 -52.15 2.00 -30.33
N SER B 94 -51.16 2.83 -30.68
CA SER B 94 -50.35 2.63 -31.87
C SER B 94 -49.09 1.84 -31.52
N PHE B 95 -48.51 1.17 -32.52
CA PHE B 95 -47.27 0.43 -32.36
C PHE B 95 -46.42 0.64 -33.61
N THR B 96 -45.18 1.12 -33.45
CA THR B 96 -44.29 1.28 -34.59
C THR B 96 -42.89 0.75 -34.29
N ALA B 97 -42.37 -0.09 -35.19
CA ALA B 97 -40.94 -0.45 -35.23
C ALA B 97 -40.38 0.13 -36.52
N ALA B 98 -39.96 1.40 -36.46
CA ALA B 98 -39.73 2.24 -37.63
C ALA B 98 -38.65 1.67 -38.56
N SER B 99 -37.59 1.10 -37.98
CA SER B 99 -36.46 0.50 -38.70
C SER B 99 -36.92 -0.52 -39.75
N ARG B 100 -37.86 -1.39 -39.38
CA ARG B 100 -38.40 -2.44 -40.23
C ARG B 100 -39.70 -2.03 -40.95
N GLY B 101 -40.10 -0.76 -40.84
CA GLY B 101 -41.26 -0.24 -41.54
C GLY B 101 -42.62 -0.69 -41.00
N VAL B 102 -42.64 -1.32 -39.81
CA VAL B 102 -43.88 -1.71 -39.15
C VAL B 102 -44.50 -0.48 -38.49
N SER B 103 -45.76 -0.20 -38.83
CA SER B 103 -46.49 0.93 -38.26
C SER B 103 -47.97 0.58 -38.21
N LEU B 104 -48.49 0.42 -36.99
CA LEU B 104 -49.89 0.07 -36.76
C LEU B 104 -50.52 1.25 -36.03
N SER B 105 -51.53 1.88 -36.66
CA SER B 105 -52.11 3.10 -36.12
C SER B 105 -53.03 2.83 -34.93
N ASN B 106 -53.70 1.67 -34.89
CA ASN B 106 -54.48 1.29 -33.72
C ASN B 106 -54.60 -0.23 -33.59
N ILE B 107 -54.03 -0.77 -32.51
CA ILE B 107 -54.07 -2.19 -32.18
C ILE B 107 -54.96 -2.48 -30.98
N TYR B 108 -55.53 -1.45 -30.32
CA TYR B 108 -56.27 -1.65 -29.08
C TYR B 108 -57.69 -2.14 -29.37
N GLN B 109 -58.06 -3.30 -28.81
CA GLN B 109 -59.32 -3.93 -29.16
C GLN B 109 -60.23 -4.23 -27.96
N PHE B 110 -59.66 -4.60 -26.81
CA PHE B 110 -60.44 -5.15 -25.71
C PHE B 110 -59.98 -4.65 -24.35
N SER B 111 -60.89 -4.66 -23.37
CA SER B 111 -60.52 -4.36 -22.01
C SER B 111 -61.26 -5.23 -21.02
N LEU B 112 -60.54 -5.75 -20.01
CA LEU B 112 -61.16 -6.42 -18.89
C LEU B 112 -61.65 -5.44 -17.82
N LEU B 113 -61.42 -4.12 -17.99
CA LEU B 113 -62.01 -3.11 -17.12
C LEU B 113 -63.54 -3.11 -17.23
N SER B 114 -64.09 -3.51 -18.39
CA SER B 114 -65.52 -3.69 -18.65
C SER B 114 -66.12 -4.90 -17.91
N VAL B 115 -65.28 -5.81 -17.40
CA VAL B 115 -65.70 -7.17 -17.05
C VAL B 115 -65.79 -7.33 -15.53
N LEU B 116 -66.96 -7.75 -15.04
CA LEU B 116 -67.16 -8.05 -13.62
C LEU B 116 -66.56 -9.43 -13.29
N PRO B 117 -66.03 -9.67 -12.07
CA PRO B 117 -65.49 -10.97 -11.69
C PRO B 117 -66.43 -12.16 -11.94
N SER B 118 -67.74 -11.97 -11.70
CA SER B 118 -68.76 -12.99 -11.93
C SER B 118 -68.90 -13.40 -13.40
N GLN B 119 -68.36 -12.61 -14.33
CA GLN B 119 -68.39 -12.94 -15.75
C GLN B 119 -67.23 -13.87 -16.16
N VAL B 120 -66.21 -14.05 -15.31
CA VAL B 120 -65.01 -14.82 -15.65
C VAL B 120 -64.67 -15.91 -14.64
N ASN B 121 -64.88 -15.65 -13.34
CA ASN B 121 -64.62 -16.64 -12.29
C ASN B 121 -65.58 -17.83 -12.43
N ASN B 122 -65.06 -19.04 -12.21
CA ASN B 122 -65.81 -20.30 -12.32
C ASN B 122 -66.38 -20.56 -13.73
N LYS B 123 -65.83 -19.92 -14.78
CA LYS B 123 -66.35 -20.06 -16.14
C LYS B 123 -65.35 -20.66 -17.14
N VAL B 124 -64.08 -20.80 -16.70
CA VAL B 124 -63.12 -21.70 -17.34
C VAL B 124 -62.64 -22.71 -16.30
N GLN B 125 -62.35 -23.94 -16.76
CA GLN B 125 -62.13 -25.07 -15.87
C GLN B 125 -61.12 -26.05 -16.47
N VAL B 126 -60.40 -26.77 -15.60
CA VAL B 126 -59.41 -27.75 -16.02
C VAL B 126 -59.88 -29.16 -15.63
N LYS B 127 -59.85 -30.09 -16.60
CA LYS B 127 -60.06 -31.51 -16.34
C LYS B 127 -58.73 -32.19 -16.00
N LEU B 128 -58.42 -32.32 -14.71
CA LEU B 128 -57.28 -33.12 -14.24
C LEU B 128 -57.75 -34.55 -13.97
N GLY B 129 -57.63 -35.42 -14.99
CA GLY B 129 -58.19 -36.77 -14.93
C GLY B 129 -59.71 -36.73 -14.74
N THR B 130 -60.20 -37.42 -13.70
CA THR B 130 -61.62 -37.42 -13.31
C THR B 130 -62.07 -36.06 -12.78
N SER B 131 -61.18 -35.37 -12.02
CA SER B 131 -61.51 -34.14 -11.32
C SER B 131 -61.64 -32.94 -12.28
N ILE B 132 -62.59 -32.04 -12.00
CA ILE B 132 -62.75 -30.80 -12.77
C ILE B 132 -62.67 -29.61 -11.82
N ILE B 133 -61.71 -28.69 -12.07
CA ILE B 133 -61.44 -27.57 -11.18
C ILE B 133 -61.84 -26.26 -11.86
N ASN B 134 -62.73 -25.51 -11.21
CA ASN B 134 -63.12 -24.16 -11.60
C ASN B 134 -62.00 -23.17 -11.26
N LEU B 135 -61.58 -22.35 -12.24
CA LEU B 135 -60.56 -21.33 -12.00
C LEU B 135 -61.15 -20.03 -11.48
N THR B 136 -60.42 -19.38 -10.54
CA THR B 136 -60.65 -18.00 -10.17
C THR B 136 -59.57 -17.15 -10.81
N LEU B 137 -59.98 -16.14 -11.60
CA LEU B 137 -59.07 -15.37 -12.45
C LEU B 137 -59.03 -13.91 -12.03
N ALA B 138 -60.20 -13.30 -11.84
CA ALA B 138 -60.32 -11.97 -11.26
C ALA B 138 -60.33 -12.09 -9.74
N PHE B 139 -59.25 -11.60 -9.09
CA PHE B 139 -59.21 -11.50 -7.64
C PHE B 139 -59.92 -10.21 -7.21
N SER B 140 -60.35 -10.15 -5.94
CA SER B 140 -61.10 -9.01 -5.45
C SER B 140 -60.89 -8.81 -3.94
N SER B 141 -61.01 -7.55 -3.49
CA SER B 141 -60.93 -7.17 -2.08
C SER B 141 -61.80 -5.93 -1.81
N ASN B 142 -62.14 -5.69 -0.54
CA ASN B 142 -63.04 -4.59 -0.18
C ASN B 142 -62.31 -3.48 0.59
N SER B 143 -62.61 -2.22 0.26
CA SER B 143 -62.29 -1.08 1.13
C SER B 143 -63.40 -0.03 1.02
N ALA B 144 -63.83 0.54 2.15
CA ALA B 144 -64.85 1.60 2.20
C ALA B 144 -66.12 1.26 1.40
N GLY B 145 -66.51 -0.04 1.39
CA GLY B 145 -67.72 -0.48 0.72
C GLY B 145 -67.61 -0.63 -0.80
N GLN B 146 -66.42 -0.39 -1.37
CA GLN B 146 -66.13 -0.63 -2.78
C GLN B 146 -65.44 -1.98 -2.93
N THR B 147 -65.79 -2.74 -3.99
CA THR B 147 -65.04 -3.93 -4.37
C THR B 147 -64.00 -3.55 -5.41
N TYR B 148 -62.72 -3.75 -5.07
CA TYR B 148 -61.61 -3.62 -5.99
C TYR B 148 -61.45 -4.92 -6.77
N VAL B 149 -61.06 -4.84 -8.04
CA VAL B 149 -60.92 -6.00 -8.91
C VAL B 149 -59.56 -5.92 -9.60
N TYR B 150 -58.87 -7.07 -9.71
CA TYR B 150 -57.61 -7.11 -10.44
C TYR B 150 -57.28 -8.52 -10.89
N TYR B 151 -56.35 -8.64 -11.83
CA TYR B 151 -55.79 -9.91 -12.25
C TYR B 151 -54.35 -9.98 -11.74
N SER B 152 -54.02 -11.08 -11.06
CA SER B 152 -52.74 -11.19 -10.38
C SER B 152 -51.57 -11.31 -11.36
N ASP B 153 -51.82 -11.87 -12.56
CA ASP B 153 -50.79 -12.01 -13.58
C ASP B 153 -51.38 -11.90 -14.99
N PRO B 154 -50.54 -11.70 -16.05
CA PRO B 154 -51.00 -11.74 -17.43
C PRO B 154 -51.61 -13.06 -17.86
N ASN B 155 -51.27 -14.18 -17.22
CA ASN B 155 -51.82 -15.50 -17.58
C ASN B 155 -53.31 -15.60 -17.24
N TYR B 156 -53.70 -15.20 -16.03
CA TYR B 156 -55.10 -15.17 -15.65
C TYR B 156 -55.87 -14.12 -16.45
N ALA B 157 -55.22 -12.99 -16.77
CA ALA B 157 -55.80 -12.00 -17.66
C ALA B 157 -56.06 -12.57 -19.06
N LEU B 158 -55.10 -13.32 -19.62
CA LEU B 158 -55.26 -13.97 -20.92
C LEU B 158 -56.43 -14.96 -20.93
N LEU B 159 -56.53 -15.81 -19.90
CA LEU B 159 -57.62 -16.77 -19.81
C LEU B 159 -58.98 -16.08 -19.68
N ALA B 160 -59.06 -15.04 -18.85
CA ALA B 160 -60.26 -14.21 -18.69
C ALA B 160 -60.66 -13.54 -20.02
N LEU B 161 -59.67 -13.11 -20.81
CA LEU B 161 -59.93 -12.56 -22.13
C LEU B 161 -60.39 -13.64 -23.12
N ASN B 162 -59.72 -14.79 -23.20
CA ASN B 162 -60.16 -15.90 -24.04
C ASN B 162 -61.63 -16.21 -23.78
N TYR B 163 -62.01 -16.34 -22.50
CA TYR B 163 -63.38 -16.59 -22.14
C TYR B 163 -64.29 -15.45 -22.63
N THR B 164 -63.97 -14.21 -22.25
CA THR B 164 -64.77 -13.04 -22.59
C THR B 164 -65.02 -12.92 -24.10
N LEU B 165 -63.97 -13.06 -24.91
CA LEU B 165 -64.09 -12.93 -26.36
C LEU B 165 -64.83 -14.10 -26.98
N GLY B 166 -64.58 -15.34 -26.53
CA GLY B 166 -65.35 -16.50 -26.96
C GLY B 166 -66.85 -16.34 -26.65
N GLN B 167 -67.16 -15.78 -25.48
CA GLN B 167 -68.52 -15.50 -25.05
C GLN B 167 -69.16 -14.38 -25.87
N GLU B 168 -68.39 -13.36 -26.28
CA GLU B 168 -68.87 -12.31 -27.18
C GLU B 168 -69.10 -12.81 -28.61
N VAL B 169 -68.28 -13.74 -29.11
CA VAL B 169 -68.52 -14.43 -30.39
C VAL B 169 -69.80 -15.26 -30.30
N LYS B 170 -69.95 -16.03 -29.22
CA LYS B 170 -71.13 -16.86 -28.95
C LYS B 170 -72.41 -16.01 -28.87
N GLY B 171 -72.30 -14.81 -28.27
CA GLY B 171 -73.39 -13.84 -28.21
C GLY B 171 -73.59 -13.01 -29.48
N GLY B 172 -72.80 -13.24 -30.54
CA GLY B 172 -72.90 -12.53 -31.81
C GLY B 172 -72.46 -11.06 -31.79
N GLN B 173 -71.84 -10.61 -30.70
CA GLN B 173 -71.38 -9.23 -30.53
C GLN B 173 -70.06 -8.96 -31.25
N LEU B 174 -69.31 -10.03 -31.55
CA LEU B 174 -67.99 -9.99 -32.17
C LEU B 174 -67.93 -11.07 -33.26
N THR B 175 -67.31 -10.78 -34.42
CA THR B 175 -67.33 -11.68 -35.56
C THR B 175 -66.44 -12.91 -35.35
N SER B 176 -65.19 -12.66 -34.92
CA SER B 176 -64.22 -13.67 -34.49
C SER B 176 -63.36 -13.13 -33.37
N SER B 177 -62.98 -13.99 -32.41
CA SER B 177 -61.95 -13.66 -31.45
C SER B 177 -60.59 -13.77 -32.13
N PRO B 178 -59.68 -12.76 -32.00
CA PRO B 178 -58.32 -12.89 -32.51
C PRO B 178 -57.45 -13.77 -31.61
N LEU B 179 -57.91 -14.07 -30.39
CA LEU B 179 -57.23 -14.91 -29.42
C LEU B 179 -57.99 -16.22 -29.23
N TYR B 180 -57.27 -17.35 -29.27
CA TYR B 180 -57.85 -18.63 -28.92
C TYR B 180 -56.88 -19.40 -28.03
N ILE B 181 -57.33 -19.85 -26.85
CA ILE B 181 -56.45 -20.51 -25.88
C ILE B 181 -56.96 -21.92 -25.59
N ILE B 182 -56.06 -22.91 -25.70
CA ILE B 182 -56.36 -24.32 -25.48
C ILE B 182 -55.23 -25.00 -24.69
N SER B 183 -55.56 -26.01 -23.88
CA SER B 183 -54.58 -26.87 -23.22
C SER B 183 -54.25 -28.08 -24.10
N ASN B 184 -55.28 -28.58 -24.79
CA ASN B 184 -55.19 -29.71 -25.69
C ASN B 184 -54.70 -29.25 -27.06
N THR B 185 -53.50 -29.69 -27.47
CA THR B 185 -53.01 -29.39 -28.81
C THR B 185 -53.56 -30.32 -29.89
N SER B 186 -54.13 -31.47 -29.52
CA SER B 186 -54.70 -32.44 -30.46
C SER B 186 -55.78 -31.82 -31.37
N ILE B 187 -56.48 -30.81 -30.82
CA ILE B 187 -57.55 -30.07 -31.48
C ILE B 187 -57.09 -29.39 -32.77
N VAL B 188 -55.82 -28.95 -32.84
CA VAL B 188 -55.27 -28.09 -33.88
C VAL B 188 -55.39 -28.71 -35.27
N ALA B 189 -55.25 -30.03 -35.41
CA ALA B 189 -55.39 -30.73 -36.68
C ALA B 189 -56.78 -30.53 -37.32
N SER B 190 -57.82 -30.36 -36.48
CA SER B 190 -59.20 -30.15 -36.93
C SER B 190 -59.52 -28.68 -37.24
N LYS B 191 -58.58 -27.76 -36.97
CA LYS B 191 -58.77 -26.32 -37.04
C LYS B 191 -57.61 -25.66 -37.79
N PRO B 192 -57.47 -25.89 -39.11
CA PRO B 192 -56.25 -25.56 -39.85
C PRO B 192 -55.86 -24.08 -39.88
N TRP B 193 -56.80 -23.17 -39.62
CA TRP B 193 -56.50 -21.75 -39.46
C TRP B 193 -55.54 -21.47 -38.30
N LEU B 194 -55.55 -22.32 -37.26
CA LEU B 194 -54.63 -22.22 -36.13
C LEU B 194 -53.20 -22.67 -36.49
N LYS B 195 -52.98 -23.30 -37.64
CA LYS B 195 -51.66 -23.81 -38.03
C LYS B 195 -50.68 -22.67 -38.32
N ASN B 196 -51.17 -21.58 -38.93
CA ASN B 196 -50.32 -20.56 -39.51
C ASN B 196 -50.23 -19.26 -38.68
N ASP B 197 -51.24 -18.98 -37.83
CA ASP B 197 -51.18 -17.79 -36.97
C ASP B 197 -50.18 -17.97 -35.80
N ASN B 198 -49.91 -16.89 -35.07
CA ASN B 198 -48.82 -16.88 -34.10
C ASN B 198 -49.21 -17.63 -32.82
N VAL B 199 -48.29 -18.42 -32.26
CA VAL B 199 -48.58 -19.21 -31.05
C VAL B 199 -47.48 -19.06 -30.01
N PHE B 200 -47.89 -18.87 -28.75
CA PHE B 200 -47.00 -18.91 -27.60
C PHE B 200 -47.66 -19.72 -26.48
N THR B 201 -46.88 -20.15 -25.48
CA THR B 201 -47.42 -20.95 -24.39
C THR B 201 -47.12 -20.34 -23.03
N PHE B 202 -47.98 -20.65 -22.07
CA PHE B 202 -47.76 -20.26 -20.68
C PHE B 202 -48.34 -21.32 -19.76
N ASN B 203 -47.76 -21.43 -18.56
CA ASN B 203 -48.20 -22.42 -17.58
C ASN B 203 -48.91 -21.71 -16.42
N ILE B 204 -49.99 -22.32 -15.92
CA ILE B 204 -50.57 -21.98 -14.63
C ILE B 204 -50.56 -23.24 -13.76
N SER B 205 -50.67 -23.09 -12.42
CA SER B 205 -50.76 -24.25 -11.54
C SER B 205 -52.19 -24.44 -11.00
N VAL B 206 -52.70 -25.67 -11.12
CA VAL B 206 -54.05 -26.04 -10.69
C VAL B 206 -53.95 -27.35 -9.93
N ASN B 207 -54.52 -27.42 -8.71
CA ASN B 207 -54.31 -28.55 -7.82
C ASN B 207 -52.82 -28.92 -7.76
N GLY B 208 -51.96 -27.89 -7.59
CA GLY B 208 -50.51 -28.02 -7.55
C GLY B 208 -49.85 -28.64 -8.78
N THR B 209 -50.60 -28.81 -9.88
CA THR B 209 -50.15 -29.42 -11.12
C THR B 209 -49.98 -28.33 -12.18
N GLU B 210 -48.85 -28.34 -12.91
CA GLU B 210 -48.63 -27.42 -14.02
C GLU B 210 -49.54 -27.76 -15.21
N VAL B 211 -50.34 -26.79 -15.65
CA VAL B 211 -51.16 -26.89 -16.85
C VAL B 211 -50.59 -25.94 -17.89
N GLU B 212 -50.14 -26.47 -19.04
CA GLU B 212 -49.69 -25.61 -20.13
C GLU B 212 -50.86 -25.23 -21.03
N TYR B 213 -50.97 -23.93 -21.31
CA TYR B 213 -51.91 -23.40 -22.28
C TYR B 213 -51.15 -22.85 -23.48
N TYR B 214 -51.73 -23.08 -24.66
CA TYR B 214 -51.26 -22.62 -25.95
C TYR B 214 -52.20 -21.50 -26.40
N ALA B 215 -51.64 -20.31 -26.61
CA ALA B 215 -52.38 -19.13 -27.04
C ALA B 215 -52.11 -18.86 -28.51
N TYR B 216 -53.17 -18.91 -29.33
CA TYR B 216 -53.13 -18.67 -30.77
C TYR B 216 -53.64 -17.27 -31.05
N VAL B 217 -52.84 -16.47 -31.77
CA VAL B 217 -53.09 -15.06 -31.99
C VAL B 217 -53.15 -14.74 -33.49
N ASN B 218 -54.32 -14.30 -33.94
CA ASN B 218 -54.73 -14.11 -35.32
C ASN B 218 -54.06 -12.88 -35.96
N LYS B 219 -53.88 -11.81 -35.17
CA LYS B 219 -53.41 -10.50 -35.60
C LYS B 219 -52.78 -9.78 -34.41
N THR B 220 -51.91 -8.77 -34.63
CA THR B 220 -51.37 -8.02 -33.51
C THR B 220 -52.46 -7.17 -32.87
N PHE B 221 -52.68 -7.35 -31.56
CA PHE B 221 -53.69 -6.59 -30.83
C PHE B 221 -53.23 -6.29 -29.40
N ALA B 222 -53.85 -5.28 -28.80
CA ALA B 222 -53.59 -4.92 -27.40
C ALA B 222 -54.88 -5.03 -26.60
N PHE B 223 -54.73 -5.38 -25.32
CA PHE B 223 -55.83 -5.29 -24.38
C PHE B 223 -55.32 -4.71 -23.05
N THR B 224 -56.27 -4.24 -22.24
CA THR B 224 -55.94 -3.70 -20.93
C THR B 224 -56.72 -4.46 -19.85
N TYR B 225 -56.15 -4.50 -18.63
CA TYR B 225 -56.81 -5.13 -17.52
C TYR B 225 -56.40 -4.47 -16.19
N PRO B 226 -57.23 -4.54 -15.13
CA PRO B 226 -56.89 -3.89 -13.88
C PRO B 226 -55.85 -4.67 -13.07
N VAL B 227 -54.92 -3.93 -12.44
CA VAL B 227 -53.83 -4.50 -11.65
C VAL B 227 -53.94 -4.10 -10.18
N SER B 228 -54.32 -2.85 -9.87
CA SER B 228 -54.68 -2.44 -8.51
C SER B 228 -55.48 -1.14 -8.53
N GLY B 229 -56.11 -0.79 -7.40
CA GLY B 229 -56.76 0.50 -7.23
C GLY B 229 -57.94 0.74 -8.18
N PHE B 230 -58.51 -0.34 -8.72
CA PHE B 230 -59.60 -0.26 -9.67
C PHE B 230 -60.91 -0.77 -9.07
N PRO B 231 -61.76 0.11 -8.49
CA PRO B 231 -63.10 -0.27 -8.02
C PRO B 231 -64.18 -0.14 -9.09
N LEU B 232 -63.88 0.50 -10.23
CA LEU B 232 -64.89 0.88 -11.22
C LEU B 232 -65.17 -0.24 -12.24
N ALA B 233 -65.23 -1.51 -11.79
CA ALA B 233 -65.47 -2.63 -12.69
C ALA B 233 -66.78 -2.46 -13.47
N GLY B 234 -66.69 -2.63 -14.80
CA GLY B 234 -67.77 -2.35 -15.74
C GLY B 234 -67.57 -1.11 -16.60
N SER B 235 -66.64 -0.20 -16.23
CA SER B 235 -66.65 1.18 -16.74
C SER B 235 -65.68 1.49 -17.89
N ASP B 236 -64.55 0.78 -18.01
CA ASP B 236 -63.39 1.19 -18.81
C ASP B 236 -62.69 2.47 -18.35
N ILE B 237 -62.96 2.99 -17.14
CA ILE B 237 -62.29 4.20 -16.66
C ILE B 237 -61.23 3.81 -15.64
N ALA B 238 -59.99 4.26 -15.86
CA ALA B 238 -58.93 4.14 -14.85
C ALA B 238 -59.00 5.34 -13.90
N PRO B 239 -59.41 5.17 -12.62
CA PRO B 239 -59.45 6.32 -11.70
C PRO B 239 -58.04 6.68 -11.23
N ALA B 240 -57.88 7.90 -10.70
CA ALA B 240 -56.60 8.32 -10.16
C ALA B 240 -56.17 7.39 -9.01
N GLY B 241 -54.92 6.91 -9.05
CA GLY B 241 -54.43 5.94 -8.10
C GLY B 241 -54.81 4.48 -8.41
N SER B 242 -55.28 4.21 -9.64
CA SER B 242 -55.39 2.84 -10.15
C SER B 242 -54.15 2.49 -10.95
N VAL B 243 -53.94 1.18 -11.19
CA VAL B 243 -52.82 0.66 -11.94
C VAL B 243 -53.39 -0.34 -12.97
N ILE B 244 -53.06 -0.14 -14.25
CA ILE B 244 -53.67 -0.86 -15.36
C ILE B 244 -52.58 -1.59 -16.13
N GLY B 245 -52.74 -2.90 -16.32
CA GLY B 245 -51.87 -3.66 -17.18
C GLY B 245 -52.26 -3.47 -18.64
N VAL B 246 -51.28 -3.25 -19.50
CA VAL B 246 -51.45 -3.16 -20.95
C VAL B 246 -50.65 -4.32 -21.54
N MET B 247 -51.28 -5.13 -22.39
CA MET B 247 -50.58 -6.23 -22.99
C MET B 247 -50.83 -6.25 -24.50
N ILE B 248 -49.75 -6.39 -25.26
CA ILE B 248 -49.75 -6.45 -26.72
C ILE B 248 -49.37 -7.87 -27.09
N LEU B 249 -50.23 -8.58 -27.83
CA LEU B 249 -49.91 -9.90 -28.35
C LEU B 249 -49.66 -9.78 -29.84
N PHE B 250 -48.51 -10.29 -30.32
CA PHE B 250 -48.16 -10.16 -31.73
C PHE B 250 -48.84 -11.22 -32.59
N GLY B 251 -49.35 -10.81 -33.75
CA GLY B 251 -49.87 -11.72 -34.76
C GLY B 251 -48.77 -12.22 -35.70
N PRO B 252 -49.07 -13.11 -36.66
CA PRO B 252 -48.05 -13.73 -37.51
C PRO B 252 -47.27 -12.75 -38.39
N GLY B 253 -47.83 -11.56 -38.67
CA GLY B 253 -47.12 -10.47 -39.35
C GLY B 253 -45.96 -9.94 -38.51
N GLU B 254 -46.28 -9.25 -37.41
CA GLU B 254 -45.27 -8.60 -36.57
C GLU B 254 -44.40 -9.59 -35.80
N ALA B 255 -44.88 -10.82 -35.59
CA ALA B 255 -44.13 -11.87 -34.90
C ALA B 255 -42.90 -12.36 -35.68
N THR B 256 -42.82 -12.11 -37.00
CA THR B 256 -42.02 -12.86 -37.96
C THR B 256 -40.53 -12.99 -37.63
N ASN B 257 -39.92 -11.94 -37.08
CA ASN B 257 -38.61 -12.05 -36.42
C ASN B 257 -38.48 -11.04 -35.27
N VAL B 258 -37.62 -11.35 -34.31
CA VAL B 258 -37.49 -10.64 -33.04
C VAL B 258 -36.95 -9.22 -33.25
N PHE B 259 -37.34 -8.28 -32.38
CA PHE B 259 -36.77 -6.93 -32.36
C PHE B 259 -35.33 -6.97 -31.83
N GLN B 260 -34.36 -6.56 -32.65
CA GLN B 260 -32.96 -6.41 -32.22
C GLN B 260 -32.34 -5.21 -32.90
N TYR B 261 -31.58 -4.40 -32.14
CA TYR B 261 -30.89 -3.23 -32.68
C TYR B 261 -31.90 -2.29 -33.37
N GLU B 262 -33.06 -2.11 -32.71
CA GLU B 262 -34.22 -1.44 -33.29
C GLU B 262 -34.91 -0.60 -32.22
N THR B 263 -35.58 0.48 -32.65
CA THR B 263 -36.40 1.27 -31.74
C THR B 263 -37.87 0.89 -31.93
N VAL B 264 -38.53 0.52 -30.83
CA VAL B 264 -39.97 0.27 -30.80
C VAL B 264 -40.64 1.41 -30.03
N THR B 265 -41.68 1.97 -30.64
CA THR B 265 -42.50 3.03 -30.04
C THR B 265 -43.94 2.56 -29.91
N ILE B 266 -44.52 2.73 -28.72
CA ILE B 266 -45.93 2.48 -28.45
C ILE B 266 -46.52 3.82 -28.02
N GLN B 267 -47.73 4.14 -28.48
CA GLN B 267 -48.39 5.33 -27.98
C GLN B 267 -49.82 5.03 -27.62
N ILE B 268 -50.22 5.39 -26.39
CA ILE B 268 -51.61 5.26 -25.96
C ILE B 268 -52.22 6.66 -26.02
N THR B 269 -53.31 6.80 -26.79
CA THR B 269 -53.96 8.09 -26.98
C THR B 269 -55.42 7.99 -26.56
N PRO B 270 -55.76 8.33 -25.30
CA PRO B 270 -57.16 8.42 -24.89
C PRO B 270 -57.84 9.64 -25.52
N ASN B 271 -59.17 9.70 -25.39
CA ASN B 271 -59.99 10.69 -26.05
C ASN B 271 -59.91 12.09 -25.42
N ILE B 272 -59.39 12.19 -24.18
CA ILE B 272 -59.14 13.43 -23.48
C ILE B 272 -57.74 13.35 -22.86
N GLY B 273 -56.99 14.46 -22.92
CA GLY B 273 -55.67 14.53 -22.29
C GLY B 273 -54.54 14.08 -23.23
N SER B 274 -53.31 14.32 -22.76
CA SER B 274 -52.10 14.04 -23.53
C SER B 274 -51.90 12.53 -23.70
N PRO B 275 -51.42 12.06 -24.88
CA PRO B 275 -51.09 10.66 -25.06
C PRO B 275 -49.82 10.29 -24.30
N LEU B 276 -49.68 9.00 -23.97
CA LEU B 276 -48.47 8.48 -23.38
C LEU B 276 -47.65 7.82 -24.48
N THR B 277 -46.44 8.33 -24.72
CA THR B 277 -45.55 7.79 -25.74
C THR B 277 -44.39 7.06 -25.05
N ILE B 278 -44.23 5.79 -25.41
CA ILE B 278 -43.27 4.87 -24.82
C ILE B 278 -42.28 4.49 -25.92
N SER B 279 -40.97 4.64 -25.69
CA SER B 279 -39.96 4.26 -26.68
C SER B 279 -38.79 3.52 -26.04
N GLN B 280 -38.39 2.40 -26.65
CA GLN B 280 -37.22 1.64 -26.23
C GLN B 280 -36.36 1.32 -27.45
N TYR B 281 -35.05 1.53 -27.35
CA TYR B 281 -34.14 0.82 -28.23
C TYR B 281 -33.92 -0.58 -27.64
N ILE B 282 -34.17 -1.61 -28.45
CA ILE B 282 -34.15 -2.99 -27.99
C ILE B 282 -32.84 -3.64 -28.43
N TYR B 283 -32.00 -3.99 -27.44
CA TYR B 283 -30.91 -4.92 -27.66
C TYR B 283 -31.45 -6.35 -27.76
N GLN B 284 -30.60 -7.29 -28.20
CA GLN B 284 -30.94 -8.71 -28.23
C GLN B 284 -31.62 -9.16 -26.93
N PRO B 285 -32.79 -9.83 -26.98
CA PRO B 285 -33.50 -10.25 -25.76
C PRO B 285 -32.81 -11.42 -25.09
N ASP B 286 -32.72 -11.34 -23.75
CA ASP B 286 -31.78 -12.14 -22.96
C ASP B 286 -32.43 -13.29 -22.17
N GLY B 287 -33.76 -13.44 -22.23
CA GLY B 287 -34.51 -14.50 -21.56
C GLY B 287 -35.89 -14.72 -22.17
N LYS B 288 -36.64 -15.71 -21.65
CA LYS B 288 -38.01 -16.00 -22.07
C LYS B 288 -38.88 -14.74 -22.01
N VAL B 289 -38.69 -13.96 -20.95
CA VAL B 289 -39.10 -12.56 -20.87
C VAL B 289 -37.83 -11.74 -20.69
N THR B 290 -37.80 -10.52 -21.24
CA THR B 290 -36.68 -9.60 -21.06
C THR B 290 -37.21 -8.22 -20.70
N VAL B 291 -36.50 -7.50 -19.82
CA VAL B 291 -36.86 -6.13 -19.47
C VAL B 291 -36.25 -5.20 -20.51
N ILE B 292 -37.09 -4.56 -21.33
CA ILE B 292 -36.61 -3.70 -22.40
C ILE B 292 -36.63 -2.21 -22.03
N GLY B 293 -37.41 -1.83 -21.01
CA GLY B 293 -37.54 -0.43 -20.61
C GLY B 293 -38.12 -0.26 -19.22
N LEU C 1 -93.94 63.06 -41.27
CA LEU C 1 -92.62 63.73 -41.10
C LEU C 1 -91.83 63.04 -39.99
N ALA C 2 -92.48 62.71 -38.87
CA ALA C 2 -91.76 62.14 -37.73
C ALA C 2 -90.84 61.01 -38.16
N GLY C 3 -91.24 60.20 -39.17
CA GLY C 3 -90.44 59.10 -39.68
C GLY C 3 -89.46 59.52 -40.78
N LEU C 4 -89.86 60.44 -41.67
CA LEU C 4 -89.04 60.85 -42.80
C LEU C 4 -87.68 61.35 -42.31
N ASP C 5 -87.69 62.31 -41.36
CA ASP C 5 -86.46 62.84 -40.76
C ASP C 5 -85.78 61.76 -39.92
N THR C 6 -86.57 60.92 -39.25
CA THR C 6 -86.07 59.83 -38.42
C THR C 6 -85.39 58.77 -39.31
N ALA C 7 -85.82 58.69 -40.58
CA ALA C 7 -85.24 57.78 -41.56
C ALA C 7 -83.91 58.30 -42.09
N ILE C 8 -83.70 59.62 -41.99
CA ILE C 8 -82.44 60.27 -42.39
C ILE C 8 -81.36 59.96 -41.36
N ILE C 9 -81.73 59.88 -40.08
CA ILE C 9 -80.79 59.65 -38.97
C ILE C 9 -80.43 58.17 -38.88
N LEU C 10 -81.34 57.29 -39.31
CA LEU C 10 -81.08 55.85 -39.37
C LEU C 10 -80.09 55.52 -40.49
N ILE C 11 -80.34 55.97 -41.73
CA ILE C 11 -79.41 55.80 -42.86
C ILE C 11 -78.00 56.24 -42.47
N ALA C 12 -77.86 57.46 -41.94
CA ALA C 12 -76.58 58.06 -41.58
C ALA C 12 -75.86 57.28 -40.48
N PHE C 13 -76.58 56.86 -39.43
CA PHE C 13 -76.00 56.13 -38.31
C PHE C 13 -75.59 54.72 -38.72
N ILE C 14 -76.31 54.07 -39.66
CA ILE C 14 -75.91 52.79 -40.23
C ILE C 14 -74.56 52.95 -40.93
N ILE C 15 -74.43 53.94 -41.82
CA ILE C 15 -73.21 54.22 -42.56
C ILE C 15 -72.06 54.47 -41.59
N THR C 16 -72.31 55.25 -40.52
CA THR C 16 -71.33 55.58 -39.49
C THR C 16 -70.82 54.32 -38.77
N ALA C 17 -71.72 53.41 -38.38
CA ALA C 17 -71.35 52.15 -37.76
C ALA C 17 -70.62 51.22 -38.73
N ALA C 18 -71.07 51.15 -40.00
CA ALA C 18 -70.44 50.37 -41.05
C ALA C 18 -68.99 50.82 -41.30
N VAL C 19 -68.72 52.13 -41.23
CA VAL C 19 -67.38 52.70 -41.31
C VAL C 19 -66.49 52.24 -40.15
N LEU C 20 -67.01 52.21 -38.90
CA LEU C 20 -66.24 51.63 -37.80
C LEU C 20 -65.99 50.14 -38.03
N ALA C 21 -67.02 49.38 -38.44
CA ALA C 21 -66.90 47.97 -38.76
C ALA C 21 -65.77 47.72 -39.77
N TYR C 22 -65.77 48.47 -40.88
CA TYR C 22 -64.77 48.43 -41.93
C TYR C 22 -63.36 48.63 -41.37
N VAL C 23 -63.17 49.68 -40.56
CA VAL C 23 -61.87 50.03 -39.97
C VAL C 23 -61.42 49.00 -38.94
N ALA C 24 -62.30 48.59 -38.02
CA ALA C 24 -61.98 47.67 -36.95
C ALA C 24 -61.58 46.29 -37.48
N VAL C 25 -62.31 45.78 -38.50
CA VAL C 25 -62.01 44.48 -39.09
C VAL C 25 -60.67 44.54 -39.84
N ASN C 26 -60.46 45.56 -40.67
CA ASN C 26 -59.19 45.77 -41.37
C ASN C 26 -58.02 45.83 -40.38
N MET C 27 -58.16 46.64 -39.34
CA MET C 27 -57.06 46.85 -38.40
C MET C 27 -56.82 45.65 -37.49
N GLY C 28 -57.87 44.85 -37.18
CA GLY C 28 -57.74 43.55 -36.54
C GLY C 28 -56.98 42.54 -37.40
N LEU C 29 -57.34 42.45 -38.70
CA LEU C 29 -56.59 41.63 -39.64
C LEU C 29 -55.12 42.04 -39.70
N PHE C 30 -54.84 43.35 -39.74
CA PHE C 30 -53.48 43.87 -39.70
C PHE C 30 -52.74 43.45 -38.42
N VAL C 31 -53.26 43.81 -37.24
CA VAL C 31 -52.55 43.61 -35.98
C VAL C 31 -52.37 42.12 -35.66
N THR C 32 -53.35 41.28 -35.96
CA THR C 32 -53.22 39.84 -35.74
C THR C 32 -52.14 39.24 -36.63
N GLN C 33 -51.94 39.76 -37.84
CA GLN C 33 -50.84 39.33 -38.69
C GLN C 33 -49.47 39.84 -38.20
N LYS C 34 -49.40 41.06 -37.67
CA LYS C 34 -48.21 41.56 -36.97
C LYS C 34 -47.86 40.66 -35.77
N ALA C 35 -48.87 40.20 -35.03
CA ALA C 35 -48.71 39.23 -33.96
C ALA C 35 -48.18 37.89 -34.48
N LYS C 36 -48.77 37.32 -35.55
CA LYS C 36 -48.30 36.10 -36.19
C LYS C 36 -46.81 36.18 -36.52
N THR C 37 -46.42 37.25 -37.23
CA THR C 37 -45.04 37.51 -37.62
C THR C 37 -44.12 37.60 -36.40
N THR C 38 -44.56 38.35 -35.37
CA THR C 38 -43.80 38.54 -34.14
C THR C 38 -43.58 37.21 -33.42
N ILE C 39 -44.62 36.38 -33.30
CA ILE C 39 -44.54 35.07 -32.67
C ILE C 39 -43.51 34.20 -33.39
N ASN C 40 -43.53 34.20 -34.73
CA ASN C 40 -42.54 33.50 -35.54
C ASN C 40 -41.11 33.99 -35.24
N LYS C 41 -40.88 35.31 -35.28
CA LYS C 41 -39.56 35.89 -35.00
C LYS C 41 -39.09 35.62 -33.57
N GLY C 42 -40.03 35.55 -32.60
CA GLY C 42 -39.72 35.19 -31.22
C GLY C 42 -39.22 33.75 -31.09
N GLU C 43 -39.89 32.80 -31.75
CA GLU C 43 -39.42 31.42 -31.80
C GLU C 43 -38.07 31.32 -32.50
N GLU C 44 -37.91 31.95 -33.68
CA GLU C 44 -36.64 31.97 -34.39
C GLU C 44 -35.51 32.53 -33.51
N THR C 45 -35.78 33.57 -32.72
CA THR C 45 -34.81 34.17 -31.81
C THR C 45 -34.43 33.22 -30.66
N ALA C 46 -35.39 32.38 -30.20
CA ALA C 46 -35.13 31.40 -29.16
C ALA C 46 -34.41 30.15 -29.70
N SER C 47 -34.67 29.76 -30.96
CA SER C 47 -34.11 28.55 -31.54
C SER C 47 -32.72 28.79 -32.17
N THR C 48 -32.55 29.86 -32.95
CA THR C 48 -31.28 30.11 -33.65
C THR C 48 -30.16 30.50 -32.68
N ALA C 49 -29.05 29.77 -32.76
CA ALA C 49 -27.83 30.04 -31.98
C ALA C 49 -26.66 29.26 -32.57
N LEU C 50 -25.42 29.68 -32.28
CA LEU C 50 -24.22 28.96 -32.69
C LEU C 50 -23.52 28.39 -31.44
N SER C 51 -22.94 27.20 -31.59
CA SER C 51 -22.07 26.60 -30.58
C SER C 51 -20.64 26.56 -31.10
N LEU C 52 -19.67 26.78 -30.22
CA LEU C 52 -18.28 26.45 -30.52
C LEU C 52 -18.15 24.93 -30.59
N SER C 53 -17.79 24.41 -31.78
CA SER C 53 -17.79 22.97 -32.05
C SER C 53 -16.42 22.47 -32.52
N GLY C 54 -15.36 23.07 -31.96
CA GLY C 54 -13.99 22.63 -32.08
C GLY C 54 -13.13 23.36 -31.06
N ASN C 55 -11.84 23.03 -31.01
CA ASN C 55 -10.91 23.81 -30.22
C ASN C 55 -10.61 25.15 -30.91
N VAL C 56 -10.17 26.13 -30.12
CA VAL C 56 -9.70 27.41 -30.62
C VAL C 56 -8.19 27.33 -30.77
N LEU C 57 -7.70 27.51 -31.99
CA LEU C 57 -6.30 27.42 -32.35
C LEU C 57 -5.73 28.81 -32.55
N TYR C 58 -4.53 29.06 -32.04
CA TYR C 58 -3.87 30.36 -32.13
C TYR C 58 -2.47 30.19 -32.70
N ALA C 59 -2.10 31.00 -33.69
CA ALA C 59 -0.81 30.90 -34.39
C ALA C 59 0.03 32.16 -34.19
N VAL C 60 1.34 31.96 -33.97
CA VAL C 60 2.29 33.03 -33.65
C VAL C 60 3.66 32.70 -34.28
N ASN C 61 4.57 33.67 -34.31
CA ASN C 61 5.94 33.47 -34.82
C ASN C 61 6.83 32.69 -33.86
N TYR C 62 6.37 31.50 -33.48
CA TYR C 62 7.04 30.62 -32.54
C TYR C 62 8.41 30.20 -33.07
N PRO C 63 9.46 30.04 -32.22
CA PRO C 63 9.41 30.25 -30.76
C PRO C 63 9.57 31.69 -30.29
N THR C 64 9.88 32.62 -31.21
CA THR C 64 10.25 33.99 -30.85
C THR C 64 9.12 34.78 -30.18
N ASN C 65 7.86 34.47 -30.52
CA ASN C 65 6.65 35.00 -29.90
C ASN C 65 6.58 36.54 -29.87
N THR C 66 7.22 37.22 -30.82
CA THR C 66 7.12 38.67 -30.95
C THR C 66 5.90 39.10 -31.76
N LYS C 67 5.26 38.20 -32.53
CA LYS C 67 4.24 38.58 -33.50
C LYS C 67 3.15 37.52 -33.64
N SER C 68 1.92 37.98 -33.88
CA SER C 68 0.69 37.18 -33.85
C SER C 68 0.09 37.03 -35.25
N TYR C 69 -0.30 35.81 -35.66
CA TYR C 69 -0.63 35.52 -37.04
C TYR C 69 -2.14 35.36 -37.28
N TRP C 70 -2.74 34.35 -36.64
CA TRP C 70 -4.16 34.07 -36.84
C TRP C 70 -4.78 33.28 -35.68
N MET C 71 -6.10 33.33 -35.58
CA MET C 71 -6.88 32.39 -34.76
C MET C 71 -7.86 31.66 -35.65
N TYR C 72 -8.07 30.38 -35.36
CA TYR C 72 -9.01 29.54 -36.09
C TYR C 72 -9.90 28.83 -35.07
N PHE C 73 -11.20 28.73 -35.36
CA PHE C 73 -12.11 27.91 -34.56
C PHE C 73 -13.31 27.49 -35.41
N THR C 74 -14.08 26.53 -34.92
CA THR C 74 -15.16 25.94 -35.69
C THR C 74 -16.48 26.20 -34.96
N VAL C 75 -17.55 26.55 -35.71
CA VAL C 75 -18.87 26.76 -35.12
C VAL C 75 -19.92 25.96 -35.89
N SER C 76 -21.04 25.66 -35.21
CA SER C 76 -22.17 24.98 -35.85
C SER C 76 -23.46 25.42 -35.15
N PRO C 77 -24.62 25.45 -35.84
CA PRO C 77 -25.88 25.74 -35.16
C PRO C 77 -26.15 24.81 -33.98
N SER C 78 -26.57 25.40 -32.86
CA SER C 78 -26.70 24.72 -31.57
C SER C 78 -27.76 23.62 -31.60
N SER C 79 -27.40 22.43 -31.11
CA SER C 79 -28.33 21.33 -30.85
C SER C 79 -29.14 20.91 -32.09
N GLY C 80 -28.68 21.26 -33.30
CA GLY C 80 -29.30 20.89 -34.56
C GLY C 80 -30.71 21.44 -34.78
N VAL C 81 -31.08 22.56 -34.15
CA VAL C 81 -32.49 22.97 -34.14
C VAL C 81 -32.91 23.77 -35.38
N SER C 82 -32.07 24.71 -35.84
CA SER C 82 -32.41 25.61 -36.94
C SER C 82 -31.16 26.23 -37.60
N SER C 83 -31.32 26.80 -38.80
CA SER C 83 -30.25 27.39 -39.60
C SER C 83 -29.86 28.80 -39.13
N VAL C 84 -28.62 29.22 -39.42
CA VAL C 84 -28.11 30.54 -39.04
C VAL C 84 -27.59 31.29 -40.27
N ASP C 85 -28.08 32.52 -40.52
CA ASP C 85 -27.52 33.41 -41.53
C ASP C 85 -26.15 33.91 -41.06
N LEU C 86 -25.09 33.64 -41.85
CA LEU C 86 -23.74 34.10 -41.56
C LEU C 86 -23.23 35.08 -42.63
N SER C 87 -24.11 35.79 -43.35
CA SER C 87 -23.62 36.73 -44.35
C SER C 87 -22.81 37.86 -43.70
N PRO C 88 -21.62 38.22 -44.22
CA PRO C 88 -20.79 39.25 -43.58
C PRO C 88 -21.33 40.67 -43.67
N SER C 89 -22.39 40.90 -44.45
CA SER C 89 -23.12 42.16 -44.43
C SER C 89 -24.03 42.28 -43.21
N THR C 90 -24.68 41.18 -42.81
CA THR C 90 -25.66 41.16 -41.73
C THR C 90 -25.02 40.85 -40.37
N THR C 91 -24.08 39.91 -40.34
CA THR C 91 -23.44 39.41 -39.14
C THR C 91 -22.24 40.28 -38.74
N ALA C 92 -21.97 40.42 -37.44
CA ALA C 92 -20.72 41.01 -36.96
C ALA C 92 -19.90 39.96 -36.23
N ILE C 93 -18.56 40.04 -36.33
CA ILE C 93 -17.69 39.34 -35.41
C ILE C 93 -16.84 40.40 -34.71
N SER C 94 -16.98 40.52 -33.39
CA SER C 94 -16.16 41.44 -32.61
C SER C 94 -14.96 40.70 -32.03
N PHE C 95 -13.90 41.45 -31.72
CA PHE C 95 -12.70 40.90 -31.13
C PHE C 95 -12.20 41.88 -30.07
N THR C 96 -12.02 41.44 -28.82
CA THR C 96 -11.48 42.31 -27.77
C THR C 96 -10.41 41.60 -26.96
N ALA C 97 -9.25 42.25 -26.79
CA ALA C 97 -8.24 41.88 -25.81
C ALA C 97 -8.18 43.01 -24.79
N ALA C 98 -9.05 42.94 -23.78
CA ALA C 98 -9.41 44.08 -22.93
C ALA C 98 -8.21 44.64 -22.16
N SER C 99 -7.32 43.74 -21.70
CA SER C 99 -6.11 44.08 -20.94
C SER C 99 -5.26 45.13 -21.67
N ARG C 100 -5.07 44.95 -22.98
CA ARG C 100 -4.26 45.84 -23.81
C ARG C 100 -5.08 46.91 -24.54
N GLY C 101 -6.38 47.01 -24.22
CA GLY C 101 -7.26 48.04 -24.76
C GLY C 101 -7.65 47.84 -26.23
N VAL C 102 -7.38 46.67 -26.81
CA VAL C 102 -7.80 46.33 -28.16
C VAL C 102 -9.29 45.97 -28.15
N SER C 103 -10.07 46.66 -28.98
CA SER C 103 -11.49 46.39 -29.10
C SER C 103 -11.95 46.71 -30.51
N LEU C 104 -12.31 45.67 -31.27
CA LEU C 104 -12.77 45.80 -32.64
C LEU C 104 -14.22 45.37 -32.68
N SER C 105 -15.11 46.29 -33.07
CA SER C 105 -16.55 46.03 -33.00
C SER C 105 -17.03 45.12 -34.13
N ASN C 106 -16.38 45.17 -35.31
CA ASN C 106 -16.68 44.22 -36.37
C ASN C 106 -15.49 44.00 -37.30
N ILE C 107 -14.98 42.77 -37.32
CA ILE C 107 -13.87 42.35 -38.17
C ILE C 107 -14.31 41.42 -39.28
N TYR C 108 -15.59 41.03 -39.33
CA TYR C 108 -16.05 40.02 -40.28
C TYR C 108 -16.28 40.63 -41.67
N GLN C 109 -15.59 40.10 -42.69
CA GLN C 109 -15.61 40.74 -44.01
C GLN C 109 -16.06 39.80 -45.14
N PHE C 110 -15.70 38.51 -45.08
CA PHE C 110 -15.86 37.63 -46.23
C PHE C 110 -16.33 36.23 -45.84
N SER C 111 -16.98 35.54 -46.78
CA SER C 111 -17.34 34.15 -46.57
C SER C 111 -17.17 33.33 -47.84
N LEU C 112 -16.59 32.14 -47.70
CA LEU C 112 -16.55 31.17 -48.78
C LEU C 112 -17.86 30.36 -48.85
N LEU C 113 -18.82 30.57 -47.94
CA LEU C 113 -20.14 29.98 -48.05
C LEU C 113 -20.87 30.49 -49.31
N SER C 114 -20.55 31.71 -49.75
CA SER C 114 -21.05 32.33 -50.98
C SER C 114 -20.48 31.69 -52.26
N VAL C 115 -19.41 30.91 -52.15
CA VAL C 115 -18.54 30.58 -53.27
C VAL C 115 -18.76 29.12 -53.72
N LEU C 116 -19.09 28.94 -55.00
CA LEU C 116 -19.22 27.61 -55.59
C LEU C 116 -17.84 27.02 -55.89
N PRO C 117 -17.63 25.68 -55.81
CA PRO C 117 -16.35 25.06 -56.12
C PRO C 117 -15.75 25.47 -57.48
N SER C 118 -16.60 25.60 -58.51
CA SER C 118 -16.20 26.01 -59.85
C SER C 118 -15.61 27.43 -59.91
N GLN C 119 -15.82 28.24 -58.87
CA GLN C 119 -15.26 29.59 -58.80
C GLN C 119 -13.82 29.59 -58.26
N VAL C 120 -13.34 28.48 -57.66
CA VAL C 120 -12.03 28.43 -57.01
C VAL C 120 -11.16 27.27 -57.49
N ASN C 121 -11.74 26.11 -57.77
CA ASN C 121 -11.00 24.95 -58.27
C ASN C 121 -10.44 25.25 -59.67
N ASN C 122 -9.20 24.80 -59.93
CA ASN C 122 -8.48 25.01 -61.19
C ASN C 122 -8.25 26.49 -61.53
N LYS C 123 -8.31 27.40 -60.54
CA LYS C 123 -8.16 28.84 -60.80
C LYS C 123 -6.95 29.47 -60.09
N VAL C 124 -6.30 28.71 -59.21
CA VAL C 124 -4.93 28.98 -58.76
C VAL C 124 -4.05 27.78 -59.10
N GLN C 125 -2.78 28.04 -59.42
CA GLN C 125 -1.90 27.04 -60.00
C GLN C 125 -0.45 27.27 -59.57
N VAL C 126 0.33 26.18 -59.52
CA VAL C 126 1.73 26.22 -59.14
C VAL C 126 2.61 25.87 -60.35
N LYS C 127 3.62 26.72 -60.62
CA LYS C 127 4.66 26.41 -61.60
C LYS C 127 5.81 25.67 -60.92
N LEU C 128 5.82 24.33 -60.97
CA LEU C 128 6.95 23.52 -60.54
C LEU C 128 7.87 23.27 -61.74
N GLY C 129 8.89 24.14 -61.91
CA GLY C 129 9.73 24.13 -63.10
C GLY C 129 8.92 24.37 -64.37
N THR C 130 9.03 23.44 -65.34
CA THR C 130 8.26 23.46 -66.58
C THR C 130 6.77 23.17 -66.33
N SER C 131 6.47 22.27 -65.39
CA SER C 131 5.11 21.78 -65.14
C SER C 131 4.25 22.82 -64.43
N ILE C 132 2.95 22.89 -64.79
CA ILE C 132 1.99 23.77 -64.13
C ILE C 132 0.82 22.94 -63.60
N ILE C 133 0.58 22.99 -62.29
CA ILE C 133 -0.42 22.16 -61.63
C ILE C 133 -1.59 23.02 -61.14
N ASN C 134 -2.80 22.70 -61.61
CA ASN C 134 -4.05 23.28 -61.15
C ASN C 134 -4.40 22.74 -59.75
N LEU C 135 -4.69 23.63 -58.79
CA LEU C 135 -5.09 23.19 -57.45
C LEU C 135 -6.59 22.96 -57.35
N THR C 136 -6.98 21.93 -56.58
CA THR C 136 -8.35 21.73 -56.11
C THR C 136 -8.39 22.13 -54.64
N LEU C 137 -9.28 23.07 -54.30
CA LEU C 137 -9.30 23.71 -52.99
C LEU C 137 -10.61 23.41 -52.26
N ALA C 138 -11.75 23.60 -52.94
CA ALA C 138 -13.05 23.18 -52.45
C ALA C 138 -13.26 21.71 -52.80
N PHE C 139 -13.29 20.84 -51.78
CA PHE C 139 -13.66 19.44 -51.96
C PHE C 139 -15.18 19.33 -51.95
N SER C 140 -15.70 18.23 -52.51
CA SER C 140 -17.15 18.05 -52.62
C SER C 140 -17.53 16.57 -52.63
N SER C 141 -18.75 16.26 -52.14
CA SER C 141 -19.33 14.92 -52.14
C SER C 141 -20.85 15.00 -52.26
N ASN C 142 -21.50 13.89 -52.66
CA ASN C 142 -22.94 13.88 -52.89
C ASN C 142 -23.68 13.02 -51.85
N SER C 143 -24.82 13.53 -51.36
CA SER C 143 -25.81 12.70 -50.67
C SER C 143 -27.21 13.18 -51.00
N ALA C 144 -28.15 12.26 -51.28
CA ALA C 144 -29.55 12.58 -51.57
C ALA C 144 -29.72 13.66 -52.66
N GLY C 145 -28.82 13.67 -53.66
CA GLY C 145 -28.90 14.60 -54.77
C GLY C 145 -28.39 16.02 -54.46
N GLN C 146 -27.91 16.26 -53.24
CA GLN C 146 -27.26 17.51 -52.87
C GLN C 146 -25.74 17.37 -52.97
N THR C 147 -25.06 18.41 -53.47
CA THR C 147 -23.60 18.49 -53.40
C THR C 147 -23.19 19.24 -52.14
N TYR C 148 -22.47 18.55 -51.26
CA TYR C 148 -21.84 19.14 -50.09
C TYR C 148 -20.50 19.74 -50.50
N VAL C 149 -20.11 20.86 -49.89
CA VAL C 149 -18.88 21.56 -50.23
C VAL C 149 -18.13 21.87 -48.94
N TYR C 150 -16.80 21.70 -48.95
CA TYR C 150 -16.00 22.05 -47.78
C TYR C 150 -14.55 22.28 -48.18
N TYR C 151 -13.79 22.92 -47.29
CA TYR C 151 -12.34 23.07 -47.43
C TYR C 151 -11.69 22.20 -46.37
N SER C 152 -10.74 21.36 -46.80
CA SER C 152 -10.16 20.35 -45.93
C SER C 152 -9.28 20.97 -44.84
N ASP C 153 -8.68 22.14 -45.12
CA ASP C 153 -7.84 22.84 -44.15
C ASP C 153 -7.92 24.36 -44.31
N PRO C 154 -7.46 25.15 -43.31
CA PRO C 154 -7.37 26.60 -43.45
C PRO C 154 -6.47 27.07 -44.58
N ASN C 155 -5.48 26.27 -45.01
CA ASN C 155 -4.56 26.66 -46.08
C ASN C 155 -5.28 26.74 -47.43
N TYR C 156 -6.06 25.70 -47.78
CA TYR C 156 -6.85 25.73 -48.99
C TYR C 156 -7.96 26.78 -48.92
N ALA C 157 -8.53 27.01 -47.73
CA ALA C 157 -9.46 28.10 -47.52
C ALA C 157 -8.81 29.47 -47.78
N LEU C 158 -7.59 29.69 -47.27
CA LEU C 158 -6.86 30.93 -47.50
C LEU C 158 -6.58 31.16 -48.99
N LEU C 159 -6.13 30.14 -49.72
CA LEU C 159 -5.87 30.27 -51.14
C LEU C 159 -7.16 30.56 -51.92
N ALA C 160 -8.25 29.87 -51.60
CA ALA C 160 -9.57 30.11 -52.18
C ALA C 160 -10.06 31.54 -51.91
N LEU C 161 -9.78 32.08 -50.72
CA LEU C 161 -10.08 33.46 -50.39
C LEU C 161 -9.19 34.45 -51.15
N ASN C 162 -7.87 34.24 -51.19
CA ASN C 162 -6.98 35.08 -51.98
C ASN C 162 -7.49 35.21 -53.42
N TYR C 163 -7.83 34.08 -54.04
CA TYR C 163 -8.38 34.07 -55.38
C TYR C 163 -9.69 34.88 -55.44
N THR C 164 -10.65 34.53 -54.59
CA THR C 164 -11.97 35.16 -54.57
C THR C 164 -11.88 36.68 -54.42
N LEU C 165 -11.07 37.18 -53.47
CA LEU C 165 -10.95 38.61 -53.23
C LEU C 165 -10.18 39.31 -54.34
N GLY C 166 -9.10 38.71 -54.88
CA GLY C 166 -8.42 39.24 -56.06
C GLY C 166 -9.35 39.36 -57.26
N GLN C 167 -10.21 38.35 -57.44
CA GLN C 167 -11.21 38.33 -58.50
C GLN C 167 -12.30 39.39 -58.30
N GLU C 168 -12.71 39.65 -57.04
CA GLU C 168 -13.64 40.74 -56.71
C GLU C 168 -13.03 42.13 -56.90
N VAL C 169 -11.74 42.31 -56.61
CA VAL C 169 -11.01 43.55 -56.94
C VAL C 169 -10.95 43.75 -58.45
N LYS C 170 -10.60 42.68 -59.19
CA LYS C 170 -10.53 42.67 -60.65
C LYS C 170 -11.89 43.01 -61.27
N GLY C 171 -12.98 42.50 -60.67
CA GLY C 171 -14.34 42.82 -61.07
C GLY C 171 -14.89 44.16 -60.56
N GLY C 172 -14.08 44.94 -59.82
CA GLY C 172 -14.47 46.25 -59.30
C GLY C 172 -15.49 46.22 -58.15
N GLN C 173 -15.80 45.04 -57.61
CA GLN C 173 -16.78 44.87 -56.54
C GLN C 173 -16.20 45.23 -55.16
N LEU C 174 -14.87 45.22 -55.04
CA LEU C 174 -14.12 45.47 -53.81
C LEU C 174 -12.96 46.41 -54.13
N THR C 175 -12.66 47.38 -53.24
CA THR C 175 -11.66 48.41 -53.53
C THR C 175 -10.23 47.88 -53.47
N SER C 176 -9.92 47.14 -52.39
CA SER C 176 -8.68 46.39 -52.20
C SER C 176 -8.95 45.11 -51.41
N SER C 177 -8.23 44.03 -51.74
CA SER C 177 -8.20 42.86 -50.89
C SER C 177 -7.30 43.13 -49.68
N PRO C 178 -7.73 42.85 -48.43
CA PRO C 178 -6.84 42.95 -47.28
C PRO C 178 -5.87 41.79 -47.18
N LEU C 179 -6.09 40.72 -47.96
CA LEU C 179 -5.25 39.53 -48.02
C LEU C 179 -4.56 39.45 -49.38
N TYR C 180 -3.24 39.20 -49.38
CA TYR C 180 -2.50 38.92 -50.60
C TYR C 180 -1.56 37.74 -50.37
N ILE C 181 -1.66 36.69 -51.20
CA ILE C 181 -0.87 35.47 -51.01
C ILE C 181 0.02 35.23 -52.23
N ILE C 182 1.32 35.01 -51.98
CA ILE C 182 2.33 34.76 -53.02
C ILE C 182 3.27 33.65 -52.59
N SER C 183 3.79 32.88 -53.56
CA SER C 183 4.87 31.91 -53.32
C SER C 183 6.24 32.57 -53.51
N ASN C 184 6.31 33.47 -54.51
CA ASN C 184 7.50 34.22 -54.87
C ASN C 184 7.62 35.44 -53.95
N THR C 185 8.67 35.47 -53.12
CA THR C 185 8.94 36.65 -52.29
C THR C 185 9.68 37.76 -53.04
N SER C 186 10.30 37.46 -54.20
CA SER C 186 11.03 38.44 -55.00
C SER C 186 10.16 39.64 -55.39
N ILE C 187 8.86 39.40 -55.54
CA ILE C 187 7.84 40.39 -55.92
C ILE C 187 7.76 41.55 -54.93
N VAL C 188 8.04 41.30 -53.64
CA VAL C 188 7.79 42.23 -52.53
C VAL C 188 8.55 43.55 -52.70
N ALA C 189 9.76 43.52 -53.25
CA ALA C 189 10.55 44.74 -53.50
C ALA C 189 9.83 45.72 -54.42
N SER C 190 9.00 45.22 -55.35
CA SER C 190 8.23 46.05 -56.29
C SER C 190 6.90 46.56 -55.73
N LYS C 191 6.53 46.11 -54.52
CA LYS C 191 5.23 46.35 -53.89
C LYS C 191 5.41 46.80 -52.44
N PRO C 192 5.94 48.02 -52.20
CA PRO C 192 6.42 48.41 -50.88
C PRO C 192 5.37 48.46 -49.77
N TRP C 193 4.07 48.54 -50.12
CA TRP C 193 3.00 48.42 -49.14
C TRP C 193 2.99 47.07 -48.42
N LEU C 194 3.48 46.02 -49.08
CA LEU C 194 3.61 44.69 -48.46
C LEU C 194 4.76 44.61 -47.45
N LYS C 195 5.66 45.62 -47.39
CA LYS C 195 6.81 45.59 -46.49
C LYS C 195 6.39 45.68 -45.03
N ASN C 196 5.36 46.49 -44.74
CA ASN C 196 5.03 46.90 -43.38
C ASN C 196 3.82 46.18 -42.79
N ASP C 197 2.90 45.67 -43.62
CA ASP C 197 1.75 44.92 -43.12
C ASP C 197 2.14 43.52 -42.60
N ASN C 198 1.20 42.82 -41.95
CA ASN C 198 1.53 41.60 -41.22
C ASN C 198 1.70 40.42 -42.18
N VAL C 199 2.72 39.56 -41.95
CA VAL C 199 2.97 38.43 -42.83
C VAL C 199 3.18 37.14 -42.04
N PHE C 200 2.55 36.06 -42.51
CA PHE C 200 2.79 34.71 -42.01
C PHE C 200 2.92 33.75 -43.20
N THR C 201 3.45 32.54 -42.96
CA THR C 201 3.64 31.59 -44.04
C THR C 201 2.98 30.25 -43.72
N PHE C 202 2.61 29.52 -44.78
CA PHE C 202 2.10 28.17 -44.66
C PHE C 202 2.53 27.34 -45.87
N ASN C 203 2.65 26.03 -45.68
CA ASN C 203 3.06 25.13 -46.74
C ASN C 203 1.88 24.27 -47.18
N ILE C 204 1.76 24.03 -48.49
CA ILE C 204 0.92 22.97 -49.03
C ILE C 204 1.81 22.03 -49.84
N SER C 205 1.34 20.80 -50.12
CA SER C 205 2.09 19.88 -50.97
C SER C 205 1.44 19.74 -52.35
N VAL C 206 2.25 19.88 -53.41
CA VAL C 206 1.80 19.81 -54.79
C VAL C 206 2.81 18.94 -55.55
N ASN C 207 2.33 17.93 -56.29
CA ASN C 207 3.21 16.92 -56.88
C ASN C 207 4.24 16.42 -55.85
N GLY C 208 3.75 16.12 -54.64
CA GLY C 208 4.57 15.68 -53.50
C GLY C 208 5.69 16.64 -53.05
N THR C 209 5.68 17.88 -53.56
CA THR C 209 6.67 18.90 -53.28
C THR C 209 6.07 19.96 -52.36
N GLU C 210 6.79 20.35 -51.29
CA GLU C 210 6.34 21.43 -50.41
C GLU C 210 6.44 22.79 -51.12
N VAL C 211 5.31 23.51 -51.18
CA VAL C 211 5.23 24.87 -51.70
C VAL C 211 4.94 25.79 -50.53
N GLU C 212 5.84 26.73 -50.21
CA GLU C 212 5.57 27.73 -49.19
C GLU C 212 4.86 28.94 -49.79
N TYR C 213 3.77 29.34 -49.14
CA TYR C 213 3.05 30.57 -49.45
C TYR C 213 3.21 31.56 -48.30
N TYR C 214 3.37 32.83 -48.70
CA TYR C 214 3.49 33.98 -47.81
C TYR C 214 2.17 34.75 -47.92
N ALA C 215 1.49 34.91 -46.78
CA ALA C 215 0.22 35.61 -46.70
C ALA C 215 0.43 36.97 -46.05
N TYR C 216 0.11 38.04 -46.79
CA TYR C 216 0.24 39.42 -46.37
C TYR C 216 -1.15 39.94 -45.99
N VAL C 217 -1.28 40.49 -44.78
CA VAL C 217 -2.55 40.87 -44.19
C VAL C 217 -2.53 42.36 -43.78
N ASN C 218 -3.38 43.13 -44.44
CA ASN C 218 -3.45 44.59 -44.43
C ASN C 218 -4.03 45.13 -43.10
N LYS C 219 -5.02 44.39 -42.54
CA LYS C 219 -5.80 44.78 -41.36
C LYS C 219 -6.36 43.53 -40.69
N THR C 220 -6.73 43.59 -39.39
CA THR C 220 -7.34 42.42 -38.76
C THR C 220 -8.72 42.18 -39.35
N PHE C 221 -8.96 40.97 -39.86
CA PHE C 221 -10.24 40.60 -40.43
C PHE C 221 -10.56 39.14 -40.16
N ALA C 222 -11.85 38.79 -40.24
CA ALA C 222 -12.31 37.43 -40.10
C ALA C 222 -13.03 36.99 -41.38
N PHE C 223 -12.93 35.70 -41.69
CA PHE C 223 -13.75 35.09 -42.73
C PHE C 223 -14.26 33.74 -42.26
N THR C 224 -15.30 33.25 -42.94
CA THR C 224 -15.87 31.94 -42.64
C THR C 224 -15.82 31.06 -43.88
N TYR C 225 -15.78 29.74 -43.67
CA TYR C 225 -15.79 28.78 -44.75
C TYR C 225 -16.43 27.47 -44.31
N PRO C 226 -17.01 26.66 -45.23
CA PRO C 226 -17.64 25.42 -44.84
C PRO C 226 -16.64 24.29 -44.55
N VAL C 227 -16.94 23.50 -43.51
CA VAL C 227 -16.09 22.41 -43.06
C VAL C 227 -16.79 21.04 -43.22
N SER C 228 -18.10 20.96 -42.92
CA SER C 228 -18.91 19.79 -43.26
C SER C 228 -20.40 20.13 -43.24
N GLY C 229 -21.24 19.23 -43.78
CA GLY C 229 -22.69 19.35 -43.67
C GLY C 229 -23.26 20.59 -44.34
N PHE C 230 -22.51 21.19 -45.28
CA PHE C 230 -22.92 22.40 -45.96
C PHE C 230 -23.26 22.13 -47.43
N PRO C 231 -24.54 21.88 -47.78
CA PRO C 231 -24.97 21.76 -49.17
C PRO C 231 -25.40 23.09 -49.81
N LEU C 232 -25.55 24.16 -49.00
CA LEU C 232 -26.16 25.41 -49.45
C LEU C 232 -25.14 26.37 -50.08
N ALA C 233 -24.19 25.86 -50.88
CA ALA C 233 -23.18 26.69 -51.51
C ALA C 233 -23.80 27.81 -52.35
N GLY C 234 -23.33 29.05 -52.12
CA GLY C 234 -23.91 30.26 -52.70
C GLY C 234 -24.67 31.13 -51.69
N SER C 235 -25.07 30.60 -50.52
CA SER C 235 -26.13 31.20 -49.71
C SER C 235 -25.67 32.07 -48.53
N ASP C 236 -24.49 31.82 -47.94
CA ASP C 236 -24.10 32.31 -46.61
C ASP C 236 -24.93 31.78 -45.44
N ILE C 237 -25.76 30.73 -45.62
CA ILE C 237 -26.55 30.19 -44.53
C ILE C 237 -25.91 28.89 -44.04
N ALA C 238 -25.64 28.79 -42.73
CA ALA C 238 -25.23 27.54 -42.11
C ALA C 238 -26.46 26.75 -41.71
N PRO C 239 -26.81 25.62 -42.38
CA PRO C 239 -27.98 24.83 -41.98
C PRO C 239 -27.69 24.04 -40.71
N ALA C 240 -28.75 23.59 -40.04
CA ALA C 240 -28.60 22.75 -38.85
C ALA C 240 -27.84 21.46 -39.21
N GLY C 241 -26.80 21.13 -38.41
CA GLY C 241 -25.94 20.00 -38.70
C GLY C 241 -24.85 20.27 -39.73
N SER C 242 -24.58 21.56 -40.04
CA SER C 242 -23.38 21.98 -40.75
C SER C 242 -22.29 22.38 -39.75
N VAL C 243 -21.04 22.45 -40.23
CA VAL C 243 -19.88 22.83 -39.43
C VAL C 243 -19.12 23.88 -40.24
N ILE C 244 -18.84 25.04 -39.63
CA ILE C 244 -18.32 26.21 -40.30
C ILE C 244 -17.00 26.60 -39.64
N GLY C 245 -15.93 26.72 -40.44
CA GLY C 245 -14.67 27.25 -39.94
C GLY C 245 -14.74 28.77 -39.90
N VAL C 246 -14.25 29.36 -38.80
CA VAL C 246 -14.11 30.79 -38.63
C VAL C 246 -12.61 31.05 -38.46
N MET C 247 -12.06 31.97 -39.25
CA MET C 247 -10.65 32.27 -39.14
C MET C 247 -10.45 33.78 -39.07
N ILE C 248 -9.64 34.21 -38.11
CA ILE C 248 -9.27 35.60 -37.87
C ILE C 248 -7.80 35.74 -38.24
N LEU C 249 -7.48 36.63 -39.19
CA LEU C 249 -6.10 36.93 -39.53
C LEU C 249 -5.76 38.31 -38.96
N PHE C 250 -4.67 38.43 -38.20
CA PHE C 250 -4.32 39.69 -37.58
C PHE C 250 -3.58 40.60 -38.53
N GLY C 251 -3.94 41.89 -38.52
CA GLY C 251 -3.20 42.94 -39.24
C GLY C 251 -2.04 43.49 -38.42
N PRO C 252 -1.25 44.44 -38.95
CA PRO C 252 -0.04 44.92 -38.27
C PRO C 252 -0.30 45.63 -36.95
N GLY C 253 -1.52 46.15 -36.73
CA GLY C 253 -1.95 46.69 -35.45
C GLY C 253 -2.01 45.61 -34.36
N GLU C 254 -2.98 44.69 -34.47
CA GLU C 254 -3.20 43.68 -33.45
C GLU C 254 -2.09 42.62 -33.39
N ALA C 255 -1.33 42.46 -34.48
CA ALA C 255 -0.22 41.51 -34.54
C ALA C 255 0.96 41.88 -33.63
N THR C 256 1.06 43.14 -33.19
CA THR C 256 2.29 43.80 -32.75
C THR C 256 3.06 43.06 -31.64
N ASN C 257 2.36 42.45 -30.68
CA ASN C 257 2.96 41.46 -29.78
C ASN C 257 1.93 40.41 -29.36
N VAL C 258 2.42 39.22 -28.99
CA VAL C 258 1.61 38.03 -28.74
C VAL C 258 0.72 38.20 -27.51
N PHE C 259 -0.45 37.54 -27.51
CA PHE C 259 -1.30 37.48 -26.32
C PHE C 259 -0.68 36.58 -25.25
N GLN C 260 -0.37 37.14 -24.07
CA GLN C 260 0.10 36.35 -22.92
C GLN C 260 -0.47 36.94 -21.64
N TYR C 261 -0.94 36.07 -20.73
CA TYR C 261 -1.48 36.50 -19.43
C TYR C 261 -2.63 37.50 -19.64
N GLU C 262 -3.48 37.20 -20.63
CA GLU C 262 -4.49 38.13 -21.14
C GLU C 262 -5.78 37.35 -21.46
N THR C 263 -6.93 38.03 -21.36
CA THR C 263 -8.19 37.45 -21.81
C THR C 263 -8.56 37.99 -23.18
N VAL C 264 -8.79 37.08 -24.13
CA VAL C 264 -9.30 37.41 -25.45
C VAL C 264 -10.75 36.95 -25.55
N THR C 265 -11.61 37.86 -26.01
CA THR C 265 -13.02 37.59 -26.23
C THR C 265 -13.37 37.82 -27.70
N ILE C 266 -14.05 36.85 -28.31
CA ILE C 266 -14.59 36.95 -29.65
C ILE C 266 -16.09 36.81 -29.53
N GLN C 267 -16.87 37.61 -30.27
CA GLN C 267 -18.30 37.40 -30.28
C GLN C 267 -18.83 37.41 -31.70
N ILE C 268 -19.59 36.37 -32.07
CA ILE C 268 -20.26 36.31 -33.36
C ILE C 268 -21.71 36.65 -33.13
N THR C 269 -22.22 37.70 -33.80
CA THR C 269 -23.58 38.15 -33.62
C THR C 269 -24.31 38.14 -34.96
N PRO C 270 -25.03 37.05 -35.31
CA PRO C 270 -25.88 37.04 -36.49
C PRO C 270 -27.11 37.93 -36.30
N ASN C 271 -27.84 38.17 -37.39
CA ASN C 271 -28.95 39.11 -37.42
C ASN C 271 -30.22 38.59 -36.72
N ILE C 272 -30.30 37.26 -36.48
CA ILE C 272 -31.39 36.62 -35.75
C ILE C 272 -30.76 35.64 -34.75
N GLY C 273 -31.30 35.59 -33.53
CA GLY C 273 -30.84 34.64 -32.52
C GLY C 273 -29.72 35.19 -31.64
N SER C 274 -29.41 34.43 -30.58
CA SER C 274 -28.41 34.82 -29.60
C SER C 274 -27.01 34.82 -30.19
N PRO C 275 -26.14 35.77 -29.82
CA PRO C 275 -24.74 35.75 -30.26
C PRO C 275 -23.97 34.64 -29.54
N LEU C 276 -22.89 34.20 -30.16
CA LEU C 276 -21.97 33.25 -29.55
C LEU C 276 -20.77 34.04 -29.01
N THR C 277 -20.57 33.98 -27.69
CA THR C 277 -19.45 34.67 -27.05
C THR C 277 -18.42 33.65 -26.61
N ILE C 278 -17.18 33.84 -27.08
CA ILE C 278 -16.06 32.94 -26.88
C ILE C 278 -15.02 33.71 -26.06
N SER C 279 -14.55 33.14 -24.93
CA SER C 279 -13.52 33.79 -24.11
C SER C 279 -12.46 32.80 -23.65
N GLN C 280 -11.18 33.19 -23.80
CA GLN C 280 -10.06 32.41 -23.31
C GLN C 280 -9.11 33.33 -22.55
N TYR C 281 -8.66 32.89 -21.37
CA TYR C 281 -7.42 33.43 -20.83
C TYR C 281 -6.27 32.70 -21.49
N ILE C 282 -5.34 33.46 -22.08
CA ILE C 282 -4.26 32.89 -22.89
C ILE C 282 -2.98 32.91 -22.07
N TYR C 283 -2.48 31.70 -21.75
CA TYR C 283 -1.11 31.55 -21.29
C TYR C 283 -0.14 31.68 -22.47
N GLN C 284 1.15 31.79 -22.18
CA GLN C 284 2.19 31.80 -23.21
C GLN C 284 1.97 30.70 -24.25
N PRO C 285 1.97 31.02 -25.57
CA PRO C 285 1.72 30.01 -26.61
C PRO C 285 2.92 29.07 -26.78
N ASP C 286 2.62 27.78 -26.92
CA ASP C 286 3.58 26.70 -26.72
C ASP C 286 4.08 26.03 -28.00
N GLY C 287 3.55 26.43 -29.18
CA GLY C 287 3.95 25.90 -30.48
C GLY C 287 3.57 26.83 -31.63
N LYS C 288 3.94 26.46 -32.87
CA LYS C 288 3.59 27.21 -34.08
C LYS C 288 2.10 27.49 -34.15
N VAL C 289 1.31 26.49 -33.77
CA VAL C 289 -0.09 26.64 -33.39
C VAL C 289 -0.20 26.18 -31.93
N THR C 290 -1.10 26.81 -31.16
CA THR C 290 -1.37 26.40 -29.79
C THR C 290 -2.88 26.31 -29.57
N VAL C 291 -3.32 25.33 -28.77
CA VAL C 291 -4.73 25.20 -28.40
C VAL C 291 -4.99 26.11 -27.20
N ILE C 292 -5.78 27.17 -27.41
CA ILE C 292 -6.04 28.15 -26.35
C ILE C 292 -7.38 27.92 -25.66
N GLY C 293 -8.31 27.17 -26.29
CA GLY C 293 -9.64 26.94 -25.74
C GLY C 293 -10.35 25.77 -26.38
N LEU D 1 -86.69 67.06 -34.95
CA LEU D 1 -86.65 66.59 -33.54
C LEU D 1 -85.91 65.27 -33.45
N ALA D 2 -86.18 64.34 -34.38
CA ALA D 2 -85.60 63.01 -34.31
C ALA D 2 -84.09 63.08 -34.06
N GLY D 3 -83.41 64.08 -34.62
CA GLY D 3 -81.97 64.27 -34.44
C GLY D 3 -81.60 65.10 -33.20
N LEU D 4 -82.40 66.13 -32.89
CA LEU D 4 -82.10 67.02 -31.77
C LEU D 4 -81.97 66.23 -30.48
N ASP D 5 -82.97 65.40 -30.16
CA ASP D 5 -82.94 64.54 -28.98
C ASP D 5 -81.87 63.46 -29.13
N THR D 6 -81.70 62.95 -30.37
CA THR D 6 -80.70 61.94 -30.68
C THR D 6 -79.29 62.53 -30.50
N ALA D 7 -79.17 63.85 -30.66
CA ALA D 7 -77.90 64.57 -30.49
C ALA D 7 -77.58 64.75 -29.01
N ILE D 8 -78.61 64.71 -28.15
CA ILE D 8 -78.46 64.81 -26.69
C ILE D 8 -77.88 63.50 -26.16
N ILE D 9 -78.26 62.36 -26.75
CA ILE D 9 -77.84 61.04 -26.30
C ILE D 9 -76.42 60.72 -26.79
N LEU D 10 -76.03 61.31 -27.93
CA LEU D 10 -74.68 61.18 -28.47
C LEU D 10 -73.68 61.96 -27.62
N ILE D 11 -73.92 63.25 -27.35
CA ILE D 11 -73.09 64.07 -26.47
C ILE D 11 -72.85 63.37 -25.12
N ALA D 12 -73.93 62.91 -24.47
CA ALA D 12 -73.87 62.27 -23.17
C ALA D 12 -73.08 60.95 -23.19
N PHE D 13 -73.31 60.11 -24.20
CA PHE D 13 -72.64 58.82 -24.31
C PHE D 13 -71.16 58.99 -24.64
N ILE D 14 -70.78 60.02 -25.41
CA ILE D 14 -69.37 60.37 -25.64
C ILE D 14 -68.69 60.68 -24.31
N ILE D 15 -69.29 61.59 -23.52
CA ILE D 15 -68.76 61.99 -22.22
C ILE D 15 -68.62 60.76 -21.31
N THR D 16 -69.62 59.88 -21.31
CA THR D 16 -69.63 58.65 -20.53
C THR D 16 -68.47 57.71 -20.90
N ALA D 17 -68.22 57.51 -22.20
CA ALA D 17 -67.11 56.71 -22.69
C ALA D 17 -65.76 57.37 -22.39
N ALA D 18 -65.66 58.70 -22.55
CA ALA D 18 -64.46 59.48 -22.24
C ALA D 18 -64.08 59.36 -20.76
N VAL D 19 -65.07 59.32 -19.86
CA VAL D 19 -64.88 59.10 -18.43
C VAL D 19 -64.30 57.70 -18.16
N LEU D 20 -64.79 56.64 -18.83
CA LEU D 20 -64.15 55.33 -18.71
C LEU D 20 -62.72 55.36 -19.26
N ALA D 21 -62.50 55.98 -20.42
CA ALA D 21 -61.18 56.13 -21.01
C ALA D 21 -60.20 56.78 -20.02
N TYR D 22 -60.60 57.90 -19.42
CA TYR D 22 -59.86 58.64 -18.41
C TYR D 22 -59.44 57.73 -17.24
N VAL D 23 -60.41 56.99 -16.67
CA VAL D 23 -60.19 56.11 -15.54
C VAL D 23 -59.31 54.92 -15.90
N ALA D 24 -59.59 54.24 -17.01
CA ALA D 24 -58.87 53.04 -17.44
C ALA D 24 -57.40 53.35 -17.74
N VAL D 25 -57.12 54.46 -18.42
CA VAL D 25 -55.75 54.86 -18.75
C VAL D 25 -54.98 55.21 -17.47
N ASN D 26 -55.57 56.04 -16.59
CA ASN D 26 -54.97 56.38 -15.31
C ASN D 26 -54.66 55.13 -14.49
N MET D 27 -55.63 54.23 -14.37
CA MET D 27 -55.46 53.06 -13.53
C MET D 27 -54.51 52.01 -14.14
N GLY D 28 -54.43 51.94 -15.48
CA GLY D 28 -53.40 51.18 -16.19
C GLY D 28 -52.00 51.73 -15.94
N LEU D 29 -51.82 53.06 -16.02
CA LEU D 29 -50.56 53.70 -15.67
C LEU D 29 -50.17 53.38 -14.22
N PHE D 30 -51.12 53.46 -13.29
CA PHE D 30 -50.91 53.09 -11.89
C PHE D 30 -50.45 51.64 -11.75
N VAL D 31 -51.26 50.67 -12.21
CA VAL D 31 -51.01 49.26 -11.96
C VAL D 31 -49.72 48.78 -12.66
N THR D 32 -49.44 49.26 -13.87
CA THR D 32 -48.21 48.90 -14.56
C THR D 32 -46.98 49.41 -13.82
N GLN D 33 -47.07 50.57 -13.15
CA GLN D 33 -45.98 51.05 -12.31
C GLN D 33 -45.84 50.25 -11.01
N LYS D 34 -46.96 49.81 -10.39
CA LYS D 34 -46.92 48.86 -9.28
C LYS D 34 -46.24 47.56 -9.69
N ALA D 35 -46.51 47.08 -10.92
CA ALA D 35 -45.84 45.92 -11.50
C ALA D 35 -44.33 46.18 -11.66
N LYS D 36 -43.92 47.32 -12.26
CA LYS D 36 -42.52 47.71 -12.39
C LYS D 36 -41.78 47.63 -11.05
N THR D 37 -42.35 48.29 -10.03
CA THR D 37 -41.81 48.32 -8.67
C THR D 37 -41.69 46.90 -8.10
N THR D 38 -42.75 46.09 -8.25
CA THR D 38 -42.79 44.72 -7.76
C THR D 38 -41.71 43.86 -8.42
N ILE D 39 -41.56 43.96 -9.74
CA ILE D 39 -40.53 43.23 -10.49
C ILE D 39 -39.14 43.57 -9.95
N ASN D 40 -38.87 44.86 -9.72
CA ASN D 40 -37.63 45.32 -9.12
C ASN D 40 -37.40 44.68 -7.74
N LYS D 41 -38.39 44.76 -6.83
CA LYS D 41 -38.30 44.18 -5.50
C LYS D 41 -38.14 42.66 -5.51
N GLY D 42 -38.73 41.98 -6.50
CA GLY D 42 -38.57 40.55 -6.71
C GLY D 42 -37.13 40.17 -7.08
N GLU D 43 -36.52 40.91 -8.01
CA GLU D 43 -35.11 40.73 -8.35
C GLU D 43 -34.22 41.03 -7.14
N GLU D 44 -34.43 42.15 -6.46
CA GLU D 44 -33.67 42.50 -5.25
C GLU D 44 -33.77 41.40 -4.20
N THR D 45 -34.95 40.79 -4.02
CA THR D 45 -35.17 39.70 -3.08
C THR D 45 -34.42 38.43 -3.48
N ALA D 46 -34.27 38.18 -4.79
CA ALA D 46 -33.53 37.03 -5.29
C ALA D 46 -32.02 37.25 -5.26
N SER D 47 -31.55 38.50 -5.45
CA SER D 47 -30.12 38.81 -5.50
C SER D 47 -29.51 39.07 -4.11
N THR D 48 -30.18 39.85 -3.26
CA THR D 48 -29.62 40.20 -1.95
C THR D 48 -29.60 39.01 -0.99
N ALA D 49 -28.42 38.71 -0.43
CA ALA D 49 -28.21 37.66 0.56
C ALA D 49 -26.84 37.85 1.22
N LEU D 50 -26.65 37.27 2.42
CA LEU D 50 -25.37 37.28 3.11
C LEU D 50 -24.81 35.86 3.15
N SER D 51 -23.48 35.73 3.03
CA SER D 51 -22.76 34.49 3.24
C SER D 51 -21.91 34.60 4.50
N LEU D 52 -21.80 33.51 5.26
CA LEU D 52 -20.79 33.41 6.29
C LEU D 52 -19.41 33.32 5.61
N SER D 53 -18.55 34.31 5.85
CA SER D 53 -17.28 34.45 5.14
C SER D 53 -16.08 34.50 6.10
N GLY D 54 -16.20 33.72 7.18
CA GLY D 54 -15.11 33.43 8.11
C GLY D 54 -15.51 32.28 9.01
N ASN D 55 -14.61 31.86 9.90
CA ASN D 55 -14.98 30.90 10.93
C ASN D 55 -15.81 31.59 12.02
N VAL D 56 -16.59 30.79 12.76
CA VAL D 56 -17.34 31.27 13.91
C VAL D 56 -16.49 30.98 15.15
N LEU D 57 -16.16 32.05 15.88
CA LEU D 57 -15.31 32.00 17.06
C LEU D 57 -16.17 32.15 18.30
N TYR D 58 -15.90 31.35 19.34
CA TYR D 58 -16.65 31.38 20.57
C TYR D 58 -15.69 31.52 21.76
N ALA D 59 -15.98 32.44 22.69
CA ALA D 59 -15.12 32.75 23.82
C ALA D 59 -15.81 32.44 25.15
N VAL D 60 -15.05 31.85 26.09
CA VAL D 60 -15.54 31.38 27.38
C VAL D 60 -14.46 31.59 28.45
N ASN D 61 -14.82 31.45 29.74
CA ASN D 61 -13.89 31.55 30.85
C ASN D 61 -12.99 30.32 30.99
N TYR D 62 -12.28 29.98 29.91
CA TYR D 62 -11.40 28.83 29.83
C TYR D 62 -10.26 28.94 30.84
N PRO D 63 -9.79 27.83 31.46
CA PRO D 63 -10.30 26.47 31.25
C PRO D 63 -11.54 26.09 32.06
N THR D 64 -11.98 26.96 32.99
CA THR D 64 -13.02 26.62 33.95
C THR D 64 -14.39 26.36 33.30
N ASN D 65 -14.68 26.98 32.16
CA ASN D 65 -15.85 26.75 31.32
C ASN D 65 -17.19 26.87 32.06
N THR D 66 -17.25 27.67 33.14
CA THR D 66 -18.50 27.93 33.84
C THR D 66 -19.29 29.07 33.23
N LYS D 67 -18.69 29.90 32.36
CA LYS D 67 -19.31 31.14 31.90
C LYS D 67 -18.93 31.49 30.45
N SER D 68 -19.87 32.11 29.73
CA SER D 68 -19.80 32.33 28.29
C SER D 68 -19.68 33.84 27.98
N TYR D 69 -18.76 34.23 27.09
CA TYR D 69 -18.38 35.62 26.92
C TYR D 69 -18.94 36.24 25.63
N TRP D 70 -18.52 35.72 24.47
CA TRP D 70 -18.95 36.25 23.19
C TRP D 70 -18.82 35.25 22.04
N MET D 71 -19.53 35.51 20.95
CA MET D 71 -19.30 34.85 19.67
C MET D 71 -18.97 35.93 18.63
N TYR D 72 -18.05 35.60 17.73
CA TYR D 72 -17.66 36.49 16.64
C TYR D 72 -17.72 35.70 15.34
N PHE D 73 -18.20 36.31 14.26
CA PHE D 73 -18.12 35.73 12.93
C PHE D 73 -18.17 36.83 11.88
N THR D 74 -17.85 36.49 10.63
CA THR D 74 -17.73 37.48 9.58
C THR D 74 -18.74 37.16 8.48
N VAL D 75 -19.41 38.18 7.92
CA VAL D 75 -20.37 37.99 6.83
C VAL D 75 -20.05 38.95 5.68
N SER D 76 -20.48 38.59 4.47
CA SER D 76 -20.34 39.44 3.29
C SER D 76 -21.48 39.15 2.33
N PRO D 77 -21.95 40.13 1.52
CA PRO D 77 -22.95 39.84 0.49
C PRO D 77 -22.55 38.71 -0.44
N SER D 78 -23.49 37.80 -0.69
CA SER D 78 -23.24 36.54 -1.40
C SER D 78 -22.83 36.76 -2.85
N SER D 79 -21.74 36.10 -3.28
CA SER D 79 -21.33 36.02 -4.68
C SER D 79 -21.12 37.39 -5.34
N GLY D 80 -20.92 38.45 -4.54
CA GLY D 80 -20.65 39.80 -5.01
C GLY D 80 -21.77 40.44 -5.84
N VAL D 81 -23.04 40.02 -5.68
CA VAL D 81 -24.08 40.42 -6.63
C VAL D 81 -24.70 41.79 -6.32
N SER D 82 -24.98 42.08 -5.04
CA SER D 82 -25.67 43.30 -4.64
C SER D 82 -25.45 43.64 -3.15
N SER D 83 -25.75 44.88 -2.77
CA SER D 83 -25.55 45.41 -1.41
C SER D 83 -26.66 44.97 -0.43
N VAL D 84 -26.36 44.94 0.88
CA VAL D 84 -27.30 44.55 1.92
C VAL D 84 -27.41 45.65 2.98
N ASP D 85 -28.64 46.12 3.27
CA ASP D 85 -28.91 47.01 4.40
C ASP D 85 -28.75 46.22 5.71
N LEU D 86 -27.84 46.67 6.59
CA LEU D 86 -27.62 46.07 7.90
C LEU D 86 -27.98 47.04 9.04
N SER D 87 -28.86 48.03 8.83
CA SER D 87 -29.20 48.93 9.91
C SER D 87 -29.89 48.19 11.06
N PRO D 88 -29.51 48.38 12.34
CA PRO D 88 -30.09 47.63 13.44
C PRO D 88 -31.55 47.97 13.75
N SER D 89 -32.10 49.03 13.16
CA SER D 89 -33.53 49.30 13.22
C SER D 89 -34.33 48.39 12.29
N THR D 90 -33.80 48.10 11.09
CA THR D 90 -34.50 47.32 10.07
C THR D 90 -34.20 45.82 10.18
N THR D 91 -32.95 45.47 10.46
CA THR D 91 -32.46 44.09 10.50
C THR D 91 -32.69 43.47 11.88
N ALA D 92 -32.94 42.15 11.92
CA ALA D 92 -32.94 41.41 13.17
C ALA D 92 -31.79 40.39 13.17
N ILE D 93 -31.19 40.14 14.33
CA ILE D 93 -30.35 38.96 14.51
C ILE D 93 -30.97 38.14 15.64
N SER D 94 -31.43 36.93 15.34
CA SER D 94 -31.96 36.02 16.36
C SER D 94 -30.86 35.09 16.86
N PHE D 95 -31.03 34.57 18.07
CA PHE D 95 -30.10 33.63 18.66
C PHE D 95 -30.91 32.56 19.40
N THR D 96 -30.71 31.27 19.07
CA THR D 96 -31.40 30.20 19.79
C THR D 96 -30.44 29.06 20.14
N ALA D 97 -30.47 28.65 21.41
CA ALA D 97 -29.85 27.41 21.86
C ALA D 97 -30.99 26.50 22.32
N ALA D 98 -31.58 25.77 21.38
CA ALA D 98 -32.88 25.15 21.52
C ALA D 98 -32.92 24.11 22.67
N SER D 99 -31.82 23.36 22.84
CA SER D 99 -31.68 22.34 23.87
C SER D 99 -31.99 22.88 25.27
N ARG D 100 -31.47 24.07 25.59
CA ARG D 100 -31.65 24.73 26.88
C ARG D 100 -32.81 25.73 26.89
N GLY D 101 -33.61 25.79 25.81
CA GLY D 101 -34.78 26.63 25.75
C GLY D 101 -34.51 28.13 25.59
N VAL D 102 -33.26 28.51 25.30
CA VAL D 102 -32.91 29.90 25.03
C VAL D 102 -33.33 30.25 23.61
N SER D 103 -34.13 31.32 23.47
CA SER D 103 -34.58 31.80 22.18
C SER D 103 -34.78 33.31 22.24
N LEU D 104 -33.93 34.04 21.53
CA LEU D 104 -33.97 35.49 21.49
C LEU D 104 -34.31 35.89 20.06
N SER D 105 -35.44 36.57 19.88
CA SER D 105 -35.95 36.89 18.55
C SER D 105 -35.17 38.02 17.89
N ASN D 106 -34.65 38.98 18.67
CA ASN D 106 -33.78 40.01 18.11
C ASN D 106 -32.82 40.55 19.16
N ILE D 107 -31.51 40.34 18.93
CA ILE D 107 -30.44 40.81 19.80
C ILE D 107 -29.63 41.93 19.14
N TYR D 108 -29.93 42.29 17.88
CA TYR D 108 -29.11 43.25 17.15
C TYR D 108 -29.44 44.69 17.55
N GLN D 109 -28.44 45.45 18.02
CA GLN D 109 -28.71 46.76 18.60
C GLN D 109 -27.91 47.90 17.94
N PHE D 110 -26.66 47.64 17.54
CA PHE D 110 -25.74 48.71 17.17
C PHE D 110 -24.88 48.35 15.96
N SER D 111 -24.42 49.38 15.23
CA SER D 111 -23.47 49.15 14.17
C SER D 111 -22.43 50.26 14.11
N LEU D 112 -21.16 49.88 13.94
CA LEU D 112 -20.10 50.83 13.66
C LEU D 112 -20.03 51.19 12.16
N LEU D 113 -20.87 50.59 11.31
CA LEU D 113 -21.01 51.01 9.92
C LEU D 113 -21.53 52.44 9.83
N SER D 114 -22.32 52.89 10.81
CA SER D 114 -22.83 54.25 10.96
C SER D 114 -21.75 55.27 11.33
N VAL D 115 -20.57 54.81 11.79
CA VAL D 115 -19.63 55.63 12.54
C VAL D 115 -18.43 56.00 11.68
N LEU D 116 -18.16 57.31 11.55
CA LEU D 116 -16.98 57.80 10.85
C LEU D 116 -15.73 57.67 11.73
N PRO D 117 -14.52 57.43 11.19
CA PRO D 117 -13.29 57.33 11.99
C PRO D 117 -13.07 58.50 12.94
N SER D 118 -13.38 59.73 12.51
CA SER D 118 -13.25 60.94 13.31
C SER D 118 -14.15 60.96 14.55
N GLN D 119 -15.15 60.08 14.62
CA GLN D 119 -16.03 59.96 15.77
C GLN D 119 -15.44 59.06 16.87
N VAL D 120 -14.39 58.27 16.56
CA VAL D 120 -13.84 57.29 17.50
C VAL D 120 -12.33 57.42 17.70
N ASN D 121 -11.57 57.76 16.65
CA ASN D 121 -10.13 57.95 16.76
C ASN D 121 -9.82 59.16 17.64
N ASN D 122 -8.76 59.04 18.47
CA ASN D 122 -8.32 60.07 19.41
C ASN D 122 -9.39 60.45 20.46
N LYS D 123 -10.39 59.59 20.70
CA LYS D 123 -11.49 59.91 21.63
C LYS D 123 -11.57 58.95 22.84
N VAL D 124 -10.80 57.87 22.80
CA VAL D 124 -10.44 57.10 24.00
C VAL D 124 -8.92 57.08 24.15
N GLN D 125 -8.45 57.08 25.41
CA GLN D 125 -7.05 57.31 25.70
C GLN D 125 -6.62 56.53 26.95
N VAL D 126 -5.32 56.18 27.01
CA VAL D 126 -4.75 55.44 28.13
C VAL D 126 -3.77 56.34 28.89
N LYS D 127 -3.92 56.40 30.23
CA LYS D 127 -2.95 57.03 31.11
C LYS D 127 -1.91 56.00 31.55
N LEU D 128 -0.76 55.94 30.85
CA LEU D 128 0.40 55.16 31.28
C LEU D 128 1.30 56.04 32.14
N GLY D 129 1.11 56.00 33.47
CA GLY D 129 1.79 56.92 34.38
C GLY D 129 1.45 58.37 34.07
N THR D 130 2.49 59.20 33.87
CA THR D 130 2.35 60.60 33.47
C THR D 130 1.82 60.74 32.03
N SER D 131 2.24 59.84 31.13
CA SER D 131 1.93 59.92 29.71
C SER D 131 0.47 59.57 29.40
N ILE D 132 -0.14 60.26 28.43
CA ILE D 132 -1.50 59.96 27.99
C ILE D 132 -1.48 59.71 26.47
N ILE D 133 -1.93 58.52 26.06
CA ILE D 133 -1.86 58.09 24.66
C ILE D 133 -3.26 58.00 24.06
N ASN D 134 -3.48 58.76 22.98
CA ASN D 134 -4.69 58.69 22.16
C ASN D 134 -4.70 57.41 21.32
N LEU D 135 -5.79 56.63 21.37
CA LEU D 135 -5.90 55.42 20.56
C LEU D 135 -6.47 55.72 19.17
N THR D 136 -5.95 54.99 18.16
CA THR D 136 -6.55 54.90 16.84
C THR D 136 -7.22 53.53 16.74
N LEU D 137 -8.52 53.52 16.43
CA LEU D 137 -9.35 52.31 16.50
C LEU D 137 -9.89 51.95 15.13
N ALA D 138 -10.46 52.92 14.41
CA ALA D 138 -10.85 52.78 13.02
C ALA D 138 -9.64 53.05 12.13
N PHE D 139 -9.13 52.00 11.46
CA PHE D 139 -8.10 52.16 10.45
C PHE D 139 -8.76 52.56 9.12
N SER D 140 -7.97 53.15 8.22
CA SER D 140 -8.50 53.63 6.95
C SER D 140 -7.44 53.61 5.85
N SER D 141 -7.89 53.46 4.58
CA SER D 141 -7.04 53.51 3.40
C SER D 141 -7.82 54.03 2.20
N ASN D 142 -7.12 54.49 1.16
CA ASN D 142 -7.77 55.10 0.00
C ASN D 142 -7.62 54.24 -1.26
N SER D 143 -8.71 54.12 -2.03
CA SER D 143 -8.66 53.66 -3.41
C SER D 143 -9.69 54.41 -4.26
N ALA D 144 -9.31 54.84 -5.47
CA ALA D 144 -10.20 55.53 -6.41
C ALA D 144 -10.97 56.70 -5.77
N GLY D 145 -10.33 57.42 -4.83
CA GLY D 145 -10.92 58.58 -4.19
C GLY D 145 -11.94 58.27 -3.09
N GLN D 146 -12.15 56.97 -2.79
CA GLN D 146 -12.98 56.54 -1.66
C GLN D 146 -12.08 56.23 -0.46
N THR D 147 -12.52 56.60 0.75
CA THR D 147 -11.88 56.15 1.98
C THR D 147 -12.58 54.89 2.48
N TYR D 148 -11.83 53.80 2.56
CA TYR D 148 -12.27 52.55 3.17
C TYR D 148 -12.02 52.63 4.67
N VAL D 149 -12.91 52.03 5.46
CA VAL D 149 -12.83 52.08 6.92
C VAL D 149 -12.98 50.67 7.46
N TYR D 150 -12.18 50.31 8.47
CA TYR D 150 -12.33 49.00 9.11
C TYR D 150 -11.73 49.01 10.50
N TYR D 151 -12.08 48.00 11.30
CA TYR D 151 -11.46 47.75 12.59
C TYR D 151 -10.62 46.49 12.48
N SER D 152 -9.36 46.58 12.90
CA SER D 152 -8.41 45.50 12.68
C SER D 152 -8.72 44.27 13.55
N ASP D 153 -9.36 44.48 14.71
CA ASP D 153 -9.74 43.37 15.58
C ASP D 153 -11.03 43.67 16.35
N PRO D 154 -11.68 42.65 16.96
CA PRO D 154 -12.83 42.88 17.83
C PRO D 154 -12.55 43.75 19.05
N ASN D 155 -11.29 43.83 19.52
CA ASN D 155 -10.95 44.64 20.69
C ASN D 155 -11.08 46.14 20.38
N TYR D 156 -10.52 46.59 19.26
CA TYR D 156 -10.68 47.98 18.85
C TYR D 156 -12.13 48.29 18.47
N ALA D 157 -12.85 47.33 17.90
CA ALA D 157 -14.27 47.46 17.66
C ALA D 157 -15.05 47.64 18.98
N LEU D 158 -14.75 46.84 20.01
CA LEU D 158 -15.39 46.97 21.32
C LEU D 158 -15.14 48.34 21.94
N LEU D 159 -13.90 48.83 21.92
CA LEU D 159 -13.58 50.14 22.46
C LEU D 159 -14.30 51.26 21.70
N ALA D 160 -14.33 51.19 20.37
CA ALA D 160 -15.06 52.13 19.52
C ALA D 160 -16.56 52.11 19.81
N LEU D 161 -17.12 50.93 20.11
CA LEU D 161 -18.51 50.81 20.52
C LEU D 161 -18.75 51.38 21.93
N ASN D 162 -17.92 51.05 22.92
CA ASN D 162 -18.02 51.63 24.26
C ASN D 162 -18.08 53.16 24.17
N TYR D 163 -17.16 53.75 23.40
CA TYR D 163 -17.15 55.19 23.20
C TYR D 163 -18.46 55.66 22.56
N THR D 164 -18.82 55.08 21.41
CA THR D 164 -20.01 55.46 20.65
C THR D 164 -21.28 55.42 21.51
N LEU D 165 -21.49 54.34 22.26
CA LEU D 165 -22.69 54.19 23.07
C LEU D 165 -22.67 55.11 24.30
N GLY D 166 -21.52 55.27 24.96
CA GLY D 166 -21.39 56.26 26.02
C GLY D 166 -21.70 57.68 25.54
N GLN D 167 -21.24 58.01 24.34
CA GLN D 167 -21.48 59.30 23.70
C GLN D 167 -22.97 59.47 23.32
N GLU D 168 -23.65 58.40 22.89
CA GLU D 168 -25.09 58.42 22.62
C GLU D 168 -25.92 58.56 23.89
N VAL D 169 -25.51 57.94 25.01
CA VAL D 169 -26.12 58.14 26.32
C VAL D 169 -25.94 59.60 26.77
N LYS D 170 -24.71 60.14 26.63
CA LYS D 170 -24.38 61.51 26.97
C LYS D 170 -25.20 62.50 26.12
N GLY D 171 -25.43 62.18 24.85
CA GLY D 171 -26.28 62.95 23.96
C GLY D 171 -27.79 62.72 24.12
N GLY D 172 -28.20 61.86 25.07
CA GLY D 172 -29.61 61.57 25.34
C GLY D 172 -30.34 60.75 24.26
N GLN D 173 -29.60 60.22 23.28
CA GLN D 173 -30.16 59.43 22.18
C GLN D 173 -30.48 57.98 22.58
N LEU D 174 -29.83 57.51 23.67
CA LEU D 174 -29.93 56.14 24.18
C LEU D 174 -30.10 56.22 25.70
N THR D 175 -30.94 55.35 26.29
CA THR D 175 -31.26 55.45 27.72
C THR D 175 -30.12 54.96 28.60
N SER D 176 -29.57 53.78 28.27
CA SER D 176 -28.37 53.20 28.86
C SER D 176 -27.59 52.42 27.82
N SER D 177 -26.25 52.44 27.90
CA SER D 177 -25.42 51.53 27.13
C SER D 177 -25.46 50.16 27.80
N PRO D 178 -25.70 49.05 27.07
CA PRO D 178 -25.59 47.71 27.64
C PRO D 178 -24.14 47.26 27.82
N LEU D 179 -23.18 47.99 27.21
CA LEU D 179 -21.75 47.72 27.29
C LEU D 179 -21.06 48.84 28.08
N TYR D 180 -20.21 48.46 29.03
CA TYR D 180 -19.35 49.41 29.72
C TYR D 180 -17.94 48.84 29.83
N ILE D 181 -16.92 49.58 29.36
CA ILE D 181 -15.55 49.08 29.33
C ILE D 181 -14.64 49.99 30.16
N ILE D 182 -13.87 49.39 31.08
CA ILE D 182 -12.95 50.09 31.98
C ILE D 182 -11.63 49.34 32.09
N SER D 183 -10.53 50.06 32.31
CA SER D 183 -9.23 49.46 32.63
C SER D 183 -9.06 49.33 34.15
N ASN D 184 -9.58 50.34 34.86
CA ASN D 184 -9.56 50.43 36.32
C ASN D 184 -10.72 49.61 36.89
N THR D 185 -10.41 48.53 37.62
CA THR D 185 -11.43 47.77 38.31
C THR D 185 -11.86 48.38 39.66
N SER D 186 -11.06 49.29 40.23
CA SER D 186 -11.36 49.94 41.51
C SER D 186 -12.73 50.64 41.49
N ILE D 187 -13.13 51.12 40.31
CA ILE D 187 -14.38 51.83 40.06
C ILE D 187 -15.61 51.00 40.43
N VAL D 188 -15.53 49.67 40.28
CA VAL D 188 -16.68 48.75 40.36
C VAL D 188 -17.39 48.81 41.71
N ALA D 189 -16.65 49.01 42.80
CA ALA D 189 -17.23 49.13 44.14
C ALA D 189 -18.23 50.29 44.25
N SER D 190 -18.02 51.37 43.47
CA SER D 190 -18.90 52.54 43.45
C SER D 190 -20.10 52.40 42.51
N LYS D 191 -20.16 51.30 41.74
CA LYS D 191 -21.13 51.08 40.67
C LYS D 191 -21.73 49.67 40.79
N PRO D 192 -22.55 49.39 41.83
CA PRO D 192 -22.92 48.02 42.18
C PRO D 192 -23.71 47.25 41.12
N TRP D 193 -24.33 47.94 40.16
CA TRP D 193 -24.98 47.28 39.03
C TRP D 193 -23.99 46.49 38.16
N LEU D 194 -22.71 46.89 38.14
CA LEU D 194 -21.65 46.17 37.44
C LEU D 194 -21.23 44.88 38.15
N LYS D 195 -21.65 44.66 39.41
CA LYS D 195 -21.26 43.48 40.18
C LYS D 195 -21.85 42.20 39.60
N ASN D 196 -23.10 42.27 39.12
CA ASN D 196 -23.89 41.09 38.82
C ASN D 196 -24.01 40.78 37.32
N ASP D 197 -23.84 41.80 36.45
CA ASP D 197 -23.88 41.56 35.01
C ASP D 197 -22.61 40.86 34.50
N ASN D 198 -22.62 40.41 33.23
CA ASN D 198 -21.58 39.53 32.71
C ASN D 198 -20.31 40.32 32.41
N VAL D 199 -19.13 39.75 32.75
CA VAL D 199 -17.85 40.44 32.54
C VAL D 199 -16.84 39.51 31.87
N PHE D 200 -16.13 40.06 30.87
CA PHE D 200 -14.98 39.41 30.25
C PHE D 200 -13.86 40.43 30.08
N THR D 201 -12.62 39.96 29.84
CA THR D 201 -11.49 40.87 29.70
C THR D 201 -10.76 40.63 28.38
N PHE D 202 -10.10 41.69 27.90
CA PHE D 202 -9.24 41.61 26.73
C PHE D 202 -8.08 42.59 26.87
N ASN D 203 -6.95 42.26 26.25
CA ASN D 203 -5.76 43.10 26.31
C ASN D 203 -5.53 43.76 24.96
N ILE D 204 -5.12 45.03 24.98
CA ILE D 204 -4.51 45.70 23.82
C ILE D 204 -3.11 46.17 24.22
N SER D 205 -2.24 46.46 23.23
CA SER D 205 -0.92 47.00 23.53
C SER D 205 -0.84 48.49 23.18
N VAL D 206 -0.34 49.29 24.13
CA VAL D 206 -0.20 50.74 23.97
C VAL D 206 1.18 51.13 24.49
N ASN D 207 1.96 51.87 23.70
CA ASN D 207 3.37 52.14 24.00
C ASN D 207 4.07 50.82 24.40
N GLY D 208 3.84 49.76 23.62
CA GLY D 208 4.37 48.42 23.83
C GLY D 208 4.02 47.77 25.18
N THR D 209 3.08 48.35 25.93
CA THR D 209 2.65 47.89 27.25
C THR D 209 1.25 47.26 27.12
N GLU D 210 1.06 46.08 27.72
CA GLU D 210 -0.26 45.44 27.76
C GLU D 210 -1.21 46.20 28.69
N VAL D 211 -2.37 46.63 28.15
CA VAL D 211 -3.44 47.25 28.90
C VAL D 211 -4.62 46.28 28.92
N GLU D 212 -5.02 45.82 30.11
CA GLU D 212 -6.20 44.98 30.22
C GLU D 212 -7.45 45.85 30.38
N TYR D 213 -8.47 45.54 29.57
CA TYR D 213 -9.79 46.14 29.69
C TYR D 213 -10.80 45.08 30.12
N TYR D 214 -11.70 45.51 31.00
CA TYR D 214 -12.80 44.72 31.55
C TYR D 214 -14.08 45.23 30.88
N ALA D 215 -14.79 44.34 30.19
CA ALA D 215 -16.03 44.67 29.48
C ALA D 215 -17.21 44.10 30.26
N TYR D 216 -18.10 44.97 30.71
CA TYR D 216 -19.30 44.64 31.46
C TYR D 216 -20.51 44.70 30.51
N VAL D 217 -21.29 43.61 30.47
CA VAL D 217 -22.37 43.42 29.51
C VAL D 217 -23.68 43.15 30.24
N ASN D 218 -24.63 44.07 30.05
CA ASN D 218 -25.89 44.19 30.76
C ASN D 218 -26.91 43.11 30.32
N LYS D 219 -26.90 42.79 29.02
CA LYS D 219 -27.86 41.90 28.35
C LYS D 219 -27.20 41.30 27.10
N THR D 220 -27.72 40.17 26.59
CA THR D 220 -27.16 39.64 25.35
C THR D 220 -27.52 40.55 24.18
N PHE D 221 -26.50 41.01 23.45
CA PHE D 221 -26.71 41.88 22.29
C PHE D 221 -25.68 41.58 21.20
N ALA D 222 -26.01 41.98 19.97
CA ALA D 222 -25.10 41.87 18.84
C ALA D 222 -24.83 43.25 18.25
N PHE D 223 -23.63 43.41 17.71
CA PHE D 223 -23.29 44.58 16.91
C PHE D 223 -22.51 44.16 15.68
N THR D 224 -22.46 45.05 14.68
CA THR D 224 -21.70 44.81 13.48
C THR D 224 -20.67 45.93 13.26
N TYR D 225 -19.58 45.59 12.57
CA TYR D 225 -18.55 46.57 12.26
C TYR D 225 -17.85 46.21 10.96
N PRO D 226 -17.26 47.19 10.23
CA PRO D 226 -16.60 46.88 8.97
C PRO D 226 -15.22 46.24 9.15
N VAL D 227 -14.91 45.26 8.29
CA VAL D 227 -13.66 44.51 8.33
C VAL D 227 -12.82 44.75 7.06
N SER D 228 -13.46 44.81 5.87
CA SER D 228 -12.79 45.25 4.65
C SER D 228 -13.81 45.66 3.60
N GLY D 229 -13.37 46.33 2.53
CA GLY D 229 -14.19 46.63 1.37
C GLY D 229 -15.40 47.54 1.68
N PHE D 230 -15.34 48.28 2.79
CA PHE D 230 -16.42 49.15 3.22
C PHE D 230 -16.05 50.62 3.07
N PRO D 231 -16.39 51.28 1.93
CA PRO D 231 -16.21 52.72 1.78
C PRO D 231 -17.41 53.56 2.26
N LEU D 232 -18.55 52.91 2.54
CA LEU D 232 -19.82 53.60 2.78
C LEU D 232 -19.99 54.00 4.25
N ALA D 233 -18.94 54.48 4.92
CA ALA D 233 -19.00 54.87 6.33
C ALA D 233 -20.08 55.94 6.56
N GLY D 234 -20.95 55.70 7.55
CA GLY D 234 -22.12 56.49 7.82
C GLY D 234 -23.45 55.81 7.46
N SER D 235 -23.43 54.75 6.63
CA SER D 235 -24.64 54.31 5.92
C SER D 235 -25.41 53.12 6.54
N ASP D 236 -24.73 52.22 7.27
CA ASP D 236 -25.23 50.88 7.61
C ASP D 236 -25.44 49.93 6.41
N ILE D 237 -24.92 50.25 5.21
CA ILE D 237 -25.08 49.36 4.06
C ILE D 237 -23.77 48.62 3.82
N ALA D 238 -23.84 47.28 3.74
CA ALA D 238 -22.70 46.48 3.31
C ALA D 238 -22.72 46.36 1.78
N PRO D 239 -21.79 47.00 1.03
CA PRO D 239 -21.79 46.88 -0.43
C PRO D 239 -21.24 45.52 -0.86
N ALA D 240 -21.52 45.13 -2.09
CA ALA D 240 -20.99 43.89 -2.64
C ALA D 240 -19.45 43.92 -2.62
N GLY D 241 -18.83 42.85 -2.10
CA GLY D 241 -17.38 42.79 -1.92
C GLY D 241 -16.86 43.51 -0.67
N SER D 242 -17.75 43.84 0.28
CA SER D 242 -17.36 44.23 1.64
C SER D 242 -17.38 43.01 2.56
N VAL D 243 -16.72 43.13 3.71
CA VAL D 243 -16.64 42.10 4.72
C VAL D 243 -16.99 42.75 6.07
N ILE D 244 -17.96 42.18 6.79
CA ILE D 244 -18.55 42.77 7.98
C ILE D 244 -18.36 41.82 9.15
N GLY D 245 -17.77 42.31 10.25
CA GLY D 245 -17.70 41.53 11.47
C GLY D 245 -19.03 41.63 12.22
N VAL D 246 -19.52 40.49 12.72
CA VAL D 246 -20.69 40.40 13.57
C VAL D 246 -20.22 39.86 14.90
N MET D 247 -20.55 40.55 16.00
CA MET D 247 -20.13 40.07 17.30
C MET D 247 -21.32 40.08 18.26
N ILE D 248 -21.49 38.97 18.97
CA ILE D 248 -22.54 38.76 19.96
C ILE D 248 -21.86 38.72 21.32
N LEU D 249 -22.25 39.61 22.24
CA LEU D 249 -21.75 39.60 23.62
C LEU D 249 -22.87 39.07 24.50
N PHE D 250 -22.58 38.05 25.33
CA PHE D 250 -23.62 37.46 26.17
C PHE D 250 -23.82 38.26 27.45
N GLY D 251 -25.09 38.44 27.84
CA GLY D 251 -25.46 39.01 29.12
C GLY D 251 -25.52 37.96 30.23
N PRO D 252 -25.82 38.33 31.49
CA PRO D 252 -25.78 37.39 32.61
C PRO D 252 -26.78 36.25 32.52
N GLY D 253 -27.87 36.41 31.75
CA GLY D 253 -28.81 35.34 31.43
C GLY D 253 -28.16 34.22 30.61
N GLU D 254 -27.83 34.52 29.34
CA GLU D 254 -27.30 33.52 28.43
C GLU D 254 -25.87 33.08 28.78
N ALA D 255 -25.12 33.91 29.52
CA ALA D 255 -23.77 33.59 29.95
C ALA D 255 -23.69 32.43 30.95
N THR D 256 -24.80 32.08 31.62
CA THR D 256 -24.83 31.37 32.90
C THR D 256 -24.07 30.04 32.95
N ASN D 257 -24.09 29.26 31.85
CA ASN D 257 -23.16 28.16 31.65
C ASN D 257 -22.86 27.95 30.17
N VAL D 258 -21.69 27.36 29.89
CA VAL D 258 -21.14 27.26 28.53
C VAL D 258 -21.97 26.32 27.65
N PHE D 259 -21.99 26.58 26.33
CA PHE D 259 -22.60 25.67 25.37
C PHE D 259 -21.77 24.40 25.22
N GLN D 260 -22.34 23.22 25.53
CA GLN D 260 -21.68 21.94 25.30
C GLN D 260 -22.73 20.91 24.89
N TYR D 261 -22.42 20.09 23.87
CA TYR D 261 -23.31 19.04 23.42
C TYR D 261 -24.67 19.62 23.04
N GLU D 262 -24.64 20.78 22.36
CA GLU D 262 -25.81 21.61 22.10
C GLU D 262 -25.72 22.21 20.69
N THR D 263 -26.88 22.48 20.08
CA THR D 263 -26.92 23.19 18.81
C THR D 263 -27.27 24.66 19.06
N VAL D 264 -26.42 25.55 18.55
CA VAL D 264 -26.68 26.99 18.56
C VAL D 264 -26.98 27.44 17.14
N THR D 265 -28.08 28.18 16.99
CA THR D 265 -28.49 28.76 15.71
C THR D 265 -28.55 30.28 15.83
N ILE D 266 -27.94 30.96 14.87
CA ILE D 266 -28.00 32.42 14.74
C ILE D 266 -28.66 32.69 13.38
N GLN D 267 -29.55 33.68 13.31
CA GLN D 267 -30.09 34.04 12.02
C GLN D 267 -30.06 35.56 11.85
N ILE D 268 -29.49 36.03 10.74
CA ILE D 268 -29.49 37.45 10.41
C ILE D 268 -30.54 37.65 9.33
N THR D 269 -31.53 38.51 9.60
CA THR D 269 -32.63 38.74 8.68
C THR D 269 -32.69 40.22 8.32
N PRO D 270 -32.05 40.65 7.21
CA PRO D 270 -32.21 42.03 6.72
C PRO D 270 -33.61 42.25 6.14
N ASN D 271 -33.95 43.50 5.87
CA ASN D 271 -35.28 43.91 5.45
C ASN D 271 -35.61 43.55 4.00
N ILE D 272 -34.59 43.23 3.19
CA ILE D 272 -34.73 42.76 1.81
C ILE D 272 -33.81 41.56 1.62
N GLY D 273 -34.28 40.53 0.91
CA GLY D 273 -33.46 39.36 0.60
C GLY D 273 -33.55 38.26 1.65
N SER D 274 -32.99 37.10 1.31
CA SER D 274 -33.04 35.91 2.15
C SER D 274 -32.22 36.11 3.43
N PRO D 275 -32.67 35.59 4.58
CA PRO D 275 -31.86 35.63 5.80
C PRO D 275 -30.70 34.65 5.72
N LEU D 276 -29.66 34.92 6.51
CA LEU D 276 -28.54 34.00 6.65
C LEU D 276 -28.74 33.23 7.95
N THR D 277 -28.87 31.90 7.85
CA THR D 277 -29.03 31.05 9.00
C THR D 277 -27.74 30.25 9.25
N ILE D 278 -27.20 30.39 10.46
CA ILE D 278 -25.92 29.82 10.87
C ILE D 278 -26.23 28.82 11.98
N SER D 279 -25.75 27.56 11.86
CA SER D 279 -25.98 26.55 12.90
C SER D 279 -24.70 25.74 13.17
N GLN D 280 -24.37 25.57 14.46
CA GLN D 280 -23.26 24.74 14.89
C GLN D 280 -23.74 23.82 16.01
N TYR D 281 -23.39 22.53 15.93
CA TYR D 281 -23.36 21.73 17.14
C TYR D 281 -22.03 21.99 17.84
N ILE D 282 -22.08 22.38 19.11
CA ILE D 282 -20.91 22.81 19.85
C ILE D 282 -20.46 21.68 20.77
N TYR D 283 -19.27 21.13 20.49
CA TYR D 283 -18.55 20.32 21.46
C TYR D 283 -17.93 21.21 22.54
N GLN D 284 -17.45 20.58 23.62
CA GLN D 284 -16.74 21.28 24.68
C GLN D 284 -15.70 22.26 24.11
N PRO D 285 -15.69 23.55 24.53
CA PRO D 285 -14.75 24.53 23.99
C PRO D 285 -13.33 24.31 24.51
N ASP D 286 -12.36 24.42 23.59
CA ASP D 286 -11.01 23.88 23.79
C ASP D 286 -9.92 24.92 24.09
N GLY D 287 -10.28 26.22 24.08
CA GLY D 287 -9.37 27.31 24.38
C GLY D 287 -10.10 28.60 24.77
N LYS D 288 -9.35 29.66 25.12
CA LYS D 288 -9.89 30.98 25.46
C LYS D 288 -10.86 31.47 24.38
N VAL D 289 -10.48 31.23 23.12
CA VAL D 289 -11.37 31.26 21.97
C VAL D 289 -11.35 29.85 21.36
N THR D 290 -12.48 29.41 20.80
CA THR D 290 -12.56 28.13 20.12
C THR D 290 -13.26 28.32 18.77
N VAL D 291 -12.82 27.59 17.74
CA VAL D 291 -13.49 27.61 16.44
C VAL D 291 -14.63 26.60 16.48
N ILE D 292 -15.88 27.09 16.42
CA ILE D 292 -17.05 26.23 16.53
C ILE D 292 -17.67 25.91 15.17
N GLY D 293 -17.36 26.71 14.12
CA GLY D 293 -17.94 26.51 12.80
C GLY D 293 -17.16 27.23 11.70
N LEU E 1 -87.78 59.39 -27.92
CA LEU E 1 -87.67 58.00 -28.42
C LEU E 1 -86.19 57.61 -28.52
N ALA E 2 -85.35 58.51 -29.03
CA ALA E 2 -83.96 58.15 -29.31
C ALA E 2 -83.32 57.51 -28.08
N GLY E 3 -83.71 57.93 -26.87
CA GLY E 3 -83.20 57.38 -25.62
C GLY E 3 -83.97 56.17 -25.11
N LEU E 4 -85.31 56.16 -25.28
CA LEU E 4 -86.15 55.10 -24.77
C LEU E 4 -85.71 53.74 -25.33
N ASP E 5 -85.56 53.65 -26.67
CA ASP E 5 -85.08 52.43 -27.33
C ASP E 5 -83.61 52.21 -26.97
N THR E 6 -82.83 53.29 -26.88
CA THR E 6 -81.41 53.24 -26.53
C THR E 6 -81.26 52.74 -25.09
N ALA E 7 -82.27 52.97 -24.24
CA ALA E 7 -82.28 52.53 -22.85
C ALA E 7 -82.60 51.03 -22.78
N ILE E 8 -83.25 50.48 -23.81
CA ILE E 8 -83.57 49.06 -23.89
C ILE E 8 -82.29 48.27 -24.21
N ILE E 9 -81.39 48.85 -25.03
CA ILE E 9 -80.16 48.19 -25.46
C ILE E 9 -79.10 48.27 -24.37
N LEU E 10 -79.16 49.30 -23.52
CA LEU E 10 -78.27 49.44 -22.37
C LEU E 10 -78.62 48.41 -21.28
N ILE E 11 -79.88 48.33 -20.85
CA ILE E 11 -80.35 47.32 -19.90
C ILE E 11 -79.91 45.91 -20.32
N ALA E 12 -80.20 45.54 -21.57
CA ALA E 12 -79.90 44.22 -22.11
C ALA E 12 -78.40 43.92 -22.16
N PHE E 13 -77.59 44.89 -22.61
CA PHE E 13 -76.15 44.71 -22.72
C PHE E 13 -75.49 44.64 -21.34
N ILE E 14 -76.01 45.36 -20.33
CA ILE E 14 -75.57 45.23 -18.94
C ILE E 14 -75.78 43.80 -18.46
N ILE E 15 -76.99 43.26 -18.62
CA ILE E 15 -77.35 41.91 -18.22
C ILE E 15 -76.43 40.90 -18.92
N THR E 16 -76.18 41.09 -20.23
CA THR E 16 -75.32 40.24 -21.03
C THR E 16 -73.88 40.21 -20.50
N ALA E 17 -73.30 41.38 -20.15
CA ALA E 17 -71.99 41.49 -19.56
C ALA E 17 -71.94 40.89 -18.15
N ALA E 18 -72.97 41.13 -17.33
CA ALA E 18 -73.11 40.57 -15.99
C ALA E 18 -73.14 39.03 -16.02
N VAL E 19 -73.78 38.43 -17.02
CA VAL E 19 -73.78 36.99 -17.26
C VAL E 19 -72.38 36.47 -17.57
N LEU E 20 -71.58 37.16 -18.39
CA LEU E 20 -70.19 36.76 -18.59
C LEU E 20 -69.40 36.90 -17.28
N ALA E 21 -69.57 38.01 -16.56
CA ALA E 21 -68.92 38.23 -15.27
C ALA E 21 -69.20 37.06 -14.31
N TYR E 22 -70.47 36.69 -14.17
CA TYR E 22 -70.94 35.57 -13.35
C TYR E 22 -70.21 34.27 -13.71
N VAL E 23 -70.19 33.93 -15.01
CA VAL E 23 -69.57 32.70 -15.51
C VAL E 23 -68.05 32.71 -15.34
N ALA E 24 -67.38 33.81 -15.73
CA ALA E 24 -65.94 33.92 -15.67
C ALA E 24 -65.40 33.85 -14.24
N VAL E 25 -66.06 34.51 -13.29
CA VAL E 25 -65.65 34.49 -11.88
C VAL E 25 -65.85 33.09 -11.30
N ASN E 26 -67.02 32.47 -11.52
CA ASN E 26 -67.28 31.11 -11.08
C ASN E 26 -66.24 30.13 -11.63
N MET E 27 -65.99 30.20 -12.94
CA MET E 27 -65.09 29.26 -13.57
C MET E 27 -63.61 29.51 -13.22
N GLY E 28 -63.22 30.76 -12.95
CA GLY E 28 -61.93 31.09 -12.37
C GLY E 28 -61.76 30.51 -10.96
N LEU E 29 -62.77 30.67 -10.10
CA LEU E 29 -62.77 30.03 -8.78
C LEU E 29 -62.61 28.52 -8.90
N PHE E 30 -63.34 27.89 -9.83
CA PHE E 30 -63.22 26.46 -10.10
C PHE E 30 -61.80 26.08 -10.53
N VAL E 31 -61.28 26.66 -11.61
CA VAL E 31 -60.01 26.25 -12.19
C VAL E 31 -58.83 26.53 -11.26
N THR E 32 -58.84 27.65 -10.54
CA THR E 32 -57.79 27.95 -9.57
C THR E 32 -57.77 26.94 -8.42
N GLN E 33 -58.93 26.42 -8.02
CA GLN E 33 -58.98 25.37 -7.02
C GLN E 33 -58.51 24.01 -7.58
N LYS E 34 -58.81 23.69 -8.84
CA LYS E 34 -58.23 22.54 -9.53
C LYS E 34 -56.71 22.64 -9.59
N ALA E 35 -56.18 23.85 -9.82
CA ALA E 35 -54.75 24.14 -9.76
C ALA E 35 -54.20 23.91 -8.35
N LYS E 36 -54.83 24.46 -7.30
CA LYS E 36 -54.43 24.24 -5.91
C LYS E 36 -54.29 22.75 -5.60
N THR E 37 -55.34 21.97 -5.91
CA THR E 37 -55.37 20.53 -5.70
C THR E 37 -54.25 19.84 -6.46
N THR E 38 -54.05 20.20 -7.74
CA THR E 38 -53.01 19.63 -8.60
C THR E 38 -51.62 19.91 -8.04
N ILE E 39 -51.35 21.15 -7.60
CA ILE E 39 -50.07 21.52 -7.00
C ILE E 39 -49.79 20.66 -5.77
N ASN E 40 -50.79 20.47 -4.90
CA ASN E 40 -50.69 19.59 -3.75
C ASN E 40 -50.33 18.15 -4.15
N LYS E 41 -51.07 17.56 -5.10
CA LYS E 41 -50.82 16.20 -5.59
C LYS E 41 -49.45 16.06 -6.25
N GLY E 42 -48.96 17.12 -6.91
CA GLY E 42 -47.63 17.14 -7.50
C GLY E 42 -46.53 17.09 -6.45
N GLU E 43 -46.66 17.87 -5.38
CA GLU E 43 -45.74 17.80 -4.25
C GLU E 43 -45.80 16.42 -3.57
N GLU E 44 -47.00 15.91 -3.28
CA GLU E 44 -47.17 14.58 -2.70
C GLU E 44 -46.51 13.51 -3.56
N THR E 45 -46.62 13.61 -4.88
CA THR E 45 -46.00 12.68 -5.82
C THR E 45 -44.47 12.76 -5.80
N ALA E 46 -43.92 13.95 -5.57
CA ALA E 46 -42.47 14.14 -5.47
C ALA E 46 -41.93 13.72 -4.10
N SER E 47 -42.71 13.88 -3.02
CA SER E 47 -42.26 13.56 -1.67
C SER E 47 -42.46 12.09 -1.29
N THR E 48 -43.63 11.51 -1.58
CA THR E 48 -43.93 10.13 -1.18
C THR E 48 -43.11 9.12 -1.98
N ALA E 49 -42.39 8.24 -1.26
CA ALA E 49 -41.62 7.15 -1.83
C ALA E 49 -41.24 6.16 -0.73
N LEU E 50 -40.90 4.91 -1.10
CA LEU E 50 -40.42 3.90 -0.17
C LEU E 50 -38.96 3.59 -0.46
N SER E 51 -38.17 3.35 0.59
CA SER E 51 -36.81 2.85 0.49
C SER E 51 -36.76 1.42 1.02
N LEU E 52 -35.93 0.57 0.39
CA LEU E 52 -35.56 -0.69 0.98
C LEU E 52 -34.67 -0.42 2.19
N SER E 53 -35.13 -0.81 3.39
CA SER E 53 -34.48 -0.46 4.65
C SER E 53 -34.13 -1.70 5.49
N GLY E 54 -33.75 -2.77 4.78
CA GLY E 54 -33.17 -3.96 5.34
C GLY E 54 -32.58 -4.82 4.23
N ASN E 55 -31.97 -5.95 4.59
CA ASN E 55 -31.56 -6.92 3.58
C ASN E 55 -32.78 -7.68 3.05
N VAL E 56 -32.64 -8.24 1.84
CA VAL E 56 -33.65 -9.11 1.25
C VAL E 56 -33.25 -10.55 1.57
N LEU E 57 -34.14 -11.25 2.28
CA LEU E 57 -33.93 -12.62 2.74
C LEU E 57 -34.75 -13.57 1.86
N TYR E 58 -34.15 -14.70 1.48
CA TYR E 58 -34.80 -15.68 0.63
C TYR E 58 -34.69 -17.06 1.27
N ALA E 59 -35.81 -17.80 1.34
CA ALA E 59 -35.89 -19.09 2.00
C ALA E 59 -36.24 -20.21 1.02
N VAL E 60 -35.57 -21.37 1.17
CA VAL E 60 -35.68 -22.51 0.27
C VAL E 60 -35.54 -23.81 1.06
N ASN E 61 -35.87 -24.96 0.45
CA ASN E 61 -35.73 -26.27 1.07
C ASN E 61 -34.28 -26.75 1.14
N TYR E 62 -33.43 -25.93 1.74
CA TYR E 62 -32.00 -26.18 1.88
C TYR E 62 -31.74 -27.45 2.70
N PRO E 63 -30.70 -28.26 2.38
CA PRO E 63 -29.75 -28.03 1.27
C PRO E 63 -30.21 -28.50 -0.11
N THR E 64 -31.36 -29.20 -0.18
CA THR E 64 -31.79 -29.87 -1.41
C THR E 64 -32.09 -28.90 -2.55
N ASN E 65 -32.53 -27.68 -2.25
CA ASN E 65 -32.74 -26.57 -3.18
C ASN E 65 -33.66 -26.92 -4.37
N THR E 66 -34.58 -27.87 -4.20
CA THR E 66 -35.56 -28.19 -5.23
C THR E 66 -36.79 -27.29 -5.16
N LYS E 67 -37.02 -26.56 -4.05
CA LYS E 67 -38.27 -25.85 -3.83
C LYS E 67 -38.09 -24.54 -3.06
N SER E 68 -38.91 -23.54 -3.37
CA SER E 68 -38.76 -22.16 -2.93
C SER E 68 -39.91 -21.77 -1.98
N TYR E 69 -39.60 -21.13 -0.83
CA TYR E 69 -40.56 -20.96 0.24
C TYR E 69 -41.09 -19.53 0.35
N TRP E 70 -40.20 -18.57 0.64
CA TRP E 70 -40.60 -17.19 0.82
C TRP E 70 -39.44 -16.20 0.60
N MET E 71 -39.79 -14.93 0.37
CA MET E 71 -38.86 -13.82 0.45
C MET E 71 -39.38 -12.83 1.48
N TYR E 72 -38.46 -12.23 2.24
CA TYR E 72 -38.80 -11.23 3.24
C TYR E 72 -37.88 -10.02 3.02
N PHE E 73 -38.41 -8.80 3.15
CA PHE E 73 -37.61 -7.59 3.16
C PHE E 73 -38.35 -6.49 3.89
N THR E 74 -37.63 -5.41 4.21
CA THR E 74 -38.19 -4.35 5.04
C THR E 74 -38.19 -3.05 4.23
N VAL E 75 -39.26 -2.25 4.32
CA VAL E 75 -39.35 -0.97 3.65
C VAL E 75 -39.75 0.13 4.62
N SER E 76 -39.41 1.38 4.31
CA SER E 76 -39.82 2.54 5.10
C SER E 76 -39.94 3.75 4.19
N PRO E 77 -40.81 4.73 4.48
CA PRO E 77 -40.86 5.97 3.68
C PRO E 77 -39.50 6.66 3.59
N SER E 78 -39.14 7.09 2.37
CA SER E 78 -37.81 7.59 2.05
C SER E 78 -37.50 8.89 2.79
N SER E 79 -36.31 8.96 3.41
CA SER E 79 -35.74 10.18 3.97
C SER E 79 -36.66 10.86 5.00
N GLY E 80 -37.62 10.13 5.57
CA GLY E 80 -38.53 10.62 6.60
C GLY E 80 -39.46 11.77 6.17
N VAL E 81 -39.76 11.92 4.87
CA VAL E 81 -40.41 13.15 4.40
C VAL E 81 -41.94 13.13 4.55
N SER E 82 -42.59 12.00 4.23
CA SER E 82 -44.05 11.90 4.23
C SER E 82 -44.53 10.45 4.31
N SER E 83 -45.82 10.25 4.64
CA SER E 83 -46.45 8.94 4.82
C SER E 83 -46.82 8.27 3.49
N VAL E 84 -46.92 6.93 3.49
CA VAL E 84 -47.27 6.15 2.30
C VAL E 84 -48.47 5.25 2.59
N ASP E 85 -49.53 5.34 1.77
CA ASP E 85 -50.66 4.40 1.80
C ASP E 85 -50.19 3.04 1.28
N LEU E 86 -50.31 1.98 2.10
CA LEU E 86 -49.97 0.62 1.71
C LEU E 86 -51.20 -0.30 1.72
N SER E 87 -52.42 0.22 1.54
CA SER E 87 -53.58 -0.66 1.53
C SER E 87 -53.53 -1.63 0.36
N PRO E 88 -53.77 -2.94 0.54
CA PRO E 88 -53.66 -3.91 -0.55
C PRO E 88 -54.73 -3.79 -1.64
N SER E 89 -55.77 -2.98 -1.42
CA SER E 89 -56.72 -2.62 -2.47
C SER E 89 -56.15 -1.59 -3.45
N THR E 90 -55.39 -0.61 -2.93
CA THR E 90 -54.86 0.49 -3.73
C THR E 90 -53.47 0.19 -4.29
N THR E 91 -52.61 -0.45 -3.49
CA THR E 91 -51.22 -0.73 -3.83
C THR E 91 -51.09 -2.03 -4.62
N ALA E 92 -50.12 -2.11 -5.54
CA ALA E 92 -49.74 -3.38 -6.15
C ALA E 92 -48.32 -3.77 -5.73
N ILE E 93 -48.06 -5.07 -5.58
CA ILE E 93 -46.68 -5.56 -5.56
C ILE E 93 -46.54 -6.53 -6.72
N SER E 94 -45.67 -6.23 -7.69
CA SER E 94 -45.38 -7.14 -8.79
C SER E 94 -44.16 -7.98 -8.47
N PHE E 95 -44.06 -9.14 -9.11
CA PHE E 95 -42.92 -10.03 -8.96
C PHE E 95 -42.57 -10.61 -10.33
N THR E 96 -41.32 -10.45 -10.78
CA THR E 96 -40.90 -11.03 -12.05
C THR E 96 -39.54 -11.73 -11.92
N ALA E 97 -39.46 -12.98 -12.40
CA ALA E 97 -38.21 -13.67 -12.64
C ALA E 97 -38.10 -13.88 -14.15
N ALA E 98 -37.56 -12.87 -14.84
CA ALA E 98 -37.71 -12.70 -16.29
C ALA E 98 -37.11 -13.88 -17.06
N SER E 99 -35.96 -14.41 -16.59
CA SER E 99 -35.24 -15.51 -17.20
C SER E 99 -36.14 -16.73 -17.44
N ARG E 100 -36.97 -17.08 -16.44
CA ARG E 100 -37.88 -18.21 -16.48
C ARG E 100 -39.30 -17.84 -16.92
N GLY E 101 -39.51 -16.58 -17.35
CA GLY E 101 -40.79 -16.12 -17.87
C GLY E 101 -41.89 -15.94 -16.81
N VAL E 102 -41.53 -15.96 -15.52
CA VAL E 102 -42.48 -15.68 -14.44
C VAL E 102 -42.69 -14.17 -14.33
N SER E 103 -43.96 -13.76 -14.41
CA SER E 103 -44.31 -12.35 -14.28
C SER E 103 -45.70 -12.24 -13.66
N LEU E 104 -45.75 -11.73 -12.43
CA LEU E 104 -46.99 -11.56 -11.69
C LEU E 104 -47.19 -10.07 -11.49
N SER E 105 -48.30 -9.53 -12.04
CA SER E 105 -48.53 -8.10 -12.04
C SER E 105 -48.97 -7.57 -10.68
N ASN E 106 -49.68 -8.39 -9.89
CA ASN E 106 -50.01 -8.00 -8.52
C ASN E 106 -50.22 -9.22 -7.64
N ILE E 107 -49.34 -9.37 -6.63
CA ILE E 107 -49.39 -10.46 -5.64
C ILE E 107 -49.80 -9.95 -4.26
N TYR E 108 -50.00 -8.64 -4.07
CA TYR E 108 -50.25 -8.08 -2.76
C TYR E 108 -51.72 -8.25 -2.35
N GLN E 109 -51.96 -8.93 -1.22
CA GLN E 109 -53.32 -9.30 -0.85
C GLN E 109 -53.74 -8.80 0.54
N PHE E 110 -52.83 -8.78 1.52
CA PHE E 110 -53.21 -8.57 2.90
C PHE E 110 -52.23 -7.67 3.66
N SER E 111 -52.72 -7.02 4.72
CA SER E 111 -51.83 -6.27 5.59
C SER E 111 -52.25 -6.41 7.05
N LEU E 112 -51.26 -6.62 7.93
CA LEU E 112 -51.49 -6.55 9.37
C LEU E 112 -51.45 -5.12 9.89
N LEU E 113 -51.17 -4.11 9.04
CA LEU E 113 -51.30 -2.71 9.42
C LEU E 113 -52.76 -2.36 9.75
N SER E 114 -53.72 -3.06 9.15
CA SER E 114 -55.16 -2.96 9.41
C SER E 114 -55.57 -3.54 10.79
N VAL E 115 -54.69 -4.32 11.42
CA VAL E 115 -55.08 -5.23 12.50
C VAL E 115 -54.62 -4.70 13.86
N LEU E 116 -55.56 -4.54 14.80
CA LEU E 116 -55.26 -4.15 16.16
C LEU E 116 -54.72 -5.35 16.95
N PRO E 117 -53.80 -5.17 17.94
CA PRO E 117 -53.28 -6.27 18.74
C PRO E 117 -54.36 -7.15 19.38
N SER E 118 -55.46 -6.55 19.85
CA SER E 118 -56.59 -7.27 20.45
C SER E 118 -57.30 -8.22 19.48
N GLN E 119 -57.07 -8.08 18.17
CA GLN E 119 -57.65 -8.96 17.17
C GLN E 119 -56.82 -10.24 16.96
N VAL E 120 -55.57 -10.30 17.48
CA VAL E 120 -54.67 -11.43 17.24
C VAL E 120 -54.08 -12.02 18.52
N ASN E 121 -53.77 -11.19 19.52
CA ASN E 121 -53.25 -11.66 20.79
C ASN E 121 -54.29 -12.49 21.53
N ASN E 122 -53.85 -13.58 22.17
CA ASN E 122 -54.70 -14.53 22.90
C ASN E 122 -55.77 -15.21 22.03
N LYS E 123 -55.59 -15.24 20.69
CA LYS E 123 -56.58 -15.82 19.79
C LYS E 123 -56.07 -17.02 18.99
N VAL E 124 -54.77 -17.28 19.06
CA VAL E 124 -54.19 -18.59 18.71
C VAL E 124 -53.47 -19.15 19.94
N GLN E 125 -53.49 -20.48 20.09
CA GLN E 125 -53.06 -21.13 21.32
C GLN E 125 -52.45 -22.50 21.03
N VAL E 126 -51.53 -22.93 21.90
CA VAL E 126 -50.86 -24.22 21.78
C VAL E 126 -51.29 -25.15 22.91
N LYS E 127 -51.70 -26.38 22.56
CA LYS E 127 -51.94 -27.43 23.53
C LYS E 127 -50.65 -28.23 23.78
N LEU E 128 -49.89 -27.87 24.83
CA LEU E 128 -48.75 -28.65 25.29
C LEU E 128 -49.23 -29.66 26.35
N GLY E 129 -49.57 -30.88 25.91
CA GLY E 129 -50.20 -31.87 26.78
C GLY E 129 -51.54 -31.37 27.34
N THR E 130 -51.67 -31.37 28.68
CA THR E 130 -52.83 -30.85 29.38
C THR E 130 -52.93 -29.32 29.27
N SER E 131 -51.77 -28.64 29.31
CA SER E 131 -51.69 -27.18 29.37
C SER E 131 -52.04 -26.52 28.03
N ILE E 132 -52.74 -25.37 28.08
CA ILE E 132 -53.05 -24.60 26.88
C ILE E 132 -52.51 -23.17 27.04
N ILE E 133 -51.64 -22.75 26.13
CA ILE E 133 -50.95 -21.46 26.22
C ILE E 133 -51.44 -20.52 25.13
N ASN E 134 -51.97 -19.36 25.54
CA ASN E 134 -52.33 -18.25 24.67
C ASN E 134 -51.07 -17.55 24.14
N LEU E 135 -50.97 -17.36 22.81
CA LEU E 135 -49.83 -16.65 22.24
C LEU E 135 -50.05 -15.13 22.18
N THR E 136 -48.98 -14.37 22.43
CA THR E 136 -48.92 -12.95 22.13
C THR E 136 -48.07 -12.78 20.88
N LEU E 137 -48.65 -12.14 19.84
CA LEU E 137 -48.04 -12.08 18.51
C LEU E 137 -47.72 -10.63 18.12
N ALA E 138 -48.68 -9.72 18.31
CA ALA E 138 -48.45 -8.30 18.16
C ALA E 138 -47.89 -7.74 19.47
N PHE E 139 -46.62 -7.32 19.48
CA PHE E 139 -46.05 -6.62 20.61
C PHE E 139 -46.41 -5.14 20.52
N SER E 140 -46.35 -4.42 21.65
CA SER E 140 -46.74 -3.03 21.71
C SER E 140 -45.98 -2.26 22.79
N SER E 141 -45.80 -0.94 22.58
CA SER E 141 -45.17 -0.03 23.53
C SER E 141 -45.76 1.37 23.38
N ASN E 142 -45.58 2.22 24.40
CA ASN E 142 -46.18 3.56 24.41
C ASN E 142 -45.12 4.66 24.31
N SER E 143 -45.39 5.68 23.49
CA SER E 143 -44.67 6.95 23.56
C SER E 143 -45.63 8.11 23.26
N ALA E 144 -45.57 9.20 24.03
CA ALA E 144 -46.39 10.39 23.85
C ALA E 144 -47.89 10.08 23.71
N GLY E 145 -48.38 9.06 24.44
CA GLY E 145 -49.79 8.70 24.43
C GLY E 145 -50.25 7.90 23.21
N GLN E 146 -49.34 7.57 22.30
CA GLN E 146 -49.60 6.67 21.17
C GLN E 146 -49.15 5.26 21.52
N THR E 147 -49.94 4.24 21.12
CA THR E 147 -49.50 2.85 21.18
C THR E 147 -48.88 2.46 19.84
N TYR E 148 -47.60 2.10 19.87
CA TYR E 148 -46.89 1.53 18.74
C TYR E 148 -47.16 0.03 18.70
N VAL E 149 -47.25 -0.54 17.50
CA VAL E 149 -47.56 -1.96 17.32
C VAL E 149 -46.55 -2.55 16.34
N TYR E 150 -46.06 -3.76 16.61
CA TYR E 150 -45.16 -4.44 15.69
C TYR E 150 -45.16 -5.94 15.92
N TYR E 151 -44.66 -6.69 14.95
CA TYR E 151 -44.42 -8.12 15.08
C TYR E 151 -42.90 -8.34 15.13
N SER E 152 -42.45 -9.07 16.14
CA SER E 152 -41.03 -9.21 16.41
C SER E 152 -40.32 -10.04 15.33
N ASP E 153 -41.05 -10.98 14.69
CA ASP E 153 -40.48 -11.80 13.63
C ASP E 153 -41.53 -12.17 12.58
N PRO E 154 -41.12 -12.66 11.38
CA PRO E 154 -42.06 -13.16 10.39
C PRO E 154 -42.92 -14.33 10.85
N ASN E 155 -42.47 -15.12 11.83
CA ASN E 155 -43.23 -16.26 12.33
C ASN E 155 -44.49 -15.83 13.08
N TYR E 156 -44.36 -14.86 13.99
CA TYR E 156 -45.53 -14.31 14.67
C TYR E 156 -46.43 -13.54 13.72
N ALA E 157 -45.84 -12.87 12.71
CA ALA E 157 -46.62 -12.24 11.65
C ALA E 157 -47.41 -13.28 10.85
N LEU E 158 -46.82 -14.42 10.49
CA LEU E 158 -47.51 -15.49 9.78
C LEU E 158 -48.68 -16.05 10.58
N LEU E 159 -48.48 -16.31 11.88
CA LEU E 159 -49.54 -16.82 12.73
C LEU E 159 -50.68 -15.81 12.87
N ALA E 160 -50.35 -14.53 13.07
CA ALA E 160 -51.32 -13.44 13.11
C ALA E 160 -52.12 -13.32 11.81
N LEU E 161 -51.46 -13.55 10.67
CA LEU E 161 -52.12 -13.58 9.37
C LEU E 161 -53.01 -14.81 9.21
N ASN E 162 -52.53 -16.02 9.54
CA ASN E 162 -53.35 -17.22 9.50
C ASN E 162 -54.66 -17.00 10.28
N TYR E 163 -54.55 -16.46 11.50
CA TYR E 163 -55.71 -16.16 12.31
C TYR E 163 -56.62 -15.15 11.59
N THR E 164 -56.07 -14.00 11.21
CA THR E 164 -56.82 -12.93 10.58
C THR E 164 -57.59 -13.40 9.34
N LEU E 165 -56.93 -14.15 8.44
CA LEU E 165 -57.57 -14.63 7.21
C LEU E 165 -58.59 -15.72 7.48
N GLY E 166 -58.31 -16.66 8.40
CA GLY E 166 -59.30 -17.65 8.83
C GLY E 166 -60.55 -16.99 9.42
N GLN E 167 -60.34 -15.93 10.20
CA GLN E 167 -61.42 -15.14 10.79
C GLN E 167 -62.22 -14.36 9.74
N GLU E 168 -61.56 -13.85 8.69
CA GLU E 168 -62.23 -13.20 7.56
C GLU E 168 -63.01 -14.20 6.69
N VAL E 169 -62.53 -15.43 6.50
CA VAL E 169 -63.28 -16.50 5.86
C VAL E 169 -64.52 -16.85 6.69
N LYS E 170 -64.33 -17.02 8.01
CA LYS E 170 -65.40 -17.32 8.96
C LYS E 170 -66.47 -16.21 8.96
N GLY E 171 -66.04 -14.95 8.84
CA GLY E 171 -66.93 -13.80 8.71
C GLY E 171 -67.51 -13.57 7.30
N GLY E 172 -67.18 -14.43 6.33
CA GLY E 172 -67.68 -14.34 4.96
C GLY E 172 -67.12 -13.18 4.14
N GLN E 173 -66.10 -12.47 4.64
CA GLN E 173 -65.49 -11.33 3.97
C GLN E 173 -64.50 -11.75 2.87
N LEU E 174 -64.02 -13.00 2.95
CA LEU E 174 -63.02 -13.57 2.05
C LEU E 174 -63.48 -14.99 1.66
N THR E 175 -63.28 -15.40 0.40
CA THR E 175 -63.83 -16.67 -0.09
C THR E 175 -63.03 -17.86 0.44
N SER E 176 -61.69 -17.79 0.34
CA SER E 176 -60.74 -18.73 0.90
C SER E 176 -59.47 -17.99 1.33
N SER E 177 -58.86 -18.43 2.44
CA SER E 177 -57.52 -18.01 2.79
C SER E 177 -56.52 -18.74 1.90
N PRO E 178 -55.54 -18.06 1.26
CA PRO E 178 -54.47 -18.74 0.53
C PRO E 178 -53.42 -19.34 1.47
N LEU E 179 -53.44 -18.95 2.75
CA LEU E 179 -52.52 -19.45 3.77
C LEU E 179 -53.29 -20.30 4.79
N TYR E 180 -52.74 -21.47 5.12
CA TYR E 180 -53.27 -22.29 6.20
C TYR E 180 -52.12 -22.83 7.05
N ILE E 181 -52.15 -22.58 8.37
CA ILE E 181 -51.05 -22.96 9.26
C ILE E 181 -51.55 -23.93 10.32
N ILE E 182 -50.85 -25.07 10.47
CA ILE E 182 -51.17 -26.12 11.43
C ILE E 182 -49.91 -26.65 12.10
N SER E 183 -50.03 -27.09 13.36
CA SER E 183 -48.95 -27.81 14.05
C SER E 183 -49.08 -29.32 13.84
N ASN E 184 -50.33 -29.78 13.81
CA ASN E 184 -50.70 -31.17 13.59
C ASN E 184 -50.70 -31.49 12.10
N THR E 185 -49.79 -32.35 11.64
CA THR E 185 -49.78 -32.80 10.25
C THR E 185 -50.79 -33.92 9.98
N SER E 186 -51.29 -34.62 11.01
CA SER E 186 -52.25 -35.72 10.87
C SER E 186 -53.52 -35.28 10.11
N ILE E 187 -53.89 -34.00 10.26
CA ILE E 187 -55.05 -33.36 9.64
C ILE E 187 -55.02 -33.45 8.11
N VAL E 188 -53.83 -33.43 7.50
CA VAL E 188 -53.62 -33.26 6.06
C VAL E 188 -54.30 -34.36 5.24
N ALA E 189 -54.34 -35.60 5.75
CA ALA E 189 -55.01 -36.71 5.08
C ALA E 189 -56.50 -36.46 4.85
N SER E 190 -57.14 -35.68 5.73
CA SER E 190 -58.56 -35.34 5.64
C SER E 190 -58.84 -34.12 4.74
N LYS E 191 -57.78 -33.45 4.25
CA LYS E 191 -57.85 -32.18 3.53
C LYS E 191 -56.97 -32.24 2.27
N PRO E 192 -57.36 -33.04 1.25
CA PRO E 192 -56.46 -33.39 0.16
C PRO E 192 -55.98 -32.23 -0.70
N TRP E 193 -56.67 -31.08 -0.68
CA TRP E 193 -56.18 -29.87 -1.35
C TRP E 193 -54.85 -29.37 -0.78
N LEU E 194 -54.56 -29.66 0.50
CA LEU E 194 -53.28 -29.33 1.12
C LEU E 194 -52.13 -30.24 0.65
N LYS E 195 -52.42 -31.35 -0.05
CA LYS E 195 -51.38 -32.29 -0.48
C LYS E 195 -50.47 -31.68 -1.55
N ASN E 196 -51.04 -30.87 -2.45
CA ASN E 196 -50.37 -30.45 -3.68
C ASN E 196 -49.86 -29.01 -3.65
N ASP E 197 -50.46 -28.14 -2.82
CA ASP E 197 -49.98 -26.75 -2.70
C ASP E 197 -48.65 -26.67 -1.92
N ASN E 198 -48.02 -25.48 -1.93
CA ASN E 198 -46.65 -25.35 -1.43
C ASN E 198 -46.62 -25.34 0.10
N VAL E 199 -45.63 -26.03 0.71
CA VAL E 199 -45.54 -26.11 2.16
C VAL E 199 -44.12 -25.82 2.65
N PHE E 200 -44.02 -25.01 3.70
CA PHE E 200 -42.78 -24.79 4.43
C PHE E 200 -43.06 -24.83 5.94
N THR E 201 -42.00 -24.97 6.75
CA THR E 201 -42.19 -25.06 8.19
C THR E 201 -41.36 -24.02 8.93
N PHE E 202 -41.82 -23.65 10.12
CA PHE E 202 -41.08 -22.77 11.01
C PHE E 202 -41.37 -23.15 12.45
N ASN E 203 -40.40 -22.87 13.34
CA ASN E 203 -40.54 -23.19 14.75
C ASN E 203 -40.70 -21.90 15.56
N ILE E 204 -41.57 -21.94 16.56
CA ILE E 204 -41.61 -20.93 17.63
C ILE E 204 -41.40 -21.66 18.96
N SER E 205 -41.02 -20.93 20.02
CA SER E 205 -40.87 -21.52 21.35
C SER E 205 -42.01 -21.09 22.27
N VAL E 206 -42.65 -22.07 22.93
CA VAL E 206 -43.77 -21.85 23.84
C VAL E 206 -43.53 -22.68 25.09
N ASN E 207 -43.62 -22.07 26.28
CA ASN E 207 -43.21 -22.72 27.52
C ASN E 207 -41.84 -23.40 27.34
N GLY E 208 -40.89 -22.67 26.74
CA GLY E 208 -39.54 -23.14 26.43
C GLY E 208 -39.45 -24.38 25.54
N THR E 209 -40.56 -24.80 24.92
CA THR E 209 -40.65 -25.98 24.07
C THR E 209 -40.78 -25.53 22.61
N GLU E 210 -40.00 -26.15 21.70
CA GLU E 210 -40.12 -25.88 20.28
C GLU E 210 -41.42 -26.45 19.71
N VAL E 211 -42.23 -25.59 19.08
CA VAL E 211 -43.45 -25.98 18.38
C VAL E 211 -43.21 -25.75 16.89
N GLU E 212 -43.27 -26.82 16.08
CA GLU E 212 -43.16 -26.67 14.63
C GLU E 212 -44.55 -26.42 14.04
N TYR E 213 -44.63 -25.39 13.19
CA TYR E 213 -45.80 -25.09 12.38
C TYR E 213 -45.49 -25.33 10.91
N TYR E 214 -46.48 -25.90 10.22
CA TYR E 214 -46.47 -26.17 8.80
C TYR E 214 -47.40 -25.16 8.13
N ALA E 215 -46.85 -24.37 7.21
CA ALA E 215 -47.58 -23.34 6.48
C ALA E 215 -47.84 -23.81 5.06
N TYR E 216 -49.13 -23.92 4.70
CA TYR E 216 -49.59 -24.35 3.39
C TYR E 216 -50.03 -23.11 2.61
N VAL E 217 -49.49 -22.95 1.38
CA VAL E 217 -49.65 -21.75 0.58
C VAL E 217 -50.23 -22.12 -0.79
N ASN E 218 -51.43 -21.61 -1.05
CA ASN E 218 -52.30 -21.95 -2.18
C ASN E 218 -51.80 -21.33 -3.49
N LYS E 219 -51.24 -20.10 -3.41
CA LYS E 219 -50.83 -19.28 -4.55
C LYS E 219 -49.75 -18.30 -4.09
N THR E 220 -48.93 -17.76 -5.01
CA THR E 220 -47.95 -16.77 -4.61
C THR E 220 -48.65 -15.47 -4.20
N PHE E 221 -48.38 -15.01 -2.97
CA PHE E 221 -48.98 -13.77 -2.46
C PHE E 221 -47.99 -13.03 -1.57
N ALA E 222 -48.24 -11.73 -1.38
CA ALA E 222 -47.46 -10.89 -0.50
C ALA E 222 -48.37 -10.30 0.57
N PHE E 223 -47.80 -10.08 1.76
CA PHE E 223 -48.46 -9.32 2.81
C PHE E 223 -47.46 -8.38 3.47
N THR E 224 -47.98 -7.37 4.17
CA THR E 224 -47.15 -6.43 4.90
C THR E 224 -47.55 -6.42 6.38
N TYR E 225 -46.58 -6.07 7.24
CA TYR E 225 -46.84 -5.97 8.66
C TYR E 225 -45.91 -4.95 9.30
N PRO E 226 -46.30 -4.33 10.44
CA PRO E 226 -45.45 -3.32 11.06
C PRO E 226 -44.27 -3.92 11.83
N VAL E 227 -43.10 -3.26 11.73
CA VAL E 227 -41.87 -3.68 12.37
C VAL E 227 -41.39 -2.68 13.41
N SER E 228 -41.50 -1.36 13.14
CA SER E 228 -41.30 -0.34 14.16
C SER E 228 -41.92 0.99 13.74
N GLY E 229 -42.05 1.95 14.67
CA GLY E 229 -42.47 3.30 14.35
C GLY E 229 -43.89 3.40 13.78
N PHE E 230 -44.71 2.38 14.01
CA PHE E 230 -46.07 2.33 13.49
C PHE E 230 -47.10 2.49 14.61
N PRO E 231 -47.60 3.72 14.89
CA PRO E 231 -48.69 3.93 15.83
C PRO E 231 -50.09 3.87 15.19
N LEU E 232 -50.15 3.86 13.84
CA LEU E 232 -51.42 4.01 13.11
C LEU E 232 -52.16 2.68 12.91
N ALA E 233 -52.17 1.81 13.91
CA ALA E 233 -52.83 0.51 13.79
C ALA E 233 -54.31 0.65 13.43
N GLY E 234 -54.74 -0.09 12.39
CA GLY E 234 -56.06 0.04 11.79
C GLY E 234 -56.05 0.69 10.40
N SER E 235 -54.97 1.39 10.00
CA SER E 235 -55.05 2.37 8.90
C SER E 235 -54.54 1.89 7.53
N ASP E 236 -53.60 0.92 7.48
CA ASP E 236 -52.78 0.63 6.29
C ASP E 236 -51.84 1.77 5.85
N ILE E 237 -51.61 2.80 6.66
CA ILE E 237 -50.69 3.88 6.28
C ILE E 237 -49.36 3.70 7.02
N ALA E 238 -48.26 3.68 6.27
CA ALA E 238 -46.92 3.73 6.87
C ALA E 238 -46.52 5.19 7.07
N PRO E 239 -46.45 5.71 8.32
CA PRO E 239 -46.04 7.10 8.53
C PRO E 239 -44.53 7.26 8.36
N ALA E 240 -44.08 8.49 8.14
CA ALA E 240 -42.64 8.76 8.04
C ALA E 240 -41.92 8.34 9.32
N GLY E 241 -40.82 7.58 9.17
CA GLY E 241 -40.11 7.02 10.31
C GLY E 241 -40.71 5.73 10.88
N SER E 242 -41.63 5.09 10.13
CA SER E 242 -42.05 3.71 10.41
C SER E 242 -41.22 2.73 9.58
N VAL E 243 -41.25 1.45 9.98
CA VAL E 243 -40.54 0.38 9.29
C VAL E 243 -41.54 -0.76 9.10
N ILE E 244 -41.69 -1.23 7.85
CA ILE E 244 -42.73 -2.17 7.46
C ILE E 244 -42.08 -3.43 6.88
N GLY E 245 -42.43 -4.60 7.43
CA GLY E 245 -41.99 -5.84 6.84
C GLY E 245 -42.89 -6.21 5.66
N VAL E 246 -42.27 -6.64 4.55
CA VAL E 246 -42.94 -7.15 3.37
C VAL E 246 -42.53 -8.61 3.23
N MET E 247 -43.51 -9.51 3.11
CA MET E 247 -43.18 -10.91 2.96
C MET E 247 -43.97 -11.51 1.80
N ILE E 248 -43.26 -12.23 0.94
CA ILE E 248 -43.81 -12.92 -0.22
C ILE E 248 -43.73 -14.41 0.06
N LEU E 249 -44.87 -15.10 0.04
CA LEU E 249 -44.89 -16.57 0.18
C LEU E 249 -45.18 -17.16 -1.19
N PHE E 250 -44.35 -18.11 -1.65
CA PHE E 250 -44.54 -18.69 -2.97
C PHE E 250 -45.58 -19.80 -2.97
N GLY E 251 -46.44 -19.81 -4.00
CA GLY E 251 -47.37 -20.90 -4.24
C GLY E 251 -46.74 -22.02 -5.06
N PRO E 252 -47.46 -23.12 -5.34
CA PRO E 252 -46.90 -24.28 -6.02
C PRO E 252 -46.40 -24.02 -7.43
N GLY E 253 -46.90 -22.97 -8.10
CA GLY E 253 -46.39 -22.51 -9.39
C GLY E 253 -44.96 -21.97 -9.28
N GLU E 254 -44.79 -20.82 -8.62
CA GLU E 254 -43.49 -20.17 -8.53
C GLU E 254 -42.48 -20.92 -7.65
N ALA E 255 -42.97 -21.78 -6.74
CA ALA E 255 -42.13 -22.58 -5.86
C ALA E 255 -41.32 -23.66 -6.60
N THR E 256 -41.70 -24.03 -7.83
CA THR E 256 -41.40 -25.31 -8.47
C THR E 256 -39.91 -25.66 -8.56
N ASN E 257 -39.03 -24.66 -8.78
CA ASN E 257 -37.59 -24.82 -8.55
C ASN E 257 -36.95 -23.49 -8.13
N VAL E 258 -35.83 -23.57 -7.41
CA VAL E 258 -35.18 -22.44 -6.76
C VAL E 258 -34.63 -21.44 -7.78
N PHE E 259 -34.58 -20.15 -7.41
CA PHE E 259 -33.91 -19.13 -8.22
C PHE E 259 -32.39 -19.31 -8.17
N GLN E 260 -31.75 -19.55 -9.31
CA GLN E 260 -30.30 -19.61 -9.41
C GLN E 260 -29.84 -19.02 -10.74
N TYR E 261 -28.79 -18.19 -10.72
CA TYR E 261 -28.23 -17.60 -11.95
C TYR E 261 -29.33 -16.81 -12.69
N GLU E 262 -30.14 -16.09 -11.92
CA GLU E 262 -31.37 -15.45 -12.40
C GLU E 262 -31.54 -14.08 -11.74
N THR E 263 -32.21 -13.15 -12.45
CA THR E 263 -32.56 -11.87 -11.86
C THR E 263 -34.02 -11.90 -11.43
N VAL E 264 -34.27 -11.58 -10.16
CA VAL E 264 -35.61 -11.39 -9.61
C VAL E 264 -35.84 -9.91 -9.35
N THR E 265 -36.97 -9.41 -9.84
CA THR E 265 -37.40 -8.03 -9.65
C THR E 265 -38.73 -8.01 -8.91
N ILE E 266 -38.81 -7.19 -7.86
CA ILE E 266 -40.04 -6.93 -7.12
C ILE E 266 -40.32 -5.44 -7.26
N GLN E 267 -41.57 -5.05 -7.47
CA GLN E 267 -41.87 -3.62 -7.47
C GLN E 267 -43.10 -3.35 -6.61
N ILE E 268 -42.99 -2.42 -5.68
CA ILE E 268 -44.12 -1.98 -4.87
C ILE E 268 -44.58 -0.64 -5.43
N THR E 269 -45.85 -0.56 -5.84
CA THR E 269 -46.40 0.64 -6.46
C THR E 269 -47.60 1.12 -5.66
N PRO E 270 -47.43 2.05 -4.69
CA PRO E 270 -48.57 2.66 -4.00
C PRO E 270 -49.31 3.62 -4.94
N ASN E 271 -50.49 4.07 -4.50
CA ASN E 271 -51.40 4.87 -5.31
C ASN E 271 -50.94 6.33 -5.50
N ILE E 272 -50.00 6.80 -4.67
CA ILE E 272 -49.40 8.12 -4.77
C ILE E 272 -47.88 7.95 -4.61
N GLY E 273 -47.10 8.69 -5.41
CA GLY E 273 -45.65 8.66 -5.29
C GLY E 273 -44.98 7.59 -6.14
N SER E 274 -43.64 7.67 -6.23
CA SER E 274 -42.85 6.78 -7.05
C SER E 274 -42.87 5.35 -6.51
N PRO E 275 -42.90 4.32 -7.38
CA PRO E 275 -42.80 2.93 -6.93
C PRO E 275 -41.37 2.63 -6.47
N LEU E 276 -41.25 1.61 -5.61
CA LEU E 276 -39.97 1.09 -5.19
C LEU E 276 -39.68 -0.17 -6.01
N THR E 277 -38.60 -0.14 -6.80
CA THR E 277 -38.19 -1.27 -7.61
C THR E 277 -36.95 -1.91 -7.00
N ILE E 278 -37.04 -3.20 -6.71
CA ILE E 278 -36.03 -4.00 -6.03
C ILE E 278 -35.56 -5.06 -7.03
N SER E 279 -34.24 -5.17 -7.28
CA SER E 279 -33.71 -6.19 -8.19
C SER E 279 -32.46 -6.85 -7.62
N GLN E 280 -32.42 -8.19 -7.67
CA GLN E 280 -31.27 -8.97 -7.28
C GLN E 280 -30.94 -9.99 -8.37
N TYR E 281 -29.68 -10.11 -8.75
CA TYR E 281 -29.22 -11.35 -9.37
C TYR E 281 -28.94 -12.36 -8.26
N ILE E 282 -29.57 -13.53 -8.35
CA ILE E 282 -29.51 -14.52 -7.28
C ILE E 282 -28.51 -15.62 -7.68
N TYR E 283 -27.41 -15.71 -6.93
CA TYR E 283 -26.58 -16.89 -6.95
C TYR E 283 -27.25 -18.03 -6.18
N GLN E 284 -26.72 -19.25 -6.32
CA GLN E 284 -27.18 -20.41 -5.55
C GLN E 284 -27.36 -20.05 -4.07
N PRO E 285 -28.53 -20.36 -3.45
CA PRO E 285 -28.79 -20.01 -2.06
C PRO E 285 -28.01 -20.91 -1.10
N ASP E 286 -27.43 -20.30 -0.06
CA ASP E 286 -26.35 -20.89 0.72
C ASP E 286 -26.76 -21.38 2.12
N GLY E 287 -28.04 -21.17 2.51
CA GLY E 287 -28.57 -21.62 3.79
C GLY E 287 -30.11 -21.70 3.79
N LYS E 288 -30.70 -22.15 4.90
CA LYS E 288 -32.15 -22.23 5.08
C LYS E 288 -32.82 -20.89 4.75
N VAL E 289 -32.17 -19.81 5.18
CA VAL E 289 -32.39 -18.46 4.68
C VAL E 289 -31.06 -17.99 4.07
N THR E 290 -31.14 -17.19 3.00
CA THR E 290 -29.95 -16.60 2.39
C THR E 290 -30.17 -15.11 2.15
N VAL E 291 -29.12 -14.30 2.32
CA VAL E 291 -29.19 -12.87 2.03
C VAL E 291 -28.91 -12.67 0.55
N ILE E 292 -29.94 -12.24 -0.20
CA ILE E 292 -29.80 -12.10 -1.66
C ILE E 292 -29.55 -10.65 -2.08
N GLY E 293 -29.85 -9.67 -1.21
CA GLY E 293 -29.70 -8.26 -1.54
C GLY E 293 -29.70 -7.36 -0.30
N LEU F 1 -83.37 52.31 -34.28
CA LEU F 1 -82.04 52.66 -34.83
C LEU F 1 -80.95 52.32 -33.81
N ALA F 2 -81.19 52.67 -32.53
CA ALA F 2 -80.15 52.52 -31.52
C ALA F 2 -79.55 51.12 -31.58
N GLY F 3 -80.36 50.09 -31.89
CA GLY F 3 -79.91 48.71 -32.00
C GLY F 3 -79.37 48.34 -33.38
N LEU F 4 -79.98 48.86 -34.45
CA LEU F 4 -79.61 48.51 -35.82
C LEU F 4 -78.12 48.81 -36.04
N ASP F 5 -77.69 50.05 -35.73
CA ASP F 5 -76.29 50.45 -35.85
C ASP F 5 -75.44 49.70 -34.81
N THR F 6 -76.00 49.48 -33.61
CA THR F 6 -75.33 48.76 -32.54
C THR F 6 -75.14 47.30 -32.94
N ALA F 7 -76.00 46.78 -33.82
CA ALA F 7 -75.92 45.41 -34.33
C ALA F 7 -74.83 45.29 -35.39
N ILE F 8 -74.48 46.42 -36.03
CA ILE F 8 -73.41 46.48 -37.03
C ILE F 8 -72.05 46.38 -36.33
N ILE F 9 -71.93 46.96 -35.13
CA ILE F 9 -70.67 47.00 -34.38
C ILE F 9 -70.44 45.66 -33.65
N LEU F 10 -71.52 44.95 -33.32
CA LEU F 10 -71.45 43.63 -32.72
C LEU F 10 -70.98 42.59 -33.75
N ILE F 11 -71.62 42.50 -34.93
CA ILE F 11 -71.20 41.63 -36.04
C ILE F 11 -69.70 41.81 -36.33
N ALA F 12 -69.27 43.06 -36.53
CA ALA F 12 -67.89 43.39 -36.89
C ALA F 12 -66.89 43.01 -35.80
N PHE F 13 -67.21 43.29 -34.53
CA PHE F 13 -66.33 43.00 -33.41
C PHE F 13 -66.23 41.50 -33.16
N ILE F 14 -67.30 40.72 -33.40
CA ILE F 14 -67.26 39.26 -33.35
C ILE F 14 -66.26 38.74 -34.38
N ILE F 15 -66.38 39.18 -35.65
CA ILE F 15 -65.49 38.78 -36.72
C ILE F 15 -64.04 39.12 -36.37
N THR F 16 -63.81 40.32 -35.82
CA THR F 16 -62.49 40.79 -35.40
C THR F 16 -61.87 39.89 -34.33
N ALA F 17 -62.65 39.51 -33.31
CA ALA F 17 -62.21 38.59 -32.26
C ALA F 17 -61.98 37.17 -32.80
N ALA F 18 -62.86 36.69 -33.69
CA ALA F 18 -62.73 35.40 -34.34
C ALA F 18 -61.46 35.30 -35.18
N VAL F 19 -61.05 36.39 -35.84
CA VAL F 19 -59.79 36.50 -36.57
C VAL F 19 -58.58 36.37 -35.62
N LEU F 20 -58.60 37.01 -34.44
CA LEU F 20 -57.54 36.79 -33.46
C LEU F 20 -57.54 35.34 -32.97
N ALA F 21 -58.71 34.78 -32.66
CA ALA F 21 -58.85 33.39 -32.26
C ALA F 21 -58.21 32.44 -33.28
N TYR F 22 -58.54 32.61 -34.55
CA TYR F 22 -58.00 31.86 -35.68
C TYR F 22 -56.48 31.91 -35.71
N VAL F 23 -55.90 33.11 -35.62
CA VAL F 23 -54.46 33.34 -35.67
C VAL F 23 -53.75 32.76 -34.44
N ALA F 24 -54.27 33.04 -33.24
CA ALA F 24 -53.66 32.63 -31.99
C ALA F 24 -53.64 31.10 -31.85
N VAL F 25 -54.72 30.41 -32.23
CA VAL F 25 -54.79 28.95 -32.17
C VAL F 25 -53.83 28.33 -33.18
N ASN F 26 -53.83 28.80 -34.43
CA ASN F 26 -52.91 28.34 -35.45
C ASN F 26 -51.46 28.51 -35.01
N MET F 27 -51.11 29.70 -34.51
CA MET F 27 -49.74 30.00 -34.14
C MET F 27 -49.30 29.29 -32.86
N GLY F 28 -50.22 29.02 -31.93
CA GLY F 28 -49.98 28.14 -30.79
C GLY F 28 -49.71 26.70 -31.21
N LEU F 29 -50.52 26.15 -32.14
CA LEU F 29 -50.26 24.83 -32.71
C LEU F 29 -48.87 24.78 -33.37
N PHE F 30 -48.51 25.82 -34.13
CA PHE F 30 -47.19 25.93 -34.73
C PHE F 30 -46.07 25.93 -33.68
N VAL F 31 -46.09 26.87 -32.74
CA VAL F 31 -44.98 27.06 -31.80
C VAL F 31 -44.84 25.86 -30.85
N THR F 32 -45.94 25.28 -30.40
CA THR F 32 -45.88 24.09 -29.55
C THR F 32 -45.26 22.90 -30.28
N GLN F 33 -45.48 22.77 -31.60
CA GLN F 33 -44.81 21.74 -32.38
C GLN F 33 -43.32 22.03 -32.61
N LYS F 34 -42.94 23.32 -32.80
CA LYS F 34 -41.53 23.73 -32.79
C LYS F 34 -40.86 23.37 -31.46
N ALA F 35 -41.57 23.56 -30.34
CA ALA F 35 -41.12 23.14 -29.02
C ALA F 35 -40.95 21.62 -28.94
N LYS F 36 -41.95 20.83 -29.37
CA LYS F 36 -41.86 19.36 -29.42
C LYS F 36 -40.59 18.90 -30.16
N THR F 37 -40.38 19.42 -31.37
CA THR F 37 -39.22 19.13 -32.20
C THR F 37 -37.93 19.50 -31.49
N THR F 38 -37.87 20.70 -30.90
CA THR F 38 -36.70 21.19 -30.18
C THR F 38 -36.36 20.30 -28.99
N ILE F 39 -37.37 19.91 -28.19
CA ILE F 39 -37.19 19.02 -27.05
C ILE F 39 -36.57 17.68 -27.51
N ASN F 40 -37.09 17.11 -28.60
CA ASN F 40 -36.53 15.92 -29.20
C ASN F 40 -35.06 16.09 -29.59
N LYS F 41 -34.73 17.15 -30.33
CA LYS F 41 -33.36 17.43 -30.75
C LYS F 41 -32.43 17.70 -29.57
N GLY F 42 -32.94 18.29 -28.48
CA GLY F 42 -32.18 18.49 -27.26
C GLY F 42 -31.81 17.17 -26.57
N GLU F 43 -32.76 16.25 -26.46
CA GLU F 43 -32.48 14.91 -25.96
C GLU F 43 -31.49 14.17 -26.86
N GLU F 44 -31.71 14.17 -28.18
CA GLU F 44 -30.80 13.55 -29.13
C GLU F 44 -29.38 14.12 -29.00
N THR F 45 -29.24 15.42 -28.78
CA THR F 45 -27.95 16.08 -28.58
C THR F 45 -27.28 15.66 -27.28
N ALA F 46 -28.06 15.38 -26.24
CA ALA F 46 -27.53 14.91 -24.96
C ALA F 46 -27.18 13.41 -24.99
N SER F 47 -27.93 12.60 -25.76
CA SER F 47 -27.73 11.15 -25.80
C SER F 47 -26.66 10.73 -26.81
N THR F 48 -26.68 11.28 -28.04
CA THR F 48 -25.76 10.87 -29.10
C THR F 48 -24.32 11.33 -28.80
N ALA F 49 -23.39 10.38 -28.81
CA ALA F 49 -21.95 10.62 -28.63
C ALA F 49 -21.16 9.38 -29.06
N LEU F 50 -19.87 9.56 -29.37
CA LEU F 50 -18.97 8.44 -29.68
C LEU F 50 -17.93 8.31 -28.57
N SER F 51 -17.55 7.06 -28.26
CA SER F 51 -16.43 6.75 -27.37
C SER F 51 -15.31 6.13 -28.18
N LEU F 52 -14.07 6.44 -27.83
CA LEU F 52 -12.93 5.67 -28.30
C LEU F 52 -12.98 4.29 -27.64
N SER F 53 -13.13 3.22 -28.45
CA SER F 53 -13.36 1.87 -27.97
C SER F 53 -12.33 0.88 -28.49
N GLY F 54 -11.09 1.36 -28.62
CA GLY F 54 -9.90 0.57 -28.87
C GLY F 54 -8.66 1.41 -28.63
N ASN F 55 -7.48 0.81 -28.79
CA ASN F 55 -6.25 1.59 -28.78
C ASN F 55 -6.10 2.37 -30.08
N VAL F 56 -5.30 3.45 -30.04
CA VAL F 56 -4.94 4.21 -31.22
C VAL F 56 -3.59 3.69 -31.72
N LEU F 57 -3.59 3.19 -32.96
CA LEU F 57 -2.42 2.59 -33.59
C LEU F 57 -1.84 3.57 -34.59
N TYR F 58 -0.51 3.69 -34.63
CA TYR F 58 0.17 4.60 -35.52
C TYR F 58 1.26 3.84 -36.29
N ALA F 59 1.32 4.02 -37.62
CA ALA F 59 2.24 3.29 -38.49
C ALA F 59 3.21 4.25 -39.19
N VAL F 60 4.49 3.83 -39.28
CA VAL F 60 5.59 4.64 -39.80
C VAL F 60 6.59 3.73 -40.52
N ASN F 61 7.52 4.32 -41.29
CA ASN F 61 8.57 3.57 -41.98
C ASN F 61 9.67 3.08 -41.05
N TYR F 62 9.28 2.33 -40.02
CA TYR F 62 10.16 1.79 -39.00
C TYR F 62 11.19 0.85 -39.61
N PRO F 63 12.46 0.81 -39.12
CA PRO F 63 12.97 1.62 -38.00
C PRO F 63 13.43 3.04 -38.37
N THR F 64 13.46 3.36 -39.66
CA THR F 64 14.07 4.61 -40.15
C THR F 64 13.35 5.87 -39.68
N ASN F 65 12.03 5.79 -39.45
CA ASN F 65 11.19 6.82 -38.87
C ASN F 65 11.28 8.19 -39.58
N THR F 66 11.60 8.19 -40.89
CA THR F 66 11.59 9.42 -41.68
C THR F 66 10.21 9.77 -42.22
N LYS F 67 9.26 8.82 -42.24
CA LYS F 67 7.98 9.00 -42.94
C LYS F 67 6.82 8.30 -42.24
N SER F 68 5.63 8.92 -42.33
CA SER F 68 4.45 8.56 -41.57
C SER F 68 3.35 7.99 -42.48
N TYR F 69 2.72 6.87 -42.11
CA TYR F 69 1.88 6.10 -43.02
C TYR F 69 0.39 6.26 -42.72
N TRP F 70 -0.04 5.80 -41.53
CA TRP F 70 -1.45 5.86 -41.15
C TRP F 70 -1.67 5.84 -39.65
N MET F 71 -2.86 6.26 -39.21
CA MET F 71 -3.36 6.01 -37.86
C MET F 71 -4.67 5.25 -37.97
N TYR F 72 -4.88 4.32 -37.04
CA TYR F 72 -6.10 3.52 -36.97
C TYR F 72 -6.62 3.59 -35.54
N PHE F 73 -7.93 3.71 -35.36
CA PHE F 73 -8.56 3.58 -34.05
C PHE F 73 -10.02 3.16 -34.22
N THR F 74 -10.65 2.75 -33.12
CA THR F 74 -11.99 2.19 -33.17
C THR F 74 -12.92 3.06 -32.33
N VAL F 75 -14.15 3.32 -32.82
CA VAL F 75 -15.13 4.10 -32.08
C VAL F 75 -16.46 3.36 -32.02
N SER F 76 -17.28 3.68 -31.02
CA SER F 76 -18.62 3.12 -30.88
C SER F 76 -19.51 4.13 -30.18
N PRO F 77 -20.84 4.17 -30.44
CA PRO F 77 -21.73 5.04 -29.67
C PRO F 77 -21.63 4.81 -28.17
N SER F 78 -21.56 5.91 -27.42
CA SER F 78 -21.27 5.91 -25.98
C SER F 78 -22.36 5.22 -25.17
N SER F 79 -21.96 4.31 -24.27
CA SER F 79 -22.83 3.72 -23.26
C SER F 79 -24.08 3.03 -23.85
N GLY F 80 -24.05 2.68 -25.15
CA GLY F 80 -25.13 1.99 -25.84
C GLY F 80 -26.46 2.74 -25.91
N VAL F 81 -26.47 4.07 -25.82
CA VAL F 81 -27.73 4.79 -25.63
C VAL F 81 -28.50 5.06 -26.94
N SER F 82 -27.79 5.46 -28.01
CA SER F 82 -28.43 5.85 -29.28
C SER F 82 -27.46 5.78 -30.45
N SER F 83 -28.00 5.79 -31.69
CA SER F 83 -27.24 5.68 -32.94
C SER F 83 -26.58 7.00 -33.35
N VAL F 84 -25.49 6.93 -34.14
CA VAL F 84 -24.76 8.10 -34.61
C VAL F 84 -24.65 8.09 -36.15
N ASP F 85 -25.07 9.17 -36.82
CA ASP F 85 -24.84 9.36 -38.25
C ASP F 85 -23.35 9.62 -38.49
N LEU F 86 -22.70 8.78 -39.30
CA LEU F 86 -21.30 8.95 -39.66
C LEU F 86 -21.12 9.22 -41.17
N SER F 87 -22.13 9.75 -41.87
CA SER F 87 -21.95 10.00 -43.30
C SER F 87 -20.87 11.04 -43.54
N PRO F 88 -19.91 10.82 -44.48
CA PRO F 88 -18.81 11.76 -44.68
C PRO F 88 -19.21 13.10 -45.30
N SER F 89 -20.46 13.24 -45.77
CA SER F 89 -20.99 14.53 -46.18
C SER F 89 -21.38 15.40 -44.97
N THR F 90 -21.95 14.78 -43.93
CA THR F 90 -22.46 15.48 -42.75
C THR F 90 -21.41 15.64 -41.66
N THR F 91 -20.60 14.58 -41.44
CA THR F 91 -19.61 14.51 -40.37
C THR F 91 -18.29 15.12 -40.80
N ALA F 92 -17.55 15.73 -39.87
CA ALA F 92 -16.16 16.12 -40.11
C ALA F 92 -15.22 15.30 -39.22
N ILE F 93 -14.02 14.99 -39.71
CA ILE F 93 -12.94 14.55 -38.84
C ILE F 93 -11.80 15.54 -39.02
N SER F 94 -11.43 16.27 -37.96
CA SER F 94 -10.29 17.17 -37.99
C SER F 94 -9.04 16.46 -37.49
N PHE F 95 -7.87 16.97 -37.90
CA PHE F 95 -6.59 16.44 -37.46
C PHE F 95 -5.65 17.61 -37.22
N THR F 96 -5.07 17.72 -36.01
CA THR F 96 -4.11 18.78 -35.73
C THR F 96 -2.87 18.23 -35.00
N ALA F 97 -1.69 18.57 -35.51
CA ALA F 97 -0.43 18.41 -34.79
C ALA F 97 0.11 19.81 -34.53
N ALA F 98 -0.33 20.41 -33.41
CA ALA F 98 -0.24 21.85 -33.18
C ALA F 98 1.21 22.34 -33.15
N SER F 99 2.12 21.54 -32.57
CA SER F 99 3.54 21.85 -32.45
C SER F 99 4.18 22.22 -33.79
N ARG F 100 3.85 21.46 -34.84
CA ARG F 100 4.37 21.65 -36.20
C ARG F 100 3.45 22.49 -37.09
N GLY F 101 2.37 23.05 -36.52
CA GLY F 101 1.46 23.93 -37.24
C GLY F 101 0.54 23.23 -38.24
N VAL F 102 0.47 21.89 -38.21
CA VAL F 102 -0.45 21.13 -39.05
C VAL F 102 -1.85 21.20 -38.45
N SER F 103 -2.82 21.66 -39.25
CA SER F 103 -4.21 21.74 -38.83
C SER F 103 -5.11 21.53 -40.04
N LEU F 104 -5.82 20.39 -40.05
CA LEU F 104 -6.73 20.04 -41.12
C LEU F 104 -8.14 20.03 -40.53
N SER F 105 -9.01 20.88 -41.07
CA SER F 105 -10.34 21.08 -40.49
C SER F 105 -11.29 19.93 -40.83
N ASN F 106 -11.11 19.29 -42.01
CA ASN F 106 -11.90 18.10 -42.32
C ASN F 106 -11.16 17.20 -43.31
N ILE F 107 -10.81 15.99 -42.87
CA ILE F 107 -10.12 14.97 -43.66
C ILE F 107 -11.04 13.80 -43.99
N TYR F 108 -12.28 13.78 -43.49
CA TYR F 108 -13.15 12.62 -43.65
C TYR F 108 -13.80 12.61 -45.04
N GLN F 109 -13.60 11.53 -45.81
CA GLN F 109 -14.03 11.52 -47.20
C GLN F 109 -14.95 10.35 -47.55
N PHE F 110 -14.73 9.16 -46.96
CA PHE F 110 -15.37 7.94 -47.43
C PHE F 110 -15.81 7.03 -46.29
N SER F 111 -16.82 6.20 -46.54
CA SER F 111 -17.20 5.19 -45.59
C SER F 111 -17.59 3.88 -46.27
N LEU F 112 -17.12 2.76 -45.74
CA LEU F 112 -17.58 1.44 -46.16
C LEU F 112 -18.88 1.05 -45.46
N LEU F 113 -19.42 1.87 -44.55
CA LEU F 113 -20.75 1.66 -43.98
C LEU F 113 -21.83 1.75 -45.07
N SER F 114 -21.58 2.53 -46.12
CA SER F 114 -22.43 2.68 -47.31
C SER F 114 -22.44 1.42 -48.20
N VAL F 115 -21.48 0.51 -48.02
CA VAL F 115 -21.12 -0.48 -49.02
C VAL F 115 -21.63 -1.87 -48.61
N LEU F 116 -22.43 -2.50 -49.49
CA LEU F 116 -22.89 -3.87 -49.28
C LEU F 116 -21.77 -4.86 -49.63
N PRO F 117 -21.69 -6.04 -48.96
CA PRO F 117 -20.66 -7.05 -49.26
C PRO F 117 -20.57 -7.43 -50.74
N SER F 118 -21.73 -7.54 -51.42
CA SER F 118 -21.81 -7.87 -52.84
C SER F 118 -21.15 -6.82 -53.76
N GLN F 119 -20.87 -5.61 -53.24
CA GLN F 119 -20.21 -4.56 -54.00
C GLN F 119 -18.68 -4.69 -53.96
N VAL F 120 -18.12 -5.54 -53.05
CA VAL F 120 -16.67 -5.64 -52.85
C VAL F 120 -16.15 -7.08 -52.91
N ASN F 121 -16.91 -8.05 -52.40
CA ASN F 121 -16.52 -9.45 -52.46
C ASN F 121 -16.49 -9.95 -53.91
N ASN F 122 -15.48 -10.77 -54.25
CA ASN F 122 -15.26 -11.31 -55.59
C ASN F 122 -15.02 -10.24 -56.67
N LYS F 123 -14.63 -9.02 -56.29
CA LYS F 123 -14.44 -7.92 -57.24
C LYS F 123 -13.01 -7.39 -57.30
N VAL F 124 -12.15 -7.83 -56.37
CA VAL F 124 -10.70 -7.76 -56.52
C VAL F 124 -10.12 -9.17 -56.45
N GLN F 125 -9.04 -9.41 -57.21
CA GLN F 125 -8.54 -10.76 -57.41
C GLN F 125 -7.02 -10.76 -57.59
N VAL F 126 -6.37 -11.88 -57.21
CA VAL F 126 -4.93 -12.05 -57.32
C VAL F 126 -4.60 -13.09 -58.38
N LYS F 127 -3.69 -12.75 -59.30
CA LYS F 127 -3.11 -13.70 -60.25
C LYS F 127 -1.87 -14.34 -59.64
N LEU F 128 -2.01 -15.53 -59.02
CA LEU F 128 -0.89 -16.34 -58.59
C LEU F 128 -0.50 -17.31 -59.71
N GLY F 129 0.46 -16.90 -60.55
CA GLY F 129 0.81 -17.64 -61.76
C GLY F 129 -0.40 -17.77 -62.70
N THR F 130 -0.73 -19.02 -63.07
CA THR F 130 -1.90 -19.34 -63.89
C THR F 130 -3.21 -19.09 -63.13
N SER F 131 -3.23 -19.39 -61.82
CA SER F 131 -4.44 -19.34 -61.00
C SER F 131 -4.88 -17.91 -60.69
N ILE F 132 -6.21 -17.67 -60.66
CA ILE F 132 -6.76 -16.39 -60.29
C ILE F 132 -7.73 -16.57 -59.13
N ILE F 133 -7.47 -15.89 -58.00
CA ILE F 133 -8.24 -16.06 -56.77
C ILE F 133 -9.05 -14.81 -56.46
N ASN F 134 -10.37 -14.98 -56.36
CA ASN F 134 -11.31 -13.94 -55.92
C ASN F 134 -11.17 -13.73 -54.40
N LEU F 135 -11.00 -12.46 -53.97
CA LEU F 135 -10.92 -12.15 -52.54
C LEU F 135 -12.30 -11.92 -51.93
N THR F 136 -12.47 -12.39 -50.68
CA THR F 136 -13.58 -12.01 -49.82
C THR F 136 -13.04 -11.01 -48.79
N LEU F 137 -13.66 -9.82 -48.73
CA LEU F 137 -13.13 -8.70 -47.95
C LEU F 137 -14.11 -8.30 -46.85
N ALA F 138 -15.39 -8.15 -47.19
CA ALA F 138 -16.45 -7.96 -46.22
C ALA F 138 -16.92 -9.32 -45.71
N PHE F 139 -16.65 -9.62 -44.44
CA PHE F 139 -17.20 -10.81 -43.80
C PHE F 139 -18.61 -10.51 -43.31
N SER F 140 -19.41 -11.56 -43.10
CA SER F 140 -20.80 -11.39 -42.70
C SER F 140 -21.30 -12.58 -41.86
N SER F 141 -22.28 -12.32 -40.98
CA SER F 141 -22.94 -13.33 -40.16
C SER F 141 -24.38 -12.91 -39.87
N ASN F 142 -25.23 -13.87 -39.47
CA ASN F 142 -26.65 -13.61 -39.25
C ASN F 142 -27.04 -13.71 -37.78
N SER F 143 -27.87 -12.76 -37.30
CA SER F 143 -28.60 -12.93 -36.05
C SER F 143 -29.99 -12.30 -36.19
N ALA F 144 -31.05 -12.98 -35.71
CA ALA F 144 -32.42 -12.49 -35.73
C ALA F 144 -32.86 -11.97 -37.10
N GLY F 145 -32.38 -12.61 -38.19
CA GLY F 145 -32.77 -12.26 -39.55
C GLY F 145 -32.07 -11.02 -40.12
N GLN F 146 -31.15 -10.41 -39.35
CA GLN F 146 -30.29 -9.33 -39.83
C GLN F 146 -28.94 -9.89 -40.27
N THR F 147 -28.40 -9.38 -41.39
CA THR F 147 -27.02 -9.67 -41.77
C THR F 147 -26.10 -8.58 -41.21
N TYR F 148 -25.18 -8.99 -40.35
CA TYR F 148 -24.10 -8.14 -39.85
C TYR F 148 -22.96 -8.15 -40.85
N VAL F 149 -22.27 -7.01 -41.01
CA VAL F 149 -21.19 -6.88 -41.98
C VAL F 149 -19.99 -6.25 -41.26
N TYR F 150 -18.78 -6.75 -41.56
CA TYR F 150 -17.57 -6.16 -41.00
C TYR F 150 -16.35 -6.51 -41.85
N TYR F 151 -15.26 -5.76 -41.63
CA TYR F 151 -13.97 -6.07 -42.22
C TYR F 151 -13.06 -6.54 -41.09
N SER F 152 -12.42 -7.70 -41.30
CA SER F 152 -11.65 -8.34 -40.24
C SER F 152 -10.38 -7.57 -39.89
N ASP F 153 -9.82 -6.84 -40.86
CA ASP F 153 -8.62 -6.04 -40.64
C ASP F 153 -8.60 -4.77 -41.50
N PRO F 154 -7.73 -3.77 -41.19
CA PRO F 154 -7.57 -2.60 -42.05
C PRO F 154 -7.10 -2.91 -43.47
N ASN F 155 -6.42 -4.04 -43.69
CA ASN F 155 -5.93 -4.41 -45.02
C ASN F 155 -7.08 -4.74 -45.98
N TYR F 156 -8.02 -5.58 -45.53
CA TYR F 156 -9.20 -5.87 -46.33
C TYR F 156 -10.10 -4.65 -46.48
N ALA F 157 -10.16 -3.79 -45.45
CA ALA F 157 -10.85 -2.51 -45.57
C ALA F 157 -10.20 -1.61 -46.63
N LEU F 158 -8.87 -1.52 -46.66
CA LEU F 158 -8.15 -0.74 -47.67
C LEU F 158 -8.43 -1.24 -49.08
N LEU F 159 -8.37 -2.56 -49.30
CA LEU F 159 -8.65 -3.13 -50.61
C LEU F 159 -10.10 -2.88 -51.05
N ALA F 160 -11.06 -3.05 -50.14
CA ALA F 160 -12.46 -2.75 -50.37
C ALA F 160 -12.67 -1.26 -50.72
N LEU F 161 -11.92 -0.37 -50.08
CA LEU F 161 -11.96 1.05 -50.40
C LEU F 161 -11.32 1.35 -51.76
N ASN F 162 -10.14 0.81 -52.06
CA ASN F 162 -9.52 0.96 -53.38
C ASN F 162 -10.51 0.59 -54.48
N TYR F 163 -11.15 -0.58 -54.34
CA TYR F 163 -12.16 -1.01 -55.29
C TYR F 163 -13.30 0.00 -55.38
N THR F 164 -13.93 0.32 -54.24
CA THR F 164 -15.07 1.22 -54.17
C THR F 164 -14.78 2.58 -54.82
N LEU F 165 -13.65 3.19 -54.51
CA LEU F 165 -13.30 4.50 -55.05
C LEU F 165 -12.93 4.43 -56.54
N GLY F 166 -12.20 3.40 -56.97
CA GLY F 166 -11.95 3.18 -58.39
C GLY F 166 -13.23 3.00 -59.19
N GLN F 167 -14.20 2.28 -58.60
CA GLN F 167 -15.52 2.07 -59.19
C GLN F 167 -16.34 3.36 -59.23
N GLU F 168 -16.24 4.23 -58.22
CA GLU F 168 -16.87 5.55 -58.22
C GLU F 168 -16.24 6.51 -59.24
N VAL F 169 -14.92 6.46 -59.45
CA VAL F 169 -14.25 7.20 -60.53
C VAL F 169 -14.73 6.70 -61.88
N LYS F 170 -14.78 5.38 -62.06
CA LYS F 170 -15.25 4.73 -63.29
C LYS F 170 -16.72 5.10 -63.59
N GLY F 171 -17.54 5.21 -62.54
CA GLY F 171 -18.92 5.67 -62.65
C GLY F 171 -19.11 7.19 -62.74
N GLY F 172 -18.01 7.97 -62.74
CA GLY F 172 -18.05 9.42 -62.85
C GLY F 172 -18.59 10.16 -61.62
N GLN F 173 -18.79 9.45 -60.49
CA GLN F 173 -19.32 10.02 -59.25
C GLN F 173 -18.24 10.77 -58.45
N LEU F 174 -16.96 10.47 -58.72
CA LEU F 174 -15.79 11.02 -58.04
C LEU F 174 -14.75 11.40 -59.09
N THR F 175 -14.04 12.53 -58.91
CA THR F 175 -13.14 13.04 -59.93
C THR F 175 -11.84 12.23 -60.01
N SER F 176 -11.23 11.97 -58.84
CA SER F 176 -10.08 11.09 -58.66
C SER F 176 -10.17 10.40 -57.30
N SER F 177 -9.72 9.13 -57.24
CA SER F 177 -9.50 8.47 -55.96
C SER F 177 -8.20 8.99 -55.36
N PRO F 178 -8.16 9.40 -54.07
CA PRO F 178 -6.90 9.75 -53.42
C PRO F 178 -6.08 8.53 -53.03
N LEU F 179 -6.67 7.33 -53.08
CA LEU F 179 -6.03 6.06 -52.77
C LEU F 179 -5.90 5.23 -54.05
N TYR F 180 -4.71 4.67 -54.29
CA TYR F 180 -4.50 3.71 -55.36
C TYR F 180 -3.66 2.54 -54.85
N ILE F 181 -4.15 1.30 -55.00
CA ILE F 181 -3.48 0.13 -54.45
C ILE F 181 -3.13 -0.84 -55.58
N ILE F 182 -1.85 -1.27 -55.63
CA ILE F 182 -1.33 -2.18 -56.64
C ILE F 182 -0.40 -3.21 -56.00
N SER F 183 -0.34 -4.43 -56.56
CA SER F 183 0.64 -5.44 -56.19
C SER F 183 1.91 -5.31 -57.05
N ASN F 184 1.69 -4.98 -58.32
CA ASN F 184 2.73 -4.79 -59.32
C ASN F 184 3.31 -3.38 -59.21
N THR F 185 4.58 -3.27 -58.82
CA THR F 185 5.24 -1.97 -58.80
C THR F 185 5.77 -1.52 -60.17
N SER F 186 5.88 -2.43 -61.14
CA SER F 186 6.36 -2.12 -62.49
C SER F 186 5.53 -1.03 -63.18
N ILE F 187 4.24 -0.96 -62.82
CA ILE F 187 3.26 -0.01 -63.33
C ILE F 187 3.66 1.45 -63.06
N VAL F 188 4.36 1.72 -61.95
CA VAL F 188 4.63 3.05 -61.43
C VAL F 188 5.39 3.93 -62.42
N ALA F 189 6.32 3.36 -63.20
CA ALA F 189 7.07 4.09 -64.22
C ALA F 189 6.16 4.74 -65.27
N SER F 190 5.01 4.13 -65.55
CA SER F 190 4.04 4.63 -66.53
C SER F 190 3.06 5.66 -65.95
N LYS F 191 3.12 5.88 -64.62
CA LYS F 191 2.17 6.71 -63.88
C LYS F 191 2.91 7.67 -62.95
N PRO F 192 3.60 8.69 -63.49
CA PRO F 192 4.57 9.48 -62.73
C PRO F 192 4.01 10.26 -61.55
N TRP F 193 2.69 10.52 -61.52
CA TRP F 193 2.04 11.13 -60.36
C TRP F 193 2.16 10.26 -59.10
N LEU F 194 2.29 8.94 -59.25
CA LEU F 194 2.51 8.02 -58.13
C LEU F 194 3.94 8.08 -57.58
N LYS F 195 4.88 8.75 -58.26
CA LYS F 195 6.27 8.81 -57.82
C LYS F 195 6.43 9.63 -56.55
N ASN F 196 5.66 10.72 -56.43
CA ASN F 196 5.89 11.74 -55.42
C ASN F 196 4.91 11.70 -54.24
N ASP F 197 3.72 11.13 -54.43
CA ASP F 197 2.76 11.00 -53.32
C ASP F 197 3.18 9.90 -52.32
N ASN F 198 2.49 9.83 -51.17
CA ASN F 198 2.93 9.00 -50.06
C ASN F 198 2.63 7.53 -50.31
N VAL F 199 3.56 6.63 -49.98
CA VAL F 199 3.38 5.20 -50.23
C VAL F 199 3.73 4.37 -48.99
N PHE F 200 2.87 3.38 -48.68
CA PHE F 200 3.14 2.37 -47.67
C PHE F 200 2.72 1.01 -48.21
N THR F 201 3.19 -0.08 -47.56
CA THR F 201 2.89 -1.42 -48.03
C THR F 201 2.27 -2.27 -46.93
N PHE F 202 1.46 -3.25 -47.34
CA PHE F 202 0.90 -4.23 -46.44
C PHE F 202 0.78 -5.57 -47.15
N ASN F 203 0.84 -6.66 -46.37
CA ASN F 203 0.74 -8.00 -46.93
C ASN F 203 -0.59 -8.63 -46.52
N ILE F 204 -1.21 -9.37 -47.45
CA ILE F 204 -2.29 -10.30 -47.14
C ILE F 204 -1.86 -11.69 -47.60
N SER F 205 -2.51 -12.75 -47.10
CA SER F 205 -2.21 -14.11 -47.54
C SER F 205 -3.33 -14.65 -48.44
N VAL F 206 -2.96 -15.19 -49.61
CA VAL F 206 -3.89 -15.74 -50.59
C VAL F 206 -3.32 -17.08 -51.07
N ASN F 207 -4.13 -18.15 -51.04
CA ASN F 207 -3.64 -19.50 -51.28
C ASN F 207 -2.35 -19.75 -50.48
N GLY F 208 -2.38 -19.37 -49.18
CA GLY F 208 -1.25 -19.48 -48.26
C GLY F 208 0.03 -18.74 -48.67
N THR F 209 -0.04 -17.89 -49.69
CA THR F 209 1.09 -17.14 -50.24
C THR F 209 0.96 -15.67 -49.83
N GLU F 210 2.05 -15.06 -49.34
CA GLU F 210 2.07 -13.63 -49.03
C GLU F 210 2.03 -12.79 -50.31
N VAL F 211 1.03 -11.90 -50.39
CA VAL F 211 0.91 -10.93 -51.48
C VAL F 211 1.14 -9.55 -50.88
N GLU F 212 2.19 -8.85 -51.34
CA GLU F 212 2.41 -7.47 -50.91
C GLU F 212 1.64 -6.49 -51.80
N TYR F 213 0.91 -5.58 -51.17
CA TYR F 213 0.26 -4.47 -51.83
C TYR F 213 0.92 -3.15 -51.42
N TYR F 214 1.04 -2.27 -52.40
CA TYR F 214 1.58 -0.93 -52.28
C TYR F 214 0.41 0.04 -52.38
N ALA F 215 0.21 0.84 -51.33
CA ALA F 215 -0.88 1.81 -51.26
C ALA F 215 -0.31 3.22 -51.46
N TYR F 216 -0.76 3.89 -52.51
CA TYR F 216 -0.36 5.24 -52.87
C TYR F 216 -1.45 6.21 -52.43
N VAL F 217 -1.07 7.25 -51.67
CA VAL F 217 -2.00 8.16 -51.03
C VAL F 217 -1.69 9.61 -51.43
N ASN F 218 -2.65 10.23 -52.11
CA ASN F 218 -2.57 11.51 -52.80
C ASN F 218 -2.56 12.69 -51.81
N LYS F 219 -3.34 12.56 -50.71
CA LYS F 219 -3.59 13.61 -49.72
C LYS F 219 -3.99 12.95 -48.39
N THR F 220 -3.84 13.65 -47.26
CA THR F 220 -4.28 13.08 -45.99
C THR F 220 -5.81 12.98 -45.97
N PHE F 221 -6.33 11.77 -45.74
CA PHE F 221 -7.78 11.55 -45.67
C PHE F 221 -8.11 10.47 -44.63
N ALA F 222 -9.36 10.48 -44.18
CA ALA F 222 -9.87 9.47 -43.26
C ALA F 222 -11.05 8.74 -43.90
N PHE F 223 -11.19 7.47 -43.55
CA PHE F 223 -12.38 6.70 -43.87
C PHE F 223 -12.82 5.88 -42.68
N THR F 224 -14.08 5.43 -42.71
CA THR F 224 -14.62 4.57 -41.66
C THR F 224 -15.12 3.27 -42.26
N TYR F 225 -15.12 2.20 -41.45
CA TYR F 225 -15.63 0.91 -41.87
C TYR F 225 -16.18 0.14 -40.68
N PRO F 226 -17.12 -0.81 -40.89
CA PRO F 226 -17.70 -1.55 -39.77
C PRO F 226 -16.78 -2.65 -39.25
N VAL F 227 -16.74 -2.81 -37.93
CA VAL F 227 -15.89 -3.79 -37.25
C VAL F 227 -16.73 -4.86 -36.51
N SER F 228 -17.84 -4.46 -35.86
CA SER F 228 -18.83 -5.41 -35.34
C SER F 228 -20.16 -4.72 -35.07
N GLY F 229 -21.22 -5.51 -34.85
CA GLY F 229 -22.51 -4.98 -34.43
C GLY F 229 -23.17 -4.04 -35.43
N PHE F 230 -22.76 -4.13 -36.70
CA PHE F 230 -23.28 -3.27 -37.76
C PHE F 230 -24.16 -4.04 -38.74
N PRO F 231 -25.50 -4.08 -38.54
CA PRO F 231 -26.42 -4.66 -39.52
C PRO F 231 -26.91 -3.68 -40.58
N LEU F 232 -26.66 -2.37 -40.40
CA LEU F 232 -27.26 -1.32 -41.22
C LEU F 232 -26.46 -1.02 -42.49
N ALA F 233 -25.93 -2.06 -43.16
CA ALA F 233 -25.13 -1.88 -44.37
C ALA F 233 -25.92 -1.11 -45.45
N GLY F 234 -25.28 -0.06 -45.99
CA GLY F 234 -25.91 0.89 -46.90
C GLY F 234 -26.16 2.27 -46.30
N SER F 235 -26.15 2.41 -44.96
CA SER F 235 -26.78 3.56 -44.29
C SER F 235 -25.83 4.71 -43.88
N ASP F 236 -24.55 4.43 -43.60
CA ASP F 236 -23.64 5.32 -42.85
C ASP F 236 -24.05 5.59 -41.38
N ILE F 237 -24.98 4.82 -40.80
CA ILE F 237 -25.36 5.03 -39.40
C ILE F 237 -24.70 3.95 -38.53
N ALA F 238 -23.99 4.36 -37.49
CA ALA F 238 -23.50 3.43 -36.47
C ALA F 238 -24.58 3.24 -35.40
N PRO F 239 -25.25 2.07 -35.30
CA PRO F 239 -26.26 1.86 -34.27
C PRO F 239 -25.61 1.64 -32.91
N ALA F 240 -26.38 1.82 -31.84
CA ALA F 240 -25.88 1.57 -30.49
C ALA F 240 -25.44 0.10 -30.35
N GLY F 241 -24.23 -0.12 -29.81
CA GLY F 241 -23.65 -1.45 -29.74
C GLY F 241 -22.98 -1.93 -31.03
N SER F 242 -22.72 -1.02 -31.98
CA SER F 242 -21.82 -1.28 -33.11
C SER F 242 -20.42 -0.79 -32.80
N VAL F 243 -19.43 -1.26 -33.56
CA VAL F 243 -18.03 -0.88 -33.41
C VAL F 243 -17.52 -0.52 -34.81
N ILE F 244 -16.94 0.68 -34.95
CA ILE F 244 -16.57 1.27 -36.23
C ILE F 244 -15.07 1.54 -36.25
N GLY F 245 -14.37 1.02 -37.26
CA GLY F 245 -12.97 1.36 -37.45
C GLY F 245 -12.87 2.71 -38.15
N VAL F 246 -11.96 3.56 -37.67
CA VAL F 246 -11.62 4.84 -38.28
C VAL F 246 -10.16 4.75 -38.68
N MET F 247 -9.84 5.06 -39.93
CA MET F 247 -8.47 5.00 -40.38
C MET F 247 -8.11 6.28 -41.12
N ILE F 248 -6.97 6.86 -40.77
CA ILE F 248 -6.42 8.06 -41.36
C ILE F 248 -5.18 7.65 -42.14
N LEU F 249 -5.14 7.92 -43.45
CA LEU F 249 -3.95 7.69 -44.26
C LEU F 249 -3.31 9.02 -44.56
N PHE F 250 -2.01 9.17 -44.29
CA PHE F 250 -1.32 10.43 -44.50
C PHE F 250 -0.90 10.62 -45.95
N GLY F 251 -1.10 11.84 -46.47
CA GLY F 251 -0.59 12.24 -47.77
C GLY F 251 0.83 12.77 -47.69
N PRO F 252 1.47 13.16 -48.82
CA PRO F 252 2.88 13.55 -48.83
C PRO F 252 3.20 14.79 -48.02
N GLY F 253 2.20 15.65 -47.76
CA GLY F 253 2.32 16.79 -46.84
C GLY F 253 2.57 16.35 -45.40
N GLU F 254 1.54 15.76 -44.78
CA GLU F 254 1.61 15.37 -43.36
C GLU F 254 2.56 14.19 -43.11
N ALA F 255 2.85 13.38 -44.13
CA ALA F 255 3.76 12.25 -44.02
C ALA F 255 5.22 12.65 -43.78
N THR F 256 5.60 13.91 -44.07
CA THR F 256 6.97 14.34 -44.36
C THR F 256 8.01 13.99 -43.30
N ASN F 257 7.65 14.05 -42.01
CA ASN F 257 8.44 13.43 -40.95
C ASN F 257 7.54 12.96 -39.80
N VAL F 258 8.01 11.96 -39.05
CA VAL F 258 7.24 11.25 -38.03
C VAL F 258 6.89 12.15 -36.84
N PHE F 259 5.74 11.90 -36.19
CA PHE F 259 5.38 12.58 -34.95
C PHE F 259 6.26 12.10 -33.81
N GLN F 260 7.02 13.01 -33.18
CA GLN F 260 7.81 12.70 -31.99
C GLN F 260 7.81 13.90 -31.06
N TYR F 261 7.63 13.67 -29.74
CA TYR F 261 7.65 14.74 -28.75
C TYR F 261 6.61 15.81 -29.10
N GLU F 262 5.43 15.35 -29.53
CA GLU F 262 4.39 16.20 -30.11
C GLU F 262 3.02 15.73 -29.65
N THR F 263 2.05 16.66 -29.58
CA THR F 263 0.67 16.28 -29.31
C THR F 263 -0.12 16.26 -30.61
N VAL F 264 -0.77 15.13 -30.88
CA VAL F 264 -1.70 14.98 -32.00
C VAL F 264 -3.12 14.92 -31.46
N THR F 265 -4.01 15.73 -32.04
CA THR F 265 -5.42 15.77 -31.70
C THR F 265 -6.25 15.43 -32.93
N ILE F 266 -7.21 14.50 -32.77
CA ILE F 266 -8.19 14.14 -33.78
C ILE F 266 -9.55 14.47 -33.19
N GLN F 267 -10.45 15.05 -33.99
CA GLN F 267 -11.81 15.24 -33.48
C GLN F 267 -12.82 14.78 -34.53
N ILE F 268 -13.75 13.92 -34.10
CA ILE F 268 -14.85 13.49 -34.96
C ILE F 268 -16.09 14.26 -34.53
N THR F 269 -16.69 15.00 -35.46
CA THR F 269 -17.84 15.83 -35.16
C THR F 269 -19.01 15.44 -36.06
N PRO F 270 -19.91 14.53 -35.60
CA PRO F 270 -21.13 14.23 -36.35
C PRO F 270 -22.12 15.40 -36.28
N ASN F 271 -23.16 15.33 -37.10
CA ASN F 271 -24.12 16.41 -37.28
C ASN F 271 -25.09 16.60 -36.10
N ILE F 272 -25.20 15.58 -35.22
CA ILE F 272 -26.00 15.63 -34.00
C ILE F 272 -25.15 15.05 -32.88
N GLY F 273 -25.21 15.66 -31.69
CA GLY F 273 -24.50 15.16 -30.52
C GLY F 273 -23.09 15.71 -30.37
N SER F 274 -22.48 15.44 -29.21
CA SER F 274 -21.16 15.94 -28.87
C SER F 274 -20.08 15.31 -29.74
N PRO F 275 -19.05 16.07 -30.16
CA PRO F 275 -17.91 15.49 -30.88
C PRO F 275 -17.05 14.64 -29.96
N LEU F 276 -16.31 13.70 -30.55
CA LEU F 276 -15.33 12.92 -29.84
C LEU F 276 -13.95 13.52 -30.11
N THR F 277 -13.28 13.99 -29.05
CA THR F 277 -11.95 14.57 -29.16
C THR F 277 -10.92 13.61 -28.58
N ILE F 278 -9.94 13.24 -29.41
CA ILE F 278 -8.91 12.26 -29.11
C ILE F 278 -7.58 13.01 -29.10
N SER F 279 -6.78 12.88 -28.02
CA SER F 279 -5.47 13.52 -27.94
C SER F 279 -4.41 12.58 -27.37
N GLN F 280 -3.25 12.52 -28.04
CA GLN F 280 -2.10 11.77 -27.57
C GLN F 280 -0.85 12.64 -27.64
N TYR F 281 -0.05 12.66 -26.58
CA TYR F 281 1.34 13.03 -26.74
C TYR F 281 2.11 11.81 -27.25
N ILE F 282 2.80 11.96 -28.37
CA ILE F 282 3.46 10.85 -29.05
C ILE F 282 4.95 10.89 -28.73
N TYR F 283 5.42 9.86 -28.01
CA TYR F 283 6.83 9.56 -27.93
C TYR F 283 7.30 8.91 -29.24
N GLN F 284 8.62 8.80 -29.41
CA GLN F 284 9.21 8.10 -30.55
C GLN F 284 8.51 6.75 -30.80
N PRO F 285 8.07 6.45 -32.05
CA PRO F 285 7.35 5.21 -32.33
C PRO F 285 8.30 4.01 -32.35
N ASP F 286 7.85 2.91 -31.74
CA ASP F 286 8.71 1.81 -31.32
C ASP F 286 8.64 0.55 -32.18
N GLY F 287 7.75 0.53 -33.19
CA GLY F 287 7.60 -0.59 -34.12
C GLY F 287 6.92 -0.18 -35.42
N LYS F 288 6.76 -1.13 -36.37
CA LYS F 288 6.08 -0.91 -37.64
C LYS F 288 4.69 -0.30 -37.42
N VAL F 289 4.00 -0.81 -36.39
CA VAL F 289 2.86 -0.16 -35.77
C VAL F 289 3.25 0.11 -34.31
N THR F 290 2.76 1.22 -33.73
CA THR F 290 2.98 1.53 -32.33
C THR F 290 1.65 1.94 -31.69
N VAL F 291 1.44 1.55 -30.42
CA VAL F 291 0.27 1.96 -29.67
C VAL F 291 0.55 3.33 -29.05
N ILE F 292 -0.16 4.37 -29.53
CA ILE F 292 0.08 5.73 -29.06
C ILE F 292 -0.92 6.18 -28.01
N GLY F 293 -2.08 5.51 -27.91
CA GLY F 293 -3.14 5.89 -26.98
C GLY F 293 -4.14 4.78 -26.73
N LEU G 1 -73.89 56.63 -33.22
CA LEU G 1 -73.40 56.82 -31.83
C LEU G 1 -72.80 55.51 -31.31
N ALA G 2 -73.47 54.38 -31.57
CA ALA G 2 -73.05 53.13 -30.96
C ALA G 2 -71.55 52.90 -31.19
N GLY G 3 -71.02 53.34 -32.35
CA GLY G 3 -69.61 53.21 -32.69
C GLY G 3 -68.74 54.36 -32.18
N LEU G 4 -69.26 55.59 -32.22
CA LEU G 4 -68.50 56.77 -31.83
C LEU G 4 -67.97 56.61 -30.40
N ASP G 5 -68.86 56.30 -29.44
CA ASP G 5 -68.49 56.07 -28.06
C ASP G 5 -67.65 54.79 -27.94
N THR G 6 -68.00 53.77 -28.74
CA THR G 6 -67.29 52.49 -28.77
C THR G 6 -65.87 52.71 -29.31
N ALA G 7 -65.67 53.74 -30.14
CA ALA G 7 -64.38 54.10 -30.71
C ALA G 7 -63.52 54.81 -29.66
N ILE G 8 -64.16 55.43 -28.65
CA ILE G 8 -63.46 56.09 -27.56
C ILE G 8 -62.86 55.05 -26.62
N ILE G 9 -63.54 53.92 -26.42
CA ILE G 9 -63.11 52.86 -25.51
C ILE G 9 -62.02 52.00 -26.15
N LEU G 10 -62.03 51.91 -27.49
CA LEU G 10 -60.99 51.21 -28.23
C LEU G 10 -59.67 51.99 -28.19
N ILE G 11 -59.66 53.28 -28.56
CA ILE G 11 -58.50 54.15 -28.46
C ILE G 11 -57.85 54.06 -27.07
N ALA G 12 -58.64 54.23 -26.02
CA ALA G 12 -58.17 54.24 -24.64
C ALA G 12 -57.59 52.88 -24.22
N PHE G 13 -58.25 51.78 -24.56
CA PHE G 13 -57.80 50.44 -24.20
C PHE G 13 -56.53 50.06 -24.96
N ILE G 14 -56.36 50.51 -26.21
CA ILE G 14 -55.12 50.34 -26.96
C ILE G 14 -53.97 51.01 -26.22
N ILE G 15 -54.13 52.29 -25.84
CA ILE G 15 -53.14 53.06 -25.12
C ILE G 15 -52.78 52.36 -23.81
N THR G 16 -53.80 51.86 -23.08
CA THR G 16 -53.64 51.15 -21.83
C THR G 16 -52.79 49.87 -21.99
N ALA G 17 -53.07 49.07 -23.01
CA ALA G 17 -52.29 47.87 -23.34
C ALA G 17 -50.86 48.22 -23.80
N ALA G 18 -50.71 49.27 -24.62
CA ALA G 18 -49.41 49.76 -25.08
C ALA G 18 -48.52 50.20 -23.91
N VAL G 19 -49.12 50.81 -22.87
CA VAL G 19 -48.44 51.18 -21.63
C VAL G 19 -47.93 49.94 -20.88
N LEU G 20 -48.73 48.87 -20.78
CA LEU G 20 -48.22 47.63 -20.20
C LEU G 20 -47.10 47.04 -21.06
N ALA G 21 -47.27 47.01 -22.38
CA ALA G 21 -46.25 46.55 -23.30
C ALA G 21 -44.92 47.28 -23.09
N TYR G 22 -44.96 48.61 -23.03
CA TYR G 22 -43.82 49.49 -22.77
C TYR G 22 -43.11 49.10 -21.47
N VAL G 23 -43.86 48.96 -20.38
CA VAL G 23 -43.33 48.64 -19.06
C VAL G 23 -42.75 47.22 -19.00
N ALA G 24 -43.49 46.23 -19.50
CA ALA G 24 -43.09 44.82 -19.47
C ALA G 24 -41.82 44.57 -20.28
N VAL G 25 -41.70 45.16 -21.48
CA VAL G 25 -40.52 45.01 -22.31
C VAL G 25 -39.30 45.67 -21.66
N ASN G 26 -39.44 46.92 -21.17
CA ASN G 26 -38.38 47.61 -20.45
C ASN G 26 -37.90 46.80 -19.25
N MET G 27 -38.85 46.33 -18.43
CA MET G 27 -38.50 45.63 -17.20
C MET G 27 -37.94 44.23 -17.46
N GLY G 28 -38.36 43.56 -18.54
CA GLY G 28 -37.75 42.33 -19.02
C GLY G 28 -36.31 42.55 -19.48
N LEU G 29 -36.05 43.62 -20.26
CA LEU G 29 -34.69 43.98 -20.63
C LEU G 29 -33.82 44.24 -19.39
N PHE G 30 -34.36 44.96 -18.40
CA PHE G 30 -33.68 45.19 -17.13
C PHE G 30 -33.35 43.87 -16.41
N VAL G 31 -34.35 43.05 -16.10
CA VAL G 31 -34.16 41.86 -15.26
C VAL G 31 -33.28 40.82 -15.96
N THR G 32 -33.42 40.64 -17.27
CA THR G 32 -32.56 39.71 -18.01
C THR G 32 -31.10 40.15 -17.98
N GLN G 33 -30.83 41.47 -17.98
CA GLN G 33 -29.47 41.95 -17.82
C GLN G 33 -28.93 41.79 -16.39
N LYS G 34 -29.79 41.97 -15.36
CA LYS G 34 -29.44 41.63 -13.98
C LYS G 34 -29.09 40.14 -13.86
N ALA G 35 -29.83 39.27 -14.57
CA ALA G 35 -29.53 37.85 -14.66
C ALA G 35 -28.17 37.60 -15.34
N LYS G 36 -27.91 38.22 -16.51
CA LYS G 36 -26.62 38.13 -17.19
C LYS G 36 -25.45 38.46 -16.25
N THR G 37 -25.54 39.60 -15.57
CA THR G 37 -24.54 40.07 -14.62
C THR G 37 -24.36 39.07 -13.48
N THR G 38 -25.47 38.58 -12.92
CA THR G 38 -25.47 37.62 -11.82
C THR G 38 -24.79 36.31 -12.23
N ILE G 39 -25.13 35.78 -13.42
CA ILE G 39 -24.52 34.56 -13.96
C ILE G 39 -23.00 34.73 -14.07
N ASN G 40 -22.54 35.87 -14.59
CA ASN G 40 -21.13 36.20 -14.65
C ASN G 40 -20.47 36.19 -13.27
N LYS G 41 -21.04 36.91 -12.29
CA LYS G 41 -20.53 36.97 -10.93
C LYS G 41 -20.54 35.60 -10.24
N GLY G 42 -21.51 34.73 -10.56
CA GLY G 42 -21.57 33.37 -10.06
C GLY G 42 -20.42 32.51 -10.57
N GLU G 43 -20.12 32.59 -11.87
CA GLU G 43 -18.96 31.91 -12.44
C GLU G 43 -17.67 32.46 -11.84
N GLU G 44 -17.49 33.78 -11.78
CA GLU G 44 -16.32 34.40 -11.16
C GLU G 44 -16.13 33.93 -9.72
N THR G 45 -17.22 33.79 -8.96
CA THR G 45 -17.18 33.32 -7.58
C THR G 45 -16.75 31.85 -7.49
N ALA G 46 -17.13 31.02 -8.48
CA ALA G 46 -16.74 29.63 -8.53
C ALA G 46 -15.29 29.44 -9.03
N SER G 47 -14.81 30.31 -9.93
CA SER G 47 -13.48 30.19 -10.52
C SER G 47 -12.39 30.84 -9.67
N THR G 48 -12.61 32.06 -9.17
CA THR G 48 -11.59 32.79 -8.42
C THR G 48 -11.33 32.16 -7.04
N ALA G 49 -10.06 31.84 -6.77
CA ALA G 49 -9.60 31.31 -5.49
C ALA G 49 -8.08 31.40 -5.40
N LEU G 50 -7.52 31.37 -4.18
CA LEU G 50 -6.08 31.33 -3.97
C LEU G 50 -5.68 29.98 -3.40
N SER G 51 -4.51 29.47 -3.80
CA SER G 51 -3.88 28.30 -3.20
C SER G 51 -2.63 28.73 -2.45
N LEU G 52 -2.35 28.07 -1.32
CA LEU G 52 -1.04 28.16 -0.70
C LEU G 52 -0.04 27.44 -1.60
N SER G 53 0.96 28.17 -2.13
CA SER G 53 1.88 27.66 -3.13
C SER G 53 3.35 27.80 -2.70
N GLY G 54 3.56 27.63 -1.39
CA GLY G 54 4.87 27.49 -0.79
C GLY G 54 4.73 26.99 0.64
N ASN G 55 5.86 26.77 1.33
CA ASN G 55 5.79 26.49 2.75
C ASN G 55 5.48 27.77 3.55
N VAL G 56 4.95 27.60 4.76
CA VAL G 56 4.73 28.69 5.69
C VAL G 56 5.94 28.76 6.62
N LEU G 57 6.62 29.91 6.60
CA LEU G 57 7.84 30.16 7.36
C LEU G 57 7.51 31.04 8.55
N TYR G 58 8.06 30.73 9.72
CA TYR G 58 7.82 31.47 10.94
C TYR G 58 9.16 31.86 11.58
N ALA G 59 9.31 33.13 11.98
CA ALA G 59 10.56 33.66 12.52
C ALA G 59 10.38 34.14 13.95
N VAL G 60 11.38 33.85 14.81
CA VAL G 60 11.34 34.12 16.25
C VAL G 60 12.76 34.47 16.73
N ASN G 61 12.88 35.00 17.95
CA ASN G 61 14.17 35.33 18.56
C ASN G 61 14.93 34.09 19.05
N TYR G 62 15.16 33.15 18.12
CA TYR G 62 15.83 31.89 18.38
C TYR G 62 17.27 32.12 18.85
N PRO G 63 17.83 31.31 19.78
CA PRO G 63 17.15 30.18 20.42
C PRO G 63 16.26 30.51 21.61
N THR G 64 16.27 31.78 22.07
CA THR G 64 15.63 32.17 23.32
C THR G 64 14.10 32.01 23.29
N ASN G 65 13.48 32.15 22.12
CA ASN G 65 12.05 31.89 21.87
C ASN G 65 11.10 32.67 22.80
N THR G 66 11.52 33.83 23.30
CA THR G 66 10.65 34.68 24.10
C THR G 66 9.80 35.62 23.24
N LYS G 67 10.12 35.80 21.95
CA LYS G 67 9.49 36.84 21.13
C LYS G 67 9.35 36.42 19.66
N SER G 68 8.27 36.88 19.02
CA SER G 68 7.83 36.44 17.70
C SER G 68 7.98 37.57 16.67
N TYR G 69 8.54 37.29 15.49
CA TYR G 69 8.96 38.33 14.56
C TYR G 69 8.03 38.46 13.34
N TRP G 70 7.95 37.39 12.52
CA TRP G 70 7.13 37.42 11.32
C TRP G 70 6.73 36.03 10.85
N MET G 71 5.70 35.97 10.00
CA MET G 71 5.38 34.79 9.20
C MET G 71 5.40 35.18 7.73
N TYR G 72 5.89 34.27 6.89
CA TYR G 72 5.95 34.46 5.45
C TYR G 72 5.34 33.23 4.78
N PHE G 73 4.54 33.43 3.72
CA PHE G 73 4.08 32.34 2.89
C PHE G 73 3.74 32.86 1.49
N THR G 74 3.55 31.94 0.55
CA THR G 74 3.38 32.31 -0.85
C THR G 74 2.00 31.82 -1.31
N VAL G 75 1.29 32.63 -2.09
CA VAL G 75 -0.02 32.25 -2.63
C VAL G 75 -0.06 32.50 -4.14
N SER G 76 -0.94 31.78 -4.84
CA SER G 76 -1.15 31.98 -6.27
C SER G 76 -2.59 31.61 -6.61
N PRO G 77 -3.22 32.22 -7.64
CA PRO G 77 -4.56 31.79 -8.06
C PRO G 77 -4.63 30.31 -8.38
N SER G 78 -5.68 29.66 -7.88
CA SER G 78 -5.84 28.20 -7.91
C SER G 78 -5.95 27.67 -9.33
N SER G 79 -5.18 26.62 -9.65
CA SER G 79 -5.32 25.83 -10.87
C SER G 79 -5.23 26.68 -12.15
N GLY G 80 -4.65 27.89 -12.07
CA GLY G 80 -4.45 28.79 -13.20
C GLY G 80 -5.73 29.28 -13.91
N VAL G 81 -6.88 29.31 -13.21
CA VAL G 81 -8.15 29.52 -13.91
C VAL G 81 -8.48 30.99 -14.16
N SER G 82 -8.24 31.87 -13.17
CA SER G 82 -8.62 33.28 -13.25
C SER G 82 -7.84 34.15 -12.26
N SER G 83 -7.86 35.48 -12.46
CA SER G 83 -7.13 36.46 -11.66
C SER G 83 -7.84 36.79 -10.34
N VAL G 84 -7.08 37.25 -9.32
CA VAL G 84 -7.61 37.61 -8.01
C VAL G 84 -7.22 39.04 -7.65
N ASP G 85 -8.20 39.89 -7.30
CA ASP G 85 -7.95 41.22 -6.73
C ASP G 85 -7.39 41.07 -5.32
N LEU G 86 -6.19 41.59 -5.06
CA LEU G 86 -5.57 41.59 -3.75
C LEU G 86 -5.38 42.99 -3.18
N SER G 87 -6.18 43.99 -3.60
CA SER G 87 -6.02 45.33 -3.06
C SER G 87 -6.30 45.36 -1.56
N PRO G 88 -5.46 45.99 -0.71
CA PRO G 88 -5.67 45.95 0.74
C PRO G 88 -6.87 46.76 1.24
N SER G 89 -7.50 47.56 0.37
CA SER G 89 -8.77 48.20 0.68
C SER G 89 -9.94 47.22 0.59
N THR G 90 -9.92 46.32 -0.41
CA THR G 90 -11.01 45.39 -0.67
C THR G 90 -10.84 44.06 0.07
N THR G 91 -9.61 43.55 0.14
CA THR G 91 -9.28 42.25 0.72
C THR G 91 -9.06 42.36 2.22
N ALA G 92 -9.41 41.31 2.98
CA ALA G 92 -9.00 41.20 4.38
C ALA G 92 -8.04 40.02 4.56
N ILE G 93 -7.08 40.15 5.48
CA ILE G 93 -6.35 38.99 5.97
C ILE G 93 -6.59 38.94 7.48
N SER G 94 -7.25 37.87 7.96
CA SER G 94 -7.44 37.67 9.39
C SER G 94 -6.33 36.79 9.96
N PHE G 95 -6.10 36.91 11.26
CA PHE G 95 -5.11 36.10 11.96
C PHE G 95 -5.68 35.71 13.32
N THR G 96 -5.75 34.41 13.63
CA THR G 96 -6.22 33.96 14.94
C THR G 96 -5.31 32.89 15.53
N ALA G 97 -4.91 33.08 16.79
CA ALA G 97 -4.29 32.04 17.60
C ALA G 97 -5.27 31.75 18.75
N ALA G 98 -6.22 30.85 18.48
CA ALA G 98 -7.45 30.71 19.27
C ALA G 98 -7.16 30.34 20.73
N SER G 99 -6.16 29.47 20.95
CA SER G 99 -5.74 28.99 22.26
C SER G 99 -5.46 30.14 23.24
N ARG G 100 -4.76 31.18 22.76
CA ARG G 100 -4.38 32.35 23.55
C ARG G 100 -5.36 33.52 23.40
N GLY G 101 -6.47 33.31 22.69
CA GLY G 101 -7.52 34.32 22.55
C GLY G 101 -7.18 35.48 21.60
N VAL G 102 -6.09 35.36 20.84
CA VAL G 102 -5.73 36.35 19.83
C VAL G 102 -6.60 36.16 18.59
N SER G 103 -7.28 37.23 18.18
CA SER G 103 -8.13 37.20 17.00
C SER G 103 -8.14 38.59 16.37
N LEU G 104 -7.54 38.70 15.18
CA LEU G 104 -7.45 39.94 14.44
C LEU G 104 -8.26 39.76 13.16
N SER G 105 -9.31 40.57 12.99
CA SER G 105 -10.24 40.39 11.88
C SER G 105 -9.66 40.89 10.55
N ASN G 106 -8.80 41.91 10.58
CA ASN G 106 -8.11 42.33 9.37
C ASN G 106 -6.78 43.01 9.70
N ILE G 107 -5.68 42.39 9.26
CA ILE G 107 -4.31 42.89 9.44
C ILE G 107 -3.70 43.36 8.12
N TYR G 108 -4.40 43.22 6.99
CA TYR G 108 -3.82 43.51 5.68
C TYR G 108 -3.85 45.01 5.40
N GLN G 109 -2.67 45.62 5.15
CA GLN G 109 -2.58 47.06 5.05
C GLN G 109 -1.98 47.55 3.72
N PHE G 110 -0.99 46.83 3.17
CA PHE G 110 -0.17 47.36 2.08
C PHE G 110 0.14 46.31 1.02
N SER G 111 0.40 46.77 -0.20
CA SER G 111 0.87 45.86 -1.24
C SER G 111 1.92 46.53 -2.12
N LEU G 112 2.99 45.79 -2.43
CA LEU G 112 3.97 46.21 -3.42
C LEU G 112 3.51 45.86 -4.83
N LEU G 113 2.37 45.19 -5.02
CA LEU G 113 1.77 45.00 -6.34
C LEU G 113 1.39 46.33 -6.98
N SER G 114 1.06 47.35 -6.17
CA SER G 114 0.77 48.72 -6.57
C SER G 114 2.02 49.48 -7.07
N VAL G 115 3.23 48.97 -6.79
CA VAL G 115 4.45 49.75 -6.84
C VAL G 115 5.28 49.39 -8.07
N LEU G 116 5.61 50.41 -8.89
CA LEU G 116 6.50 50.21 -10.04
C LEU G 116 7.95 50.16 -9.58
N PRO G 117 8.85 49.40 -10.25
CA PRO G 117 10.27 49.34 -9.87
C PRO G 117 10.94 50.70 -9.73
N SER G 118 10.62 51.66 -10.61
CA SER G 118 11.15 53.02 -10.58
C SER G 118 10.79 53.81 -9.31
N GLN G 119 9.79 53.33 -8.54
CA GLN G 119 9.39 53.97 -7.29
C GLN G 119 10.24 53.50 -6.11
N VAL G 120 11.03 52.42 -6.26
CA VAL G 120 11.79 51.82 -5.15
C VAL G 120 13.28 51.62 -5.47
N ASN G 121 13.63 51.27 -6.71
CA ASN G 121 15.01 51.10 -7.11
C ASN G 121 15.75 52.45 -7.07
N ASN G 122 17.01 52.43 -6.61
CA ASN G 122 17.86 53.61 -6.46
C ASN G 122 17.29 54.67 -5.50
N LYS G 123 16.37 54.29 -4.60
CA LYS G 123 15.73 55.26 -3.68
C LYS G 123 16.01 54.97 -2.20
N VAL G 124 16.61 53.81 -1.91
CA VAL G 124 17.30 53.56 -0.63
C VAL G 124 18.76 53.23 -0.92
N GLN G 125 19.66 53.64 -0.01
CA GLN G 125 21.09 53.61 -0.26
C GLN G 125 21.87 53.35 1.02
N VAL G 126 23.05 52.74 0.90
CA VAL G 126 23.92 52.43 2.02
C VAL G 126 25.19 53.28 1.95
N LYS G 127 25.54 53.95 3.06
CA LYS G 127 26.83 54.62 3.20
C LYS G 127 27.86 53.65 3.79
N LEU G 128 28.65 53.01 2.92
CA LEU G 128 29.80 52.21 3.34
C LEU G 128 31.05 53.10 3.37
N GLY G 129 31.35 53.69 4.54
CA GLY G 129 32.40 54.70 4.65
C GLY G 129 32.11 55.91 3.77
N THR G 130 33.08 56.27 2.90
CA THR G 130 32.95 57.33 1.92
C THR G 130 31.94 56.99 0.83
N SER G 131 31.90 55.71 0.41
CA SER G 131 31.10 55.25 -0.73
C SER G 131 29.61 55.19 -0.40
N ILE G 132 28.75 55.54 -1.37
CA ILE G 132 27.30 55.43 -1.22
C ILE G 132 26.74 54.56 -2.35
N ILE G 133 26.06 53.47 -1.98
CA ILE G 133 25.58 52.48 -2.95
C ILE G 133 24.05 52.51 -3.01
N ASN G 134 23.52 52.75 -4.20
CA ASN G 134 22.10 52.66 -4.52
C ASN G 134 21.66 51.18 -4.57
N LEU G 135 20.59 50.82 -3.85
CA LEU G 135 20.08 49.46 -3.90
C LEU G 135 19.07 49.25 -5.03
N THR G 136 19.12 48.07 -5.65
CA THR G 136 18.07 47.58 -6.52
C THR G 136 17.27 46.52 -5.75
N LEU G 137 15.95 46.72 -5.64
CA LEU G 137 15.11 45.92 -4.76
C LEU G 137 14.05 45.16 -5.56
N ALA G 138 13.36 45.84 -6.48
CA ALA G 138 12.48 45.21 -7.45
C ALA G 138 13.30 44.75 -8.65
N PHE G 139 13.43 43.43 -8.82
CA PHE G 139 14.02 42.87 -10.03
C PHE G 139 12.97 42.80 -11.13
N SER G 140 13.42 42.72 -12.39
CA SER G 140 12.51 42.73 -13.52
C SER G 140 13.09 41.97 -14.72
N SER G 141 12.20 41.41 -15.56
CA SER G 141 12.56 40.72 -16.80
C SER G 141 11.44 40.87 -17.83
N ASN G 142 11.75 40.63 -19.11
CA ASN G 142 10.78 40.83 -20.18
C ASN G 142 10.37 39.51 -20.83
N SER G 143 9.07 39.35 -21.12
CA SER G 143 8.57 38.34 -22.05
C SER G 143 7.38 38.89 -22.83
N ALA G 144 7.35 38.66 -24.16
CA ALA G 144 6.26 39.09 -25.04
C ALA G 144 5.89 40.58 -24.87
N GLY G 145 6.90 41.43 -24.60
CA GLY G 145 6.69 42.87 -24.48
C GLY G 145 6.11 43.33 -23.14
N GLN G 146 5.89 42.39 -22.20
CA GLN G 146 5.50 42.71 -20.83
C GLN G 146 6.73 42.72 -19.93
N THR G 147 6.79 43.69 -18.99
CA THR G 147 7.80 43.65 -17.94
C THR G 147 7.22 42.96 -16.70
N TYR G 148 7.84 41.85 -16.31
CA TYR G 148 7.54 41.15 -15.08
C TYR G 148 8.32 41.80 -13.95
N VAL G 149 7.73 41.85 -12.74
CA VAL G 149 8.35 42.50 -11.59
C VAL G 149 8.26 41.55 -10.41
N TYR G 150 9.34 41.46 -9.61
CA TYR G 150 9.31 40.65 -8.41
C TYR G 150 10.38 41.10 -7.43
N TYR G 151 10.24 40.67 -6.16
CA TYR G 151 11.27 40.85 -5.14
C TYR G 151 11.88 39.49 -4.86
N SER G 152 13.22 39.42 -4.89
CA SER G 152 13.92 38.15 -4.81
C SER G 152 13.83 37.54 -3.41
N ASP G 153 13.68 38.39 -2.37
CA ASP G 153 13.54 37.90 -1.00
C ASP G 153 12.66 38.82 -0.15
N PRO G 154 12.18 38.38 1.03
CA PRO G 154 11.46 39.24 1.95
C PRO G 154 12.25 40.45 2.45
N ASN G 155 13.59 40.40 2.46
CA ASN G 155 14.41 41.52 2.91
C ASN G 155 14.32 42.70 1.96
N TYR G 156 14.47 42.47 0.66
CA TYR G 156 14.31 43.53 -0.32
C TYR G 156 12.86 44.02 -0.39
N ALA G 157 11.89 43.12 -0.18
CA ALA G 157 10.50 43.51 -0.05
C ALA G 157 10.28 44.43 1.15
N LEU G 158 10.86 44.11 2.32
CA LEU G 158 10.76 44.94 3.52
C LEU G 158 11.35 46.33 3.28
N LEU G 159 12.54 46.43 2.67
CA LEU G 159 13.16 47.71 2.40
C LEU G 159 12.33 48.54 1.41
N ALA G 160 11.81 47.91 0.36
CA ALA G 160 10.91 48.54 -0.61
C ALA G 160 9.62 49.05 0.07
N LEU G 161 9.10 48.31 1.04
CA LEU G 161 7.95 48.74 1.82
C LEU G 161 8.30 49.90 2.76
N ASN G 162 9.40 49.81 3.52
CA ASN G 162 9.85 50.92 4.36
C ASN G 162 9.91 52.22 3.56
N TYR G 163 10.54 52.17 2.37
CA TYR G 163 10.61 53.32 1.49
C TYR G 163 9.21 53.79 1.09
N THR G 164 8.41 52.89 0.53
CA THR G 164 7.06 53.20 0.05
C THR G 164 6.20 53.86 1.12
N LEU G 165 6.17 53.31 2.34
CA LEU G 165 5.34 53.84 3.41
C LEU G 165 5.90 55.16 3.96
N GLY G 166 7.22 55.29 4.12
CA GLY G 166 7.82 56.57 4.47
C GLY G 166 7.51 57.67 3.46
N GLN G 167 7.52 57.32 2.17
CA GLN G 167 7.18 58.20 1.08
C GLN G 167 5.69 58.58 1.08
N GLU G 168 4.80 57.65 1.45
CA GLU G 168 3.37 57.93 1.61
C GLU G 168 3.07 58.81 2.83
N VAL G 169 3.81 58.65 3.94
CA VAL G 169 3.73 59.56 5.08
C VAL G 169 4.20 60.96 4.68
N LYS G 170 5.35 61.04 3.97
CA LYS G 170 5.91 62.29 3.47
C LYS G 170 4.94 62.99 2.52
N GLY G 171 4.23 62.22 1.69
CA GLY G 171 3.18 62.73 0.81
C GLY G 171 1.83 62.99 1.48
N GLY G 172 1.70 62.77 2.79
CA GLY G 172 0.48 62.99 3.55
C GLY G 172 -0.67 62.01 3.26
N GLN G 173 -0.40 60.93 2.51
CA GLN G 173 -1.39 59.93 2.14
C GLN G 173 -1.67 58.94 3.28
N LEU G 174 -0.73 58.82 4.23
CA LEU G 174 -0.76 57.89 5.35
C LEU G 174 -0.35 58.65 6.62
N THR G 175 -1.00 58.38 7.76
CA THR G 175 -0.77 59.16 8.99
C THR G 175 0.57 58.82 9.63
N SER G 176 0.85 57.52 9.79
CA SER G 176 2.12 56.96 10.25
C SER G 176 2.38 55.63 9.55
N SER G 177 3.66 55.34 9.24
CA SER G 177 4.06 54.01 8.83
C SER G 177 4.13 53.12 10.07
N PRO G 178 3.53 51.90 10.07
CA PRO G 178 3.72 50.97 11.18
C PRO G 178 5.08 50.28 11.14
N LEU G 179 5.81 50.39 10.01
CA LEU G 179 7.14 49.82 9.83
C LEU G 179 8.17 50.94 9.73
N TYR G 180 9.28 50.81 10.47
CA TYR G 180 10.41 51.70 10.34
C TYR G 180 11.71 50.89 10.32
N ILE G 181 12.54 51.06 9.29
CA ILE G 181 13.75 50.26 9.12
C ILE G 181 14.98 51.17 9.10
N ILE G 182 15.98 50.85 9.96
CA ILE G 182 17.22 51.60 10.09
C ILE G 182 18.42 50.65 10.20
N SER G 183 19.59 51.08 9.71
CA SER G 183 20.85 50.37 9.92
C SER G 183 21.54 50.87 11.19
N ASN G 184 21.42 52.18 11.42
CA ASN G 184 21.98 52.87 12.57
C ASN G 184 21.05 52.72 13.77
N THR G 185 21.50 52.01 14.82
CA THR G 185 20.72 51.92 16.06
C THR G 185 20.89 53.13 16.98
N SER G 186 21.92 53.96 16.78
CA SER G 186 22.18 55.16 17.59
C SER G 186 20.98 56.11 17.61
N ILE G 187 20.22 56.12 16.51
CA ILE G 187 19.04 56.95 16.29
C ILE G 187 17.95 56.71 17.36
N VAL G 188 17.84 55.48 17.86
CA VAL G 188 16.73 55.00 18.70
C VAL G 188 16.57 55.81 19.98
N ALA G 189 17.67 56.27 20.58
CA ALA G 189 17.63 57.10 21.79
C ALA G 189 16.86 58.41 21.58
N SER G 190 16.87 58.96 20.35
CA SER G 190 16.17 60.20 19.99
C SER G 190 14.70 59.98 19.62
N LYS G 191 14.25 58.71 19.55
CA LYS G 191 12.94 58.31 19.05
C LYS G 191 12.29 57.30 19.99
N PRO G 192 11.89 57.72 21.21
CA PRO G 192 11.54 56.79 22.29
C PRO G 192 10.35 55.87 22.01
N TRP G 193 9.48 56.22 21.05
CA TRP G 193 8.41 55.33 20.62
C TRP G 193 8.93 54.01 20.02
N LEU G 194 10.14 54.02 19.45
CA LEU G 194 10.79 52.82 18.94
C LEU G 194 11.32 51.90 20.05
N LYS G 195 11.37 52.36 21.31
CA LYS G 195 11.92 51.57 22.41
C LYS G 195 11.03 50.36 22.73
N ASN G 196 9.71 50.55 22.65
CA ASN G 196 8.76 49.59 23.20
C ASN G 196 8.06 48.72 22.15
N ASP G 197 7.99 49.18 20.88
CA ASP G 197 7.41 48.37 19.81
C ASP G 197 8.32 47.21 19.39
N ASN G 198 7.81 46.29 18.56
CA ASN G 198 8.50 45.03 18.29
C ASN G 198 9.64 45.24 17.30
N VAL G 199 10.80 44.60 17.54
CA VAL G 199 11.96 44.76 16.68
C VAL G 199 12.58 43.42 16.30
N PHE G 200 12.92 43.28 15.01
CA PHE G 200 13.70 42.16 14.50
C PHE G 200 14.76 42.67 13.54
N THR G 201 15.77 41.84 13.23
CA THR G 201 16.85 42.26 12.36
C THR G 201 17.03 41.30 11.19
N PHE G 202 17.56 41.84 10.08
CA PHE G 202 17.93 41.04 8.93
C PHE G 202 19.14 41.66 8.25
N ASN G 203 19.93 40.80 7.58
CA ASN G 203 21.13 41.25 6.89
C ASN G 203 20.91 41.18 5.38
N ILE G 204 21.44 42.17 4.66
CA ILE G 204 21.62 42.10 3.22
C ILE G 204 23.11 42.31 2.92
N SER G 205 23.58 41.91 1.73
CA SER G 205 24.97 42.16 1.34
C SER G 205 25.06 43.27 0.29
N VAL G 206 25.95 44.25 0.53
CA VAL G 206 26.16 45.39 -0.33
C VAL G 206 27.66 45.60 -0.49
N ASN G 207 28.16 45.70 -1.72
CA ASN G 207 29.60 45.69 -1.99
C ASN G 207 30.28 44.55 -1.20
N GLY G 208 29.67 43.35 -1.27
CA GLY G 208 30.12 42.15 -0.57
C GLY G 208 30.22 42.26 0.96
N THR G 209 29.68 43.32 1.55
CA THR G 209 29.72 43.60 2.98
C THR G 209 28.32 43.37 3.58
N GLU G 210 28.25 42.65 4.71
CA GLU G 210 26.98 42.46 5.41
C GLU G 210 26.51 43.77 6.07
N VAL G 211 25.29 44.20 5.74
CA VAL G 211 24.63 45.35 6.35
C VAL G 211 23.46 44.81 7.16
N GLU G 212 23.47 45.03 8.48
CA GLU G 212 22.33 44.66 9.31
C GLU G 212 21.32 45.81 9.36
N TYR G 213 20.06 45.47 9.11
CA TYR G 213 18.93 46.37 9.29
C TYR G 213 18.06 45.91 10.45
N TYR G 214 17.58 46.89 11.21
CA TYR G 214 16.69 46.74 12.34
C TYR G 214 15.31 47.22 11.90
N ALA G 215 14.31 46.34 11.96
CA ALA G 215 12.94 46.63 11.57
C ALA G 215 12.08 46.79 12.81
N TYR G 216 11.49 47.97 12.99
CA TYR G 216 10.63 48.32 14.11
C TYR G 216 9.18 48.27 13.64
N VAL G 217 8.34 47.52 14.35
CA VAL G 217 6.97 47.21 13.94
C VAL G 217 5.99 47.64 15.05
N ASN G 218 5.14 48.60 14.70
CA ASN G 218 4.24 49.34 15.58
C ASN G 218 3.03 48.48 16.02
N LYS G 219 2.53 47.64 15.10
CA LYS G 219 1.32 46.84 15.26
C LYS G 219 1.41 45.62 14.34
N THR G 220 0.64 44.55 14.61
CA THR G 220 0.64 43.41 13.70
C THR G 220 -0.03 43.79 12.38
N PHE G 221 0.69 43.60 11.27
CA PHE G 221 0.16 43.91 9.95
C PHE G 221 0.68 42.92 8.91
N ALA G 222 -0.04 42.82 7.79
CA ALA G 222 0.38 42.00 6.66
C ALA G 222 0.54 42.87 5.42
N PHE G 223 1.47 42.47 4.56
CA PHE G 223 1.60 43.04 3.24
C PHE G 223 1.84 41.94 2.21
N THR G 224 1.60 42.27 0.93
CA THR G 224 1.84 41.35 -0.16
C THR G 224 2.82 41.96 -1.16
N TYR G 225 3.55 41.09 -1.87
CA TYR G 225 4.48 41.52 -2.89
C TYR G 225 4.62 40.48 -3.99
N PRO G 226 4.99 40.85 -5.23
CA PRO G 226 5.10 39.87 -6.30
C PRO G 226 6.38 39.04 -6.22
N VAL G 227 6.26 37.74 -6.53
CA VAL G 227 7.36 36.78 -6.47
C VAL G 227 7.69 36.22 -7.86
N SER G 228 6.68 35.93 -8.69
CA SER G 228 6.88 35.62 -10.11
C SER G 228 5.59 35.78 -10.90
N GLY G 229 5.68 35.78 -12.23
CA GLY G 229 4.51 35.76 -13.11
C GLY G 229 3.61 36.98 -12.97
N PHE G 230 4.14 38.10 -12.45
CA PHE G 230 3.39 39.31 -12.21
C PHE G 230 3.82 40.43 -13.16
N PRO G 231 3.15 40.59 -14.33
CA PRO G 231 3.39 41.74 -15.22
C PRO G 231 2.54 42.96 -14.91
N LEU G 232 1.52 42.83 -14.04
CA LEU G 232 0.50 43.86 -13.82
C LEU G 232 0.91 44.89 -12.77
N ALA G 233 2.20 45.31 -12.74
CA ALA G 233 2.68 46.27 -11.76
C ALA G 233 1.88 47.58 -11.80
N GLY G 234 1.41 48.01 -10.62
CA GLY G 234 0.50 49.13 -10.46
C GLY G 234 -0.93 48.73 -10.07
N SER G 235 -1.32 47.45 -10.23
CA SER G 235 -2.74 47.07 -10.26
C SER G 235 -3.33 46.50 -8.96
N ASP G 236 -2.52 45.87 -8.09
CA ASP G 236 -2.99 44.99 -7.02
C ASP G 236 -3.72 43.71 -7.49
N ILE G 237 -3.65 43.34 -8.77
CA ILE G 237 -4.30 42.11 -9.23
C ILE G 237 -3.25 41.02 -9.43
N ALA G 238 -3.47 39.85 -8.81
CA ALA G 238 -2.66 38.68 -9.09
C ALA G 238 -3.25 37.92 -10.28
N PRO G 239 -2.61 37.91 -11.49
CA PRO G 239 -3.15 37.17 -12.61
C PRO G 239 -2.92 35.68 -12.46
N ALA G 240 -3.68 34.87 -13.19
CA ALA G 240 -3.49 33.42 -13.18
C ALA G 240 -2.07 33.06 -13.61
N GLY G 241 -1.40 32.20 -12.82
CA GLY G 241 0.00 31.86 -13.05
C GLY G 241 1.00 32.88 -12.52
N SER G 242 0.56 33.81 -11.65
CA SER G 242 1.46 34.62 -10.83
C SER G 242 1.67 33.97 -9.46
N VAL G 243 2.70 34.41 -8.75
CA VAL G 243 3.04 33.92 -7.43
C VAL G 243 3.29 35.15 -6.54
N ILE G 244 2.59 35.21 -5.40
CA ILE G 244 2.53 36.40 -4.55
C ILE G 244 3.05 36.04 -3.16
N GLY G 245 4.04 36.77 -2.66
CA GLY G 245 4.48 36.61 -1.29
C GLY G 245 3.54 37.36 -0.35
N VAL G 246 3.16 36.72 0.75
CA VAL G 246 2.38 37.31 1.82
C VAL G 246 3.26 37.30 3.06
N MET G 247 3.42 38.45 3.72
CA MET G 247 4.24 38.50 4.92
C MET G 247 3.49 39.22 6.03
N ILE G 248 3.49 38.61 7.21
CA ILE G 248 2.86 39.13 8.42
C ILE G 248 3.99 39.50 9.37
N LEU G 249 4.05 40.78 9.79
CA LEU G 249 5.01 41.22 10.80
C LEU G 249 4.25 41.45 12.10
N PHE G 250 4.72 40.84 13.20
CA PHE G 250 4.02 40.96 14.47
C PHE G 250 4.37 42.25 15.20
N GLY G 251 3.36 42.91 15.78
CA GLY G 251 3.55 44.06 16.65
C GLY G 251 3.78 43.62 18.10
N PRO G 252 4.01 44.57 19.04
CA PRO G 252 4.37 44.23 20.42
C PRO G 252 3.30 43.46 21.19
N GLY G 253 2.03 43.55 20.76
CA GLY G 253 0.94 42.73 21.30
C GLY G 253 1.14 41.24 20.99
N GLU G 254 1.00 40.87 19.71
CA GLU G 254 1.07 39.47 19.30
C GLU G 254 2.47 38.87 19.42
N ALA G 255 3.51 39.72 19.42
CA ALA G 255 4.90 39.27 19.55
C ALA G 255 5.23 38.69 20.92
N THR G 256 4.41 38.95 21.96
CA THR G 256 4.78 38.91 23.37
C THR G 256 5.37 37.58 23.86
N ASN G 257 4.87 36.44 23.35
CA ASN G 257 5.57 35.16 23.47
C ASN G 257 5.28 34.26 22.27
N VAL G 258 6.19 33.33 21.99
CA VAL G 258 6.20 32.51 20.78
C VAL G 258 5.01 31.54 20.74
N PHE G 259 4.53 31.20 19.53
CA PHE G 259 3.53 30.16 19.36
C PHE G 259 4.12 28.78 19.63
N GLN G 260 3.60 28.05 20.62
CA GLN G 260 4.00 26.67 20.88
C GLN G 260 2.79 25.87 21.35
N TYR G 261 2.61 24.65 20.82
CA TYR G 261 1.53 23.77 21.22
C TYR G 261 0.17 24.47 20.99
N GLU G 262 0.07 25.17 19.84
CA GLU G 262 -1.03 26.07 19.54
C GLU G 262 -1.40 25.96 18.06
N THR G 263 -2.68 26.23 17.74
CA THR G 263 -3.11 26.30 16.35
C THR G 263 -3.20 27.77 15.93
N VAL G 264 -2.52 28.12 14.84
CA VAL G 264 -2.62 29.43 14.22
C VAL G 264 -3.37 29.28 12.90
N THR G 265 -4.37 30.15 12.71
CA THR G 265 -5.17 30.21 11.49
C THR G 265 -5.03 31.59 10.85
N ILE G 266 -4.75 31.61 9.55
CA ILE G 266 -4.73 32.81 8.74
C ILE G 266 -5.80 32.65 7.67
N GLN G 267 -6.56 33.70 7.38
CA GLN G 267 -7.49 33.60 6.26
C GLN G 267 -7.39 34.84 5.37
N ILE G 268 -7.21 34.62 4.07
CA ILE G 268 -7.20 35.69 3.10
C ILE G 268 -8.55 35.68 2.39
N THR G 269 -9.28 36.80 2.47
CA THR G 269 -10.62 36.89 1.89
C THR G 269 -10.67 38.03 0.89
N PRO G 270 -10.44 37.75 -0.42
CA PRO G 270 -10.64 38.78 -1.45
C PRO G 270 -12.12 39.08 -1.65
N ASN G 271 -12.41 40.13 -2.41
CA ASN G 271 -13.76 40.65 -2.59
C ASN G 271 -14.64 39.80 -3.52
N ILE G 272 -14.02 38.90 -4.31
CA ILE G 272 -14.70 37.96 -5.18
C ILE G 272 -14.02 36.59 -4.99
N GLY G 273 -14.83 35.52 -4.94
CA GLY G 273 -14.29 34.16 -4.85
C GLY G 273 -14.09 33.68 -3.40
N SER G 274 -13.81 32.38 -3.27
CA SER G 274 -13.66 31.74 -1.98
C SER G 274 -12.41 32.24 -1.25
N PRO G 275 -12.45 32.41 0.09
CA PRO G 275 -11.26 32.76 0.86
C PRO G 275 -10.31 31.58 0.95
N LEU G 276 -9.03 31.88 1.18
CA LEU G 276 -8.03 30.86 1.45
C LEU G 276 -7.80 30.80 2.95
N THR G 277 -8.09 29.64 3.55
CA THR G 277 -7.90 29.44 4.98
C THR G 277 -6.70 28.53 5.21
N ILE G 278 -5.74 29.03 5.99
CA ILE G 278 -4.46 28.38 6.26
C ILE G 278 -4.45 28.06 7.76
N SER G 279 -4.17 26.80 8.14
CA SER G 279 -4.08 26.43 9.55
C SER G 279 -2.89 25.52 9.83
N GLN G 280 -2.12 25.85 10.88
CA GLN G 280 -1.02 25.02 11.34
C GLN G 280 -1.13 24.84 12.85
N TYR G 281 -0.97 23.59 13.33
CA TYR G 281 -0.56 23.40 14.71
C TYR G 281 0.95 23.59 14.79
N ILE G 282 1.40 24.49 15.67
CA ILE G 282 2.80 24.87 15.74
C ILE G 282 3.44 24.16 16.94
N TYR G 283 4.39 23.27 16.65
CA TYR G 283 5.32 22.79 17.64
C TYR G 283 6.38 23.87 17.93
N GLN G 284 7.16 23.67 19.00
CA GLN G 284 8.28 24.55 19.34
C GLN G 284 9.13 24.87 18.09
N PRO G 285 9.41 26.16 17.80
CA PRO G 285 10.18 26.53 16.60
C PRO G 285 11.66 26.19 16.76
N ASP G 286 12.24 25.64 15.68
CA ASP G 286 13.50 24.91 15.74
C ASP G 286 14.71 25.66 15.18
N GLY G 287 14.50 26.87 14.62
CA GLY G 287 15.57 27.71 14.08
C GLY G 287 15.16 29.18 13.97
N LYS G 288 16.08 30.05 13.53
CA LYS G 288 15.83 31.48 13.31
C LYS G 288 14.58 31.68 12.44
N VAL G 289 14.46 30.84 11.42
CA VAL G 289 13.21 30.60 10.70
C VAL G 289 12.87 29.12 10.89
N THR G 290 11.58 28.79 10.95
CA THR G 290 11.13 27.41 11.03
C THR G 290 10.00 27.17 10.03
N VAL G 291 9.96 25.99 9.42
CA VAL G 291 8.87 25.62 8.51
C VAL G 291 7.72 25.06 9.36
N ILE G 292 6.60 25.79 9.41
CA ILE G 292 5.47 25.39 10.24
C ILE G 292 4.37 24.68 9.45
N GLY G 293 4.35 24.85 8.12
CA GLY G 293 3.31 24.26 7.27
C GLY G 293 3.70 24.22 5.81
N LEU H 1 -73.05 53.40 -23.27
CA LEU H 1 -73.28 51.95 -23.01
C LEU H 1 -71.99 51.17 -23.31
N ALA H 2 -71.31 51.51 -24.42
CA ALA H 2 -70.17 50.71 -24.85
C ALA H 2 -69.19 50.52 -23.69
N GLY H 3 -69.06 51.52 -22.80
CA GLY H 3 -68.17 51.45 -21.64
C GLY H 3 -68.83 50.82 -20.41
N LEU H 4 -70.12 51.10 -20.17
CA LEU H 4 -70.82 50.62 -18.98
C LEU H 4 -70.73 49.09 -18.91
N ASP H 5 -71.11 48.39 -19.99
CA ASP H 5 -71.02 46.94 -20.06
C ASP H 5 -69.55 46.51 -20.07
N THR H 6 -68.69 47.28 -20.74
CA THR H 6 -67.26 47.01 -20.82
C THR H 6 -66.63 47.16 -19.43
N ALA H 7 -67.23 47.99 -18.57
CA ALA H 7 -66.77 48.21 -17.21
C ALA H 7 -67.17 47.04 -16.31
N ILE H 8 -68.21 46.29 -16.71
CA ILE H 8 -68.67 45.12 -15.98
C ILE H 8 -67.69 43.95 -16.21
N ILE H 9 -67.11 43.86 -17.41
CA ILE H 9 -66.20 42.79 -17.79
C ILE H 9 -64.80 43.04 -17.23
N LEU H 10 -64.45 44.31 -17.02
CA LEU H 10 -63.19 44.69 -16.40
C LEU H 10 -63.20 44.37 -14.89
N ILE H 11 -64.22 44.82 -14.15
CA ILE H 11 -64.39 44.48 -12.73
C ILE H 11 -64.28 42.96 -12.50
N ALA H 12 -65.05 42.18 -13.27
CA ALA H 12 -65.10 40.73 -13.13
C ALA H 12 -63.76 40.06 -13.45
N PHE H 13 -63.09 40.48 -14.52
CA PHE H 13 -61.82 39.90 -14.91
C PHE H 13 -60.70 40.26 -13.93
N ILE H 14 -60.74 41.45 -13.31
CA ILE H 14 -59.82 41.82 -12.24
C ILE H 14 -59.98 40.85 -11.07
N ILE H 15 -61.22 40.65 -10.60
CA ILE H 15 -61.53 39.74 -9.50
C ILE H 15 -61.04 38.33 -9.82
N THR H 16 -61.28 37.86 -11.06
CA THR H 16 -60.86 36.55 -11.54
C THR H 16 -59.34 36.38 -11.49
N ALA H 17 -58.57 37.38 -11.95
CA ALA H 17 -57.11 37.38 -11.88
C ALA H 17 -56.61 37.46 -10.44
N ALA H 18 -57.24 38.29 -9.59
CA ALA H 18 -56.91 38.43 -8.18
C ALA H 18 -57.11 37.10 -7.43
N VAL H 19 -58.13 36.32 -7.78
CA VAL H 19 -58.36 34.97 -7.26
C VAL H 19 -57.22 34.01 -7.64
N LEU H 20 -56.73 34.04 -8.89
CA LEU H 20 -55.55 33.25 -9.23
C LEU H 20 -54.32 33.72 -8.45
N ALA H 21 -54.10 35.04 -8.36
CA ALA H 21 -53.02 35.62 -7.58
C ALA H 21 -53.02 35.10 -6.14
N TYR H 22 -54.19 35.17 -5.49
CA TYR H 22 -54.41 34.69 -4.12
C TYR H 22 -54.01 33.22 -3.98
N VAL H 23 -54.49 32.35 -4.89
CA VAL H 23 -54.23 30.92 -4.86
C VAL H 23 -52.76 30.60 -5.14
N ALA H 24 -52.19 31.20 -6.19
CA ALA H 24 -50.82 30.94 -6.61
C ALA H 24 -49.80 31.36 -5.54
N VAL H 25 -50.00 32.52 -4.89
CA VAL H 25 -49.11 33.00 -3.84
C VAL H 25 -49.20 32.09 -2.61
N ASN H 26 -50.42 31.76 -2.15
CA ASN H 26 -50.64 30.85 -1.05
C ASN H 26 -49.98 29.49 -1.31
N MET H 27 -50.22 28.93 -2.50
CA MET H 27 -49.71 27.60 -2.80
C MET H 27 -48.19 27.59 -3.04
N GLY H 28 -47.61 28.68 -3.54
CA GLY H 28 -46.16 28.88 -3.58
C GLY H 28 -45.54 28.95 -2.19
N LEU H 29 -46.15 29.71 -1.26
CA LEU H 29 -45.72 29.74 0.13
C LEU H 29 -45.77 28.33 0.74
N PHE H 30 -46.85 27.59 0.49
CA PHE H 30 -46.97 26.20 0.94
C PHE H 30 -45.85 25.32 0.38
N VAL H 31 -45.71 25.22 -0.94
CA VAL H 31 -44.79 24.28 -1.57
C VAL H 31 -43.34 24.61 -1.26
N THR H 32 -42.96 25.90 -1.22
CA THR H 32 -41.61 26.30 -0.86
C THR H 32 -41.27 25.91 0.58
N GLN H 33 -42.24 25.95 1.49
CA GLN H 33 -42.02 25.47 2.85
C GLN H 33 -41.92 23.93 2.93
N LYS H 34 -42.70 23.19 2.13
CA LYS H 34 -42.53 21.75 1.96
C LYS H 34 -41.13 21.42 1.45
N ALA H 35 -40.61 22.22 0.51
CA ALA H 35 -39.24 22.12 0.02
C ALA H 35 -38.23 22.39 1.14
N LYS H 36 -38.37 23.48 1.91
CA LYS H 36 -37.52 23.79 3.07
C LYS H 36 -37.42 22.60 4.01
N THR H 37 -38.57 22.06 4.42
CA THR H 37 -38.67 20.91 5.32
C THR H 37 -37.97 19.69 4.72
N THR H 38 -38.23 19.41 3.44
CA THR H 38 -37.64 18.28 2.72
C THR H 38 -36.12 18.39 2.67
N ILE H 39 -35.59 19.58 2.34
CA ILE H 39 -34.15 19.83 2.30
C ILE H 39 -33.52 19.54 3.66
N ASN H 40 -34.15 20.01 4.75
CA ASN H 40 -33.71 19.72 6.11
C ASN H 40 -33.68 18.21 6.38
N LYS H 41 -34.76 17.48 6.09
CA LYS H 41 -34.84 16.04 6.30
C LYS H 41 -33.84 15.27 5.43
N GLY H 42 -33.51 15.77 4.24
CA GLY H 42 -32.50 15.20 3.37
C GLY H 42 -31.09 15.31 3.96
N GLU H 43 -30.75 16.49 4.50
CA GLU H 43 -29.49 16.67 5.22
C GLU H 43 -29.43 15.78 6.46
N GLU H 44 -30.49 15.78 7.28
CA GLU H 44 -30.56 14.93 8.47
C GLU H 44 -30.37 13.45 8.11
N THR H 45 -30.94 13.00 7.00
CA THR H 45 -30.80 11.63 6.51
C THR H 45 -29.38 11.31 6.07
N ALA H 46 -28.66 12.30 5.51
CA ALA H 46 -27.27 12.12 5.11
C ALA H 46 -26.31 12.20 6.30
N SER H 47 -26.62 13.01 7.33
CA SER H 47 -25.73 13.21 8.47
C SER H 47 -25.92 12.15 9.56
N THR H 48 -27.17 11.82 9.93
CA THR H 48 -27.43 10.88 11.02
C THR H 48 -27.07 9.45 10.64
N ALA H 49 -26.23 8.81 11.46
CA ALA H 49 -25.82 7.42 11.32
C ALA H 49 -25.16 6.94 12.62
N LEU H 50 -25.11 5.61 12.83
CA LEU H 50 -24.42 5.02 13.98
C LEU H 50 -23.20 4.25 13.47
N SER H 51 -22.12 4.28 14.26
CA SER H 51 -20.94 3.44 14.04
C SER H 51 -20.84 2.42 15.17
N LEU H 52 -20.39 1.20 14.83
CA LEU H 52 -19.94 0.26 15.85
C LEU H 52 -18.65 0.79 16.46
N SER H 53 -18.67 1.10 17.78
CA SER H 53 -17.57 1.77 18.46
C SER H 53 -17.06 0.97 19.66
N GLY H 54 -17.08 -0.35 19.50
CA GLY H 54 -16.44 -1.30 20.41
C GLY H 54 -16.40 -2.67 19.75
N ASN H 55 -15.81 -3.65 20.43
CA ASN H 55 -15.89 -5.02 19.96
C ASN H 55 -17.29 -5.60 20.22
N VAL H 56 -17.67 -6.63 19.47
CA VAL H 56 -18.89 -7.38 19.69
C VAL H 56 -18.54 -8.59 20.55
N LEU H 57 -19.18 -8.67 21.73
CA LEU H 57 -18.94 -9.71 22.72
C LEU H 57 -20.11 -10.68 22.69
N TYR H 58 -19.80 -11.99 22.77
CA TYR H 58 -20.81 -13.03 22.73
C TYR H 58 -20.61 -13.98 23.92
N ALA H 59 -21.69 -14.29 24.65
CA ALA H 59 -21.64 -15.10 25.86
C ALA H 59 -22.44 -16.40 25.70
N VAL H 60 -21.88 -17.51 26.21
CA VAL H 60 -22.42 -18.86 26.06
C VAL H 60 -22.12 -19.68 27.32
N ASN H 61 -22.77 -20.85 27.47
CA ASN H 61 -22.53 -21.75 28.59
C ASN H 61 -21.21 -22.52 28.48
N TYR H 62 -20.13 -21.76 28.35
CA TYR H 62 -18.77 -22.29 28.19
C TYR H 62 -18.35 -23.11 29.41
N PRO H 63 -17.59 -24.22 29.27
CA PRO H 63 -17.10 -24.75 27.99
C PRO H 63 -18.08 -25.63 27.20
N THR H 64 -19.23 -25.96 27.80
CA THR H 64 -20.14 -26.96 27.24
C THR H 64 -20.76 -26.53 25.90
N ASN H 65 -20.93 -25.23 25.67
CA ASN H 65 -21.36 -24.62 24.41
C ASN H 65 -22.68 -25.19 23.85
N THR H 66 -23.56 -25.70 24.73
CA THR H 66 -24.88 -26.17 24.31
C THR H 66 -25.90 -25.03 24.25
N LYS H 67 -25.64 -23.87 24.87
CA LYS H 67 -26.65 -22.83 25.05
C LYS H 67 -26.06 -21.42 24.99
N SER H 68 -26.85 -20.47 24.46
CA SER H 68 -26.41 -19.12 24.11
C SER H 68 -27.09 -18.08 25.01
N TYR H 69 -26.32 -17.12 25.55
CA TYR H 69 -26.79 -16.25 26.63
C TYR H 69 -27.11 -14.83 26.15
N TRP H 70 -26.09 -14.11 25.67
CA TRP H 70 -26.25 -12.74 25.24
C TRP H 70 -25.17 -12.28 24.25
N MET H 71 -25.45 -11.19 23.54
CA MET H 71 -24.46 -10.43 22.79
C MET H 71 -24.46 -9.00 23.30
N TYR H 72 -23.28 -8.40 23.37
CA TYR H 72 -23.12 -7.01 23.80
C TYR H 72 -22.24 -6.30 22.77
N PHE H 73 -22.57 -5.06 22.42
CA PHE H 73 -21.71 -4.22 21.61
C PHE H 73 -22.02 -2.75 21.87
N THR H 74 -21.13 -1.87 21.41
CA THR H 74 -21.24 -0.46 21.72
C THR H 74 -21.41 0.33 20.41
N VAL H 75 -22.29 1.34 20.39
CA VAL H 75 -22.50 2.17 19.22
C VAL H 75 -22.41 3.65 19.60
N SER H 76 -22.09 4.50 18.62
CA SER H 76 -22.06 5.94 18.82
C SER H 76 -22.39 6.63 17.50
N PRO H 77 -23.01 7.83 17.49
CA PRO H 77 -23.22 8.56 16.25
C PRO H 77 -21.92 8.78 15.47
N SER H 78 -22.00 8.52 14.15
CA SER H 78 -20.83 8.47 13.26
C SER H 78 -20.15 9.84 13.15
N SER H 79 -18.81 9.86 13.30
CA SER H 79 -17.96 11.00 13.00
C SER H 79 -18.37 12.27 13.76
N GLY H 80 -19.12 12.13 14.86
CA GLY H 80 -19.54 13.24 15.71
C GLY H 80 -20.44 14.29 15.05
N VAL H 81 -21.17 13.95 13.98
CA VAL H 81 -21.84 14.97 13.17
C VAL H 81 -23.20 15.42 13.72
N SER H 82 -24.02 14.47 14.19
CA SER H 82 -25.38 14.76 14.64
C SER H 82 -25.94 13.67 15.57
N SER H 83 -27.04 13.99 16.29
CA SER H 83 -27.67 13.09 17.26
C SER H 83 -28.58 12.04 16.60
N VAL H 84 -28.80 10.90 17.29
CA VAL H 84 -29.64 9.81 16.78
C VAL H 84 -30.73 9.47 17.81
N ASP H 85 -32.01 9.47 17.37
CA ASP H 85 -33.12 8.97 18.17
C ASP H 85 -33.02 7.45 18.28
N LEU H 86 -32.92 6.92 19.52
CA LEU H 86 -32.88 5.48 19.77
C LEU H 86 -34.10 5.01 20.56
N SER H 87 -35.24 5.71 20.50
CA SER H 87 -36.42 5.25 21.25
C SER H 87 -36.88 3.89 20.74
N PRO H 88 -37.18 2.90 21.62
CA PRO H 88 -37.56 1.56 21.15
C PRO H 88 -38.93 1.47 20.49
N SER H 89 -39.74 2.53 20.56
CA SER H 89 -40.98 2.63 19.79
C SER H 89 -40.70 2.96 18.31
N THR H 90 -39.71 3.83 18.04
CA THR H 90 -39.42 4.32 16.70
C THR H 90 -38.37 3.44 15.99
N THR H 91 -37.35 3.01 16.72
CA THR H 91 -36.20 2.26 16.21
C THR H 91 -36.50 0.76 16.17
N ALA H 92 -35.95 0.04 15.18
CA ALA H 92 -35.94 -1.42 15.20
C ALA H 92 -34.51 -1.94 15.34
N ILE H 93 -34.34 -3.07 16.04
CA ILE H 93 -33.10 -3.84 15.92
C ILE H 93 -33.49 -5.22 15.41
N SER H 94 -33.01 -5.59 14.22
CA SER H 94 -33.24 -6.93 13.68
C SER H 94 -32.07 -7.85 14.02
N PHE H 95 -32.33 -9.16 14.04
CA PHE H 95 -31.31 -10.16 14.29
C PHE H 95 -31.54 -11.34 13.36
N THR H 96 -30.53 -11.71 12.55
CA THR H 96 -30.67 -12.88 11.67
C THR H 96 -29.43 -13.77 11.76
N ALA H 97 -29.66 -15.08 11.96
CA ALA H 97 -28.64 -16.11 11.76
C ALA H 97 -29.12 -16.97 10.58
N ALA H 98 -28.79 -16.52 9.36
CA ALA H 98 -29.44 -16.97 8.14
C ALA H 98 -29.28 -18.48 7.90
N SER H 99 -28.10 -19.02 8.23
CA SER H 99 -27.76 -20.44 8.07
C SER H 99 -28.80 -21.36 8.72
N ARG H 100 -29.23 -21.00 9.95
CA ARG H 100 -30.20 -21.77 10.73
C ARG H 100 -31.64 -21.27 10.58
N GLY H 101 -31.86 -20.31 9.67
CA GLY H 101 -33.20 -19.81 9.36
C GLY H 101 -33.81 -18.90 10.44
N VAL H 102 -33.01 -18.46 11.42
CA VAL H 102 -33.46 -17.51 12.43
C VAL H 102 -33.47 -16.11 11.84
N SER H 103 -34.63 -15.45 11.92
CA SER H 103 -34.77 -14.09 11.44
C SER H 103 -35.82 -13.36 12.27
N LEU H 104 -35.37 -12.38 13.05
CA LEU H 104 -36.22 -11.59 13.92
C LEU H 104 -36.19 -10.16 13.40
N SER H 105 -37.37 -9.65 13.00
CA SER H 105 -37.44 -8.35 12.33
C SER H 105 -37.30 -7.19 13.32
N ASN H 106 -37.75 -7.37 14.57
CA ASN H 106 -37.52 -6.36 15.60
C ASN H 106 -37.49 -6.98 16.99
N ILE H 107 -36.33 -6.91 17.66
CA ILE H 107 -36.12 -7.40 19.02
C ILE H 107 -35.95 -6.26 20.02
N TYR H 108 -35.93 -5.00 19.58
CA TYR H 108 -35.62 -3.88 20.46
C TYR H 108 -36.84 -3.48 21.28
N GLN H 109 -36.72 -3.50 22.62
CA GLN H 109 -37.88 -3.31 23.48
C GLN H 109 -37.72 -2.17 24.49
N PHE H 110 -36.50 -1.97 25.04
CA PHE H 110 -36.32 -1.10 26.19
C PHE H 110 -35.06 -0.25 26.10
N SER H 111 -35.06 0.89 26.79
CA SER H 111 -33.85 1.68 26.88
C SER H 111 -33.71 2.31 28.27
N LEU H 112 -32.50 2.25 28.83
CA LEU H 112 -32.17 2.97 30.04
C LEU H 112 -31.79 4.43 29.75
N LEU H 113 -31.76 4.85 28.48
CA LEU H 113 -31.61 6.26 28.13
C LEU H 113 -32.79 7.10 28.65
N SER H 114 -33.98 6.48 28.76
CA SER H 114 -35.20 7.06 29.33
C SER H 114 -35.12 7.26 30.85
N VAL H 115 -34.16 6.63 31.53
CA VAL H 115 -34.21 6.40 32.97
C VAL H 115 -33.23 7.33 33.69
N LEU H 116 -33.74 8.11 34.65
CA LEU H 116 -32.92 8.96 35.51
C LEU H 116 -32.24 8.12 36.60
N PRO H 117 -31.02 8.47 37.07
CA PRO H 117 -30.36 7.71 38.13
C PRO H 117 -31.20 7.51 39.38
N SER H 118 -31.99 8.52 39.78
CA SER H 118 -32.88 8.45 40.94
C SER H 118 -33.99 7.39 40.81
N GLN H 119 -34.24 6.89 39.60
CA GLN H 119 -35.23 5.85 39.36
C GLN H 119 -34.66 4.44 39.60
N VAL H 120 -33.32 4.29 39.71
CA VAL H 120 -32.68 2.98 39.82
C VAL H 120 -31.72 2.87 41.00
N ASN H 121 -30.99 3.94 41.33
CA ASN H 121 -30.08 3.93 42.48
C ASN H 121 -30.86 3.80 43.78
N ASN H 122 -30.33 3.02 44.73
CA ASN H 122 -30.94 2.74 46.03
C ASN H 122 -32.31 2.05 45.94
N LYS H 123 -32.63 1.41 44.81
CA LYS H 123 -33.94 0.78 44.61
C LYS H 123 -33.89 -0.74 44.41
N VAL H 124 -32.67 -1.28 44.25
CA VAL H 124 -32.39 -2.70 44.45
C VAL H 124 -31.32 -2.85 45.52
N GLN H 125 -31.42 -3.93 46.32
CA GLN H 125 -30.64 -4.08 47.53
C GLN H 125 -30.30 -5.54 47.80
N VAL H 126 -29.18 -5.79 48.48
CA VAL H 126 -28.72 -7.13 48.82
C VAL H 126 -28.80 -7.33 50.34
N LYS H 127 -29.43 -8.44 50.78
CA LYS H 127 -29.39 -8.87 52.17
C LYS H 127 -28.18 -9.78 52.40
N LEU H 128 -27.07 -9.21 52.88
CA LEU H 128 -25.92 -10.00 53.33
C LEU H 128 -26.06 -10.28 54.84
N GLY H 129 -26.65 -11.44 55.17
CA GLY H 129 -27.02 -11.76 56.54
C GLY H 129 -28.00 -10.74 57.12
N THR H 130 -27.64 -10.14 58.27
CA THR H 130 -28.41 -9.08 58.91
C THR H 130 -28.38 -7.77 58.10
N SER H 131 -27.23 -7.47 57.47
CA SER H 131 -27.00 -6.20 56.78
C SER H 131 -27.75 -6.13 55.45
N ILE H 132 -28.26 -4.92 55.10
CA ILE H 132 -28.92 -4.69 53.83
C ILE H 132 -28.23 -3.52 53.11
N ILE H 133 -27.71 -3.78 51.90
CA ILE H 133 -26.91 -2.80 51.16
C ILE H 133 -27.68 -2.33 49.92
N ASN H 134 -27.89 -1.02 49.83
CA ASN H 134 -28.45 -0.34 48.67
C ASN H 134 -27.41 -0.28 47.54
N LEU H 135 -27.78 -0.72 46.33
CA LEU H 135 -26.88 -0.66 45.18
C LEU H 135 -26.96 0.69 44.45
N THR H 136 -25.80 1.17 43.98
CA THR H 136 -25.72 2.26 43.02
C THR H 136 -25.38 1.65 41.66
N LEU H 137 -26.22 1.91 40.66
CA LEU H 137 -26.15 1.23 39.36
C LEU H 137 -25.85 2.23 38.24
N ALA H 138 -26.58 3.35 38.21
CA ALA H 138 -26.29 4.46 37.32
C ALA H 138 -25.24 5.36 37.98
N PHE H 139 -24.03 5.39 37.42
CA PHE H 139 -23.00 6.33 37.83
C PHE H 139 -23.24 7.67 37.14
N SER H 140 -22.68 8.75 37.71
CA SER H 140 -22.90 10.08 37.17
C SER H 140 -21.72 11.02 37.48
N SER H 141 -21.51 12.02 36.61
CA SER H 141 -20.49 13.05 36.77
C SER H 141 -20.95 14.36 36.11
N ASN H 142 -20.34 15.48 36.49
CA ASN H 142 -20.74 16.80 36.00
C ASN H 142 -19.70 17.42 35.08
N SER H 143 -20.16 18.03 33.97
CA SER H 143 -19.35 18.98 33.21
C SER H 143 -20.24 20.10 32.66
N ALA H 144 -19.78 21.36 32.75
CA ALA H 144 -20.50 22.53 32.25
C ALA H 144 -21.97 22.59 32.70
N GLY H 145 -22.25 22.13 33.94
CA GLY H 145 -23.59 22.18 34.51
C GLY H 145 -24.55 21.09 34.01
N GLN H 146 -24.07 20.17 33.15
CA GLN H 146 -24.82 18.99 32.74
C GLN H 146 -24.40 17.79 33.59
N THR H 147 -25.38 16.95 33.99
CA THR H 147 -25.08 15.66 34.60
C THR H 147 -25.04 14.59 33.52
N TYR H 148 -23.88 13.96 33.37
CA TYR H 148 -23.69 12.79 32.52
C TYR H 148 -24.10 11.54 33.30
N VAL H 149 -24.68 10.56 32.61
CA VAL H 149 -25.16 9.34 33.25
C VAL H 149 -24.65 8.15 32.45
N TYR H 150 -24.21 7.08 33.15
CA TYR H 150 -23.79 5.87 32.47
C TYR H 150 -23.85 4.67 33.41
N TYR H 151 -23.81 3.47 32.83
CA TYR H 151 -23.68 2.23 33.57
C TYR H 151 -22.29 1.68 33.31
N SER H 152 -21.56 1.35 34.39
CA SER H 152 -20.16 0.98 34.29
C SER H 152 -19.98 -0.38 33.62
N ASP H 153 -20.98 -1.28 33.75
CA ASP H 153 -20.92 -2.60 33.12
C ASP H 153 -22.32 -3.10 32.72
N PRO H 154 -22.42 -4.15 31.86
CA PRO H 154 -23.71 -4.76 31.55
C PRO H 154 -24.45 -5.35 32.75
N ASN H 155 -23.74 -5.72 33.83
CA ASN H 155 -24.37 -6.30 35.01
C ASN H 155 -25.23 -5.26 35.75
N TYR H 156 -24.68 -4.07 35.99
CA TYR H 156 -25.45 -3.00 36.61
C TYR H 156 -26.57 -2.51 35.68
N ALA H 157 -26.32 -2.52 34.36
CA ALA H 157 -27.37 -2.24 33.39
C ALA H 157 -28.51 -3.26 33.47
N LEU H 158 -28.19 -4.56 33.56
CA LEU H 158 -29.19 -5.62 33.69
C LEU H 158 -30.03 -5.44 34.96
N LEU H 159 -29.40 -5.16 36.10
CA LEU H 159 -30.12 -4.96 37.35
C LEU H 159 -31.03 -3.73 37.29
N ALA H 160 -30.53 -2.63 36.72
CA ALA H 160 -31.30 -1.42 36.49
C ALA H 160 -32.51 -1.67 35.57
N LEU H 161 -32.34 -2.52 34.56
CA LEU H 161 -33.43 -2.93 33.69
C LEU H 161 -34.43 -3.84 34.42
N ASN H 162 -33.98 -4.87 35.14
CA ASN H 162 -34.88 -5.71 35.94
C ASN H 162 -35.77 -4.84 36.83
N TYR H 163 -35.17 -3.87 37.55
CA TYR H 163 -35.92 -2.97 38.39
C TYR H 163 -36.93 -2.16 37.55
N THR H 164 -36.45 -1.48 36.51
CA THR H 164 -37.28 -0.63 35.66
C THR H 164 -38.48 -1.37 35.09
N LEU H 165 -38.28 -2.58 34.54
CA LEU H 165 -39.35 -3.35 33.94
C LEU H 165 -40.31 -3.91 34.98
N GLY H 166 -39.80 -4.40 36.12
CA GLY H 166 -40.66 -4.82 37.23
C GLY H 166 -41.53 -3.67 37.74
N GLN H 167 -40.96 -2.46 37.81
CA GLN H 167 -41.66 -1.25 38.20
C GLN H 167 -42.71 -0.82 37.17
N GLU H 168 -42.44 -1.00 35.87
CA GLU H 168 -43.41 -0.75 34.81
C GLU H 168 -44.55 -1.78 34.80
N VAL H 169 -44.29 -3.05 35.11
CA VAL H 169 -45.33 -4.06 35.32
C VAL H 169 -46.20 -3.69 36.52
N LYS H 170 -45.56 -3.31 37.64
CA LYS H 170 -46.22 -2.89 38.86
C LYS H 170 -47.10 -1.65 38.62
N GLY H 171 -46.63 -0.72 37.77
CA GLY H 171 -47.39 0.45 37.35
C GLY H 171 -48.41 0.20 36.23
N GLY H 172 -48.56 -1.06 35.77
CA GLY H 172 -49.52 -1.43 34.73
C GLY H 172 -49.19 -0.92 33.32
N GLN H 173 -47.99 -0.36 33.10
CA GLN H 173 -47.56 0.17 31.82
C GLN H 173 -47.08 -0.92 30.85
N LEU H 174 -46.73 -2.09 31.39
CA LEU H 174 -46.19 -3.23 30.66
C LEU H 174 -46.90 -4.50 31.17
N THR H 175 -47.23 -5.45 30.27
CA THR H 175 -48.02 -6.62 30.64
C THR H 175 -47.21 -7.63 31.44
N SER H 176 -46.01 -7.96 30.95
CA SER H 176 -45.01 -8.78 31.63
C SER H 176 -43.61 -8.30 31.27
N SER H 177 -42.68 -8.36 32.23
CA SER H 177 -41.26 -8.18 31.94
C SER H 177 -40.73 -9.46 31.30
N PRO H 178 -40.00 -9.40 30.17
CA PRO H 178 -39.35 -10.58 29.61
C PRO H 178 -38.09 -10.98 30.38
N LEU H 179 -37.59 -10.08 31.25
CA LEU H 179 -36.42 -10.30 32.09
C LEU H 179 -36.84 -10.40 33.56
N TYR H 180 -36.33 -11.42 34.26
CA TYR H 180 -36.49 -11.52 35.70
C TYR H 180 -35.16 -11.92 36.34
N ILE H 181 -34.69 -11.15 37.32
CA ILE H 181 -33.38 -11.37 37.93
C ILE H 181 -33.54 -11.62 39.43
N ILE H 182 -32.95 -12.73 39.92
CA ILE H 182 -33.00 -13.14 41.32
C ILE H 182 -31.64 -13.64 41.79
N SER H 183 -31.32 -13.44 43.08
CA SER H 183 -30.15 -14.05 43.71
C SER H 183 -30.49 -15.41 44.31
N ASN H 184 -31.70 -15.50 44.86
CA ASN H 184 -32.25 -16.70 45.47
C ASN H 184 -32.84 -17.61 44.39
N THR H 185 -32.24 -18.78 44.19
CA THR H 185 -32.79 -19.78 43.27
C THR H 185 -33.93 -20.61 43.88
N SER H 186 -34.08 -20.63 45.21
CA SER H 186 -35.13 -21.38 45.89
C SER H 186 -36.54 -21.00 45.41
N ILE H 187 -36.70 -19.74 44.99
CA ILE H 187 -37.93 -19.15 44.48
C ILE H 187 -38.48 -19.89 43.26
N VAL H 188 -37.60 -20.45 42.42
CA VAL H 188 -37.92 -20.98 41.10
C VAL H 188 -38.96 -22.11 41.15
N ALA H 189 -38.92 -22.95 42.19
CA ALA H 189 -39.89 -24.02 42.37
C ALA H 189 -41.34 -23.51 42.47
N SER H 190 -41.54 -22.30 42.99
CA SER H 190 -42.85 -21.66 43.13
C SER H 190 -43.32 -20.92 41.87
N LYS H 191 -42.45 -20.83 40.85
CA LYS H 191 -42.66 -20.04 39.65
C LYS H 191 -42.31 -20.85 38.40
N PRO H 192 -43.13 -21.88 38.06
CA PRO H 192 -42.73 -22.89 37.07
C PRO H 192 -42.50 -22.38 35.66
N TRP H 193 -43.01 -21.20 35.30
CA TRP H 193 -42.70 -20.56 34.02
C TRP H 193 -41.20 -20.24 33.88
N LEU H 194 -40.49 -20.02 34.99
CA LEU H 194 -39.04 -19.79 34.99
C LEU H 194 -38.24 -21.08 34.74
N LYS H 195 -38.87 -22.26 34.78
CA LYS H 195 -38.16 -23.53 34.60
C LYS H 195 -37.65 -23.70 33.17
N ASN H 196 -38.44 -23.25 32.18
CA ASN H 196 -38.23 -23.60 30.79
C ASN H 196 -37.60 -22.46 29.95
N ASP H 197 -37.76 -21.19 30.38
CA ASP H 197 -37.15 -20.08 29.66
C ASP H 197 -35.61 -20.01 29.88
N ASN H 198 -34.92 -19.15 29.12
CA ASN H 198 -33.46 -19.18 29.08
C ASN H 198 -32.87 -18.52 30.33
N VAL H 199 -31.81 -19.12 30.90
CA VAL H 199 -31.19 -18.58 32.12
C VAL H 199 -29.67 -18.50 31.99
N PHE H 200 -29.12 -17.36 32.43
CA PHE H 200 -27.68 -17.18 32.58
C PHE H 200 -27.39 -16.50 33.92
N THR H 201 -26.13 -16.55 34.37
CA THR H 201 -25.78 -15.96 35.66
C THR H 201 -24.63 -14.97 35.52
N PHE H 202 -24.60 -14.00 36.44
CA PHE H 202 -23.50 -13.05 36.53
C PHE H 202 -23.27 -12.68 37.99
N ASN H 203 -22.03 -12.32 38.32
CA ASN H 203 -21.67 -11.95 39.68
C ASN H 203 -21.39 -10.45 39.75
N ILE H 204 -21.83 -9.81 40.84
CA ILE H 204 -21.38 -8.48 41.23
C ILE H 204 -20.76 -8.58 42.63
N SER H 205 -19.94 -7.60 43.03
CA SER H 205 -19.39 -7.58 44.39
C SER H 205 -20.07 -6.51 45.25
N VAL H 206 -20.51 -6.91 46.45
CA VAL H 206 -21.19 -6.03 47.40
C VAL H 206 -20.59 -6.28 48.78
N ASN H 207 -20.17 -5.22 49.47
CA ASN H 207 -19.39 -5.36 50.72
C ASN H 207 -18.26 -6.38 50.52
N GLY H 208 -17.53 -6.25 49.40
CA GLY H 208 -16.44 -7.13 49.01
C GLY H 208 -16.80 -8.63 48.87
N THR H 209 -18.10 -8.96 48.86
CA THR H 209 -18.61 -10.32 48.77
C THR H 209 -19.22 -10.54 47.38
N GLU H 210 -18.90 -11.65 46.73
CA GLU H 210 -19.50 -12.01 45.44
C GLU H 210 -20.97 -12.40 45.62
N VAL H 211 -21.87 -11.72 44.90
CA VAL H 211 -23.29 -12.04 44.85
C VAL H 211 -23.59 -12.55 43.44
N GLU H 212 -24.05 -13.80 43.32
CA GLU H 212 -24.47 -14.32 42.03
C GLU H 212 -25.94 -14.00 41.79
N TYR H 213 -26.23 -13.45 40.60
CA TYR H 213 -27.58 -13.25 40.12
C TYR H 213 -27.86 -14.16 38.94
N TYR H 214 -29.09 -14.69 38.92
CA TYR H 214 -29.62 -15.54 37.88
C TYR H 214 -30.63 -14.71 37.09
N ALA H 215 -30.38 -14.56 35.78
CA ALA H 215 -31.23 -13.80 34.88
C ALA H 215 -32.03 -14.75 34.00
N TYR H 216 -33.37 -14.66 34.12
CA TYR H 216 -34.32 -15.47 33.38
C TYR H 216 -34.89 -14.63 32.24
N VAL H 217 -34.82 -15.16 31.01
CA VAL H 217 -35.16 -14.42 29.80
C VAL H 217 -36.23 -15.18 29.00
N ASN H 218 -37.39 -14.54 28.88
CA ASN H 218 -38.64 -15.08 28.34
C ASN H 218 -38.60 -15.25 26.82
N LYS H 219 -37.94 -14.30 26.13
CA LYS H 219 -37.89 -14.19 24.67
C LYS H 219 -36.63 -13.42 24.27
N THR H 220 -36.16 -13.57 23.01
CA THR H 220 -35.00 -12.79 22.58
C THR H 220 -35.38 -11.31 22.48
N PHE H 221 -34.64 -10.45 23.19
CA PHE H 221 -34.88 -9.01 23.16
C PHE H 221 -33.58 -8.23 23.26
N ALA H 222 -33.61 -6.97 22.83
CA ALA H 222 -32.48 -6.07 22.94
C ALA H 222 -32.87 -4.86 23.78
N PHE H 223 -31.89 -4.31 24.50
CA PHE H 223 -32.04 -3.03 25.16
C PHE H 223 -30.78 -2.20 24.97
N THR H 224 -30.91 -0.88 25.19
CA THR H 224 -29.79 0.03 25.10
C THR H 224 -29.61 0.77 26.42
N TYR H 225 -28.36 1.20 26.69
CA TYR H 225 -28.07 1.96 27.89
C TYR H 225 -26.87 2.88 27.66
N PRO H 226 -26.75 4.00 28.39
CA PRO H 226 -25.65 4.93 28.18
C PRO H 226 -24.34 4.43 28.78
N VAL H 227 -23.23 4.66 28.05
CA VAL H 227 -21.89 4.23 28.45
C VAL H 227 -20.96 5.43 28.68
N SER H 228 -21.04 6.48 27.84
CA SER H 228 -20.38 7.76 28.12
C SER H 228 -20.99 8.89 27.28
N GLY H 229 -20.66 10.14 27.61
CA GLY H 229 -21.04 11.29 26.80
C GLY H 229 -22.55 11.50 26.67
N PHE H 230 -23.33 10.93 27.59
CA PHE H 230 -24.78 11.01 27.57
C PHE H 230 -25.31 11.91 28.69
N PRO H 231 -25.55 13.22 28.45
CA PRO H 231 -26.20 14.09 29.42
C PRO H 231 -27.73 14.13 29.31
N LEU H 232 -28.29 13.56 28.23
CA LEU H 232 -29.71 13.71 27.90
C LEU H 232 -30.60 12.66 28.58
N ALA H 233 -30.32 12.33 29.85
CA ALA H 233 -31.09 11.33 30.58
C ALA H 233 -32.59 11.69 30.61
N GLY H 234 -33.43 10.72 30.24
CA GLY H 234 -34.86 10.91 30.04
C GLY H 234 -35.31 10.87 28.58
N SER H 235 -34.39 11.03 27.60
CA SER H 235 -34.76 11.41 26.24
C SER H 235 -34.85 10.28 25.20
N ASP H 236 -34.09 9.18 25.37
CA ASP H 236 -33.80 8.20 24.31
C ASP H 236 -32.98 8.74 23.12
N ILE H 237 -32.36 9.93 23.23
CA ILE H 237 -31.56 10.45 22.13
C ILE H 237 -30.08 10.26 22.46
N ALA H 238 -29.33 9.65 21.55
CA ALA H 238 -27.87 9.59 21.65
C ALA H 238 -27.28 10.85 20.98
N PRO H 239 -26.70 11.82 21.74
CA PRO H 239 -26.11 13.00 21.11
C PRO H 239 -24.76 12.65 20.48
N ALA H 240 -24.30 13.51 19.57
CA ALA H 240 -23.00 13.32 18.94
C ALA H 240 -21.89 13.32 20.01
N GLY H 241 -21.00 12.32 19.97
CA GLY H 241 -19.97 12.13 20.97
C GLY H 241 -20.46 11.44 22.25
N SER H 242 -21.64 10.79 22.21
CA SER H 242 -22.06 9.84 23.24
C SER H 242 -21.70 8.41 22.80
N VAL H 243 -21.69 7.48 23.76
CA VAL H 243 -21.40 6.08 23.54
C VAL H 243 -22.50 5.27 24.22
N ILE H 244 -23.15 4.37 23.47
CA ILE H 244 -24.34 3.66 23.89
C ILE H 244 -24.07 2.16 23.86
N GLY H 245 -24.30 1.47 24.97
CA GLY H 245 -24.24 0.03 24.99
C GLY H 245 -25.54 -0.56 24.44
N VAL H 246 -25.41 -1.58 23.58
CA VAL H 246 -26.52 -2.35 23.04
C VAL H 246 -26.34 -3.78 23.53
N MET H 247 -27.37 -4.35 24.14
CA MET H 247 -27.25 -5.72 24.62
C MET H 247 -28.47 -6.52 24.18
N ILE H 248 -28.20 -7.71 23.63
CA ILE H 248 -29.19 -8.66 23.16
C ILE H 248 -29.16 -9.85 24.11
N LEU H 249 -30.29 -10.16 24.75
CA LEU H 249 -30.40 -11.35 25.58
C LEU H 249 -31.23 -12.38 24.83
N PHE H 250 -30.73 -13.61 24.70
CA PHE H 250 -31.43 -14.64 23.94
C PHE H 250 -32.50 -15.32 24.78
N GLY H 251 -33.68 -15.54 24.19
CA GLY H 251 -34.73 -16.35 24.77
C GLY H 251 -34.56 -17.84 24.48
N PRO H 252 -35.44 -18.73 24.98
CA PRO H 252 -35.27 -20.17 24.85
C PRO H 252 -35.31 -20.69 23.41
N GLY H 253 -35.92 -19.93 22.49
CA GLY H 253 -35.87 -20.21 21.05
C GLY H 253 -34.46 -20.09 20.48
N GLU H 254 -33.94 -18.86 20.42
CA GLU H 254 -32.64 -18.59 19.81
C GLU H 254 -31.47 -19.12 20.63
N ALA H 255 -31.66 -19.33 21.94
CA ALA H 255 -30.65 -19.88 22.82
C ALA H 255 -30.26 -21.33 22.52
N THR H 256 -31.11 -22.08 21.80
CA THR H 256 -31.19 -23.55 21.81
C THR H 256 -29.88 -24.27 21.51
N ASN H 257 -29.05 -23.74 20.59
CA ASN H 257 -27.66 -24.14 20.47
C ASN H 257 -26.78 -22.98 19.98
N VAL H 258 -25.49 -23.05 20.30
CA VAL H 258 -24.54 -21.95 20.09
C VAL H 258 -24.30 -21.67 18.61
N PHE H 259 -24.00 -20.41 18.26
CA PHE H 259 -23.58 -20.06 16.90
C PHE H 259 -22.17 -20.58 16.62
N GLN H 260 -22.02 -21.45 15.61
CA GLN H 260 -20.71 -21.92 15.16
C GLN H 260 -20.73 -22.10 13.65
N TYR H 261 -19.67 -21.66 12.96
CA TYR H 261 -19.55 -21.81 11.52
C TYR H 261 -20.76 -21.17 10.81
N GLU H 262 -21.16 -19.98 11.31
CA GLU H 262 -22.41 -19.33 10.94
C GLU H 262 -22.19 -17.82 10.84
N THR H 263 -22.98 -17.15 9.99
CA THR H 263 -22.96 -15.69 9.95
C THR H 263 -24.16 -15.15 10.72
N VAL H 264 -23.89 -14.26 11.67
CA VAL H 264 -24.90 -13.53 12.41
C VAL H 264 -24.89 -12.07 11.95
N THR H 265 -26.07 -11.55 11.62
CA THR H 265 -26.25 -10.16 11.22
C THR H 265 -27.22 -9.47 12.18
N ILE H 266 -26.83 -8.30 12.67
CA ILE H 266 -27.66 -7.43 13.48
C ILE H 266 -27.83 -6.13 12.70
N GLN H 267 -29.03 -5.55 12.69
CA GLN H 267 -29.17 -4.25 12.06
C GLN H 267 -29.98 -3.32 12.97
N ILE H 268 -29.44 -2.13 13.25
CA ILE H 268 -30.14 -1.12 14.02
C ILE H 268 -30.65 -0.08 13.03
N THR H 269 -31.96 0.14 12.99
CA THR H 269 -32.57 1.06 12.04
C THR H 269 -33.36 2.13 12.79
N PRO H 270 -32.74 3.30 13.08
CA PRO H 270 -33.49 4.42 13.66
C PRO H 270 -34.43 5.04 12.63
N ASN H 271 -35.31 5.93 13.09
CA ASN H 271 -36.37 6.52 12.28
C ASN H 271 -35.88 7.57 11.28
N ILE H 272 -34.66 8.09 11.48
CA ILE H 272 -34.01 9.04 10.56
C ILE H 272 -32.57 8.55 10.37
N GLY H 273 -32.06 8.65 9.13
CA GLY H 273 -30.68 8.29 8.84
C GLY H 273 -30.48 6.82 8.48
N SER H 274 -29.27 6.51 8.00
CA SER H 274 -28.92 5.18 7.53
C SER H 274 -28.88 4.19 8.70
N PRO H 275 -29.32 2.93 8.50
CA PRO H 275 -29.20 1.90 9.53
C PRO H 275 -27.74 1.46 9.67
N LEU H 276 -27.41 0.91 10.84
CA LEU H 276 -26.12 0.32 11.09
C LEU H 276 -26.27 -1.20 10.96
N THR H 277 -25.55 -1.80 9.99
CA THR H 277 -25.59 -3.23 9.78
C THR H 277 -24.28 -3.85 10.24
N ILE H 278 -24.39 -4.82 11.15
CA ILE H 278 -23.27 -5.48 11.82
C ILE H 278 -23.31 -6.94 11.38
N SER H 279 -22.19 -7.49 10.88
CA SER H 279 -22.12 -8.90 10.48
C SER H 279 -20.83 -9.56 10.93
N GLN H 280 -20.94 -10.75 11.54
CA GLN H 280 -19.80 -11.55 11.93
C GLN H 280 -20.00 -12.99 11.45
N TYR H 281 -18.98 -13.59 10.84
CA TYR H 281 -18.91 -15.04 10.82
C TYR H 281 -18.33 -15.51 12.15
N ILE H 282 -19.06 -16.40 12.83
CA ILE H 282 -18.71 -16.82 14.18
C ILE H 282 -18.04 -18.19 14.12
N TYR H 283 -16.76 -18.23 14.48
CA TYR H 283 -16.10 -19.49 14.83
C TYR H 283 -16.56 -19.96 16.20
N GLN H 284 -16.23 -21.21 16.55
CA GLN H 284 -16.48 -21.76 17.87
C GLN H 284 -16.08 -20.77 18.98
N PRO H 285 -16.98 -20.46 19.96
CA PRO H 285 -16.66 -19.49 21.01
C PRO H 285 -15.68 -20.08 22.03
N ASP H 286 -14.71 -19.24 22.42
CA ASP H 286 -13.47 -19.69 23.06
C ASP H 286 -13.39 -19.41 24.58
N GLY H 287 -14.40 -18.73 25.14
CA GLY H 287 -14.47 -18.43 26.57
C GLY H 287 -15.90 -18.10 27.03
N LYS H 288 -16.08 -17.85 28.34
CA LYS H 288 -17.36 -17.46 28.92
C LYS H 288 -17.97 -16.27 28.17
N VAL H 289 -17.11 -15.31 27.81
CA VAL H 289 -17.37 -14.32 26.78
C VAL H 289 -16.33 -14.52 25.68
N THR H 290 -16.70 -14.27 24.42
CA THR H 290 -15.77 -14.34 23.31
C THR H 290 -15.92 -13.09 22.44
N VAL H 291 -14.80 -12.58 21.89
CA VAL H 291 -14.84 -11.46 20.97
C VAL H 291 -15.11 -12.00 19.56
N ILE H 292 -16.29 -11.69 19.01
CA ILE H 292 -16.68 -12.22 17.70
C ILE H 292 -16.46 -11.22 16.57
N GLY H 293 -16.33 -9.91 16.89
CA GLY H 293 -16.18 -8.87 15.89
C GLY H 293 -15.63 -7.57 16.45
N LEU I 1 -62.45 45.06 -30.08
CA LEU I 1 -61.46 45.70 -29.17
C LEU I 1 -60.85 44.65 -28.24
N ALA I 2 -61.67 43.74 -27.71
CA ALA I 2 -61.18 42.81 -26.70
C ALA I 2 -59.91 42.12 -27.20
N GLY I 3 -59.80 41.85 -28.50
CA GLY I 3 -58.63 41.22 -29.11
C GLY I 3 -57.53 42.20 -29.49
N LEU I 4 -57.90 43.38 -30.01
CA LEU I 4 -56.93 44.37 -30.49
C LEU I 4 -55.94 44.72 -29.38
N ASP I 5 -56.44 45.09 -28.19
CA ASP I 5 -55.60 45.40 -27.03
C ASP I 5 -54.92 44.12 -26.54
N THR I 6 -55.64 42.99 -26.59
CA THR I 6 -55.11 41.70 -26.18
C THR I 6 -53.98 41.27 -27.11
N ALA I 7 -54.00 41.75 -28.37
CA ALA I 7 -52.98 41.47 -29.36
C ALA I 7 -51.72 42.31 -29.11
N ILE I 8 -51.88 43.45 -28.41
CA ILE I 8 -50.77 44.32 -28.02
C ILE I 8 -49.97 43.67 -26.89
N ILE I 9 -50.65 42.95 -25.98
CA ILE I 9 -50.02 42.32 -24.83
C ILE I 9 -49.33 41.02 -25.22
N LEU I 10 -49.83 40.36 -26.28
CA LEU I 10 -49.21 39.16 -26.83
C LEU I 10 -47.90 39.50 -27.55
N ILE I 11 -47.91 40.46 -28.49
CA ILE I 11 -46.71 40.94 -29.17
C ILE I 11 -45.60 41.29 -28.16
N ALA I 12 -45.94 42.12 -27.17
CA ALA I 12 -44.99 42.58 -26.15
C ALA I 12 -44.42 41.45 -25.30
N PHE I 13 -45.28 40.52 -24.86
CA PHE I 13 -44.86 39.41 -24.01
C PHE I 13 -44.00 38.41 -24.80
N ILE I 14 -44.26 38.22 -26.10
CA ILE I 14 -43.40 37.42 -26.97
C ILE I 14 -42.00 38.02 -27.00
N ILE I 15 -41.89 39.32 -27.30
CA ILE I 15 -40.63 40.04 -27.35
C ILE I 15 -39.88 39.92 -26.02
N THR I 16 -40.60 40.07 -24.91
CA THR I 16 -40.06 39.95 -23.55
C THR I 16 -39.46 38.57 -23.28
N ALA I 17 -40.17 37.49 -23.66
CA ALA I 17 -39.69 36.13 -23.54
C ALA I 17 -38.50 35.85 -24.48
N ALA I 18 -38.57 36.36 -25.72
CA ALA I 18 -37.48 36.25 -26.70
C ALA I 18 -36.19 36.90 -26.20
N VAL I 19 -36.29 38.04 -25.50
CA VAL I 19 -35.17 38.71 -24.85
C VAL I 19 -34.55 37.82 -23.75
N LEU I 20 -35.35 37.16 -22.91
CA LEU I 20 -34.79 36.20 -21.96
C LEU I 20 -34.12 35.03 -22.69
N ALA I 21 -34.77 34.48 -23.72
CA ALA I 21 -34.21 33.41 -24.53
C ALA I 21 -32.83 33.79 -25.07
N TYR I 22 -32.72 34.98 -25.68
CA TYR I 22 -31.49 35.55 -26.22
C TYR I 22 -30.38 35.59 -25.15
N VAL I 23 -30.70 36.13 -23.97
CA VAL I 23 -29.75 36.29 -22.87
C VAL I 23 -29.33 34.93 -22.29
N ALA I 24 -30.29 34.05 -22.01
CA ALA I 24 -30.04 32.76 -21.39
C ALA I 24 -29.19 31.86 -22.29
N VAL I 25 -29.46 31.83 -23.60
CA VAL I 25 -28.69 31.03 -24.55
C VAL I 25 -27.26 31.56 -24.66
N ASN I 26 -27.10 32.88 -24.85
CA ASN I 26 -25.78 33.51 -24.90
C ASN I 26 -24.98 33.20 -23.63
N MET I 27 -25.59 33.39 -22.46
CA MET I 27 -24.88 33.23 -21.21
C MET I 27 -24.59 31.76 -20.87
N GLY I 28 -25.45 30.83 -21.31
CA GLY I 28 -25.17 29.39 -21.28
C GLY I 28 -23.99 29.01 -22.16
N LEU I 29 -23.93 29.53 -23.40
CA LEU I 29 -22.78 29.33 -24.28
C LEU I 29 -21.50 29.85 -23.61
N PHE I 30 -21.56 31.05 -23.00
CA PHE I 30 -20.45 31.62 -22.26
C PHE I 30 -20.00 30.70 -21.12
N VAL I 31 -20.89 30.39 -20.16
CA VAL I 31 -20.51 29.67 -18.95
C VAL I 31 -20.05 28.24 -19.24
N THR I 32 -20.68 27.56 -20.20
CA THR I 32 -20.26 26.21 -20.58
C THR I 32 -18.85 26.23 -21.19
N GLN I 33 -18.47 27.29 -21.91
CA GLN I 33 -17.11 27.43 -22.40
C GLN I 33 -16.11 27.76 -21.29
N LYS I 34 -16.50 28.58 -20.29
CA LYS I 34 -15.71 28.79 -19.08
C LYS I 34 -15.49 27.46 -18.34
N ALA I 35 -16.51 26.60 -18.29
CA ALA I 35 -16.40 25.25 -17.74
C ALA I 35 -15.42 24.40 -18.56
N LYS I 36 -15.54 24.36 -19.90
CA LYS I 36 -14.62 23.65 -20.78
C LYS I 36 -13.16 24.04 -20.48
N THR I 37 -12.87 25.33 -20.47
CA THR I 37 -11.56 25.89 -20.18
C THR I 37 -11.07 25.47 -18.80
N THR I 38 -11.94 25.58 -17.78
CA THR I 38 -11.62 25.21 -16.42
C THR I 38 -11.29 23.73 -16.29
N ILE I 39 -12.07 22.85 -16.92
CA ILE I 39 -11.82 21.41 -16.93
C ILE I 39 -10.45 21.11 -17.52
N ASN I 40 -10.11 21.75 -18.64
CA ASN I 40 -8.78 21.64 -19.25
C ASN I 40 -7.67 22.06 -18.28
N LYS I 41 -7.78 23.25 -17.67
CA LYS I 41 -6.79 23.74 -16.71
C LYS I 41 -6.68 22.86 -15.46
N GLY I 42 -7.78 22.24 -15.03
CA GLY I 42 -7.78 21.29 -13.93
C GLY I 42 -6.99 20.02 -14.25
N GLU I 43 -7.19 19.45 -15.45
CA GLU I 43 -6.38 18.32 -15.90
C GLU I 43 -4.91 18.71 -16.03
N GLU I 44 -4.60 19.84 -16.68
CA GLU I 44 -3.23 20.34 -16.80
C GLU I 44 -2.57 20.51 -15.43
N THR I 45 -3.31 21.00 -14.43
CA THR I 45 -2.81 21.16 -13.07
C THR I 45 -2.54 19.82 -12.39
N ALA I 46 -3.32 18.79 -12.70
CA ALA I 46 -3.10 17.45 -12.16
C ALA I 46 -1.98 16.70 -12.88
N SER I 47 -1.78 16.94 -14.18
CA SER I 47 -0.78 16.23 -14.97
C SER I 47 0.61 16.88 -14.90
N THR I 48 0.70 18.21 -15.03
CA THR I 48 2.00 18.90 -15.05
C THR I 48 2.68 18.87 -13.67
N ALA I 49 3.93 18.39 -13.64
CA ALA I 49 4.77 18.35 -12.45
C ALA I 49 6.21 18.07 -12.85
N LEU I 50 7.18 18.42 -11.98
CA LEU I 50 8.59 18.11 -12.19
C LEU I 50 9.04 17.09 -11.15
N SER I 51 9.93 16.17 -11.56
CA SER I 51 10.61 15.25 -10.67
C SER I 51 12.08 15.62 -10.60
N LEU I 52 12.70 15.47 -9.43
CA LEU I 52 14.14 15.47 -9.31
C LEU I 52 14.68 14.18 -9.97
N SER I 53 15.47 14.34 -11.05
CA SER I 53 15.91 13.23 -11.88
C SER I 53 17.43 13.15 -12.00
N GLY I 54 18.10 13.50 -10.90
CA GLY I 54 19.53 13.31 -10.69
C GLY I 54 19.86 13.53 -9.22
N ASN I 55 21.13 13.35 -8.85
CA ASN I 55 21.57 13.73 -7.53
C ASN I 55 21.69 15.26 -7.42
N VAL I 56 21.63 15.77 -6.18
CA VAL I 56 21.88 17.17 -5.90
C VAL I 56 23.34 17.32 -5.49
N LEU I 57 24.08 18.12 -6.27
CA LEU I 57 25.50 18.34 -6.09
C LEU I 57 25.72 19.71 -5.46
N TYR I 58 26.63 19.79 -4.49
CA TYR I 58 26.93 21.02 -3.79
C TYR I 58 28.44 21.28 -3.82
N ALA I 59 28.86 22.52 -4.17
CA ALA I 59 30.26 22.88 -4.33
C ALA I 59 30.67 23.97 -3.34
N VAL I 60 31.87 23.82 -2.75
CA VAL I 60 32.40 24.68 -1.71
C VAL I 60 33.91 24.82 -1.86
N ASN I 61 34.53 25.77 -1.15
CA ASN I 61 35.98 25.98 -1.16
C ASN I 61 36.74 24.92 -0.38
N TYR I 62 36.53 23.66 -0.73
CA TYR I 62 37.12 22.50 -0.08
C TYR I 62 38.64 22.52 -0.21
N PRO I 63 39.42 22.07 0.82
CA PRO I 63 38.92 21.54 2.09
C PRO I 63 38.57 22.58 3.15
N THR I 64 38.87 23.86 2.90
CA THR I 64 38.77 24.92 3.91
C THR I 64 37.34 25.17 4.39
N ASN I 65 36.34 24.94 3.52
CA ASN I 65 34.91 24.98 3.84
C ASN I 65 34.44 26.29 4.48
N THR I 66 35.12 27.41 4.21
CA THR I 66 34.70 28.72 4.69
C THR I 66 33.68 29.38 3.75
N LYS I 67 33.53 28.90 2.51
CA LYS I 67 32.74 29.61 1.50
C LYS I 67 32.04 28.65 0.53
N SER I 68 30.85 29.06 0.08
CA SER I 68 29.91 28.22 -0.67
C SER I 68 29.77 28.72 -2.12
N TYR I 69 29.83 27.82 -3.12
CA TYR I 69 29.97 28.21 -4.51
C TYR I 69 28.68 28.04 -5.32
N TRP I 70 28.19 26.79 -5.44
CA TRP I 70 27.01 26.51 -6.22
C TRP I 70 26.33 25.21 -5.82
N MET I 71 25.05 25.06 -6.20
CA MET I 71 24.34 23.78 -6.19
C MET I 71 23.87 23.49 -7.60
N TYR I 72 23.93 22.21 -7.98
CA TYR I 72 23.47 21.74 -9.29
C TYR I 72 22.54 20.55 -9.06
N PHE I 73 21.45 20.47 -9.81
CA PHE I 73 20.60 19.30 -9.83
C PHE I 73 19.83 19.23 -11.14
N THR I 74 19.22 18.07 -11.42
CA THR I 74 18.58 17.84 -12.70
C THR I 74 17.09 17.57 -12.46
N VAL I 75 16.21 18.13 -13.31
CA VAL I 75 14.77 17.91 -13.21
C VAL I 75 14.21 17.48 -14.57
N SER I 76 13.07 16.78 -14.54
CA SER I 76 12.37 16.39 -15.76
C SER I 76 10.87 16.31 -15.46
N PRO I 77 9.97 16.56 -16.44
CA PRO I 77 8.54 16.37 -16.21
C PRO I 77 8.21 14.96 -15.72
N SER I 78 7.36 14.88 -14.69
CA SER I 78 7.07 13.65 -13.96
C SER I 78 6.38 12.60 -14.83
N SER I 79 6.89 11.36 -14.80
CA SER I 79 6.23 10.19 -15.38
C SER I 79 5.92 10.35 -16.88
N GLY I 80 6.61 11.28 -17.56
CA GLY I 80 6.47 11.52 -19.00
C GLY I 80 5.07 11.97 -19.46
N VAL I 81 4.26 12.60 -18.59
CA VAL I 81 2.85 12.81 -18.92
C VAL I 81 2.59 14.07 -19.76
N SER I 82 3.26 15.19 -19.45
CA SER I 82 3.01 16.47 -20.10
C SER I 82 4.19 17.44 -19.93
N SER I 83 4.21 18.51 -20.75
CA SER I 83 5.28 19.52 -20.77
C SER I 83 5.14 20.55 -19.65
N VAL I 84 6.26 21.18 -19.25
CA VAL I 84 6.29 22.20 -18.20
C VAL I 84 6.93 23.49 -18.71
N ASP I 85 6.23 24.63 -18.58
CA ASP I 85 6.79 25.96 -18.83
C ASP I 85 7.81 26.30 -17.74
N LEU I 86 9.07 26.54 -18.13
CA LEU I 86 10.12 26.94 -17.20
C LEU I 86 10.63 28.35 -17.48
N SER I 87 9.84 29.23 -18.10
CA SER I 87 10.32 30.59 -18.36
C SER I 87 10.60 31.34 -17.05
N PRO I 88 11.76 32.02 -16.89
CA PRO I 88 12.09 32.67 -15.63
C PRO I 88 11.25 33.90 -15.28
N SER I 89 10.43 34.37 -16.23
CA SER I 89 9.42 35.40 -15.93
C SER I 89 8.20 34.82 -15.20
N THR I 90 7.78 33.60 -15.58
CA THR I 90 6.57 32.97 -15.04
C THR I 90 6.87 32.09 -13.82
N THR I 91 7.99 31.36 -13.85
CA THR I 91 8.39 30.39 -12.83
C THR I 91 9.16 31.08 -11.70
N ALA I 92 9.01 30.60 -10.46
CA ALA I 92 9.90 31.00 -9.36
C ALA I 92 10.74 29.80 -8.90
N ILE I 93 11.98 30.06 -8.48
CA ILE I 93 12.71 29.09 -7.68
C ILE I 93 13.04 29.75 -6.36
N SER I 94 12.52 29.20 -5.25
CA SER I 94 12.85 29.70 -3.92
C SER I 94 13.99 28.90 -3.32
N PHE I 95 14.70 29.49 -2.36
CA PHE I 95 15.79 28.84 -1.67
C PHE I 95 15.72 29.23 -0.19
N THR I 96 15.65 28.26 0.72
CA THR I 96 15.65 28.56 2.15
C THR I 96 16.61 27.64 2.91
N ALA I 97 17.46 28.25 3.75
CA ALA I 97 18.23 27.54 4.77
C ALA I 97 17.72 28.04 6.12
N ALA I 98 16.64 27.40 6.60
CA ALA I 98 15.80 27.94 7.67
C ALA I 98 16.56 28.17 8.98
N SER I 99 17.49 27.25 9.30
CA SER I 99 18.31 27.29 10.51
C SER I 99 19.03 28.63 10.68
N ARG I 100 19.62 29.14 9.57
CA ARG I 100 20.37 30.39 9.55
C ARG I 100 19.52 31.59 9.11
N GLY I 101 18.20 31.40 8.94
CA GLY I 101 17.28 32.48 8.61
C GLY I 101 17.36 32.99 7.17
N VAL I 102 18.07 32.27 6.28
CA VAL I 102 18.15 32.60 4.86
C VAL I 102 16.86 32.12 4.18
N SER I 103 16.18 33.06 3.50
CA SER I 103 14.96 32.75 2.78
C SER I 103 14.85 33.67 1.58
N LEU I 104 14.98 33.10 0.37
CA LEU I 104 14.91 33.84 -0.88
C LEU I 104 13.68 33.34 -1.62
N SER I 105 12.73 34.24 -1.87
CA SER I 105 11.43 33.85 -2.43
C SER I 105 11.52 33.56 -3.93
N ASN I 106 12.43 34.23 -4.66
CA ASN I 106 12.66 33.90 -6.06
C ASN I 106 14.09 34.28 -6.48
N ILE I 107 14.88 33.26 -6.84
CA ILE I 107 16.25 33.42 -7.32
C ILE I 107 16.38 33.10 -8.81
N TYR I 108 15.31 32.66 -9.47
CA TYR I 108 15.39 32.21 -10.86
C TYR I 108 15.41 33.40 -11.83
N GLN I 109 16.46 33.49 -12.65
CA GLN I 109 16.64 34.68 -13.49
C GLN I 109 16.76 34.38 -14.98
N PHE I 110 17.41 33.25 -15.35
CA PHE I 110 17.81 33.04 -16.74
C PHE I 110 17.61 31.59 -17.18
N SER I 111 17.45 31.38 -18.49
CA SER I 111 17.42 30.03 -19.02
C SER I 111 18.13 29.96 -20.36
N LEU I 112 18.93 28.92 -20.55
CA LEU I 112 19.51 28.60 -21.86
C LEU I 112 18.54 27.80 -22.73
N LEU I 113 17.34 27.45 -22.22
CA LEU I 113 16.30 26.86 -23.05
C LEU I 113 15.83 27.84 -24.14
N SER I 114 15.92 29.16 -23.87
CA SER I 114 15.64 30.24 -24.80
C SER I 114 16.68 30.36 -25.93
N VAL I 115 17.86 29.72 -25.78
CA VAL I 115 19.05 30.07 -26.55
C VAL I 115 19.33 29.00 -27.61
N LEU I 116 19.43 29.43 -28.89
CA LEU I 116 19.81 28.55 -29.98
C LEU I 116 21.33 28.32 -29.97
N PRO I 117 21.84 27.14 -30.41
CA PRO I 117 23.28 26.87 -30.46
C PRO I 117 24.09 27.94 -31.19
N SER I 118 23.55 28.48 -32.30
CA SER I 118 24.19 29.53 -33.09
C SER I 118 24.39 30.85 -32.34
N GLN I 119 23.71 31.02 -31.20
CA GLN I 119 23.85 32.21 -30.37
C GLN I 119 25.04 32.10 -29.40
N VAL I 120 25.61 30.89 -29.20
CA VAL I 120 26.66 30.66 -28.21
C VAL I 120 27.90 29.96 -28.79
N ASN I 121 27.73 29.03 -29.72
CA ASN I 121 28.85 28.35 -30.36
C ASN I 121 29.67 29.35 -31.19
N ASN I 122 31.01 29.20 -31.15
CA ASN I 122 31.97 30.06 -31.85
C ASN I 122 31.90 31.54 -31.42
N LYS I 123 31.34 31.84 -30.23
CA LYS I 123 31.17 33.23 -29.78
C LYS I 123 31.94 33.55 -28.49
N VAL I 124 32.50 32.51 -27.84
CA VAL I 124 33.58 32.67 -26.86
C VAL I 124 34.79 31.87 -27.33
N GLN I 125 35.99 32.39 -27.03
CA GLN I 125 37.22 31.88 -27.62
C GLN I 125 38.39 32.01 -26.65
N VAL I 126 39.38 31.11 -26.78
CA VAL I 126 40.57 31.10 -25.94
C VAL I 126 41.80 31.47 -26.77
N LYS I 127 42.59 32.44 -26.28
CA LYS I 127 43.91 32.75 -26.85
C LYS I 127 44.98 31.89 -26.17
N LEU I 128 45.34 30.75 -26.80
CA LEU I 128 46.48 29.95 -26.37
C LEU I 128 47.73 30.40 -27.13
N GLY I 129 48.49 31.34 -26.55
CA GLY I 129 49.60 31.99 -27.23
C GLY I 129 49.13 32.74 -28.48
N THR I 130 49.73 32.41 -29.64
CA THR I 130 49.36 32.95 -30.94
C THR I 130 47.99 32.43 -31.39
N SER I 131 47.68 31.16 -31.09
CA SER I 131 46.48 30.49 -31.59
C SER I 131 45.21 30.96 -30.86
N ILE I 132 44.10 31.07 -31.61
CA ILE I 132 42.80 31.42 -31.03
C ILE I 132 41.78 30.33 -31.38
N ILE I 133 41.18 29.72 -30.34
CA ILE I 133 40.29 28.58 -30.52
C ILE I 133 38.85 28.97 -30.17
N ASN I 134 37.94 28.81 -31.13
CA ASN I 134 36.50 28.96 -30.94
C ASN I 134 35.94 27.78 -30.15
N LEU I 135 35.18 28.06 -29.07
CA LEU I 135 34.55 26.99 -28.29
C LEU I 135 33.18 26.59 -28.85
N THR I 136 32.89 25.29 -28.78
CA THR I 136 31.55 24.75 -28.98
C THR I 136 31.00 24.38 -27.60
N LEU I 137 29.84 24.95 -27.24
CA LEU I 137 29.29 24.86 -25.89
C LEU I 137 27.96 24.13 -25.89
N ALA I 138 27.05 24.50 -26.79
CA ALA I 138 25.81 23.78 -27.03
C ALA I 138 26.08 22.65 -28.02
N PHE I 139 26.01 21.39 -27.55
CA PHE I 139 26.07 20.24 -28.41
C PHE I 139 24.68 19.99 -29.01
N SER I 140 24.63 19.26 -30.13
CA SER I 140 23.37 19.01 -30.83
C SER I 140 23.39 17.69 -31.59
N SER I 141 22.21 17.07 -31.75
CA SER I 141 22.02 15.85 -32.53
C SER I 141 20.62 15.82 -33.15
N ASN I 142 20.41 14.99 -34.18
CA ASN I 142 19.15 14.94 -34.90
C ASN I 142 18.40 13.63 -34.66
N SER I 143 17.07 13.72 -34.46
CA SER I 143 16.18 12.58 -34.59
C SER I 143 14.84 13.02 -35.19
N ALA I 144 14.30 12.26 -36.15
CA ALA I 144 13.01 12.54 -36.80
C ALA I 144 12.87 13.99 -37.29
N GLY I 145 14.00 14.58 -37.77
CA GLY I 145 13.99 15.93 -38.32
C GLY I 145 13.97 17.06 -37.28
N GLN I 146 14.02 16.71 -35.98
CA GLN I 146 14.20 17.68 -34.90
C GLN I 146 15.67 17.76 -34.50
N THR I 147 16.17 18.97 -34.22
CA THR I 147 17.48 19.14 -33.62
C THR I 147 17.32 19.22 -32.10
N TYR I 148 17.94 18.27 -31.40
CA TYR I 148 18.04 18.27 -29.94
C TYR I 148 19.25 19.12 -29.55
N VAL I 149 19.15 19.84 -28.43
CA VAL I 149 20.20 20.73 -27.97
C VAL I 149 20.47 20.44 -26.50
N TYR I 150 21.75 20.43 -26.10
CA TYR I 150 22.09 20.25 -24.70
C TYR I 150 23.49 20.78 -24.40
N TYR I 151 23.78 20.99 -23.11
CA TYR I 151 25.11 21.32 -22.64
C TYR I 151 25.66 20.10 -21.90
N SER I 152 26.87 19.68 -22.27
CA SER I 152 27.43 18.44 -21.77
C SER I 152 27.80 18.53 -20.28
N ASP I 153 28.13 19.74 -19.80
CA ASP I 153 28.46 19.95 -18.39
C ASP I 153 28.05 21.34 -17.91
N PRO I 154 27.99 21.59 -16.58
CA PRO I 154 27.74 22.93 -16.05
C PRO I 154 28.77 23.97 -16.45
N ASN I 155 30.00 23.59 -16.79
CA ASN I 155 31.05 24.54 -17.19
C ASN I 155 30.74 25.18 -18.54
N TYR I 156 30.38 24.38 -19.54
CA TYR I 156 29.96 24.92 -20.83
C TYR I 156 28.65 25.68 -20.72
N ALA I 157 27.74 25.25 -19.84
CA ALA I 157 26.53 26.01 -19.54
C ALA I 157 26.86 27.38 -18.94
N LEU I 158 27.80 27.45 -17.98
CA LEU I 158 28.22 28.71 -17.38
C LEU I 158 28.82 29.65 -18.41
N LEU I 159 29.70 29.16 -19.29
CA LEU I 159 30.30 29.99 -20.34
C LEU I 159 29.24 30.51 -21.32
N ALA I 160 28.32 29.64 -21.73
CA ALA I 160 27.19 30.01 -22.59
C ALA I 160 26.30 31.07 -21.93
N LEU I 161 26.10 30.99 -20.62
CA LEU I 161 25.37 32.00 -19.87
C LEU I 161 26.14 33.31 -19.76
N ASN I 162 27.43 33.28 -19.41
CA ASN I 162 28.26 34.49 -19.39
C ASN I 162 28.16 35.24 -20.70
N TYR I 163 28.30 34.52 -21.83
CA TYR I 163 28.15 35.12 -23.14
C TYR I 163 26.75 35.72 -23.32
N THR I 164 25.71 34.91 -23.11
CA THR I 164 24.33 35.33 -23.30
C THR I 164 23.98 36.58 -22.49
N LEU I 165 24.35 36.63 -21.21
CA LEU I 165 24.03 37.77 -20.36
C LEU I 165 24.87 38.99 -20.70
N GLY I 166 26.16 38.84 -21.02
CA GLY I 166 26.97 39.93 -21.52
C GLY I 166 26.42 40.53 -22.81
N GLN I 167 25.93 39.67 -23.70
CA GLN I 167 25.29 40.06 -24.94
C GLN I 167 23.95 40.78 -24.72
N GLU I 168 23.17 40.35 -23.71
CA GLU I 168 21.94 41.05 -23.32
C GLU I 168 22.19 42.40 -22.67
N VAL I 169 23.28 42.55 -21.88
CA VAL I 169 23.72 43.84 -21.36
C VAL I 169 24.14 44.76 -22.51
N LYS I 170 24.94 44.23 -23.46
CA LYS I 170 25.39 44.95 -24.64
C LYS I 170 24.22 45.40 -25.50
N GLY I 171 23.18 44.57 -25.61
CA GLY I 171 21.94 44.90 -26.30
C GLY I 171 20.95 45.76 -25.50
N GLY I 172 21.31 46.17 -24.27
CA GLY I 172 20.47 47.01 -23.42
C GLY I 172 19.20 46.34 -22.85
N GLN I 173 19.07 45.01 -23.02
CA GLN I 173 17.92 44.25 -22.55
C GLN I 173 17.98 43.95 -21.05
N LEU I 174 19.19 44.01 -20.47
CA LEU I 174 19.48 43.69 -19.07
C LEU I 174 20.40 44.80 -18.51
N THR I 175 20.20 45.22 -17.26
CA THR I 175 20.94 46.35 -16.70
C THR I 175 22.38 45.99 -16.36
N SER I 176 22.57 44.85 -15.67
CA SER I 176 23.86 44.24 -15.38
C SER I 176 23.71 42.72 -15.36
N SER I 177 24.75 42.01 -15.83
CA SER I 177 24.85 40.57 -15.62
C SER I 177 25.28 40.32 -14.18
N PRO I 178 24.62 39.42 -13.41
CA PRO I 178 25.10 39.04 -12.09
C PRO I 178 26.28 38.08 -12.16
N LEU I 179 26.55 37.50 -13.34
CA LEU I 179 27.66 36.58 -13.58
C LEU I 179 28.69 37.24 -14.50
N TYR I 180 29.97 37.16 -14.12
CA TYR I 180 31.06 37.58 -14.99
C TYR I 180 32.17 36.53 -14.97
N ILE I 181 32.58 36.01 -16.13
CA ILE I 181 33.56 34.93 -16.21
C ILE I 181 34.79 35.39 -17.01
N ILE I 182 35.98 35.21 -16.43
CA ILE I 182 37.27 35.60 -17.03
C ILE I 182 38.32 34.51 -16.80
N SER I 183 39.26 34.38 -17.74
CA SER I 183 40.43 33.52 -17.56
C SER I 183 41.59 34.32 -16.95
N ASN I 184 41.70 35.58 -17.38
CA ASN I 184 42.70 36.52 -16.92
C ASN I 184 42.26 37.16 -15.60
N THR I 185 42.99 36.88 -14.51
CA THR I 185 42.72 37.52 -13.23
C THR I 185 43.33 38.93 -13.12
N SER I 186 44.30 39.29 -13.97
CA SER I 186 44.94 40.60 -13.95
C SER I 186 43.93 41.76 -14.09
N ILE I 187 42.83 41.49 -14.79
CA ILE I 187 41.73 42.43 -15.05
C ILE I 187 41.10 42.96 -13.75
N VAL I 188 41.06 42.13 -12.70
CA VAL I 188 40.29 42.37 -11.48
C VAL I 188 40.69 43.67 -10.77
N ALA I 189 41.98 44.04 -10.80
CA ALA I 189 42.47 45.28 -10.21
C ALA I 189 41.80 46.53 -10.81
N SER I 190 41.41 46.47 -12.09
CA SER I 190 40.76 47.56 -12.81
C SER I 190 39.23 47.60 -12.60
N LYS I 191 38.67 46.58 -11.92
CA LYS I 191 37.23 46.37 -11.77
C LYS I 191 36.89 46.08 -10.31
N PRO I 192 37.01 47.06 -9.40
CA PRO I 192 36.99 46.81 -7.95
C PRO I 192 35.69 46.21 -7.40
N TRP I 193 34.57 46.32 -8.13
CA TRP I 193 33.34 45.65 -7.74
C TRP I 193 33.47 44.12 -7.72
N LEU I 194 34.39 43.57 -8.55
CA LEU I 194 34.68 42.13 -8.56
C LEU I 194 35.50 41.69 -7.33
N LYS I 195 36.04 42.61 -6.53
CA LYS I 195 36.88 42.26 -5.38
C LYS I 195 36.06 41.59 -4.27
N ASN I 196 34.82 42.05 -4.07
CA ASN I 196 34.04 41.72 -2.89
C ASN I 196 32.94 40.69 -3.14
N ASP I 197 32.45 40.56 -4.39
CA ASP I 197 31.44 39.54 -4.70
C ASP I 197 32.02 38.12 -4.73
N ASN I 198 31.15 37.10 -4.81
CA ASN I 198 31.56 35.72 -4.62
C ASN I 198 32.29 35.18 -5.84
N VAL I 199 33.38 34.42 -5.65
CA VAL I 199 34.15 33.90 -6.77
C VAL I 199 34.46 32.40 -6.58
N PHE I 200 34.28 31.64 -7.67
CA PHE I 200 34.70 30.25 -7.75
C PHE I 200 35.39 30.00 -9.09
N THR I 201 36.14 28.89 -9.21
CA THR I 201 36.85 28.61 -10.44
C THR I 201 36.50 27.23 -10.99
N PHE I 202 36.63 27.07 -12.30
CA PHE I 202 36.46 25.79 -12.96
C PHE I 202 37.40 25.72 -14.16
N ASN I 203 37.80 24.49 -14.52
CA ASN I 203 38.70 24.26 -15.63
C ASN I 203 37.94 23.61 -16.77
N ILE I 204 38.25 24.02 -18.02
CA ILE I 204 37.89 23.29 -19.22
C ILE I 204 39.17 22.95 -19.97
N SER I 205 39.13 21.98 -20.90
CA SER I 205 40.29 21.66 -21.72
C SER I 205 40.11 22.15 -23.17
N VAL I 206 41.11 22.87 -23.69
CA VAL I 206 41.09 23.43 -25.03
C VAL I 206 42.45 23.15 -25.66
N ASN I 207 42.47 22.57 -26.87
CA ASN I 207 43.70 22.08 -27.48
C ASN I 207 44.51 21.25 -26.46
N GLY I 208 43.82 20.35 -25.75
CA GLY I 208 44.37 19.49 -24.71
C GLY I 208 45.04 20.21 -23.54
N THR I 209 44.85 21.53 -23.43
CA THR I 209 45.44 22.38 -22.39
C THR I 209 44.34 22.78 -21.40
N GLU I 210 44.62 22.68 -20.09
CA GLU I 210 43.69 23.14 -19.07
C GLU I 210 43.62 24.68 -19.04
N VAL I 211 42.41 25.22 -19.19
CA VAL I 211 42.13 26.65 -19.07
C VAL I 211 41.30 26.85 -17.81
N GLU I 212 41.81 27.60 -16.83
CA GLU I 212 41.02 27.95 -15.66
C GLU I 212 40.22 29.22 -15.90
N TYR I 213 38.93 29.14 -15.59
CA TYR I 213 38.04 30.29 -15.58
C TYR I 213 37.61 30.62 -14.15
N TYR I 214 37.55 31.92 -13.87
CA TYR I 214 37.11 32.50 -12.62
C TYR I 214 35.74 33.10 -12.84
N ALA I 215 34.75 32.61 -12.08
CA ALA I 215 33.36 33.06 -12.18
C ALA I 215 33.04 33.94 -10.98
N TYR I 216 32.68 35.21 -11.27
CA TYR I 216 32.32 36.21 -10.27
C TYR I 216 30.80 36.34 -10.24
N VAL I 217 30.21 36.22 -9.05
CA VAL I 217 28.78 36.15 -8.85
C VAL I 217 28.31 37.24 -7.89
N ASN I 218 27.49 38.14 -8.41
CA ASN I 218 27.04 39.40 -7.80
C ASN I 218 26.01 39.16 -6.67
N LYS I 219 25.14 38.17 -6.88
CA LYS I 219 23.99 37.85 -6.02
C LYS I 219 23.61 36.38 -6.20
N THR I 220 22.90 35.77 -5.24
CA THR I 220 22.46 34.40 -5.42
C THR I 220 21.39 34.32 -6.51
N PHE I 221 21.63 33.51 -7.54
CA PHE I 221 20.68 33.35 -8.63
C PHE I 221 20.68 31.90 -9.15
N ALA I 222 19.60 31.53 -9.83
CA ALA I 222 19.48 30.23 -10.46
C ALA I 222 19.27 30.41 -11.96
N PHE I 223 19.78 29.44 -12.73
CA PHE I 223 19.46 29.34 -14.14
C PHE I 223 19.21 27.88 -14.52
N THR I 224 18.54 27.68 -15.67
CA THR I 224 18.27 26.35 -16.18
C THR I 224 18.87 26.19 -17.57
N TYR I 225 19.19 24.94 -17.93
CA TYR I 225 19.72 24.64 -19.25
C TYR I 225 19.36 23.22 -19.66
N PRO I 226 19.28 22.91 -20.97
CA PRO I 226 18.89 21.58 -21.42
C PRO I 226 20.03 20.57 -21.29
N VAL I 227 19.68 19.34 -20.87
CA VAL I 227 20.62 18.25 -20.65
C VAL I 227 20.37 17.08 -21.60
N SER I 228 19.09 16.73 -21.88
CA SER I 228 18.73 15.81 -22.94
C SER I 228 17.26 15.94 -23.32
N GLY I 229 16.87 15.35 -24.45
CA GLY I 229 15.46 15.26 -24.83
C GLY I 229 14.78 16.61 -25.08
N PHE I 230 15.58 17.66 -25.33
CA PHE I 230 15.07 19.01 -25.53
C PHE I 230 15.23 19.44 -26.99
N PRO I 231 14.20 19.27 -27.84
CA PRO I 231 14.22 19.80 -29.21
C PRO I 231 13.66 21.22 -29.32
N LEU I 232 13.02 21.74 -28.26
CA LEU I 232 12.26 22.99 -28.31
C LEU I 232 13.13 24.23 -28.06
N ALA I 233 14.36 24.26 -28.60
CA ALA I 233 15.27 25.39 -28.40
C ALA I 233 14.63 26.70 -28.86
N GLY I 234 14.67 27.71 -27.97
CA GLY I 234 13.99 28.99 -28.15
C GLY I 234 12.79 29.18 -27.22
N SER I 235 12.24 28.12 -26.61
CA SER I 235 10.88 28.15 -26.06
C SER I 235 10.76 28.38 -24.55
N ASP I 236 11.76 27.98 -23.74
CA ASP I 236 11.65 27.81 -22.28
C ASP I 236 10.67 26.69 -21.84
N ILE I 237 10.23 25.80 -22.73
CA ILE I 237 9.33 24.71 -22.34
C ILE I 237 10.13 23.40 -22.24
N ALA I 238 10.04 22.72 -21.11
CA ALA I 238 10.58 21.36 -20.98
C ALA I 238 9.52 20.36 -21.43
N PRO I 239 9.68 19.67 -22.59
CA PRO I 239 8.68 18.68 -23.01
C PRO I 239 8.81 17.40 -22.20
N ALA I 240 7.76 16.58 -22.20
CA ALA I 240 7.79 15.29 -21.52
C ALA I 240 8.92 14.41 -22.09
N GLY I 241 9.75 13.84 -21.20
CA GLY I 241 10.92 13.07 -21.60
C GLY I 241 12.15 13.93 -21.95
N SER I 242 12.14 15.22 -21.57
CA SER I 242 13.35 16.04 -21.54
C SER I 242 13.98 16.02 -20.15
N VAL I 243 15.26 16.42 -20.08
CA VAL I 243 16.01 16.49 -18.83
C VAL I 243 16.67 17.87 -18.78
N ILE I 244 16.45 18.60 -17.68
CA ILE I 244 16.83 20.00 -17.55
C ILE I 244 17.78 20.15 -16.36
N GLY I 245 18.95 20.74 -16.59
CA GLY I 245 19.84 21.07 -15.50
C GLY I 245 19.39 22.37 -14.84
N VAL I 246 19.39 22.40 -13.51
CA VAL I 246 19.11 23.57 -12.70
C VAL I 246 20.38 23.86 -11.90
N MET I 247 20.88 25.10 -11.98
CA MET I 247 22.08 25.44 -11.24
C MET I 247 21.86 26.75 -10.47
N ILE I 248 22.23 26.72 -9.19
CA ILE I 248 22.15 27.85 -8.29
C ILE I 248 23.58 28.29 -8.00
N LEU I 249 23.91 29.56 -8.30
CA LEU I 249 25.22 30.12 -7.95
C LEU I 249 25.01 31.07 -6.77
N PHE I 250 25.80 30.90 -5.70
CA PHE I 250 25.62 31.73 -4.51
C PHE I 250 26.35 33.06 -4.65
N GLY I 251 25.68 34.15 -4.22
CA GLY I 251 26.29 35.47 -4.11
C GLY I 251 27.00 35.66 -2.78
N PRO I 252 27.66 36.82 -2.52
CA PRO I 252 28.46 37.02 -1.33
C PRO I 252 27.68 36.97 -0.02
N GLY I 253 26.35 37.19 -0.06
CA GLY I 253 25.47 37.00 1.09
C GLY I 253 25.39 35.54 1.52
N GLU I 254 24.75 34.70 0.68
CA GLU I 254 24.52 33.29 1.02
C GLU I 254 25.81 32.46 1.02
N ALA I 255 26.86 32.91 0.31
CA ALA I 255 28.14 32.23 0.26
C ALA I 255 28.90 32.22 1.60
N THR I 256 28.55 33.11 2.54
CA THR I 256 29.41 33.59 3.63
C THR I 256 30.00 32.49 4.52
N ASN I 257 29.25 31.42 4.80
CA ASN I 257 29.80 30.18 5.34
C ASN I 257 29.01 28.96 4.87
N VAL I 258 29.67 27.80 4.86
CA VAL I 258 29.15 26.57 4.26
C VAL I 258 27.95 26.02 5.03
N PHE I 259 27.02 25.34 4.34
CA PHE I 259 25.92 24.63 4.99
C PHE I 259 26.44 23.40 5.72
N GLN I 260 26.26 23.33 7.04
CA GLN I 260 26.58 22.15 7.83
C GLN I 260 25.56 21.97 8.93
N TYR I 261 25.10 20.73 9.16
CA TYR I 261 24.14 20.42 10.22
C TYR I 261 22.88 21.28 10.06
N GLU I 262 22.43 21.42 8.81
CA GLU I 262 21.39 22.37 8.41
C GLU I 262 20.49 21.74 7.36
N THR I 263 19.21 22.16 7.31
CA THR I 263 18.32 21.74 6.24
C THR I 263 18.21 22.85 5.20
N VAL I 264 18.49 22.50 3.94
CA VAL I 264 18.29 23.38 2.80
C VAL I 264 17.09 22.90 1.99
N THR I 265 16.18 23.83 1.68
CA THR I 265 15.00 23.56 0.87
C THR I 265 15.03 24.44 -0.37
N ILE I 266 14.80 23.83 -1.53
CA ILE I 266 14.65 24.51 -2.81
C ILE I 266 13.25 24.19 -3.31
N GLN I 267 12.53 25.17 -3.86
CA GLN I 267 11.25 24.85 -4.47
C GLN I 267 11.15 25.50 -5.84
N ILE I 268 10.82 24.71 -6.86
CA ILE I 268 10.57 25.22 -8.20
C ILE I 268 9.06 25.25 -8.40
N THR I 269 8.51 26.44 -8.68
CA THR I 269 7.07 26.62 -8.83
C THR I 269 6.76 27.19 -10.21
N PRO I 270 6.46 26.33 -11.23
CA PRO I 270 6.01 26.82 -12.52
C PRO I 270 4.59 27.38 -12.43
N ASN I 271 4.14 28.04 -13.49
CA ASN I 271 2.88 28.76 -13.52
C ASN I 271 1.65 27.85 -13.63
N ILE I 272 1.84 26.58 -14.01
CA ILE I 272 0.80 25.56 -14.06
C ILE I 272 1.36 24.29 -13.42
N GLY I 273 0.55 23.59 -12.63
CA GLY I 273 0.94 22.32 -12.04
C GLY I 273 1.60 22.47 -10.66
N SER I 274 1.80 21.34 -9.99
CA SER I 274 2.35 21.29 -8.64
C SER I 274 3.81 21.72 -8.64
N PRO I 275 4.29 22.46 -7.61
CA PRO I 275 5.70 22.78 -7.48
C PRO I 275 6.50 21.54 -7.08
N LEU I 276 7.80 21.57 -7.39
CA LEU I 276 8.73 20.53 -6.95
C LEU I 276 9.48 21.08 -5.73
N THR I 277 9.32 20.41 -4.59
CA THR I 277 10.01 20.80 -3.36
C THR I 277 11.11 19.81 -3.06
N ILE I 278 12.34 20.32 -2.93
CA ILE I 278 13.56 19.55 -2.73
C ILE I 278 14.10 19.91 -1.35
N SER I 279 14.37 18.92 -0.48
CA SER I 279 14.94 19.18 0.84
C SER I 279 16.05 18.20 1.19
N GLN I 280 17.18 18.73 1.68
CA GLN I 280 18.28 17.93 2.16
C GLN I 280 18.72 18.44 3.54
N TYR I 281 18.93 17.54 4.49
CA TYR I 281 19.79 17.86 5.62
C TYR I 281 21.24 17.65 5.17
N ILE I 282 22.06 18.69 5.33
CA ILE I 282 23.42 18.69 4.81
C ILE I 282 24.38 18.43 5.96
N TYR I 283 25.07 17.28 5.91
CA TYR I 283 26.26 17.05 6.70
C TYR I 283 27.44 17.83 6.12
N GLN I 284 28.54 17.91 6.89
CA GLN I 284 29.78 18.52 6.42
C GLN I 284 30.13 18.05 5.00
N PRO I 285 30.42 18.97 4.04
CA PRO I 285 30.72 18.57 2.66
C PRO I 285 32.11 17.96 2.55
N ASP I 286 32.20 16.87 1.78
CA ASP I 286 33.32 15.93 1.83
C ASP I 286 34.30 16.02 0.67
N GLY I 287 34.02 16.88 -0.33
CA GLY I 287 34.89 17.10 -1.49
C GLY I 287 34.61 18.44 -2.19
N LYS I 288 35.38 18.74 -3.24
CA LYS I 288 35.21 19.96 -4.05
C LYS I 288 33.76 20.08 -4.53
N VAL I 289 33.18 18.95 -4.92
CA VAL I 289 31.75 18.76 -5.05
C VAL I 289 31.36 17.66 -4.08
N THR I 290 30.15 17.73 -3.50
CA THR I 290 29.63 16.69 -2.62
C THR I 290 28.20 16.35 -3.03
N VAL I 291 27.82 15.07 -2.93
CA VAL I 291 26.46 14.65 -3.19
C VAL I 291 25.64 14.82 -1.91
N ILE I 292 24.69 15.77 -1.91
CA ILE I 292 23.92 16.08 -0.71
C ILE I 292 22.54 15.41 -0.72
N GLY I 293 22.04 14.98 -1.90
CA GLY I 293 20.72 14.39 -2.02
C GLY I 293 20.54 13.62 -3.31
N LEU J 1 -58.33 46.36 -20.50
CA LEU J 1 -58.58 45.27 -19.52
C LEU J 1 -57.57 44.14 -19.73
N ALA J 2 -57.32 43.78 -21.01
CA ALA J 2 -56.49 42.61 -21.28
C ALA J 2 -55.19 42.68 -20.49
N GLY J 3 -54.64 43.90 -20.29
CA GLY J 3 -53.40 44.11 -19.55
C GLY J 3 -53.61 44.26 -18.05
N LEU J 4 -54.69 44.94 -17.63
CA LEU J 4 -54.94 45.22 -16.22
C LEU J 4 -54.99 43.92 -15.42
N ASP J 5 -55.80 42.94 -15.87
CA ASP J 5 -55.88 41.63 -15.23
C ASP J 5 -54.57 40.87 -15.43
N THR J 6 -53.95 41.02 -16.61
CA THR J 6 -52.68 40.38 -16.93
C THR J 6 -51.57 40.94 -16.05
N ALA J 7 -51.73 42.19 -15.57
CA ALA J 7 -50.78 42.85 -14.69
C ALA J 7 -50.93 42.33 -13.25
N ILE J 8 -52.11 41.79 -12.92
CA ILE J 8 -52.38 41.20 -11.62
C ILE J 8 -51.68 39.85 -11.49
N ILE J 9 -51.59 39.09 -12.61
CA ILE J 9 -50.99 37.77 -12.64
C ILE J 9 -49.47 37.86 -12.68
N LEU J 10 -48.94 38.96 -13.24
CA LEU J 10 -47.51 39.22 -13.26
C LEU J 10 -47.00 39.59 -11.86
N ILE J 11 -47.61 40.57 -11.19
CA ILE J 11 -47.30 40.93 -9.81
C ILE J 11 -47.25 39.70 -8.90
N ALA J 12 -48.33 38.89 -8.93
CA ALA J 12 -48.46 37.71 -8.09
C ALA J 12 -47.41 36.64 -8.38
N PHE J 13 -47.14 36.37 -9.67
CA PHE J 13 -46.17 35.36 -10.05
C PHE J 13 -44.73 35.80 -9.73
N ILE J 14 -44.42 37.10 -9.81
CA ILE J 14 -43.15 37.65 -9.35
C ILE J 14 -42.96 37.35 -7.87
N ILE J 15 -43.94 37.71 -7.04
CA ILE J 15 -43.92 37.47 -5.60
C ILE J 15 -43.72 35.99 -5.30
N THR J 16 -44.44 35.12 -6.02
CA THR J 16 -44.35 33.67 -5.89
C THR J 16 -42.95 33.13 -6.18
N ALA J 17 -42.31 33.60 -7.26
CA ALA J 17 -40.94 33.25 -7.61
C ALA J 17 -39.93 33.81 -6.60
N ALA J 18 -40.12 35.05 -6.15
CA ALA J 18 -39.30 35.69 -5.14
C ALA J 18 -39.31 34.92 -3.81
N VAL J 19 -40.47 34.37 -3.43
CA VAL J 19 -40.62 33.50 -2.27
C VAL J 19 -39.81 32.20 -2.42
N LEU J 20 -39.81 31.56 -3.60
CA LEU J 20 -38.93 30.42 -3.82
C LEU J 20 -37.45 30.83 -3.75
N ALA J 21 -37.09 31.95 -4.38
CA ALA J 21 -35.75 32.50 -4.34
C ALA J 21 -35.27 32.69 -2.89
N TYR J 22 -36.09 33.33 -2.06
CA TYR J 22 -35.85 33.56 -0.64
C TYR J 22 -35.57 32.24 0.10
N VAL J 23 -36.42 31.24 -0.09
CA VAL J 23 -36.31 29.94 0.57
C VAL J 23 -35.09 29.16 0.10
N ALA J 24 -34.88 29.08 -1.22
CA ALA J 24 -33.79 28.31 -1.82
C ALA J 24 -32.42 28.87 -1.43
N VAL J 25 -32.26 30.20 -1.42
CA VAL J 25 -31.01 30.84 -1.03
C VAL J 25 -30.72 30.60 0.45
N ASN J 26 -31.71 30.84 1.33
CA ASN J 26 -31.59 30.59 2.75
C ASN J 26 -31.20 29.14 3.02
N MET J 27 -31.91 28.19 2.39
CA MET J 27 -31.69 26.79 2.66
C MET J 27 -30.38 26.26 2.05
N GLY J 28 -29.92 26.85 0.93
CA GLY J 28 -28.57 26.63 0.40
C GLY J 28 -27.48 27.13 1.34
N LEU J 29 -27.63 28.34 1.90
CA LEU J 29 -26.72 28.85 2.91
C LEU J 29 -26.67 27.91 4.13
N PHE J 30 -27.83 27.43 4.59
CA PHE J 30 -27.92 26.47 5.68
C PHE J 30 -27.16 25.18 5.35
N VAL J 31 -27.54 24.48 4.27
CA VAL J 31 -27.00 23.15 3.97
C VAL J 31 -25.51 23.20 3.65
N THR J 32 -25.04 24.23 2.94
CA THR J 32 -23.62 24.37 2.66
C THR J 32 -22.80 24.58 3.94
N GLN J 33 -23.37 25.25 4.95
CA GLN J 33 -22.71 25.36 6.24
C GLN J 33 -22.73 24.05 7.04
N LYS J 34 -23.82 23.27 6.96
CA LYS J 34 -23.86 21.91 7.50
C LYS J 34 -22.78 21.03 6.85
N ALA J 35 -22.57 21.19 5.53
CA ALA J 35 -21.49 20.53 4.80
C ALA J 35 -20.12 20.99 5.32
N LYS J 36 -19.86 22.30 5.45
CA LYS J 36 -18.63 22.83 6.01
C LYS J 36 -18.30 22.19 7.36
N THR J 37 -19.26 22.20 8.29
CA THR J 37 -19.14 21.63 9.62
C THR J 37 -18.83 20.13 9.53
N THR J 38 -19.56 19.40 8.68
CA THR J 38 -19.39 17.97 8.49
C THR J 38 -17.99 17.64 7.96
N ILE J 39 -17.50 18.38 6.96
CA ILE J 39 -16.17 18.20 6.41
C ILE J 39 -15.11 18.38 7.50
N ASN J 40 -15.25 19.41 8.34
CA ASN J 40 -14.38 19.63 9.48
C ASN J 40 -14.38 18.43 10.44
N LYS J 41 -15.57 17.98 10.86
CA LYS J 41 -15.71 16.82 11.77
C LYS J 41 -15.16 15.53 11.16
N GLY J 42 -15.26 15.36 9.83
CA GLY J 42 -14.70 14.23 9.12
C GLY J 42 -13.17 14.22 9.17
N GLU J 43 -12.54 15.38 8.93
CA GLU J 43 -11.09 15.51 9.08
C GLU J 43 -10.67 15.26 10.53
N GLU J 44 -11.34 15.89 11.51
CA GLU J 44 -11.06 15.68 12.92
C GLU J 44 -11.15 14.21 13.30
N THR J 45 -12.14 13.48 12.76
CA THR J 45 -12.33 12.05 13.00
C THR J 45 -11.20 11.22 12.40
N ALA J 46 -10.64 11.65 11.26
CA ALA J 46 -9.52 10.96 10.63
C ALA J 46 -8.18 11.29 11.30
N SER J 47 -8.02 12.51 11.84
CA SER J 47 -6.76 12.94 12.45
C SER J 47 -6.63 12.54 13.92
N THR J 48 -7.68 12.75 14.72
CA THR J 48 -7.61 12.48 16.16
C THR J 48 -7.56 10.97 16.45
N ALA J 49 -6.54 10.56 17.21
CA ALA J 49 -6.35 9.18 17.67
C ALA J 49 -5.32 9.16 18.80
N LEU J 50 -5.31 8.09 19.61
CA LEU J 50 -4.32 7.88 20.66
C LEU J 50 -3.45 6.69 20.29
N SER J 51 -2.15 6.77 20.62
CA SER J 51 -1.22 5.65 20.54
C SER J 51 -0.82 5.22 21.94
N LEU J 52 -0.64 3.91 22.14
CA LEU J 52 0.05 3.42 23.32
C LEU J 52 1.53 3.81 23.20
N SER J 53 2.03 4.64 24.14
CA SER J 53 3.36 5.23 24.06
C SER J 53 4.20 4.92 25.31
N GLY J 54 4.00 3.72 25.84
CA GLY J 54 4.81 3.11 26.89
C GLY J 54 4.49 1.63 27.00
N ASN J 55 5.19 0.93 27.88
CA ASN J 55 4.81 -0.44 28.20
C ASN J 55 3.56 -0.45 29.09
N VAL J 56 2.83 -1.58 29.08
CA VAL J 56 1.71 -1.81 29.97
C VAL J 56 2.23 -2.58 31.19
N LEU J 57 2.07 -1.97 32.36
CA LEU J 57 2.55 -2.51 33.63
C LEU J 57 1.37 -3.06 34.41
N TYR J 58 1.56 -4.22 35.03
CA TYR J 58 0.51 -4.89 35.79
C TYR J 58 1.04 -5.24 37.18
N ALA J 59 0.27 -4.93 38.24
CA ALA J 59 0.69 -5.12 39.63
C ALA J 59 -0.24 -6.10 40.35
N VAL J 60 0.37 -6.98 41.16
CA VAL J 60 -0.33 -8.08 41.86
C VAL J 60 0.34 -8.32 43.22
N ASN J 61 -0.31 -9.09 44.10
CA ASN J 61 0.23 -9.45 45.40
C ASN J 61 1.33 -10.51 45.33
N TYR J 62 2.37 -10.20 44.55
CA TYR J 62 3.50 -11.08 44.30
C TYR J 62 4.26 -11.37 45.59
N PRO J 63 4.81 -12.60 45.81
CA PRO J 63 4.74 -13.72 44.87
C PRO J 63 3.47 -14.56 44.93
N THR J 64 2.59 -14.30 45.90
CA THR J 64 1.44 -15.16 46.19
C THR J 64 0.41 -15.21 45.05
N ASN J 65 0.31 -14.13 44.27
CA ASN J 65 -0.50 -14.04 43.04
C ASN J 65 -1.98 -14.43 43.24
N THR J 66 -2.53 -14.27 44.44
CA THR J 66 -3.94 -14.50 44.70
C THR J 66 -4.81 -13.28 44.38
N LYS J 67 -4.22 -12.08 44.23
CA LYS J 67 -4.98 -10.83 44.15
C LYS J 67 -4.33 -9.79 43.24
N SER J 68 -5.16 -9.00 42.55
CA SER J 68 -4.76 -8.10 41.47
C SER J 68 -4.94 -6.64 41.90
N TYR J 69 -3.94 -5.77 41.65
CA TYR J 69 -3.91 -4.44 42.25
C TYR J 69 -4.23 -3.33 41.23
N TRP J 70 -3.40 -3.18 40.20
CA TRP J 70 -3.59 -2.13 39.21
C TRP J 70 -2.90 -2.45 37.88
N MET J 71 -3.33 -1.74 36.83
CA MET J 71 -2.60 -1.67 35.56
C MET J 71 -2.28 -0.21 35.27
N TYR J 72 -1.10 0.05 34.72
CA TYR J 72 -0.66 1.37 34.34
C TYR J 72 -0.15 1.32 32.90
N PHE J 73 -0.47 2.33 32.09
CA PHE J 73 0.11 2.48 30.77
C PHE J 73 0.06 3.94 30.34
N THR J 74 0.80 4.28 29.28
CA THR J 74 0.95 5.66 28.87
C THR J 74 0.39 5.81 27.46
N VAL J 75 -0.34 6.91 27.19
CA VAL J 75 -0.88 7.18 25.86
C VAL J 75 -0.52 8.60 25.42
N SER J 76 -0.50 8.83 24.10
CA SER J 76 -0.25 10.16 23.54
C SER J 76 -0.98 10.26 22.21
N PRO J 77 -1.44 11.47 21.79
CA PRO J 77 -2.02 11.61 20.45
C PRO J 77 -1.10 11.12 19.34
N SER J 78 -1.67 10.36 18.40
CA SER J 78 -0.92 9.63 17.37
C SER J 78 -0.20 10.58 16.42
N SER J 79 1.09 10.31 16.17
CA SER J 79 1.88 10.95 15.12
C SER J 79 1.90 12.48 15.23
N GLY J 80 1.60 13.03 16.42
CA GLY J 80 1.63 14.46 16.69
C GLY J 80 0.65 15.32 15.87
N VAL J 81 -0.45 14.76 15.36
CA VAL J 81 -1.26 15.47 14.37
C VAL J 81 -2.27 16.45 14.98
N SER J 82 -2.95 16.05 16.06
CA SER J 82 -4.02 16.85 16.66
C SER J 82 -4.30 16.45 18.12
N SER J 83 -5.02 17.32 18.86
CA SER J 83 -5.34 17.13 20.28
C SER J 83 -6.52 16.17 20.50
N VAL J 84 -6.58 15.54 21.69
CA VAL J 84 -7.65 14.61 22.05
C VAL J 84 -8.32 15.03 23.36
N ASP J 85 -9.66 15.18 23.35
CA ASP J 85 -10.44 15.38 24.58
C ASP J 85 -10.45 14.08 25.38
N LEU J 86 -9.96 14.13 26.64
CA LEU J 86 -9.97 13.00 27.54
C LEU J 86 -10.85 13.24 28.77
N SER J 87 -11.86 14.12 28.70
CA SER J 87 -12.71 14.34 29.85
C SER J 87 -13.48 13.08 30.24
N PRO J 88 -13.52 12.67 31.53
CA PRO J 88 -14.17 11.41 31.92
C PRO J 88 -15.70 11.41 31.80
N SER J 89 -16.31 12.57 31.54
CA SER J 89 -17.72 12.65 31.19
C SER J 89 -17.99 12.22 29.74
N THR J 90 -17.09 12.60 28.82
CA THR J 90 -17.26 12.36 27.39
C THR J 90 -16.63 11.04 26.95
N THR J 91 -15.45 10.71 27.48
CA THR J 91 -14.66 9.54 27.11
C THR J 91 -15.09 8.30 27.90
N ALA J 92 -15.02 7.11 27.29
CA ALA J 92 -15.14 5.85 28.02
C ALA J 92 -13.81 5.09 28.00
N ILE J 93 -13.51 4.37 29.08
CA ILE J 93 -12.49 3.33 29.04
C ILE J 93 -13.17 2.02 29.40
N SER J 94 -13.20 1.07 28.47
CA SER J 94 -13.74 -0.26 28.75
C SER J 94 -12.61 -1.22 29.15
N PHE J 95 -12.97 -2.28 29.88
CA PHE J 95 -12.03 -3.29 30.31
C PHE J 95 -12.70 -4.66 30.17
N THR J 96 -12.10 -5.60 29.43
CA THR J 96 -12.65 -6.94 29.32
C THR J 96 -11.57 -8.00 29.49
N ALA J 97 -11.83 -8.99 30.37
CA ALA J 97 -11.07 -10.22 30.42
C ALA J 97 -12.03 -11.34 30.00
N ALA J 98 -12.12 -11.58 28.69
CA ALA J 98 -13.22 -12.32 28.08
C ALA J 98 -13.30 -13.76 28.58
N SER J 99 -12.15 -14.41 28.80
CA SER J 99 -12.02 -15.78 29.28
C SER J 99 -12.84 -16.02 30.55
N ARG J 100 -12.75 -15.08 31.51
CA ARG J 100 -13.43 -15.16 32.80
C ARG J 100 -14.77 -14.42 32.83
N GLY J 101 -15.22 -13.91 31.66
CA GLY J 101 -16.52 -13.26 31.53
C GLY J 101 -16.60 -11.86 32.14
N VAL J 102 -15.46 -11.26 32.52
CA VAL J 102 -15.41 -9.89 33.01
C VAL J 102 -15.50 -8.93 31.83
N SER J 103 -16.48 -8.03 31.88
CA SER J 103 -16.66 -7.02 30.85
C SER J 103 -17.25 -5.76 31.47
N LEU J 104 -16.45 -4.69 31.50
CA LEU J 104 -16.85 -3.41 32.06
C LEU J 104 -16.88 -2.40 30.93
N SER J 105 -18.06 -1.83 30.66
CA SER J 105 -18.25 -0.98 29.50
C SER J 105 -17.64 0.41 29.70
N ASN J 106 -17.61 0.92 30.95
CA ASN J 106 -16.92 2.17 31.22
C ASN J 106 -16.46 2.23 32.68
N ILE J 107 -15.12 2.27 32.87
CA ILE J 107 -14.49 2.37 34.18
C ILE J 107 -13.84 3.74 34.39
N TYR J 108 -13.86 4.64 33.40
CA TYR J 108 -13.15 5.91 33.49
C TYR J 108 -13.94 6.92 34.31
N GLN J 109 -13.34 7.45 35.39
CA GLN J 109 -14.08 8.29 36.33
C GLN J 109 -13.44 9.67 36.55
N PHE J 110 -12.10 9.75 36.57
CA PHE J 110 -11.43 10.96 37.04
C PHE J 110 -10.21 11.32 36.20
N SER J 111 -9.84 12.61 36.20
CA SER J 111 -8.61 13.02 35.56
C SER J 111 -7.92 14.12 36.36
N LEU J 112 -6.60 13.99 36.51
CA LEU J 112 -5.78 15.05 37.06
C LEU J 112 -5.40 16.09 36.00
N LEU J 113 -5.80 15.90 34.74
CA LEU J 113 -5.64 16.93 33.71
C LEU J 113 -6.47 18.18 34.04
N SER J 114 -7.59 18.01 34.77
CA SER J 114 -8.45 19.06 35.29
C SER J 114 -7.80 19.88 36.43
N VAL J 115 -6.72 19.37 37.03
CA VAL J 115 -6.26 19.81 38.34
C VAL J 115 -5.00 20.67 38.22
N LEU J 116 -5.05 21.89 38.76
CA LEU J 116 -3.88 22.77 38.83
C LEU J 116 -2.95 22.34 39.95
N PRO J 117 -1.60 22.51 39.83
CA PRO J 117 -0.66 22.16 40.89
C PRO J 117 -1.01 22.73 42.26
N SER J 118 -1.50 23.99 42.31
CA SER J 118 -1.90 24.66 43.55
C SER J 118 -3.07 23.98 44.26
N GLN J 119 -3.81 23.08 43.58
CA GLN J 119 -4.91 22.34 44.17
C GLN J 119 -4.43 21.08 44.91
N VAL J 120 -3.16 20.65 44.71
CA VAL J 120 -2.65 19.39 45.26
C VAL J 120 -1.35 19.55 46.04
N ASN J 121 -0.44 20.42 45.57
CA ASN J 121 0.81 20.68 46.27
C ASN J 121 0.56 21.33 47.62
N ASN J 122 1.33 20.93 48.65
CA ASN J 122 1.22 21.40 50.02
C ASN J 122 -0.15 21.13 50.67
N LYS J 123 -0.93 20.17 50.14
CA LYS J 123 -2.27 19.88 50.66
C LYS J 123 -2.44 18.46 51.22
N VAL J 124 -1.43 17.61 51.01
CA VAL J 124 -1.24 16.39 51.80
C VAL J 124 0.14 16.45 52.47
N GLN J 125 0.23 15.88 53.68
CA GLN J 125 1.40 16.07 54.54
C GLN J 125 1.65 14.84 55.40
N VAL J 126 2.92 14.63 55.76
CA VAL J 126 3.34 13.50 56.58
C VAL J 126 3.81 13.99 57.95
N LYS J 127 3.29 13.38 59.03
CA LYS J 127 3.78 13.59 60.38
C LYS J 127 4.89 12.59 60.69
N LEU J 128 6.16 13.00 60.50
CA LEU J 128 7.31 12.21 60.95
C LEU J 128 7.71 12.66 62.36
N GLY J 129 7.17 11.96 63.38
CA GLY J 129 7.31 12.37 64.77
C GLY J 129 6.71 13.75 65.01
N THR J 130 7.53 14.67 65.56
CA THR J 130 7.16 16.07 65.77
C THR J 130 7.01 16.83 64.45
N SER J 131 7.87 16.53 63.46
CA SER J 131 7.96 17.26 62.21
C SER J 131 6.77 16.96 61.28
N ILE J 132 6.29 17.98 60.56
CA ILE J 132 5.24 17.80 59.56
C ILE J 132 5.73 18.32 58.20
N ILE J 133 5.73 17.45 57.18
CA ILE J 133 6.29 17.75 55.88
C ILE J 133 5.17 17.84 54.83
N ASN J 134 5.07 18.99 54.16
CA ASN J 134 4.20 19.23 53.03
C ASN J 134 4.75 18.51 51.78
N LEU J 135 3.91 17.71 51.10
CA LEU J 135 4.33 17.04 49.88
C LEU J 135 4.12 17.92 48.63
N THR J 136 5.06 17.83 47.69
CA THR J 136 4.89 18.33 46.32
C THR J 136 4.65 17.13 45.42
N LEU J 137 3.53 17.15 44.70
CA LEU J 137 3.05 15.98 43.94
C LEU J 137 3.01 16.29 42.45
N ALA J 138 2.43 17.43 42.06
CA ALA J 138 2.49 17.93 40.70
C ALA J 138 3.79 18.72 40.51
N PHE J 139 4.70 18.19 39.70
CA PHE J 139 5.89 18.92 39.31
C PHE J 139 5.55 19.84 38.13
N SER J 140 6.37 20.87 37.91
CA SER J 140 6.11 21.85 36.87
C SER J 140 7.39 22.48 36.34
N SER J 141 7.37 22.91 35.06
CA SER J 141 8.46 23.61 34.40
C SER J 141 7.93 24.58 33.34
N ASN J 142 8.74 25.55 32.93
CA ASN J 142 8.31 26.58 32.00
C ASN J 142 8.99 26.46 30.64
N SER J 143 8.22 26.63 29.55
CA SER J 143 8.78 26.90 28.23
C SER J 143 7.87 27.87 27.48
N ALA J 144 8.44 28.88 26.80
CA ALA J 144 7.71 29.87 26.01
C ALA J 144 6.53 30.50 26.76
N GLY J 145 6.67 30.70 28.08
CA GLY J 145 5.65 31.34 28.89
C GLY J 145 4.47 30.43 29.28
N GLN J 146 4.52 29.15 28.90
CA GLN J 146 3.55 28.15 29.35
C GLN J 146 4.14 27.36 30.54
N THR J 147 3.30 27.06 31.54
CA THR J 147 3.68 26.13 32.59
C THR J 147 3.21 24.73 32.23
N TYR J 148 4.17 23.82 32.09
CA TYR J 148 3.92 22.40 31.91
C TYR J 148 3.71 21.76 33.28
N VAL J 149 2.82 20.76 33.36
CA VAL J 149 2.49 20.11 34.63
C VAL J 149 2.56 18.60 34.42
N TYR J 150 3.12 17.87 35.39
CA TYR J 150 3.14 16.41 35.31
C TYR J 150 3.31 15.81 36.70
N TYR J 151 3.02 14.50 36.80
CA TYR J 151 3.30 13.72 37.99
C TYR J 151 4.44 12.76 37.67
N SER J 152 5.48 12.76 38.51
CA SER J 152 6.69 12.02 38.23
C SER J 152 6.49 10.51 38.30
N ASP J 153 5.53 10.05 39.12
CA ASP J 153 5.22 8.63 39.25
C ASP J 153 3.74 8.39 39.54
N PRO J 154 3.22 7.14 39.38
CA PRO J 154 1.86 6.82 39.78
C PRO J 154 1.57 7.00 41.27
N ASN J 155 2.58 6.96 42.15
CA ASN J 155 2.37 7.14 43.58
C ASN J 155 1.95 8.57 43.91
N TYR J 156 2.66 9.56 43.38
CA TYR J 156 2.27 10.96 43.58
C TYR J 156 0.96 11.27 42.87
N ALA J 157 0.69 10.64 41.72
CA ALA J 157 -0.61 10.74 41.06
C ALA J 157 -1.73 10.17 41.95
N LEU J 158 -1.53 9.01 42.58
CA LEU J 158 -2.51 8.42 43.49
C LEU J 158 -2.81 9.33 44.68
N LEU J 159 -1.77 9.89 45.31
CA LEU J 159 -1.95 10.80 46.44
C LEU J 159 -2.70 12.07 46.03
N ALA J 160 -2.34 12.65 44.88
CA ALA J 160 -3.03 13.80 44.30
C ALA J 160 -4.50 13.50 44.01
N LEU J 161 -4.81 12.28 43.55
CA LEU J 161 -6.17 11.85 43.33
C LEU J 161 -6.92 11.64 44.65
N ASN J 162 -6.34 10.94 45.64
CA ASN J 162 -6.94 10.79 46.96
C ASN J 162 -7.36 12.15 47.51
N TYR J 163 -6.45 13.13 47.46
CA TYR J 163 -6.76 14.48 47.90
C TYR J 163 -7.91 15.08 47.10
N THR J 164 -7.79 15.09 45.77
CA THR J 164 -8.78 15.69 44.88
C THR J 164 -10.18 15.11 45.11
N LEU J 165 -10.31 13.78 45.20
CA LEU J 165 -11.60 13.13 45.37
C LEU J 165 -12.16 13.34 46.79
N GLY J 166 -11.31 13.28 47.82
CA GLY J 166 -11.74 13.62 49.18
C GLY J 166 -12.25 15.06 49.27
N GLN J 167 -11.58 15.99 48.57
CA GLN J 167 -11.95 17.39 48.49
C GLN J 167 -13.27 17.58 47.72
N GLU J 168 -13.51 16.79 46.66
CA GLU J 168 -14.78 16.81 45.94
C GLU J 168 -15.94 16.22 46.75
N VAL J 169 -15.70 15.18 47.56
CA VAL J 169 -16.69 14.68 48.52
C VAL J 169 -17.01 15.74 49.57
N LYS J 170 -15.97 16.38 50.13
CA LYS J 170 -16.10 17.45 51.10
C LYS J 170 -16.88 18.64 50.54
N GLY J 171 -16.67 18.95 49.25
CA GLY J 171 -17.42 19.97 48.53
C GLY J 171 -18.80 19.54 48.02
N GLY J 172 -19.22 18.30 48.29
CA GLY J 172 -20.53 17.77 47.89
C GLY J 172 -20.70 17.52 46.38
N GLN J 173 -19.61 17.61 45.61
CA GLN J 173 -19.63 17.41 44.15
C GLN J 173 -19.66 15.93 43.77
N LEU J 174 -19.24 15.04 44.70
CA LEU J 174 -19.13 13.61 44.50
C LEU J 174 -19.71 12.91 45.75
N THR J 175 -20.43 11.79 45.56
CA THR J 175 -21.15 11.15 46.67
C THR J 175 -20.20 10.41 47.61
N SER J 176 -19.29 9.59 47.03
CA SER J 176 -18.20 8.92 47.72
C SER J 176 -16.99 8.83 46.79
N SER J 177 -15.78 8.93 47.36
CA SER J 177 -14.56 8.59 46.64
C SER J 177 -14.44 7.07 46.59
N PRO J 178 -14.17 6.44 45.42
CA PRO J 178 -13.88 5.01 45.38
C PRO J 178 -12.47 4.68 45.86
N LEU J 179 -11.60 5.70 46.00
CA LEU J 179 -10.23 5.56 46.47
C LEU J 179 -10.09 6.21 47.84
N TYR J 180 -9.46 5.51 48.79
CA TYR J 180 -9.10 6.08 50.07
C TYR J 180 -7.67 5.67 50.44
N ILE J 181 -6.79 6.64 50.72
CA ILE J 181 -5.38 6.35 50.98
C ILE J 181 -5.00 6.82 52.39
N ILE J 182 -4.38 5.93 53.17
CA ILE J 182 -3.95 6.19 54.55
C ILE J 182 -2.56 5.60 54.80
N SER J 183 -1.78 6.24 55.68
CA SER J 183 -0.52 5.68 56.17
C SER J 183 -0.75 4.85 57.43
N ASN J 184 -1.69 5.33 58.27
CA ASN J 184 -2.08 4.70 59.51
C ASN J 184 -3.11 3.59 59.24
N THR J 185 -2.74 2.33 59.48
CA THR J 185 -3.68 1.23 59.36
C THR J 185 -4.60 1.07 60.59
N SER J 186 -4.24 1.67 61.74
CA SER J 186 -5.04 1.57 62.97
C SER J 186 -6.48 2.07 62.77
N ILE J 187 -6.65 3.02 61.84
CA ILE J 187 -7.93 3.64 61.48
C ILE J 187 -8.96 2.60 60.99
N VAL J 188 -8.51 1.53 60.33
CA VAL J 188 -9.33 0.59 59.59
C VAL J 188 -10.39 -0.08 60.48
N ALA J 189 -10.06 -0.37 61.74
CA ALA J 189 -10.99 -0.98 62.70
C ALA J 189 -12.25 -0.12 62.92
N SER J 190 -12.12 1.22 62.80
CA SER J 190 -13.22 2.16 62.97
C SER J 190 -14.04 2.37 61.68
N LYS J 191 -13.61 1.78 60.56
CA LYS J 191 -14.17 2.02 59.23
C LYS J 191 -14.38 0.69 58.51
N PRO J 192 -15.35 -0.14 58.96
CA PRO J 192 -15.45 -1.54 58.54
C PRO J 192 -15.70 -1.77 57.05
N TRP J 193 -16.20 -0.76 56.32
CA TRP J 193 -16.32 -0.85 54.87
C TRP J 193 -14.96 -1.02 54.17
N LEU J 194 -13.87 -0.53 54.78
CA LEU J 194 -12.52 -0.71 54.27
C LEU J 194 -11.98 -2.14 54.47
N LYS J 195 -12.67 -2.98 55.27
CA LYS J 195 -12.20 -4.34 55.56
C LYS J 195 -12.26 -5.23 54.32
N ASN J 196 -13.31 -5.06 53.50
CA ASN J 196 -13.66 -6.01 52.46
C ASN J 196 -13.28 -5.56 51.04
N ASP J 197 -13.15 -4.24 50.80
CA ASP J 197 -12.73 -3.74 49.49
C ASP J 197 -11.23 -3.99 49.23
N ASN J 198 -10.79 -3.75 47.98
CA ASN J 198 -9.46 -4.17 47.56
C ASN J 198 -8.39 -3.23 48.10
N VAL J 199 -7.26 -3.77 48.57
CA VAL J 199 -6.19 -2.94 49.15
C VAL J 199 -4.82 -3.32 48.57
N PHE J 200 -4.04 -2.30 48.21
CA PHE J 200 -2.63 -2.45 47.85
C PHE J 200 -1.81 -1.36 48.54
N THR J 201 -0.48 -1.54 48.58
CA THR J 201 0.38 -0.57 49.27
C THR J 201 1.48 -0.07 48.35
N PHE J 202 1.95 1.14 48.62
CA PHE J 202 3.09 1.73 47.94
C PHE J 202 3.87 2.61 48.89
N ASN J 203 5.17 2.74 48.64
CA ASN J 203 6.04 3.56 49.48
C ASN J 203 6.46 4.82 48.71
N ILE J 204 6.52 5.95 49.42
CA ILE J 204 7.22 7.15 48.96
C ILE J 204 8.29 7.49 49.99
N SER J 205 9.29 8.31 49.62
CA SER J 205 10.29 8.76 50.57
C SER J 205 10.09 10.24 50.94
N VAL J 206 10.09 10.53 52.25
CA VAL J 206 9.89 11.86 52.79
C VAL J 206 10.93 12.09 53.88
N ASN J 207 11.67 13.20 53.82
CA ASN J 207 12.84 13.41 54.70
C ASN J 207 13.71 12.15 54.73
N GLY J 208 13.99 11.59 53.54
CA GLY J 208 14.77 10.37 53.36
C GLY J 208 14.25 9.11 54.06
N THR J 209 13.01 9.16 54.59
CA THR J 209 12.37 8.08 55.32
C THR J 209 11.27 7.46 54.45
N GLU J 210 11.23 6.12 54.37
CA GLU J 210 10.16 5.42 53.66
C GLU J 210 8.83 5.54 54.41
N VAL J 211 7.80 6.05 53.73
CA VAL J 211 6.44 6.12 54.23
C VAL J 211 5.59 5.16 53.40
N GLU J 212 5.00 4.14 54.04
CA GLU J 212 4.09 3.25 53.35
C GLU J 212 2.67 3.80 53.41
N TYR J 213 2.02 3.85 52.24
CA TYR J 213 0.61 4.17 52.10
C TYR J 213 -0.17 2.93 51.66
N TYR J 214 -1.36 2.79 52.25
CA TYR J 214 -2.32 1.75 51.96
C TYR J 214 -3.46 2.39 51.17
N ALA J 215 -3.70 1.90 49.95
CA ALA J 215 -4.74 2.39 49.06
C ALA J 215 -5.90 1.40 49.04
N TYR J 216 -7.08 1.87 49.46
CA TYR J 216 -8.31 1.09 49.50
C TYR J 216 -9.19 1.49 48.31
N VAL J 217 -9.62 0.49 47.53
CA VAL J 217 -10.31 0.69 46.26
C VAL J 217 -11.66 -0.03 46.28
N ASN J 218 -12.72 0.77 46.18
CA ASN J 218 -14.12 0.41 46.36
C ASN J 218 -14.66 -0.41 45.17
N LYS J 219 -14.22 -0.06 43.95
CA LYS J 219 -14.70 -0.60 42.68
C LYS J 219 -13.61 -0.44 41.62
N THR J 220 -13.64 -1.22 40.54
CA THR J 220 -12.66 -1.04 39.48
C THR J 220 -12.90 0.29 38.76
N PHE J 221 -11.86 1.14 38.71
CA PHE J 221 -11.97 2.44 38.05
C PHE J 221 -10.65 2.81 37.39
N ALA J 222 -10.72 3.73 36.43
CA ALA J 222 -9.55 4.26 35.75
C ALA J 222 -9.48 5.78 35.96
N PHE J 223 -8.26 6.30 36.01
CA PHE J 223 -8.03 7.73 35.96
C PHE J 223 -6.85 8.04 35.04
N THR J 224 -6.77 9.30 34.61
CA THR J 224 -5.67 9.76 33.78
C THR J 224 -4.95 10.93 34.45
N TYR J 225 -3.66 11.09 34.13
CA TYR J 225 -2.87 12.18 34.66
C TYR J 225 -1.77 12.57 33.67
N PRO J 226 -1.28 13.82 33.69
CA PRO J 226 -0.24 14.24 32.75
C PRO J 226 1.15 13.73 33.14
N VAL J 227 1.92 13.33 32.12
CA VAL J 227 3.27 12.78 32.29
C VAL J 227 4.32 13.67 31.63
N SER J 228 4.05 14.24 30.45
CA SER J 228 4.88 15.29 29.86
C SER J 228 4.12 16.06 28.79
N GLY J 229 4.66 17.22 28.35
CA GLY J 229 4.12 17.95 27.21
C GLY J 229 2.70 18.47 27.42
N PHE J 230 2.26 18.58 28.67
CA PHE J 230 0.91 19.02 29.00
C PHE J 230 0.93 20.41 29.65
N PRO J 231 0.75 21.50 28.86
CA PRO J 231 0.59 22.84 29.42
C PRO J 231 -0.86 23.22 29.72
N LEU J 232 -1.84 22.41 29.27
CA LEU J 232 -3.25 22.77 29.31
C LEU J 232 -3.93 22.39 30.65
N ALA J 233 -3.24 22.57 31.78
CA ALA J 233 -3.79 22.23 33.09
C ALA J 233 -5.12 22.95 33.35
N GLY J 234 -6.13 22.16 33.75
CA GLY J 234 -7.51 22.61 33.89
C GLY J 234 -8.46 22.07 32.83
N SER J 235 -7.96 21.55 31.69
CA SER J 235 -8.77 21.39 30.48
C SER J 235 -9.34 19.98 30.21
N ASP J 236 -8.68 18.91 30.68
CA ASP J 236 -8.90 17.53 30.21
C ASP J 236 -8.52 17.28 28.73
N ILE J 237 -7.79 18.18 28.07
CA ILE J 237 -7.40 17.95 26.67
C ILE J 237 -5.93 17.56 26.63
N ALA J 238 -5.62 16.43 25.97
CA ALA J 238 -4.25 16.05 25.68
C ALA J 238 -3.83 16.68 24.36
N PRO J 239 -2.92 17.70 24.34
CA PRO J 239 -2.49 18.29 23.07
C PRO J 239 -1.51 17.37 22.35
N ALA J 240 -1.33 17.60 21.04
CA ALA J 240 -0.38 16.83 20.27
C ALA J 240 1.04 17.01 20.84
N GLY J 241 1.75 15.89 21.05
CA GLY J 241 3.06 15.90 21.70
C GLY J 241 3.01 15.96 23.23
N SER J 242 1.84 15.70 23.84
CA SER J 242 1.73 15.42 25.26
C SER J 242 1.77 13.91 25.52
N VAL J 243 2.04 13.52 26.76
CA VAL J 243 2.09 12.14 27.19
C VAL J 243 1.25 12.01 28.46
N ILE J 244 0.29 11.08 28.46
CA ILE J 244 -0.74 10.96 29.48
C ILE J 244 -0.63 9.58 30.13
N GLY J 245 -0.50 9.53 31.45
CA GLY J 245 -0.58 8.26 32.16
C GLY J 245 -2.04 7.86 32.36
N VAL J 246 -2.34 6.59 32.11
CA VAL J 246 -3.64 5.97 32.35
C VAL J 246 -3.43 4.90 33.40
N MET J 247 -4.21 4.93 34.48
CA MET J 247 -4.06 3.94 35.52
C MET J 247 -5.43 3.36 35.89
N ILE J 248 -5.49 2.03 35.95
CA ILE J 248 -6.67 1.26 36.29
C ILE J 248 -6.41 0.63 37.66
N LEU J 249 -7.25 0.93 38.66
CA LEU J 249 -7.15 0.29 39.97
C LEU J 249 -8.30 -0.70 40.08
N PHE J 250 -8.00 -1.96 40.43
CA PHE J 250 -9.03 -2.99 40.52
C PHE J 250 -9.78 -2.93 41.84
N GLY J 251 -11.11 -3.08 41.79
CA GLY J 251 -11.95 -3.25 42.96
C GLY J 251 -12.03 -4.70 43.40
N PRO J 252 -12.75 -5.03 44.50
CA PRO J 252 -12.77 -6.38 45.06
C PRO J 252 -13.38 -7.43 44.13
N GLY J 253 -14.22 -7.02 43.17
CA GLY J 253 -14.74 -7.89 42.11
C GLY J 253 -13.62 -8.40 41.19
N GLU J 254 -13.06 -7.50 40.38
CA GLU J 254 -12.05 -7.87 39.40
C GLU J 254 -10.71 -8.28 40.01
N ALA J 255 -10.44 -7.85 41.24
CA ALA J 255 -9.21 -8.21 41.96
C ALA J 255 -9.11 -9.69 42.33
N THR J 256 -10.24 -10.43 42.33
CA THR J 256 -10.44 -11.66 43.09
C THR J 256 -9.41 -12.77 42.84
N ASN J 257 -8.93 -12.92 41.58
CA ASN J 257 -7.72 -13.69 41.30
C ASN J 257 -6.98 -13.12 40.08
N VAL J 258 -5.68 -13.37 40.02
CA VAL J 258 -4.76 -12.76 39.05
C VAL J 258 -5.07 -13.22 37.62
N PHE J 259 -4.80 -12.36 36.62
CA PHE J 259 -4.87 -12.75 35.21
C PHE J 259 -3.72 -13.69 34.85
N GLN J 260 -4.04 -14.92 34.42
CA GLN J 260 -3.04 -15.85 33.90
C GLN J 260 -3.62 -16.66 32.75
N TYR J 261 -2.86 -16.84 31.67
CA TYR J 261 -3.29 -17.63 30.53
C TYR J 261 -4.60 -17.06 29.97
N GLU J 262 -4.68 -15.73 29.90
CA GLU J 262 -5.90 -14.99 29.62
C GLU J 262 -5.59 -13.79 28.73
N THR J 263 -6.57 -13.36 27.92
CA THR J 263 -6.43 -12.13 27.15
C THR J 263 -7.21 -11.01 27.85
N VAL J 264 -6.51 -9.90 28.12
CA VAL J 264 -7.12 -8.69 28.65
C VAL J 264 -7.13 -7.63 27.55
N THR J 265 -8.30 -7.01 27.35
CA THR J 265 -8.49 -5.94 26.38
C THR J 265 -8.96 -4.68 27.11
N ILE J 266 -8.30 -3.55 26.82
CA ILE J 266 -8.70 -2.24 27.29
C ILE J 266 -9.01 -1.41 26.05
N GLN J 267 -10.07 -0.59 26.08
CA GLN J 267 -10.31 0.31 24.97
C GLN J 267 -10.62 1.70 25.49
N ILE J 268 -9.91 2.71 24.98
CA ILE J 268 -10.18 4.09 25.30
C ILE J 268 -10.91 4.69 24.11
N THR J 269 -12.12 5.22 24.34
CA THR J 269 -12.95 5.76 23.27
C THR J 269 -13.29 7.21 23.57
N PRO J 270 -12.50 8.20 23.07
CA PRO J 270 -12.87 9.60 23.20
C PRO J 270 -14.06 9.94 22.30
N ASN J 271 -14.62 11.14 22.48
CA ASN J 271 -15.85 11.56 21.82
C ASN J 271 -15.66 11.91 20.34
N ILE J 272 -14.41 12.14 19.90
CA ILE J 272 -14.05 12.39 18.51
C ILE J 272 -12.83 11.51 18.19
N GLY J 273 -12.82 10.92 16.98
CA GLY J 273 -11.67 10.14 16.53
C GLY J 273 -11.76 8.66 16.90
N SER J 274 -10.85 7.86 16.33
CA SER J 274 -10.82 6.43 16.51
C SER J 274 -10.45 6.07 17.95
N PRO J 275 -11.06 5.00 18.53
CA PRO J 275 -10.66 4.53 19.85
C PRO J 275 -9.31 3.83 19.78
N LEU J 276 -8.62 3.78 20.93
CA LEU J 276 -7.39 3.02 21.07
C LEU J 276 -7.73 1.70 21.75
N THR J 277 -7.48 0.59 21.05
CA THR J 277 -7.73 -0.75 21.59
C THR J 277 -6.40 -1.42 21.91
N ILE J 278 -6.26 -1.84 23.18
CA ILE J 278 -5.05 -2.41 23.75
C ILE J 278 -5.39 -3.86 24.13
N SER J 279 -4.59 -4.84 23.66
CA SER J 279 -4.81 -6.25 24.02
C SER J 279 -3.51 -6.95 24.36
N GLN J 280 -3.50 -7.69 25.47
CA GLN J 280 -2.38 -8.51 25.88
C GLN J 280 -2.89 -9.91 26.25
N TYR J 281 -2.22 -10.95 25.76
CA TYR J 281 -2.30 -12.24 26.44
C TYR J 281 -1.33 -12.22 27.61
N ILE J 282 -1.83 -12.51 28.80
CA ILE J 282 -1.05 -12.38 30.03
C ILE J 282 -0.59 -13.77 30.47
N TYR J 283 0.73 -13.99 30.44
CA TYR J 283 1.34 -15.09 31.15
C TYR J 283 1.38 -14.79 32.65
N GLN J 284 1.70 -15.82 33.46
CA GLN J 284 1.88 -15.66 34.90
C GLN J 284 2.76 -14.43 35.21
N PRO J 285 2.32 -13.51 36.11
CA PRO J 285 3.09 -12.30 36.41
C PRO J 285 4.32 -12.61 37.27
N ASP J 286 5.45 -11.98 36.91
CA ASP J 286 6.78 -12.42 37.33
C ASP J 286 7.44 -11.55 38.41
N GLY J 287 6.77 -10.45 38.82
CA GLY J 287 7.26 -9.55 39.87
C GLY J 287 6.14 -8.70 40.47
N LYS J 288 6.48 -7.88 41.48
CA LYS J 288 5.54 -6.96 42.13
C LYS J 288 4.81 -6.10 41.09
N VAL J 289 5.57 -5.66 40.08
CA VAL J 289 5.05 -5.16 38.82
C VAL J 289 5.59 -6.07 37.73
N THR J 290 4.81 -6.30 36.66
CA THR J 290 5.26 -7.08 35.52
C THR J 290 4.92 -6.34 34.23
N VAL J 291 5.80 -6.43 33.22
CA VAL J 291 5.53 -5.84 31.91
C VAL J 291 4.72 -6.84 31.10
N ILE J 292 3.45 -6.51 30.81
CA ILE J 292 2.56 -7.42 30.11
C ILE J 292 2.44 -7.10 28.62
N GLY J 293 2.81 -5.87 28.21
CA GLY J 293 2.68 -5.45 26.81
C GLY J 293 3.52 -4.21 26.49
N LEU K 1 -59.42 36.18 -18.18
CA LEU K 1 -58.82 35.21 -19.15
C LEU K 1 -57.33 35.07 -18.87
N ALA K 2 -56.63 36.18 -18.62
CA ALA K 2 -55.18 36.13 -18.51
C ALA K 2 -54.75 35.04 -17.54
N GLY K 3 -55.55 34.79 -16.48
CA GLY K 3 -55.27 33.77 -15.48
C GLY K 3 -55.82 32.40 -15.85
N LEU K 4 -57.02 32.34 -16.46
CA LEU K 4 -57.67 31.07 -16.78
C LEU K 4 -56.77 30.21 -17.66
N ASP K 5 -56.26 30.78 -18.76
CA ASP K 5 -55.34 30.09 -19.65
C ASP K 5 -54.00 29.85 -18.94
N THR K 6 -53.57 30.83 -18.12
CA THR K 6 -52.34 30.75 -17.35
C THR K 6 -52.44 29.64 -16.30
N ALA K 7 -53.68 29.34 -15.86
CA ALA K 7 -53.95 28.28 -14.89
C ALA K 7 -53.89 26.91 -15.55
N ILE K 8 -54.09 26.86 -16.88
CA ILE K 8 -54.00 25.63 -17.66
C ILE K 8 -52.54 25.22 -17.82
N ILE K 9 -51.63 26.20 -17.94
CA ILE K 9 -50.20 25.96 -18.15
C ILE K 9 -49.51 25.60 -16.82
N LEU K 10 -50.06 26.09 -15.70
CA LEU K 10 -49.57 25.74 -14.37
C LEU K 10 -49.93 24.29 -14.02
N ILE K 11 -51.20 23.88 -14.14
CA ILE K 11 -51.63 22.51 -13.94
C ILE K 11 -50.76 21.52 -14.73
N ALA K 12 -50.61 21.78 -16.03
CA ALA K 12 -49.86 20.91 -16.94
C ALA K 12 -48.37 20.82 -16.57
N PHE K 13 -47.74 21.95 -16.25
CA PHE K 13 -46.33 21.99 -15.91
C PHE K 13 -46.05 21.33 -14.56
N ILE K 14 -46.99 21.42 -13.59
CA ILE K 14 -46.91 20.69 -12.33
C ILE K 14 -46.86 19.19 -12.61
N ILE K 15 -47.83 18.68 -13.40
CA ILE K 15 -47.92 17.27 -13.76
C ILE K 15 -46.64 16.82 -14.45
N THR K 16 -46.11 17.64 -15.36
CA THR K 16 -44.87 17.36 -16.09
C THR K 16 -43.67 17.23 -15.16
N ALA K 17 -43.52 18.13 -14.18
CA ALA K 17 -42.47 18.06 -13.17
C ALA K 17 -42.65 16.87 -12.23
N ALA K 18 -43.91 16.60 -11.80
CA ALA K 18 -44.24 15.45 -10.97
C ALA K 18 -43.87 14.12 -11.65
N VAL K 19 -44.06 14.01 -12.97
CA VAL K 19 -43.64 12.87 -13.77
C VAL K 19 -42.11 12.69 -13.75
N LEU K 20 -41.33 13.77 -13.88
CA LEU K 20 -39.88 13.66 -13.71
C LEU K 20 -39.52 13.23 -12.29
N ALA K 21 -40.16 13.83 -11.27
CA ALA K 21 -39.96 13.47 -9.88
C ALA K 21 -40.18 11.97 -9.66
N TYR K 22 -41.31 11.44 -10.15
CA TYR K 22 -41.68 10.04 -10.09
C TYR K 22 -40.59 9.14 -10.70
N VAL K 23 -40.12 9.47 -11.91
CA VAL K 23 -39.11 8.70 -12.62
C VAL K 23 -37.74 8.78 -11.94
N ALA K 24 -37.29 9.98 -11.56
CA ALA K 24 -36.00 10.20 -10.95
C ALA K 24 -35.87 9.50 -9.59
N VAL K 25 -36.92 9.55 -8.75
CA VAL K 25 -36.92 8.88 -7.46
C VAL K 25 -36.89 7.36 -7.63
N ASN K 26 -37.76 6.81 -8.48
CA ASN K 26 -37.79 5.39 -8.79
C ASN K 26 -36.41 4.91 -9.29
N MET K 27 -35.84 5.63 -10.26
CA MET K 27 -34.59 5.21 -10.87
C MET K 27 -33.38 5.39 -9.94
N GLY K 28 -33.42 6.38 -9.04
CA GLY K 28 -32.46 6.52 -7.95
C GLY K 28 -32.54 5.36 -6.95
N LEU K 29 -33.75 4.96 -6.54
CA LEU K 29 -33.95 3.78 -5.71
C LEU K 29 -33.38 2.53 -6.40
N PHE K 30 -33.64 2.36 -7.69
CA PHE K 30 -33.10 1.27 -8.49
C PHE K 30 -31.57 1.28 -8.48
N VAL K 31 -30.94 2.36 -8.95
CA VAL K 31 -29.49 2.40 -9.16
C VAL K 31 -28.73 2.30 -7.83
N THR K 32 -29.22 2.93 -6.77
CA THR K 32 -28.58 2.83 -5.46
C THR K 32 -28.62 1.40 -4.92
N GLN K 33 -29.68 0.64 -5.22
CA GLN K 33 -29.72 -0.77 -4.86
C GLN K 33 -28.80 -1.64 -5.73
N LYS K 34 -28.65 -1.33 -7.03
CA LYS K 34 -27.63 -1.94 -7.88
C LYS K 34 -26.22 -1.67 -7.32
N ALA K 35 -25.98 -0.46 -6.81
CA ALA K 35 -24.74 -0.10 -6.13
C ALA K 35 -24.54 -0.92 -4.85
N LYS K 36 -25.57 -1.03 -3.98
CA LYS K 36 -25.53 -1.84 -2.77
C LYS K 36 -25.10 -3.29 -3.10
N THR K 37 -25.78 -3.91 -4.06
CA THR K 37 -25.51 -5.27 -4.52
C THR K 37 -24.07 -5.38 -5.04
N THR K 38 -23.64 -4.43 -5.87
CA THR K 38 -22.30 -4.41 -6.45
C THR K 38 -21.23 -4.32 -5.37
N ILE K 39 -21.41 -3.43 -4.38
CA ILE K 39 -20.49 -3.27 -3.26
C ILE K 39 -20.34 -4.59 -2.50
N ASN K 40 -21.46 -5.27 -2.22
CA ASN K 40 -21.46 -6.58 -1.61
C ASN K 40 -20.64 -7.60 -2.42
N LYS K 41 -20.93 -7.73 -3.74
CA LYS K 41 -20.22 -8.64 -4.62
C LYS K 41 -18.72 -8.31 -4.74
N GLY K 42 -18.36 -7.02 -4.66
CA GLY K 42 -16.96 -6.58 -4.66
C GLY K 42 -16.22 -7.04 -3.41
N GLU K 43 -16.84 -6.90 -2.23
CA GLU K 43 -16.27 -7.41 -1.00
C GLU K 43 -16.15 -8.94 -1.05
N GLU K 44 -17.22 -9.65 -1.45
CA GLU K 44 -17.20 -11.10 -1.59
C GLU K 44 -16.08 -11.55 -2.53
N THR K 45 -15.84 -10.82 -3.64
CA THR K 45 -14.77 -11.12 -4.58
C THR K 45 -13.39 -10.91 -3.97
N ALA K 46 -13.24 -9.93 -3.08
CA ALA K 46 -11.98 -9.69 -2.39
C ALA K 46 -11.73 -10.66 -1.24
N SER K 47 -12.79 -11.13 -0.56
CA SER K 47 -12.66 -12.01 0.60
C SER K 47 -12.57 -13.49 0.20
N THR K 48 -13.43 -13.97 -0.71
CA THR K 48 -13.47 -15.39 -1.07
C THR K 48 -12.22 -15.80 -1.87
N ALA K 49 -11.54 -16.84 -1.39
CA ALA K 49 -10.37 -17.44 -2.04
C ALA K 49 -10.08 -18.80 -1.41
N LEU K 50 -9.35 -19.68 -2.13
CA LEU K 50 -8.90 -20.96 -1.62
C LEU K 50 -7.39 -20.94 -1.45
N SER K 51 -6.88 -21.60 -0.41
CA SER K 51 -5.46 -21.86 -0.21
C SER K 51 -5.20 -23.34 -0.37
N LEU K 52 -4.05 -23.68 -0.95
CA LEU K 52 -3.53 -25.04 -0.86
C LEU K 52 -3.10 -25.30 0.59
N SER K 53 -3.76 -26.27 1.26
CA SER K 53 -3.58 -26.51 2.69
C SER K 53 -3.18 -27.96 2.99
N GLY K 54 -2.37 -28.51 2.09
CA GLY K 54 -1.67 -29.78 2.25
C GLY K 54 -0.60 -29.91 1.17
N ASN K 55 0.15 -31.01 1.22
CA ASN K 55 1.06 -31.32 0.11
C ASN K 55 0.26 -31.83 -1.10
N VAL K 56 0.86 -31.72 -2.29
CA VAL K 56 0.32 -32.29 -3.52
C VAL K 56 0.97 -33.66 -3.71
N LEU K 57 0.13 -34.70 -3.75
CA LEU K 57 0.55 -36.08 -3.86
C LEU K 57 0.27 -36.56 -5.29
N TYR K 58 1.23 -37.30 -5.88
CA TYR K 58 1.11 -37.79 -7.23
C TYR K 58 1.38 -39.30 -7.24
N ALA K 59 0.51 -40.09 -7.90
CA ALA K 59 0.60 -41.54 -7.93
C ALA K 59 0.82 -42.06 -9.34
N VAL K 60 1.70 -43.07 -9.47
CA VAL K 60 2.14 -43.65 -10.75
C VAL K 60 2.39 -45.15 -10.59
N ASN K 61 2.54 -45.88 -11.70
CA ASN K 61 2.83 -47.30 -11.69
C ASN K 61 4.28 -47.62 -11.31
N TYR K 62 4.70 -47.12 -10.15
CA TYR K 62 6.05 -47.26 -9.63
C TYR K 62 6.40 -48.73 -9.40
N PRO K 63 7.66 -49.19 -9.63
CA PRO K 63 8.77 -48.36 -10.11
C PRO K 63 8.85 -48.14 -11.63
N THR K 64 7.99 -48.82 -12.40
CA THR K 64 8.09 -48.85 -13.85
C THR K 64 7.87 -47.48 -14.51
N ASN K 65 7.07 -46.61 -13.89
CA ASN K 65 6.84 -45.22 -14.27
C ASN K 65 6.41 -45.03 -15.74
N THR K 66 5.74 -46.03 -16.33
CA THR K 66 5.19 -45.90 -17.68
C THR K 66 3.80 -45.27 -17.68
N LYS K 67 3.11 -45.20 -16.54
CA LYS K 67 1.70 -44.80 -16.50
C LYS K 67 1.33 -44.03 -15.23
N SER K 68 0.40 -43.08 -15.37
CA SER K 68 0.06 -42.08 -14.36
C SER K 68 -1.37 -42.33 -13.82
N TYR K 69 -1.55 -42.28 -12.49
CA TYR K 69 -2.79 -42.76 -11.88
C TYR K 69 -3.67 -41.61 -11.36
N TRP K 70 -3.17 -40.84 -10.39
CA TRP K 70 -3.94 -39.75 -9.81
C TRP K 70 -3.07 -38.69 -9.16
N MET K 71 -3.65 -37.51 -8.93
CA MET K 71 -3.08 -36.49 -8.06
C MET K 71 -4.11 -36.18 -6.97
N TYR K 72 -3.62 -35.94 -5.75
CA TYR K 72 -4.45 -35.59 -4.61
C TYR K 72 -3.85 -34.35 -3.96
N PHE K 73 -4.70 -33.41 -3.53
CA PHE K 73 -4.26 -32.28 -2.72
C PHE K 73 -5.43 -31.75 -1.91
N THR K 74 -5.13 -30.90 -0.92
CA THR K 74 -6.14 -30.43 0.01
C THR K 74 -6.26 -28.92 -0.10
N VAL K 75 -7.48 -28.37 -0.07
CA VAL K 75 -7.70 -26.93 -0.12
C VAL K 75 -8.63 -26.50 1.01
N SER K 76 -8.54 -25.23 1.39
CA SER K 76 -9.42 -24.64 2.40
C SER K 76 -9.61 -23.16 2.10
N PRO K 77 -10.75 -22.52 2.44
CA PRO K 77 -10.89 -21.08 2.30
C PRO K 77 -9.79 -20.31 3.01
N SER K 78 -9.23 -19.31 2.31
CA SER K 78 -8.03 -18.58 2.74
C SER K 78 -8.27 -17.79 4.03
N SER K 79 -7.36 -17.93 4.99
CA SER K 79 -7.29 -17.08 6.18
C SER K 79 -8.59 -17.07 7.00
N GLY K 80 -9.46 -18.08 6.81
CA GLY K 80 -10.71 -18.24 7.54
C GLY K 80 -11.74 -17.12 7.35
N VAL K 81 -11.70 -16.38 6.22
CA VAL K 81 -12.50 -15.15 6.12
C VAL K 81 -13.95 -15.39 5.69
N SER K 82 -14.18 -16.28 4.70
CA SER K 82 -15.50 -16.50 4.14
C SER K 82 -15.61 -17.85 3.41
N SER K 83 -16.84 -18.30 3.14
CA SER K 83 -17.14 -19.59 2.51
C SER K 83 -16.95 -19.56 0.98
N VAL K 84 -16.70 -20.73 0.37
CA VAL K 84 -16.51 -20.86 -1.08
C VAL K 84 -17.47 -21.90 -1.66
N ASP K 85 -18.26 -21.52 -2.68
CA ASP K 85 -19.06 -22.47 -3.46
C ASP K 85 -18.15 -23.35 -4.31
N LEU K 86 -18.20 -24.68 -4.11
CA LEU K 86 -17.44 -25.63 -4.90
C LEU K 86 -18.33 -26.55 -5.73
N SER K 87 -19.56 -26.14 -6.07
CA SER K 87 -20.42 -27.01 -6.88
C SER K 87 -19.80 -27.27 -8.26
N PRO K 88 -19.74 -28.53 -8.75
CA PRO K 88 -19.08 -28.82 -10.03
C PRO K 88 -19.80 -28.30 -11.27
N SER K 89 -21.03 -27.79 -11.11
CA SER K 89 -21.73 -27.08 -12.19
C SER K 89 -21.19 -25.65 -12.34
N THR K 90 -20.88 -24.97 -11.23
CA THR K 90 -20.46 -23.57 -11.22
C THR K 90 -18.93 -23.41 -11.32
N THR K 91 -18.20 -24.28 -10.63
CA THR K 91 -16.74 -24.24 -10.52
C THR K 91 -16.07 -24.97 -11.67
N ALA K 92 -14.90 -24.50 -12.13
CA ALA K 92 -14.05 -25.26 -13.03
C ALA K 92 -12.75 -25.66 -12.34
N ILE K 93 -12.21 -26.84 -12.67
CA ILE K 93 -10.83 -27.15 -12.37
C ILE K 93 -10.13 -27.42 -13.69
N SER K 94 -9.14 -26.59 -14.05
CA SER K 94 -8.34 -26.83 -15.24
C SER K 94 -7.07 -27.60 -14.89
N PHE K 95 -6.50 -28.28 -15.89
CA PHE K 95 -5.26 -29.02 -15.73
C PHE K 95 -4.42 -28.82 -16.98
N THR K 96 -3.17 -28.35 -16.84
CA THR K 96 -2.28 -28.20 -17.99
C THR K 96 -0.89 -28.74 -17.68
N ALA K 97 -0.37 -29.58 -18.59
CA ALA K 97 1.04 -29.94 -18.62
C ALA K 97 1.61 -29.38 -19.93
N ALA K 98 2.03 -28.11 -19.88
CA ALA K 98 2.25 -27.28 -21.05
C ALA K 98 3.31 -27.85 -21.99
N SER K 99 4.39 -28.43 -21.41
CA SER K 99 5.50 -29.02 -22.13
C SER K 99 5.05 -30.06 -23.17
N ARG K 100 4.10 -30.92 -22.78
CA ARG K 100 3.56 -31.98 -23.64
C ARG K 100 2.27 -31.58 -24.35
N GLY K 101 1.85 -30.32 -24.24
CA GLY K 101 0.69 -29.79 -24.95
C GLY K 101 -0.66 -30.24 -24.39
N VAL K 102 -0.67 -30.85 -23.19
CA VAL K 102 -1.92 -31.23 -22.52
C VAL K 102 -2.52 -30.00 -21.87
N SER K 103 -3.79 -29.72 -22.20
CA SER K 103 -4.51 -28.59 -21.64
C SER K 103 -5.99 -28.92 -21.57
N LEU K 104 -6.51 -29.09 -20.36
CA LEU K 104 -7.90 -29.42 -20.11
C LEU K 104 -8.54 -28.24 -19.39
N SER K 105 -9.55 -27.63 -20.02
CA SER K 105 -10.11 -26.39 -19.50
C SER K 105 -11.03 -26.64 -18.29
N ASN K 106 -11.71 -27.80 -18.24
CA ASN K 106 -12.49 -28.16 -17.06
C ASN K 106 -12.60 -29.67 -16.92
N ILE K 107 -12.03 -30.21 -15.83
CA ILE K 107 -12.07 -31.63 -15.50
C ILE K 107 -12.96 -31.90 -14.28
N TYR K 108 -13.52 -30.87 -13.64
CA TYR K 108 -14.25 -31.05 -12.39
C TYR K 108 -15.68 -31.54 -12.66
N GLN K 109 -16.04 -32.70 -12.09
CA GLN K 109 -17.31 -33.34 -12.43
C GLN K 109 -18.21 -33.61 -11.23
N PHE K 110 -17.63 -33.98 -10.07
CA PHE K 110 -18.42 -34.51 -8.97
C PHE K 110 -17.95 -34.00 -7.61
N SER K 111 -18.85 -34.00 -6.63
CA SER K 111 -18.46 -33.69 -5.27
C SER K 111 -19.22 -34.56 -4.26
N LEU K 112 -18.49 -35.06 -3.26
CA LEU K 112 -19.10 -35.74 -2.13
C LEU K 112 -19.57 -34.74 -1.07
N LEU K 113 -19.34 -33.43 -1.25
CA LEU K 113 -19.92 -32.40 -0.39
C LEU K 113 -21.46 -32.41 -0.48
N SER K 114 -22.00 -32.82 -1.63
CA SER K 114 -23.44 -33.00 -1.88
C SER K 114 -24.04 -34.20 -1.13
N VAL K 115 -23.20 -35.12 -0.62
CA VAL K 115 -23.61 -36.47 -0.26
C VAL K 115 -23.70 -36.61 1.26
N LEU K 116 -24.87 -37.03 1.77
CA LEU K 116 -25.06 -37.32 3.18
C LEU K 116 -24.46 -38.69 3.52
N PRO K 117 -23.93 -38.92 4.75
CA PRO K 117 -23.39 -40.23 5.14
C PRO K 117 -24.33 -41.41 4.89
N SER K 118 -25.63 -41.22 5.14
CA SER K 118 -26.65 -42.25 4.94
C SER K 118 -26.82 -42.67 3.47
N GLN K 119 -26.28 -41.89 2.52
CA GLN K 119 -26.31 -42.22 1.10
C GLN K 119 -25.16 -43.16 0.69
N VAL K 120 -24.13 -43.34 1.54
CA VAL K 120 -22.94 -44.10 1.20
C VAL K 120 -22.59 -45.18 2.22
N ASN K 121 -22.79 -44.92 3.52
CA ASN K 121 -22.53 -45.91 4.56
C ASN K 121 -23.49 -47.08 4.44
N ASN K 122 -22.97 -48.30 4.68
CA ASN K 122 -23.71 -49.56 4.57
C ASN K 122 -24.30 -49.83 3.17
N LYS K 123 -23.76 -49.19 2.11
CA LYS K 123 -24.29 -49.34 0.76
C LYS K 123 -23.29 -49.95 -0.24
N VAL K 124 -22.03 -50.10 0.19
CA VAL K 124 -21.07 -51.00 -0.44
C VAL K 124 -20.58 -52.02 0.59
N GLN K 125 -20.30 -53.24 0.14
CA GLN K 125 -20.07 -54.36 1.04
C GLN K 125 -19.07 -55.35 0.44
N VAL K 126 -18.35 -56.07 1.31
CA VAL K 126 -17.35 -57.05 0.90
C VAL K 126 -17.83 -58.45 1.30
N LYS K 127 -17.79 -59.40 0.33
CA LYS K 127 -18.02 -60.82 0.61
C LYS K 127 -16.68 -61.49 0.94
N LEU K 128 -16.36 -61.61 2.23
CA LEU K 128 -15.23 -62.42 2.69
C LEU K 128 -15.70 -63.85 2.98
N GLY K 129 -15.59 -64.73 1.98
CA GLY K 129 -16.16 -66.07 2.05
C GLY K 129 -17.67 -66.03 2.24
N THR K 130 -18.17 -66.70 3.29
CA THR K 130 -19.57 -66.70 3.69
C THR K 130 -20.01 -65.33 4.22
N SER K 131 -19.13 -64.64 4.96
CA SER K 131 -19.44 -63.40 5.66
C SER K 131 -19.57 -62.21 4.69
N ILE K 132 -20.52 -61.30 4.97
CA ILE K 132 -20.68 -60.08 4.19
C ILE K 132 -20.60 -58.87 5.12
N ILE K 133 -19.65 -57.97 4.86
CA ILE K 133 -19.36 -56.84 5.74
C ILE K 133 -19.76 -55.53 5.05
N ASN K 134 -20.65 -54.77 5.70
CA ASN K 134 -21.04 -53.42 5.31
C ASN K 134 -19.91 -52.43 5.63
N LEU K 135 -19.50 -51.61 4.64
CA LEU K 135 -18.48 -50.60 4.88
C LEU K 135 -19.06 -49.29 5.39
N THR K 136 -18.32 -48.64 6.31
CA THR K 136 -18.54 -47.25 6.68
C THR K 136 -17.46 -46.42 6.01
N LEU K 137 -17.87 -45.40 5.23
CA LEU K 137 -16.98 -44.65 4.37
C LEU K 137 -16.93 -43.17 4.77
N ALA K 138 -18.11 -42.56 4.98
CA ALA K 138 -18.22 -41.24 5.54
C ALA K 138 -18.21 -41.34 7.07
N PHE K 139 -17.13 -40.84 7.70
CA PHE K 139 -17.09 -40.73 9.15
C PHE K 139 -17.79 -39.44 9.58
N SER K 140 -18.21 -39.38 10.84
CA SER K 140 -18.95 -38.22 11.33
C SER K 140 -18.74 -38.01 12.83
N SER K 141 -18.85 -36.74 13.28
CA SER K 141 -18.76 -36.35 14.68
C SER K 141 -19.63 -35.12 14.94
N ASN K 142 -19.96 -34.85 16.22
CA ASN K 142 -20.86 -33.76 16.58
C ASN K 142 -20.13 -32.65 17.34
N SER K 143 -20.41 -31.38 16.99
CA SER K 143 -20.09 -30.25 17.85
C SER K 143 -21.21 -29.20 17.75
N ALA K 144 -21.64 -28.63 18.89
CA ALA K 144 -22.67 -27.58 18.94
C ALA K 144 -23.93 -27.94 18.15
N GLY K 145 -24.31 -29.22 18.14
CA GLY K 145 -25.54 -29.68 17.48
C GLY K 145 -25.43 -29.82 15.95
N GLN K 146 -24.24 -29.56 15.38
CA GLN K 146 -23.95 -29.81 13.97
C GLN K 146 -23.26 -31.17 13.82
N THR K 147 -23.63 -31.93 12.77
CA THR K 147 -22.88 -33.13 12.39
C THR K 147 -21.84 -32.75 11.34
N TYR K 148 -20.57 -32.96 11.68
CA TYR K 148 -19.46 -32.83 10.75
C TYR K 148 -19.31 -34.14 9.99
N VAL K 149 -18.92 -34.06 8.70
CA VAL K 149 -18.79 -35.23 7.84
C VAL K 149 -17.44 -35.16 7.15
N TYR K 150 -16.75 -36.32 7.03
CA TYR K 150 -15.49 -36.36 6.30
C TYR K 150 -15.18 -37.79 5.87
N TYR K 151 -14.24 -37.91 4.91
CA TYR K 151 -13.70 -39.19 4.50
C TYR K 151 -12.25 -39.26 5.00
N SER K 152 -11.93 -40.35 5.69
CA SER K 152 -10.64 -40.46 6.37
C SER K 152 -9.48 -40.60 5.38
N ASP K 153 -9.74 -41.17 4.19
CA ASP K 153 -8.71 -41.31 3.16
C ASP K 153 -9.30 -41.21 1.74
N PRO K 154 -8.47 -41.02 0.70
CA PRO K 154 -8.95 -41.06 -0.68
C PRO K 154 -9.56 -42.39 -1.10
N ASN K 155 -9.21 -43.51 -0.45
CA ASN K 155 -9.76 -44.81 -0.81
C ASN K 155 -11.25 -44.92 -0.46
N TYR K 156 -11.62 -44.51 0.76
CA TYR K 156 -13.03 -44.49 1.14
C TYR K 156 -13.81 -43.43 0.35
N ALA K 157 -13.16 -42.31 0.00
CA ALA K 157 -13.74 -41.32 -0.89
C ALA K 157 -14.00 -41.90 -2.28
N LEU K 158 -13.05 -42.65 -2.85
CA LEU K 158 -13.23 -43.31 -4.15
C LEU K 158 -14.38 -44.30 -4.13
N LEU K 159 -14.49 -45.15 -3.10
CA LEU K 159 -15.58 -46.10 -2.99
C LEU K 159 -16.93 -45.40 -2.85
N ALA K 160 -17.01 -44.35 -2.03
CA ALA K 160 -18.19 -43.53 -1.88
C ALA K 160 -18.61 -42.87 -3.21
N LEU K 161 -17.64 -42.44 -4.01
CA LEU K 161 -17.89 -41.90 -5.33
C LEU K 161 -18.35 -42.99 -6.31
N ASN K 162 -17.68 -44.15 -6.39
CA ASN K 162 -18.14 -45.25 -7.21
C ASN K 162 -19.61 -45.58 -6.95
N TYR K 163 -19.97 -45.69 -5.66
CA TYR K 163 -21.35 -45.93 -5.29
C TYR K 163 -22.26 -44.80 -5.78
N THR K 164 -21.94 -43.55 -5.42
CA THR K 164 -22.73 -42.38 -5.75
C THR K 164 -22.98 -42.27 -7.26
N LEU K 165 -21.95 -42.42 -8.09
CA LEU K 165 -22.07 -42.30 -9.54
C LEU K 165 -22.81 -43.48 -10.15
N GLY K 166 -22.57 -44.72 -9.68
CA GLY K 166 -23.35 -45.87 -10.10
C GLY K 166 -24.83 -45.71 -9.78
N GLN K 167 -25.14 -45.15 -8.61
CA GLN K 167 -26.49 -44.85 -8.17
C GLN K 167 -27.14 -43.74 -9.00
N GLU K 168 -26.38 -42.72 -9.42
CA GLU K 168 -26.87 -41.68 -10.33
C GLU K 168 -27.10 -42.19 -11.75
N VAL K 169 -26.28 -43.13 -12.26
CA VAL K 169 -26.53 -43.82 -13.52
C VAL K 169 -27.81 -44.65 -13.43
N LYS K 170 -27.96 -45.42 -12.33
CA LYS K 170 -29.13 -46.24 -12.06
C LYS K 170 -30.40 -45.39 -11.97
N GLY K 171 -30.30 -44.18 -11.38
CA GLY K 171 -31.38 -43.21 -11.33
C GLY K 171 -31.59 -42.38 -12.60
N GLY K 172 -30.81 -42.63 -13.66
CA GLY K 172 -30.91 -41.93 -14.94
C GLY K 172 -30.47 -40.46 -14.93
N GLN K 173 -29.85 -40.00 -13.84
CA GLN K 173 -29.39 -38.62 -13.69
C GLN K 173 -28.06 -38.36 -14.42
N LEU K 174 -27.31 -39.43 -14.72
CA LEU K 174 -26.00 -39.39 -15.34
C LEU K 174 -25.95 -40.48 -16.43
N THR K 175 -25.33 -40.20 -17.58
CA THR K 175 -25.37 -41.12 -18.72
C THR K 175 -24.47 -42.33 -18.51
N SER K 176 -23.22 -42.09 -18.09
CA SER K 176 -22.25 -43.10 -17.67
C SER K 176 -21.38 -42.54 -16.54
N SER K 177 -21.01 -43.41 -15.58
CA SER K 177 -19.97 -43.07 -14.62
C SER K 177 -18.60 -43.19 -15.32
N PRO K 178 -17.69 -42.18 -15.20
CA PRO K 178 -16.33 -42.33 -15.72
C PRO K 178 -15.46 -43.20 -14.81
N LEU K 179 -15.92 -43.48 -13.58
CA LEU K 179 -15.23 -44.32 -12.62
C LEU K 179 -16.00 -45.62 -12.41
N TYR K 180 -15.28 -46.75 -12.45
CA TYR K 180 -15.86 -48.05 -12.08
C TYR K 180 -14.88 -48.80 -11.19
N ILE K 181 -15.32 -49.25 -10.00
CA ILE K 181 -14.45 -49.89 -9.03
C ILE K 181 -14.96 -51.30 -8.73
N ILE K 182 -14.05 -52.30 -8.84
CA ILE K 182 -14.35 -53.71 -8.61
C ILE K 182 -13.22 -54.38 -7.82
N SER K 183 -13.56 -55.39 -7.00
CA SER K 183 -12.58 -56.24 -6.35
C SER K 183 -12.25 -57.46 -7.22
N ASN K 184 -13.29 -57.96 -7.89
CA ASN K 184 -13.21 -59.10 -8.79
C ASN K 184 -12.71 -58.64 -10.17
N THR K 185 -11.52 -59.08 -10.57
CA THR K 185 -11.03 -58.81 -11.92
C THR K 185 -11.60 -59.74 -12.99
N SER K 186 -12.17 -60.89 -12.60
CA SER K 186 -12.74 -61.87 -13.54
C SER K 186 -13.82 -61.25 -14.44
N ILE K 187 -14.52 -60.24 -13.90
CA ILE K 187 -15.59 -59.50 -14.56
C ILE K 187 -15.13 -58.83 -15.86
N VAL K 188 -13.86 -58.40 -15.93
CA VAL K 188 -13.32 -57.55 -16.98
C VAL K 188 -13.45 -58.16 -18.37
N ALA K 189 -13.31 -59.48 -18.49
CA ALA K 189 -13.46 -60.20 -19.76
C ALA K 189 -14.85 -60.00 -20.39
N SER K 190 -15.88 -59.82 -19.56
CA SER K 190 -17.26 -59.61 -20.00
C SER K 190 -17.58 -58.14 -20.32
N LYS K 191 -16.64 -57.23 -20.06
CA LYS K 191 -16.84 -55.78 -20.15
C LYS K 191 -15.66 -55.14 -20.90
N PRO K 192 -15.54 -55.38 -22.23
CA PRO K 192 -14.31 -55.06 -22.96
C PRO K 192 -13.93 -53.58 -23.01
N TRP K 193 -14.87 -52.66 -22.75
CA TRP K 193 -14.55 -51.24 -22.61
C TRP K 193 -13.60 -50.95 -21.45
N LEU K 194 -13.61 -51.80 -20.41
CA LEU K 194 -12.67 -51.69 -19.29
C LEU K 194 -11.25 -52.14 -19.65
N LYS K 195 -11.04 -52.79 -20.80
CA LYS K 195 -9.72 -53.29 -21.19
C LYS K 195 -8.74 -52.16 -21.48
N ASN K 196 -9.23 -51.08 -22.10
CA ASN K 196 -8.38 -50.06 -22.70
C ASN K 196 -8.28 -48.76 -21.87
N ASP K 197 -9.28 -48.46 -21.03
CA ASP K 197 -9.23 -47.28 -20.17
C ASP K 197 -8.23 -47.44 -19.01
N ASN K 198 -7.94 -46.36 -18.28
CA ASN K 198 -6.85 -46.34 -17.32
C ASN K 198 -7.23 -47.08 -16.03
N VAL K 199 -6.32 -47.88 -15.47
CA VAL K 199 -6.61 -48.65 -14.26
C VAL K 199 -5.49 -48.49 -13.22
N PHE K 200 -5.90 -48.29 -11.96
CA PHE K 200 -5.00 -48.33 -10.82
C PHE K 200 -5.66 -49.12 -9.68
N THR K 201 -4.87 -49.55 -8.69
CA THR K 201 -5.40 -50.35 -7.60
C THR K 201 -5.09 -49.72 -6.25
N PHE K 202 -5.95 -50.02 -5.26
CA PHE K 202 -5.73 -49.62 -3.88
C PHE K 202 -6.30 -50.68 -2.95
N ASN K 203 -5.71 -50.78 -1.76
CA ASN K 203 -6.15 -51.76 -0.77
C ASN K 203 -6.85 -51.04 0.39
N ILE K 204 -7.93 -51.64 0.90
CA ILE K 204 -8.50 -51.29 2.19
C ILE K 204 -8.48 -52.54 3.07
N SER K 205 -8.60 -52.38 4.40
CA SER K 205 -8.68 -53.54 5.30
C SER K 205 -10.10 -53.72 5.84
N VAL K 206 -10.62 -54.96 5.74
CA VAL K 206 -11.97 -55.31 6.18
C VAL K 206 -11.86 -56.62 6.95
N ASN K 207 -12.42 -56.68 8.17
CA ASN K 207 -12.22 -57.81 9.07
C ASN K 207 -10.72 -58.18 9.13
N GLY K 208 -9.87 -57.16 9.28
CA GLY K 208 -8.41 -57.29 9.31
C GLY K 208 -7.76 -57.92 8.09
N THR K 209 -8.52 -58.08 6.99
CA THR K 209 -8.08 -58.71 5.75
C THR K 209 -7.90 -57.63 4.68
N GLU K 210 -6.78 -57.65 3.94
CA GLU K 210 -6.56 -56.73 2.83
C GLU K 210 -7.48 -57.08 1.65
N VAL K 211 -8.27 -56.10 1.21
CA VAL K 211 -9.11 -56.22 0.01
C VAL K 211 -8.55 -55.27 -1.04
N GLU K 212 -8.10 -55.81 -2.19
CA GLU K 212 -7.66 -54.97 -3.28
C GLU K 212 -8.85 -54.59 -4.18
N TYR K 213 -8.95 -53.29 -4.47
CA TYR K 213 -9.89 -52.76 -5.44
C TYR K 213 -9.14 -52.22 -6.65
N TYR K 214 -9.73 -52.47 -7.83
CA TYR K 214 -9.26 -52.02 -9.13
C TYR K 214 -10.19 -50.90 -9.57
N ALA K 215 -9.64 -49.71 -9.81
CA ALA K 215 -10.39 -48.54 -10.23
C ALA K 215 -10.12 -48.27 -11.71
N TYR K 216 -11.18 -48.33 -12.52
CA TYR K 216 -11.14 -48.10 -13.96
C TYR K 216 -11.65 -46.69 -14.24
N VAL K 217 -10.86 -45.91 -14.99
CA VAL K 217 -11.10 -44.49 -15.21
C VAL K 217 -11.17 -44.19 -16.71
N ASN K 218 -12.34 -43.75 -17.15
CA ASN K 218 -12.76 -43.58 -18.54
C ASN K 218 -12.09 -42.35 -19.19
N LYS K 219 -11.91 -41.27 -18.40
CA LYS K 219 -11.43 -39.97 -18.85
C LYS K 219 -10.80 -39.23 -17.67
N THR K 220 -9.94 -38.24 -17.90
CA THR K 220 -9.39 -37.47 -16.78
C THR K 220 -10.48 -36.62 -16.15
N PHE K 221 -10.69 -36.79 -14.84
CA PHE K 221 -11.70 -36.01 -14.11
C PHE K 221 -11.22 -35.71 -12.69
N ALA K 222 -11.83 -34.69 -12.09
CA ALA K 222 -11.57 -34.32 -10.70
C ALA K 222 -12.85 -34.41 -9.89
N PHE K 223 -12.70 -34.76 -8.62
CA PHE K 223 -13.79 -34.65 -7.66
C PHE K 223 -13.29 -34.08 -6.35
N THR K 224 -14.21 -33.58 -5.53
CA THR K 224 -13.89 -33.04 -4.21
C THR K 224 -14.66 -33.79 -3.13
N TYR K 225 -14.09 -33.81 -1.93
CA TYR K 225 -14.73 -34.45 -0.79
C TYR K 225 -14.32 -33.77 0.52
N PRO K 226 -15.14 -33.83 1.58
CA PRO K 226 -14.79 -33.16 2.83
C PRO K 226 -13.75 -33.94 3.64
N VAL K 227 -12.82 -33.21 4.27
CA VAL K 227 -11.73 -33.78 5.06
C VAL K 227 -11.82 -33.37 6.52
N SER K 228 -12.19 -32.11 6.82
CA SER K 228 -12.55 -31.69 8.17
C SER K 228 -13.35 -30.39 8.15
N GLY K 229 -13.96 -30.03 9.29
CA GLY K 229 -14.61 -28.73 9.46
C GLY K 229 -15.79 -28.50 8.51
N PHE K 230 -16.38 -29.58 7.97
CA PHE K 230 -17.47 -29.50 7.02
C PHE K 230 -18.78 -30.01 7.65
N PRO K 231 -19.62 -29.12 8.23
CA PRO K 231 -20.95 -29.51 8.70
C PRO K 231 -22.05 -29.38 7.64
N LEU K 232 -21.75 -28.74 6.49
CA LEU K 232 -22.76 -28.37 5.50
C LEU K 232 -23.05 -29.50 4.49
N ALA K 233 -23.10 -30.75 4.95
CA ALA K 233 -23.35 -31.89 4.07
C ALA K 233 -24.67 -31.72 3.28
N GLY K 234 -24.59 -31.90 1.96
CA GLY K 234 -25.68 -31.63 1.03
C GLY K 234 -25.46 -30.39 0.16
N SER K 235 -24.54 -29.47 0.51
CA SER K 235 -24.55 -28.11 0.00
C SER K 235 -23.59 -27.81 -1.17
N ASP K 236 -22.45 -28.52 -1.29
CA ASP K 236 -21.29 -28.12 -2.10
C ASP K 236 -20.59 -26.83 -1.65
N ILE K 237 -20.86 -26.32 -0.44
CA ILE K 237 -20.19 -25.10 0.02
C ILE K 237 -19.11 -25.48 1.04
N ALA K 238 -17.87 -25.03 0.81
CA ALA K 238 -16.82 -25.15 1.81
C ALA K 238 -16.87 -23.95 2.76
N PRO K 239 -17.28 -24.09 4.04
CA PRO K 239 -17.30 -22.95 4.95
C PRO K 239 -15.89 -22.59 5.41
N ALA K 240 -15.72 -21.36 5.92
CA ALA K 240 -14.44 -20.94 6.46
C ALA K 240 -14.01 -21.86 7.61
N GLY K 241 -12.75 -22.34 7.56
CA GLY K 241 -12.25 -23.31 8.52
C GLY K 241 -12.65 -24.76 8.23
N SER K 242 -13.13 -25.05 7.01
CA SER K 242 -13.25 -26.42 6.50
C SER K 242 -12.01 -26.79 5.69
N VAL K 243 -11.81 -28.09 5.47
CA VAL K 243 -10.70 -28.62 4.71
C VAL K 243 -11.27 -29.62 3.70
N ILE K 244 -10.96 -29.43 2.41
CA ILE K 244 -11.57 -30.16 1.31
C ILE K 244 -10.49 -30.90 0.54
N GLY K 245 -10.66 -32.21 0.37
CA GLY K 245 -9.78 -32.98 -0.50
C GLY K 245 -10.20 -32.80 -1.94
N VAL K 246 -9.21 -32.58 -2.83
CA VAL K 246 -9.39 -32.51 -4.27
C VAL K 246 -8.60 -33.67 -4.87
N MET K 247 -9.23 -34.48 -5.70
CA MET K 247 -8.53 -35.60 -6.30
C MET K 247 -8.80 -35.63 -7.80
N ILE K 248 -7.71 -35.78 -8.57
CA ILE K 248 -7.73 -35.86 -10.02
C ILE K 248 -7.35 -37.28 -10.39
N LEU K 249 -8.22 -38.00 -11.11
CA LEU K 249 -7.91 -39.32 -11.62
C LEU K 249 -7.65 -39.21 -13.11
N PHE K 250 -6.51 -39.72 -13.60
CA PHE K 250 -6.18 -39.60 -15.01
C PHE K 250 -6.86 -40.68 -15.85
N GLY K 251 -7.38 -40.27 -17.02
CA GLY K 251 -7.90 -41.19 -18.03
C GLY K 251 -6.79 -41.70 -18.95
N PRO K 252 -7.11 -42.59 -19.92
CA PRO K 252 -6.09 -43.22 -20.76
C PRO K 252 -5.32 -42.25 -21.66
N GLY K 253 -5.87 -41.06 -21.94
CA GLY K 253 -5.17 -39.99 -22.63
C GLY K 253 -4.00 -39.45 -21.80
N GLU K 254 -4.31 -38.75 -20.70
CA GLU K 254 -3.31 -38.10 -19.88
C GLU K 254 -2.42 -39.09 -19.11
N ALA K 255 -2.91 -40.32 -18.88
CA ALA K 255 -2.16 -41.36 -18.20
C ALA K 255 -0.93 -41.85 -18.97
N THR K 256 -0.85 -41.62 -20.28
CA THR K 256 -0.07 -42.38 -21.26
C THR K 256 1.42 -42.51 -20.93
N ASN K 257 2.05 -41.45 -20.38
CA ASN K 257 3.36 -41.56 -19.74
C ASN K 257 3.49 -40.54 -18.59
N VAL K 258 4.37 -40.85 -17.63
CA VAL K 258 4.49 -40.12 -16.37
C VAL K 258 5.04 -38.71 -16.59
N PHE K 259 4.65 -37.76 -15.73
CA PHE K 259 5.22 -36.42 -15.73
C PHE K 259 6.66 -36.45 -15.21
N GLN K 260 7.64 -36.05 -16.03
CA GLN K 260 9.03 -35.91 -15.60
C GLN K 260 9.65 -34.71 -16.30
N TYR K 261 10.41 -33.89 -15.55
CA TYR K 261 11.10 -32.74 -16.11
C TYR K 261 10.10 -31.79 -16.80
N GLU K 262 8.95 -31.61 -16.14
CA GLU K 262 7.78 -30.94 -16.71
C GLU K 262 7.09 -30.09 -15.65
N THR K 263 6.43 -29.00 -16.08
CA THR K 263 5.61 -28.21 -15.17
C THR K 263 4.14 -28.58 -15.35
N VAL K 264 3.49 -28.95 -14.24
CA VAL K 264 2.06 -29.19 -14.21
C VAL K 264 1.39 -28.05 -13.45
N THR K 265 0.34 -27.49 -14.05
CA THR K 265 -0.47 -26.42 -13.46
C THR K 265 -1.91 -26.90 -13.32
N ILE K 266 -2.48 -26.70 -12.12
CA ILE K 266 -3.89 -26.95 -11.85
C ILE K 266 -4.49 -25.61 -11.43
N GLN K 267 -5.70 -25.28 -11.89
CA GLN K 267 -6.35 -24.08 -11.39
C GLN K 267 -7.78 -24.39 -11.01
N ILE K 268 -8.18 -24.01 -9.79
CA ILE K 268 -9.55 -24.13 -9.34
C ILE K 268 -10.17 -22.74 -9.41
N THR K 269 -11.25 -22.60 -10.18
CA THR K 269 -11.90 -21.30 -10.38
C THR K 269 -13.36 -21.39 -9.95
N PRO K 270 -13.69 -21.05 -8.68
CA PRO K 270 -15.09 -20.95 -8.26
C PRO K 270 -15.78 -19.73 -8.89
N ASN K 271 -17.10 -19.67 -8.77
CA ASN K 271 -17.93 -18.68 -9.43
C ASN K 271 -17.83 -17.27 -8.80
N ILE K 272 -17.30 -17.17 -7.57
CA ILE K 272 -17.05 -15.91 -6.88
C ILE K 272 -15.65 -16.00 -6.27
N GLY K 273 -14.88 -14.90 -6.34
CA GLY K 273 -13.56 -14.83 -5.72
C GLY K 273 -12.44 -15.29 -6.65
N SER K 274 -11.20 -15.04 -6.20
CA SER K 274 -10.01 -15.34 -6.97
C SER K 274 -9.82 -16.85 -7.14
N PRO K 275 -9.34 -17.32 -8.31
CA PRO K 275 -9.02 -18.74 -8.49
C PRO K 275 -7.75 -19.09 -7.72
N LEU K 276 -7.60 -20.38 -7.40
CA LEU K 276 -6.39 -20.91 -6.81
C LEU K 276 -5.58 -21.58 -7.91
N THR K 277 -4.37 -21.06 -8.16
CA THR K 277 -3.48 -21.62 -9.18
C THR K 277 -2.33 -22.35 -8.50
N ILE K 278 -2.17 -23.63 -8.84
CA ILE K 278 -1.21 -24.54 -8.25
C ILE K 278 -0.23 -24.93 -9.36
N SER K 279 1.09 -24.78 -9.13
CA SER K 279 2.09 -25.17 -10.12
C SER K 279 3.27 -25.90 -9.48
N GLN K 280 3.66 -27.03 -10.09
CA GLN K 280 4.82 -27.79 -9.67
C GLN K 280 5.67 -28.13 -10.89
N TYR K 281 6.98 -27.92 -10.80
CA TYR K 281 7.89 -28.64 -11.68
C TYR K 281 8.11 -30.04 -11.08
N ILE K 282 7.85 -31.08 -11.87
CA ILE K 282 7.87 -32.45 -11.39
C ILE K 282 9.18 -33.10 -11.84
N TYR K 283 10.02 -33.44 -10.85
CA TYR K 283 11.11 -34.38 -11.06
C TYR K 283 10.57 -35.81 -11.15
N GLN K 284 11.42 -36.75 -11.59
CA GLN K 284 11.08 -38.17 -11.61
C GLN K 284 10.41 -38.61 -10.30
N PRO K 285 9.23 -39.28 -10.34
CA PRO K 285 8.52 -39.68 -9.13
C PRO K 285 9.21 -40.86 -8.44
N ASP K 286 9.31 -40.77 -7.10
CA ASP K 286 10.24 -41.56 -6.31
C ASP K 286 9.61 -42.70 -5.51
N GLY K 287 8.28 -42.84 -5.56
CA GLY K 287 7.53 -43.90 -4.88
C GLY K 287 6.14 -44.12 -5.47
N LYS K 288 5.40 -45.10 -4.94
CA LYS K 288 4.02 -45.39 -5.36
C LYS K 288 3.16 -44.14 -5.31
N VAL K 289 3.36 -43.34 -4.25
CA VAL K 289 2.95 -41.95 -4.18
C VAL K 289 4.22 -41.13 -4.02
N THR K 290 4.24 -39.90 -4.58
CA THR K 290 5.36 -38.98 -4.41
C THR K 290 4.84 -37.60 -4.05
N VAL K 291 5.55 -36.87 -3.18
CA VAL K 291 5.20 -35.51 -2.84
C VAL K 291 5.82 -34.58 -3.89
N ILE K 292 4.97 -33.94 -4.71
CA ILE K 292 5.45 -33.09 -5.80
C ILE K 292 5.43 -31.61 -5.44
N GLY K 293 4.66 -31.21 -4.42
CA GLY K 293 4.52 -29.81 -4.04
C GLY K 293 3.96 -29.63 -2.63
N LEU L 1 -51.84 33.41 -24.88
CA LEU L 1 -50.54 34.10 -24.74
C LEU L 1 -49.72 33.43 -23.62
N ALA L 2 -50.37 33.10 -22.51
CA ALA L 2 -49.63 32.60 -21.35
C ALA L 2 -48.71 31.46 -21.76
N GLY L 3 -49.11 30.64 -22.75
CA GLY L 3 -48.32 29.51 -23.25
C GLY L 3 -47.35 29.91 -24.37
N LEU L 4 -47.78 30.81 -25.27
CA LEU L 4 -46.96 31.20 -26.42
C LEU L 4 -45.60 31.72 -25.97
N ASP L 5 -45.60 32.69 -25.04
CA ASP L 5 -44.37 33.24 -24.47
C ASP L 5 -43.66 32.18 -23.62
N THR L 6 -44.45 31.36 -22.91
CA THR L 6 -43.94 30.28 -22.07
C THR L 6 -43.27 29.22 -22.94
N ALA L 7 -43.71 29.09 -24.21
CA ALA L 7 -43.16 28.14 -25.18
C ALA L 7 -41.83 28.66 -25.73
N ILE L 8 -41.61 29.99 -25.67
CA ILE L 8 -40.37 30.61 -26.10
C ILE L 8 -39.27 30.34 -25.08
N ILE L 9 -39.63 30.29 -23.79
CA ILE L 9 -38.67 30.08 -22.70
C ILE L 9 -38.31 28.60 -22.57
N LEU L 10 -39.22 27.71 -22.97
CA LEU L 10 -38.96 26.28 -23.00
C LEU L 10 -37.99 25.91 -24.13
N ILE L 11 -38.25 26.34 -25.37
CA ILE L 11 -37.34 26.16 -26.51
C ILE L 11 -35.91 26.60 -26.15
N ALA L 12 -35.78 27.83 -25.64
CA ALA L 12 -34.49 28.43 -25.31
C ALA L 12 -33.75 27.67 -24.19
N PHE L 13 -34.46 27.29 -23.14
CA PHE L 13 -33.87 26.58 -22.01
C PHE L 13 -33.47 25.15 -22.39
N ILE L 14 -34.20 24.49 -23.30
CA ILE L 14 -33.81 23.20 -23.86
C ILE L 14 -32.46 23.34 -24.56
N ILE L 15 -32.35 24.31 -25.49
CA ILE L 15 -31.13 24.57 -26.23
C ILE L 15 -29.96 24.85 -25.28
N THR L 16 -30.20 25.65 -24.24
CA THR L 16 -29.21 25.99 -23.22
C THR L 16 -28.69 24.76 -22.48
N ALA L 17 -29.59 23.85 -22.06
CA ALA L 17 -29.23 22.60 -21.42
C ALA L 17 -28.51 21.64 -22.37
N ALA L 18 -28.98 21.56 -23.63
CA ALA L 18 -28.34 20.76 -24.68
C ALA L 18 -26.90 21.20 -24.96
N VAL L 19 -26.63 22.51 -24.90
CA VAL L 19 -25.29 23.08 -25.01
C VAL L 19 -24.39 22.63 -23.84
N LEU L 20 -24.89 22.62 -22.60
CA LEU L 20 -24.12 22.06 -21.50
C LEU L 20 -23.87 20.57 -21.70
N ALA L 21 -24.91 19.82 -22.09
CA ALA L 21 -24.80 18.39 -22.40
C ALA L 21 -23.68 18.13 -23.41
N TYR L 22 -23.69 18.86 -24.53
CA TYR L 22 -22.69 18.80 -25.59
C TYR L 22 -21.28 19.00 -25.05
N VAL L 23 -21.07 20.07 -24.25
CA VAL L 23 -19.78 20.42 -23.69
C VAL L 23 -19.31 19.40 -22.65
N ALA L 24 -20.18 19.01 -21.72
CA ALA L 24 -19.85 18.09 -20.64
C ALA L 24 -19.48 16.70 -21.17
N VAL L 25 -20.22 16.18 -22.16
CA VAL L 25 -19.93 14.88 -22.75
C VAL L 25 -18.59 14.92 -23.51
N ASN L 26 -18.38 15.94 -24.35
CA ASN L 26 -17.12 16.12 -25.08
C ASN L 26 -15.94 16.20 -24.10
N MET L 27 -16.06 17.02 -23.06
CA MET L 27 -14.96 17.23 -22.15
C MET L 27 -14.71 16.03 -21.22
N GLY L 28 -15.76 15.26 -20.88
CA GLY L 28 -15.63 13.96 -20.23
C GLY L 28 -14.90 12.94 -21.10
N LEU L 29 -15.25 12.84 -22.38
CA LEU L 29 -14.52 12.00 -23.33
C LEU L 29 -13.04 12.40 -23.39
N PHE L 30 -12.76 13.71 -23.46
CA PHE L 30 -11.40 14.23 -23.44
C PHE L 30 -10.65 13.81 -22.16
N VAL L 31 -11.15 14.19 -20.98
CA VAL L 31 -10.44 13.99 -19.72
C VAL L 31 -10.25 12.51 -19.39
N THR L 32 -11.25 11.67 -19.67
CA THR L 32 -11.13 10.24 -19.44
C THR L 32 -10.05 9.62 -20.33
N GLN L 33 -9.87 10.13 -21.54
CA GLN L 33 -8.77 9.68 -22.40
C GLN L 33 -7.40 10.19 -21.92
N LYS L 34 -7.32 11.43 -21.40
CA LYS L 34 -6.13 11.92 -20.72
C LYS L 34 -5.77 11.03 -19.51
N ALA L 35 -6.78 10.57 -18.77
CA ALA L 35 -6.62 9.61 -17.69
C ALA L 35 -6.09 8.26 -18.20
N LYS L 36 -6.70 7.69 -19.25
CA LYS L 36 -6.23 6.46 -19.89
C LYS L 36 -4.74 6.54 -20.24
N THR L 37 -4.34 7.60 -20.95
CA THR L 37 -2.97 7.86 -21.36
C THR L 37 -2.05 7.96 -20.14
N THR L 38 -2.47 8.72 -19.11
CA THR L 38 -1.71 8.91 -17.88
C THR L 38 -1.49 7.59 -17.16
N ILE L 39 -2.53 6.77 -17.02
CA ILE L 39 -2.45 5.45 -16.38
C ILE L 39 -1.42 4.58 -17.10
N ASN L 40 -1.45 4.57 -18.44
CA ASN L 40 -0.46 3.87 -19.25
C ASN L 40 0.96 4.35 -18.96
N LYS L 41 1.20 5.67 -19.02
CA LYS L 41 2.51 6.25 -18.75
C LYS L 41 2.99 6.00 -17.31
N GLY L 42 2.07 5.93 -16.34
CA GLY L 42 2.38 5.59 -14.97
C GLY L 42 2.88 4.15 -14.82
N GLU L 43 2.20 3.20 -15.48
CA GLU L 43 2.67 1.81 -15.52
C GLU L 43 4.03 1.71 -16.22
N GLU L 44 4.18 2.33 -17.40
CA GLU L 44 5.45 2.35 -18.12
C GLU L 44 6.57 2.90 -17.26
N THR L 45 6.31 3.95 -16.47
CA THR L 45 7.27 4.56 -15.57
C THR L 45 7.66 3.61 -14.42
N ALA L 46 6.72 2.79 -13.95
CA ALA L 46 6.99 1.82 -12.91
C ALA L 46 7.70 0.57 -13.43
N SER L 47 7.43 0.16 -14.68
CA SER L 47 8.00 -1.05 -15.27
C SER L 47 9.37 -0.82 -15.90
N THR L 48 9.54 0.25 -16.69
CA THR L 48 10.79 0.49 -17.41
C THR L 48 11.92 0.90 -16.45
N ALA L 49 13.04 0.16 -16.52
CA ALA L 49 14.25 0.43 -15.76
C ALA L 49 15.42 -0.37 -16.35
N LEU L 50 16.66 0.06 -16.08
CA LEU L 50 17.86 -0.66 -16.48
C LEU L 50 18.57 -1.22 -15.24
N SER L 51 19.15 -2.42 -15.37
CA SER L 51 20.02 -3.01 -14.36
C SER L 51 21.45 -3.05 -14.90
N LEU L 52 22.42 -2.83 -14.02
CA LEU L 52 23.80 -3.17 -14.34
C LEU L 52 23.93 -4.69 -14.39
N SER L 53 24.29 -5.23 -15.57
CA SER L 53 24.27 -6.66 -15.83
C SER L 53 25.63 -7.18 -16.31
N GLY L 54 26.69 -6.56 -15.76
CA GLY L 54 28.07 -7.02 -15.88
C GLY L 54 28.95 -6.29 -14.87
N ASN L 55 30.24 -6.62 -14.84
CA ASN L 55 31.16 -5.83 -14.05
C ASN L 55 31.46 -4.50 -14.75
N VAL L 56 31.91 -3.51 -13.97
CA VAL L 56 32.38 -2.23 -14.49
C VAL L 56 33.89 -2.32 -14.64
N LEU L 57 34.37 -2.15 -15.88
CA LEU L 57 35.77 -2.26 -16.24
C LEU L 57 36.33 -0.86 -16.45
N TYR L 58 37.55 -0.60 -15.95
CA TYR L 58 38.20 0.69 -16.05
C TYR L 58 39.60 0.51 -16.62
N ALA L 59 39.97 1.31 -17.63
CA ALA L 59 41.25 1.19 -18.32
C ALA L 59 42.11 2.45 -18.15
N VAL L 60 43.42 2.25 -17.94
CA VAL L 60 44.38 3.31 -17.63
C VAL L 60 45.73 2.97 -18.26
N ASN L 61 46.66 3.94 -18.31
CA ASN L 61 48.01 3.74 -18.82
C ASN L 61 48.91 2.97 -17.86
N TYR L 62 48.45 1.77 -17.46
CA TYR L 62 49.13 0.90 -16.53
C TYR L 62 50.49 0.47 -17.06
N PRO L 63 51.55 0.32 -16.21
CA PRO L 63 51.50 0.54 -14.76
C PRO L 63 51.66 1.99 -14.30
N THR L 64 51.97 2.91 -15.23
CA THR L 64 52.36 4.28 -14.88
C THR L 64 51.22 5.08 -14.22
N ASN L 65 49.96 4.76 -14.54
CA ASN L 65 48.76 5.31 -13.91
C ASN L 65 48.69 6.85 -13.90
N THR L 66 49.33 7.51 -14.87
CA THR L 66 49.24 8.97 -15.01
C THR L 66 48.02 9.40 -15.81
N LYS L 67 47.38 8.49 -16.57
CA LYS L 67 46.34 8.86 -17.53
C LYS L 67 45.24 7.81 -17.66
N SER L 68 44.01 8.27 -17.91
CA SER L 68 42.79 7.47 -17.85
C SER L 68 42.18 7.31 -19.26
N TYR L 69 41.78 6.08 -19.65
CA TYR L 69 41.44 5.79 -21.03
C TYR L 69 39.93 5.63 -21.25
N TRP L 70 39.32 4.62 -20.61
CA TRP L 70 37.89 4.36 -20.78
C TRP L 70 37.30 3.58 -19.61
N MET L 71 35.96 3.62 -19.51
CA MET L 71 35.20 2.71 -18.68
C MET L 71 34.20 1.97 -19.56
N TYR L 72 33.99 0.69 -19.27
CA TYR L 72 33.04 -0.15 -19.98
C TYR L 72 32.16 -0.85 -18.95
N PHE L 73 30.86 -0.95 -19.23
CA PHE L 73 29.96 -1.76 -18.42
C PHE L 73 28.74 -2.18 -19.26
N THR L 74 27.97 -3.14 -18.75
CA THR L 74 26.89 -3.72 -19.51
C THR L 74 25.57 -3.46 -18.78
N VAL L 75 24.50 -3.12 -19.51
CA VAL L 75 23.19 -2.89 -18.92
C VAL L 75 22.13 -3.70 -19.67
N SER L 76 21.02 -4.00 -19.01
CA SER L 76 19.88 -4.67 -19.62
C SER L 76 18.60 -4.22 -18.92
N PRO L 77 17.43 -4.18 -19.60
CA PRO L 77 16.18 -3.89 -18.92
C PRO L 77 15.92 -4.82 -17.73
N SER L 78 15.49 -4.22 -16.61
CA SER L 78 15.38 -4.89 -15.31
C SER L 78 14.32 -5.99 -15.33
N SER L 79 14.68 -7.18 -14.84
CA SER L 79 13.75 -8.27 -14.55
C SER L 79 12.93 -8.70 -15.78
N GLY L 80 13.40 -8.37 -16.99
CA GLY L 80 12.76 -8.74 -18.25
C GLY L 80 11.35 -8.19 -18.48
N VAL L 81 10.98 -7.06 -17.84
CA VAL L 81 9.57 -6.65 -17.82
C VAL L 81 9.15 -5.86 -19.08
N SER L 82 9.99 -4.93 -19.55
CA SER L 82 9.65 -4.04 -20.65
C SER L 82 10.88 -3.43 -21.33
N SER L 83 10.71 -2.87 -22.53
CA SER L 83 11.79 -2.29 -23.34
C SER L 83 12.17 -0.86 -22.89
N VAL L 84 13.41 -0.44 -23.18
CA VAL L 84 13.92 0.88 -22.81
C VAL L 84 14.45 1.61 -24.07
N ASP L 85 13.95 2.83 -24.32
CA ASP L 85 14.51 3.73 -25.34
C ASP L 85 15.89 4.22 -24.88
N LEU L 86 16.94 3.95 -25.67
CA LEU L 86 18.29 4.41 -25.40
C LEU L 86 18.80 5.38 -26.47
N SER L 87 17.91 6.08 -27.19
CA SER L 87 18.40 7.01 -28.21
C SER L 87 19.21 8.14 -27.58
N PRO L 88 20.41 8.50 -28.11
CA PRO L 88 21.25 9.52 -27.48
C PRO L 88 20.70 10.95 -27.56
N SER L 89 19.64 11.17 -28.34
CA SER L 89 18.92 12.45 -28.33
C SER L 89 18.01 12.57 -27.10
N THR L 90 17.36 11.47 -26.69
CA THR L 90 16.38 11.46 -25.61
C THR L 90 17.03 11.16 -24.26
N THR L 91 17.98 10.23 -24.23
CA THR L 91 18.62 9.73 -23.01
C THR L 91 19.82 10.61 -22.64
N ALA L 92 20.10 10.76 -21.34
CA ALA L 92 21.35 11.34 -20.88
C ALA L 92 22.18 10.29 -20.14
N ILE L 93 23.51 10.37 -20.25
CA ILE L 93 24.39 9.68 -19.32
C ILE L 93 25.24 10.75 -18.64
N SER L 94 25.11 10.88 -17.32
CA SER L 94 25.95 11.80 -16.55
C SER L 94 27.15 11.06 -15.98
N PHE L 95 28.21 11.80 -15.69
CA PHE L 95 29.42 11.26 -15.08
C PHE L 95 29.94 12.25 -14.04
N THR L 96 30.10 11.82 -12.78
CA THR L 96 30.66 12.69 -11.75
C THR L 96 31.74 11.98 -10.94
N ALA L 97 32.90 12.64 -10.79
CA ALA L 97 33.91 12.26 -9.81
C ALA L 97 33.98 13.41 -8.79
N ALA L 98 33.11 13.34 -7.78
CA ALA L 98 32.76 14.48 -6.94
C ALA L 98 33.97 15.05 -6.18
N SER L 99 34.86 14.15 -5.72
CA SER L 99 36.07 14.50 -4.97
C SER L 99 36.93 15.54 -5.70
N ARG L 100 37.11 15.35 -7.02
CA ARG L 100 37.92 16.22 -7.87
C ARG L 100 37.09 17.30 -8.59
N GLY L 101 35.79 17.40 -8.28
CA GLY L 101 34.92 18.43 -8.82
C GLY L 101 34.52 18.23 -10.28
N VAL L 102 34.78 17.04 -10.85
CA VAL L 102 34.36 16.70 -12.20
C VAL L 102 32.87 16.33 -12.18
N SER L 103 32.09 17.02 -13.01
CA SER L 103 30.66 16.76 -13.11
C SER L 103 30.20 17.07 -14.54
N LEU L 104 29.82 16.03 -15.27
CA LEU L 104 29.37 16.15 -16.65
C LEU L 104 27.91 15.72 -16.67
N SER L 105 27.01 16.64 -17.07
CA SER L 105 25.59 16.39 -17.00
C SER L 105 25.09 15.47 -18.11
N ASN L 106 25.73 15.51 -19.29
CA ASN L 106 25.40 14.55 -20.33
C ASN L 106 26.59 14.32 -21.27
N ILE L 107 27.10 13.08 -21.29
CA ILE L 107 28.21 12.67 -22.14
C ILE L 107 27.75 11.71 -23.25
N TYR L 108 26.47 11.33 -23.28
CA TYR L 108 26.00 10.32 -24.22
C TYR L 108 25.77 10.92 -25.61
N GLN L 109 26.45 10.38 -26.64
CA GLN L 109 26.43 11.00 -27.95
C GLN L 109 25.97 10.06 -29.07
N PHE L 110 26.32 8.77 -29.00
CA PHE L 110 26.16 7.88 -30.15
C PHE L 110 25.68 6.48 -29.74
N SER L 111 25.03 5.78 -30.68
CA SER L 111 24.67 4.40 -30.43
C SER L 111 24.82 3.57 -31.71
N LEU L 112 25.41 2.37 -31.56
CA LEU L 112 25.43 1.39 -32.64
C LEU L 112 24.12 0.58 -32.70
N LEU L 113 23.17 0.81 -31.78
CA LEU L 113 21.84 0.22 -31.89
C LEU L 113 21.11 0.71 -33.14
N SER L 114 21.43 1.94 -33.59
CA SER L 114 20.92 2.55 -34.82
C SER L 114 21.49 1.89 -36.09
N VAL L 115 22.56 1.10 -35.98
CA VAL L 115 23.42 0.76 -37.11
C VAL L 115 23.19 -0.70 -37.54
N LEU L 116 22.86 -0.89 -38.82
CA LEU L 116 22.72 -2.23 -39.40
C LEU L 116 24.10 -2.82 -39.70
N PRO L 117 24.30 -4.16 -39.62
CA PRO L 117 25.60 -4.78 -39.92
C PRO L 117 26.17 -4.39 -41.27
N SER L 118 25.32 -4.27 -42.31
CA SER L 118 25.72 -3.87 -43.66
C SER L 118 26.31 -2.45 -43.74
N GLN L 119 26.11 -1.63 -42.70
CA GLN L 119 26.67 -0.28 -42.64
C GLN L 119 28.11 -0.27 -42.11
N VAL L 120 28.59 -1.38 -41.52
CA VAL L 120 29.91 -1.43 -40.87
C VAL L 120 30.78 -2.60 -41.34
N ASN L 121 30.19 -3.77 -41.61
CA ASN L 121 30.92 -4.92 -42.11
C ASN L 121 31.48 -4.64 -43.51
N ASN L 122 32.71 -5.09 -43.78
CA ASN L 122 33.42 -4.90 -45.04
C ASN L 122 33.66 -3.42 -45.40
N LYS L 123 33.60 -2.50 -44.42
CA LYS L 123 33.75 -1.07 -44.68
C LYS L 123 34.97 -0.42 -43.99
N VAL L 124 35.62 -1.19 -43.09
CA VAL L 124 36.99 -0.91 -42.67
C VAL L 124 37.88 -2.12 -42.99
N GLN L 125 39.14 -1.86 -43.32
CA GLN L 125 40.01 -2.88 -43.90
C GLN L 125 41.47 -2.65 -43.49
N VAL L 126 42.25 -3.74 -43.43
CA VAL L 126 43.66 -3.69 -43.06
C VAL L 126 44.52 -4.05 -44.26
N LYS L 127 45.54 -3.22 -44.55
CA LYS L 127 46.56 -3.53 -45.54
C LYS L 127 47.72 -4.26 -44.85
N LEU L 128 47.72 -5.60 -44.90
CA LEU L 128 48.85 -6.41 -44.47
C LEU L 128 49.77 -6.68 -45.67
N GLY L 129 50.79 -5.82 -45.85
CA GLY L 129 51.62 -5.83 -47.05
C GLY L 129 50.80 -5.61 -48.32
N THR L 130 50.91 -6.54 -49.28
CA THR L 130 50.13 -6.54 -50.51
C THR L 130 48.65 -6.82 -50.25
N SER L 131 48.35 -7.71 -49.30
CA SER L 131 47.00 -8.20 -49.04
C SER L 131 46.13 -7.15 -48.33
N ILE L 132 44.84 -7.09 -48.68
CA ILE L 132 43.88 -6.20 -48.02
C ILE L 132 42.71 -7.02 -47.49
N ILE L 133 42.47 -6.94 -46.17
CA ILE L 133 41.48 -7.77 -45.50
C ILE L 133 40.32 -6.90 -45.01
N ASN L 134 39.10 -7.22 -45.47
CA ASN L 134 37.85 -6.63 -45.00
C ASN L 134 37.50 -7.16 -43.60
N LEU L 135 37.22 -6.26 -42.65
CA LEU L 135 36.83 -6.68 -41.30
C LEU L 135 35.32 -6.92 -41.19
N THR L 136 34.95 -7.94 -40.41
CA THR L 136 33.58 -8.13 -39.93
C THR L 136 33.55 -7.72 -38.47
N LEU L 137 32.66 -6.77 -38.13
CA LEU L 137 32.64 -6.13 -36.82
C LEU L 137 31.34 -6.41 -36.08
N ALA L 138 30.20 -6.23 -36.76
CA ALA L 138 28.90 -6.64 -36.27
C ALA L 138 28.68 -8.12 -36.60
N PHE L 139 28.66 -8.98 -35.57
CA PHE L 139 28.28 -10.37 -35.73
C PHE L 139 26.76 -10.49 -35.71
N SER L 140 26.23 -11.59 -36.26
CA SER L 140 24.79 -11.77 -36.36
C SER L 140 24.40 -13.25 -36.35
N SER L 141 23.18 -13.55 -35.86
CA SER L 141 22.60 -14.89 -35.84
C SER L 141 21.08 -14.80 -35.95
N ASN L 142 20.43 -15.91 -36.34
CA ASN L 142 18.98 -15.93 -36.56
C ASN L 142 18.25 -16.77 -35.51
N SER L 143 17.11 -16.25 -35.02
CA SER L 143 16.12 -17.07 -34.32
C SER L 143 14.71 -16.59 -34.66
N ALA L 144 13.78 -17.51 -34.93
CA ALA L 144 12.38 -17.22 -35.23
C ALA L 144 12.21 -16.14 -36.32
N GLY L 145 13.13 -16.13 -37.32
CA GLY L 145 13.05 -15.20 -38.44
C GLY L 145 13.53 -13.78 -38.14
N GLN L 146 14.03 -13.53 -36.92
CA GLN L 146 14.67 -12.27 -36.55
C GLN L 146 16.19 -12.42 -36.66
N THR L 147 16.87 -11.38 -37.18
CA THR L 147 18.33 -11.32 -37.12
C THR L 147 18.74 -10.55 -35.86
N TYR L 148 19.48 -11.23 -34.98
CA TYR L 148 20.10 -10.64 -33.82
C TYR L 148 21.45 -10.05 -34.24
N VAL L 149 21.84 -8.92 -33.63
CA VAL L 149 23.07 -8.22 -33.98
C VAL L 149 23.83 -7.91 -32.70
N TYR L 150 25.16 -8.08 -32.72
CA TYR L 150 25.97 -7.71 -31.58
C TYR L 150 27.42 -7.49 -31.98
N TYR L 151 28.18 -6.84 -31.09
CA TYR L 151 29.62 -6.70 -31.24
C TYR L 151 30.29 -7.57 -30.18
N SER L 152 31.23 -8.41 -30.62
CA SER L 152 31.81 -9.42 -29.73
C SER L 152 32.70 -8.79 -28.66
N ASP L 153 33.31 -7.62 -28.95
CA ASP L 153 34.15 -6.92 -27.99
C ASP L 153 34.06 -5.40 -28.15
N PRO L 154 34.54 -4.60 -27.17
CA PRO L 154 34.63 -3.16 -27.32
C PRO L 154 35.54 -2.69 -28.46
N ASN L 155 36.52 -3.50 -28.88
CA ASN L 155 37.43 -3.12 -29.96
C ASN L 155 36.70 -3.06 -31.31
N TYR L 156 35.92 -4.09 -31.65
CA TYR L 156 35.12 -4.07 -32.86
C TYR L 156 34.02 -3.03 -32.79
N ALA L 157 33.46 -2.78 -31.60
CA ALA L 157 32.52 -1.68 -31.39
C ALA L 157 33.18 -0.32 -31.66
N LEU L 158 34.41 -0.09 -31.17
CA LEU L 158 35.15 1.14 -31.41
C LEU L 158 35.40 1.36 -32.90
N LEU L 159 35.86 0.33 -33.62
CA LEU L 159 36.10 0.44 -35.04
C LEU L 159 34.81 0.73 -35.82
N ALA L 160 33.71 0.05 -35.49
CA ALA L 160 32.41 0.29 -36.07
C ALA L 160 31.92 1.72 -35.81
N LEU L 161 32.21 2.27 -34.62
CA LEU L 161 31.90 3.65 -34.30
C LEU L 161 32.79 4.63 -35.07
N ASN L 162 34.11 4.42 -35.13
CA ASN L 162 35.00 5.26 -35.93
C ASN L 162 34.49 5.37 -37.36
N TYR L 163 34.14 4.23 -37.97
CA TYR L 163 33.58 4.22 -39.31
C TYR L 163 32.29 5.03 -39.37
N THR L 164 31.31 4.69 -38.51
CA THR L 164 30.00 5.32 -38.48
C THR L 164 30.10 6.84 -38.35
N LEU L 165 30.92 7.34 -37.41
CA LEU L 165 31.05 8.77 -37.18
C LEU L 165 31.81 9.47 -38.31
N GLY L 166 32.87 8.86 -38.85
CA GLY L 166 33.55 9.38 -40.02
C GLY L 166 32.62 9.49 -41.23
N GLN L 167 31.75 8.49 -41.40
CA GLN L 167 30.74 8.45 -42.45
C GLN L 167 29.66 9.51 -42.24
N GLU L 168 29.26 9.80 -40.99
CA GLU L 168 28.34 10.88 -40.67
C GLU L 168 28.95 12.27 -40.87
N VAL L 169 30.25 12.46 -40.59
CA VAL L 169 30.97 13.69 -40.92
C VAL L 169 31.01 13.87 -42.44
N LYS L 170 31.37 12.80 -43.17
CA LYS L 170 31.42 12.78 -44.63
C LYS L 170 30.06 13.11 -45.25
N GLY L 171 28.97 12.61 -44.64
CA GLY L 171 27.60 12.93 -45.02
C GLY L 171 27.07 14.28 -44.53
N GLY L 172 27.88 15.06 -43.81
CA GLY L 172 27.51 16.37 -43.28
C GLY L 172 26.48 16.36 -42.15
N GLN L 173 26.18 15.18 -41.58
CA GLN L 173 25.20 15.02 -40.51
C GLN L 173 25.79 15.40 -39.13
N LEU L 174 27.12 15.38 -39.02
CA LEU L 174 27.87 15.64 -37.79
C LEU L 174 29.03 16.58 -38.13
N THR L 175 29.35 17.56 -37.25
CA THR L 175 30.34 18.58 -37.55
C THR L 175 31.77 18.03 -37.49
N SER L 176 32.08 17.30 -36.41
CA SER L 176 33.33 16.57 -36.23
C SER L 176 33.06 15.29 -35.42
N SER L 177 33.77 14.21 -35.74
CA SER L 177 33.80 13.03 -34.89
C SER L 177 34.72 13.32 -33.70
N PRO L 178 34.29 13.05 -32.43
CA PRO L 178 35.19 13.16 -31.28
C PRO L 178 36.17 11.99 -31.20
N LEU L 179 35.93 10.91 -31.96
CA LEU L 179 36.77 9.73 -32.01
C LEU L 179 37.45 9.63 -33.38
N TYR L 180 38.77 9.39 -33.38
CA TYR L 180 39.49 9.08 -34.60
C TYR L 180 40.43 7.90 -34.37
N ILE L 181 40.34 6.85 -35.19
CA ILE L 181 41.12 5.64 -34.99
C ILE L 181 42.00 5.37 -36.21
N ILE L 182 43.30 5.15 -35.97
CA ILE L 182 44.30 4.90 -37.01
C ILE L 182 45.25 3.78 -36.58
N SER L 183 45.76 3.00 -37.54
CA SER L 183 46.84 2.04 -37.30
C SER L 183 48.20 2.69 -37.51
N ASN L 184 48.27 3.58 -38.51
CA ASN L 184 49.45 4.33 -38.88
C ASN L 184 49.60 5.55 -37.97
N THR L 185 50.64 5.58 -37.15
CA THR L 185 50.94 6.76 -36.34
C THR L 185 51.67 7.87 -37.11
N SER L 186 52.28 7.56 -38.26
CA SER L 186 53.02 8.53 -39.07
C SER L 186 52.14 9.74 -39.46
N ILE L 187 50.84 9.49 -39.61
CA ILE L 187 49.81 10.48 -39.98
C ILE L 187 49.76 11.65 -39.00
N VAL L 188 50.03 11.41 -37.72
CA VAL L 188 49.79 12.34 -36.61
C VAL L 188 50.54 13.66 -36.78
N ALA L 189 51.76 13.63 -37.34
CA ALA L 189 52.54 14.83 -37.61
C ALA L 189 51.83 15.83 -38.54
N SER L 190 50.99 15.32 -39.46
CA SER L 190 50.22 16.14 -40.40
C SER L 190 48.90 16.65 -39.83
N LYS L 191 48.53 16.22 -38.62
CA LYS L 191 47.23 16.47 -37.99
C LYS L 191 47.43 16.93 -36.54
N PRO L 192 47.96 18.15 -36.32
CA PRO L 192 48.45 18.55 -35.00
C PRO L 192 47.41 18.61 -33.89
N TRP L 193 46.11 18.69 -34.23
CA TRP L 193 45.04 18.59 -33.24
C TRP L 193 45.03 17.24 -32.51
N LEU L 194 45.51 16.18 -33.16
CA LEU L 194 45.65 14.86 -32.55
C LEU L 194 46.81 14.78 -31.54
N LYS L 195 47.70 15.78 -31.48
CA LYS L 195 48.86 15.74 -30.59
C LYS L 195 48.45 15.86 -29.13
N ASN L 196 47.42 16.68 -28.84
CA ASN L 196 47.10 17.10 -27.48
C ASN L 196 45.89 16.39 -26.87
N ASP L 197 44.96 15.87 -27.70
CA ASP L 197 43.81 15.12 -27.19
C ASP L 197 44.20 13.73 -26.67
N ASN L 198 43.27 13.04 -26.00
CA ASN L 198 43.60 11.82 -25.27
C ASN L 198 43.75 10.64 -26.22
N VAL L 199 44.77 9.78 -25.99
CA VAL L 199 45.02 8.64 -26.86
C VAL L 199 45.23 7.36 -26.06
N PHE L 200 44.59 6.28 -26.51
CA PHE L 200 44.83 4.93 -26.02
C PHE L 200 44.94 3.96 -27.19
N THR L 201 45.47 2.76 -26.94
CA THR L 201 45.66 1.79 -28.01
C THR L 201 45.00 0.45 -27.68
N PHE L 202 44.63 -0.28 -28.73
CA PHE L 202 44.11 -1.63 -28.60
C PHE L 202 44.53 -2.46 -29.80
N ASN L 203 44.65 -3.77 -29.59
CA ASN L 203 45.05 -4.68 -30.66
C ASN L 203 43.86 -5.54 -31.07
N ILE L 204 43.73 -5.80 -32.39
CA ILE L 204 42.88 -6.85 -32.91
C ILE L 204 43.77 -7.81 -33.73
N SER L 205 43.30 -9.03 -33.99
CA SER L 205 44.04 -9.97 -34.83
C SER L 205 43.38 -10.11 -36.22
N VAL L 206 44.19 -9.98 -37.27
CA VAL L 206 43.74 -10.08 -38.66
C VAL L 206 44.73 -10.94 -39.41
N ASN L 207 44.25 -11.97 -40.14
CA ASN L 207 45.11 -12.98 -40.73
C ASN L 207 46.16 -13.47 -39.71
N GLY L 208 45.69 -13.76 -38.49
CA GLY L 208 46.50 -14.20 -37.36
C GLY L 208 47.62 -13.24 -36.93
N THR L 209 47.62 -12.00 -37.43
CA THR L 209 48.62 -10.98 -37.16
C THR L 209 48.01 -9.91 -36.24
N GLU L 210 48.74 -9.51 -35.19
CA GLU L 210 48.30 -8.42 -34.31
C GLU L 210 48.39 -7.07 -35.03
N VAL L 211 47.27 -6.35 -35.10
CA VAL L 211 47.20 -5.00 -35.62
C VAL L 211 46.90 -4.06 -34.45
N GLU L 212 47.81 -3.12 -34.16
CA GLU L 212 47.55 -2.12 -33.14
C GLU L 212 46.84 -0.91 -33.74
N TYR L 213 45.75 -0.50 -33.10
CA TYR L 213 45.04 0.72 -33.41
C TYR L 213 45.20 1.73 -32.28
N TYR L 214 45.36 2.99 -32.68
CA TYR L 214 45.48 4.15 -31.80
C TYR L 214 44.18 4.92 -31.90
N ALA L 215 43.49 5.09 -30.77
CA ALA L 215 42.22 5.80 -30.68
C ALA L 215 42.44 7.16 -30.05
N TYR L 216 42.13 8.23 -30.80
CA TYR L 216 42.26 9.62 -30.38
C TYR L 216 40.88 10.14 -30.01
N VAL L 217 40.76 10.69 -28.79
CA VAL L 217 39.49 11.09 -28.20
C VAL L 217 39.52 12.58 -27.82
N ASN L 218 38.66 13.35 -28.46
CA ASN L 218 38.60 14.80 -28.46
C ASN L 218 38.03 15.35 -27.13
N LYS L 219 37.04 14.63 -26.57
CA LYS L 219 36.27 15.04 -25.39
C LYS L 219 35.71 13.78 -24.71
N THR L 220 35.35 13.86 -23.42
CA THR L 220 34.74 12.70 -22.76
C THR L 220 33.35 12.46 -23.34
N PHE L 221 33.11 11.24 -23.85
CA PHE L 221 31.82 10.88 -24.41
C PHE L 221 31.50 9.41 -24.12
N ALA L 222 30.20 9.07 -24.20
CA ALA L 222 29.73 7.71 -24.04
C ALA L 222 29.01 7.27 -25.31
N PHE L 223 29.10 5.98 -25.61
CA PHE L 223 28.29 5.36 -26.63
C PHE L 223 27.77 4.01 -26.15
N THR L 224 26.72 3.52 -26.82
CA THR L 224 26.15 2.22 -26.51
C THR L 224 26.17 1.32 -27.75
N TYR L 225 26.23 0.00 -27.51
CA TYR L 225 26.21 -0.96 -28.60
C TYR L 225 25.56 -2.27 -28.13
N PRO L 226 24.98 -3.08 -29.05
CA PRO L 226 24.34 -4.33 -28.65
C PRO L 226 25.35 -5.44 -28.35
N VAL L 227 25.05 -6.23 -27.30
CA VAL L 227 25.90 -7.32 -26.86
C VAL L 227 25.20 -8.68 -26.98
N SER L 228 23.90 -8.76 -26.68
CA SER L 228 23.08 -9.93 -27.01
C SER L 228 21.59 -9.59 -26.98
N GLY L 229 20.74 -10.49 -27.52
CA GLY L 229 19.30 -10.37 -27.40
C GLY L 229 18.72 -9.14 -28.07
N PHE L 230 19.46 -8.54 -29.02
CA PHE L 230 19.05 -7.33 -29.72
C PHE L 230 18.70 -7.61 -31.18
N PRO L 231 17.41 -7.87 -31.51
CA PRO L 231 16.98 -7.99 -32.91
C PRO L 231 16.56 -6.68 -33.55
N LEU L 232 16.41 -5.61 -32.75
CA LEU L 232 15.81 -4.35 -33.20
C LEU L 232 16.83 -3.40 -33.85
N ALA L 233 17.77 -3.91 -34.64
CA ALA L 233 18.78 -3.09 -35.28
C ALA L 233 18.16 -1.98 -36.14
N GLY L 234 18.62 -0.74 -35.92
CA GLY L 234 18.05 0.46 -36.50
C GLY L 234 17.29 1.35 -35.50
N SER L 235 16.90 0.82 -34.32
CA SER L 235 15.85 1.43 -33.51
C SER L 235 16.31 2.32 -32.34
N ASP L 236 17.50 2.06 -31.75
CA ASP L 236 17.91 2.57 -30.43
C ASP L 236 17.06 2.05 -29.25
N ILE L 237 16.24 1.01 -29.42
CA ILE L 237 15.45 0.48 -28.31
C ILE L 237 16.10 -0.82 -27.82
N ALA L 238 16.38 -0.91 -26.51
CA ALA L 238 16.79 -2.16 -25.89
C ALA L 238 15.55 -2.95 -25.47
N PRO L 239 15.20 -4.08 -26.12
CA PRO L 239 14.03 -4.86 -25.71
C PRO L 239 14.32 -5.65 -24.44
N ALA L 240 13.27 -6.08 -23.75
CA ALA L 240 13.43 -6.92 -22.56
C ALA L 240 14.18 -8.21 -22.92
N GLY L 241 15.22 -8.53 -22.12
CA GLY L 241 16.08 -9.67 -22.40
C GLY L 241 17.16 -9.41 -23.44
N SER L 242 17.43 -8.12 -23.77
CA SER L 242 18.63 -7.71 -24.49
C SER L 242 19.72 -7.30 -23.51
N VAL L 243 20.97 -7.25 -23.99
CA VAL L 243 22.13 -6.86 -23.21
C VAL L 243 22.89 -5.81 -24.02
N ILE L 244 23.16 -4.65 -23.43
CA ILE L 244 23.70 -3.49 -24.11
C ILE L 244 25.03 -3.09 -23.46
N GLY L 245 26.09 -2.99 -24.26
CA GLY L 245 27.35 -2.46 -23.77
C GLY L 245 27.29 -0.94 -23.75
N VAL L 246 27.78 -0.34 -22.66
CA VAL L 246 27.94 1.09 -22.50
C VAL L 246 29.43 1.36 -22.34
N MET L 247 29.97 2.26 -23.14
CA MET L 247 31.39 2.56 -23.04
C MET L 247 31.61 4.07 -22.99
N ILE L 248 32.42 4.50 -22.03
CA ILE L 248 32.78 5.90 -21.81
C ILE L 248 34.25 6.04 -22.18
N LEU L 249 34.57 6.90 -23.14
CA LEU L 249 35.96 7.21 -23.49
C LEU L 249 36.30 8.58 -22.94
N PHE L 250 37.40 8.70 -22.19
CA PHE L 250 37.76 9.96 -21.57
C PHE L 250 38.50 10.88 -22.54
N GLY L 251 38.14 12.17 -22.54
CA GLY L 251 38.87 13.20 -23.27
C GLY L 251 40.04 13.75 -22.46
N PRO L 252 40.85 14.69 -23.00
CA PRO L 252 42.05 15.17 -22.34
C PRO L 252 41.80 15.90 -21.01
N GLY L 253 40.58 16.42 -20.80
CA GLY L 253 40.17 16.97 -19.52
C GLY L 253 40.11 15.91 -18.42
N GLU L 254 39.13 15.00 -18.52
CA GLU L 254 38.91 13.98 -17.48
C GLU L 254 40.02 12.93 -17.43
N ALA L 255 40.78 12.75 -18.52
CA ALA L 255 41.88 11.80 -18.57
C ALA L 255 43.07 12.17 -17.68
N THR L 256 43.17 13.44 -17.25
CA THR L 256 44.42 14.09 -16.82
C THR L 256 45.19 13.37 -15.71
N ASN L 257 44.49 12.76 -14.74
CA ASN L 257 45.08 11.78 -13.83
C ASN L 257 44.06 10.73 -13.40
N VAL L 258 44.56 9.55 -13.02
CA VAL L 258 43.73 8.36 -12.76
C VAL L 258 42.86 8.54 -11.53
N PHE L 259 41.68 7.89 -11.51
CA PHE L 259 40.83 7.84 -10.32
C PHE L 259 41.47 6.95 -9.25
N GLN L 260 41.78 7.51 -8.07
CA GLN L 260 42.25 6.74 -6.92
C GLN L 260 41.68 7.33 -5.63
N TYR L 261 41.22 6.48 -4.72
CA TYR L 261 40.70 6.92 -3.43
C TYR L 261 39.55 7.92 -3.64
N GLU L 262 38.69 7.62 -4.62
CA GLU L 262 37.67 8.54 -5.12
C GLU L 262 36.39 7.77 -5.43
N THR L 263 35.24 8.45 -5.33
CA THR L 263 33.97 7.86 -5.76
C THR L 263 33.60 8.40 -7.14
N VAL L 264 33.36 7.48 -8.08
CA VAL L 264 32.85 7.81 -9.40
C VAL L 264 31.40 7.36 -9.49
N THR L 265 30.53 8.26 -9.95
CA THR L 265 29.12 7.99 -10.17
C THR L 265 28.76 8.21 -11.63
N ILE L 266 28.07 7.24 -12.24
CA ILE L 266 27.53 7.33 -13.57
C ILE L 266 26.02 7.20 -13.44
N GLN L 267 25.24 7.99 -14.18
CA GLN L 267 23.81 7.78 -14.17
C GLN L 267 23.27 7.78 -15.60
N ILE L 268 22.51 6.75 -15.95
CA ILE L 268 21.84 6.68 -17.24
C ILE L 268 20.38 7.01 -17.01
N THR L 269 19.88 8.06 -17.67
CA THR L 269 18.51 8.52 -17.50
C THR L 269 17.77 8.50 -18.83
N PRO L 270 17.05 7.41 -19.16
CA PRO L 270 16.19 7.38 -20.35
C PRO L 270 14.96 8.27 -20.15
N ASN L 271 14.23 8.51 -21.23
CA ASN L 271 13.11 9.45 -21.26
C ASN L 271 11.85 8.93 -20.55
N ILE L 272 11.77 7.62 -20.30
CA ILE L 272 10.68 6.98 -19.56
C ILE L 272 11.32 6.01 -18.55
N GLY L 273 10.78 5.97 -17.32
CA GLY L 273 11.25 5.03 -16.32
C GLY L 273 12.38 5.58 -15.44
N SER L 274 12.69 4.84 -14.38
CA SER L 274 13.70 5.24 -13.41
C SER L 274 15.09 5.21 -14.01
N PRO L 275 15.97 6.18 -13.66
CA PRO L 275 17.37 6.14 -14.10
C PRO L 275 18.14 5.04 -13.38
N LEU L 276 19.22 4.59 -14.01
CA LEU L 276 20.15 3.65 -13.39
C LEU L 276 21.33 4.44 -12.87
N THR L 277 21.55 4.40 -11.55
CA THR L 277 22.67 5.08 -10.92
C THR L 277 23.72 4.07 -10.48
N ILE L 278 24.94 4.26 -10.96
CA ILE L 278 26.07 3.35 -10.76
C ILE L 278 27.11 4.12 -9.95
N SER L 279 27.58 3.56 -8.82
CA SER L 279 28.62 4.21 -8.01
C SER L 279 29.69 3.21 -7.55
N GLN L 280 30.96 3.59 -7.71
CA GLN L 280 32.09 2.82 -7.23
C GLN L 280 33.04 3.74 -6.47
N TYR L 281 33.50 3.32 -5.29
CA TYR L 281 34.74 3.85 -4.76
C TYR L 281 35.89 3.11 -5.43
N ILE L 282 36.81 3.86 -6.04
CA ILE L 282 37.88 3.28 -6.84
C ILE L 282 39.17 3.30 -6.03
N TYR L 283 39.66 2.10 -5.69
CA TYR L 283 41.04 1.94 -5.25
C TYR L 283 42.00 2.05 -6.44
N GLN L 284 43.30 2.17 -6.16
CA GLN L 284 44.34 2.18 -7.18
C GLN L 284 44.10 1.06 -8.21
N PRO L 285 44.09 1.36 -9.54
CA PRO L 285 43.84 0.35 -10.56
C PRO L 285 45.02 -0.59 -10.74
N ASP L 286 44.72 -1.88 -10.87
CA ASP L 286 45.69 -2.96 -10.66
C ASP L 286 46.18 -3.65 -11.94
N GLY L 287 45.63 -3.26 -13.11
CA GLY L 287 46.04 -3.79 -14.41
C GLY L 287 45.64 -2.86 -15.57
N LYS L 288 46.01 -3.25 -16.81
CA LYS L 288 45.66 -2.51 -18.02
C LYS L 288 44.16 -2.22 -18.08
N VAL L 289 43.36 -3.22 -17.69
CA VAL L 289 41.97 -3.06 -17.31
C VAL L 289 41.86 -3.51 -15.84
N THR L 290 40.97 -2.87 -15.07
CA THR L 290 40.71 -3.27 -13.69
C THR L 290 39.21 -3.36 -13.46
N VAL L 291 38.77 -4.33 -12.65
CA VAL L 291 37.36 -4.45 -12.28
C VAL L 291 37.10 -3.53 -11.09
N ILE L 292 36.32 -2.47 -11.29
CA ILE L 292 36.06 -1.48 -10.25
C ILE L 292 34.72 -1.70 -9.54
N GLY L 293 33.80 -2.45 -10.16
CA GLY L 293 32.46 -2.66 -9.61
C GLY L 293 31.74 -3.84 -10.23
N LEU M 1 -44.36 37.60 -18.85
CA LEU M 1 -44.33 37.16 -17.43
C LEU M 1 -43.60 35.82 -17.33
N ALA M 2 -43.87 34.89 -18.25
CA ALA M 2 -43.32 33.55 -18.11
C ALA M 2 -41.82 33.60 -17.87
N GLY M 3 -41.12 34.59 -18.47
CA GLY M 3 -39.68 34.76 -18.31
C GLY M 3 -39.29 35.61 -17.09
N LEU M 4 -40.08 36.66 -16.79
CA LEU M 4 -39.76 37.58 -15.70
C LEU M 4 -39.63 36.81 -14.38
N ASP M 5 -40.64 36.00 -14.04
CA ASP M 5 -40.61 35.17 -12.84
C ASP M 5 -39.54 34.08 -12.98
N THR M 6 -39.39 33.54 -14.20
CA THR M 6 -38.41 32.52 -14.49
C THR M 6 -36.99 33.09 -14.35
N ALA M 7 -36.84 34.41 -14.54
CA ALA M 7 -35.57 35.11 -14.40
C ALA M 7 -35.24 35.33 -12.92
N ILE M 8 -36.26 35.32 -12.05
CA ILE M 8 -36.09 35.44 -10.61
C ILE M 8 -35.52 34.14 -10.03
N ILE M 9 -35.92 33.00 -10.60
CA ILE M 9 -35.51 31.67 -10.13
C ILE M 9 -34.11 31.33 -10.64
N LEU M 10 -33.72 31.90 -11.78
CA LEU M 10 -32.38 31.74 -12.33
C LEU M 10 -31.36 32.53 -11.50
N ILE M 11 -31.58 33.83 -11.26
CA ILE M 11 -30.74 34.66 -10.39
C ILE M 11 -30.49 33.97 -9.04
N ALA M 12 -31.57 33.55 -8.37
CA ALA M 12 -31.51 32.93 -7.06
C ALA M 12 -30.74 31.59 -7.05
N PHE M 13 -30.99 30.74 -8.05
CA PHE M 13 -30.33 29.44 -8.15
C PHE M 13 -28.84 29.59 -8.49
N ILE M 14 -28.46 30.60 -9.28
CA ILE M 14 -27.05 30.92 -9.53
C ILE M 14 -26.36 31.25 -8.21
N ILE M 15 -26.94 32.18 -7.44
CA ILE M 15 -26.40 32.59 -6.14
C ILE M 15 -26.26 31.39 -5.22
N THR M 16 -27.27 30.52 -5.19
CA THR M 16 -27.28 29.30 -4.37
C THR M 16 -26.15 28.35 -4.75
N ALA M 17 -25.91 28.12 -6.04
CA ALA M 17 -24.81 27.30 -6.52
C ALA M 17 -23.45 27.96 -6.25
N ALA M 18 -23.34 29.28 -6.44
CA ALA M 18 -22.13 30.04 -6.16
C ALA M 18 -21.74 29.95 -4.67
N VAL M 19 -22.72 29.94 -3.76
CA VAL M 19 -22.52 29.73 -2.33
C VAL M 19 -21.95 28.33 -2.04
N LEU M 20 -22.45 27.27 -2.69
CA LEU M 20 -21.82 25.97 -2.56
C LEU M 20 -20.39 25.97 -3.11
N ALA M 21 -20.18 26.57 -4.29
CA ALA M 21 -18.86 26.70 -4.89
C ALA M 21 -17.88 27.37 -3.92
N TYR M 22 -18.27 28.50 -3.33
CA TYR M 22 -17.51 29.24 -2.33
C TYR M 22 -17.10 28.35 -1.16
N VAL M 23 -18.06 27.62 -0.58
CA VAL M 23 -17.84 26.76 0.57
C VAL M 23 -16.96 25.56 0.23
N ALA M 24 -17.26 24.86 -0.88
CA ALA M 24 -16.53 23.67 -1.29
C ALA M 24 -15.08 23.96 -1.62
N VAL M 25 -14.79 25.07 -2.32
CA VAL M 25 -13.43 25.47 -2.66
C VAL M 25 -12.64 25.83 -1.39
N ASN M 26 -13.22 26.67 -0.51
CA ASN M 26 -12.61 27.03 0.76
C ASN M 26 -12.29 25.78 1.59
N MET M 27 -13.26 24.89 1.73
CA MET M 27 -13.09 23.72 2.59
C MET M 27 -12.15 22.67 1.98
N GLY M 28 -12.09 22.57 0.64
CA GLY M 28 -11.06 21.80 -0.06
C GLY M 28 -9.65 22.36 0.17
N LEU M 29 -9.47 23.68 0.07
CA LEU M 29 -8.21 24.32 0.40
C LEU M 29 -7.80 24.02 1.85
N PHE M 30 -8.76 24.10 2.79
CA PHE M 30 -8.53 23.76 4.18
C PHE M 30 -8.08 22.30 4.34
N VAL M 31 -8.89 21.33 3.90
CA VAL M 31 -8.63 19.92 4.16
C VAL M 31 -7.36 19.43 3.46
N THR M 32 -7.09 19.90 2.24
CA THR M 32 -5.86 19.54 1.54
C THR M 32 -4.62 20.05 2.27
N GLN M 33 -4.70 21.21 2.92
CA GLN M 33 -3.61 21.69 3.75
C GLN M 33 -3.46 20.90 5.07
N LYS M 34 -4.58 20.48 5.68
CA LYS M 34 -4.55 19.54 6.81
C LYS M 34 -3.87 18.23 6.40
N ALA M 35 -4.14 17.74 5.18
CA ALA M 35 -3.48 16.58 4.61
C ALA M 35 -1.97 16.83 4.42
N LYS M 36 -1.56 17.96 3.83
CA LYS M 36 -0.17 18.34 3.68
C LYS M 36 0.59 18.28 5.02
N THR M 37 0.03 18.94 6.04
CA THR M 37 0.57 18.98 7.40
C THR M 37 0.69 17.57 7.99
N THR M 38 -0.38 16.76 7.84
CA THR M 38 -0.43 15.39 8.34
C THR M 38 0.65 14.53 7.69
N ILE M 39 0.81 14.61 6.36
CA ILE M 39 1.82 13.87 5.61
C ILE M 39 3.22 14.22 6.14
N ASN M 40 3.49 15.51 6.36
CA ASN M 40 4.73 15.96 6.95
C ASN M 40 4.97 15.34 8.34
N LYS M 41 3.98 15.44 9.25
CA LYS M 41 4.07 14.86 10.59
C LYS M 41 4.23 13.34 10.58
N GLY M 42 3.64 12.66 9.61
CA GLY M 42 3.79 11.22 9.42
C GLY M 42 5.22 10.83 9.04
N GLU M 43 5.84 11.57 8.09
CA GLU M 43 7.24 11.37 7.75
C GLU M 43 8.13 11.67 8.96
N GLU M 44 7.94 12.82 9.64
CA GLU M 44 8.70 13.17 10.83
C GLU M 44 8.59 12.08 11.90
N THR M 45 7.42 11.48 12.08
CA THR M 45 7.20 10.40 13.04
C THR M 45 7.94 9.12 12.64
N ALA M 46 8.08 8.86 11.33
CA ALA M 46 8.82 7.70 10.84
C ALA M 46 10.33 7.92 10.87
N SER M 47 10.80 9.16 10.67
CA SER M 47 12.22 9.46 10.61
C SER M 47 12.84 9.72 11.99
N THR M 48 12.18 10.52 12.85
CA THR M 48 12.74 10.89 14.14
C THR M 48 12.76 9.70 15.11
N ALA M 49 13.95 9.41 15.66
CA ALA M 49 14.16 8.36 16.66
C ALA M 49 15.53 8.56 17.32
N LEU M 50 15.72 7.99 18.52
CA LEU M 50 17.01 8.00 19.21
C LEU M 50 17.57 6.58 19.26
N SER M 51 18.90 6.45 19.13
CA SER M 51 19.61 5.21 19.35
C SER M 51 20.46 5.33 20.61
N LEU M 52 20.57 4.24 21.37
CA LEU M 52 21.61 4.15 22.39
C LEU M 52 22.96 4.04 21.70
N SER M 53 23.85 5.03 21.93
CA SER M 53 25.11 5.17 21.21
C SER M 53 26.31 5.22 22.15
N GLY M 54 26.21 4.45 23.25
CA GLY M 54 27.29 4.17 24.17
C GLY M 54 26.88 3.03 25.09
N ASN M 55 27.80 2.62 25.97
CA ASN M 55 27.42 1.67 27.01
C ASN M 55 26.59 2.37 28.09
N VAL M 56 25.81 1.57 28.85
CA VAL M 56 25.08 2.05 30.01
C VAL M 56 25.93 1.78 31.24
N LEU M 57 26.28 2.85 31.96
CA LEU M 57 27.14 2.81 33.13
C LEU M 57 26.27 2.97 34.38
N TYR M 58 26.56 2.18 35.41
CA TYR M 58 25.81 2.21 36.66
C TYR M 58 26.77 2.36 37.83
N ALA M 59 26.48 3.29 38.76
CA ALA M 59 27.36 3.61 39.88
C ALA M 59 26.67 3.31 41.22
N VAL M 60 27.45 2.74 42.16
CA VAL M 60 26.96 2.27 43.45
C VAL M 60 28.05 2.48 44.51
N ASN M 61 27.70 2.36 45.80
CA ASN M 61 28.64 2.47 46.91
C ASN M 61 29.54 1.23 47.06
N TYR M 62 30.23 0.89 45.99
CA TYR M 62 31.11 -0.26 45.90
C TYR M 62 32.25 -0.16 46.91
N PRO M 63 32.73 -1.27 47.54
CA PRO M 63 32.22 -2.63 47.34
C PRO M 63 30.98 -2.99 48.15
N THR M 64 30.55 -2.12 49.07
CA THR M 64 29.51 -2.44 50.05
C THR M 64 28.14 -2.72 49.41
N ASN M 65 27.84 -2.09 48.26
CA ASN M 65 26.67 -2.32 47.44
C ASN M 65 25.33 -2.20 48.18
N THR M 66 25.28 -1.39 49.26
CA THR M 66 24.03 -1.12 49.97
C THR M 66 23.23 0.03 49.35
N LYS M 67 23.85 0.85 48.48
CA LYS M 67 23.22 2.09 48.00
C LYS M 67 23.60 2.42 46.56
N SER M 68 22.65 3.03 45.82
CA SER M 68 22.72 3.24 44.39
C SER M 68 22.84 4.74 44.06
N TYR M 69 23.75 5.13 43.15
CA TYR M 69 24.13 6.52 42.97
C TYR M 69 23.56 7.13 41.69
N TRP M 70 23.97 6.60 40.53
CA TRP M 70 23.54 7.12 39.25
C TRP M 70 23.66 6.10 38.11
N MET M 71 22.94 6.37 37.01
CA MET M 71 23.16 5.70 35.74
C MET M 71 23.48 6.76 34.69
N TYR M 72 24.39 6.43 33.78
CA TYR M 72 24.80 7.31 32.69
C TYR M 72 24.73 6.50 31.40
N PHE M 73 24.23 7.12 30.32
CA PHE M 73 24.30 6.52 28.99
C PHE M 73 24.24 7.62 27.93
N THR M 74 24.56 7.26 26.69
CA THR M 74 24.67 8.23 25.62
C THR M 74 23.66 7.91 24.54
N VAL M 75 23.00 8.93 23.97
CA VAL M 75 22.03 8.74 22.89
C VAL M 75 22.34 9.68 21.73
N SER M 76 21.91 9.31 20.53
CA SER M 76 22.04 10.15 19.34
C SER M 76 20.89 9.86 18.39
N PRO M 77 20.43 10.83 17.58
CA PRO M 77 19.42 10.54 16.56
C PRO M 77 19.82 9.39 15.63
N SER M 78 18.87 8.48 15.38
CA SER M 78 19.12 7.22 14.70
C SER M 78 19.52 7.44 13.24
N SER M 79 20.61 6.76 12.81
CA SER M 79 21.01 6.65 11.41
C SER M 79 21.22 8.02 10.74
N GLY M 80 21.43 9.08 11.53
CA GLY M 80 21.69 10.44 11.05
C GLY M 80 20.58 11.07 10.21
N VAL M 81 19.31 10.65 10.37
CA VAL M 81 18.27 11.05 9.43
C VAL M 81 17.65 12.43 9.73
N SER M 82 17.38 12.73 11.02
CA SER M 82 16.68 13.95 11.41
C SER M 82 16.92 14.31 12.88
N SER M 83 16.60 15.56 13.27
CA SER M 83 16.81 16.10 14.61
C SER M 83 15.71 15.67 15.60
N VAL M 84 16.03 15.66 16.90
CA VAL M 84 15.09 15.27 17.95
C VAL M 84 14.99 16.38 19.01
N ASP M 85 13.76 16.85 19.30
CA ASP M 85 13.51 17.75 20.42
C ASP M 85 13.67 16.98 21.74
N LEU M 86 14.58 17.44 22.61
CA LEU M 86 14.80 16.85 23.93
C LEU M 86 14.46 17.81 25.06
N SER M 87 13.58 18.81 24.83
CA SER M 87 13.24 19.72 25.92
C SER M 87 12.56 18.99 27.07
N PRO M 88 12.95 19.20 28.36
CA PRO M 88 12.37 18.46 29.47
C PRO M 88 10.91 18.80 29.79
N SER M 89 10.36 19.86 29.18
CA SER M 89 8.93 20.13 29.25
C SER M 89 8.12 19.21 28.33
N THR M 90 8.65 18.91 27.13
CA THR M 90 7.94 18.13 26.12
C THR M 90 8.23 16.64 26.23
N THR M 91 9.49 16.28 26.51
CA THR M 91 9.97 14.91 26.56
C THR M 91 9.74 14.29 27.94
N ALA M 92 9.47 12.97 28.00
CA ALA M 92 9.50 12.23 29.26
C ALA M 92 10.65 11.22 29.26
N ILE M 93 11.26 10.98 30.43
CA ILE M 93 12.08 9.80 30.61
C ILE M 93 11.46 9.00 31.75
N SER M 94 11.00 7.77 31.47
CA SER M 94 10.48 6.88 32.50
C SER M 94 11.58 5.95 33.00
N PHE M 95 11.41 5.44 34.21
CA PHE M 95 12.34 4.50 34.81
C PHE M 95 11.54 3.43 35.56
N THR M 96 11.74 2.15 35.24
CA THR M 96 11.05 1.08 35.96
C THR M 96 12.02 -0.05 36.33
N ALA M 97 12.01 -0.45 37.60
CA ALA M 97 12.61 -1.70 38.05
C ALA M 97 11.47 -2.60 38.53
N ALA M 98 10.87 -3.34 37.59
CA ALA M 98 9.57 -3.97 37.75
C ALA M 98 9.54 -4.97 38.90
N SER M 99 10.62 -5.74 39.07
CA SER M 99 10.78 -6.75 40.12
C SER M 99 10.47 -6.20 41.51
N ARG M 100 11.00 -5.00 41.82
CA ARG M 100 10.83 -4.33 43.10
C ARG M 100 9.67 -3.32 43.12
N GLY M 101 8.88 -3.27 42.04
CA GLY M 101 7.69 -2.43 41.98
C GLY M 101 7.96 -0.93 41.81
N VAL M 102 9.21 -0.56 41.51
CA VAL M 102 9.58 0.83 41.23
C VAL M 102 9.16 1.17 39.80
N SER M 103 8.36 2.25 39.67
CA SER M 103 7.90 2.71 38.37
C SER M 103 7.70 4.22 38.42
N LEU M 104 8.55 4.95 37.70
CA LEU M 104 8.52 6.40 37.65
C LEU M 104 8.16 6.79 36.22
N SER M 105 7.04 7.49 36.05
CA SER M 105 6.52 7.77 34.72
C SER M 105 7.28 8.90 34.03
N ASN M 106 7.81 9.87 34.79
CA ASN M 106 8.68 10.89 34.22
C ASN M 106 9.65 11.44 35.26
N ILE M 107 10.95 11.22 35.02
CA ILE M 107 12.03 11.70 35.88
C ILE M 107 12.84 12.81 35.20
N TYR M 108 12.54 13.16 33.95
CA TYR M 108 13.36 14.11 33.21
C TYR M 108 13.03 15.55 33.60
N GLN M 109 14.03 16.31 34.07
CA GLN M 109 13.78 17.63 34.63
C GLN M 109 14.57 18.75 33.96
N PHE M 110 15.83 18.49 33.55
CA PHE M 110 16.74 19.56 33.16
C PHE M 110 17.59 19.19 31.96
N SER M 111 18.06 20.20 31.22
CA SER M 111 19.00 19.96 30.15
C SER M 111 20.05 21.07 30.07
N LEU M 112 21.31 20.68 29.90
CA LEU M 112 22.38 21.63 29.60
C LEU M 112 22.43 21.98 28.10
N LEU M 113 21.59 21.37 27.27
CA LEU M 113 21.44 21.78 25.87
C LEU M 113 20.93 23.22 25.76
N SER M 114 20.14 23.67 26.75
CA SER M 114 19.63 25.04 26.89
C SER M 114 20.74 26.06 27.25
N VAL M 115 21.91 25.60 27.70
CA VAL M 115 22.86 26.41 28.44
C VAL M 115 24.06 26.78 27.57
N LEU M 116 24.34 28.08 27.43
CA LEU M 116 25.52 28.57 26.72
C LEU M 116 26.76 28.43 27.60
N PRO M 117 27.97 28.18 27.04
CA PRO M 117 29.20 28.08 27.84
C PRO M 117 29.43 29.26 28.78
N SER M 118 29.12 30.49 28.34
CA SER M 118 29.27 31.70 29.14
C SER M 118 28.38 31.74 30.38
N GLN M 119 27.37 30.86 30.47
CA GLN M 119 26.49 30.76 31.63
C GLN M 119 27.09 29.87 32.72
N VAL M 120 28.14 29.07 32.43
CA VAL M 120 28.69 28.09 33.36
C VAL M 120 30.21 28.22 33.55
N ASN M 121 30.95 28.54 32.49
CA ASN M 121 32.40 28.73 32.60
C ASN M 121 32.72 29.95 33.46
N ASN M 122 33.77 29.83 34.29
CA ASN M 122 34.22 30.86 35.22
C ASN M 122 33.17 31.26 36.27
N LYS M 123 32.15 30.41 36.52
CA LYS M 123 31.07 30.74 37.46
C LYS M 123 30.99 29.80 38.67
N VAL M 124 31.77 28.70 38.65
CA VAL M 124 32.12 27.94 39.84
C VAL M 124 33.64 27.93 39.99
N GLN M 125 34.11 27.93 41.24
CA GLN M 125 35.53 28.16 41.53
C GLN M 125 35.97 27.39 42.78
N VAL M 126 37.26 27.03 42.84
CA VAL M 126 37.83 26.30 43.96
C VAL M 126 38.81 27.20 44.70
N LYS M 127 38.67 27.27 46.04
CA LYS M 127 39.64 27.91 46.91
C LYS M 127 40.68 26.88 47.36
N LEU M 128 41.83 26.81 46.65
CA LEU M 128 42.99 26.03 47.08
C LEU M 128 43.91 26.92 47.92
N GLY M 129 43.71 26.89 49.25
CA GLY M 129 44.40 27.81 50.17
C GLY M 129 44.07 29.27 49.85
N THR M 130 45.11 30.09 49.61
CA THR M 130 44.99 31.48 49.21
C THR M 130 44.44 31.61 47.79
N SER M 131 44.84 30.70 46.88
CA SER M 131 44.53 30.78 45.46
C SER M 131 43.07 30.41 45.16
N ILE M 132 42.45 31.12 44.19
CA ILE M 132 41.09 30.81 43.76
C ILE M 132 41.11 30.55 42.25
N ILE M 133 40.65 29.35 41.84
CA ILE M 133 40.71 28.91 40.44
C ILE M 133 39.31 28.82 39.86
N ASN M 134 39.08 29.56 38.77
CA ASN M 134 37.87 29.50 37.96
C ASN M 134 37.85 28.21 37.13
N LEU M 135 36.76 27.44 37.19
CA LEU M 135 36.63 26.23 36.39
C LEU M 135 36.06 26.51 35.00
N THR M 136 36.57 25.77 34.00
CA THR M 136 35.97 25.67 32.68
C THR M 136 35.29 24.30 32.59
N LEU M 137 33.98 24.30 32.29
CA LEU M 137 33.16 23.09 32.38
C LEU M 137 32.60 22.72 31.01
N ALA M 138 32.03 23.70 30.29
CA ALA M 138 31.63 23.54 28.91
C ALA M 138 32.83 23.79 28.00
N PHE M 139 33.34 22.74 27.34
CA PHE M 139 34.37 22.89 26.32
C PHE M 139 33.71 23.27 25.00
N SER M 140 34.50 23.86 24.08
CA SER M 140 33.96 24.32 22.81
C SER M 140 35.01 24.30 21.70
N SER M 141 34.56 24.14 20.44
CA SER M 141 35.40 24.17 19.25
C SER M 141 34.61 24.69 18.05
N ASN M 142 35.31 25.15 17.00
CA ASN M 142 34.66 25.74 15.85
C ASN M 142 34.78 24.88 14.59
N SER M 143 33.69 24.76 13.83
CA SER M 143 33.74 24.28 12.45
C SER M 143 32.71 25.03 11.60
N ALA M 144 33.09 25.47 10.39
CA ALA M 144 32.21 26.15 9.45
C ALA M 144 31.45 27.33 10.08
N GLY M 145 32.09 28.05 11.03
CA GLY M 145 31.51 29.22 11.66
C GLY M 145 30.48 28.91 12.77
N GLN M 146 30.26 27.62 13.07
CA GLN M 146 29.44 27.19 14.20
C GLN M 146 30.33 26.89 15.41
N THR M 147 29.91 27.28 16.61
CA THR M 147 30.55 26.83 17.84
C THR M 147 29.85 25.57 18.36
N TYR M 148 30.60 24.47 18.43
CA TYR M 148 30.16 23.24 19.04
C TYR M 148 30.41 23.32 20.55
N VAL M 149 29.52 22.74 21.36
CA VAL M 149 29.62 22.80 22.82
C VAL M 149 29.46 21.39 23.37
N TYR M 150 30.27 21.03 24.37
CA TYR M 150 30.12 19.74 25.02
C TYR M 150 30.72 19.76 26.42
N TYR M 151 30.37 18.75 27.23
CA TYR M 151 30.99 18.51 28.53
C TYR M 151 31.83 17.25 28.41
N SER M 152 33.10 17.34 28.82
CA SER M 152 34.05 16.26 28.61
C SER M 152 33.73 15.03 29.48
N ASP M 153 33.10 15.24 30.65
CA ASP M 153 32.73 14.15 31.54
C ASP M 153 31.44 14.45 32.31
N PRO M 154 30.79 13.44 32.94
CA PRO M 154 29.64 13.68 33.80
C PRO M 154 29.93 14.56 35.01
N ASN M 155 31.18 14.64 35.48
CA ASN M 155 31.54 15.46 36.63
C ASN M 155 31.42 16.95 36.32
N TYR M 156 31.98 17.40 35.19
CA TYR M 156 31.82 18.79 34.76
C TYR M 156 30.37 19.10 34.40
N ALA M 157 29.64 18.13 33.83
CA ALA M 157 28.21 18.28 33.60
C ALA M 157 27.44 18.46 34.92
N LEU M 158 27.75 17.68 35.95
CA LEU M 158 27.12 17.81 37.27
C LEU M 158 27.38 19.18 37.89
N LEU M 159 28.62 19.68 37.84
CA LEU M 159 28.95 20.99 38.38
C LEU M 159 28.22 22.10 37.62
N ALA M 160 28.19 22.02 36.28
CA ALA M 160 27.46 22.95 35.43
C ALA M 160 25.96 22.95 35.74
N LEU M 161 25.39 21.77 36.04
CA LEU M 161 24.00 21.66 36.46
C LEU M 161 23.78 22.24 37.86
N ASN M 162 24.62 21.91 38.86
CA ASN M 162 24.52 22.51 40.18
C ASN M 162 24.47 24.04 40.09
N TYR M 163 25.38 24.62 39.31
CA TYR M 163 25.40 26.05 39.10
C TYR M 163 24.09 26.52 38.46
N THR M 164 23.72 25.93 37.32
CA THR M 164 22.53 26.32 36.56
C THR M 164 21.27 26.29 37.42
N LEU M 165 21.05 25.21 38.18
CA LEU M 165 19.85 25.06 39.01
C LEU M 165 19.88 26.00 40.22
N GLY M 166 21.04 26.17 40.88
CA GLY M 166 21.17 27.15 41.94
C GLY M 166 20.88 28.58 41.46
N GLN M 167 21.33 28.89 40.24
CA GLN M 167 21.08 30.17 39.59
C GLN M 167 19.60 30.36 39.21
N GLU M 168 18.91 29.28 38.79
CA GLU M 168 17.47 29.31 38.54
C GLU M 168 16.64 29.45 39.81
N VAL M 169 17.06 28.84 40.94
CA VAL M 169 16.45 29.06 42.25
C VAL M 169 16.64 30.52 42.68
N LYS M 170 17.86 31.05 42.53
CA LYS M 170 18.21 32.42 42.85
C LYS M 170 17.39 33.42 42.01
N GLY M 171 17.15 33.08 40.74
CA GLY M 171 16.29 33.85 39.84
C GLY M 171 14.79 33.62 40.01
N GLY M 172 14.37 32.77 40.97
CA GLY M 172 12.97 32.48 41.26
C GLY M 172 12.24 31.66 40.18
N GLN M 173 12.97 31.12 39.20
CA GLN M 173 12.40 30.32 38.11
C GLN M 173 12.08 28.88 38.53
N LEU M 174 12.73 28.41 39.61
CA LEU M 174 12.62 27.06 40.13
C LEU M 174 12.47 27.14 41.65
N THR M 175 11.63 26.29 42.26
CA THR M 175 11.31 26.40 43.68
C THR M 175 12.46 25.90 44.57
N SER M 176 13.01 24.72 44.24
CA SER M 176 14.20 24.15 44.84
C SER M 176 14.97 23.35 43.79
N SER M 177 16.32 23.38 43.88
CA SER M 177 17.14 22.45 43.11
C SER M 177 17.09 21.09 43.80
N PRO M 178 16.86 19.97 43.06
CA PRO M 178 16.96 18.64 43.64
C PRO M 178 18.41 18.19 43.82
N LEU M 179 19.37 18.90 43.20
CA LEU M 179 20.79 18.63 43.28
C LEU M 179 21.49 19.75 44.04
N TYR M 180 22.35 19.38 45.00
CA TYR M 180 23.22 20.33 45.68
C TYR M 180 24.64 19.76 45.79
N ILE M 181 25.64 20.48 45.30
CA ILE M 181 27.02 19.99 45.26
C ILE M 181 27.93 20.90 46.08
N ILE M 182 28.71 20.30 47.01
CA ILE M 182 29.63 21.01 47.89
C ILE M 182 30.95 20.25 48.00
N SER M 183 32.06 20.97 48.20
CA SER M 183 33.35 20.38 48.53
C SER M 183 33.53 20.26 50.05
N ASN M 184 33.01 21.27 50.76
CA ASN M 184 33.04 21.36 52.21
C ASN M 184 31.89 20.56 52.80
N THR M 185 32.20 19.48 53.53
CA THR M 185 31.17 18.72 54.24
C THR M 185 30.77 19.35 55.58
N SER M 186 31.57 20.26 56.14
CA SER M 186 31.28 20.92 57.41
C SER M 186 29.92 21.64 57.41
N ILE M 187 29.51 22.11 56.22
CA ILE M 187 28.26 22.82 55.96
C ILE M 187 27.02 21.99 56.35
N VAL M 188 27.09 20.66 56.21
CA VAL M 188 25.96 19.74 56.30
C VAL M 188 25.25 19.80 57.65
N ALA M 189 26.00 20.02 58.75
CA ALA M 189 25.42 20.15 60.09
C ALA M 189 24.42 21.31 60.19
N SER M 190 24.63 22.38 59.41
CA SER M 190 23.77 23.55 59.38
C SER M 190 22.56 23.41 58.45
N LYS M 191 22.49 22.30 57.69
CA LYS M 191 21.50 22.08 56.63
C LYS M 191 20.91 20.67 56.76
N PRO M 192 20.09 20.41 57.80
CA PRO M 192 19.71 19.04 58.17
C PRO M 192 18.92 18.26 57.13
N TRP M 193 18.29 18.95 56.16
CA TRP M 193 17.63 18.28 55.04
C TRP M 193 18.62 17.47 54.18
N LEU M 194 19.90 17.88 54.14
CA LEU M 194 20.95 17.16 53.43
C LEU M 194 21.36 15.86 54.16
N LYS M 195 20.95 15.66 55.42
CA LYS M 195 21.37 14.48 56.19
C LYS M 195 20.76 13.19 55.64
N ASN M 196 19.51 13.27 55.16
CA ASN M 196 18.71 12.08 54.86
C ASN M 196 18.58 11.77 53.37
N ASP M 197 18.74 12.78 52.49
CA ASP M 197 18.69 12.54 51.04
C ASP M 197 19.96 11.82 50.54
N ASN M 198 19.94 11.38 49.26
CA ASN M 198 20.98 10.49 48.75
C ASN M 198 22.26 11.26 48.45
N VAL M 199 23.43 10.69 48.78
CA VAL M 199 24.70 11.37 48.56
C VAL M 199 25.72 10.44 47.89
N PHE M 200 26.42 10.97 46.88
CA PHE M 200 27.57 10.32 46.27
C PHE M 200 28.68 11.33 46.07
N THR M 201 29.91 10.86 45.84
CA THR M 201 31.05 11.77 45.67
C THR M 201 31.78 11.51 44.36
N PHE M 202 32.43 12.56 43.85
CA PHE M 202 33.30 12.47 42.69
C PHE M 202 34.45 13.44 42.83
N ASN M 203 35.58 13.10 42.20
CA ASN M 203 36.77 13.94 42.25
C ASN M 203 37.00 14.59 40.89
N ILE M 204 37.42 15.87 40.90
CA ILE M 204 38.00 16.52 39.73
C ILE M 204 39.41 16.99 40.11
N SER M 205 40.28 17.27 39.13
CA SER M 205 41.61 17.80 39.40
C SER M 205 41.69 19.29 39.04
N VAL M 206 42.20 20.10 39.98
CA VAL M 206 42.34 21.55 39.82
C VAL M 206 43.73 21.93 40.32
N ASN M 207 44.51 22.68 39.52
CA ASN M 207 45.91 22.93 39.82
C ASN M 207 46.62 21.62 40.22
N GLY M 208 46.38 20.56 39.44
CA GLY M 208 46.91 19.23 39.67
C GLY M 208 46.57 18.58 41.03
N THR M 209 45.62 19.17 41.77
CA THR M 209 45.19 18.72 43.09
C THR M 209 43.81 18.09 42.99
N GLU M 210 43.60 16.92 43.59
CA GLU M 210 42.29 16.28 43.65
C GLU M 210 41.34 17.04 44.57
N VAL M 211 40.19 17.47 44.03
CA VAL M 211 39.12 18.11 44.79
C VAL M 211 37.94 17.14 44.82
N GLU M 212 37.54 16.68 46.01
CA GLU M 212 36.35 15.86 46.14
C GLU M 212 35.10 16.73 46.30
N TYR M 213 34.08 16.43 45.49
CA TYR M 213 32.77 17.02 45.61
C TYR M 213 31.76 15.97 46.07
N TYR M 214 30.86 16.41 46.94
CA TYR M 214 29.76 15.63 47.49
C TYR M 214 28.48 16.15 46.84
N ALA M 215 27.76 15.25 46.15
CA ALA M 215 26.53 15.57 45.46
C ALA M 215 25.34 15.00 46.25
N TYR M 216 24.46 15.90 46.68
CA TYR M 216 23.25 15.57 47.45
C TYR M 216 22.06 15.63 46.51
N VAL M 217 21.26 14.54 46.48
CA VAL M 217 20.18 14.35 45.53
C VAL M 217 18.87 14.09 46.27
N ASN M 218 17.92 15.01 46.09
CA ASN M 218 16.66 15.14 46.80
C ASN M 218 15.64 14.07 46.38
N LYS M 219 15.64 13.72 45.07
CA LYS M 219 14.68 12.84 44.42
C LYS M 219 15.31 12.23 43.16
N THR M 220 14.81 11.10 42.67
CA THR M 220 15.35 10.55 41.42
C THR M 220 14.99 11.45 40.26
N PHE M 221 16.00 11.91 39.51
CA PHE M 221 15.79 12.77 38.35
C PHE M 221 16.81 12.47 37.25
N ALA M 222 16.47 12.85 36.02
CA ALA M 222 17.36 12.73 34.89
C ALA M 222 17.64 14.11 34.29
N PHE M 223 18.86 14.26 33.74
CA PHE M 223 19.18 15.41 32.93
C PHE M 223 19.96 14.98 31.69
N THR M 224 20.00 15.86 30.70
CA THR M 224 20.76 15.61 29.48
C THR M 224 21.79 16.73 29.26
N TYR M 225 22.88 16.39 28.55
CA TYR M 225 23.90 17.35 28.24
C TYR M 225 24.60 16.99 26.92
N PRO M 226 25.19 17.95 26.18
CA PRO M 226 25.84 17.63 24.92
C PRO M 226 27.21 16.99 25.11
N VAL M 227 27.51 16.01 24.25
CA VAL M 227 28.76 15.26 24.28
C VAL M 227 29.59 15.47 23.01
N SER M 228 28.95 15.52 21.83
CA SER M 228 29.61 15.96 20.60
C SER M 228 28.58 16.37 19.54
N GLY M 229 29.04 17.04 18.47
CA GLY M 229 28.20 17.32 17.32
C GLY M 229 27.00 18.22 17.62
N PHE M 230 27.07 18.98 18.72
CA PHE M 230 25.99 19.85 19.15
C PHE M 230 26.36 21.32 18.99
N PRO M 231 26.02 21.98 17.85
CA PRO M 231 26.20 23.42 17.70
C PRO M 231 25.01 24.26 18.16
N LEU M 232 23.87 23.61 18.46
CA LEU M 232 22.61 24.31 18.71
C LEU M 232 22.44 24.73 20.17
N ALA M 233 23.51 25.20 20.83
CA ALA M 233 23.45 25.61 22.23
C ALA M 233 22.38 26.68 22.46
N GLY M 234 21.51 26.44 23.46
CA GLY M 234 20.34 27.25 23.73
C GLY M 234 19.00 26.57 23.38
N SER M 235 19.01 25.50 22.56
CA SER M 235 17.81 25.06 21.86
C SER M 235 17.04 23.87 22.49
N ASP M 236 17.72 22.97 23.23
CA ASP M 236 17.21 21.63 23.59
C ASP M 236 17.00 20.69 22.40
N ILE M 237 17.50 21.00 21.19
CA ILE M 237 17.34 20.09 20.05
C ILE M 237 18.64 19.34 19.81
N ALA M 238 18.58 18.01 19.73
CA ALA M 238 19.70 17.19 19.30
C ALA M 238 19.67 17.07 17.77
N PRO M 239 20.60 17.71 17.00
CA PRO M 239 20.59 17.57 15.55
C PRO M 239 21.14 16.19 15.14
N ALA M 240 20.85 15.79 13.90
CA ALA M 240 21.38 14.54 13.37
C ALA M 240 22.91 14.57 13.38
N GLY M 241 23.54 13.50 13.91
CA GLY M 241 24.98 13.45 14.07
C GLY M 241 25.51 14.18 15.32
N SER M 242 24.62 14.52 16.27
CA SER M 242 25.02 14.92 17.61
C SER M 242 25.01 13.72 18.56
N VAL M 243 25.68 13.85 19.71
CA VAL M 243 25.75 12.81 20.72
C VAL M 243 25.42 13.48 22.06
N ILE M 244 24.44 12.92 22.79
CA ILE M 244 23.87 13.53 23.98
C ILE M 244 24.05 12.58 25.17
N GLY M 245 24.65 13.07 26.24
CA GLY M 245 24.73 12.30 27.48
C GLY M 245 23.41 12.42 28.23
N VAL M 246 22.92 11.28 28.74
CA VAL M 246 21.75 11.20 29.61
C VAL M 246 22.23 10.67 30.95
N MET M 247 21.90 11.36 32.03
CA MET M 247 22.33 10.91 33.34
C MET M 247 21.14 10.92 34.30
N ILE M 248 20.98 9.81 35.03
CA ILE M 248 19.93 9.62 36.02
C ILE M 248 20.62 9.58 37.39
N LEU M 249 20.24 10.49 38.29
CA LEU M 249 20.75 10.47 39.66
C LEU M 249 19.63 9.96 40.56
N PHE M 250 19.92 8.95 41.39
CA PHE M 250 18.90 8.37 42.24
C PHE M 250 18.70 9.18 43.53
N GLY M 251 17.43 9.37 43.91
CA GLY M 251 17.07 9.96 45.20
C GLY M 251 17.01 8.90 46.30
N PRO M 252 16.72 9.28 47.57
CA PRO M 252 16.77 8.36 48.70
C PRO M 252 15.76 7.21 48.63
N GLY M 253 14.68 7.37 47.85
CA GLY M 253 13.73 6.30 47.55
C GLY M 253 14.38 5.18 46.74
N GLU M 254 14.69 5.46 45.47
CA GLU M 254 15.22 4.45 44.55
C GLU M 254 16.66 4.01 44.90
N ALA M 255 17.41 4.84 45.64
CA ALA M 255 18.76 4.52 46.06
C ALA M 255 18.84 3.37 47.08
N THR M 256 17.73 3.03 47.75
CA THR M 256 17.70 2.33 49.04
C THR M 256 18.46 1.01 49.09
N ASN M 257 18.42 0.21 48.00
CA ASN M 257 19.37 -0.89 47.81
C ASN M 257 19.66 -1.11 46.32
N VAL M 258 20.82 -1.71 46.03
CA VAL M 258 21.36 -1.83 44.68
C VAL M 258 20.52 -2.77 43.82
N PHE M 259 20.48 -2.51 42.49
CA PHE M 259 19.86 -3.43 41.54
C PHE M 259 20.71 -4.71 41.39
N GLN M 260 20.14 -5.87 41.72
CA GLN M 260 20.79 -7.16 41.50
C GLN M 260 19.74 -8.19 41.09
N TYR M 261 20.04 -9.02 40.08
CA TYR M 261 19.14 -10.08 39.65
C TYR M 261 17.77 -9.49 39.26
N GLU M 262 17.81 -8.34 38.59
CA GLU M 262 16.63 -7.51 38.32
C GLU M 262 16.72 -6.93 36.91
N THR M 263 15.55 -6.66 36.29
CA THR M 263 15.51 -5.96 35.01
C THR M 263 15.16 -4.49 35.26
N VAL M 264 16.01 -3.59 34.75
CA VAL M 264 15.75 -2.16 34.75
C VAL M 264 15.45 -1.72 33.32
N THR M 265 14.35 -0.97 33.17
CA THR M 265 13.93 -0.40 31.90
C THR M 265 13.87 1.12 32.00
N ILE M 266 14.48 1.79 31.03
CA ILE M 266 14.41 3.24 30.88
C ILE M 266 13.75 3.51 29.53
N GLN M 267 12.85 4.49 29.45
CA GLN M 267 12.32 4.86 28.15
C GLN M 267 12.36 6.37 27.98
N ILE M 268 12.93 6.83 26.87
CA ILE M 268 12.93 8.24 26.52
C ILE M 268 11.88 8.44 25.45
N THR M 269 10.89 9.31 25.71
CA THR M 269 9.78 9.53 24.79
C THR M 269 9.72 11.01 24.42
N PRO M 270 10.36 11.44 23.30
CA PRO M 270 10.20 12.79 22.81
C PRO M 270 8.80 13.01 22.23
N ASN M 271 8.46 14.27 21.95
CA ASN M 271 7.13 14.69 21.53
C ASN M 271 6.80 14.31 20.08
N ILE M 272 7.81 13.97 19.26
CA ILE M 272 7.66 13.50 17.89
C ILE M 272 8.57 12.28 17.72
N GLY M 273 8.09 11.26 17.01
CA GLY M 273 8.90 10.08 16.71
C GLY M 273 8.81 8.98 17.77
N SER M 274 9.37 7.82 17.44
CA SER M 274 9.33 6.64 18.29
C SER M 274 10.17 6.85 19.56
N PRO M 275 9.72 6.35 20.73
CA PRO M 275 10.52 6.39 21.94
C PRO M 275 11.68 5.41 21.86
N LEU M 276 12.74 5.68 22.64
CA LEU M 276 13.85 4.77 22.79
C LEU M 276 13.66 4.01 24.09
N THR M 277 13.53 2.68 24.00
CA THR M 277 13.36 1.83 25.17
C THR M 277 14.65 1.04 25.41
N ILE M 278 15.20 1.19 26.62
CA ILE M 278 16.48 0.62 27.04
C ILE M 278 16.16 -0.39 28.15
N SER M 279 16.64 -1.64 28.04
CA SER M 279 16.42 -2.64 29.08
C SER M 279 17.69 -3.45 29.35
N GLN M 280 18.04 -3.61 30.63
CA GLN M 280 19.14 -4.44 31.07
C GLN M 280 18.69 -5.35 32.21
N TYR M 281 19.03 -6.64 32.13
CA TYR M 281 19.07 -7.44 33.34
C TYR M 281 20.40 -7.17 34.03
N ILE M 282 20.35 -6.78 35.30
CA ILE M 282 21.53 -6.34 36.03
C ILE M 282 21.98 -7.47 36.96
N TYR M 283 23.17 -8.02 36.67
CA TYR M 283 23.90 -8.82 37.63
C TYR M 283 24.52 -7.93 38.72
N GLN M 284 25.00 -8.55 39.79
CA GLN M 284 25.73 -7.84 40.85
C GLN M 284 26.77 -6.87 40.26
N PRO M 285 26.78 -5.58 40.67
CA PRO M 285 27.73 -4.61 40.11
C PRO M 285 29.13 -4.83 40.63
N ASP M 286 30.11 -4.73 39.71
CA ASP M 286 31.45 -5.27 39.90
C ASP M 286 32.54 -4.23 40.18
N GLY M 287 32.19 -2.93 40.16
CA GLY M 287 33.11 -1.83 40.45
C GLY M 287 32.37 -0.54 40.84
N LYS M 288 33.13 0.52 41.17
CA LYS M 288 32.60 1.84 41.50
C LYS M 288 31.62 2.32 40.43
N VAL M 289 31.99 2.08 39.17
CA VAL M 289 31.09 2.09 38.03
C VAL M 289 31.11 0.69 37.43
N THR M 290 29.97 0.24 36.88
CA THR M 290 29.89 -1.04 36.20
C THR M 290 29.18 -0.87 34.86
N VAL M 291 29.61 -1.61 33.83
CA VAL M 291 28.94 -1.60 32.53
C VAL M 291 27.79 -2.60 32.58
N ILE M 292 26.55 -2.10 32.53
CA ILE M 292 25.37 -2.96 32.65
C ILE M 292 24.75 -3.30 31.29
N GLY M 293 25.05 -2.50 30.24
CA GLY M 293 24.47 -2.70 28.92
C GLY M 293 25.24 -1.99 27.82
N LEU N 1 -45.49 30.12 -11.56
CA LEU N 1 -45.39 28.71 -12.04
C LEU N 1 -43.92 28.30 -12.17
N ALA N 2 -43.07 29.19 -12.71
CA ALA N 2 -41.70 28.81 -13.00
C ALA N 2 -41.06 28.18 -11.77
N GLY N 3 -41.41 28.64 -10.55
CA GLY N 3 -40.89 28.11 -9.30
C GLY N 3 -41.67 26.91 -8.77
N LEU N 4 -43.00 26.92 -8.91
CA LEU N 4 -43.85 25.86 -8.37
C LEU N 4 -43.42 24.50 -8.92
N ASP N 5 -43.30 24.38 -10.25
CA ASP N 5 -42.84 23.15 -10.89
C ASP N 5 -41.36 22.91 -10.56
N THR N 6 -40.57 23.99 -10.49
CA THR N 6 -39.15 23.93 -10.15
C THR N 6 -38.98 23.46 -8.71
N ALA N 7 -39.98 23.71 -7.85
CA ALA N 7 -39.98 23.29 -6.46
C ALA N 7 -40.30 21.80 -6.34
N ILE N 8 -40.98 21.24 -7.37
CA ILE N 8 -41.30 19.81 -7.42
C ILE N 8 -40.05 19.01 -7.75
N ILE N 9 -39.16 19.57 -8.58
CA ILE N 9 -37.94 18.90 -9.03
C ILE N 9 -36.85 18.97 -7.95
N LEU N 10 -36.89 20.02 -7.12
CA LEU N 10 -35.98 20.17 -5.99
C LEU N 10 -36.32 19.16 -4.89
N ILE N 11 -37.59 19.09 -4.43
CA ILE N 11 -38.04 18.10 -3.46
C ILE N 11 -37.62 16.68 -3.87
N ALA N 12 -37.93 16.30 -5.11
CA ALA N 12 -37.66 14.96 -5.63
C ALA N 12 -36.16 14.65 -5.70
N PHE N 13 -35.35 15.61 -6.18
CA PHE N 13 -33.91 15.41 -6.30
C PHE N 13 -33.23 15.36 -4.93
N ILE N 14 -33.72 16.09 -3.93
CA ILE N 14 -33.26 15.98 -2.55
C ILE N 14 -33.47 14.56 -2.05
N ILE N 15 -34.70 14.03 -2.18
CA ILE N 15 -35.06 12.68 -1.76
C ILE N 15 -34.16 11.66 -2.45
N THR N 16 -33.93 11.83 -3.76
CA THR N 16 -33.08 10.97 -4.57
C THR N 16 -31.63 10.93 -4.06
N ALA N 17 -31.06 12.09 -3.74
CA ALA N 17 -29.73 12.20 -3.17
C ALA N 17 -29.66 11.62 -1.75
N ALA N 18 -30.68 11.89 -0.92
CA ALA N 18 -30.81 11.34 0.43
C ALA N 18 -30.83 9.80 0.42
N VAL N 19 -31.50 9.19 -0.57
CA VAL N 19 -31.52 7.74 -0.78
C VAL N 19 -30.12 7.21 -1.10
N LEU N 20 -29.33 7.88 -1.96
CA LEU N 20 -27.95 7.47 -2.15
C LEU N 20 -27.13 7.63 -0.87
N ALA N 21 -27.29 8.75 -0.16
CA ALA N 21 -26.63 8.98 1.12
C ALA N 21 -26.90 7.83 2.11
N TYR N 22 -28.17 7.47 2.27
CA TYR N 22 -28.63 6.37 3.11
C TYR N 22 -27.92 5.05 2.75
N VAL N 23 -27.91 4.70 1.46
CA VAL N 23 -27.31 3.45 0.97
C VAL N 23 -25.78 3.46 1.12
N ALA N 24 -25.12 4.55 0.72
CA ALA N 24 -23.67 4.65 0.75
C ALA N 24 -23.13 4.60 2.18
N VAL N 25 -23.77 5.29 3.14
CA VAL N 25 -23.36 5.27 4.53
C VAL N 25 -23.55 3.88 5.14
N ASN N 26 -24.72 3.26 4.94
CA ASN N 26 -24.99 1.90 5.40
C ASN N 26 -23.96 0.91 4.85
N MET N 27 -23.72 0.98 3.54
CA MET N 27 -22.82 0.02 2.91
C MET N 27 -21.35 0.26 3.24
N GLY N 28 -20.95 1.52 3.50
CA GLY N 28 -19.65 1.85 4.07
C GLY N 28 -19.46 1.30 5.48
N LEU N 29 -20.47 1.45 6.35
CA LEU N 29 -20.46 0.84 7.67
C LEU N 29 -20.31 -0.68 7.56
N PHE N 30 -21.05 -1.32 6.66
CA PHE N 30 -20.94 -2.75 6.39
C PHE N 30 -19.52 -3.14 5.97
N VAL N 31 -19.00 -2.57 4.87
CA VAL N 31 -17.73 -3.00 4.28
C VAL N 31 -16.56 -2.71 5.21
N THR N 32 -16.56 -1.57 5.92
CA THR N 32 -15.50 -1.27 6.87
C THR N 32 -15.48 -2.27 8.03
N GLN N 33 -16.63 -2.77 8.45
CA GLN N 33 -16.68 -3.83 9.46
C GLN N 33 -16.21 -5.19 8.91
N LYS N 34 -16.53 -5.52 7.65
CA LYS N 34 -15.97 -6.68 6.97
C LYS N 34 -14.43 -6.58 6.90
N ALA N 35 -13.90 -5.38 6.65
CA ALA N 35 -12.47 -5.10 6.70
C ALA N 35 -11.91 -5.31 8.11
N LYS N 36 -12.53 -4.75 9.16
CA LYS N 36 -12.13 -4.96 10.55
C LYS N 36 -12.00 -6.45 10.88
N THR N 37 -13.05 -7.22 10.58
CA THR N 37 -13.08 -8.66 10.80
C THR N 37 -11.96 -9.37 10.03
N THR N 38 -11.77 -9.02 8.75
CA THR N 38 -10.74 -9.59 7.90
C THR N 38 -9.35 -9.32 8.45
N ILE N 39 -9.06 -8.08 8.87
CA ILE N 39 -7.78 -7.70 9.46
C ILE N 39 -7.50 -8.56 10.70
N ASN N 40 -8.50 -8.74 11.57
CA ASN N 40 -8.39 -9.60 12.73
C ASN N 40 -8.05 -11.05 12.33
N LYS N 41 -8.80 -11.65 11.39
CA LYS N 41 -8.55 -13.01 10.92
C LYS N 41 -7.19 -13.16 10.24
N GLY N 42 -6.70 -12.12 9.57
CA GLY N 42 -5.38 -12.10 8.97
C GLY N 42 -4.26 -12.15 10.02
N GLU N 43 -4.39 -11.36 11.09
CA GLU N 43 -3.46 -11.42 12.21
C GLU N 43 -3.52 -12.80 12.89
N GLU N 44 -4.72 -13.29 13.20
CA GLU N 44 -4.89 -14.62 13.79
C GLU N 44 -4.24 -15.71 12.93
N THR N 45 -4.36 -15.61 11.61
CA THR N 45 -3.75 -16.55 10.68
C THR N 45 -2.22 -16.48 10.69
N ALA N 46 -1.66 -15.29 10.91
CA ALA N 46 -0.22 -15.10 10.99
C ALA N 46 0.34 -15.53 12.36
N SER N 47 -0.44 -15.36 13.44
CA SER N 47 0.02 -15.65 14.80
C SER N 47 -0.18 -17.13 15.19
N THR N 48 -1.36 -17.71 14.91
CA THR N 48 -1.67 -19.08 15.32
C THR N 48 -0.85 -20.10 14.51
N ALA N 49 -0.14 -20.98 15.23
CA ALA N 49 0.64 -22.07 14.67
C ALA N 49 1.01 -23.05 15.79
N LEU N 50 1.34 -24.31 15.42
CA LEU N 50 1.82 -25.31 16.36
C LEU N 50 3.28 -25.62 16.06
N SER N 51 4.07 -25.86 17.12
CA SER N 51 5.43 -26.37 17.01
C SER N 51 5.48 -27.79 17.54
N LEU N 52 6.30 -28.65 16.91
CA LEU N 52 6.67 -29.92 17.52
C LEU N 52 7.57 -29.62 18.73
N SER N 53 7.12 -30.00 19.94
CA SER N 53 7.78 -29.65 21.18
C SER N 53 8.13 -30.88 22.03
N GLY N 54 8.50 -31.95 21.33
CA GLY N 54 9.07 -33.16 21.91
C GLY N 54 9.66 -34.02 20.80
N ASN N 55 10.26 -35.15 21.16
CA ASN N 55 10.66 -36.12 20.15
C ASN N 55 9.44 -36.88 19.64
N VAL N 56 9.57 -37.46 18.43
CA VAL N 56 8.56 -38.33 17.85
C VAL N 56 8.95 -39.77 18.18
N LEU N 57 8.07 -40.46 18.90
CA LEU N 57 8.28 -41.82 19.36
C LEU N 57 7.47 -42.77 18.51
N TYR N 58 8.06 -43.90 18.13
CA TYR N 58 7.40 -44.90 17.28
C TYR N 58 7.51 -46.27 17.95
N ALA N 59 6.38 -47.00 18.03
CA ALA N 59 6.31 -48.29 18.70
C ALA N 59 5.95 -49.42 17.73
N VAL N 60 6.62 -50.58 17.89
CA VAL N 60 6.49 -51.73 16.99
C VAL N 60 6.63 -53.02 17.81
N ASN N 61 6.30 -54.17 17.20
CA ASN N 61 6.44 -55.48 17.84
C ASN N 61 7.89 -55.96 17.89
N TYR N 62 8.75 -55.14 18.49
CA TYR N 62 10.18 -55.39 18.63
C TYR N 62 10.44 -56.65 19.43
N PRO N 63 11.47 -57.48 19.12
CA PRO N 63 12.41 -57.26 18.01
C PRO N 63 11.95 -57.74 16.64
N THR N 64 10.80 -58.42 16.57
CA THR N 64 10.36 -59.11 15.36
C THR N 64 10.05 -58.15 14.20
N ASN N 65 9.61 -56.92 14.50
CA ASN N 65 9.40 -55.83 13.56
C ASN N 65 8.48 -56.18 12.38
N THR N 66 7.55 -57.13 12.57
CA THR N 66 6.56 -57.46 11.55
C THR N 66 5.33 -56.55 11.61
N LYS N 67 5.12 -55.82 12.72
CA LYS N 67 3.86 -55.09 12.93
C LYS N 67 4.07 -53.78 13.71
N SER N 68 3.24 -52.79 13.38
CA SER N 68 3.39 -51.39 13.82
C SER N 68 2.26 -51.00 14.78
N TYR N 69 2.57 -50.35 15.90
CA TYR N 69 1.61 -50.16 16.99
C TYR N 69 1.09 -48.73 17.09
N TRP N 70 1.99 -47.76 17.36
CA TRP N 70 1.59 -46.37 17.52
C TRP N 70 2.75 -45.41 17.29
N MET N 71 2.40 -44.14 17.04
CA MET N 71 3.34 -43.02 17.12
C MET N 71 2.82 -42.02 18.15
N TYR N 72 3.74 -41.42 18.90
CA TYR N 72 3.42 -40.41 19.89
C TYR N 72 4.35 -39.21 19.66
N PHE N 73 3.80 -38.00 19.77
CA PHE N 73 4.61 -36.79 19.76
C PHE N 73 3.89 -35.67 20.49
N THR N 74 4.60 -34.59 20.80
CA THR N 74 4.06 -33.52 21.62
C THR N 74 4.06 -32.23 20.81
N VAL N 75 2.98 -31.42 20.91
CA VAL N 75 2.90 -30.15 20.21
C VAL N 75 2.50 -29.04 21.19
N SER N 76 2.84 -27.79 20.86
CA SER N 76 2.46 -26.63 21.64
C SER N 76 2.33 -25.43 20.71
N PRO N 77 1.45 -24.44 20.99
CA PRO N 77 1.41 -23.21 20.19
C PRO N 77 2.76 -22.53 20.10
N SER N 78 3.12 -22.11 18.87
CA SER N 78 4.45 -21.61 18.54
C SER N 78 4.78 -20.31 19.26
N SER N 79 5.97 -20.24 19.89
CA SER N 79 6.55 -19.02 20.42
C SER N 79 5.64 -18.32 21.45
N GLY N 80 4.68 -19.05 22.04
CA GLY N 80 3.77 -18.56 23.06
C GLY N 80 2.86 -17.39 22.63
N VAL N 81 2.56 -17.25 21.34
CA VAL N 81 1.90 -16.03 20.86
C VAL N 81 0.37 -16.04 21.01
N SER N 82 -0.29 -17.17 20.71
CA SER N 82 -1.75 -17.26 20.72
C SER N 82 -2.24 -18.71 20.82
N SER N 83 -3.53 -18.90 21.16
CA SER N 83 -4.15 -20.20 21.35
C SER N 83 -4.54 -20.89 20.03
N VAL N 84 -4.65 -22.23 20.04
CA VAL N 84 -5.01 -23.02 18.85
C VAL N 84 -6.22 -23.90 19.16
N ASP N 85 -7.28 -23.83 18.35
CA ASP N 85 -8.40 -24.76 18.39
C ASP N 85 -7.95 -26.13 17.87
N LEU N 86 -8.06 -27.17 18.71
CA LEU N 86 -7.73 -28.54 18.32
C LEU N 86 -8.96 -29.46 18.33
N SER N 87 -10.18 -28.93 18.18
CA SER N 87 -11.34 -29.81 18.18
C SER N 87 -11.30 -30.79 17.02
N PRO N 88 -11.56 -32.10 17.20
CA PRO N 88 -11.45 -33.07 16.12
C PRO N 88 -12.52 -32.97 15.04
N SER N 89 -13.55 -32.15 15.25
CA SER N 89 -14.51 -31.80 14.21
C SER N 89 -13.94 -30.77 13.22
N THR N 90 -13.17 -29.79 13.72
CA THR N 90 -12.66 -28.69 12.91
C THR N 90 -11.27 -29.00 12.34
N THR N 91 -10.41 -29.64 13.14
CA THR N 91 -9.01 -29.93 12.80
C THR N 91 -8.90 -31.24 12.03
N ALA N 92 -7.94 -31.33 11.09
CA ALA N 92 -7.55 -32.60 10.49
C ALA N 92 -6.14 -32.99 10.91
N ILE N 93 -5.88 -34.29 11.07
CA ILE N 93 -4.51 -34.78 11.08
C ILE N 93 -4.38 -35.77 9.93
N SER N 94 -3.51 -35.47 8.95
CA SER N 94 -3.23 -36.39 7.86
C SER N 94 -2.01 -37.24 8.18
N PHE N 95 -1.91 -38.42 7.55
CA PHE N 95 -0.78 -39.30 7.71
C PHE N 95 -0.44 -39.89 6.33
N THR N 96 0.81 -39.74 5.88
CA THR N 96 1.23 -40.34 4.60
C THR N 96 2.59 -41.04 4.74
N ALA N 97 2.65 -42.29 4.27
CA ALA N 97 3.91 -42.99 4.03
C ALA N 97 4.01 -43.21 2.52
N ALA N 98 4.54 -42.20 1.82
CA ALA N 98 4.40 -42.04 0.38
C ALA N 98 4.98 -43.23 -0.41
N SER N 99 6.13 -43.75 0.07
CA SER N 99 6.84 -44.87 -0.54
C SER N 99 5.93 -46.08 -0.77
N ARG N 100 5.11 -46.42 0.24
CA ARG N 100 4.21 -47.56 0.22
C ARG N 100 2.78 -47.19 -0.22
N GLY N 101 2.56 -45.93 -0.64
CA GLY N 101 1.28 -45.47 -1.16
C GLY N 101 0.19 -45.28 -0.11
N VAL N 102 0.55 -45.29 1.19
CA VAL N 102 -0.39 -45.01 2.28
C VAL N 102 -0.59 -43.50 2.37
N SER N 103 -1.85 -43.08 2.30
CA SER N 103 -2.21 -41.67 2.41
C SER N 103 -3.59 -41.55 3.04
N LEU N 104 -3.64 -41.03 4.26
CA LEU N 104 -4.86 -40.84 5.01
C LEU N 104 -5.07 -39.34 5.19
N SER N 105 -6.18 -38.82 4.65
CA SER N 105 -6.39 -37.38 4.63
C SER N 105 -6.84 -36.84 5.99
N ASN N 106 -7.54 -37.65 6.80
CA ASN N 106 -7.86 -37.24 8.16
C ASN N 106 -8.07 -38.45 9.06
N ILE N 107 -7.18 -38.60 10.07
CA ILE N 107 -7.24 -39.68 11.05
C ILE N 107 -7.64 -39.16 12.44
N TYR N 108 -7.82 -37.85 12.61
CA TYR N 108 -8.07 -37.27 13.94
C TYR N 108 -9.53 -37.45 14.35
N GLN N 109 -9.77 -38.11 15.50
CA GLN N 109 -11.13 -38.48 15.87
C GLN N 109 -11.54 -37.96 17.26
N PHE N 110 -10.62 -37.93 18.23
CA PHE N 110 -11.00 -37.71 19.62
C PHE N 110 -10.00 -36.81 20.36
N SER N 111 -10.48 -36.15 21.42
CA SER N 111 -9.59 -35.40 22.28
C SER N 111 -10.00 -35.52 23.74
N LEU N 112 -9.01 -35.72 24.62
CA LEU N 112 -9.22 -35.65 26.06
C LEU N 112 -9.18 -34.20 26.56
N LEU N 113 -8.90 -33.21 25.70
CA LEU N 113 -9.03 -31.80 26.07
C LEU N 113 -10.48 -31.45 26.41
N SER N 114 -11.45 -32.15 25.82
CA SER N 114 -12.89 -32.04 26.10
C SER N 114 -13.28 -32.60 27.49
N VAL N 115 -12.40 -33.38 28.12
CA VAL N 115 -12.79 -34.29 29.20
C VAL N 115 -12.32 -33.75 30.55
N LEU N 116 -13.26 -33.58 31.50
CA LEU N 116 -12.93 -33.18 32.87
C LEU N 116 -12.39 -34.38 33.66
N PRO N 117 -11.47 -34.18 34.64
CA PRO N 117 -10.94 -35.28 35.45
C PRO N 117 -12.02 -36.16 36.08
N SER N 118 -13.12 -35.55 36.57
CA SER N 118 -14.24 -36.25 37.17
C SER N 118 -14.97 -37.22 36.23
N GLN N 119 -14.74 -37.09 34.91
CA GLN N 119 -15.33 -37.97 33.91
C GLN N 119 -14.51 -39.26 33.72
N VAL N 120 -13.26 -39.32 34.23
CA VAL N 120 -12.36 -40.45 34.00
C VAL N 120 -11.76 -41.03 35.28
N ASN N 121 -11.44 -40.18 36.26
CA ASN N 121 -10.91 -40.65 37.54
C ASN N 121 -11.96 -41.48 38.29
N ASN N 122 -11.51 -42.57 38.94
CA ASN N 122 -12.36 -43.51 39.68
C ASN N 122 -13.44 -44.19 38.82
N LYS N 123 -13.27 -44.23 37.49
CA LYS N 123 -14.27 -44.81 36.59
C LYS N 123 -13.77 -46.02 35.79
N VAL N 124 -12.46 -46.30 35.86
CA VAL N 124 -11.89 -47.60 35.53
C VAL N 124 -11.16 -48.15 36.75
N GLN N 125 -11.19 -49.49 36.90
CA GLN N 125 -10.75 -50.12 38.14
C GLN N 125 -10.15 -51.50 37.85
N VAL N 126 -9.22 -51.93 38.73
CA VAL N 126 -8.55 -53.22 38.61
C VAL N 126 -8.98 -54.13 39.75
N LYS N 127 -9.39 -55.37 39.41
CA LYS N 127 -9.63 -56.42 40.39
C LYS N 127 -8.34 -57.21 40.63
N LEU N 128 -7.58 -56.85 41.68
CA LEU N 128 -6.44 -57.64 42.15
C LEU N 128 -6.91 -58.62 43.21
N GLY N 129 -7.26 -59.85 42.79
CA GLY N 129 -7.89 -60.83 43.67
C GLY N 129 -9.21 -60.32 44.23
N THR N 130 -9.34 -60.31 45.57
CA THR N 130 -10.50 -59.78 46.28
C THR N 130 -10.58 -58.25 46.16
N SER N 131 -9.43 -57.57 46.18
CA SER N 131 -9.35 -56.11 46.23
C SER N 131 -9.70 -55.47 44.89
N ILE N 132 -10.39 -54.31 44.93
CA ILE N 132 -10.71 -53.55 43.72
C ILE N 132 -10.18 -52.12 43.88
N ILE N 133 -9.30 -51.71 42.95
CA ILE N 133 -8.60 -50.42 43.03
C ILE N 133 -9.10 -49.49 41.93
N ASN N 134 -9.62 -48.32 42.34
CA ASN N 134 -9.99 -47.23 41.46
C ASN N 134 -8.73 -46.52 40.92
N LEU N 135 -8.63 -46.35 39.59
CA LEU N 135 -7.50 -45.65 38.99
C LEU N 135 -7.73 -44.14 38.94
N THR N 136 -6.65 -43.37 39.16
CA THR N 136 -6.58 -41.95 38.85
C THR N 136 -5.75 -41.79 37.60
N LEU N 137 -6.32 -41.15 36.56
CA LEU N 137 -5.73 -41.10 35.22
C LEU N 137 -5.40 -39.67 34.82
N ALA N 138 -6.35 -38.75 35.01
CA ALA N 138 -6.13 -37.32 34.85
C ALA N 138 -5.57 -36.77 36.15
N PHE N 139 -4.29 -36.35 36.14
CA PHE N 139 -3.69 -35.63 37.26
C PHE N 139 -4.06 -34.15 37.17
N SER N 140 -3.99 -33.44 38.30
CA SER N 140 -4.38 -32.04 38.34
C SER N 140 -3.61 -31.26 39.42
N SER N 141 -3.43 -29.94 39.19
CA SER N 141 -2.79 -29.04 40.13
C SER N 141 -3.37 -27.62 39.97
N ASN N 142 -3.20 -26.77 40.99
CA ASN N 142 -3.79 -25.43 40.99
C ASN N 142 -2.72 -24.33 40.87
N SER N 143 -3.00 -23.31 40.04
CA SER N 143 -2.28 -22.04 40.09
C SER N 143 -3.25 -20.89 39.81
N ALA N 144 -3.17 -19.80 40.57
CA ALA N 144 -3.99 -18.60 40.39
C ALA N 144 -5.50 -18.91 40.26
N GLY N 145 -5.98 -19.93 40.99
CA GLY N 145 -7.39 -20.30 41.00
C GLY N 145 -7.86 -21.10 39.79
N GLN N 146 -6.96 -21.44 38.86
CA GLN N 146 -7.23 -22.34 37.75
C GLN N 146 -6.78 -23.75 38.10
N THR N 147 -7.57 -24.77 37.72
CA THR N 147 -7.13 -26.16 37.78
C THR N 147 -6.52 -26.56 36.45
N TYR N 148 -5.25 -26.92 36.47
CA TYR N 148 -4.54 -27.49 35.33
C TYR N 148 -4.82 -29.00 35.31
N VAL N 149 -4.92 -29.59 34.11
CA VAL N 149 -5.22 -31.00 33.95
C VAL N 149 -4.23 -31.60 32.96
N TYR N 150 -3.74 -32.81 33.25
CA TYR N 150 -2.86 -33.50 32.32
C TYR N 150 -2.86 -35.00 32.57
N TYR N 151 -2.36 -35.76 31.59
CA TYR N 151 -2.12 -37.19 31.73
C TYR N 151 -0.61 -37.41 31.78
N SER N 152 -0.16 -38.15 32.80
CA SER N 152 1.27 -38.28 33.06
C SER N 152 1.97 -39.13 31.99
N ASP N 153 1.24 -40.06 31.36
CA ASP N 153 1.79 -40.89 30.30
C ASP N 153 0.74 -41.26 29.24
N PRO N 154 1.14 -41.77 28.05
CA PRO N 154 0.19 -42.28 27.07
C PRO N 154 -0.66 -43.44 27.55
N ASN N 155 -0.21 -44.22 28.54
CA ASN N 155 -0.97 -45.36 29.06
C ASN N 155 -2.23 -44.90 29.79
N TYR N 156 -2.09 -43.94 30.71
CA TYR N 156 -3.25 -43.38 31.39
C TYR N 156 -4.15 -42.61 30.43
N ALA N 157 -3.57 -41.96 29.41
CA ALA N 157 -4.35 -41.33 28.36
C ALA N 157 -5.16 -42.37 27.56
N LEU N 158 -4.56 -43.52 27.21
CA LEU N 158 -5.26 -44.60 26.52
C LEU N 158 -6.42 -45.14 27.34
N LEU N 159 -6.21 -45.40 28.63
CA LEU N 159 -7.28 -45.90 29.50
C LEU N 159 -8.41 -44.88 29.63
N ALA N 160 -8.08 -43.61 29.81
CA ALA N 160 -9.05 -42.51 29.86
C ALA N 160 -9.85 -42.40 28.55
N LEU N 161 -9.20 -42.64 27.41
CA LEU N 161 -9.88 -42.68 26.12
C LEU N 161 -10.77 -43.91 25.98
N ASN N 162 -10.29 -45.11 26.31
CA ASN N 162 -11.11 -46.31 26.30
C ASN N 162 -12.41 -46.09 27.08
N TYR N 163 -12.29 -45.54 28.30
CA TYR N 163 -13.45 -45.23 29.11
C TYR N 163 -14.36 -44.22 28.40
N THR N 164 -13.81 -43.08 27.99
CA THR N 164 -14.56 -42.00 27.35
C THR N 164 -15.33 -42.48 26.13
N LEU N 165 -14.69 -43.24 25.23
CA LEU N 165 -15.33 -43.72 24.01
C LEU N 165 -16.36 -44.82 24.30
N GLY N 166 -16.07 -45.75 25.22
CA GLY N 166 -17.06 -46.73 25.66
C GLY N 166 -18.31 -46.06 26.25
N GLN N 167 -18.09 -45.00 27.02
CA GLN N 167 -19.16 -44.20 27.62
C GLN N 167 -19.96 -43.43 26.56
N GLU N 168 -19.31 -42.93 25.50
CA GLU N 168 -19.99 -42.29 24.37
C GLU N 168 -20.79 -43.28 23.52
N VAL N 169 -20.30 -44.52 23.34
CA VAL N 169 -21.06 -45.59 22.70
C VAL N 169 -22.29 -45.94 23.54
N LYS N 170 -22.10 -46.10 24.87
CA LYS N 170 -23.16 -46.38 25.82
C LYS N 170 -24.23 -45.27 25.82
N GLY N 171 -23.80 -44.01 25.69
CA GLY N 171 -24.68 -42.86 25.56
C GLY N 171 -25.26 -42.64 24.15
N GLY N 172 -24.95 -43.51 23.18
CA GLY N 172 -25.46 -43.42 21.81
C GLY N 172 -24.90 -42.27 20.98
N GLN N 173 -23.88 -41.56 21.48
CA GLN N 173 -23.26 -40.43 20.80
C GLN N 173 -22.28 -40.86 19.69
N LEU N 174 -21.80 -42.12 19.77
CA LEU N 174 -20.82 -42.69 18.87
C LEU N 174 -21.28 -44.11 18.50
N THR N 175 -21.09 -44.53 17.23
CA THR N 175 -21.65 -45.81 16.76
C THR N 175 -20.84 -47.00 17.29
N SER N 176 -19.51 -46.92 17.18
CA SER N 176 -18.56 -47.87 17.75
C SER N 176 -17.29 -47.14 18.17
N SER N 177 -16.66 -47.57 19.27
CA SER N 177 -15.32 -47.15 19.61
C SER N 177 -14.33 -47.89 18.72
N PRO N 178 -13.35 -47.21 18.07
CA PRO N 178 -12.29 -47.91 17.35
C PRO N 178 -11.23 -48.50 18.27
N LEU N 179 -11.24 -48.09 19.56
CA LEU N 179 -10.32 -48.59 20.58
C LEU N 179 -11.08 -49.42 21.61
N TYR N 180 -10.55 -50.60 21.94
CA TYR N 180 -11.07 -51.41 23.03
C TYR N 180 -9.91 -51.94 23.87
N ILE N 181 -9.93 -51.69 25.19
CA ILE N 181 -8.82 -52.06 26.07
C ILE N 181 -9.31 -53.02 27.15
N ILE N 182 -8.62 -54.16 27.31
CA ILE N 182 -8.94 -55.21 28.28
C ILE N 182 -7.67 -55.73 28.94
N SER N 183 -7.78 -56.17 30.21
CA SER N 183 -6.70 -56.87 30.90
C SER N 183 -6.84 -58.39 30.70
N ASN N 184 -8.10 -58.85 30.68
CA ASN N 184 -8.46 -60.24 30.48
C ASN N 184 -8.48 -60.56 28.98
N THR N 185 -7.56 -61.44 28.54
CA THR N 185 -7.58 -61.90 27.15
C THR N 185 -8.58 -63.03 26.88
N SER N 186 -9.08 -63.70 27.93
CA SER N 186 -10.05 -64.80 27.80
C SER N 186 -11.32 -64.37 27.05
N ILE N 187 -11.67 -63.08 27.18
CA ILE N 187 -12.83 -62.44 26.57
C ILE N 187 -12.82 -62.55 25.05
N VAL N 188 -11.63 -62.53 24.42
CA VAL N 188 -11.44 -62.39 22.99
C VAL N 188 -12.12 -63.49 22.17
N ALA N 189 -12.16 -64.72 22.69
CA ALA N 189 -12.83 -65.84 22.04
C ALA N 189 -14.33 -65.58 21.80
N SER N 190 -14.97 -64.80 22.69
CA SER N 190 -16.38 -64.45 22.61
C SER N 190 -16.66 -63.24 21.70
N LYS N 191 -15.60 -62.58 21.20
CA LYS N 191 -15.67 -61.32 20.47
C LYS N 191 -14.80 -61.39 19.21
N PRO N 192 -15.20 -62.20 18.20
CA PRO N 192 -14.30 -62.56 17.10
C PRO N 192 -13.82 -61.40 16.22
N TRP N 193 -14.52 -60.26 16.24
CA TRP N 193 -14.04 -59.05 15.56
C TRP N 193 -12.70 -58.55 16.12
N LEU N 194 -12.41 -58.82 17.40
CA LEU N 194 -11.12 -58.49 18.01
C LEU N 194 -9.98 -59.41 17.54
N LYS N 195 -10.26 -60.53 16.85
CA LYS N 195 -9.23 -61.47 16.42
C LYS N 195 -8.33 -60.87 15.35
N ASN N 196 -8.91 -60.07 14.44
CA ASN N 196 -8.23 -59.67 13.20
C ASN N 196 -7.73 -58.22 13.22
N ASP N 197 -8.31 -57.34 14.05
CA ASP N 197 -7.83 -55.96 14.15
C ASP N 197 -6.49 -55.87 14.92
N ASN N 198 -5.86 -54.68 14.90
CA ASN N 198 -4.49 -54.54 15.38
C ASN N 198 -4.45 -54.53 16.91
N VAL N 199 -3.47 -55.21 17.52
CA VAL N 199 -3.36 -55.28 18.97
C VAL N 199 -1.94 -54.99 19.45
N PHE N 200 -1.83 -54.17 20.50
CA PHE N 200 -0.59 -53.95 21.22
C PHE N 200 -0.86 -53.98 22.73
N THR N 201 0.21 -54.12 23.53
CA THR N 201 0.03 -54.20 24.98
C THR N 201 0.88 -53.16 25.70
N PHE N 202 0.41 -52.76 26.89
CA PHE N 202 1.17 -51.90 27.77
C PHE N 202 0.88 -52.26 29.22
N ASN N 203 1.85 -51.98 30.10
CA ASN N 203 1.72 -52.28 31.51
C ASN N 203 1.57 -50.98 32.30
N ILE N 204 0.70 -51.01 33.32
CA ILE N 204 0.68 -49.99 34.37
C ILE N 204 0.90 -50.70 35.71
N SER N 205 1.28 -49.97 36.76
CA SER N 205 1.44 -50.55 38.09
C SER N 205 0.30 -50.11 39.02
N VAL N 206 -0.33 -51.08 39.69
CA VAL N 206 -1.45 -50.85 40.61
C VAL N 206 -1.20 -51.68 41.86
N ASN N 207 -1.29 -51.05 43.05
CA ASN N 207 -0.86 -51.70 44.29
C ASN N 207 0.50 -52.38 44.11
N GLY N 208 1.44 -51.66 43.49
CA GLY N 208 2.79 -52.13 43.18
C GLY N 208 2.89 -53.38 42.30
N THR N 209 1.76 -53.80 41.68
CA THR N 209 1.65 -54.99 40.85
C THR N 209 1.53 -54.56 39.39
N GLU N 210 2.30 -55.18 38.48
CA GLU N 210 2.18 -54.93 37.05
C GLU N 210 0.87 -55.50 36.51
N VAL N 211 0.05 -54.64 35.87
CA VAL N 211 -1.17 -55.03 35.18
C VAL N 211 -0.94 -54.81 33.68
N GLU N 212 -1.01 -55.88 32.89
CA GLU N 212 -0.91 -55.75 31.44
C GLU N 212 -2.30 -55.50 30.84
N TYR N 213 -2.38 -54.47 29.99
CA TYR N 213 -3.55 -54.19 29.19
C TYR N 213 -3.25 -54.43 27.72
N TYR N 214 -4.25 -55.00 27.04
CA TYR N 214 -4.25 -55.29 25.61
C TYR N 214 -5.18 -54.27 24.95
N ALA N 215 -4.63 -53.49 24.01
CA ALA N 215 -5.37 -52.46 23.29
C ALA N 215 -5.64 -52.94 21.87
N TYR N 216 -6.93 -53.07 21.52
CA TYR N 216 -7.40 -53.50 20.21
C TYR N 216 -7.85 -52.27 19.42
N VAL N 217 -7.31 -52.12 18.20
CA VAL N 217 -7.48 -50.92 17.39
C VAL N 217 -8.07 -51.30 16.02
N ASN N 218 -9.27 -50.79 15.76
CA ASN N 218 -10.15 -51.14 14.65
C ASN N 218 -9.65 -50.53 13.32
N LYS N 219 -9.09 -49.31 13.38
CA LYS N 219 -8.68 -48.49 12.24
C LYS N 219 -7.59 -47.51 12.68
N THR N 220 -6.78 -46.98 11.76
CA THR N 220 -5.80 -45.98 12.14
C THR N 220 -6.49 -44.69 12.55
N PHE N 221 -6.22 -44.21 13.77
CA PHE N 221 -6.81 -42.98 14.27
C PHE N 221 -5.82 -42.23 15.15
N ALA N 222 -6.06 -40.93 15.31
CA ALA N 222 -5.27 -40.07 16.20
C ALA N 222 -6.17 -39.47 17.26
N PHE N 223 -5.60 -39.26 18.46
CA PHE N 223 -6.24 -38.48 19.50
C PHE N 223 -5.24 -37.54 20.14
N THR N 224 -5.75 -36.52 20.84
CA THR N 224 -4.92 -35.58 21.56
C THR N 224 -5.30 -35.55 23.03
N TYR N 225 -4.33 -35.20 23.89
CA TYR N 225 -4.57 -35.09 25.32
C TYR N 225 -3.64 -34.05 25.94
N PRO N 226 -4.02 -33.43 27.08
CA PRO N 226 -3.17 -32.41 27.68
C PRO N 226 -1.99 -33.00 28.46
N VAL N 227 -0.83 -32.35 28.34
CA VAL N 227 0.42 -32.78 28.97
C VAL N 227 0.92 -31.76 30.01
N SER N 228 0.80 -30.45 29.73
CA SER N 228 1.01 -29.41 30.74
C SER N 228 0.38 -28.09 30.31
N GLY N 229 0.26 -27.13 31.23
CA GLY N 229 -0.15 -25.77 30.90
C GLY N 229 -1.57 -25.67 30.35
N PHE N 230 -2.40 -26.69 30.58
CA PHE N 230 -3.76 -26.74 30.06
C PHE N 230 -4.78 -26.57 31.19
N PRO N 231 -5.27 -25.34 31.46
CA PRO N 231 -6.36 -25.11 32.42
C PRO N 231 -7.76 -25.17 31.78
N LEU N 232 -7.84 -25.19 30.44
CA LEU N 232 -9.10 -25.04 29.71
C LEU N 232 -9.85 -26.37 29.51
N ALA N 233 -9.85 -27.25 30.53
CA ALA N 233 -10.52 -28.54 30.43
C ALA N 233 -12.00 -28.39 30.07
N GLY N 234 -12.44 -29.14 29.04
CA GLY N 234 -13.76 -29.02 28.44
C GLY N 234 -13.76 -28.38 27.05
N SER N 235 -12.68 -27.68 26.64
CA SER N 235 -12.76 -26.72 25.54
C SER N 235 -12.26 -27.20 24.16
N ASP N 236 -11.32 -28.18 24.11
CA ASP N 236 -10.51 -28.49 22.92
C ASP N 236 -9.57 -27.36 22.46
N ILE N 237 -9.32 -26.32 23.28
CA ILE N 237 -8.42 -25.24 22.88
C ILE N 237 -7.08 -25.42 23.61
N ALA N 238 -5.98 -25.44 22.85
CA ALA N 238 -4.65 -25.39 23.44
C ALA N 238 -4.23 -23.93 23.63
N PRO N 239 -4.16 -23.39 24.88
CA PRO N 239 -3.73 -22.01 25.07
C PRO N 239 -2.23 -21.87 24.89
N ALA N 240 -1.76 -20.64 24.66
CA ALA N 240 -0.34 -20.37 24.54
C ALA N 240 0.40 -20.79 25.82
N GLY N 241 1.49 -21.56 25.67
CA GLY N 241 2.21 -22.11 26.81
C GLY N 241 1.60 -23.38 27.40
N SER N 242 0.67 -24.03 26.67
CA SER N 242 0.25 -25.40 26.95
C SER N 242 1.06 -26.39 26.12
N VAL N 243 1.04 -27.66 26.53
CA VAL N 243 1.74 -28.74 25.85
C VAL N 243 0.74 -29.89 25.68
N ILE N 244 0.58 -30.37 24.44
CA ILE N 244 -0.47 -31.31 24.05
C ILE N 244 0.18 -32.57 23.49
N GLY N 245 -0.17 -33.73 24.05
CA GLY N 245 0.26 -34.98 23.46
C GLY N 245 -0.64 -35.35 22.29
N VAL N 246 -0.04 -35.80 21.19
CA VAL N 246 -0.72 -36.32 20.01
C VAL N 246 -0.31 -37.78 19.88
N MET N 247 -1.29 -38.67 19.76
CA MET N 247 -0.96 -40.08 19.63
C MET N 247 -1.77 -40.68 18.48
N ILE N 248 -1.06 -41.42 17.62
CA ILE N 248 -1.62 -42.11 16.47
C ILE N 248 -1.54 -43.60 16.76
N LEU N 249 -2.68 -44.30 16.76
CA LEU N 249 -2.71 -45.75 16.90
C LEU N 249 -3.00 -46.36 15.54
N PHE N 250 -2.19 -47.31 15.09
CA PHE N 250 -2.37 -47.91 13.77
C PHE N 250 -3.42 -49.01 13.80
N GLY N 251 -4.29 -49.03 12.78
CA GLY N 251 -5.23 -50.12 12.54
C GLY N 251 -4.60 -51.25 11.73
N PRO N 252 -5.33 -52.35 11.46
CA PRO N 252 -4.76 -53.52 10.79
C PRO N 252 -4.27 -53.28 9.37
N GLY N 253 -4.78 -52.22 8.69
CA GLY N 253 -4.28 -51.77 7.41
C GLY N 253 -2.84 -51.25 7.50
N GLU N 254 -2.66 -50.10 8.15
CA GLU N 254 -1.35 -49.44 8.23
C GLU N 254 -0.35 -50.20 9.11
N ALA N 255 -0.84 -51.03 10.03
CA ALA N 255 0.02 -51.84 10.90
C ALA N 255 0.82 -52.92 10.17
N THR N 256 0.42 -53.29 8.95
CA THR N 256 0.72 -54.58 8.31
C THR N 256 2.21 -54.94 8.23
N ASN N 257 3.08 -53.95 7.99
CA ASN N 257 4.52 -54.11 8.21
C ASN N 257 5.16 -52.78 8.62
N VAL N 258 6.29 -52.86 9.32
CA VAL N 258 6.95 -51.72 9.96
C VAL N 258 7.50 -50.73 8.93
N PHE N 259 7.55 -49.44 9.29
CA PHE N 259 8.22 -48.43 8.46
C PHE N 259 9.74 -48.61 8.52
N GLN N 260 10.38 -48.87 7.37
CA GLN N 260 11.83 -48.92 7.26
C GLN N 260 12.27 -48.35 5.93
N TYR N 261 13.34 -47.52 5.93
CA TYR N 261 13.88 -46.94 4.71
C TYR N 261 12.79 -46.16 3.95
N GLU N 262 11.97 -45.42 4.72
CA GLU N 262 10.75 -44.79 4.24
C GLU N 262 10.59 -43.41 4.89
N THR N 263 9.92 -42.49 4.18
CA THR N 263 9.57 -41.19 4.76
C THR N 263 8.11 -41.21 5.20
N VAL N 264 7.88 -40.88 6.47
CA VAL N 264 6.54 -40.70 7.03
C VAL N 264 6.31 -39.21 7.27
N THR N 265 5.17 -38.71 6.78
CA THR N 265 4.75 -37.33 6.97
C THR N 265 3.41 -37.30 7.72
N ILE N 266 3.35 -36.47 8.76
CA ILE N 266 2.12 -36.20 9.50
C ILE N 266 1.85 -34.71 9.34
N GLN N 267 0.60 -34.31 9.14
CA GLN N 267 0.30 -32.89 9.14
C GLN N 267 -0.94 -32.60 10.00
N ILE N 268 -0.81 -31.66 10.91
CA ILE N 268 -1.92 -31.21 11.73
C ILE N 268 -2.39 -29.88 11.16
N THR N 269 -3.66 -29.80 10.76
CA THR N 269 -4.20 -28.59 10.13
C THR N 269 -5.40 -28.11 10.93
N PRO N 270 -5.22 -27.18 11.90
CA PRO N 270 -6.35 -26.55 12.59
C PRO N 270 -7.10 -25.60 11.65
N ASN N 271 -8.27 -25.14 12.09
CA ASN N 271 -9.18 -24.34 11.28
C ASN N 271 -8.72 -22.89 11.08
N ILE N 272 -7.77 -22.41 11.90
CA ILE N 272 -7.16 -21.09 11.78
C ILE N 272 -5.65 -21.26 11.93
N GLY N 273 -4.86 -20.55 11.12
CA GLY N 273 -3.41 -20.57 11.22
C GLY N 273 -2.75 -21.65 10.37
N SER N 274 -1.42 -21.57 10.28
CA SER N 274 -0.63 -22.48 9.45
C SER N 274 -0.66 -23.89 10.02
N PRO N 275 -0.69 -24.93 9.15
CA PRO N 275 -0.59 -26.31 9.62
C PRO N 275 0.83 -26.63 10.07
N LEU N 276 0.95 -27.64 10.95
CA LEU N 276 2.24 -28.16 11.35
C LEU N 276 2.52 -29.42 10.55
N THR N 277 3.60 -29.40 9.76
CA THR N 277 3.99 -30.55 8.95
C THR N 277 5.24 -31.18 9.56
N ILE N 278 5.13 -32.48 9.86
CA ILE N 278 6.15 -33.27 10.54
C ILE N 278 6.61 -34.33 9.54
N SER N 279 7.93 -34.45 9.30
CA SER N 279 8.46 -35.48 8.39
C SER N 279 9.70 -36.15 8.96
N GLN N 280 9.74 -37.48 8.91
CA GLN N 280 10.90 -38.27 9.32
C GLN N 280 11.20 -39.30 8.24
N TYR N 281 12.48 -39.42 7.84
CA TYR N 281 12.93 -40.66 7.23
C TYR N 281 13.21 -41.66 8.35
N ILE N 282 12.59 -42.83 8.28
CA ILE N 282 12.65 -43.83 9.34
C ILE N 282 13.63 -44.92 8.95
N TYR N 283 14.73 -45.01 9.70
CA TYR N 283 15.58 -46.19 9.70
C TYR N 283 14.90 -47.32 10.47
N GLN N 284 15.43 -48.54 10.34
CA GLN N 284 14.97 -49.70 11.11
C GLN N 284 14.79 -49.33 12.59
N PRO N 285 13.63 -49.63 13.22
CA PRO N 285 13.38 -49.26 14.61
C PRO N 285 14.16 -50.17 15.57
N ASP N 286 14.75 -49.54 16.60
CA ASP N 286 15.84 -50.14 17.38
C ASP N 286 15.43 -50.61 18.79
N GLY N 287 14.17 -50.40 19.18
CA GLY N 287 13.62 -50.83 20.47
C GLY N 287 12.09 -50.90 20.47
N LYS N 288 11.50 -51.34 21.60
CA LYS N 288 10.05 -51.41 21.79
C LYS N 288 9.39 -50.08 21.44
N VAL N 289 10.04 -48.99 21.85
CA VAL N 289 9.82 -47.64 21.34
C VAL N 289 11.14 -47.19 20.73
N THR N 290 11.07 -46.39 19.65
CA THR N 290 12.26 -45.82 19.03
C THR N 290 12.04 -44.33 18.79
N VAL N 291 13.09 -43.51 18.95
CA VAL N 291 13.02 -42.09 18.64
C VAL N 291 13.29 -41.90 17.15
N ILE N 292 12.27 -41.49 16.40
CA ILE N 292 12.39 -41.34 14.95
C ILE N 292 12.64 -39.90 14.51
N GLY N 293 12.35 -38.91 15.38
CA GLY N 293 12.50 -37.50 15.04
C GLY N 293 12.52 -36.60 16.26
N LEU O 1 -41.24 22.84 -17.85
CA LEU O 1 -39.90 23.16 -18.43
C LEU O 1 -38.81 22.85 -17.40
N ALA O 2 -39.03 23.21 -16.12
CA ALA O 2 -37.98 23.08 -15.14
C ALA O 2 -37.37 21.68 -15.18
N GLY O 3 -38.19 20.65 -15.46
CA GLY O 3 -37.75 19.26 -15.54
C GLY O 3 -37.23 18.87 -16.93
N LEU O 4 -37.86 19.37 -18.00
CA LEU O 4 -37.50 19.00 -19.36
C LEU O 4 -36.02 19.29 -19.62
N ASP O 5 -35.58 20.53 -19.33
CA ASP O 5 -34.18 20.92 -19.48
C ASP O 5 -33.32 20.18 -18.44
N THR O 6 -33.86 19.99 -17.23
CA THR O 6 -33.18 19.28 -16.16
C THR O 6 -33.00 17.81 -16.53
N ALA O 7 -33.88 17.28 -17.39
CA ALA O 7 -33.82 15.90 -17.89
C ALA O 7 -32.74 15.76 -18.96
N ILE O 8 -32.39 16.88 -19.63
CA ILE O 8 -31.33 16.91 -20.63
C ILE O 8 -29.97 16.82 -19.95
N ILE O 9 -29.82 17.43 -18.76
CA ILE O 9 -28.57 17.47 -18.03
C ILE O 9 -28.32 16.15 -17.29
N LEU O 10 -29.41 15.45 -16.93
CA LEU O 10 -29.31 14.12 -16.31
C LEU O 10 -28.86 13.08 -17.33
N ILE O 11 -29.51 12.97 -18.50
CA ILE O 11 -29.11 12.09 -19.59
C ILE O 11 -27.61 12.26 -19.91
N ALA O 12 -27.18 13.50 -20.14
CA ALA O 12 -25.81 13.83 -20.52
C ALA O 12 -24.80 13.46 -19.43
N PHE O 13 -25.11 13.77 -18.17
CA PHE O 13 -24.21 13.49 -17.05
C PHE O 13 -24.11 11.98 -16.77
N ILE O 14 -25.19 11.22 -16.99
CA ILE O 14 -25.15 9.76 -16.92
C ILE O 14 -24.16 9.22 -17.95
N ILE O 15 -24.29 9.63 -19.21
CA ILE O 15 -23.41 9.23 -20.30
C ILE O 15 -21.96 9.57 -19.97
N THR O 16 -21.72 10.77 -19.44
CA THR O 16 -20.40 11.25 -19.05
C THR O 16 -19.77 10.36 -17.96
N ALA O 17 -20.53 10.00 -16.93
CA ALA O 17 -20.08 9.10 -15.87
C ALA O 17 -19.87 7.67 -16.39
N ALA O 18 -20.76 7.17 -17.26
CA ALA O 18 -20.64 5.87 -17.89
C ALA O 18 -19.36 5.76 -18.74
N VAL O 19 -18.96 6.85 -19.43
CA VAL O 19 -17.71 6.94 -20.16
C VAL O 19 -16.50 6.82 -19.24
N LEU O 20 -16.50 7.48 -18.06
CA LEU O 20 -15.43 7.27 -17.09
C LEU O 20 -15.43 5.83 -16.58
N ALA O 21 -16.60 5.28 -16.26
CA ALA O 21 -16.73 3.90 -15.83
C ALA O 21 -16.11 2.93 -16.84
N TYR O 22 -16.45 3.09 -18.12
CA TYR O 22 -15.93 2.31 -19.24
C TYR O 22 -14.40 2.35 -19.28
N VAL O 23 -13.82 3.56 -19.21
CA VAL O 23 -12.37 3.78 -19.28
C VAL O 23 -11.66 3.22 -18.05
N ALA O 24 -12.16 3.52 -16.85
CA ALA O 24 -11.55 3.10 -15.59
C ALA O 24 -11.53 1.58 -15.44
N VAL O 25 -12.62 0.89 -15.80
CA VAL O 25 -12.70 -0.56 -15.73
C VAL O 25 -11.74 -1.21 -16.74
N ASN O 26 -11.76 -0.75 -18.00
CA ASN O 26 -10.84 -1.23 -19.02
C ASN O 26 -9.38 -1.05 -18.59
N MET O 27 -9.04 0.13 -18.10
CA MET O 27 -7.66 0.43 -17.76
C MET O 27 -7.21 -0.26 -16.47
N GLY O 28 -8.12 -0.52 -15.53
CA GLY O 28 -7.88 -1.39 -14.38
C GLY O 28 -7.62 -2.84 -14.79
N LEU O 29 -8.43 -3.39 -15.70
CA LEU O 29 -8.19 -4.71 -16.26
C LEU O 29 -6.81 -4.78 -16.92
N PHE O 30 -6.44 -3.75 -17.70
CA PHE O 30 -5.12 -3.65 -18.31
C PHE O 30 -4.00 -3.65 -17.27
N VAL O 31 -4.00 -2.69 -16.34
CA VAL O 31 -2.89 -2.50 -15.40
C VAL O 31 -2.75 -3.69 -14.44
N THR O 32 -3.86 -4.27 -13.98
CA THR O 32 -3.79 -5.45 -13.12
C THR O 32 -3.18 -6.65 -13.84
N GLN O 33 -3.41 -6.78 -15.15
CA GLN O 33 -2.75 -7.81 -15.94
C GLN O 33 -1.26 -7.53 -16.18
N LYS O 34 -0.88 -6.26 -16.37
CA LYS O 34 0.52 -5.85 -16.38
C LYS O 34 1.21 -6.20 -15.05
N ALA O 35 0.50 -6.00 -13.93
CA ALA O 35 0.97 -6.41 -12.60
C ALA O 35 1.13 -7.93 -12.51
N LYS O 36 0.13 -8.72 -12.94
CA LYS O 36 0.20 -10.18 -12.97
C LYS O 36 1.47 -10.65 -13.71
N THR O 37 1.67 -10.14 -14.93
CA THR O 37 2.82 -10.46 -15.78
C THR O 37 4.13 -10.08 -15.08
N THR O 38 4.19 -8.88 -14.49
CA THR O 38 5.36 -8.38 -13.78
C THR O 38 5.70 -9.27 -12.59
N ILE O 39 4.72 -9.64 -11.78
CA ILE O 39 4.90 -10.53 -10.63
C ILE O 39 5.50 -11.86 -11.08
N ASN O 40 4.98 -12.45 -12.16
CA ASN O 40 5.53 -13.66 -12.76
C ASN O 40 7.00 -13.48 -13.15
N LYS O 41 7.33 -12.42 -13.91
CA LYS O 41 8.70 -12.15 -14.35
C LYS O 41 9.64 -11.87 -13.17
N GLY O 42 9.14 -11.28 -12.09
CA GLY O 42 9.90 -11.06 -10.86
C GLY O 42 10.28 -12.37 -10.17
N GLU O 43 9.32 -13.30 -10.06
CA GLU O 43 9.61 -14.63 -9.54
C GLU O 43 10.59 -15.37 -10.44
N GLU O 44 10.35 -15.39 -11.76
CA GLU O 44 11.27 -16.02 -12.71
C GLU O 44 12.68 -15.46 -12.59
N THR O 45 12.82 -14.14 -12.39
CA THR O 45 14.11 -13.48 -12.21
C THR O 45 14.80 -13.91 -10.91
N ALA O 46 14.03 -14.17 -9.85
CA ALA O 46 14.56 -14.63 -8.57
C ALA O 46 14.91 -16.12 -8.60
N SER O 47 14.16 -16.94 -9.36
CA SER O 47 14.35 -18.39 -9.39
C SER O 47 15.42 -18.82 -10.41
N THR O 48 15.38 -18.29 -11.64
CA THR O 48 16.30 -18.70 -12.69
C THR O 48 17.73 -18.24 -12.41
N ALA O 49 18.67 -19.19 -12.42
CA ALA O 49 20.10 -18.95 -12.25
C ALA O 49 20.88 -20.19 -12.67
N LEU O 50 22.18 -20.03 -12.99
CA LEU O 50 23.07 -21.14 -13.30
C LEU O 50 24.11 -21.28 -12.19
N SER O 51 24.49 -22.52 -11.88
CA SER O 51 25.60 -22.83 -10.99
C SER O 51 26.72 -23.46 -11.81
N LEU O 52 27.98 -23.15 -11.46
CA LEU O 52 29.10 -23.94 -11.94
C LEU O 52 29.05 -25.32 -11.27
N SER O 53 28.89 -26.38 -12.07
CA SER O 53 28.66 -27.73 -11.57
C SER O 53 29.69 -28.73 -12.08
N GLY O 54 30.93 -28.24 -12.23
CA GLY O 54 32.11 -29.05 -12.50
C GLY O 54 33.36 -28.21 -12.26
N ASN O 55 34.53 -28.81 -12.42
CA ASN O 55 35.76 -28.04 -12.41
C ASN O 55 35.91 -27.27 -13.73
N VAL O 56 36.71 -26.19 -13.69
CA VAL O 56 37.08 -25.44 -14.89
C VAL O 56 38.42 -25.98 -15.38
N LEU O 57 38.41 -26.48 -16.62
CA LEU O 57 39.57 -27.09 -17.24
C LEU O 57 40.15 -26.12 -18.27
N TYR O 58 41.48 -26.01 -18.30
CA TYR O 58 42.17 -25.10 -19.21
C TYR O 58 43.24 -25.87 -19.97
N ALA O 59 43.30 -25.71 -21.31
CA ALA O 59 44.21 -26.44 -22.18
C ALA O 59 45.18 -25.49 -22.89
N VAL O 60 46.45 -25.92 -22.98
CA VAL O 60 47.56 -25.12 -23.52
C VAL O 60 48.54 -26.04 -24.24
N ASN O 61 49.48 -25.47 -25.01
CA ASN O 61 50.52 -26.22 -25.72
C ASN O 61 51.64 -26.71 -24.77
N TYR O 62 51.24 -27.44 -23.74
CA TYR O 62 52.13 -27.97 -22.71
C TYR O 62 53.16 -28.93 -23.32
N PRO O 63 54.42 -28.97 -22.84
CA PRO O 63 54.93 -28.15 -21.74
C PRO O 63 55.39 -26.74 -22.11
N THR O 64 55.42 -26.42 -23.42
CA THR O 64 56.04 -25.19 -23.92
C THR O 64 55.32 -23.92 -23.44
N ASN O 65 54.01 -24.00 -23.22
CA ASN O 65 53.17 -22.94 -22.63
C ASN O 65 53.26 -21.59 -23.37
N THR O 66 53.56 -21.60 -24.67
CA THR O 66 53.57 -20.38 -25.47
C THR O 66 52.18 -20.03 -26.01
N LYS O 67 51.22 -20.97 -26.02
CA LYS O 67 49.95 -20.80 -26.71
C LYS O 67 48.78 -21.48 -26.00
N SER O 68 47.60 -20.86 -26.09
CA SER O 68 46.41 -21.21 -25.31
C SER O 68 45.32 -21.79 -26.22
N TYR O 69 44.69 -22.91 -25.82
CA TYR O 69 43.84 -23.68 -26.73
C TYR O 69 42.34 -23.51 -26.42
N TRP O 70 41.92 -23.95 -25.23
CA TRP O 70 40.52 -23.88 -24.85
C TRP O 70 40.31 -23.89 -23.34
N MET O 71 39.11 -23.47 -22.91
CA MET O 71 38.62 -23.70 -21.55
C MET O 71 37.31 -24.46 -21.65
N TYR O 72 37.10 -25.38 -20.71
CA TYR O 72 35.88 -26.17 -20.63
C TYR O 72 35.37 -26.10 -19.19
N PHE O 73 34.05 -25.97 -19.01
CA PHE O 73 33.43 -26.08 -17.69
C PHE O 73 31.97 -26.50 -17.85
N THR O 74 31.35 -26.90 -16.74
CA THR O 74 30.01 -27.45 -16.78
C THR O 74 29.08 -26.58 -15.94
N VAL O 75 27.86 -26.32 -16.43
CA VAL O 75 26.88 -25.52 -15.69
C VAL O 75 25.54 -26.26 -15.62
N SER O 76 24.73 -25.93 -14.61
CA SER O 76 23.39 -26.49 -14.47
C SER O 76 22.51 -25.46 -13.77
N PRO O 77 21.18 -25.42 -14.02
CA PRO O 77 20.29 -24.54 -13.26
C PRO O 77 20.40 -24.76 -11.76
N SER O 78 20.48 -23.66 -11.01
CA SER O 78 20.78 -23.65 -9.57
C SER O 78 19.70 -24.33 -8.75
N SER O 79 20.10 -25.24 -7.85
CA SER O 79 19.23 -25.82 -6.83
C SER O 79 17.98 -26.50 -7.40
N GLY O 80 18.00 -26.86 -8.69
CA GLY O 80 16.92 -27.56 -9.37
C GLY O 80 15.58 -26.81 -9.44
N VAL O 81 15.58 -25.47 -9.37
CA VAL O 81 14.32 -24.74 -9.17
C VAL O 81 13.54 -24.49 -10.48
N SER O 82 14.24 -24.10 -11.56
CA SER O 82 13.60 -23.72 -12.81
C SER O 82 14.56 -23.81 -14.01
N SER O 83 14.02 -23.79 -15.24
CA SER O 83 14.77 -23.92 -16.49
C SER O 83 15.43 -22.60 -16.92
N VAL O 84 16.51 -22.68 -17.72
CA VAL O 84 17.24 -21.52 -18.21
C VAL O 84 17.34 -21.55 -19.74
N ASP O 85 16.92 -20.48 -20.42
CA ASP O 85 17.14 -20.30 -21.85
C ASP O 85 18.63 -20.03 -22.09
N LEU O 86 19.29 -20.89 -22.90
CA LEU O 86 20.68 -20.71 -23.28
C LEU O 86 20.85 -20.47 -24.78
N SER O 87 19.84 -19.95 -25.48
CA SER O 87 20.00 -19.70 -26.91
C SER O 87 21.09 -18.67 -27.17
N PRO O 88 22.04 -18.89 -28.12
CA PRO O 88 23.15 -17.96 -28.34
C PRO O 88 22.75 -16.62 -28.96
N SER O 89 21.50 -16.48 -29.43
CA SER O 89 20.96 -15.19 -29.84
C SER O 89 20.58 -14.33 -28.64
N THR O 90 20.02 -14.93 -27.58
CA THR O 90 19.52 -14.21 -26.41
C THR O 90 20.58 -14.06 -25.33
N THR O 91 21.38 -15.11 -25.10
CA THR O 91 22.37 -15.18 -24.04
C THR O 91 23.70 -14.57 -24.49
N ALA O 92 24.45 -13.94 -23.56
CA ALA O 92 25.84 -13.56 -23.81
C ALA O 92 26.78 -14.38 -22.91
N ILE O 93 27.97 -14.71 -23.42
CA ILE O 93 29.06 -15.13 -22.55
C ILE O 93 30.20 -14.14 -22.75
N SER O 94 30.57 -13.41 -21.70
CA SER O 94 31.72 -12.51 -21.74
C SER O 94 32.97 -13.22 -21.23
N PHE O 95 34.14 -12.73 -21.66
CA PHE O 95 35.42 -13.26 -21.22
C PHE O 95 36.37 -12.09 -20.98
N THR O 96 36.95 -11.97 -19.78
CA THR O 96 37.93 -10.91 -19.52
C THR O 96 39.15 -11.46 -18.80
N ALA O 97 40.35 -11.13 -19.30
CA ALA O 97 41.60 -11.30 -18.59
C ALA O 97 42.16 -9.89 -18.34
N ALA O 98 41.72 -9.28 -17.24
CA ALA O 98 41.81 -7.84 -17.00
C ALA O 98 43.26 -7.35 -17.00
N SER O 99 44.17 -8.15 -16.42
CA SER O 99 45.60 -7.85 -16.30
C SER O 99 46.22 -7.48 -17.65
N ARG O 100 45.90 -8.26 -18.69
CA ARG O 100 46.41 -8.08 -20.04
C ARG O 100 45.48 -7.25 -20.94
N GLY O 101 44.41 -6.68 -20.37
CA GLY O 101 43.50 -5.80 -21.10
C GLY O 101 42.56 -6.50 -22.10
N VAL O 102 42.50 -7.84 -22.05
CA VAL O 102 41.57 -8.61 -22.88
C VAL O 102 40.18 -8.53 -22.27
N SER O 103 39.20 -8.08 -23.08
CA SER O 103 37.82 -7.99 -22.65
C SER O 103 36.90 -8.20 -23.84
N LEU O 104 36.19 -9.33 -23.85
CA LEU O 104 35.27 -9.70 -24.91
C LEU O 104 33.87 -9.69 -24.32
N SER O 105 32.99 -8.84 -24.86
CA SER O 105 31.67 -8.64 -24.27
C SER O 105 30.71 -9.79 -24.60
N ASN O 106 30.87 -10.43 -25.77
CA ASN O 106 30.10 -11.62 -26.08
C ASN O 106 30.83 -12.53 -27.06
N ILE O 107 31.17 -13.74 -26.60
CA ILE O 107 31.85 -14.75 -27.39
C ILE O 107 30.92 -15.93 -27.71
N TYR O 108 29.69 -15.95 -27.20
CA TYR O 108 28.81 -17.11 -27.35
C TYR O 108 28.16 -17.13 -28.73
N GLN O 109 28.35 -18.21 -29.49
CA GLN O 109 27.91 -18.24 -30.89
C GLN O 109 26.98 -19.41 -31.22
N PHE O 110 27.21 -20.59 -30.62
CA PHE O 110 26.56 -21.81 -31.08
C PHE O 110 26.13 -22.71 -29.93
N SER O 111 25.11 -23.55 -30.17
CA SER O 111 24.73 -24.55 -29.19
C SER O 111 24.33 -25.86 -29.87
N LEU O 112 24.80 -26.98 -29.32
CA LEU O 112 24.34 -28.30 -29.73
C LEU O 112 23.04 -28.68 -29.02
N LEU O 113 22.51 -27.85 -28.11
CA LEU O 113 21.19 -28.06 -27.54
C LEU O 113 20.10 -27.97 -28.62
N SER O 114 20.33 -27.19 -29.68
CA SER O 114 19.48 -27.06 -30.86
C SER O 114 19.47 -28.33 -31.75
N VAL O 115 20.43 -29.24 -31.56
CA VAL O 115 20.78 -30.25 -32.55
C VAL O 115 20.27 -31.63 -32.13
N LEU O 116 19.47 -32.27 -33.00
CA LEU O 116 19.00 -33.63 -32.78
C LEU O 116 20.11 -34.63 -33.11
N PRO O 117 20.20 -35.81 -32.44
CA PRO O 117 21.22 -36.82 -32.74
C PRO O 117 21.30 -37.20 -34.21
N SER O 118 20.14 -37.33 -34.88
CA SER O 118 20.06 -37.66 -36.30
C SER O 118 20.72 -36.63 -37.23
N GLN O 119 20.99 -35.41 -36.73
CA GLN O 119 21.66 -34.37 -37.49
C GLN O 119 23.19 -34.52 -37.46
N VAL O 120 23.74 -35.34 -36.56
CA VAL O 120 25.19 -35.45 -36.36
C VAL O 120 25.71 -36.89 -36.42
N ASN O 121 24.95 -37.86 -35.89
CA ASN O 121 25.35 -39.26 -35.95
C ASN O 121 25.37 -39.77 -37.39
N ASN O 122 26.37 -40.59 -37.72
CA ASN O 122 26.58 -41.15 -39.05
C ASN O 122 26.82 -40.10 -40.14
N LYS O 123 27.21 -38.86 -39.77
CA LYS O 123 27.39 -37.77 -40.74
C LYS O 123 28.83 -37.23 -40.82
N VAL O 124 29.69 -37.68 -39.89
CA VAL O 124 31.14 -37.62 -40.05
C VAL O 124 31.72 -39.04 -39.96
N GLN O 125 32.80 -39.28 -40.72
CA GLN O 125 33.29 -40.63 -40.93
C GLN O 125 34.82 -40.63 -41.11
N VAL O 126 35.45 -41.76 -40.73
CA VAL O 126 36.90 -41.92 -40.83
C VAL O 126 37.22 -42.98 -41.89
N LYS O 127 38.13 -42.64 -42.82
CA LYS O 127 38.69 -43.61 -43.76
C LYS O 127 39.95 -44.24 -43.15
N LEU O 128 39.80 -45.43 -42.53
CA LEU O 128 40.93 -46.24 -42.09
C LEU O 128 41.31 -47.22 -43.20
N GLY O 129 42.27 -46.81 -44.06
CA GLY O 129 42.60 -47.56 -45.26
C GLY O 129 41.40 -47.70 -46.20
N THR O 130 41.05 -48.95 -46.55
CA THR O 130 39.88 -49.28 -47.36
C THR O 130 38.57 -49.03 -46.59
N SER O 131 38.57 -49.30 -45.29
CA SER O 131 37.36 -49.26 -44.46
C SER O 131 36.92 -47.82 -44.16
N ILE O 132 35.60 -47.58 -44.13
CA ILE O 132 35.04 -46.28 -43.76
C ILE O 132 34.07 -46.46 -42.59
N ILE O 133 34.35 -45.77 -41.47
CA ILE O 133 33.59 -45.94 -40.24
C ILE O 133 32.78 -44.67 -39.94
N ASN O 134 31.45 -44.83 -39.82
CA ASN O 134 30.53 -43.80 -39.38
C ASN O 134 30.67 -43.57 -37.88
N LEU O 135 30.85 -42.30 -37.46
CA LEU O 135 30.94 -41.98 -36.03
C LEU O 135 29.56 -41.74 -35.41
N THR O 136 29.40 -42.19 -34.16
CA THR O 136 28.29 -41.80 -33.30
C THR O 136 28.84 -40.80 -32.28
N LEU O 137 28.23 -39.60 -32.22
CA LEU O 137 28.76 -38.48 -31.46
C LEU O 137 27.79 -38.06 -30.35
N ALA O 138 26.50 -37.92 -30.69
CA ALA O 138 25.45 -37.71 -29.71
C ALA O 138 24.98 -39.07 -29.19
N PHE O 139 25.25 -39.36 -27.92
CA PHE O 139 24.70 -40.54 -27.26
C PHE O 139 23.29 -40.23 -26.76
N SER O 140 22.50 -41.28 -26.54
CA SER O 140 21.11 -41.11 -26.13
C SER O 140 20.61 -42.28 -25.28
N SER O 141 19.64 -42.01 -24.40
CA SER O 141 18.98 -43.01 -23.57
C SER O 141 17.53 -42.59 -23.27
N ASN O 142 16.69 -43.55 -22.85
CA ASN O 142 15.27 -43.28 -22.64
C ASN O 142 14.89 -43.35 -21.16
N SER O 143 14.07 -42.41 -20.70
CA SER O 143 13.33 -42.55 -19.44
C SER O 143 11.94 -41.92 -19.58
N ALA O 144 10.90 -42.59 -19.08
CA ALA O 144 9.52 -42.10 -19.09
C ALA O 144 9.07 -41.59 -20.48
N GLY O 145 9.54 -42.25 -21.55
CA GLY O 145 9.15 -41.91 -22.91
C GLY O 145 9.85 -40.68 -23.50
N GLN O 146 10.77 -40.07 -22.75
CA GLN O 146 11.63 -38.99 -23.25
C GLN O 146 12.98 -39.57 -23.69
N THR O 147 13.52 -39.07 -24.81
CA THR O 147 14.90 -39.36 -25.19
C THR O 147 15.82 -38.27 -24.66
N TYR O 148 16.75 -38.67 -23.80
CA TYR O 148 17.82 -37.81 -23.30
C TYR O 148 18.97 -37.84 -24.32
N VAL O 149 19.65 -36.70 -24.47
CA VAL O 149 20.73 -36.57 -25.45
C VAL O 149 21.93 -35.94 -24.75
N TYR O 150 23.14 -36.45 -25.05
CA TYR O 150 24.35 -35.86 -24.50
C TYR O 150 25.57 -36.21 -25.35
N TYR O 151 26.66 -35.47 -25.15
CA TYR O 151 27.95 -35.78 -25.74
C TYR O 151 28.87 -36.26 -24.62
N SER O 152 29.50 -37.41 -24.83
CA SER O 152 30.27 -38.06 -23.77
C SER O 152 31.55 -37.29 -23.43
N ASP O 153 32.11 -36.56 -24.42
CA ASP O 153 33.31 -35.76 -24.19
C ASP O 153 33.32 -34.50 -25.06
N PRO O 154 34.20 -33.50 -24.77
CA PRO O 154 34.36 -32.34 -25.64
C PRO O 154 34.83 -32.67 -27.06
N ASN O 155 35.51 -33.80 -27.27
CA ASN O 155 35.98 -34.17 -28.61
C ASN O 155 34.83 -34.51 -29.55
N TYR O 156 33.88 -35.35 -29.10
CA TYR O 156 32.70 -35.65 -29.89
C TYR O 156 31.81 -34.42 -30.05
N ALA O 157 31.75 -33.55 -29.03
CA ALA O 157 31.07 -32.27 -29.13
C ALA O 157 31.71 -31.38 -30.22
N LEU O 158 33.04 -31.29 -30.26
CA LEU O 158 33.75 -30.52 -31.27
C LEU O 158 33.48 -31.04 -32.68
N LEU O 159 33.52 -32.36 -32.89
CA LEU O 159 33.24 -32.94 -34.19
C LEU O 159 31.79 -32.69 -34.62
N ALA O 160 30.83 -32.85 -33.71
CA ALA O 160 29.43 -32.55 -33.94
C ALA O 160 29.22 -31.07 -34.30
N LEU O 161 29.97 -30.15 -33.67
CA LEU O 161 29.94 -28.75 -33.99
C LEU O 161 30.58 -28.47 -35.37
N ASN O 162 31.76 -29.01 -35.67
CA ASN O 162 32.36 -28.87 -36.99
C ASN O 162 31.38 -29.26 -38.09
N TYR O 163 30.72 -30.41 -37.93
CA TYR O 163 29.71 -30.85 -38.88
C TYR O 163 28.56 -29.84 -38.96
N THR O 164 27.95 -29.50 -37.82
CA THR O 164 26.81 -28.61 -37.76
C THR O 164 27.10 -27.26 -38.41
N LEU O 165 28.24 -26.63 -38.12
CA LEU O 165 28.59 -25.34 -38.67
C LEU O 165 28.95 -25.42 -40.16
N GLY O 166 29.67 -26.45 -40.58
CA GLY O 166 29.92 -26.68 -42.00
C GLY O 166 28.62 -26.87 -42.79
N GLN O 167 27.66 -27.58 -42.20
CA GLN O 167 26.34 -27.79 -42.77
C GLN O 167 25.52 -26.51 -42.83
N GLU O 168 25.63 -25.62 -41.83
CA GLU O 168 25.00 -24.31 -41.83
C GLU O 168 25.63 -23.35 -42.86
N VAL O 169 26.95 -23.41 -43.07
CA VAL O 169 27.61 -22.68 -44.16
C VAL O 169 27.12 -23.19 -45.52
N LYS O 170 27.07 -24.52 -45.69
CA LYS O 170 26.59 -25.17 -46.90
C LYS O 170 25.13 -24.80 -47.19
N GLY O 171 24.31 -24.69 -46.14
CA GLY O 171 22.93 -24.22 -46.24
C GLY O 171 22.75 -22.70 -46.35
N GLY O 172 23.83 -21.92 -46.36
CA GLY O 172 23.81 -20.47 -46.48
C GLY O 172 23.28 -19.72 -45.25
N GLN O 173 23.08 -20.43 -44.12
CA GLN O 173 22.56 -19.84 -42.89
C GLN O 173 23.64 -19.09 -42.10
N LEU O 174 24.92 -19.39 -42.37
CA LEU O 174 26.09 -18.84 -41.70
C LEU O 174 27.14 -18.47 -42.76
N THR O 175 27.84 -17.34 -42.59
CA THR O 175 28.75 -16.84 -43.63
C THR O 175 30.03 -17.66 -43.71
N SER O 176 30.65 -17.90 -42.54
CA SER O 176 31.81 -18.79 -42.36
C SER O 176 31.73 -19.47 -41.00
N SER O 177 32.16 -20.74 -40.92
CA SER O 177 32.39 -21.38 -39.64
C SER O 177 33.70 -20.86 -39.04
N PRO O 178 33.75 -20.44 -37.76
CA PRO O 178 35.00 -20.09 -37.12
C PRO O 178 35.84 -21.32 -36.73
N LEU O 179 35.22 -22.51 -36.77
CA LEU O 179 35.87 -23.78 -36.45
C LEU O 179 35.99 -24.62 -37.72
N TYR O 180 37.18 -25.19 -37.96
CA TYR O 180 37.38 -26.15 -39.02
C TYR O 180 38.22 -27.32 -38.50
N ILE O 181 37.73 -28.56 -38.64
CA ILE O 181 38.40 -29.73 -38.09
C ILE O 181 38.75 -30.72 -39.20
N ILE O 182 40.02 -31.14 -39.26
CA ILE O 182 40.55 -32.07 -40.27
C ILE O 182 41.47 -33.09 -39.61
N SER O 183 41.52 -34.31 -40.17
CA SER O 183 42.51 -35.32 -39.79
C SER O 183 43.76 -35.21 -40.66
N ASN O 184 43.54 -34.88 -41.94
CA ASN O 184 44.57 -34.71 -42.94
C ASN O 184 45.15 -33.29 -42.85
N THR O 185 46.43 -33.19 -42.46
CA THR O 185 47.10 -31.89 -42.46
C THR O 185 47.62 -31.45 -43.83
N SER O 186 47.72 -32.37 -44.80
CA SER O 186 48.20 -32.07 -46.16
C SER O 186 47.37 -30.98 -46.84
N ILE O 187 46.08 -30.91 -46.48
CA ILE O 187 45.10 -29.95 -46.99
C ILE O 187 45.50 -28.50 -46.74
N VAL O 188 46.21 -28.23 -45.64
CA VAL O 188 46.49 -26.88 -45.12
C VAL O 188 47.25 -26.02 -46.12
N ALA O 189 48.16 -26.60 -46.90
CA ALA O 189 48.91 -25.88 -47.93
C ALA O 189 48.01 -25.23 -48.99
N SER O 190 46.85 -25.84 -49.27
CA SER O 190 45.88 -25.35 -50.24
C SER O 190 44.90 -24.32 -49.66
N LYS O 191 44.97 -24.07 -48.34
CA LYS O 191 44.02 -23.24 -47.60
C LYS O 191 44.77 -22.28 -46.67
N PRO O 192 45.46 -21.26 -47.23
CA PRO O 192 46.44 -20.47 -46.48
C PRO O 192 45.88 -19.67 -45.31
N TRP O 193 44.58 -19.41 -45.27
CA TRP O 193 43.93 -18.79 -44.11
C TRP O 193 44.05 -19.65 -42.84
N LEU O 194 44.17 -20.98 -42.99
CA LEU O 194 44.39 -21.88 -41.86
C LEU O 194 45.82 -21.82 -41.31
N LYS O 195 46.76 -21.17 -42.01
CA LYS O 195 48.16 -21.10 -41.58
C LYS O 195 48.33 -20.27 -40.31
N ASN O 196 47.55 -19.19 -40.19
CA ASN O 196 47.81 -18.14 -39.20
C ASN O 196 46.83 -18.18 -38.01
N ASP O 197 45.62 -18.75 -38.18
CA ASP O 197 44.68 -18.87 -37.08
C ASP O 197 45.09 -19.96 -36.07
N ASN O 198 44.40 -20.02 -34.92
CA ASN O 198 44.86 -20.84 -33.81
C ASN O 198 44.54 -22.32 -34.04
N VAL O 199 45.48 -23.22 -33.71
CA VAL O 199 45.30 -24.65 -33.94
C VAL O 199 45.65 -25.47 -32.69
N PHE O 200 44.79 -26.43 -32.37
CA PHE O 200 45.06 -27.45 -31.36
C PHE O 200 44.64 -28.82 -31.87
N THR O 201 45.11 -29.89 -31.22
CA THR O 201 44.80 -31.24 -31.68
C THR O 201 44.18 -32.07 -30.57
N PHE O 202 43.38 -33.07 -30.97
CA PHE O 202 42.82 -34.03 -30.05
C PHE O 202 42.69 -35.39 -30.75
N ASN O 203 42.75 -36.46 -29.96
CA ASN O 203 42.64 -37.81 -30.51
C ASN O 203 41.31 -38.42 -30.09
N ILE O 204 40.68 -39.17 -31.01
CA ILE O 204 39.61 -40.09 -30.69
C ILE O 204 40.03 -41.50 -31.14
N SER O 205 39.38 -42.55 -30.63
CA SER O 205 39.67 -43.91 -31.07
C SER O 205 38.54 -44.47 -31.95
N VAL O 206 38.91 -45.01 -33.11
CA VAL O 206 37.98 -45.56 -34.08
C VAL O 206 38.53 -46.90 -34.55
N ASN O 207 37.72 -47.97 -34.51
CA ASN O 207 38.22 -49.33 -34.74
C ASN O 207 39.50 -49.58 -33.94
N GLY O 208 39.48 -49.18 -32.66
CA GLY O 208 40.61 -49.29 -31.73
C GLY O 208 41.90 -48.56 -32.16
N THR O 209 41.82 -47.71 -33.19
CA THR O 209 42.95 -46.97 -33.75
C THR O 209 42.83 -45.49 -33.35
N GLU O 210 43.92 -44.89 -32.88
CA GLU O 210 43.94 -43.46 -32.57
C GLU O 210 43.90 -42.62 -33.85
N VAL O 211 42.90 -41.73 -33.95
CA VAL O 211 42.78 -40.77 -35.03
C VAL O 211 43.02 -39.39 -34.45
N GLU O 212 44.06 -38.69 -34.92
CA GLU O 212 44.29 -37.32 -34.50
C GLU O 212 43.52 -36.34 -35.40
N TYR O 213 42.79 -35.43 -34.77
CA TYR O 213 42.14 -34.31 -35.44
C TYR O 213 42.80 -33.00 -35.05
N TYR O 214 42.94 -32.12 -36.04
CA TYR O 214 43.47 -30.78 -35.92
C TYR O 214 42.30 -29.82 -36.03
N ALA O 215 42.10 -29.00 -34.99
CA ALA O 215 41.03 -28.02 -34.92
C ALA O 215 41.59 -26.63 -35.13
N TYR O 216 41.13 -25.95 -36.19
CA TYR O 216 41.54 -24.60 -36.56
C TYR O 216 40.45 -23.63 -36.13
N VAL O 217 40.84 -22.60 -35.37
CA VAL O 217 39.92 -21.67 -34.73
C VAL O 217 40.23 -20.22 -35.16
N ASN O 218 39.26 -19.62 -35.83
CA ASN O 218 39.35 -18.34 -36.54
C ASN O 218 39.36 -17.14 -35.56
N LYS O 219 38.59 -17.27 -34.46
CA LYS O 219 38.35 -16.21 -33.47
C LYS O 219 37.96 -16.85 -32.14
N THR O 220 38.11 -16.13 -31.02
CA THR O 220 37.67 -16.69 -29.74
C THR O 220 36.14 -16.80 -29.71
N PHE O 221 35.62 -18.00 -29.46
CA PHE O 221 34.18 -18.22 -29.39
C PHE O 221 33.85 -19.27 -28.34
N ALA O 222 32.59 -19.26 -27.88
CA ALA O 222 32.08 -20.25 -26.95
C ALA O 222 30.90 -21.00 -27.57
N PHE O 223 30.77 -22.27 -27.22
CA PHE O 223 29.57 -23.03 -27.53
C PHE O 223 29.14 -23.86 -26.32
N THR O 224 27.87 -24.29 -26.34
CA THR O 224 27.34 -25.14 -25.28
C THR O 224 26.83 -26.45 -25.87
N TYR O 225 26.83 -27.50 -25.04
CA TYR O 225 26.31 -28.80 -25.45
C TYR O 225 25.77 -29.57 -24.25
N PRO O 226 24.81 -30.51 -24.45
CA PRO O 226 24.24 -31.24 -23.32
C PRO O 226 25.17 -32.34 -22.80
N VAL O 227 25.20 -32.49 -21.47
CA VAL O 227 26.05 -33.46 -20.79
C VAL O 227 25.22 -34.52 -20.04
N SER O 228 24.11 -34.12 -19.39
CA SER O 228 23.13 -35.06 -18.86
C SER O 228 21.80 -34.36 -18.59
N GLY O 229 20.73 -35.14 -18.37
CA GLY O 229 19.45 -34.61 -17.92
C GLY O 229 18.78 -33.68 -18.93
N PHE O 230 19.18 -33.77 -20.21
CA PHE O 230 18.67 -32.91 -21.26
C PHE O 230 17.78 -33.70 -22.23
N PRO O 231 16.44 -33.74 -22.03
CA PRO O 231 15.52 -34.32 -23.00
C PRO O 231 15.02 -33.34 -24.06
N LEU O 232 15.28 -32.04 -23.89
CA LEU O 232 14.67 -30.99 -24.71
C LEU O 232 15.47 -30.70 -25.99
N ALA O 233 16.00 -31.74 -26.66
CA ALA O 233 16.79 -31.58 -27.88
C ALA O 233 16.00 -30.82 -28.96
N GLY O 234 16.63 -29.78 -29.51
CA GLY O 234 16.01 -28.84 -30.43
C GLY O 234 15.75 -27.45 -29.83
N SER O 235 15.78 -27.29 -28.49
CA SER O 235 15.17 -26.13 -27.83
C SER O 235 16.11 -24.99 -27.43
N ASP O 236 17.39 -25.27 -27.15
CA ASP O 236 18.30 -24.37 -26.42
C ASP O 236 17.91 -24.10 -24.96
N ILE O 237 16.99 -24.86 -24.36
CA ILE O 237 16.61 -24.63 -22.97
C ILE O 237 17.26 -25.71 -22.09
N ALA O 238 17.98 -25.29 -21.04
CA ALA O 238 18.48 -26.21 -20.03
C ALA O 238 17.40 -26.38 -18.95
N PRO O 239 16.73 -27.56 -18.84
CA PRO O 239 15.72 -27.75 -17.79
C PRO O 239 16.38 -27.96 -16.43
N ALA O 240 15.62 -27.77 -15.36
CA ALA O 240 16.12 -28.01 -14.01
C ALA O 240 16.57 -29.48 -13.87
N GLY O 241 17.79 -29.69 -13.34
CA GLY O 241 18.37 -31.02 -13.25
C GLY O 241 19.02 -31.53 -14.54
N SER O 242 19.27 -30.62 -15.52
CA SER O 242 20.15 -30.90 -16.65
C SER O 242 21.57 -30.40 -16.33
N VAL O 243 22.55 -30.88 -17.11
CA VAL O 243 23.94 -30.51 -16.97
C VAL O 243 24.45 -30.16 -18.37
N ILE O 244 25.04 -28.97 -18.52
CA ILE O 244 25.39 -28.40 -19.81
C ILE O 244 26.90 -28.12 -19.84
N GLY O 245 27.60 -28.66 -20.84
CA GLY O 245 28.99 -28.32 -21.05
C GLY O 245 29.10 -26.97 -21.77
N VAL O 246 30.01 -26.12 -21.29
CA VAL O 246 30.35 -24.85 -21.91
C VAL O 246 31.82 -24.93 -22.32
N MET O 247 32.12 -24.65 -23.58
CA MET O 247 33.49 -24.71 -24.03
C MET O 247 33.85 -23.44 -24.79
N ILE O 248 35.00 -22.86 -24.44
CA ILE O 248 35.55 -21.67 -25.05
C ILE O 248 36.79 -22.09 -25.83
N LEU O 249 36.81 -21.83 -27.14
CA LEU O 249 38.00 -22.08 -27.95
C LEU O 249 38.64 -20.74 -28.27
N PHE O 250 39.95 -20.61 -28.01
CA PHE O 250 40.63 -19.34 -28.23
C PHE O 250 41.05 -19.16 -29.69
N GLY O 251 40.84 -17.95 -30.22
CA GLY O 251 41.35 -17.56 -31.53
C GLY O 251 42.78 -17.05 -31.46
N PRO O 252 43.41 -16.67 -32.59
CA PRO O 252 44.83 -16.29 -32.62
C PRO O 252 45.15 -15.02 -31.81
N GLY O 253 44.15 -14.17 -31.55
CA GLY O 253 44.29 -13.03 -30.65
C GLY O 253 44.54 -13.46 -29.20
N GLU O 254 43.52 -14.04 -28.57
CA GLU O 254 43.59 -14.41 -27.15
C GLU O 254 44.53 -15.59 -26.89
N ALA O 255 44.82 -16.41 -27.90
CA ALA O 255 45.72 -17.54 -27.80
C ALA O 255 47.19 -17.15 -27.57
N THR O 256 47.57 -15.90 -27.86
CA THR O 256 48.94 -15.46 -28.18
C THR O 256 49.99 -15.81 -27.12
N ASN O 257 49.64 -15.75 -25.82
CA ASN O 257 50.42 -16.36 -24.76
C ASN O 257 49.54 -16.80 -23.60
N VAL O 258 50.02 -17.80 -22.84
CA VAL O 258 49.24 -18.50 -21.81
C VAL O 258 48.90 -17.58 -20.64
N PHE O 259 47.75 -17.83 -19.98
CA PHE O 259 47.40 -17.14 -18.74
C PHE O 259 48.29 -17.62 -17.59
N GLN O 260 49.07 -16.71 -16.98
CA GLN O 260 49.85 -17.01 -15.78
C GLN O 260 49.85 -15.80 -14.86
N TYR O 261 49.68 -16.01 -13.55
CA TYR O 261 49.72 -14.94 -12.56
C TYR O 261 48.67 -13.87 -12.91
N GLU O 262 47.49 -14.32 -13.33
CA GLU O 262 46.45 -13.48 -13.92
C GLU O 262 45.07 -13.95 -13.45
N THR O 263 44.11 -13.01 -13.38
CA THR O 263 42.73 -13.37 -13.09
C THR O 263 41.93 -13.40 -14.40
N VAL O 264 41.27 -14.54 -14.65
CA VAL O 264 40.34 -14.69 -15.77
C VAL O 264 38.92 -14.75 -15.22
N THR O 265 38.04 -13.94 -15.81
CA THR O 265 36.63 -13.89 -15.46
C THR O 265 35.79 -14.24 -16.69
N ILE O 266 34.84 -15.16 -16.50
CA ILE O 266 33.84 -15.52 -17.51
C ILE O 266 32.48 -15.17 -16.92
N GLN O 267 31.57 -14.61 -17.70
CA GLN O 267 30.23 -14.41 -17.20
C GLN O 267 29.21 -14.88 -18.23
N ILE O 268 28.27 -15.73 -17.80
CA ILE O 268 27.18 -16.17 -18.64
C ILE O 268 25.94 -15.39 -18.22
N THR O 269 25.33 -14.65 -19.15
CA THR O 269 24.18 -13.82 -18.85
C THR O 269 23.01 -14.21 -19.73
N PRO O 270 22.11 -15.11 -19.27
CA PRO O 270 20.88 -15.42 -20.00
C PRO O 270 19.90 -14.25 -19.94
N ASN O 271 18.85 -14.32 -20.76
CA ASN O 271 17.89 -13.23 -20.93
C ASN O 271 16.93 -13.05 -19.75
N ILE O 272 16.83 -14.05 -18.86
CA ILE O 272 16.04 -13.99 -17.63
C ILE O 272 16.89 -14.56 -16.51
N GLY O 273 16.84 -13.92 -15.33
CA GLY O 273 17.56 -14.42 -14.15
C GLY O 273 18.98 -13.87 -14.02
N SER O 274 19.58 -14.14 -12.85
CA SER O 274 20.91 -13.63 -12.53
C SER O 274 21.98 -14.27 -13.40
N PRO O 275 23.02 -13.52 -13.83
CA PRO O 275 24.14 -14.10 -14.56
C PRO O 275 25.01 -14.95 -13.64
N LEU O 276 25.73 -15.90 -14.23
CA LEU O 276 26.72 -16.68 -13.52
C LEU O 276 28.10 -16.09 -13.79
N THR O 277 28.78 -15.61 -12.75
CA THR O 277 30.11 -15.04 -12.88
C THR O 277 31.13 -16.01 -12.29
N ILE O 278 32.11 -16.38 -13.12
CA ILE O 278 33.14 -17.37 -12.82
C ILE O 278 34.48 -16.63 -12.82
N SER O 279 35.27 -16.75 -11.75
CA SER O 279 36.59 -16.10 -11.68
C SER O 279 37.66 -17.04 -11.10
N GLN O 280 38.81 -17.11 -11.77
CA GLN O 280 39.96 -17.87 -11.30
C GLN O 280 41.21 -17.00 -11.39
N TYR O 281 42.01 -16.98 -10.33
CA TYR O 281 43.41 -16.61 -10.50
C TYR O 281 44.17 -17.84 -11.01
N ILE O 282 44.87 -17.70 -12.13
CA ILE O 282 45.50 -18.82 -12.81
C ILE O 282 47.00 -18.79 -12.50
N TYR O 283 47.46 -19.82 -11.77
CA TYR O 283 48.88 -20.13 -11.69
C TYR O 283 49.34 -20.78 -13.01
N GLN O 284 50.66 -20.89 -13.18
CA GLN O 284 51.24 -21.60 -14.32
C GLN O 284 50.55 -22.95 -14.56
N PRO O 285 50.08 -23.26 -15.80
CA PRO O 285 49.37 -24.51 -16.06
C PRO O 285 50.31 -25.70 -16.07
N ASP O 286 49.86 -26.80 -15.45
CA ASP O 286 50.72 -27.89 -15.02
C ASP O 286 50.64 -29.17 -15.88
N GLY O 287 49.75 -29.19 -16.89
CA GLY O 287 49.58 -30.31 -17.80
C GLY O 287 48.89 -29.90 -19.11
N LYS O 288 48.73 -30.86 -20.05
CA LYS O 288 48.04 -30.66 -21.31
C LYS O 288 46.66 -30.05 -21.09
N VAL O 289 45.97 -30.54 -20.06
CA VAL O 289 44.84 -29.87 -19.43
C VAL O 289 45.24 -29.59 -17.98
N THR O 290 44.75 -28.48 -17.41
CA THR O 290 44.98 -28.16 -16.01
C THR O 290 43.66 -27.75 -15.35
N VAL O 291 43.45 -28.12 -14.08
CA VAL O 291 42.28 -27.71 -13.34
C VAL O 291 42.57 -26.33 -12.73
N ILE O 292 41.86 -25.29 -13.21
CA ILE O 292 42.11 -23.92 -12.76
C ILE O 292 41.11 -23.46 -11.70
N GLY O 293 39.95 -24.14 -11.60
CA GLY O 293 38.91 -23.74 -10.66
C GLY O 293 37.89 -24.84 -10.39
N LEU P 1 -31.68 27.13 -17.00
CA LEU P 1 -31.18 27.35 -15.62
C LEU P 1 -30.59 26.05 -15.08
N ALA P 2 -31.27 24.91 -15.31
CA ALA P 2 -30.84 23.67 -14.69
C ALA P 2 -29.36 23.42 -14.93
N GLY P 3 -28.83 23.84 -16.09
CA GLY P 3 -27.42 23.69 -16.45
C GLY P 3 -26.54 24.84 -15.97
N LEU P 4 -27.05 26.09 -16.02
CA LEU P 4 -26.27 27.26 -15.66
C LEU P 4 -25.74 27.13 -14.24
N ASP P 5 -26.63 26.84 -13.27
CA ASP P 5 -26.24 26.64 -11.88
C ASP P 5 -25.41 25.36 -11.76
N THR P 6 -25.77 24.33 -12.53
CA THR P 6 -25.06 23.05 -12.55
C THR P 6 -23.64 23.24 -13.10
N ALA P 7 -23.45 24.27 -13.95
CA ALA P 7 -22.16 24.60 -14.54
C ALA P 7 -21.29 25.34 -13.51
N ILE P 8 -21.91 25.97 -12.50
CA ILE P 8 -21.21 26.66 -11.43
C ILE P 8 -20.60 25.64 -10.47
N ILE P 9 -21.30 24.50 -10.26
CA ILE P 9 -20.86 23.46 -9.33
C ILE P 9 -19.78 22.58 -9.96
N LEU P 10 -19.80 22.47 -11.30
CA LEU P 10 -18.77 21.75 -12.04
C LEU P 10 -17.44 22.52 -12.03
N ILE P 11 -17.44 23.80 -12.41
CA ILE P 11 -16.25 24.67 -12.33
C ILE P 11 -15.60 24.59 -10.95
N ALA P 12 -16.39 24.79 -9.89
CA ALA P 12 -15.91 24.81 -8.52
C ALA P 12 -15.33 23.46 -8.07
N PHE P 13 -16.01 22.36 -8.40
CA PHE P 13 -15.56 21.03 -8.01
C PHE P 13 -14.30 20.61 -8.78
N ILE P 14 -14.13 21.05 -10.04
CA ILE P 14 -12.89 20.85 -10.80
C ILE P 14 -11.74 21.53 -10.06
N ILE P 15 -11.89 22.82 -9.71
CA ILE P 15 -10.88 23.58 -9.00
C ILE P 15 -10.53 22.91 -7.68
N THR P 16 -11.54 22.44 -6.95
CA THR P 16 -11.37 21.73 -5.67
C THR P 16 -10.54 20.45 -5.83
N ALA P 17 -10.83 19.64 -6.85
CA ALA P 17 -10.06 18.43 -7.15
C ALA P 17 -8.64 18.76 -7.62
N ALA P 18 -8.48 19.79 -8.46
CA ALA P 18 -7.18 20.27 -8.94
C ALA P 18 -6.29 20.72 -7.78
N VAL P 19 -6.85 21.36 -6.75
CA VAL P 19 -6.17 21.74 -5.53
C VAL P 19 -5.66 20.51 -4.75
N LEU P 20 -6.47 19.44 -4.63
CA LEU P 20 -5.97 18.21 -4.04
C LEU P 20 -4.85 17.59 -4.89
N ALA P 21 -5.04 17.55 -6.21
CA ALA P 21 -4.02 17.06 -7.14
C ALA P 21 -2.68 17.79 -6.94
N TYR P 22 -2.72 19.13 -6.91
CA TYR P 22 -1.58 20.01 -6.67
C TYR P 22 -0.86 19.63 -5.37
N VAL P 23 -1.60 19.51 -4.27
CA VAL P 23 -1.06 19.20 -2.94
C VAL P 23 -0.49 17.78 -2.88
N ALA P 24 -1.23 16.79 -3.37
CA ALA P 24 -0.84 15.38 -3.31
C ALA P 24 0.42 15.11 -4.13
N VAL P 25 0.53 15.69 -5.34
CA VAL P 25 1.71 15.53 -6.18
C VAL P 25 2.93 16.19 -5.54
N ASN P 26 2.80 17.44 -5.08
CA ASN P 26 3.88 18.14 -4.37
C ASN P 26 4.36 17.34 -3.15
N MET P 27 3.42 16.88 -2.33
CA MET P 27 3.78 16.19 -1.10
C MET P 27 4.32 14.78 -1.33
N GLY P 28 3.88 14.11 -2.41
CA GLY P 28 4.49 12.87 -2.88
C GLY P 28 5.93 13.08 -3.36
N LEU P 29 6.19 14.13 -4.15
CA LEU P 29 7.55 14.49 -4.53
C LEU P 29 8.42 14.75 -3.30
N PHE P 30 7.89 15.48 -2.31
CA PHE P 30 8.58 15.72 -1.06
C PHE P 30 8.92 14.42 -0.32
N VAL P 31 7.91 13.60 0.00
CA VAL P 31 8.11 12.42 0.85
C VAL P 31 8.98 11.37 0.16
N THR P 32 8.83 11.17 -1.16
CA THR P 32 9.67 10.24 -1.89
C THR P 32 11.13 10.67 -1.88
N GLN P 33 11.41 11.98 -1.89
CA GLN P 33 12.78 12.46 -1.74
C GLN P 33 13.32 12.31 -0.31
N LYS P 34 12.48 12.50 0.72
CA LYS P 34 12.83 12.17 2.10
C LYS P 34 13.17 10.68 2.23
N ALA P 35 12.42 9.80 1.53
CA ALA P 35 12.72 8.38 1.45
C ALA P 35 14.07 8.12 0.77
N LYS P 36 14.33 8.74 -0.40
CA LYS P 36 15.62 8.64 -1.10
C LYS P 36 16.79 8.96 -0.17
N THR P 37 16.71 10.12 0.50
CA THR P 37 17.72 10.59 1.45
C THR P 37 17.91 9.60 2.59
N THR P 38 16.80 9.12 3.17
CA THR P 38 16.80 8.17 4.26
C THR P 38 17.47 6.85 3.86
N ILE P 39 17.13 6.31 2.68
CA ILE P 39 17.73 5.09 2.16
C ILE P 39 19.25 5.25 2.04
N ASN P 40 19.71 6.38 1.50
CA ASN P 40 21.13 6.71 1.42
C ASN P 40 21.79 6.72 2.80
N LYS P 41 21.21 7.44 3.78
CA LYS P 41 21.74 7.51 5.14
C LYS P 41 21.74 6.15 5.85
N GLY P 42 20.76 5.29 5.53
CA GLY P 42 20.70 3.93 6.05
C GLY P 42 21.84 3.06 5.54
N GLU P 43 22.13 3.12 4.24
CA GLU P 43 23.29 2.45 3.67
C GLU P 43 24.58 2.99 4.26
N GLU P 44 24.76 4.32 4.31
CA GLU P 44 25.94 4.94 4.91
C GLU P 44 26.14 4.49 6.36
N THR P 45 25.05 4.35 7.13
CA THR P 45 25.09 3.89 8.51
C THR P 45 25.52 2.42 8.61
N ALA P 46 25.14 1.59 7.63
CA ALA P 46 25.53 0.19 7.59
C ALA P 46 26.97 0.00 7.09
N SER P 47 27.45 0.86 6.18
CA SER P 47 28.77 0.72 5.58
C SER P 47 29.87 1.39 6.43
N THR P 48 29.65 2.61 6.91
CA THR P 48 30.68 3.35 7.64
C THR P 48 30.93 2.73 9.03
N ALA P 49 32.21 2.41 9.31
CA ALA P 49 32.67 1.88 10.59
C ALA P 49 34.20 1.97 10.65
N LEU P 50 34.76 1.95 11.87
CA LEU P 50 36.22 1.91 12.08
C LEU P 50 36.61 0.56 12.66
N SER P 51 37.78 0.04 12.25
CA SER P 51 38.41 -1.13 12.85
C SER P 51 39.66 -0.69 13.59
N LEU P 52 39.94 -1.33 14.72
CA LEU P 52 41.26 -1.24 15.33
C LEU P 52 42.25 -1.99 14.44
N SER P 53 43.25 -1.26 13.89
CA SER P 53 44.17 -1.79 12.89
C SER P 53 45.63 -1.64 13.31
N GLY P 54 45.86 -1.82 14.61
CA GLY P 54 47.18 -1.92 15.22
C GLY P 54 47.03 -2.43 16.65
N ASN P 55 48.16 -2.64 17.33
CA ASN P 55 48.11 -2.92 18.76
C ASN P 55 47.80 -1.63 19.54
N VAL P 56 47.28 -1.80 20.77
CA VAL P 56 47.07 -0.69 21.68
C VAL P 56 48.28 -0.62 22.61
N LEU P 57 48.97 0.53 22.57
CA LEU P 57 50.19 0.77 23.33
C LEU P 57 49.87 1.67 24.51
N TYR P 58 50.43 1.36 25.68
CA TYR P 58 50.20 2.12 26.90
C TYR P 58 51.53 2.50 27.52
N ALA P 59 51.70 3.78 27.91
CA ALA P 59 52.95 4.31 28.44
C ALA P 59 52.79 4.80 29.87
N VAL P 60 53.79 4.51 30.72
CA VAL P 60 53.77 4.80 32.15
C VAL P 60 55.19 5.15 32.63
N ASN P 61 55.32 5.68 33.85
CA ASN P 61 56.62 6.01 34.45
C ASN P 61 57.37 4.78 34.93
N TYR P 62 57.59 3.82 34.02
CA TYR P 62 58.26 2.57 34.29
C TYR P 62 59.70 2.79 34.74
N PRO P 63 60.26 1.98 35.67
CA PRO P 63 59.58 0.85 36.33
C PRO P 63 58.70 1.20 37.53
N THR P 64 58.72 2.47 37.96
CA THR P 64 58.08 2.88 39.21
C THR P 64 56.56 2.72 39.21
N ASN P 65 55.93 2.86 38.02
CA ASN P 65 54.50 2.60 37.78
C ASN P 65 53.57 3.39 38.72
N THR P 66 53.98 4.56 39.21
CA THR P 66 53.13 5.42 40.01
C THR P 66 52.27 6.35 39.15
N LYS P 67 52.59 6.53 37.86
CA LYS P 67 51.96 7.56 37.03
C LYS P 67 51.81 7.13 35.56
N SER P 68 50.73 7.59 34.93
CA SER P 68 50.27 7.13 33.62
C SER P 68 50.42 8.26 32.57
N TYR P 69 50.97 7.97 31.39
CA TYR P 69 51.38 8.99 30.44
C TYR P 69 50.45 9.11 29.24
N TRP P 70 50.35 8.05 28.44
CA TRP P 70 49.52 8.06 27.23
C TRP P 70 49.12 6.67 26.77
N MET P 71 48.08 6.61 25.94
CA MET P 71 47.75 5.44 25.15
C MET P 71 47.77 5.81 23.67
N TYR P 72 48.25 4.89 22.83
CA TYR P 72 48.30 5.09 21.39
C TYR P 72 47.68 3.85 20.73
N PHE P 73 46.89 4.04 19.69
CA PHE P 73 46.40 2.94 18.86
C PHE P 73 46.07 3.44 17.47
N THR P 74 45.87 2.51 16.53
CA THR P 74 45.69 2.87 15.13
C THR P 74 44.31 2.39 14.68
N VAL P 75 43.58 3.20 13.89
CA VAL P 75 42.28 2.82 13.36
C VAL P 75 42.24 3.06 11.85
N SER P 76 41.35 2.34 11.16
CA SER P 76 41.12 2.52 9.74
C SER P 76 39.68 2.16 9.42
N PRO P 77 39.05 2.77 8.38
CA PRO P 77 37.71 2.35 7.98
C PRO P 77 37.63 0.86 7.65
N SER P 78 36.57 0.21 8.17
CA SER P 78 36.42 -1.24 8.16
C SER P 78 36.29 -1.80 6.73
N SER P 79 37.07 -2.85 6.43
CA SER P 79 36.92 -3.64 5.21
C SER P 79 37.00 -2.81 3.92
N GLY P 80 37.58 -1.60 3.98
CA GLY P 80 37.78 -0.72 2.85
C GLY P 80 36.50 -0.23 2.16
N VAL P 81 35.35 -0.19 2.85
CA VAL P 81 34.08 0.02 2.16
C VAL P 81 33.75 1.49 1.90
N SER P 82 34.00 2.38 2.88
CA SER P 82 33.61 3.79 2.78
C SER P 82 34.41 4.67 3.77
N SER P 83 34.38 6.00 3.55
CA SER P 83 35.12 6.98 4.34
C SER P 83 34.42 7.32 5.66
N VAL P 84 35.19 7.79 6.67
CA VAL P 84 34.67 8.16 7.98
C VAL P 84 35.08 9.60 8.33
N ASP P 85 34.09 10.45 8.68
CA ASP P 85 34.36 11.78 9.23
C ASP P 85 34.91 11.64 10.65
N LEU P 86 36.13 12.16 10.89
CA LEU P 86 36.76 12.16 12.21
C LEU P 86 36.95 13.58 12.76
N SER P 87 36.15 14.57 12.33
CA SER P 87 36.33 15.92 12.87
C SER P 87 36.04 15.96 14.37
N PRO P 88 36.90 16.58 15.21
CA PRO P 88 36.70 16.58 16.66
C PRO P 88 35.51 17.39 17.15
N SER P 89 34.88 18.18 16.28
CA SER P 89 33.60 18.84 16.59
C SER P 89 32.42 17.85 16.51
N THR P 90 32.44 16.93 15.53
CA THR P 90 31.34 16.01 15.27
C THR P 90 31.51 14.69 16.03
N THR P 91 32.73 14.18 16.10
CA THR P 91 33.06 12.88 16.67
C THR P 91 33.30 13.00 18.18
N ALA P 92 32.95 11.96 18.96
CA ALA P 92 33.36 11.86 20.36
C ALA P 92 34.32 10.68 20.54
N ILE P 93 35.30 10.82 21.44
CA ILE P 93 36.02 9.66 21.95
C ILE P 93 35.78 9.62 23.46
N SER P 94 35.13 8.55 23.95
CA SER P 94 34.94 8.38 25.38
C SER P 94 36.05 7.49 25.95
N PHE P 95 36.29 7.62 27.25
CA PHE P 95 37.28 6.81 27.96
C PHE P 95 36.71 6.42 29.32
N THR P 96 36.65 5.12 29.64
CA THR P 96 36.19 4.69 30.96
C THR P 96 37.11 3.62 31.54
N ALA P 97 37.52 3.82 32.80
CA ALA P 97 38.13 2.78 33.62
C ALA P 97 37.15 2.50 34.77
N ALA P 98 36.20 1.61 34.51
CA ALA P 98 34.99 1.47 35.32
C ALA P 98 35.28 1.12 36.77
N SER P 99 36.28 0.25 37.00
CA SER P 99 36.70 -0.23 38.31
C SER P 99 36.98 0.93 39.27
N ARG P 100 37.69 1.96 38.79
CA ARG P 100 38.08 3.13 39.57
C ARG P 100 37.10 4.31 39.41
N GLY P 101 35.98 4.10 38.71
CA GLY P 101 34.94 5.11 38.56
C GLY P 101 35.28 6.26 37.61
N VAL P 102 36.36 6.13 36.84
CA VAL P 102 36.74 7.11 35.82
C VAL P 102 35.85 6.92 34.59
N SER P 103 35.17 7.99 34.17
CA SER P 103 34.31 7.96 33.01
C SER P 103 34.30 9.34 32.35
N LEU P 104 34.89 9.44 31.16
CA LEU P 104 34.98 10.67 30.41
C LEU P 104 34.15 10.49 29.14
N SER P 105 33.11 11.31 28.97
CA SER P 105 32.18 11.12 27.88
C SER P 105 32.74 11.60 26.54
N ASN P 106 33.60 12.63 26.55
CA ASN P 106 34.30 13.04 25.33
C ASN P 106 35.63 13.72 25.64
N ILE P 107 36.72 13.08 25.21
CA ILE P 107 38.09 13.57 25.38
C ILE P 107 38.69 14.04 24.05
N TYR P 108 37.98 13.88 22.92
CA TYR P 108 38.56 14.17 21.61
C TYR P 108 38.54 15.67 21.32
N GLN P 109 39.72 16.26 21.05
CA GLN P 109 39.81 17.71 20.93
C GLN P 109 40.41 18.19 19.60
N PHE P 110 41.40 17.45 19.05
CA PHE P 110 42.20 17.98 17.95
C PHE P 110 42.51 16.91 16.90
N SER P 111 42.77 17.35 15.67
CA SER P 111 43.23 16.44 14.65
C SER P 111 44.27 17.09 13.75
N LEU P 112 45.34 16.35 13.44
CA LEU P 112 46.31 16.77 12.44
C LEU P 112 45.84 16.41 11.02
N LEU P 113 44.70 15.73 10.86
CA LEU P 113 44.09 15.53 9.54
C LEU P 113 43.71 16.87 8.88
N SER P 114 43.40 17.89 9.70
CA SER P 114 43.11 19.26 9.28
C SER P 114 44.36 20.00 8.77
N VAL P 115 45.56 19.49 9.04
CA VAL P 115 46.79 20.28 8.99
C VAL P 115 47.62 19.90 7.75
N LEU P 116 47.95 20.89 6.92
CA LEU P 116 48.83 20.70 5.78
C LEU P 116 50.29 20.64 6.22
N PRO P 117 51.18 19.87 5.54
CA PRO P 117 52.60 19.81 5.92
C PRO P 117 53.28 21.17 6.05
N SER P 118 52.95 22.12 5.16
CA SER P 118 53.49 23.48 5.17
C SER P 118 53.13 24.27 6.44
N GLN P 119 52.14 23.81 7.21
CA GLN P 119 51.74 24.45 8.47
C GLN P 119 52.61 24.00 9.65
N VAL P 120 53.39 22.90 9.51
CA VAL P 120 54.16 22.32 10.61
C VAL P 120 55.64 22.12 10.29
N ASN P 121 55.97 21.74 9.04
CA ASN P 121 57.36 21.57 8.64
C ASN P 121 58.10 22.92 8.66
N ASN P 122 59.37 22.89 9.11
CA ASN P 122 60.23 24.08 9.25
C ASN P 122 59.67 25.14 10.21
N LYS P 123 58.74 24.78 11.12
CA LYS P 123 58.12 25.75 12.02
C LYS P 123 58.40 25.48 13.51
N VAL P 124 59.00 24.31 13.81
CA VAL P 124 59.69 24.08 15.08
C VAL P 124 61.14 23.73 14.79
N GLN P 125 62.04 24.15 15.69
CA GLN P 125 63.48 24.11 15.43
C GLN P 125 64.27 23.86 16.72
N VAL P 126 65.45 23.24 16.59
CA VAL P 126 66.32 22.93 17.71
C VAL P 126 67.60 23.78 17.62
N LYS P 127 67.95 24.46 18.72
CA LYS P 127 69.25 25.13 18.86
C LYS P 127 70.28 24.15 19.45
N LEU P 128 71.06 23.50 18.58
CA LEU P 128 72.22 22.71 19.00
C LEU P 128 73.47 23.60 19.01
N GLY P 129 73.77 24.19 20.18
CA GLY P 129 74.82 25.20 20.28
C GLY P 129 74.55 26.41 19.39
N THR P 130 75.50 26.74 18.52
CA THR P 130 75.37 27.81 17.52
C THR P 130 74.35 27.45 16.43
N SER P 131 74.32 26.17 16.02
CA SER P 131 73.51 25.70 14.90
C SER P 131 72.01 25.66 15.24
N ILE P 132 71.15 25.99 14.26
CA ILE P 132 69.71 25.89 14.42
C ILE P 132 69.13 25.02 13.31
N ILE P 133 68.44 23.93 13.68
CA ILE P 133 67.96 22.93 12.74
C ILE P 133 66.43 22.97 12.69
N ASN P 134 65.89 23.21 11.49
CA ASN P 134 64.47 23.12 11.18
C ASN P 134 64.03 21.65 11.13
N LEU P 135 62.95 21.29 11.87
CA LEU P 135 62.43 19.93 11.85
C LEU P 135 61.43 19.73 10.72
N THR P 136 61.47 18.53 10.11
CA THR P 136 60.40 18.04 9.24
C THR P 136 59.61 16.99 10.02
N LEU P 137 58.29 17.20 10.14
CA LEU P 137 57.44 16.41 11.03
C LEU P 137 56.39 15.64 10.24
N ALA P 138 55.69 16.33 9.32
CA ALA P 138 54.80 15.69 8.37
C ALA P 138 55.61 15.22 7.17
N PHE P 139 55.73 13.89 7.00
CA PHE P 139 56.32 13.32 5.80
C PHE P 139 55.26 13.24 4.70
N SER P 140 55.71 13.15 3.44
CA SER P 140 54.78 13.16 2.31
C SER P 140 55.36 12.39 1.12
N SER P 141 54.46 11.82 0.29
CA SER P 141 54.81 11.12 -0.94
C SER P 141 53.68 11.26 -1.97
N ASN P 142 53.99 11.01 -3.26
CA ASN P 142 53.01 11.21 -4.33
C ASN P 142 52.59 9.88 -4.97
N SER P 143 51.28 9.74 -5.23
CA SER P 143 50.78 8.71 -6.16
C SER P 143 49.59 9.27 -6.95
N ALA P 144 49.55 9.02 -8.26
CA ALA P 144 48.45 9.45 -9.14
C ALA P 144 48.09 10.94 -8.98
N GLY P 145 49.10 11.79 -8.73
CA GLY P 145 48.91 13.23 -8.62
C GLY P 145 48.34 13.70 -7.28
N GLN P 146 48.12 12.79 -6.33
CA GLN P 146 47.73 13.11 -4.96
C GLN P 146 48.97 13.14 -4.07
N THR P 147 49.05 14.10 -3.14
CA THR P 147 50.06 14.07 -2.08
C THR P 147 49.48 13.39 -0.85
N TYR P 148 50.09 12.28 -0.46
CA TYR P 148 49.79 11.59 0.79
C TYR P 148 50.58 12.25 1.92
N VAL P 149 50.00 12.31 3.12
CA VAL P 149 50.63 12.96 4.27
C VAL P 149 50.55 12.01 5.46
N TYR P 150 51.63 11.93 6.24
CA TYR P 150 51.62 11.14 7.46
C TYR P 150 52.68 11.59 8.44
N TYR P 151 52.56 11.17 9.70
CA TYR P 151 53.58 11.36 10.72
C TYR P 151 54.20 10.01 11.01
N SER P 152 55.54 9.93 10.96
CA SER P 152 56.24 8.66 11.05
C SER P 152 56.15 8.06 12.46
N ASP P 153 56.01 8.90 13.49
CA ASP P 153 55.88 8.43 14.86
C ASP P 153 55.00 9.35 15.71
N PRO P 154 54.53 8.93 16.91
CA PRO P 154 53.81 9.81 17.82
C PRO P 154 54.61 11.01 18.29
N ASN P 155 55.94 10.95 18.30
CA ASN P 155 56.78 12.07 18.75
C ASN P 155 56.69 13.26 17.79
N TYR P 156 56.84 13.02 16.48
CA TYR P 156 56.67 14.08 15.50
C TYR P 156 55.23 14.56 15.43
N ALA P 157 54.25 13.66 15.65
CA ALA P 157 52.85 14.06 15.78
C ALA P 157 52.64 14.99 16.99
N LEU P 158 53.23 14.67 18.15
CA LEU P 158 53.15 15.52 19.34
C LEU P 158 53.74 16.90 19.10
N LEU P 159 54.92 16.99 18.49
CA LEU P 159 55.55 18.27 18.18
C LEU P 159 54.71 19.09 17.20
N ALA P 160 54.19 18.45 16.15
CA ALA P 160 53.28 19.08 15.19
C ALA P 160 52.00 19.60 15.86
N LEU P 161 51.48 18.87 16.86
CA LEU P 161 50.34 19.31 17.64
C LEU P 161 50.70 20.48 18.57
N ASN P 162 51.81 20.40 19.32
CA ASN P 162 52.27 21.52 20.14
C ASN P 162 52.34 22.81 19.33
N TYR P 163 52.95 22.74 18.15
CA TYR P 163 53.02 23.88 17.25
C TYR P 163 51.62 24.36 16.86
N THR P 164 50.80 23.45 16.31
CA THR P 164 49.46 23.77 15.83
C THR P 164 48.60 24.44 16.90
N LEU P 165 48.58 23.90 18.13
CA LEU P 165 47.76 24.44 19.20
C LEU P 165 48.32 25.76 19.73
N GLY P 166 49.65 25.89 19.87
CA GLY P 166 50.27 27.16 20.22
C GLY P 166 49.95 28.26 19.20
N GLN P 167 49.95 27.89 17.92
CA GLN P 167 49.60 28.78 16.82
C GLN P 167 48.11 29.16 16.82
N GLU P 168 47.21 28.23 17.20
CA GLU P 168 45.79 28.52 17.37
C GLU P 168 45.51 29.41 18.58
N VAL P 169 46.25 29.26 19.69
CA VAL P 169 46.19 30.17 20.83
C VAL P 169 46.66 31.57 20.41
N LYS P 170 47.79 31.64 19.70
CA LYS P 170 48.36 32.88 19.19
C LYS P 170 47.39 33.59 18.23
N GLY P 171 46.67 32.81 17.41
CA GLY P 171 45.62 33.32 16.53
C GLY P 171 44.26 33.58 17.21
N GLY P 172 44.16 33.37 18.52
CA GLY P 172 42.93 33.61 19.29
C GLY P 172 41.78 32.63 19.01
N GLN P 173 42.04 31.54 18.27
CA GLN P 173 41.03 30.55 17.92
C GLN P 173 40.76 29.56 19.06
N LEU P 174 41.71 29.45 20.01
CA LEU P 174 41.67 28.53 21.14
C LEU P 174 42.10 29.30 22.41
N THR P 175 41.47 29.04 23.55
CA THR P 175 41.71 29.83 24.75
C THR P 175 43.05 29.48 25.41
N SER P 176 43.32 28.18 25.57
CA SER P 176 44.59 27.63 26.02
C SER P 176 44.84 26.29 25.34
N SER P 177 46.11 25.99 25.02
CA SER P 177 46.51 24.66 24.62
C SER P 177 46.58 23.77 25.87
N PRO P 178 45.99 22.56 25.88
CA PRO P 178 46.17 21.63 27.00
C PRO P 178 47.53 20.94 26.97
N LEU P 179 48.25 21.04 25.82
CA LEU P 179 49.57 20.47 25.63
C LEU P 179 50.62 21.58 25.52
N TYR P 180 51.72 21.44 26.26
CA TYR P 180 52.86 22.34 26.10
C TYR P 180 54.15 21.52 26.09
N ILE P 181 54.99 21.68 25.05
CA ILE P 181 56.20 20.87 24.89
C ILE P 181 57.43 21.78 24.86
N ILE P 182 58.43 21.44 25.71
CA ILE P 182 59.68 22.20 25.83
C ILE P 182 60.87 21.24 25.94
N SER P 183 62.04 21.67 25.44
CA SER P 183 63.29 20.95 25.64
C SER P 183 64.00 21.46 26.91
N ASN P 184 63.88 22.77 27.13
CA ASN P 184 64.45 23.47 28.28
C ASN P 184 63.52 23.33 29.48
N THR P 185 63.97 22.63 30.53
CA THR P 185 63.21 22.55 31.77
C THR P 185 63.38 23.77 32.68
N SER P 186 64.42 24.59 32.46
CA SER P 186 64.69 25.78 33.27
C SER P 186 63.49 26.76 33.29
N ILE P 187 62.73 26.76 32.20
CA ILE P 187 61.54 27.60 31.98
C ILE P 187 60.46 27.36 33.04
N VAL P 188 60.35 26.12 33.57
CA VAL P 188 59.24 25.67 34.40
C VAL P 188 59.09 26.50 35.69
N ALA P 189 60.20 26.95 36.28
CA ALA P 189 60.18 27.79 37.47
C ALA P 189 59.40 29.11 37.27
N SER P 190 59.41 29.63 36.04
CA SER P 190 58.71 30.87 35.67
C SER P 190 57.23 30.66 35.31
N LYS P 191 56.79 29.39 35.24
CA LYS P 191 55.46 29.00 34.75
C LYS P 191 54.83 27.99 35.71
N PRO P 192 54.43 28.42 36.94
CA PRO P 192 54.09 27.49 38.02
C PRO P 192 52.89 26.59 37.76
N TRP P 193 52.02 26.93 36.80
CA TRP P 193 50.94 26.05 36.38
C TRP P 193 51.45 24.72 35.79
N LEU P 194 52.67 24.72 35.21
CA LEU P 194 53.30 23.51 34.70
C LEU P 194 53.84 22.61 35.81
N LYS P 195 53.90 23.07 37.08
CA LYS P 195 54.45 22.28 38.17
C LYS P 195 53.56 21.09 38.52
N ASN P 196 52.23 21.26 38.44
CA ASN P 196 51.26 20.33 39.00
C ASN P 196 50.58 19.46 37.95
N ASP P 197 50.49 19.90 36.69
CA ASP P 197 49.90 19.08 35.63
C ASP P 197 50.80 17.91 35.21
N ASN P 198 50.29 16.99 34.39
CA ASN P 198 50.97 15.73 34.13
C ASN P 198 52.12 15.93 33.14
N VAL P 199 53.27 15.29 33.37
CA VAL P 199 54.43 15.44 32.49
C VAL P 199 55.03 14.08 32.12
N PHE P 200 55.37 13.93 30.84
CA PHE P 200 56.14 12.79 30.34
C PHE P 200 57.20 13.30 29.37
N THR P 201 58.21 12.46 29.06
CA THR P 201 59.28 12.89 28.17
C THR P 201 59.45 11.91 27.02
N PHE P 202 59.98 12.43 25.91
CA PHE P 202 60.33 11.62 24.75
C PHE P 202 61.55 12.22 24.06
N ASN P 203 62.33 11.37 23.40
CA ASN P 203 63.52 11.80 22.70
C ASN P 203 63.30 11.72 21.19
N ILE P 204 63.81 12.71 20.46
CA ILE P 204 64.00 12.62 19.01
C ILE P 204 65.49 12.83 18.71
N SER P 205 65.95 12.42 17.51
CA SER P 205 67.33 12.66 17.11
C SER P 205 67.42 13.76 16.05
N VAL P 206 68.31 14.73 16.29
CA VAL P 206 68.52 15.88 15.40
C VAL P 206 70.03 16.07 15.25
N ASN P 207 70.52 16.16 14.00
CA ASN P 207 71.96 16.14 13.73
C ASN P 207 72.63 15.00 14.52
N GLY P 208 72.03 13.81 14.46
CA GLY P 208 72.47 12.61 15.17
C GLY P 208 72.59 12.73 16.69
N THR P 209 72.05 13.81 17.29
CA THR P 209 72.09 14.10 18.72
C THR P 209 70.71 13.87 19.32
N GLU P 210 70.63 13.16 20.46
CA GLU P 210 69.37 12.98 21.18
C GLU P 210 68.91 14.30 21.82
N VAL P 211 67.69 14.72 21.49
CA VAL P 211 67.03 15.88 22.09
C VAL P 211 65.86 15.36 22.92
N GLU P 212 65.89 15.60 24.24
CA GLU P 212 64.74 15.24 25.08
C GLU P 212 63.74 16.39 25.12
N TYR P 213 62.47 16.05 24.88
CA TYR P 213 61.35 16.95 25.06
C TYR P 213 60.49 16.50 26.23
N TYR P 214 60.02 17.50 26.98
CA TYR P 214 59.13 17.34 28.11
C TYR P 214 57.75 17.84 27.68
N ALA P 215 56.76 16.96 27.75
CA ALA P 215 55.38 17.26 27.36
C ALA P 215 54.53 17.42 28.62
N TYR P 216 53.96 18.62 28.79
CA TYR P 216 53.09 18.97 29.91
C TYR P 216 51.64 18.93 29.44
N VAL P 217 50.80 18.19 30.17
CA VAL P 217 49.42 17.89 29.78
C VAL P 217 48.45 18.34 30.87
N ASN P 218 47.60 19.29 30.53
CA ASN P 218 46.71 20.04 31.41
C ASN P 218 45.51 19.19 31.87
N LYS P 219 45.00 18.34 30.96
CA LYS P 219 43.78 17.55 31.12
C LYS P 219 43.85 16.31 30.21
N THR P 220 43.08 15.26 30.50
CA THR P 220 43.07 14.11 29.61
C THR P 220 42.40 14.48 28.28
N PHE P 221 43.12 14.29 27.17
CA PHE P 221 42.57 14.59 25.84
C PHE P 221 43.08 13.59 24.81
N ALA P 222 42.36 13.48 23.70
CA ALA P 222 42.75 12.65 22.57
C ALA P 222 42.92 13.50 21.32
N PHE P 223 43.86 13.10 20.47
CA PHE P 223 43.97 13.66 19.13
C PHE P 223 44.21 12.55 18.11
N THR P 224 43.96 12.87 16.84
CA THR P 224 44.19 11.94 15.75
C THR P 224 45.17 12.53 14.74
N TYR P 225 45.89 11.66 14.03
CA TYR P 225 46.81 12.08 13.00
C TYR P 225 46.94 11.02 11.92
N PRO P 226 47.30 11.38 10.67
CA PRO P 226 47.41 10.40 9.59
C PRO P 226 48.69 9.57 9.68
N VAL P 227 48.56 8.26 9.37
CA VAL P 227 49.65 7.30 9.43
C VAL P 227 49.98 6.72 8.05
N SER P 228 48.95 6.43 7.21
CA SER P 228 49.15 6.11 5.81
C SER P 228 47.85 6.27 5.02
N GLY P 229 47.93 6.28 3.68
CA GLY P 229 46.76 6.24 2.82
C GLY P 229 45.86 7.47 2.95
N PHE P 230 46.40 8.57 3.48
CA PHE P 230 45.65 9.79 3.69
C PHE P 230 46.07 10.90 2.73
N PRO P 231 45.40 11.07 1.57
CA PRO P 231 45.65 12.20 0.67
C PRO P 231 44.79 13.43 0.97
N LEU P 232 43.79 13.30 1.85
CA LEU P 232 42.77 14.33 2.07
C LEU P 232 43.20 15.38 3.12
N ALA P 233 44.47 15.78 3.13
CA ALA P 233 44.98 16.75 4.10
C ALA P 233 44.17 18.06 4.05
N GLY P 234 43.72 18.51 5.23
CA GLY P 234 42.80 19.63 5.38
C GLY P 234 41.39 19.24 5.80
N SER P 235 40.98 17.96 5.65
CA SER P 235 39.56 17.59 5.63
C SER P 235 38.97 17.04 6.95
N ASP P 236 39.79 16.40 7.81
CA ASP P 236 39.33 15.52 8.90
C ASP P 236 38.59 14.25 8.44
N ILE P 237 38.65 13.86 7.16
CA ILE P 237 37.99 12.64 6.71
C ILE P 237 39.03 11.55 6.51
N ALA P 238 38.82 10.38 7.13
CA ALA P 238 39.62 9.20 6.87
C ALA P 238 39.02 8.44 5.68
N PRO P 239 39.66 8.42 4.48
CA PRO P 239 39.10 7.68 3.35
C PRO P 239 39.33 6.18 3.53
N ALA P 240 38.57 5.37 2.79
CA ALA P 240 38.74 3.91 2.83
C ALA P 240 40.16 3.54 2.40
N GLY P 241 40.83 2.69 3.19
CA GLY P 241 42.23 2.34 2.95
C GLY P 241 43.24 3.37 3.47
N SER P 242 42.81 4.31 4.33
CA SER P 242 43.71 5.13 5.13
C SER P 242 43.93 4.49 6.50
N VAL P 243 44.97 4.93 7.21
CA VAL P 243 45.32 4.44 8.53
C VAL P 243 45.57 5.68 9.40
N ILE P 244 44.88 5.76 10.55
CA ILE P 244 44.85 6.95 11.39
C ILE P 244 45.36 6.59 12.78
N GLY P 245 46.37 7.33 13.27
CA GLY P 245 46.80 7.18 14.64
C GLY P 245 45.88 7.95 15.58
N VAL P 246 45.50 7.31 16.69
CA VAL P 246 44.73 7.91 17.76
C VAL P 246 45.61 7.90 19.00
N MET P 247 45.77 9.06 19.65
CA MET P 247 46.60 9.11 20.83
C MET P 247 45.86 9.85 21.94
N ILE P 248 45.87 9.25 23.13
CA ILE P 248 45.25 9.78 24.34
C ILE P 248 46.38 10.16 25.28
N LEU P 249 46.44 11.44 25.69
CA LEU P 249 47.42 11.87 26.68
C LEU P 249 46.67 12.10 28.00
N PHE P 250 47.14 11.52 29.10
CA PHE P 250 46.46 11.64 30.37
C PHE P 250 46.82 12.95 31.09
N GLY P 251 45.80 13.61 31.66
CA GLY P 251 46.00 14.76 32.53
C GLY P 251 46.25 14.34 33.98
N PRO P 252 46.48 15.29 34.91
CA PRO P 252 46.85 14.96 36.29
C PRO P 252 45.79 14.21 37.07
N GLY P 253 44.51 14.30 36.66
CA GLY P 253 43.43 13.49 37.20
C GLY P 253 43.61 11.99 36.91
N GLU P 254 43.47 11.61 35.63
CA GLU P 254 43.53 10.20 35.22
C GLU P 254 44.93 9.60 35.34
N ALA P 255 45.97 10.44 35.33
CA ALA P 255 47.36 10.00 35.46
C ALA P 255 47.70 9.42 36.84
N THR P 256 46.88 9.70 37.87
CA THR P 256 47.26 9.66 39.28
C THR P 256 47.86 8.33 39.77
N ASN P 257 47.35 7.19 39.27
CA ASN P 257 48.04 5.91 39.41
C ASN P 257 47.73 5.00 38.21
N VAL P 258 48.65 4.06 37.94
CA VAL P 258 48.64 3.24 36.74
C VAL P 258 47.46 2.27 36.71
N PHE P 259 46.96 1.93 35.51
CA PHE P 259 45.95 0.89 35.34
C PHE P 259 46.55 -0.49 35.62
N GLN P 260 46.03 -1.21 36.62
CA GLN P 260 46.42 -2.60 36.89
C GLN P 260 45.21 -3.39 37.36
N TYR P 261 45.03 -4.61 36.86
CA TYR P 261 43.94 -5.49 37.26
C TYR P 261 42.60 -4.79 37.03
N GLU P 262 42.48 -4.10 35.89
CA GLU P 262 41.38 -3.18 35.59
C GLU P 262 41.00 -3.30 34.12
N THR P 263 39.72 -3.03 33.80
CA THR P 263 39.29 -2.96 32.41
C THR P 263 39.19 -1.51 31.98
N VAL P 264 39.88 -1.18 30.88
CA VAL P 264 39.79 0.14 30.25
C VAL P 264 39.01 -0.01 28.94
N THR P 265 38.01 0.85 28.75
CA THR P 265 37.21 0.91 27.53
C THR P 265 37.35 2.28 26.88
N ILE P 266 37.62 2.29 25.57
CA ILE P 266 37.64 3.50 24.76
C ILE P 266 36.56 3.32 23.70
N GLN P 267 35.79 4.38 23.40
CA GLN P 267 34.85 4.27 22.30
C GLN P 267 34.97 5.49 21.40
N ILE P 268 35.13 5.26 20.09
CA ILE P 268 35.15 6.33 19.11
C ILE P 268 33.79 6.31 18.42
N THR P 269 33.06 7.43 18.48
CA THR P 269 31.72 7.53 17.92
C THR P 269 31.66 8.66 16.90
N PRO P 270 31.89 8.37 15.59
CA PRO P 270 31.69 9.39 14.56
C PRO P 270 30.21 9.69 14.36
N ASN P 271 29.92 10.75 13.59
CA ASN P 271 28.57 11.27 13.41
C ASN P 271 27.69 10.40 12.49
N ILE P 272 28.30 9.50 11.71
CA ILE P 272 27.60 8.54 10.85
C ILE P 272 28.28 7.18 11.05
N GLY P 273 27.47 6.11 11.12
CA GLY P 273 27.99 4.76 11.23
C GLY P 273 28.20 4.29 12.67
N SER P 274 28.48 2.99 12.82
CA SER P 274 28.63 2.35 14.11
C SER P 274 29.89 2.86 14.82
N PRO P 275 29.85 3.03 16.17
CA PRO P 275 31.04 3.39 16.92
C PRO P 275 32.00 2.21 17.01
N LEU P 276 33.29 2.50 17.23
CA LEU P 276 34.29 1.48 17.50
C LEU P 276 34.52 1.44 19.00
N THR P 277 34.23 0.28 19.62
CA THR P 277 34.44 0.09 21.05
C THR P 277 35.64 -0.82 21.27
N ILE P 278 36.60 -0.32 22.04
CA ILE P 278 37.88 -0.96 22.31
C ILE P 278 37.91 -1.27 23.81
N SER P 279 38.18 -2.52 24.21
CA SER P 279 38.27 -2.89 25.62
C SER P 279 39.47 -3.80 25.89
N GLN P 280 40.24 -3.47 26.94
CA GLN P 280 41.34 -4.30 27.40
C GLN P 280 41.25 -4.48 28.91
N TYR P 281 41.41 -5.72 29.39
CA TYR P 281 41.82 -5.90 30.78
C TYR P 281 43.33 -5.72 30.84
N ILE P 282 43.79 -4.81 31.71
CA ILE P 282 45.19 -4.42 31.77
C ILE P 282 45.83 -5.13 32.97
N TYR P 283 46.78 -6.02 32.67
CA TYR P 283 47.72 -6.51 33.66
C TYR P 283 48.79 -5.43 33.95
N GLN P 284 49.57 -5.62 35.02
CA GLN P 284 50.69 -4.75 35.34
C GLN P 284 51.53 -4.43 34.09
N PRO P 285 51.83 -3.14 33.77
CA PRO P 285 52.58 -2.80 32.58
C PRO P 285 54.06 -3.13 32.73
N ASP P 286 54.63 -3.70 31.66
CA ASP P 286 55.89 -4.43 31.72
C ASP P 286 57.11 -3.69 31.12
N GLY P 287 56.89 -2.49 30.57
CA GLY P 287 57.96 -1.66 30.01
C GLY P 287 57.55 -0.18 29.89
N LYS P 288 58.47 0.67 29.44
CA LYS P 288 58.22 2.11 29.21
C LYS P 288 56.98 2.32 28.35
N VAL P 289 56.84 1.46 27.34
CA VAL P 289 55.58 1.23 26.63
C VAL P 289 55.24 -0.25 26.83
N THR P 290 53.95 -0.58 26.91
CA THR P 290 53.50 -1.96 27.00
C THR P 290 52.36 -2.20 26.01
N VAL P 291 52.32 -3.39 25.40
CA VAL P 291 51.22 -3.76 24.51
C VAL P 291 50.07 -4.31 25.35
N ILE P 292 48.96 -3.58 25.42
CA ILE P 292 47.83 -3.97 26.25
C ILE P 292 46.72 -4.67 25.47
N GLY P 293 46.69 -4.52 24.13
CA GLY P 293 45.64 -5.11 23.30
C GLY P 293 46.03 -5.17 21.84
N LEU Q 1 -30.77 24.09 -7.00
CA LEU Q 1 -31.00 22.65 -6.72
C LEU Q 1 -29.72 21.86 -7.02
N ALA Q 2 -29.05 22.17 -8.15
CA ALA Q 2 -27.92 21.35 -8.57
C ALA Q 2 -26.94 21.17 -7.42
N GLY Q 3 -26.78 22.18 -6.56
CA GLY Q 3 -25.88 22.13 -5.40
C GLY Q 3 -26.53 21.53 -4.15
N LEU Q 4 -27.82 21.82 -3.90
CA LEU Q 4 -28.50 21.36 -2.70
C LEU Q 4 -28.43 19.83 -2.59
N ASP Q 5 -28.82 19.13 -3.67
CA ASP Q 5 -28.75 17.67 -3.72
C ASP Q 5 -27.29 17.22 -3.73
N THR Q 6 -26.43 17.98 -4.43
CA THR Q 6 -25.00 17.71 -4.51
C THR Q 6 -24.35 17.86 -3.14
N ALA Q 7 -24.94 18.72 -2.28
CA ALA Q 7 -24.46 18.95 -0.92
C ALA Q 7 -24.86 17.80 0.00
N ILE Q 8 -25.92 17.06 -0.37
CA ILE Q 8 -26.38 15.89 0.38
C ILE Q 8 -25.42 14.73 0.16
N ILE Q 9 -24.85 14.61 -1.05
CA ILE Q 9 -23.95 13.52 -1.42
C ILE Q 9 -22.54 13.77 -0.88
N LEU Q 10 -22.17 15.04 -0.70
CA LEU Q 10 -20.90 15.42 -0.09
C LEU Q 10 -20.90 15.11 1.42
N ILE Q 11 -21.90 15.58 2.17
CA ILE Q 11 -22.07 15.26 3.59
C ILE Q 11 -21.97 13.75 3.84
N ALA Q 12 -22.75 12.96 3.09
CA ALA Q 12 -22.82 11.52 3.24
C ALA Q 12 -21.49 10.82 2.92
N PHE Q 13 -20.82 11.23 1.84
CA PHE Q 13 -19.56 10.63 1.44
C PHE Q 13 -18.42 11.00 2.40
N ILE Q 14 -18.45 12.19 3.00
CA ILE Q 14 -17.51 12.56 4.06
C ILE Q 14 -17.66 11.61 5.24
N ILE Q 15 -18.90 11.42 5.73
CA ILE Q 15 -19.20 10.53 6.84
C ILE Q 15 -18.74 9.11 6.53
N THR Q 16 -18.99 8.64 5.30
CA THR Q 16 -18.58 7.32 4.84
C THR Q 16 -17.06 7.13 4.87
N ALA Q 17 -16.30 8.12 4.39
CA ALA Q 17 -14.83 8.11 4.45
C ALA Q 17 -14.31 8.21 5.88
N ALA Q 18 -14.92 9.05 6.72
CA ALA Q 18 -14.59 9.20 8.13
C ALA Q 18 -14.78 7.88 8.89
N VAL Q 19 -15.81 7.10 8.57
CA VAL Q 19 -16.05 5.77 9.10
C VAL Q 19 -14.92 4.79 8.72
N LEU Q 20 -14.44 4.80 7.46
CA LEU Q 20 -13.27 4.00 7.11
C LEU Q 20 -12.03 4.47 7.88
N ALA Q 21 -11.81 5.79 7.95
CA ALA Q 21 -10.70 6.37 8.72
C ALA Q 21 -10.70 5.87 10.16
N TYR Q 22 -11.86 5.95 10.83
CA TYR Q 22 -12.08 5.49 12.20
C TYR Q 22 -11.68 4.01 12.35
N VAL Q 23 -12.18 3.14 11.45
CA VAL Q 23 -11.92 1.71 11.49
C VAL Q 23 -10.46 1.38 11.21
N ALA Q 24 -9.88 1.97 10.15
CA ALA Q 24 -8.51 1.70 9.73
C ALA Q 24 -7.49 2.12 10.78
N VAL Q 25 -7.68 3.29 11.41
CA VAL Q 25 -6.79 3.77 12.46
C VAL Q 25 -6.87 2.88 13.70
N ASN Q 26 -8.08 2.57 14.17
CA ASN Q 26 -8.30 1.66 15.29
C ASN Q 26 -7.64 0.30 15.03
N MET Q 27 -7.89 -0.27 13.86
CA MET Q 27 -7.39 -1.60 13.57
C MET Q 27 -5.88 -1.64 13.31
N GLY Q 28 -5.29 -0.55 12.80
CA GLY Q 28 -3.86 -0.35 12.74
C GLY Q 28 -3.22 -0.27 14.12
N LEU Q 29 -3.82 0.50 15.04
CA LEU Q 29 -3.37 0.54 16.43
C LEU Q 29 -3.42 -0.85 17.07
N PHE Q 30 -4.50 -1.60 16.82
CA PHE Q 30 -4.63 -2.98 17.29
C PHE Q 30 -3.51 -3.88 16.74
N VAL Q 31 -3.39 -3.98 15.41
CA VAL Q 31 -2.47 -4.94 14.78
C VAL Q 31 -1.01 -4.60 15.08
N THR Q 32 -0.64 -3.32 15.09
CA THR Q 32 0.72 -2.91 15.44
C THR Q 32 1.07 -3.28 16.88
N GLN Q 33 0.10 -3.24 17.80
CA GLN Q 33 0.34 -3.71 19.16
C GLN Q 33 0.43 -5.24 19.26
N LYS Q 34 -0.36 -5.99 18.48
CA LYS Q 34 -0.19 -7.43 18.32
C LYS Q 34 1.21 -7.77 17.79
N ALA Q 35 1.73 -6.98 16.85
CA ALA Q 35 3.08 -7.09 16.35
C ALA Q 35 4.11 -6.81 17.46
N LYS Q 36 3.97 -5.72 18.22
CA LYS Q 36 4.83 -5.40 19.37
C LYS Q 36 4.94 -6.58 20.34
N THR Q 37 3.78 -7.11 20.75
CA THR Q 37 3.69 -8.25 21.67
C THR Q 37 4.38 -9.48 21.07
N THR Q 38 4.12 -9.77 19.79
CA THR Q 38 4.69 -10.90 19.09
C THR Q 38 6.22 -10.80 19.02
N ILE Q 39 6.75 -9.62 18.67
CA ILE Q 39 8.19 -9.38 18.63
C ILE Q 39 8.83 -9.65 19.99
N ASN Q 40 8.20 -9.18 21.08
CA ASN Q 40 8.65 -9.46 22.43
C ASN Q 40 8.68 -10.96 22.72
N LYS Q 41 7.58 -11.68 22.45
CA LYS Q 41 7.50 -13.13 22.66
C LYS Q 41 8.49 -13.92 21.80
N GLY Q 42 8.80 -13.43 20.60
CA GLY Q 42 9.82 -14.01 19.72
C GLY Q 42 11.22 -13.90 20.31
N GLU Q 43 11.58 -12.72 20.84
CA GLU Q 43 12.85 -12.53 21.54
C GLU Q 43 12.90 -13.41 22.79
N GLU Q 44 11.85 -13.40 23.63
CA GLU Q 44 11.78 -14.24 24.82
C GLU Q 44 11.97 -15.73 24.47
N THR Q 45 11.38 -16.18 23.36
CA THR Q 45 11.50 -17.56 22.88
C THR Q 45 12.93 -17.88 22.44
N ALA Q 46 13.64 -16.91 21.87
CA ALA Q 46 15.03 -17.09 21.47
C ALA Q 46 16.01 -17.01 22.64
N SER Q 47 15.71 -16.20 23.67
CA SER Q 47 16.60 -15.99 24.80
C SER Q 47 16.41 -17.04 25.90
N THR Q 48 15.16 -17.35 26.29
CA THR Q 48 14.90 -18.28 27.38
C THR Q 48 15.25 -19.72 27.01
N ALA Q 49 16.10 -20.35 27.84
CA ALA Q 49 16.51 -21.75 27.70
C ALA Q 49 17.17 -22.21 29.00
N LEU Q 50 17.22 -23.54 29.23
CA LEU Q 50 17.91 -24.13 30.37
C LEU Q 50 19.12 -24.91 29.87
N SER Q 51 20.22 -24.87 30.64
CA SER Q 51 21.39 -25.71 30.43
C SER Q 51 21.49 -26.72 31.56
N LEU Q 52 21.94 -27.94 31.24
CA LEU Q 52 22.38 -28.87 32.25
C LEU Q 52 23.69 -28.34 32.86
N SER Q 53 23.68 -28.03 34.17
CA SER Q 53 24.79 -27.35 34.84
C SER Q 53 25.29 -28.13 36.04
N GLY Q 54 25.27 -29.47 35.91
CA GLY Q 54 25.89 -30.41 36.82
C GLY Q 54 25.95 -31.79 36.17
N ASN Q 55 26.54 -32.76 36.86
CA ASN Q 55 26.45 -34.14 36.40
C ASN Q 55 25.05 -34.71 36.68
N VAL Q 56 24.68 -35.75 35.93
CA VAL Q 56 23.46 -36.50 36.16
C VAL Q 56 23.79 -37.70 37.03
N LEU Q 57 23.17 -37.76 38.22
CA LEU Q 57 23.42 -38.79 39.21
C LEU Q 57 22.24 -39.76 39.20
N TYR Q 58 22.54 -41.07 39.29
CA TYR Q 58 21.53 -42.11 39.26
C TYR Q 58 21.74 -43.04 40.46
N ALA Q 59 20.65 -43.35 41.19
CA ALA Q 59 20.71 -44.15 42.41
C ALA Q 59 19.92 -45.45 42.26
N VAL Q 60 20.48 -46.56 42.78
CA VAL Q 60 19.93 -47.90 42.64
C VAL Q 60 20.23 -48.71 43.91
N ASN Q 61 19.59 -49.88 44.07
CA ASN Q 61 19.83 -50.77 45.21
C ASN Q 61 21.15 -51.55 45.10
N TYR Q 62 22.24 -50.80 44.94
CA TYR Q 62 23.58 -51.33 44.78
C TYR Q 62 24.00 -52.14 46.01
N PRO Q 63 24.77 -53.25 45.86
CA PRO Q 63 25.26 -53.79 44.58
C PRO Q 63 24.27 -54.67 43.82
N THR Q 64 23.12 -55.00 44.42
CA THR Q 64 22.20 -56.00 43.87
C THR Q 64 21.58 -55.58 42.53
N ASN Q 65 21.40 -54.27 42.30
CA ASN Q 65 20.97 -53.69 41.04
C ASN Q 65 19.64 -54.26 40.49
N THR Q 66 18.77 -54.76 41.37
CA THR Q 66 17.45 -55.22 40.96
C THR Q 66 16.42 -54.09 40.91
N LYS Q 67 16.69 -52.92 41.51
CA LYS Q 67 15.68 -51.87 41.68
C LYS Q 67 16.28 -50.46 41.61
N SER Q 68 15.49 -49.52 41.09
CA SER Q 68 15.92 -48.18 40.72
C SER Q 68 15.26 -47.13 41.62
N TYR Q 69 16.03 -46.16 42.14
CA TYR Q 69 15.56 -45.28 43.21
C TYR Q 69 15.25 -43.87 42.73
N TRP Q 70 16.27 -43.15 42.23
CA TRP Q 70 16.10 -41.78 41.79
C TRP Q 70 17.17 -41.33 40.80
N MET Q 71 16.89 -40.25 40.07
CA MET Q 71 17.89 -39.51 39.32
C MET Q 71 17.88 -38.07 39.81
N TYR Q 72 19.07 -37.46 39.88
CA TYR Q 72 19.23 -36.08 40.29
C TYR Q 72 20.11 -35.38 39.25
N PHE Q 73 19.78 -34.14 38.90
CA PHE Q 73 20.64 -33.31 38.06
C PHE Q 73 20.34 -31.84 38.32
N THR Q 74 21.23 -30.96 37.84
CA THR Q 74 21.13 -29.54 38.14
C THR Q 74 20.95 -28.77 36.83
N VAL Q 75 20.07 -27.76 36.81
CA VAL Q 75 19.86 -26.93 35.63
C VAL Q 75 19.95 -25.46 36.00
N SER Q 76 20.27 -24.61 35.02
CA SER Q 76 20.30 -23.16 35.20
C SER Q 76 19.96 -22.49 33.87
N PRO Q 77 19.35 -21.29 33.87
CA PRO Q 77 19.13 -20.57 32.61
C PRO Q 77 20.42 -20.35 31.82
N SER Q 78 20.34 -20.61 30.51
CA SER Q 78 21.49 -20.68 29.61
C SER Q 78 22.19 -19.33 29.48
N SER Q 79 23.53 -19.31 29.63
CA SER Q 79 24.38 -18.17 29.30
C SER Q 79 23.99 -16.90 30.05
N GLY Q 80 23.24 -17.02 31.16
CA GLY Q 80 22.83 -15.91 32.01
C GLY Q 80 21.93 -14.85 31.34
N VAL Q 81 21.19 -15.21 30.29
CA VAL Q 81 20.53 -14.19 29.46
C VAL Q 81 19.17 -13.74 30.03
N SER Q 82 18.33 -14.67 30.51
CA SER Q 82 16.98 -14.37 30.96
C SER Q 82 16.42 -15.45 31.90
N SER Q 83 15.34 -15.12 32.62
CA SER Q 83 14.70 -16.00 33.61
C SER Q 83 13.79 -17.07 32.96
N VAL Q 84 13.57 -18.20 33.65
CA VAL Q 84 12.72 -19.29 33.18
C VAL Q 84 11.64 -19.62 34.21
N ASP Q 85 10.35 -19.62 33.78
CA ASP Q 85 9.25 -20.11 34.59
C ASP Q 85 9.34 -21.64 34.71
N LEU Q 86 9.45 -22.15 35.95
CA LEU Q 86 9.49 -23.59 36.22
C LEU Q 86 8.27 -24.05 37.02
N SER Q 87 7.13 -23.35 36.97
CA SER Q 87 5.97 -23.80 37.72
C SER Q 87 5.48 -25.16 37.23
N PRO Q 88 5.20 -26.15 38.11
CA PRO Q 88 4.80 -27.48 37.67
C PRO Q 88 3.42 -27.58 37.02
N SER Q 89 2.62 -26.51 37.08
CA SER Q 89 1.38 -26.40 36.32
C SER Q 89 1.65 -26.09 34.83
N THR Q 90 2.64 -25.23 34.55
CA THR Q 90 2.92 -24.76 33.19
C THR Q 90 3.97 -25.64 32.49
N THR Q 91 4.99 -26.07 33.23
CA THR Q 91 6.13 -26.83 32.70
C THR Q 91 5.82 -28.32 32.68
N ALA Q 92 6.37 -29.06 31.69
CA ALA Q 92 6.37 -30.51 31.72
C ALA Q 92 7.80 -31.04 31.86
N ILE Q 93 7.98 -32.16 32.55
CA ILE Q 93 9.20 -32.94 32.44
C ILE Q 93 8.80 -34.32 31.95
N SER Q 94 9.28 -34.71 30.75
CA SER Q 94 9.05 -36.05 30.23
C SER Q 94 10.22 -36.96 30.57
N PHE Q 95 9.95 -38.27 30.60
CA PHE Q 95 10.98 -39.27 30.86
C PHE Q 95 10.74 -40.45 29.93
N THR Q 96 11.74 -40.85 29.13
CA THR Q 96 11.60 -42.02 28.27
C THR Q 96 12.84 -42.92 28.35
N ALA Q 97 12.62 -44.22 28.56
CA ALA Q 97 13.63 -45.25 28.36
C ALA Q 97 13.14 -46.12 27.20
N ALA Q 98 13.47 -45.68 25.97
CA ALA Q 98 12.82 -46.14 24.74
C ALA Q 98 12.97 -47.65 24.52
N SER Q 99 14.15 -48.19 24.85
CA SER Q 99 14.48 -49.61 24.71
C SER Q 99 13.44 -50.52 25.36
N ARG Q 100 13.02 -50.17 26.59
CA ARG Q 100 12.05 -50.92 27.38
C ARG Q 100 10.61 -50.41 27.22
N GLY Q 101 10.38 -49.46 26.33
CA GLY Q 101 9.05 -48.96 26.02
C GLY Q 101 8.44 -48.04 27.09
N VAL Q 102 9.24 -47.60 28.07
CA VAL Q 102 8.81 -46.65 29.09
C VAL Q 102 8.80 -45.24 28.48
N SER Q 103 7.64 -44.57 28.57
CA SER Q 103 7.50 -43.22 28.06
C SER Q 103 6.46 -42.49 28.89
N LEU Q 104 6.91 -41.49 29.66
CA LEU Q 104 6.07 -40.70 30.53
C LEU Q 104 6.08 -39.28 30.00
N SER Q 105 4.91 -38.76 29.60
CA SER Q 105 4.84 -37.47 28.93
C SER Q 105 4.98 -36.30 29.90
N ASN Q 106 4.54 -36.46 31.16
CA ASN Q 106 4.79 -35.44 32.17
C ASN Q 106 4.81 -36.06 33.57
N ILE Q 107 5.99 -35.98 34.23
CA ILE Q 107 6.19 -36.47 35.59
C ILE Q 107 6.38 -35.32 36.58
N TYR Q 108 6.41 -34.07 36.13
CA TYR Q 108 6.71 -32.94 37.00
C TYR Q 108 5.50 -32.53 37.83
N GLN Q 109 5.64 -32.54 39.18
CA GLN Q 109 4.48 -32.33 40.04
C GLN Q 109 4.65 -31.18 41.04
N PHE Q 110 5.87 -30.99 41.57
CA PHE Q 110 6.06 -30.10 42.72
C PHE Q 110 7.33 -29.26 42.61
N SER Q 111 7.34 -28.11 43.29
CA SER Q 111 8.56 -27.32 43.37
C SER Q 111 8.71 -26.69 44.76
N LEU Q 112 9.92 -26.75 45.31
CA LEU Q 112 10.25 -26.01 46.51
C LEU Q 112 10.63 -24.56 46.21
N LEU Q 113 10.66 -24.14 44.93
CA LEU Q 113 10.82 -22.73 44.57
C LEU Q 113 9.63 -21.90 45.08
N SER Q 114 8.45 -22.51 45.21
CA SER Q 114 7.23 -21.93 45.78
C SER Q 114 7.32 -21.71 47.30
N VAL Q 115 8.29 -22.34 47.98
CA VAL Q 115 8.25 -22.55 49.42
C VAL Q 115 9.24 -21.63 50.13
N LEU Q 116 8.73 -20.83 51.09
CA LEU Q 116 9.56 -19.97 51.93
C LEU Q 116 10.24 -20.81 53.02
N PRO Q 117 11.47 -20.47 53.48
CA PRO Q 117 12.14 -21.20 54.55
C PRO Q 117 11.30 -21.40 55.81
N SER Q 118 10.52 -20.39 56.21
CA SER Q 118 9.64 -20.44 57.37
C SER Q 118 8.53 -21.49 57.26
N GLN Q 119 8.26 -22.00 56.04
CA GLN Q 119 7.27 -23.05 55.83
C GLN Q 119 7.84 -24.46 56.07
N VAL Q 120 9.17 -24.61 56.18
CA VAL Q 120 9.81 -25.92 56.29
C VAL Q 120 10.78 -26.04 57.47
N ASN Q 121 11.52 -24.97 57.78
CA ASN Q 121 12.43 -24.95 58.93
C ASN Q 121 11.66 -25.08 60.23
N ASN Q 122 12.20 -25.85 61.18
CA ASN Q 122 11.60 -26.12 62.49
C ASN Q 122 10.22 -26.80 62.42
N LYS Q 123 9.88 -27.45 61.29
CA LYS Q 123 8.57 -28.08 61.11
C LYS Q 123 8.62 -29.60 60.91
N VAL Q 124 9.84 -30.15 60.75
CA VAL Q 124 10.11 -31.56 60.96
C VAL Q 124 11.19 -31.71 62.03
N GLN Q 125 11.09 -32.79 62.83
CA GLN Q 125 11.89 -32.92 64.04
C GLN Q 125 12.22 -34.39 64.32
N VAL Q 126 13.35 -34.63 65.00
CA VAL Q 126 13.81 -35.98 65.35
C VAL Q 126 13.73 -36.16 66.87
N LYS Q 127 13.11 -37.26 67.31
CA LYS Q 127 13.15 -37.68 68.71
C LYS Q 127 14.35 -38.60 68.94
N LEU Q 128 15.48 -38.04 69.41
CA LEU Q 128 16.63 -38.82 69.87
C LEU Q 128 16.49 -39.09 71.36
N GLY Q 129 15.90 -40.24 71.71
CA GLY Q 129 15.54 -40.55 73.10
C GLY Q 129 14.57 -39.52 73.67
N THR Q 130 14.94 -38.90 74.81
CA THR Q 130 14.19 -37.83 75.45
C THR Q 130 14.21 -36.55 74.62
N SER Q 131 15.36 -36.25 73.99
CA SER Q 131 15.59 -34.98 73.28
C SER Q 131 14.83 -34.91 71.95
N ILE Q 132 14.32 -33.72 71.61
CA ILE Q 132 13.65 -33.49 70.34
C ILE Q 132 14.34 -32.33 69.60
N ILE Q 133 14.86 -32.60 68.39
CA ILE Q 133 15.65 -31.64 67.64
C ILE Q 133 14.87 -31.18 66.40
N ASN Q 134 14.66 -29.86 66.30
CA ASN Q 134 14.10 -29.19 65.14
C ASN Q 134 15.13 -29.15 64.00
N LEU Q 135 14.74 -29.59 62.80
CA LEU Q 135 15.64 -29.53 61.65
C LEU Q 135 15.56 -28.19 60.91
N THR Q 136 16.72 -27.71 60.42
CA THR Q 136 16.80 -26.64 59.45
C THR Q 136 17.12 -27.26 58.10
N LEU Q 137 16.28 -27.00 57.09
CA LEU Q 137 16.33 -27.69 55.81
C LEU Q 137 16.63 -26.70 54.67
N ALA Q 138 15.90 -25.58 54.63
CA ALA Q 138 16.19 -24.48 53.74
C ALA Q 138 17.25 -23.58 54.38
N PHE Q 139 18.47 -23.56 53.81
CA PHE Q 139 19.50 -22.61 54.22
C PHE Q 139 19.26 -21.28 53.51
N SER Q 140 19.81 -20.20 54.07
CA SER Q 140 19.59 -18.87 53.53
C SER Q 140 20.78 -17.93 53.82
N SER Q 141 20.98 -16.95 52.94
CA SER Q 141 22.01 -15.92 53.07
C SER Q 141 21.55 -14.61 52.41
N ASN Q 142 22.18 -13.48 52.78
CA ASN Q 142 21.76 -12.18 52.28
C ASN Q 142 22.81 -11.56 51.35
N SER Q 143 22.34 -10.95 50.24
CA SER Q 143 23.14 -10.02 49.45
C SER Q 143 22.26 -8.90 48.91
N ALA Q 144 22.71 -7.64 48.98
CA ALA Q 144 22.00 -6.47 48.47
C ALA Q 144 20.53 -6.41 48.94
N GLY Q 145 20.26 -6.84 50.17
CA GLY Q 145 18.93 -6.79 50.75
C GLY Q 145 17.96 -7.88 50.29
N GLN Q 146 18.43 -8.81 49.44
CA GLN Q 146 17.67 -9.99 49.04
C GLN Q 146 18.09 -11.18 49.90
N THR Q 147 17.11 -12.02 50.31
CA THR Q 147 17.41 -13.30 50.93
C THR Q 147 17.44 -14.38 49.85
N TYR Q 148 18.60 -15.02 49.70
CA TYR Q 148 18.78 -16.19 48.85
C TYR Q 148 18.38 -17.43 49.64
N VAL Q 149 17.78 -18.42 48.96
CA VAL Q 149 17.31 -19.64 49.62
C VAL Q 149 17.82 -20.84 48.83
N TYR Q 150 18.26 -21.89 49.52
CA TYR Q 150 18.66 -23.11 48.86
C TYR Q 150 18.60 -24.31 49.81
N TYR Q 151 18.64 -25.52 49.23
CA TYR Q 151 18.77 -26.74 49.99
C TYR Q 151 20.16 -27.31 49.73
N SER Q 152 20.88 -27.62 50.81
CA SER Q 152 22.29 -28.01 50.70
C SER Q 152 22.46 -29.38 50.04
N ASP Q 153 21.46 -30.27 50.18
CA ASP Q 153 21.50 -31.59 49.56
C ASP Q 153 20.10 -32.09 49.18
N PRO Q 154 19.99 -33.14 48.33
CA PRO Q 154 18.71 -33.76 48.03
C PRO Q 154 17.98 -34.33 49.24
N ASN Q 155 18.69 -34.70 50.31
CA ASN Q 155 18.06 -35.27 51.51
C ASN Q 155 17.21 -34.23 52.24
N TYR Q 156 17.76 -33.03 52.47
CA TYR Q 156 17.00 -31.96 53.08
C TYR Q 156 15.88 -31.47 52.15
N ALA Q 157 16.12 -31.49 50.84
CA ALA Q 157 15.07 -31.21 49.87
C ALA Q 157 13.93 -32.23 49.96
N LEU Q 158 14.23 -33.53 50.06
CA LEU Q 158 13.24 -34.58 50.21
C LEU Q 158 12.40 -34.40 51.48
N LEU Q 159 13.05 -34.12 52.63
CA LEU Q 159 12.34 -33.89 53.88
C LEU Q 159 11.44 -32.66 53.80
N ALA Q 160 11.93 -31.56 53.22
CA ALA Q 160 11.16 -30.35 52.99
C ALA Q 160 9.95 -30.61 52.09
N LEU Q 161 10.10 -31.48 51.08
CA LEU Q 161 9.00 -31.88 50.22
C LEU Q 161 8.01 -32.78 50.95
N ASN Q 162 8.46 -33.81 51.70
CA ASN Q 162 7.57 -34.64 52.51
C ASN Q 162 6.69 -33.76 53.40
N TYR Q 163 7.29 -32.80 54.10
CA TYR Q 163 6.54 -31.87 54.93
C TYR Q 163 5.53 -31.08 54.09
N THR Q 164 6.01 -30.40 53.03
CA THR Q 164 5.19 -29.55 52.19
C THR Q 164 3.97 -30.30 51.64
N LEU Q 165 4.17 -31.51 51.10
CA LEU Q 165 3.08 -32.28 50.50
C LEU Q 165 2.13 -32.84 51.56
N GLY Q 166 2.65 -33.32 52.70
CA GLY Q 166 1.80 -33.71 53.82
C GLY Q 166 0.93 -32.56 54.33
N GLN Q 167 1.51 -31.35 54.37
CA GLN Q 167 0.82 -30.14 54.77
C GLN Q 167 -0.24 -29.72 53.73
N GLU Q 168 0.03 -29.91 52.43
CA GLU Q 168 -0.96 -29.67 51.37
C GLU Q 168 -2.11 -30.69 51.38
N VAL Q 169 -1.84 -31.96 51.71
CA VAL Q 169 -2.89 -32.96 51.93
C VAL Q 169 -3.74 -32.58 53.13
N LYS Q 170 -3.09 -32.19 54.25
CA LYS Q 170 -3.75 -31.75 55.47
C LYS Q 170 -4.63 -30.52 55.22
N GLY Q 171 -4.16 -29.60 54.37
CA GLY Q 171 -4.92 -28.43 53.93
C GLY Q 171 -5.95 -28.69 52.83
N GLY Q 172 -6.10 -29.95 52.37
CA GLY Q 172 -7.07 -30.33 51.34
C GLY Q 172 -6.75 -29.83 49.92
N GLN Q 173 -5.55 -29.28 49.70
CA GLN Q 173 -5.13 -28.75 48.41
C GLN Q 173 -4.67 -29.85 47.45
N LEU Q 174 -4.31 -31.02 48.00
CA LEU Q 174 -3.79 -32.17 47.27
C LEU Q 174 -4.48 -33.44 47.79
N THR Q 175 -4.83 -34.39 46.91
CA THR Q 175 -5.62 -35.55 47.30
C THR Q 175 -4.81 -36.56 48.10
N SER Q 176 -3.60 -36.90 47.60
CA SER Q 176 -2.61 -37.72 48.28
C SER Q 176 -1.21 -37.24 47.91
N SER Q 177 -0.26 -37.30 48.87
CA SER Q 177 1.15 -37.13 48.57
C SER Q 177 1.66 -38.41 47.92
N PRO Q 178 2.39 -38.36 46.79
CA PRO Q 178 3.03 -39.56 46.23
C PRO Q 178 4.30 -39.94 47.00
N LEU Q 179 4.81 -39.04 47.86
CA LEU Q 179 5.98 -39.26 48.69
C LEU Q 179 5.57 -39.35 50.16
N TYR Q 180 6.09 -40.36 50.87
CA TYR Q 180 5.92 -40.46 52.31
C TYR Q 180 7.26 -40.85 52.95
N ILE Q 181 7.75 -40.06 53.92
CA ILE Q 181 9.05 -40.29 54.52
C ILE Q 181 8.91 -40.53 56.03
N ILE Q 182 9.50 -41.63 56.52
CA ILE Q 182 9.46 -42.03 57.92
C ILE Q 182 10.82 -42.53 58.39
N SER Q 183 11.15 -42.34 59.67
CA SER Q 183 12.33 -42.93 60.29
C SER Q 183 11.99 -44.29 60.91
N ASN Q 184 10.77 -44.37 61.47
CA ASN Q 184 10.22 -45.56 62.10
C ASN Q 184 9.63 -46.48 61.03
N THR Q 185 10.23 -47.66 60.83
CA THR Q 185 9.66 -48.65 59.93
C THR Q 185 8.53 -49.48 60.54
N SER Q 186 8.38 -49.48 61.87
CA SER Q 186 7.33 -50.24 62.57
C SER Q 186 5.93 -49.85 62.09
N ILE Q 187 5.77 -48.59 61.66
CA ILE Q 187 4.53 -48.00 61.17
C ILE Q 187 3.97 -48.75 59.94
N VAL Q 188 4.84 -49.32 59.11
CA VAL Q 188 4.52 -49.87 57.79
C VAL Q 188 3.48 -50.99 57.86
N ALA Q 189 3.52 -51.82 58.91
CA ALA Q 189 2.54 -52.89 59.11
C ALA Q 189 1.10 -52.38 59.20
N SER Q 190 0.90 -51.16 59.72
CA SER Q 190 -0.40 -50.52 59.87
C SER Q 190 -0.87 -49.79 58.60
N LYS Q 191 -0.01 -49.71 57.57
CA LYS Q 191 -0.23 -48.92 56.36
C LYS Q 191 0.11 -49.75 55.12
N PRO Q 192 -0.71 -50.78 54.79
CA PRO Q 192 -0.32 -51.80 53.81
C PRO Q 192 -0.08 -51.29 52.39
N TRP Q 193 -0.60 -50.12 52.02
CA TRP Q 193 -0.30 -49.49 50.74
C TRP Q 193 1.20 -49.18 50.59
N LEU Q 194 1.91 -48.94 51.70
CA LEU Q 194 3.36 -48.72 51.68
C LEU Q 194 4.15 -50.01 51.43
N LYS Q 195 3.53 -51.20 51.50
CA LYS Q 195 4.23 -52.47 51.32
C LYS Q 195 4.74 -52.65 49.89
N ASN Q 196 3.95 -52.20 48.90
CA ASN Q 196 4.13 -52.56 47.51
C ASN Q 196 4.76 -51.44 46.66
N ASP Q 197 4.60 -50.16 47.07
CA ASP Q 197 5.22 -49.06 46.34
C ASP Q 197 6.75 -48.98 46.56
N ASN Q 198 7.44 -48.14 45.79
CA ASN Q 198 8.90 -48.17 45.74
C ASN Q 198 9.50 -47.51 46.99
N VAL Q 199 10.56 -48.10 47.55
CA VAL Q 199 11.19 -47.55 48.75
C VAL Q 199 12.71 -47.47 48.60
N PHE Q 200 13.28 -46.34 49.04
CA PHE Q 200 14.71 -46.16 49.18
C PHE Q 200 15.01 -45.47 50.51
N THR Q 201 16.28 -45.52 50.95
CA THR Q 201 16.64 -44.92 52.23
C THR Q 201 17.79 -43.93 52.08
N PHE Q 202 17.83 -42.96 52.99
CA PHE Q 202 18.94 -42.02 53.08
C PHE Q 202 19.17 -41.64 54.53
N ASN Q 203 20.42 -41.28 54.86
CA ASN Q 203 20.79 -40.90 56.21
C ASN Q 203 21.06 -39.40 56.26
N ILE Q 204 20.63 -38.75 57.35
CA ILE Q 204 21.10 -37.41 57.72
C ILE Q 204 21.72 -37.51 59.11
N SER Q 205 22.54 -36.51 59.51
CA SER Q 205 23.11 -36.49 60.86
C SER Q 205 22.44 -35.41 61.72
N VAL Q 206 22.01 -35.79 62.92
CA VAL Q 206 21.33 -34.91 63.87
C VAL Q 206 21.94 -35.15 65.25
N ASN Q 207 22.36 -34.08 65.94
CA ASN Q 207 23.15 -34.22 67.16
C ASN Q 207 24.28 -35.24 66.97
N GLY Q 208 25.00 -35.12 65.84
CA GLY Q 208 26.09 -36.02 65.45
C GLY Q 208 25.72 -37.50 65.31
N THR Q 209 24.42 -37.83 65.33
CA THR Q 209 23.90 -39.19 65.26
C THR Q 209 23.28 -39.41 63.87
N GLU Q 210 23.60 -40.54 63.23
CA GLU Q 210 22.99 -40.91 61.95
C GLU Q 210 21.51 -41.30 62.15
N VAL Q 211 20.62 -40.62 61.42
CA VAL Q 211 19.20 -40.93 61.38
C VAL Q 211 18.88 -41.45 59.98
N GLU Q 212 18.43 -42.70 59.87
CA GLU Q 212 17.99 -43.23 58.58
C GLU Q 212 16.52 -42.91 58.35
N TYR Q 213 16.23 -42.37 57.17
CA TYR Q 213 14.87 -42.16 56.69
C TYR Q 213 14.59 -43.09 55.51
N TYR Q 214 13.36 -43.61 55.51
CA TYR Q 214 12.81 -44.48 54.48
C TYR Q 214 11.80 -43.64 53.68
N ALA Q 215 12.04 -43.51 52.38
CA ALA Q 215 11.19 -42.74 51.47
C ALA Q 215 10.37 -43.71 50.62
N TYR Q 216 9.05 -43.61 50.74
CA TYR Q 216 8.09 -44.43 50.01
C TYR Q 216 7.50 -43.59 48.87
N VAL Q 217 7.57 -44.12 47.64
CA VAL Q 217 7.22 -43.40 46.43
C VAL Q 217 6.14 -44.16 45.65
N ASN Q 218 4.98 -43.52 45.51
CA ASN Q 218 3.73 -44.06 45.01
C ASN Q 218 3.75 -44.25 43.48
N LYS Q 219 4.42 -43.30 42.78
CA LYS Q 219 4.45 -43.20 41.32
C LYS Q 219 5.71 -42.44 40.90
N THR Q 220 6.17 -42.60 39.65
CA THR Q 220 7.32 -41.83 39.20
C THR Q 220 6.95 -40.35 39.09
N PHE Q 221 7.70 -39.49 39.79
CA PHE Q 221 7.46 -38.05 39.75
C PHE Q 221 8.77 -37.27 39.83
N ALA Q 222 8.73 -36.01 39.39
CA ALA Q 222 9.86 -35.12 39.49
C ALA Q 222 9.48 -33.89 40.31
N PHE Q 223 10.47 -33.35 41.03
CA PHE Q 223 10.33 -32.06 41.68
C PHE Q 223 11.60 -31.23 41.48
N THR Q 224 11.47 -29.92 41.68
CA THR Q 224 12.60 -29.01 41.59
C THR Q 224 12.79 -28.25 42.89
N TYR Q 225 14.04 -27.83 43.16
CA TYR Q 225 14.35 -27.06 44.35
C TYR Q 225 15.53 -26.14 44.09
N PRO Q 226 15.67 -25.01 44.83
CA PRO Q 226 16.77 -24.09 44.59
C PRO Q 226 18.09 -24.58 45.19
N VAL Q 227 19.18 -24.35 44.45
CA VAL Q 227 20.52 -24.79 44.84
C VAL Q 227 21.47 -23.60 45.06
N SER Q 228 21.38 -22.54 44.22
CA SER Q 228 22.04 -21.26 44.47
C SER Q 228 21.43 -20.15 43.64
N GLY Q 229 21.74 -18.89 43.96
CA GLY Q 229 21.38 -17.74 43.13
C GLY Q 229 19.87 -17.53 43.01
N PHE Q 230 19.09 -18.09 43.94
CA PHE Q 230 17.64 -18.00 43.92
C PHE Q 230 17.12 -17.10 45.04
N PRO Q 231 16.89 -15.79 44.80
CA PRO Q 231 16.25 -14.91 45.77
C PRO Q 231 14.72 -14.87 45.66
N LEU Q 232 14.16 -15.45 44.59
CA LEU Q 232 12.73 -15.30 44.26
C LEU Q 232 11.84 -16.34 44.95
N ALA Q 233 12.12 -16.66 46.22
CA ALA Q 233 11.35 -17.65 46.97
C ALA Q 233 9.86 -17.29 47.01
N GLY Q 234 9.01 -18.27 46.64
CA GLY Q 234 7.58 -18.07 46.46
C GLY Q 234 7.12 -18.13 45.00
N SER Q 235 8.04 -17.97 44.01
CA SER Q 235 7.66 -17.60 42.64
C SER Q 235 7.57 -18.74 41.62
N ASP Q 236 8.32 -19.84 41.80
CA ASP Q 236 8.60 -20.84 40.75
C ASP Q 236 9.41 -20.30 39.55
N ILE Q 237 10.03 -19.12 39.64
CA ILE Q 237 10.84 -18.60 38.53
C ILE Q 237 12.32 -18.78 38.84
N ALA Q 238 13.07 -19.41 37.94
CA ALA Q 238 14.52 -19.47 38.03
C ALA Q 238 15.11 -18.22 37.36
N PRO Q 239 15.69 -17.24 38.10
CA PRO Q 239 16.29 -16.07 37.45
C PRO Q 239 17.62 -16.42 36.81
N ALA Q 240 18.09 -15.58 35.89
CA ALA Q 240 19.38 -15.78 35.26
C ALA Q 240 20.50 -15.78 36.32
N GLY Q 241 21.38 -16.79 36.27
CA GLY Q 241 22.41 -16.97 37.29
C GLY Q 241 21.93 -17.64 38.58
N SER Q 242 20.74 -18.28 38.56
CA SER Q 242 20.33 -19.23 39.59
C SER Q 242 20.68 -20.65 39.16
N VAL Q 243 20.69 -21.57 40.13
CA VAL Q 243 20.98 -22.98 39.91
C VAL Q 243 19.90 -23.79 40.61
N ILE Q 244 19.25 -24.69 39.87
CA ILE Q 244 18.05 -25.40 40.30
C ILE Q 244 18.31 -26.90 40.29
N GLY Q 245 18.09 -27.58 41.40
CA GLY Q 245 18.14 -29.03 41.44
C GLY Q 245 16.84 -29.61 40.90
N VAL Q 246 16.97 -30.63 40.04
CA VAL Q 246 15.85 -31.41 39.52
C VAL Q 246 16.03 -32.84 40.01
N MET Q 247 15.00 -33.40 40.63
CA MET Q 247 15.11 -34.76 41.13
C MET Q 247 13.89 -35.56 40.69
N ILE Q 248 14.16 -36.77 40.15
CA ILE Q 248 13.15 -37.71 39.70
C ILE Q 248 13.19 -38.89 40.66
N LEU Q 249 12.06 -39.20 41.31
CA LEU Q 249 11.95 -40.38 42.16
C LEU Q 249 11.12 -41.42 41.42
N PHE Q 250 11.62 -42.65 41.29
CA PHE Q 250 10.91 -43.68 40.54
C PHE Q 250 9.84 -44.35 41.40
N GLY Q 251 8.66 -44.57 40.81
CA GLY Q 251 7.60 -45.38 41.42
C GLY Q 251 7.78 -46.86 41.13
N PRO Q 252 6.90 -47.74 41.65
CA PRO Q 252 7.06 -49.19 41.53
C PRO Q 252 7.02 -49.72 40.09
N GLY Q 253 6.41 -48.97 39.16
CA GLY Q 253 6.44 -49.27 37.73
C GLY Q 253 7.85 -49.15 37.16
N GLU Q 254 8.37 -47.92 37.07
CA GLU Q 254 9.67 -47.66 36.45
C GLU Q 254 10.85 -48.19 37.28
N ALA Q 255 10.65 -48.39 38.58
CA ALA Q 255 11.68 -48.93 39.47
C ALA Q 255 12.06 -50.39 39.18
N THR Q 256 11.20 -51.14 38.46
CA THR Q 256 11.12 -52.60 38.49
C THR Q 256 12.43 -53.34 38.19
N ASN Q 257 13.25 -52.81 37.26
CA ASN Q 257 14.65 -53.22 37.13
C ASN Q 257 15.52 -52.07 36.62
N VAL Q 258 16.81 -52.13 36.93
CA VAL Q 258 17.77 -51.05 36.72
C VAL Q 258 17.99 -50.78 35.23
N PHE Q 259 18.30 -49.52 34.86
CA PHE Q 259 18.71 -49.18 33.50
C PHE Q 259 20.12 -49.70 33.22
N GLN Q 260 20.26 -50.60 32.23
CA GLN Q 260 21.56 -51.06 31.76
C GLN Q 260 21.53 -51.26 30.25
N TYR Q 261 22.59 -50.82 29.56
CA TYR Q 261 22.71 -50.98 28.11
C TYR Q 261 21.49 -50.34 27.41
N GLU Q 262 21.10 -49.16 27.90
CA GLU Q 262 19.85 -48.50 27.53
C GLU Q 262 20.07 -47.00 27.42
N THR Q 263 19.28 -46.33 26.57
CA THR Q 263 19.30 -44.87 26.51
C THR Q 263 18.10 -44.30 27.28
N VAL Q 264 18.39 -43.42 28.23
CA VAL Q 264 17.38 -42.67 28.96
C VAL Q 264 17.39 -41.23 28.49
N THR Q 265 16.20 -40.70 28.17
CA THR Q 265 16.02 -39.32 27.75
C THR Q 265 15.06 -38.62 28.72
N ILE Q 266 15.46 -37.43 29.19
CA ILE Q 266 14.63 -36.57 30.00
C ILE Q 266 14.46 -35.28 29.21
N GLN Q 267 13.26 -34.69 29.19
CA GLN Q 267 13.11 -33.39 28.57
C GLN Q 267 12.32 -32.46 29.48
N ILE Q 268 12.87 -31.27 29.74
CA ILE Q 268 12.18 -30.25 30.50
C ILE Q 268 11.67 -29.22 29.50
N THR Q 269 10.35 -28.99 29.47
CA THR Q 269 9.73 -28.08 28.52
C THR Q 269 8.96 -27.00 29.27
N PRO Q 270 9.58 -25.83 29.55
CA PRO Q 270 8.85 -24.70 30.12
C PRO Q 270 7.90 -24.08 29.08
N ASN Q 271 7.03 -23.18 29.55
CA ASN Q 271 5.96 -22.61 28.74
C ASN Q 271 6.45 -21.56 27.73
N ILE Q 272 7.68 -21.05 27.91
CA ILE Q 272 8.32 -20.11 26.98
C ILE Q 272 9.76 -20.60 26.78
N GLY Q 273 10.25 -20.53 25.53
CA GLY Q 273 11.63 -20.88 25.23
C GLY Q 273 11.82 -22.35 24.89
N SER Q 274 13.03 -22.67 24.40
CA SER Q 274 13.38 -24.01 23.95
C SER Q 274 13.43 -24.99 25.12
N PRO Q 275 12.97 -26.25 24.93
CA PRO Q 275 13.11 -27.27 25.97
C PRO Q 275 14.56 -27.72 26.11
N LEU Q 276 14.89 -28.25 27.29
CA LEU Q 276 16.18 -28.85 27.53
C LEU Q 276 16.02 -30.36 27.41
N THR Q 277 16.74 -30.97 26.45
CA THR Q 277 16.70 -32.40 26.25
C THR Q 277 18.02 -33.02 26.72
N ILE Q 278 17.90 -33.98 27.63
CA ILE Q 278 19.02 -34.64 28.30
C ILE Q 278 18.98 -36.11 27.89
N SER Q 279 20.09 -36.66 27.37
CA SER Q 279 20.15 -38.07 26.98
C SER Q 279 21.45 -38.73 27.44
N GLN Q 280 21.33 -39.92 28.05
CA GLN Q 280 22.48 -40.73 28.44
C GLN Q 280 22.27 -42.16 27.98
N TYR Q 281 23.30 -42.76 27.37
CA TYR Q 281 23.36 -44.21 27.36
C TYR Q 281 23.93 -44.67 28.70
N ILE Q 282 23.22 -45.55 29.38
CA ILE Q 282 23.57 -45.97 30.74
C ILE Q 282 24.24 -47.34 30.68
N TYR Q 283 25.52 -47.39 31.03
CA TYR Q 283 26.18 -48.64 31.38
C TYR Q 283 25.73 -49.10 32.77
N GLN Q 284 26.06 -50.35 33.11
CA GLN Q 284 25.80 -50.89 34.45
C GLN Q 284 26.21 -49.90 35.54
N PRO Q 285 25.34 -49.58 36.53
CA PRO Q 285 25.67 -48.60 37.57
C PRO Q 285 26.65 -49.16 38.58
N ASP Q 286 27.63 -48.33 38.96
CA ASP Q 286 28.86 -48.79 39.61
C ASP Q 286 28.95 -48.49 41.11
N GLY Q 287 27.95 -47.81 41.68
CA GLY Q 287 27.88 -47.49 43.11
C GLY Q 287 26.46 -47.15 43.56
N LYS Q 288 26.29 -46.89 44.88
CA LYS Q 288 25.00 -46.50 45.46
C LYS Q 288 24.40 -45.31 44.70
N VAL Q 289 25.27 -44.37 44.33
CA VAL Q 289 25.00 -43.38 43.30
C VAL Q 289 26.03 -43.59 42.19
N THR Q 290 25.65 -43.34 40.94
CA THR Q 290 26.58 -43.42 39.81
C THR Q 290 26.43 -42.18 38.94
N VAL Q 291 27.54 -41.68 38.38
CA VAL Q 291 27.50 -40.57 37.45
C VAL Q 291 27.22 -41.12 36.06
N ILE Q 292 26.04 -40.81 35.50
CA ILE Q 292 25.63 -41.34 34.20
C ILE Q 292 25.85 -40.35 33.06
N GLY Q 293 25.99 -39.05 33.37
CA GLY Q 293 26.14 -38.02 32.35
C GLY Q 293 26.70 -36.72 32.90
N LEU R 1 -29.83 14.00 -9.68
CA LEU R 1 -28.79 13.67 -10.69
C LEU R 1 -27.43 13.56 -10.00
N ALA R 2 -27.12 14.48 -9.07
CA ALA R 2 -25.79 14.52 -8.49
C ALA R 2 -25.39 13.14 -7.98
N GLY R 3 -26.35 12.35 -7.48
CA GLY R 3 -26.11 11.00 -6.98
C GLY R 3 -26.17 9.92 -8.06
N LEU R 4 -27.10 10.05 -9.01
CA LEU R 4 -27.31 9.05 -10.06
C LEU R 4 -26.00 8.81 -10.82
N ASP R 5 -25.37 9.88 -11.33
CA ASP R 5 -24.09 9.80 -12.02
C ASP R 5 -23.00 9.38 -11.04
N THR R 6 -23.06 9.88 -9.80
CA THR R 6 -22.11 9.55 -8.75
C THR R 6 -22.22 8.06 -8.38
N ALA R 7 -23.41 7.47 -8.59
CA ALA R 7 -23.66 6.06 -8.32
C ALA R 7 -23.07 5.19 -9.44
N ILE R 8 -22.88 5.77 -10.64
CA ILE R 8 -22.27 5.09 -11.77
C ILE R 8 -20.77 4.95 -11.55
N ILE R 9 -20.15 5.94 -10.91
CA ILE R 9 -18.70 5.98 -10.66
C ILE R 9 -18.33 5.09 -9.48
N LEU R 10 -19.27 4.91 -8.53
CA LEU R 10 -19.08 4.02 -7.40
C LEU R 10 -19.14 2.55 -7.85
N ILE R 11 -20.19 2.13 -8.57
CA ILE R 11 -20.30 0.79 -9.15
C ILE R 11 -19.01 0.41 -9.91
N ALA R 12 -18.58 1.27 -10.83
CA ALA R 12 -17.42 1.04 -11.68
C ALA R 12 -16.11 0.93 -10.88
N PHE R 13 -15.90 1.81 -9.91
CA PHE R 13 -14.69 1.82 -9.10
C PHE R 13 -14.64 0.61 -8.17
N ILE R 14 -15.79 0.13 -7.67
CA ILE R 14 -15.87 -1.11 -6.89
C ILE R 14 -15.37 -2.27 -7.75
N ILE R 15 -15.94 -2.42 -8.96
CA ILE R 15 -15.56 -3.47 -9.89
C ILE R 15 -14.06 -3.41 -10.20
N THR R 16 -13.53 -2.21 -10.42
CA THR R 16 -12.12 -1.97 -10.70
C THR R 16 -11.22 -2.43 -9.54
N ALA R 17 -11.58 -2.10 -8.30
CA ALA R 17 -10.86 -2.55 -7.11
C ALA R 17 -10.98 -4.06 -6.90
N ALA R 18 -12.18 -4.63 -7.11
CA ALA R 18 -12.43 -6.06 -7.02
C ALA R 18 -11.57 -6.85 -8.02
N VAL R 19 -11.36 -6.32 -9.23
CA VAL R 19 -10.46 -6.88 -10.23
C VAL R 19 -9.00 -6.89 -9.75
N LEU R 20 -8.51 -5.82 -9.11
CA LEU R 20 -7.19 -5.87 -8.49
C LEU R 20 -7.13 -6.89 -7.37
N ALA R 21 -8.14 -6.91 -6.50
CA ALA R 21 -8.24 -7.89 -5.42
C ALA R 21 -8.12 -9.33 -5.96
N TYR R 22 -8.91 -9.65 -6.99
CA TYR R 22 -8.91 -10.94 -7.68
C TYR R 22 -7.51 -11.32 -8.16
N VAL R 23 -6.83 -10.40 -8.86
CA VAL R 23 -5.50 -10.62 -9.42
C VAL R 23 -4.44 -10.77 -8.34
N ALA R 24 -4.43 -9.85 -7.35
CA ALA R 24 -3.44 -9.84 -6.28
C ALA R 24 -3.52 -11.10 -5.41
N VAL R 25 -4.72 -11.55 -5.06
CA VAL R 25 -4.91 -12.76 -4.26
C VAL R 25 -4.46 -14.00 -5.03
N ASN R 26 -4.90 -14.15 -6.30
CA ASN R 26 -4.47 -15.24 -7.16
C ASN R 26 -2.95 -15.28 -7.29
N MET R 27 -2.33 -14.14 -7.58
CA MET R 27 -0.91 -14.10 -7.82
C MET R 27 -0.07 -14.26 -6.53
N GLY R 28 -0.60 -13.83 -5.38
CA GLY R 28 -0.04 -14.15 -4.07
C GLY R 28 -0.08 -15.64 -3.76
N LEU R 29 -1.22 -16.30 -4.02
CA LEU R 29 -1.34 -17.75 -3.89
C LEU R 29 -0.31 -18.46 -4.79
N PHE R 30 -0.16 -18.01 -6.04
CA PHE R 30 0.85 -18.52 -6.96
C PHE R 30 2.27 -18.36 -6.41
N VAL R 31 2.70 -17.13 -6.11
CA VAL R 31 4.09 -16.86 -5.74
C VAL R 31 4.46 -17.51 -4.41
N THR R 32 3.55 -17.52 -3.42
CA THR R 32 3.81 -18.18 -2.15
C THR R 32 4.00 -19.69 -2.33
N GLN R 33 3.29 -20.31 -3.28
CA GLN R 33 3.51 -21.71 -3.59
C GLN R 33 4.83 -21.96 -4.35
N LYS R 34 5.24 -21.05 -5.25
CA LYS R 34 6.57 -21.07 -5.85
C LYS R 34 7.66 -20.97 -4.77
N ALA R 35 7.44 -20.13 -3.74
CA ALA R 35 8.31 -20.04 -2.58
C ALA R 35 8.35 -21.36 -1.79
N LYS R 36 7.19 -21.96 -1.47
CA LYS R 36 7.11 -23.26 -0.80
C LYS R 36 7.96 -24.31 -1.53
N THR R 37 7.74 -24.45 -2.84
CA THR R 37 8.47 -25.39 -3.70
C THR R 37 9.98 -25.10 -3.67
N THR R 38 10.37 -23.82 -3.80
CA THR R 38 11.76 -23.39 -3.78
C THR R 38 12.43 -23.73 -2.45
N ILE R 39 11.77 -23.46 -1.32
CA ILE R 39 12.28 -23.78 0.01
C ILE R 39 12.54 -25.28 0.12
N ASN R 40 11.60 -26.11 -0.35
CA ASN R 40 11.77 -27.56 -0.38
C ASN R 40 13.01 -27.96 -1.20
N LYS R 41 13.14 -27.46 -2.45
CA LYS R 41 14.27 -27.75 -3.32
C LYS R 41 15.60 -27.26 -2.75
N GLY R 42 15.59 -26.15 -2.00
CA GLY R 42 16.77 -25.64 -1.31
C GLY R 42 17.24 -26.58 -0.20
N GLU R 43 16.31 -27.08 0.62
CA GLU R 43 16.64 -28.08 1.63
C GLU R 43 17.15 -29.37 0.98
N GLU R 44 16.44 -29.88 -0.04
CA GLU R 44 16.87 -31.08 -0.78
C GLU R 44 18.28 -30.91 -1.33
N THR R 45 18.61 -29.72 -1.85
CA THR R 45 19.93 -29.41 -2.40
C THR R 45 21.00 -29.39 -1.30
N ALA R 46 20.66 -28.97 -0.08
CA ALA R 46 21.58 -28.96 1.04
C ALA R 46 21.74 -30.35 1.67
N SER R 47 20.69 -31.19 1.66
CA SER R 47 20.72 -32.50 2.29
C SER R 47 21.29 -33.59 1.37
N THR R 48 20.85 -33.65 0.10
CA THR R 48 21.28 -34.71 -0.81
C THR R 48 22.75 -34.55 -1.21
N ALA R 49 23.52 -35.63 -1.01
CA ALA R 49 24.94 -35.72 -1.38
C ALA R 49 25.38 -37.18 -1.33
N LEU R 50 26.47 -37.53 -2.03
CA LEU R 50 27.08 -38.85 -1.98
C LEU R 50 28.44 -38.76 -1.29
N SER R 51 28.79 -39.79 -0.52
CA SER R 51 30.11 -39.98 0.06
C SER R 51 30.78 -41.17 -0.62
N LEU R 52 32.09 -41.07 -0.83
CA LEU R 52 32.90 -42.25 -1.15
C LEU R 52 32.96 -43.14 0.10
N SER R 53 32.42 -44.36 0.01
CA SER R 53 32.25 -45.25 1.16
C SER R 53 32.91 -46.61 0.93
N GLY R 54 34.06 -46.58 0.24
CA GLY R 54 34.97 -47.70 0.08
C GLY R 54 36.30 -47.20 -0.49
N ASN R 55 37.27 -48.10 -0.64
CA ASN R 55 38.48 -47.75 -1.35
C ASN R 55 38.21 -47.68 -2.86
N VAL R 56 39.07 -46.94 -3.59
CA VAL R 56 39.04 -46.89 -5.04
C VAL R 56 40.04 -47.92 -5.56
N LEU R 57 39.54 -48.89 -6.33
CA LEU R 57 40.32 -49.99 -6.87
C LEU R 57 40.57 -49.74 -8.34
N TYR R 58 41.80 -50.01 -8.80
CA TYR R 58 42.19 -49.79 -10.18
C TYR R 58 42.83 -51.07 -10.73
N ALA R 59 42.41 -51.51 -11.93
CA ALA R 59 42.85 -52.75 -12.54
C ALA R 59 43.59 -52.50 -13.85
N VAL R 60 44.69 -53.24 -14.07
CA VAL R 60 45.58 -53.07 -15.21
C VAL R 60 46.15 -54.43 -15.63
N ASN R 61 46.79 -54.52 -16.80
CA ASN R 61 47.43 -55.73 -17.30
C ASN R 61 48.75 -56.05 -16.60
N TYR R 62 48.69 -56.13 -15.27
CA TYR R 62 49.83 -56.38 -14.42
C TYR R 62 50.46 -57.74 -14.72
N PRO R 63 51.82 -57.90 -14.65
CA PRO R 63 52.77 -56.84 -14.29
C PRO R 63 53.20 -55.91 -15.42
N THR R 64 52.78 -56.21 -16.66
CA THR R 64 53.29 -55.51 -17.85
C THR R 64 52.91 -54.03 -17.88
N ASN R 65 51.77 -53.65 -17.30
CA ASN R 65 51.32 -52.27 -17.11
C ASN R 65 51.26 -51.44 -18.40
N THR R 66 51.06 -52.09 -19.56
CA THR R 66 50.90 -51.38 -20.82
C THR R 66 49.44 -50.95 -21.06
N LYS R 67 48.47 -51.51 -20.33
CA LYS R 67 47.05 -51.32 -20.64
C LYS R 67 46.16 -51.30 -19.39
N SER R 68 45.09 -50.50 -19.45
CA SER R 68 44.25 -50.16 -18.30
C SER R 68 42.84 -50.77 -18.47
N TYR R 69 42.29 -51.40 -17.42
CA TYR R 69 41.10 -52.23 -17.55
C TYR R 69 39.85 -51.57 -16.96
N TRP R 70 39.86 -51.31 -15.64
CA TRP R 70 38.71 -50.72 -14.98
C TRP R 70 39.07 -50.04 -13.66
N MET R 71 38.17 -49.16 -13.19
CA MET R 71 38.19 -48.65 -11.83
C MET R 71 36.86 -49.01 -11.16
N TYR R 72 36.92 -49.36 -9.88
CA TYR R 72 35.75 -49.69 -9.08
C TYR R 72 35.81 -48.87 -7.79
N PHE R 73 34.67 -48.33 -7.35
CA PHE R 73 34.57 -47.71 -6.03
C PHE R 73 33.13 -47.75 -5.55
N THR R 74 32.92 -47.46 -4.26
CA THR R 74 31.61 -47.61 -3.65
C THR R 74 31.15 -46.25 -3.14
N VAL R 75 29.86 -45.91 -3.34
CA VAL R 75 29.30 -44.66 -2.85
C VAL R 75 28.03 -44.91 -2.06
N SER R 76 27.67 -43.99 -1.16
CA SER R 76 26.43 -44.06 -0.40
C SER R 76 25.98 -42.63 -0.08
N PRO R 77 24.66 -42.36 0.05
CA PRO R 77 24.19 -41.04 0.49
C PRO R 77 24.82 -40.61 1.81
N SER R 78 25.28 -39.35 1.86
CA SER R 78 26.09 -38.81 2.96
C SER R 78 25.31 -38.76 4.27
N SER R 79 25.94 -39.27 5.35
CA SER R 79 25.45 -39.09 6.72
C SER R 79 24.03 -39.61 6.93
N GLY R 80 23.52 -40.48 6.04
CA GLY R 80 22.21 -41.09 6.13
C GLY R 80 21.02 -40.13 6.07
N VAL R 81 21.18 -38.94 5.47
CA VAL R 81 20.16 -37.90 5.61
C VAL R 81 18.99 -38.03 4.62
N SER R 82 19.26 -38.35 3.35
CA SER R 82 18.25 -38.38 2.30
C SER R 82 18.69 -39.22 1.09
N SER R 83 17.74 -39.59 0.22
CA SER R 83 17.96 -40.44 -0.95
C SER R 83 18.54 -39.66 -2.14
N VAL R 84 19.24 -40.36 -3.05
CA VAL R 84 19.85 -39.75 -4.24
C VAL R 84 19.37 -40.47 -5.51
N ASP R 85 18.83 -39.72 -6.49
CA ASP R 85 18.54 -40.24 -7.82
C ASP R 85 19.85 -40.50 -8.57
N LEU R 86 20.08 -41.76 -8.99
CA LEU R 86 21.24 -42.14 -9.77
C LEU R 86 20.87 -42.62 -11.17
N SER R 87 19.73 -42.20 -11.73
CA SER R 87 19.38 -42.65 -13.08
C SER R 87 20.39 -42.15 -14.11
N PRO R 88 20.90 -43.00 -15.03
CA PRO R 88 21.92 -42.58 -15.98
C PRO R 88 21.46 -41.58 -17.05
N SER R 89 20.15 -41.34 -17.14
CA SER R 89 19.61 -40.26 -17.99
C SER R 89 19.79 -38.89 -17.32
N THR R 90 19.61 -38.82 -15.99
CA THR R 90 19.63 -37.56 -15.25
C THR R 90 21.03 -37.24 -14.72
N THR R 91 21.75 -38.25 -14.23
CA THR R 91 23.06 -38.12 -13.59
C THR R 91 24.19 -38.13 -14.63
N ALA R 92 25.27 -37.39 -14.39
CA ALA R 92 26.50 -37.53 -15.17
C ALA R 92 27.62 -38.09 -14.29
N ILE R 93 28.51 -38.91 -14.87
CA ILE R 93 29.79 -39.18 -14.24
C ILE R 93 30.87 -38.71 -15.21
N SER R 94 31.68 -37.72 -14.80
CA SER R 94 32.80 -37.27 -15.60
C SER R 94 34.08 -38.00 -15.18
N PHE R 95 35.05 -38.05 -16.08
CA PHE R 95 36.34 -38.66 -15.82
C PHE R 95 37.43 -37.79 -16.47
N THR R 96 38.42 -37.33 -15.70
CA THR R 96 39.52 -36.56 -16.27
C THR R 96 40.88 -37.04 -15.74
N ALA R 97 41.81 -37.28 -16.65
CA ALA R 97 43.22 -37.45 -16.33
C ALA R 97 43.96 -36.28 -16.97
N ALA R 98 44.02 -35.15 -16.24
CA ALA R 98 44.34 -33.83 -16.78
C ALA R 98 45.73 -33.79 -17.41
N SER R 99 46.71 -34.46 -16.79
CA SER R 99 48.09 -34.52 -17.24
C SER R 99 48.22 -34.95 -18.71
N ARG R 100 47.45 -35.98 -19.10
CA ARG R 100 47.45 -36.54 -20.44
C ARG R 100 46.34 -35.97 -21.34
N GLY R 101 45.61 -34.95 -20.85
CA GLY R 101 44.59 -34.26 -21.63
C GLY R 101 43.30 -35.06 -21.85
N VAL R 102 43.11 -36.18 -21.14
CA VAL R 102 41.88 -36.95 -21.19
C VAL R 102 40.82 -36.26 -20.33
N SER R 103 39.67 -35.98 -20.96
CA SER R 103 38.55 -35.34 -20.26
C SER R 103 37.25 -35.81 -20.90
N LEU R 104 36.47 -36.59 -20.15
CA LEU R 104 35.20 -37.13 -20.59
C LEU R 104 34.12 -36.51 -19.72
N SER R 105 33.20 -35.77 -20.34
CA SER R 105 32.21 -34.99 -19.59
C SER R 105 31.09 -35.87 -19.03
N ASN R 106 30.74 -36.97 -19.71
CA ASN R 106 29.79 -37.94 -19.17
C ASN R 106 30.03 -39.33 -19.74
N ILE R 107 30.41 -40.27 -18.85
CA ILE R 107 30.64 -41.67 -19.19
C ILE R 107 29.55 -42.59 -18.62
N TYR R 108 28.60 -42.06 -17.85
CA TYR R 108 27.61 -42.89 -17.15
C TYR R 108 26.50 -43.33 -18.10
N GLN R 109 26.30 -44.65 -18.25
CA GLN R 109 25.37 -45.15 -19.26
C GLN R 109 24.28 -46.06 -18.70
N PHE R 110 24.59 -46.89 -17.68
CA PHE R 110 23.70 -47.97 -17.28
C PHE R 110 23.64 -48.14 -15.77
N SER R 111 22.53 -48.70 -15.27
CA SER R 111 22.45 -49.05 -13.86
C SER R 111 21.70 -50.37 -13.67
N LEU R 112 22.23 -51.23 -12.79
CA LEU R 112 21.53 -52.42 -12.35
C LEU R 112 20.54 -52.11 -11.22
N LEU R 113 20.47 -50.86 -10.74
CA LEU R 113 19.43 -50.45 -9.79
C LEU R 113 18.04 -50.55 -10.43
N SER R 114 17.94 -50.40 -11.76
CA SER R 114 16.73 -50.57 -12.56
C SER R 114 16.27 -52.04 -12.66
N VAL R 115 17.14 -53.00 -12.31
CA VAL R 115 17.01 -54.39 -12.74
C VAL R 115 16.55 -55.27 -11.56
N LEU R 116 15.43 -55.99 -11.74
CA LEU R 116 14.95 -56.94 -10.75
C LEU R 116 15.76 -58.25 -10.84
N PRO R 117 15.98 -58.99 -9.72
CA PRO R 117 16.71 -60.26 -9.76
C PRO R 117 16.20 -61.25 -10.81
N SER R 118 14.88 -61.34 -10.99
CA SER R 118 14.24 -62.23 -11.97
C SER R 118 14.60 -61.90 -13.43
N GLN R 119 15.16 -60.71 -13.69
CA GLN R 119 15.60 -60.31 -15.02
C GLN R 119 17.01 -60.82 -15.34
N VAL R 120 17.78 -61.29 -14.34
CA VAL R 120 19.18 -61.68 -14.52
C VAL R 120 19.50 -63.07 -14.00
N ASN R 121 18.90 -63.49 -12.89
CA ASN R 121 19.11 -64.83 -12.34
C ASN R 121 18.55 -65.89 -13.29
N ASN R 122 19.27 -67.01 -13.43
CA ASN R 122 18.93 -68.13 -14.31
C ASN R 122 18.84 -67.74 -15.80
N LYS R 123 19.46 -66.62 -16.22
CA LYS R 123 19.38 -66.14 -17.60
C LYS R 123 20.74 -66.09 -18.32
N VAL R 124 21.83 -66.31 -17.58
CA VAL R 124 23.12 -66.69 -18.13
C VAL R 124 23.54 -68.02 -17.53
N GLN R 125 24.24 -68.85 -18.33
CA GLN R 125 24.50 -70.23 -17.96
C GLN R 125 25.84 -70.71 -18.53
N VAL R 126 26.46 -71.68 -17.85
CA VAL R 126 27.74 -72.25 -18.25
C VAL R 126 27.54 -73.70 -18.69
N LYS R 127 28.08 -74.05 -19.88
CA LYS R 127 28.16 -75.43 -20.34
C LYS R 127 29.48 -76.05 -19.87
N LEU R 128 29.46 -76.77 -18.72
CA LEU R 128 30.59 -77.57 -18.27
C LEU R 128 30.44 -78.99 -18.81
N GLY R 129 31.05 -79.26 -19.98
CA GLY R 129 30.84 -80.52 -20.70
C GLY R 129 29.37 -80.72 -21.07
N THR R 130 28.80 -81.86 -20.65
CA THR R 130 27.39 -82.19 -20.83
C THR R 130 26.48 -81.30 -19.97
N SER R 131 26.93 -80.98 -18.74
CA SER R 131 26.13 -80.26 -17.75
C SER R 131 25.97 -78.79 -18.09
N ILE R 132 24.78 -78.21 -17.81
CA ILE R 132 24.53 -76.79 -18.00
C ILE R 132 24.04 -76.18 -16.68
N ILE R 133 24.77 -75.18 -16.17
CA ILE R 133 24.51 -74.59 -14.86
C ILE R 133 23.99 -73.17 -15.02
N ASN R 134 22.80 -72.91 -14.48
CA ASN R 134 22.19 -71.59 -14.38
C ASN R 134 22.91 -70.77 -13.29
N LEU R 135 23.35 -69.54 -13.61
CA LEU R 135 23.99 -68.68 -12.62
C LEU R 135 22.97 -67.84 -11.84
N THR R 136 23.23 -67.65 -10.54
CA THR R 136 22.57 -66.65 -9.72
C THR R 136 23.54 -65.49 -9.52
N LEU R 137 23.11 -64.28 -9.89
CA LEU R 137 23.99 -63.11 -9.97
C LEU R 137 23.54 -62.03 -8.99
N ALA R 138 22.24 -61.71 -9.00
CA ALA R 138 21.64 -60.83 -8.00
C ALA R 138 21.27 -61.66 -6.77
N PHE R 139 21.97 -61.45 -5.65
CA PHE R 139 21.59 -62.04 -4.38
C PHE R 139 20.49 -61.19 -3.73
N SER R 140 19.73 -61.80 -2.80
CA SER R 140 18.62 -61.10 -2.18
C SER R 140 18.35 -61.62 -0.76
N SER R 141 17.80 -60.76 0.11
CA SER R 141 17.41 -61.09 1.48
C SER R 141 16.22 -60.22 1.91
N ASN R 142 15.50 -60.65 2.95
CA ASN R 142 14.29 -59.95 3.39
C ASN R 142 14.48 -59.29 4.76
N SER R 143 13.98 -58.05 4.90
CA SER R 143 13.74 -57.45 6.21
C SER R 143 12.47 -56.60 6.17
N ALA R 144 11.62 -56.69 7.21
CA ALA R 144 10.39 -55.92 7.33
C ALA R 144 9.51 -55.96 6.06
N GLY R 145 9.50 -57.11 5.37
CA GLY R 145 8.67 -57.31 4.19
C GLY R 145 9.21 -56.67 2.90
N GLN R 146 10.41 -56.06 2.96
CA GLN R 146 11.12 -55.56 1.78
C GLN R 146 12.14 -56.60 1.33
N THR R 147 12.28 -56.80 0.00
CA THR R 147 13.39 -57.57 -0.54
C THR R 147 14.54 -56.64 -0.90
N TYR R 148 15.68 -56.85 -0.24
CA TYR R 148 16.93 -56.18 -0.55
C TYR R 148 17.61 -56.93 -1.69
N VAL R 149 18.30 -56.20 -2.58
CA VAL R 149 18.97 -56.79 -3.74
C VAL R 149 20.39 -56.27 -3.79
N TYR R 150 21.35 -57.14 -4.13
CA TYR R 150 22.73 -56.71 -4.31
C TYR R 150 23.50 -57.70 -5.17
N TYR R 151 24.66 -57.25 -5.68
CA TYR R 151 25.61 -58.13 -6.37
C TYR R 151 26.82 -58.29 -5.47
N SER R 152 27.23 -59.55 -5.24
CA SER R 152 28.26 -59.85 -4.26
C SER R 152 29.64 -59.38 -4.71
N ASP R 153 29.87 -59.31 -6.03
CA ASP R 153 31.14 -58.84 -6.58
C ASP R 153 30.95 -58.12 -7.92
N PRO R 154 31.96 -57.36 -8.41
CA PRO R 154 31.91 -56.77 -9.74
C PRO R 154 31.78 -57.78 -10.89
N ASN R 155 32.22 -59.04 -10.70
CA ASN R 155 32.14 -60.06 -11.74
C ASN R 155 30.69 -60.45 -12.03
N TYR R 156 29.91 -60.74 -10.98
CA TYR R 156 28.49 -61.02 -11.16
C TYR R 156 27.72 -59.79 -11.66
N ALA R 157 28.13 -58.59 -11.23
CA ALA R 157 27.58 -57.35 -11.76
C ALA R 157 27.86 -57.21 -13.26
N LEU R 158 29.09 -57.51 -13.71
CA LEU R 158 29.45 -57.47 -15.13
C LEU R 158 28.62 -58.44 -15.95
N LEU R 159 28.46 -59.68 -15.49
CA LEU R 159 27.67 -60.67 -16.20
C LEU R 159 26.20 -60.26 -16.28
N ALA R 160 25.63 -59.75 -15.18
CA ALA R 160 24.28 -59.22 -15.13
C ALA R 160 24.09 -58.05 -16.10
N LEU R 161 25.11 -57.20 -16.24
CA LEU R 161 25.09 -56.11 -17.20
C LEU R 161 25.20 -56.62 -18.64
N ASN R 162 26.13 -57.53 -18.95
CA ASN R 162 26.23 -58.14 -20.27
C ASN R 162 24.87 -58.69 -20.72
N TYR R 163 24.21 -59.44 -19.83
CA TYR R 163 22.88 -59.96 -20.12
C TYR R 163 21.89 -58.83 -20.37
N THR R 164 21.77 -57.89 -19.43
CA THR R 164 20.83 -56.79 -19.50
C THR R 164 20.98 -55.98 -20.79
N LEU R 165 22.21 -55.62 -21.17
CA LEU R 165 22.45 -54.81 -22.36
C LEU R 165 22.23 -55.62 -23.65
N GLY R 166 22.64 -56.89 -23.68
CA GLY R 166 22.33 -57.76 -24.81
C GLY R 166 20.82 -57.92 -25.02
N GLN R 167 20.08 -58.03 -23.91
CA GLN R 167 18.63 -58.11 -23.91
C GLN R 167 17.97 -56.81 -24.36
N GLU R 168 18.53 -55.65 -24.00
CA GLU R 168 18.06 -54.34 -24.49
C GLU R 168 18.37 -54.13 -25.97
N VAL R 169 19.50 -54.62 -26.49
CA VAL R 169 19.79 -54.62 -27.92
C VAL R 169 18.78 -55.52 -28.66
N LYS R 170 18.54 -56.73 -28.13
CA LYS R 170 17.59 -57.69 -28.67
C LYS R 170 16.17 -57.11 -28.70
N GLY R 171 15.80 -56.34 -27.66
CA GLY R 171 14.53 -55.63 -27.59
C GLY R 171 14.48 -54.31 -28.38
N GLY R 172 15.56 -53.93 -29.08
CA GLY R 172 15.62 -52.72 -29.88
C GLY R 172 15.65 -51.40 -29.09
N GLN R 173 15.82 -51.47 -27.76
CA GLN R 173 15.86 -50.30 -26.89
C GLN R 173 17.22 -49.59 -26.91
N LEU R 174 18.26 -50.31 -27.33
CA LEU R 174 19.65 -49.85 -27.37
C LEU R 174 20.26 -50.25 -28.72
N THR R 175 21.08 -49.39 -29.34
CA THR R 175 21.58 -49.64 -30.69
C THR R 175 22.68 -50.72 -30.70
N SER R 176 23.66 -50.59 -29.79
CA SER R 176 24.70 -51.58 -29.52
C SER R 176 25.07 -51.56 -28.04
N SER R 177 25.37 -52.74 -27.48
CA SER R 177 25.99 -52.81 -26.17
C SER R 177 27.47 -52.44 -26.30
N PRO R 178 28.02 -51.54 -25.45
CA PRO R 178 29.46 -51.28 -25.44
C PRO R 178 30.25 -52.39 -24.75
N LEU R 179 29.56 -53.28 -24.01
CA LEU R 179 30.15 -54.41 -23.31
C LEU R 179 29.71 -55.72 -23.98
N TYR R 180 30.68 -56.62 -24.23
CA TYR R 180 30.37 -57.97 -24.67
C TYR R 180 31.23 -58.97 -23.91
N ILE R 181 30.61 -59.97 -23.27
CA ILE R 181 31.32 -60.92 -22.42
C ILE R 181 31.12 -62.34 -22.95
N ILE R 182 32.25 -63.07 -23.14
CA ILE R 182 32.27 -64.44 -23.66
C ILE R 182 33.27 -65.29 -22.87
N SER R 183 33.00 -66.59 -22.74
CA SER R 183 33.95 -67.56 -22.20
C SER R 183 34.80 -68.16 -23.32
N ASN R 184 34.15 -68.37 -24.47
CA ASN R 184 34.75 -68.92 -25.67
C ASN R 184 35.47 -67.82 -26.45
N THR R 185 36.80 -67.88 -26.54
CA THR R 185 37.55 -66.93 -27.36
C THR R 185 37.56 -67.29 -28.86
N SER R 186 37.21 -68.53 -29.23
CA SER R 186 37.18 -68.98 -30.63
C SER R 186 36.27 -68.11 -31.50
N ILE R 187 35.22 -67.55 -30.88
CA ILE R 187 34.21 -66.69 -31.50
C ILE R 187 34.82 -65.43 -32.13
N VAL R 188 35.91 -64.91 -31.55
CA VAL R 188 36.48 -63.60 -31.86
C VAL R 188 36.90 -63.47 -33.32
N ALA R 189 37.41 -64.56 -33.93
CA ALA R 189 37.79 -64.57 -35.35
C ALA R 189 36.63 -64.22 -36.28
N SER R 190 35.38 -64.58 -35.89
CA SER R 190 34.18 -64.32 -36.67
C SER R 190 33.60 -62.91 -36.43
N LYS R 191 34.17 -62.16 -35.48
CA LYS R 191 33.64 -60.87 -35.01
C LYS R 191 34.77 -59.84 -34.94
N PRO R 192 35.30 -59.38 -36.10
CA PRO R 192 36.56 -58.63 -36.13
C PRO R 192 36.55 -57.29 -35.41
N TRP R 193 35.38 -56.70 -35.15
CA TRP R 193 35.27 -55.51 -34.32
C TRP R 193 35.77 -55.73 -32.88
N LEU R 194 35.70 -56.97 -32.38
CA LEU R 194 36.23 -57.33 -31.06
C LEU R 194 37.76 -57.41 -31.03
N LYS R 195 38.43 -57.39 -32.19
CA LYS R 195 39.89 -57.52 -32.26
C LYS R 195 40.59 -56.29 -31.67
N ASN R 196 40.03 -55.10 -31.90
CA ASN R 196 40.72 -53.85 -31.66
C ASN R 196 40.26 -53.11 -30.39
N ASP R 197 39.02 -53.36 -29.92
CA ASP R 197 38.54 -52.74 -28.68
C ASP R 197 39.19 -53.35 -27.43
N ASN R 198 38.97 -52.74 -26.26
CA ASN R 198 39.73 -53.08 -25.07
C ASN R 198 39.20 -54.38 -24.45
N VAL R 199 40.11 -55.26 -23.98
CA VAL R 199 39.71 -56.54 -23.41
C VAL R 199 40.42 -56.81 -22.09
N PHE R 200 39.64 -57.28 -21.09
CA PHE R 200 40.17 -57.79 -19.84
C PHE R 200 39.46 -59.10 -19.48
N THR R 201 40.03 -59.86 -18.54
CA THR R 201 39.44 -61.14 -18.16
C THR R 201 39.20 -61.23 -16.67
N PHE R 202 38.22 -62.04 -16.28
CA PHE R 202 37.95 -62.34 -14.88
C PHE R 202 37.44 -63.77 -14.76
N ASN R 203 37.68 -64.39 -13.60
CA ASN R 203 37.25 -65.75 -13.35
C ASN R 203 36.11 -65.76 -12.34
N ILE R 204 35.12 -66.64 -12.56
CA ILE R 204 34.15 -67.01 -11.54
C ILE R 204 34.24 -68.53 -11.33
N SER R 205 33.73 -69.05 -10.21
CA SER R 205 33.71 -70.49 -9.98
C SER R 205 32.29 -71.05 -10.12
N VAL R 206 32.14 -72.13 -10.92
CA VAL R 206 30.86 -72.77 -11.18
C VAL R 206 31.08 -74.28 -11.06
N ASN R 207 30.24 -74.97 -10.27
CA ASN R 207 30.48 -76.37 -9.93
C ASN R 207 31.95 -76.58 -9.50
N GLY R 208 32.44 -75.68 -8.63
CA GLY R 208 33.81 -75.66 -8.13
C GLY R 208 34.92 -75.56 -9.20
N THR R 209 34.54 -75.25 -10.45
CA THR R 209 35.45 -75.14 -11.59
C THR R 209 35.63 -73.67 -11.95
N GLU R 210 36.88 -73.23 -12.16
CA GLU R 210 37.15 -71.87 -12.62
C GLU R 210 36.71 -71.69 -14.08
N VAL R 211 35.85 -70.69 -14.33
CA VAL R 211 35.42 -70.29 -15.66
C VAL R 211 36.00 -68.90 -15.93
N GLU R 212 36.86 -68.78 -16.96
CA GLU R 212 37.36 -67.47 -17.35
C GLU R 212 36.41 -66.82 -18.36
N TYR R 213 36.05 -65.57 -18.09
CA TYR R 213 35.31 -64.72 -19.00
C TYR R 213 36.19 -63.59 -19.51
N TYR R 214 36.03 -63.29 -20.80
CA TYR R 214 36.70 -62.22 -21.52
C TYR R 214 35.68 -61.13 -21.76
N ALA R 215 35.95 -59.92 -21.25
CA ALA R 215 35.07 -58.77 -21.37
C ALA R 215 35.66 -57.80 -22.40
N TYR R 216 34.90 -57.56 -23.48
CA TYR R 216 35.27 -56.65 -24.56
C TYR R 216 34.52 -55.34 -24.38
N VAL R 217 35.25 -54.23 -24.38
CA VAL R 217 34.73 -52.91 -24.05
C VAL R 217 35.00 -51.93 -25.20
N ASN R 218 33.92 -51.44 -25.80
CA ASN R 218 33.86 -50.66 -27.03
C ASN R 218 34.35 -49.22 -26.82
N LYS R 219 34.03 -48.64 -25.64
CA LYS R 219 34.27 -47.24 -25.28
C LYS R 219 34.34 -47.12 -23.75
N THR R 220 34.96 -46.06 -23.22
CA THR R 220 34.96 -45.87 -21.78
C THR R 220 33.55 -45.55 -21.28
N PHE R 221 33.05 -46.35 -20.33
CA PHE R 221 31.72 -46.13 -19.77
C PHE R 221 31.70 -46.50 -18.29
N ALA R 222 30.70 -45.97 -17.57
CA ALA R 222 30.49 -46.29 -16.18
C ALA R 222 29.10 -46.89 -16.00
N PHE R 223 28.97 -47.80 -15.03
CA PHE R 223 27.67 -48.28 -14.59
C PHE R 223 27.64 -48.36 -13.07
N THR R 224 26.43 -48.43 -12.51
CA THR R 224 26.23 -48.56 -11.07
C THR R 224 25.42 -49.81 -10.77
N TYR R 225 25.62 -50.37 -9.56
CA TYR R 225 24.87 -51.53 -9.12
C TYR R 225 24.73 -51.53 -7.60
N PRO R 226 23.69 -52.18 -7.04
CA PRO R 226 23.51 -52.19 -5.58
C PRO R 226 24.44 -53.15 -4.87
N VAL R 227 24.95 -52.73 -3.71
CA VAL R 227 25.90 -53.49 -2.89
C VAL R 227 25.31 -53.86 -1.53
N SER R 228 24.55 -52.95 -0.89
CA SER R 228 23.75 -53.27 0.29
C SER R 228 22.67 -52.21 0.53
N GLY R 229 21.69 -52.51 1.39
CA GLY R 229 20.72 -51.53 1.86
C GLY R 229 19.82 -50.98 0.74
N PHE R 230 19.72 -51.71 -0.37
CA PHE R 230 18.94 -51.29 -1.52
C PHE R 230 17.68 -52.15 -1.69
N PRO R 231 16.52 -51.74 -1.14
CA PRO R 231 15.25 -52.44 -1.39
C PRO R 231 14.48 -51.91 -2.61
N LEU R 232 14.92 -50.78 -3.19
CA LEU R 232 14.17 -50.07 -4.22
C LEU R 232 14.46 -50.58 -5.64
N ALA R 233 14.60 -51.91 -5.81
CA ALA R 233 14.90 -52.48 -7.12
C ALA R 233 13.85 -52.09 -8.16
N GLY R 234 14.33 -51.59 -9.32
CA GLY R 234 13.51 -51.01 -10.36
C GLY R 234 13.63 -49.49 -10.49
N SER R 235 14.15 -48.78 -9.47
CA SER R 235 13.94 -47.34 -9.33
C SER R 235 15.07 -46.42 -9.81
N ASP R 236 16.35 -46.88 -9.80
CA ASP R 236 17.54 -46.03 -9.90
C ASP R 236 17.74 -45.05 -8.72
N ILE R 237 17.02 -45.22 -7.59
CA ILE R 237 17.21 -44.32 -6.46
C ILE R 237 18.03 -45.04 -5.38
N ALA R 238 19.12 -44.42 -4.92
CA ALA R 238 19.86 -44.91 -3.76
C ALA R 238 19.24 -44.32 -2.50
N PRO R 239 18.55 -45.11 -1.63
CA PRO R 239 17.99 -44.56 -0.40
C PRO R 239 19.08 -44.33 0.64
N ALA R 240 18.79 -43.50 1.64
CA ALA R 240 19.72 -43.28 2.73
C ALA R 240 20.05 -44.59 3.45
N GLY R 241 21.35 -44.87 3.66
CA GLY R 241 21.80 -46.14 4.23
C GLY R 241 21.86 -47.29 3.23
N SER R 242 21.82 -47.00 1.92
CA SER R 242 22.20 -47.95 0.88
C SER R 242 23.67 -47.76 0.49
N VAL R 243 24.25 -48.76 -0.17
CA VAL R 243 25.62 -48.75 -0.62
C VAL R 243 25.62 -49.18 -2.09
N ILE R 244 26.23 -48.37 -2.97
CA ILE R 244 26.14 -48.52 -4.42
C ILE R 244 27.55 -48.70 -4.98
N GLY R 245 27.77 -49.77 -5.75
CA GLY R 245 29.02 -49.92 -6.47
C GLY R 245 28.98 -49.09 -7.75
N VAL R 246 30.08 -48.39 -8.03
CA VAL R 246 30.29 -47.65 -9.27
C VAL R 246 31.48 -48.28 -9.96
N MET R 247 31.32 -48.65 -11.23
CA MET R 247 32.43 -49.26 -11.95
C MET R 247 32.60 -48.58 -13.31
N ILE R 248 33.86 -48.23 -13.62
CA ILE R 248 34.25 -47.60 -14.87
C ILE R 248 35.06 -48.63 -15.65
N LEU R 249 34.63 -48.97 -16.87
CA LEU R 249 35.40 -49.85 -17.74
C LEU R 249 36.02 -49.00 -18.84
N PHE R 250 37.33 -49.11 -19.05
CA PHE R 250 38.01 -48.28 -20.04
C PHE R 250 37.88 -48.87 -21.45
N GLY R 251 37.61 -48.00 -22.43
CA GLY R 251 37.63 -48.36 -23.83
C GLY R 251 39.04 -48.24 -24.43
N PRO R 252 39.24 -48.59 -25.72
CA PRO R 252 40.57 -48.63 -26.33
C PRO R 252 41.29 -47.28 -26.38
N GLY R 253 40.55 -46.16 -26.31
CA GLY R 253 41.12 -44.83 -26.17
C GLY R 253 41.84 -44.65 -24.83
N GLU R 254 41.08 -44.61 -23.73
CA GLU R 254 41.61 -44.34 -22.40
C GLU R 254 42.47 -45.49 -21.87
N ALA R 255 42.28 -46.72 -22.38
CA ALA R 255 43.06 -47.88 -21.98
C ALA R 255 44.53 -47.83 -22.39
N THR R 256 44.90 -46.96 -23.36
CA THR R 256 46.09 -47.09 -24.20
C THR R 256 47.41 -47.21 -23.45
N ASN R 257 47.57 -46.50 -22.32
CA ASN R 257 48.63 -46.77 -21.36
C ASN R 257 48.19 -46.43 -19.92
N VAL R 258 48.82 -47.10 -18.94
CA VAL R 258 48.41 -47.05 -17.54
C VAL R 258 48.61 -45.67 -16.93
N PHE R 259 47.77 -45.30 -15.95
CA PHE R 259 47.97 -44.07 -15.17
C PHE R 259 49.17 -44.23 -14.23
N GLN R 260 50.20 -43.37 -14.39
CA GLN R 260 51.34 -43.32 -13.48
C GLN R 260 51.79 -41.88 -13.32
N TYR R 261 52.09 -41.46 -12.07
CA TYR R 261 52.60 -40.12 -11.80
C TYR R 261 51.60 -39.07 -12.33
N GLU R 262 50.31 -39.34 -12.12
CA GLU R 262 49.22 -38.59 -12.74
C GLU R 262 48.06 -38.43 -11.75
N THR R 263 47.29 -37.34 -11.88
CA THR R 263 46.08 -37.17 -11.09
C THR R 263 44.87 -37.54 -11.92
N VAL R 264 44.05 -38.47 -11.39
CA VAL R 264 42.78 -38.84 -11.98
C VAL R 264 41.66 -38.27 -11.11
N THR R 265 40.70 -37.60 -11.75
CA THR R 265 39.52 -37.04 -11.10
C THR R 265 38.26 -37.65 -11.70
N ILE R 266 37.36 -38.12 -10.83
CA ILE R 266 36.04 -38.60 -11.22
C ILE R 266 35.03 -37.69 -10.52
N GLN R 267 33.95 -37.31 -11.21
CA GLN R 267 32.91 -36.57 -10.51
C GLN R 267 31.55 -37.15 -10.84
N ILE R 268 30.76 -37.46 -9.81
CA ILE R 268 29.39 -37.92 -9.99
C ILE R 268 28.48 -36.73 -9.67
N THR R 269 27.64 -36.33 -10.64
CA THR R 269 26.78 -35.18 -10.49
C THR R 269 25.32 -35.61 -10.70
N PRO R 270 24.58 -35.94 -9.62
CA PRO R 270 23.14 -36.21 -9.73
C PRO R 270 22.37 -34.91 -9.99
N ASN R 271 21.09 -35.05 -10.33
CA ASN R 271 20.24 -33.93 -10.76
C ASN R 271 19.81 -33.01 -9.60
N ILE R 272 19.94 -33.47 -8.35
CA ILE R 272 19.67 -32.69 -7.15
C ILE R 272 20.83 -32.91 -6.17
N GLY R 273 21.27 -31.85 -5.49
CA GLY R 273 22.31 -31.96 -4.48
C GLY R 273 23.73 -31.80 -5.04
N SER R 274 24.69 -31.69 -4.12
CA SER R 274 26.09 -31.45 -4.46
C SER R 274 26.69 -32.67 -5.16
N PRO R 275 27.57 -32.47 -6.17
CA PRO R 275 28.28 -33.58 -6.79
C PRO R 275 29.34 -34.15 -5.85
N LEU R 276 29.70 -35.41 -6.08
CA LEU R 276 30.81 -36.03 -5.37
C LEU R 276 32.03 -36.00 -6.28
N THR R 277 33.09 -35.32 -5.84
CA THR R 277 34.33 -35.23 -6.59
C THR R 277 35.40 -36.08 -5.92
N ILE R 278 35.97 -37.01 -6.69
CA ILE R 278 36.93 -38.01 -6.24
C ILE R 278 38.24 -37.71 -6.97
N SER R 279 39.36 -37.56 -6.24
CA SER R 279 40.67 -37.33 -6.87
C SER R 279 41.77 -38.16 -6.23
N GLN R 280 42.58 -38.82 -7.07
CA GLN R 280 43.75 -39.57 -6.62
C GLN R 280 44.94 -39.19 -7.47
N TYR R 281 46.10 -38.92 -6.83
CA TYR R 281 47.36 -39.04 -7.53
C TYR R 281 47.75 -40.52 -7.56
N ILE R 282 48.00 -41.05 -8.75
CA ILE R 282 48.24 -42.48 -8.93
C ILE R 282 49.73 -42.71 -9.10
N TYR R 283 50.33 -43.40 -8.12
CA TYR R 283 51.64 -44.01 -8.30
C TYR R 283 51.52 -45.26 -9.18
N GLN R 284 52.67 -45.78 -9.64
CA GLN R 284 52.72 -47.03 -10.38
C GLN R 284 51.85 -48.12 -9.72
N PRO R 285 50.94 -48.80 -10.47
CA PRO R 285 50.06 -49.80 -9.87
C PRO R 285 50.82 -51.09 -9.55
N ASP R 286 50.52 -51.65 -8.37
CA ASP R 286 51.38 -52.64 -7.71
C ASP R 286 50.86 -54.09 -7.77
N GLY R 287 49.66 -54.31 -8.34
CA GLY R 287 49.06 -55.63 -8.50
C GLY R 287 47.98 -55.66 -9.58
N LYS R 288 47.40 -56.85 -9.84
CA LYS R 288 46.31 -57.04 -10.80
C LYS R 288 45.17 -56.05 -10.54
N VAL R 289 44.87 -55.85 -9.25
CA VAL R 289 44.12 -54.71 -8.75
C VAL R 289 45.04 -53.95 -7.80
N THR R 290 44.92 -52.62 -7.74
CA THR R 290 45.67 -51.80 -6.81
C THR R 290 44.72 -50.81 -6.11
N VAL R 291 44.97 -50.54 -4.82
CA VAL R 291 44.21 -49.55 -4.09
C VAL R 291 44.83 -48.18 -4.34
N ILE R 292 44.10 -47.30 -5.05
CA ILE R 292 44.62 -45.99 -5.42
C ILE R 292 44.13 -44.87 -4.50
N GLY R 293 43.04 -45.10 -3.76
CA GLY R 293 42.44 -44.08 -2.91
C GLY R 293 41.50 -44.67 -1.86
N LEU S 1 -20.29 15.51 -13.78
CA LEU S 1 -19.29 16.17 -12.90
C LEU S 1 -18.68 15.13 -11.95
N ALA S 2 -19.50 14.24 -11.39
CA ALA S 2 -18.99 13.34 -10.37
C ALA S 2 -17.74 12.62 -10.88
N GLY S 3 -17.65 12.33 -12.18
CA GLY S 3 -16.49 11.67 -12.79
C GLY S 3 -15.39 12.64 -13.21
N LEU S 4 -15.76 13.83 -13.73
CA LEU S 4 -14.80 14.79 -14.23
C LEU S 4 -13.79 15.16 -13.13
N ASP S 5 -14.28 15.55 -11.95
CA ASP S 5 -13.43 15.87 -10.80
C ASP S 5 -12.74 14.61 -10.30
N THR S 6 -13.45 13.47 -10.33
CA THR S 6 -12.93 12.18 -9.91
C THR S 6 -11.81 11.74 -10.86
N ALA S 7 -11.85 12.21 -12.11
CA ALA S 7 -10.83 11.91 -13.12
C ALA S 7 -9.58 12.75 -12.88
N ILE S 8 -9.73 13.90 -12.19
CA ILE S 8 -8.61 14.77 -11.83
C ILE S 8 -7.80 14.14 -10.71
N ILE S 9 -8.47 13.43 -9.78
CA ILE S 9 -7.83 12.81 -8.62
C ILE S 9 -7.15 11.50 -9.01
N LEU S 10 -7.65 10.83 -10.05
CA LEU S 10 -7.05 9.62 -10.59
C LEU S 10 -5.74 9.95 -11.32
N ILE S 11 -5.75 10.90 -12.28
CA ILE S 11 -4.56 11.37 -12.97
C ILE S 11 -3.44 11.72 -11.97
N ALA S 12 -3.77 12.56 -10.97
CA ALA S 12 -2.82 13.05 -9.98
C ALA S 12 -2.25 11.93 -9.11
N PHE S 13 -3.09 11.00 -8.65
CA PHE S 13 -2.67 9.90 -7.80
C PHE S 13 -1.82 8.89 -8.57
N ILE S 14 -2.09 8.68 -9.88
CA ILE S 14 -1.24 7.86 -10.74
C ILE S 14 0.17 8.46 -10.79
N ILE S 15 0.27 9.76 -11.09
CA ILE S 15 1.54 10.47 -11.17
C ILE S 15 2.29 10.36 -9.85
N THR S 16 1.58 10.53 -8.72
CA THR S 16 2.13 10.44 -7.38
C THR S 16 2.72 9.05 -7.10
N ALA S 17 2.01 7.98 -7.45
CA ALA S 17 2.48 6.60 -7.32
C ALA S 17 3.66 6.32 -8.26
N ALA S 18 3.59 6.80 -9.51
CA ALA S 18 4.67 6.66 -10.49
C ALA S 18 5.96 7.32 -10.01
N VAL S 19 5.87 8.47 -9.32
CA VAL S 19 7.00 9.15 -8.68
C VAL S 19 7.63 8.28 -7.59
N LEU S 20 6.83 7.63 -6.73
CA LEU S 20 7.40 6.69 -5.77
C LEU S 20 8.05 5.50 -6.48
N ALA S 21 7.40 4.94 -7.49
CA ALA S 21 7.95 3.85 -8.30
C ALA S 21 9.32 4.22 -8.86
N TYR S 22 9.43 5.39 -9.49
CA TYR S 22 10.66 5.95 -10.04
C TYR S 22 11.77 6.01 -8.98
N VAL S 23 11.47 6.58 -7.81
CA VAL S 23 12.43 6.74 -6.73
C VAL S 23 12.85 5.39 -6.13
N ALA S 24 11.88 4.52 -5.83
CA ALA S 24 12.13 3.23 -5.19
C ALA S 24 12.98 2.31 -6.09
N VAL S 25 12.69 2.26 -7.39
CA VAL S 25 13.45 1.45 -8.34
C VAL S 25 14.88 1.98 -8.47
N ASN S 26 15.05 3.29 -8.67
CA ASN S 26 16.37 3.91 -8.74
C ASN S 26 17.19 3.63 -7.48
N MET S 27 16.58 3.83 -6.31
CA MET S 27 17.30 3.68 -5.06
C MET S 27 17.58 2.22 -4.70
N GLY S 28 16.72 1.28 -5.13
CA GLY S 28 16.99 -0.15 -5.08
C GLY S 28 18.16 -0.56 -5.97
N LEU S 29 18.21 -0.06 -7.21
CA LEU S 29 19.35 -0.27 -8.08
C LEU S 29 20.64 0.26 -7.45
N PHE S 30 20.59 1.46 -6.84
CA PHE S 30 21.71 2.03 -6.12
C PHE S 30 22.17 1.12 -4.96
N VAL S 31 21.29 0.83 -4.00
CA VAL S 31 21.66 0.12 -2.78
C VAL S 31 22.11 -1.31 -3.07
N THR S 32 21.48 -2.01 -4.02
CA THR S 32 21.90 -3.36 -4.39
C THR S 32 23.30 -3.36 -5.00
N GLN S 33 23.67 -2.30 -5.73
CA GLN S 33 25.03 -2.17 -6.23
C GLN S 33 26.05 -1.83 -5.13
N LYS S 34 25.66 -1.00 -4.14
CA LYS S 34 26.46 -0.79 -2.93
C LYS S 34 26.69 -2.11 -2.19
N ALA S 35 25.66 -2.97 -2.12
CA ALA S 35 25.77 -4.31 -1.57
C ALA S 35 26.73 -5.18 -2.39
N LYS S 36 26.62 -5.22 -3.72
CA LYS S 36 27.53 -5.94 -4.60
C LYS S 36 28.99 -5.56 -4.32
N THR S 37 29.27 -4.25 -4.31
CA THR S 37 30.59 -3.70 -4.05
C THR S 37 31.09 -4.12 -2.66
N THR S 38 30.23 -3.98 -1.64
CA THR S 38 30.56 -4.35 -0.27
C THR S 38 30.89 -5.83 -0.14
N ILE S 39 30.09 -6.72 -0.76
CA ILE S 39 30.34 -8.16 -0.75
C ILE S 39 31.72 -8.46 -1.35
N ASN S 40 32.06 -7.83 -2.48
CA ASN S 40 33.37 -7.94 -3.09
C ASN S 40 34.49 -7.53 -2.14
N LYS S 41 34.38 -6.33 -1.53
CA LYS S 41 35.37 -5.83 -0.58
C LYS S 41 35.49 -6.69 0.67
N GLY S 42 34.40 -7.32 1.11
CA GLY S 42 34.40 -8.26 2.23
C GLY S 42 35.19 -9.52 1.91
N GLU S 43 34.99 -10.11 0.72
CA GLU S 43 35.78 -11.24 0.27
C GLU S 43 37.25 -10.85 0.13
N GLU S 44 37.56 -9.73 -0.53
CA GLU S 44 38.93 -9.23 -0.67
C GLU S 44 39.60 -9.06 0.70
N THR S 45 38.87 -8.56 1.70
CA THR S 45 39.37 -8.38 3.05
C THR S 45 39.65 -9.71 3.75
N ALA S 46 38.87 -10.75 3.45
CA ALA S 46 39.08 -12.08 4.00
C ALA S 46 40.22 -12.83 3.28
N SER S 47 40.40 -12.61 1.97
CA SER S 47 41.39 -13.33 1.18
C SER S 47 42.78 -12.68 1.24
N THR S 48 42.88 -11.35 1.10
CA THR S 48 44.18 -10.67 1.06
C THR S 48 44.86 -10.67 2.44
N ALA S 49 46.10 -11.16 2.47
CA ALA S 49 46.95 -11.20 3.65
C ALA S 49 48.40 -11.48 3.24
N LEU S 50 49.37 -11.13 4.10
CA LEU S 50 50.78 -11.44 3.89
C LEU S 50 51.23 -12.47 4.93
N SER S 51 52.11 -13.39 4.52
CA SER S 51 52.79 -14.32 5.41
C SER S 51 54.28 -13.95 5.47
N LEU S 52 54.89 -14.09 6.64
CA LEU S 52 56.34 -14.09 6.73
C LEU S 52 56.87 -15.37 6.09
N SER S 53 57.65 -15.24 5.00
CA SER S 53 58.08 -16.37 4.18
C SER S 53 59.61 -16.44 4.06
N GLY S 54 60.28 -16.08 5.15
CA GLY S 54 61.71 -16.26 5.33
C GLY S 54 62.06 -16.04 6.81
N ASN S 55 63.33 -16.23 7.17
CA ASN S 55 63.78 -15.84 8.48
C ASN S 55 63.91 -14.32 8.59
N VAL S 56 63.86 -13.79 9.83
CA VAL S 56 64.11 -12.38 10.10
C VAL S 56 65.58 -12.25 10.49
N LEU S 57 66.31 -11.45 9.70
CA LEU S 57 67.74 -11.23 9.86
C LEU S 57 67.96 -9.85 10.49
N TYR S 58 68.89 -9.77 11.44
CA TYR S 58 69.18 -8.54 12.15
C TYR S 58 70.69 -8.28 12.10
N ALA S 59 71.10 -7.05 11.74
CA ALA S 59 72.50 -6.69 11.57
C ALA S 59 72.93 -5.60 12.56
N VAL S 60 74.14 -5.75 13.12
CA VAL S 60 74.68 -4.88 14.17
C VAL S 60 76.19 -4.75 13.99
N ASN S 61 76.81 -3.79 14.70
CA ASN S 61 78.27 -3.59 14.68
C ASN S 61 79.04 -4.65 15.48
N TYR S 62 78.80 -5.91 15.13
CA TYR S 62 79.40 -7.06 15.78
C TYR S 62 80.92 -7.04 15.65
N PRO S 63 81.70 -7.50 16.67
CA PRO S 63 81.21 -8.01 17.95
C PRO S 63 80.87 -6.96 19.00
N THR S 64 81.17 -5.69 18.74
CA THR S 64 81.08 -4.63 19.75
C THR S 64 79.65 -4.37 20.24
N ASN S 65 78.65 -4.61 19.37
CA ASN S 65 77.22 -4.55 19.70
C ASN S 65 76.76 -3.23 20.33
N THR S 66 77.44 -2.12 20.05
CA THR S 66 77.03 -0.80 20.52
C THR S 66 76.01 -0.14 19.59
N LYS S 67 75.84 -0.63 18.35
CA LYS S 67 75.06 0.07 17.33
C LYS S 67 74.34 -0.89 16.37
N SER S 68 73.15 -0.48 15.93
CA SER S 68 72.20 -1.32 15.19
C SER S 68 72.06 -0.83 13.74
N TYR S 69 72.10 -1.74 12.76
CA TYR S 69 72.24 -1.37 11.35
C TYR S 69 70.94 -1.54 10.56
N TRP S 70 70.45 -2.78 10.45
CA TRP S 70 69.25 -3.06 9.68
C TRP S 70 68.57 -4.37 10.09
N MET S 71 67.30 -4.50 9.72
CA MET S 71 66.59 -5.78 9.75
C MET S 71 66.10 -6.09 8.34
N TYR S 72 66.15 -7.37 7.96
CA TYR S 72 65.69 -7.84 6.67
C TYR S 72 64.76 -9.04 6.91
N PHE S 73 63.65 -9.11 6.16
CA PHE S 73 62.81 -10.29 6.16
C PHE S 73 62.02 -10.37 4.86
N THR S 74 61.41 -11.53 4.59
CA THR S 74 60.77 -11.77 3.31
C THR S 74 59.28 -12.03 3.56
N VAL S 75 58.40 -11.47 2.71
CA VAL S 75 56.96 -11.68 2.82
C VAL S 75 56.38 -12.12 1.47
N SER S 76 55.24 -12.81 1.51
CA SER S 76 54.52 -13.20 0.29
C SER S 76 53.04 -13.27 0.61
N PRO S 77 52.13 -13.02 -0.36
CA PRO S 77 50.69 -13.22 -0.13
C PRO S 77 50.36 -14.62 0.37
N SER S 78 49.52 -14.69 1.41
CA SER S 78 49.23 -15.92 2.16
C SER S 78 48.54 -16.97 1.30
N SER S 79 49.04 -18.21 1.34
CA SER S 79 48.37 -19.38 0.78
C SER S 79 48.05 -19.24 -0.72
N GLY S 80 48.73 -18.32 -1.43
CA GLY S 80 48.58 -18.09 -2.86
C GLY S 80 47.19 -17.64 -3.32
N VAL S 81 46.39 -17.00 -2.45
CA VAL S 81 44.98 -16.79 -2.76
C VAL S 81 44.72 -15.54 -3.62
N SER S 82 45.40 -14.41 -3.31
CA SER S 82 45.14 -13.13 -3.98
C SER S 82 46.32 -12.16 -3.83
N SER S 83 46.34 -11.10 -4.65
CA SER S 83 47.41 -10.10 -4.69
C SER S 83 47.28 -9.06 -3.57
N VAL S 84 48.41 -8.42 -3.19
CA VAL S 84 48.45 -7.40 -2.15
C VAL S 84 49.09 -6.12 -2.68
N ASP S 85 48.39 -4.97 -2.55
CA ASP S 85 48.96 -3.65 -2.81
C ASP S 85 49.99 -3.31 -1.72
N LEU S 86 51.25 -3.07 -2.12
CA LEU S 86 52.31 -2.66 -1.21
C LEU S 86 52.83 -1.25 -1.51
N SER S 87 52.03 -0.37 -2.13
CA SER S 87 52.51 0.97 -2.40
C SER S 87 52.81 1.72 -1.10
N PRO S 88 53.96 2.41 -0.96
CA PRO S 88 54.31 3.08 0.30
C PRO S 88 53.47 4.31 0.64
N SER S 89 52.63 4.78 -0.30
CA SER S 89 51.64 5.80 -0.02
C SER S 89 50.43 5.23 0.73
N THR S 90 49.99 4.02 0.37
CA THR S 90 48.79 3.39 0.91
C THR S 90 49.10 2.53 2.14
N THR S 91 50.21 1.79 2.11
CA THR S 91 50.61 0.84 3.14
C THR S 91 51.38 1.53 4.26
N ALA S 92 51.24 1.05 5.51
CA ALA S 92 52.14 1.47 6.60
C ALA S 92 52.98 0.27 7.05
N ILE S 93 54.22 0.52 7.47
CA ILE S 93 54.96 -0.45 8.27
C ILE S 93 55.29 0.23 9.59
N SER S 94 54.77 -0.30 10.71
CA SER S 94 55.11 0.20 12.03
C SER S 94 56.26 -0.61 12.63
N PHE S 95 56.98 0.00 13.57
CA PHE S 95 58.07 -0.66 14.28
C PHE S 95 58.01 -0.26 15.74
N THR S 96 57.95 -1.23 16.67
CA THR S 96 57.96 -0.92 18.09
C THR S 96 58.92 -1.83 18.85
N ALA S 97 59.79 -1.22 19.68
CA ALA S 97 60.55 -1.93 20.69
C ALA S 97 60.05 -1.43 22.05
N ALA S 98 58.98 -2.05 22.55
CA ALA S 98 58.13 -1.52 23.61
C ALA S 98 58.91 -1.28 24.91
N SER S 99 59.83 -2.19 25.24
CA SER S 99 60.67 -2.14 26.45
C SER S 99 61.39 -0.80 26.59
N ARG S 100 61.97 -0.31 25.49
CA ARG S 100 62.72 0.95 25.45
C ARG S 100 61.88 2.15 25.01
N GLY S 101 60.56 1.96 24.84
CA GLY S 101 59.64 3.04 24.51
C GLY S 101 59.72 3.54 23.06
N VAL S 102 60.42 2.81 22.19
CA VAL S 102 60.48 3.13 20.76
C VAL S 102 59.19 2.66 20.09
N SER S 103 58.52 3.59 19.41
CA SER S 103 57.29 3.28 18.69
C SER S 103 57.17 4.20 17.48
N LEU S 104 57.29 3.62 16.28
CA LEU S 104 57.21 4.35 15.03
C LEU S 104 55.97 3.85 14.30
N SER S 105 55.02 4.76 14.05
CA SER S 105 53.73 4.37 13.50
C SER S 105 53.80 4.06 12.00
N ASN S 106 54.70 4.73 11.25
CA ASN S 106 54.93 4.38 9.86
C ASN S 106 56.34 4.75 9.42
N ILE S 107 57.15 3.73 9.07
CA ILE S 107 58.51 3.88 8.59
C ILE S 107 58.62 3.56 7.10
N TYR S 108 57.55 3.12 6.44
CA TYR S 108 57.63 2.65 5.05
C TYR S 108 57.65 3.82 4.08
N GLN S 109 58.69 3.91 3.24
CA GLN S 109 58.87 5.09 2.40
C GLN S 109 58.99 4.78 0.91
N PHE S 110 59.62 3.65 0.54
CA PHE S 110 60.01 3.42 -0.85
C PHE S 110 59.81 1.96 -1.27
N SER S 111 59.65 1.75 -2.58
CA SER S 111 59.60 0.39 -3.10
C SER S 111 60.30 0.31 -4.45
N LEU S 112 61.11 -0.75 -4.64
CA LEU S 112 61.67 -1.07 -5.93
C LEU S 112 60.69 -1.87 -6.80
N LEU S 113 59.50 -2.22 -6.28
CA LEU S 113 58.44 -2.81 -7.10
C LEU S 113 57.98 -1.84 -8.19
N SER S 114 58.07 -0.53 -7.93
CA SER S 114 57.79 0.56 -8.88
C SER S 114 58.84 0.66 -10.01
N VAL S 115 59.99 0.02 -9.87
CA VAL S 115 61.19 0.36 -10.64
C VAL S 115 61.46 -0.72 -11.70
N LEU S 116 61.56 -0.30 -12.98
CA LEU S 116 61.92 -1.19 -14.07
C LEU S 116 63.43 -1.43 -14.07
N PRO S 117 63.95 -2.62 -14.50
CA PRO S 117 65.38 -2.89 -14.55
C PRO S 117 66.19 -1.82 -15.30
N SER S 118 65.65 -1.30 -16.41
CA SER S 118 66.29 -0.26 -17.22
C SER S 118 66.50 1.07 -16.47
N GLN S 119 65.82 1.26 -15.32
CA GLN S 119 65.97 2.45 -14.50
C GLN S 119 67.17 2.34 -13.54
N VAL S 120 67.74 1.13 -13.35
CA VAL S 120 68.79 0.90 -12.35
C VAL S 120 70.02 0.20 -12.93
N ASN S 121 69.84 -0.74 -13.86
CA ASN S 121 70.96 -1.43 -14.50
C ASN S 121 71.78 -0.45 -15.34
N ASN S 122 73.12 -0.60 -15.32
CA ASN S 122 74.08 0.26 -16.02
C ASN S 122 74.01 1.73 -15.60
N LYS S 123 73.46 2.06 -14.42
CA LYS S 123 73.30 3.45 -13.97
C LYS S 123 74.08 3.77 -12.69
N VAL S 124 74.64 2.75 -12.04
CA VAL S 124 75.72 2.91 -11.06
C VAL S 124 76.93 2.10 -11.54
N GLN S 125 78.13 2.61 -11.25
CA GLN S 125 79.36 2.09 -11.84
C GLN S 125 80.53 2.23 -10.88
N VAL S 126 81.52 1.33 -11.01
CA VAL S 126 82.72 1.32 -10.17
C VAL S 126 83.94 1.69 -11.01
N LYS S 127 84.74 2.65 -10.53
CA LYS S 127 86.05 2.95 -11.11
C LYS S 127 87.12 2.09 -10.43
N LEU S 128 87.48 0.95 -11.04
CA LEU S 128 88.62 0.15 -10.62
C LEU S 128 89.86 0.59 -11.40
N GLY S 129 90.63 1.53 -10.82
CA GLY S 129 91.74 2.17 -11.52
C GLY S 129 91.27 2.91 -12.76
N THR S 130 91.87 2.57 -13.93
CA THR S 130 91.48 3.10 -15.24
C THR S 130 90.10 2.59 -15.68
N SER S 131 89.79 1.32 -15.36
CA SER S 131 88.59 0.64 -15.84
C SER S 131 87.33 1.13 -15.12
N ILE S 132 86.20 1.23 -15.85
CA ILE S 132 84.92 1.59 -15.28
C ILE S 132 83.89 0.51 -15.60
N ILE S 133 83.30 -0.10 -14.56
CA ILE S 133 82.40 -1.24 -14.72
C ILE S 133 80.97 -0.83 -14.35
N ASN S 134 80.05 -1.00 -15.32
CA ASN S 134 78.61 -0.85 -15.13
C ASN S 134 78.05 -2.02 -14.32
N LEU S 135 77.29 -1.72 -13.25
CA LEU S 135 76.67 -2.78 -12.45
C LEU S 135 75.30 -3.19 -13.00
N THR S 136 75.00 -4.50 -12.92
CA THR S 136 73.66 -5.02 -13.10
C THR S 136 73.12 -5.38 -11.71
N LEU S 137 71.96 -4.81 -11.36
CA LEU S 137 71.42 -4.88 -10.00
C LEU S 137 70.08 -5.61 -9.98
N ALA S 138 69.17 -5.23 -10.88
CA ALA S 138 67.93 -5.96 -11.11
C ALA S 138 68.19 -7.10 -12.09
N PHE S 139 68.11 -8.34 -11.61
CA PHE S 139 68.17 -9.52 -12.48
C PHE S 139 66.77 -9.77 -13.06
N SER S 140 66.72 -10.50 -14.18
CA SER S 140 65.46 -10.75 -14.86
C SER S 140 65.47 -12.08 -15.63
N SER S 141 64.28 -12.69 -15.78
CA SER S 141 64.08 -13.92 -16.54
C SER S 141 62.67 -13.95 -17.14
N ASN S 142 62.46 -14.79 -18.16
CA ASN S 142 61.19 -14.83 -18.88
C ASN S 142 60.43 -16.15 -18.62
N SER S 143 59.10 -16.05 -18.42
CA SER S 143 58.21 -17.20 -18.54
C SER S 143 56.87 -16.74 -19.12
N ALA S 144 56.32 -17.50 -20.09
CA ALA S 144 55.03 -17.23 -20.72
C ALA S 144 54.90 -15.78 -21.23
N GLY S 145 56.01 -15.21 -21.72
CA GLY S 145 56.01 -13.86 -22.28
C GLY S 145 56.02 -12.72 -21.25
N GLN S 146 56.07 -13.05 -19.96
CA GLN S 146 56.24 -12.08 -18.88
C GLN S 146 57.73 -12.01 -18.49
N THR S 147 58.23 -10.79 -18.22
CA THR S 147 59.54 -10.62 -17.62
C THR S 147 59.40 -10.52 -16.10
N TYR S 148 60.01 -11.48 -15.40
CA TYR S 148 60.12 -11.46 -13.96
C TYR S 148 61.34 -10.61 -13.57
N VAL S 149 61.24 -9.89 -12.44
CA VAL S 149 62.30 -9.00 -11.99
C VAL S 149 62.57 -9.29 -10.52
N TYR S 150 63.86 -9.30 -10.13
CA TYR S 150 64.21 -9.46 -8.73
C TYR S 150 65.61 -8.92 -8.45
N TYR S 151 65.91 -8.71 -7.16
CA TYR S 151 67.25 -8.38 -6.70
C TYR S 151 67.81 -9.59 -5.95
N SER S 152 69.01 -10.02 -6.33
CA SER S 152 69.58 -11.26 -5.83
C SER S 152 69.96 -11.15 -4.34
N ASP S 153 70.29 -9.94 -3.86
CA ASP S 153 70.62 -9.72 -2.47
C ASP S 153 70.21 -8.33 -1.99
N PRO S 154 70.17 -8.07 -0.66
CA PRO S 154 69.92 -6.72 -0.14
C PRO S 154 70.96 -5.69 -0.56
N ASN S 155 72.19 -6.09 -0.89
CA ASN S 155 73.23 -5.14 -1.31
C ASN S 155 72.91 -4.51 -2.66
N TYR S 156 72.54 -5.32 -3.66
CA TYR S 156 72.12 -4.78 -4.95
C TYR S 156 70.81 -4.01 -4.84
N ALA S 157 69.91 -4.43 -3.95
CA ALA S 157 68.70 -3.67 -3.65
C ALA S 157 69.04 -2.30 -3.05
N LEU S 158 69.98 -2.22 -2.11
CA LEU S 158 70.42 -0.96 -1.51
C LEU S 158 71.01 -0.02 -2.56
N LEU S 159 71.89 -0.52 -3.44
CA LEU S 159 72.48 0.30 -4.49
C LEU S 159 71.42 0.80 -5.47
N ALA S 160 70.49 -0.07 -5.88
CA ALA S 160 69.36 0.30 -6.74
C ALA S 160 68.48 1.38 -6.08
N LEU S 161 68.28 1.30 -4.76
CA LEU S 161 67.55 2.32 -4.01
C LEU S 161 68.34 3.63 -3.92
N ASN S 162 69.64 3.61 -3.57
CA ASN S 162 70.47 4.80 -3.57
C ASN S 162 70.36 5.55 -4.90
N TYR S 163 70.48 4.82 -6.01
CA TYR S 163 70.33 5.41 -7.33
C TYR S 163 68.94 6.01 -7.50
N THR S 164 67.89 5.21 -7.28
CA THR S 164 66.50 5.62 -7.46
C THR S 164 66.17 6.88 -6.67
N LEU S 165 66.54 6.94 -5.38
CA LEU S 165 66.24 8.09 -4.54
C LEU S 165 67.08 9.31 -4.91
N GLY S 166 68.37 9.14 -5.23
CA GLY S 166 69.19 10.24 -5.74
C GLY S 166 68.62 10.82 -7.04
N GLN S 167 68.11 9.95 -7.91
CA GLN S 167 67.46 10.34 -9.16
C GLN S 167 66.13 11.05 -8.92
N GLU S 168 65.36 10.66 -7.91
CA GLU S 168 64.13 11.35 -7.52
C GLU S 168 64.40 12.71 -6.88
N VAL S 169 65.48 12.86 -6.10
CA VAL S 169 65.92 14.16 -5.60
C VAL S 169 66.34 15.07 -6.76
N LYS S 170 67.14 14.53 -7.69
CA LYS S 170 67.59 15.22 -8.89
C LYS S 170 66.40 15.68 -9.75
N GLY S 171 65.36 14.85 -9.85
CA GLY S 171 64.11 15.18 -10.53
C GLY S 171 63.14 16.05 -9.73
N GLY S 172 63.50 16.46 -8.50
CA GLY S 172 62.67 17.31 -7.65
C GLY S 172 61.41 16.64 -7.08
N GLN S 173 61.28 15.32 -7.23
CA GLN S 173 60.12 14.56 -6.75
C GLN S 173 60.19 14.28 -5.25
N LEU S 174 61.41 14.34 -4.68
CA LEU S 174 61.71 14.05 -3.28
C LEU S 174 62.64 15.14 -2.74
N THR S 175 62.44 15.58 -1.48
CA THR S 175 63.18 16.72 -0.94
C THR S 175 64.63 16.36 -0.61
N SER S 176 64.82 15.22 0.10
CA SER S 176 66.11 14.61 0.39
C SER S 176 65.96 13.09 0.42
N SER S 177 67.00 12.38 -0.05
CA SER S 177 67.09 10.94 0.18
C SER S 177 67.53 10.69 1.61
N PRO S 178 66.86 9.80 2.39
CA PRO S 178 67.36 9.43 3.71
C PRO S 178 68.54 8.46 3.64
N LEU S 179 68.79 7.87 2.46
CA LEU S 179 69.89 6.96 2.23
C LEU S 179 70.92 7.59 1.29
N TYR S 180 72.20 7.51 1.66
CA TYR S 180 73.29 7.92 0.78
C TYR S 180 74.40 6.86 0.82
N ILE S 181 74.80 6.34 -0.35
CA ILE S 181 75.79 5.26 -0.42
C ILE S 181 77.00 5.71 -1.24
N ILE S 182 78.20 5.53 -0.65
CA ILE S 182 79.48 5.90 -1.26
C ILE S 182 80.52 4.81 -1.03
N SER S 183 81.46 4.66 -1.98
CA SER S 183 82.63 3.81 -1.80
C SER S 183 83.80 4.60 -1.21
N ASN S 184 83.91 5.87 -1.64
CA ASN S 184 84.91 6.81 -1.20
C ASN S 184 84.48 7.46 0.12
N THR S 185 85.22 7.18 1.20
CA THR S 185 84.97 7.85 2.48
C THR S 185 85.57 9.25 2.59
N SER S 186 86.54 9.60 1.71
CA SER S 186 87.19 10.91 1.72
C SER S 186 86.19 12.07 1.58
N ILE S 187 85.07 11.79 0.89
CA ILE S 187 83.97 12.73 0.63
C ILE S 187 83.35 13.27 1.93
N VAL S 188 83.32 12.46 2.99
CA VAL S 188 82.56 12.71 4.21
C VAL S 188 82.97 14.01 4.91
N ALA S 189 84.25 14.37 4.86
CA ALA S 189 84.75 15.62 5.43
C ALA S 189 84.09 16.87 4.83
N SER S 190 83.69 16.79 3.55
CA SER S 190 83.03 17.89 2.84
C SER S 190 81.51 17.94 3.06
N LYS S 191 80.95 16.93 3.75
CA LYS S 191 79.51 16.72 3.91
C LYS S 191 79.17 16.43 5.37
N PRO S 192 79.30 17.43 6.28
CA PRO S 192 79.29 17.19 7.72
C PRO S 192 78.00 16.59 8.29
N TRP S 193 76.87 16.71 7.57
CA TRP S 193 75.64 16.03 7.96
C TRP S 193 75.77 14.51 7.99
N LEU S 194 76.67 13.95 7.17
CA LEU S 194 76.97 12.51 7.17
C LEU S 194 77.79 12.07 8.39
N LYS S 195 78.35 13.00 9.18
CA LYS S 195 79.18 12.65 10.32
C LYS S 195 78.37 11.99 11.44
N ASN S 196 77.13 12.46 11.65
CA ASN S 196 76.37 12.14 12.84
C ASN S 196 75.24 11.12 12.61
N ASP S 197 74.75 10.98 11.37
CA ASP S 197 73.74 9.97 11.06
C ASP S 197 74.31 8.55 11.05
N ASN S 198 73.43 7.53 10.97
CA ASN S 198 73.85 6.15 11.18
C ASN S 198 74.57 5.60 9.94
N VAL S 199 75.66 4.84 10.14
CA VAL S 199 76.43 4.29 9.02
C VAL S 199 76.72 2.80 9.22
N PHE S 200 76.54 2.03 8.14
CA PHE S 200 76.96 0.64 8.08
C PHE S 200 77.64 0.38 6.73
N THR S 201 78.37 -0.73 6.62
CA THR S 201 79.08 -1.03 5.37
C THR S 201 78.73 -2.41 4.85
N PHE S 202 78.85 -2.58 3.54
CA PHE S 202 78.68 -3.87 2.89
C PHE S 202 79.61 -3.96 1.69
N ASN S 203 80.00 -5.19 1.34
CA ASN S 203 80.90 -5.43 0.22
C ASN S 203 80.12 -6.09 -0.92
N ILE S 204 80.42 -5.69 -2.16
CA ILE S 204 80.05 -6.43 -3.36
C ILE S 204 81.34 -6.78 -4.11
N SER S 205 81.28 -7.76 -5.04
CA SER S 205 82.45 -8.08 -5.87
C SER S 205 82.25 -7.61 -7.30
N VAL S 206 83.25 -6.89 -7.84
CA VAL S 206 83.22 -6.35 -9.19
C VAL S 206 84.58 -6.63 -9.83
N ASN S 207 84.58 -7.21 -11.05
CA ASN S 207 85.81 -7.73 -11.66
C ASN S 207 86.62 -8.55 -10.63
N GLY S 208 85.92 -9.44 -9.91
CA GLY S 208 86.48 -10.29 -8.86
C GLY S 208 87.16 -9.57 -7.70
N THR S 209 86.97 -8.24 -7.60
CA THR S 209 87.57 -7.38 -6.57
C THR S 209 86.49 -6.97 -5.58
N GLU S 210 86.78 -7.06 -4.27
CA GLU S 210 85.85 -6.58 -3.24
C GLU S 210 85.79 -5.06 -3.23
N VAL S 211 84.58 -4.51 -3.38
CA VAL S 211 84.31 -3.08 -3.27
C VAL S 211 83.48 -2.87 -2.01
N GLU S 212 84.00 -2.11 -1.03
CA GLU S 212 83.23 -1.76 0.15
C GLU S 212 82.42 -0.48 -0.11
N TYR S 213 81.13 -0.54 0.22
CA TYR S 213 80.24 0.61 0.22
C TYR S 213 79.83 0.94 1.65
N TYR S 214 79.77 2.24 1.92
CA TYR S 214 79.35 2.84 3.18
C TYR S 214 77.96 3.44 2.95
N ALA S 215 76.98 2.97 3.72
CA ALA S 215 75.60 3.41 3.62
C ALA S 215 75.29 4.32 4.82
N TYR S 216 74.93 5.57 4.53
CA TYR S 216 74.57 6.58 5.51
C TYR S 216 73.06 6.72 5.55
N VAL S 217 72.47 6.61 6.75
CA VAL S 217 71.03 6.55 6.95
C VAL S 217 70.58 7.65 7.91
N ASN S 218 69.76 8.56 7.38
CA ASN S 218 69.32 9.81 7.99
C ASN S 218 68.30 9.60 9.11
N LYS S 219 67.42 8.60 8.93
CA LYS S 219 66.28 8.30 9.80
C LYS S 219 65.89 6.83 9.63
N THR S 220 65.18 6.24 10.60
CA THR S 220 64.73 4.86 10.43
C THR S 220 63.66 4.79 9.35
N PHE S 221 63.89 3.96 8.32
CA PHE S 221 62.93 3.78 7.23
C PHE S 221 62.93 2.34 6.74
N ALA S 222 61.84 1.96 6.06
CA ALA S 222 61.70 0.65 5.44
C ALA S 222 61.49 0.82 3.94
N PHE S 223 62.00 -0.16 3.18
CA PHE S 223 61.68 -0.27 1.77
C PHE S 223 61.41 -1.73 1.41
N THR S 224 60.75 -1.94 0.27
CA THR S 224 60.47 -3.28 -0.24
C THR S 224 61.06 -3.45 -1.63
N TYR S 225 61.37 -4.70 -1.98
CA TYR S 225 61.89 -5.01 -3.30
C TYR S 225 61.51 -6.43 -3.70
N PRO S 226 61.43 -6.74 -5.02
CA PRO S 226 61.04 -8.09 -5.44
C PRO S 226 62.17 -9.11 -5.32
N VAL S 227 61.81 -10.32 -4.90
CA VAL S 227 62.75 -11.42 -4.66
C VAL S 227 62.49 -12.60 -5.61
N SER S 228 61.21 -12.94 -5.87
CA SER S 228 60.85 -13.87 -6.93
C SER S 228 59.37 -13.72 -7.31
N GLY S 229 58.96 -14.32 -8.44
CA GLY S 229 57.56 -14.42 -8.80
C GLY S 229 56.88 -13.07 -9.05
N PHE S 230 57.68 -12.03 -9.32
CA PHE S 230 57.17 -10.68 -9.52
C PHE S 230 57.33 -10.25 -10.98
N PRO S 231 56.29 -10.43 -11.84
CA PRO S 231 56.31 -9.90 -13.20
C PRO S 231 55.74 -8.48 -13.32
N LEU S 232 55.12 -7.96 -12.25
CA LEU S 232 54.36 -6.71 -12.31
C LEU S 232 55.24 -5.47 -12.07
N ALA S 233 56.45 -5.44 -12.62
CA ALA S 233 57.37 -4.32 -12.43
C ALA S 233 56.74 -3.00 -12.90
N GLY S 234 56.79 -1.99 -12.01
CA GLY S 234 56.11 -0.71 -12.19
C GLY S 234 54.92 -0.50 -11.26
N SER S 235 54.37 -1.57 -10.64
CA SER S 235 53.01 -1.53 -10.09
C SER S 235 52.89 -1.29 -8.57
N ASP S 236 53.91 -1.68 -7.76
CA ASP S 236 53.79 -1.85 -6.31
C ASP S 236 52.83 -2.96 -5.85
N ILE S 237 52.38 -3.86 -6.73
CA ILE S 237 51.47 -4.93 -6.33
C ILE S 237 52.27 -6.24 -6.24
N ALA S 238 52.18 -6.92 -5.09
CA ALA S 238 52.71 -8.26 -4.95
C ALA S 238 51.64 -9.27 -5.39
N PRO S 239 51.79 -9.97 -6.54
CA PRO S 239 50.79 -10.96 -6.95
C PRO S 239 50.92 -12.24 -6.14
N ALA S 240 49.87 -13.07 -6.12
CA ALA S 240 49.91 -14.33 -5.42
C ALA S 240 51.03 -15.22 -5.99
N GLY S 241 51.87 -15.79 -5.10
CA GLY S 241 53.03 -16.56 -5.50
C GLY S 241 54.25 -15.71 -5.88
N SER S 242 54.26 -14.42 -5.52
CA SER S 242 55.47 -13.59 -5.50
C SER S 242 56.11 -13.61 -4.12
N VAL S 243 57.38 -13.21 -4.04
CA VAL S 243 58.14 -13.14 -2.81
C VAL S 243 58.81 -11.78 -2.77
N ILE S 244 58.61 -11.03 -1.67
CA ILE S 244 59.00 -9.63 -1.55
C ILE S 244 59.95 -9.48 -0.37
N GLY S 245 61.13 -8.89 -0.61
CA GLY S 245 62.02 -8.55 0.47
C GLY S 245 61.58 -7.25 1.13
N VAL S 246 61.58 -7.21 2.46
CA VAL S 246 61.31 -6.02 3.27
C VAL S 246 62.59 -5.73 4.04
N MET S 247 63.09 -4.50 3.96
CA MET S 247 64.29 -4.15 4.68
C MET S 247 64.09 -2.84 5.44
N ILE S 248 64.47 -2.86 6.72
CA ILE S 248 64.39 -1.71 7.62
C ILE S 248 65.83 -1.27 7.90
N LEU S 249 66.16 -0.01 7.59
CA LEU S 249 67.46 0.54 7.93
C LEU S 249 67.28 1.49 9.10
N PHE S 250 68.06 1.34 10.17
CA PHE S 250 67.90 2.19 11.35
C PHE S 250 68.63 3.51 11.20
N GLY S 251 67.97 4.60 11.62
CA GLY S 251 68.57 5.92 11.71
C GLY S 251 69.30 6.11 13.05
N PRO S 252 69.95 7.27 13.29
CA PRO S 252 70.77 7.49 14.47
C PRO S 252 70.00 7.44 15.79
N GLY S 253 68.68 7.67 15.76
CA GLY S 253 67.79 7.48 16.91
C GLY S 253 67.72 6.02 17.35
N GLU S 254 67.08 5.18 16.53
CA GLU S 254 66.84 3.78 16.87
C GLU S 254 68.13 2.94 16.87
N ALA S 255 69.17 3.38 16.16
CA ALA S 255 70.45 2.70 16.11
C ALA S 255 71.22 2.70 17.43
N THR S 256 70.87 3.60 18.38
CA THR S 256 71.74 4.08 19.46
C THR S 256 72.35 2.98 20.34
N ASN S 257 71.58 1.92 20.64
CA ASN S 257 72.13 0.68 21.18
C ASN S 257 71.33 -0.54 20.72
N VAL S 258 71.99 -1.70 20.71
CA VAL S 258 71.47 -2.93 20.13
C VAL S 258 70.27 -3.47 20.92
N PHE S 259 69.33 -4.16 20.24
CA PHE S 259 68.24 -4.85 20.89
C PHE S 259 68.77 -6.09 21.63
N GLN S 260 68.59 -6.14 22.97
CA GLN S 260 68.91 -7.32 23.76
C GLN S 260 67.89 -7.49 24.87
N TYR S 261 67.43 -8.73 25.11
CA TYR S 261 66.48 -9.02 26.17
C TYR S 261 65.21 -8.16 26.01
N GLU S 262 64.76 -8.03 24.76
CA GLU S 262 63.71 -7.09 24.37
C GLU S 262 62.81 -7.72 23.32
N THR S 263 61.54 -7.29 23.28
CA THR S 263 60.63 -7.71 22.22
C THR S 263 60.51 -6.62 21.17
N VAL S 264 60.78 -6.98 19.91
CA VAL S 264 60.58 -6.10 18.77
C VAL S 264 59.38 -6.59 17.97
N THR S 265 58.47 -5.66 17.66
CA THR S 265 57.28 -5.92 16.85
C THR S 265 57.31 -5.05 15.61
N ILE S 266 57.08 -5.67 14.45
CA ILE S 266 56.91 -4.98 13.18
C ILE S 266 55.51 -5.31 12.69
N GLN S 267 54.79 -4.34 12.13
CA GLN S 267 53.51 -4.66 11.53
C GLN S 267 53.40 -4.02 10.15
N ILE S 268 53.05 -4.82 9.14
CA ILE S 268 52.80 -4.31 7.81
C ILE S 268 51.29 -4.28 7.62
N THR S 269 50.74 -3.09 7.33
CA THR S 269 49.31 -2.92 7.18
C THR S 269 48.99 -2.35 5.79
N PRO S 270 48.69 -3.21 4.80
CA PRO S 270 48.22 -2.74 3.49
C PRO S 270 46.80 -2.17 3.59
N ASN S 271 46.35 -1.52 2.52
CA ASN S 271 45.09 -0.79 2.49
C ASN S 271 43.85 -1.70 2.41
N ILE S 272 44.05 -2.98 2.04
CA ILE S 272 43.00 -4.00 2.00
C ILE S 272 43.56 -5.26 2.65
N GLY S 273 42.73 -5.95 3.45
CA GLY S 273 43.13 -7.22 4.07
C GLY S 273 43.81 -7.05 5.42
N SER S 274 44.00 -8.18 6.11
CA SER S 274 44.55 -8.22 7.45
C SER S 274 46.03 -7.80 7.44
N PRO S 275 46.51 -7.05 8.46
CA PRO S 275 47.93 -6.74 8.58
C PRO S 275 48.73 -7.97 8.99
N LEU S 276 50.02 -7.96 8.66
CA LEU S 276 50.95 -8.98 9.11
C LEU S 276 51.71 -8.44 10.30
N THR S 277 51.57 -9.10 11.46
CA THR S 277 52.26 -8.70 12.67
C THR S 277 53.37 -9.71 12.98
N ILE S 278 54.59 -9.19 13.10
CA ILE S 278 55.81 -9.96 13.29
C ILE S 278 56.37 -9.59 14.66
N SER S 279 56.64 -10.58 15.54
CA SER S 279 57.21 -10.30 16.86
C SER S 279 58.32 -11.28 17.20
N GLN S 280 59.45 -10.75 17.69
CA GLN S 280 60.57 -11.56 18.18
C GLN S 280 61.01 -11.03 19.53
N TYR S 281 61.22 -11.94 20.50
CA TYR S 281 62.09 -11.61 21.61
C TYR S 281 63.53 -11.82 21.16
N ILE S 282 64.36 -10.78 21.30
CA ILE S 282 65.72 -10.79 20.79
C ILE S 282 66.69 -11.05 21.93
N TYR S 283 67.36 -12.20 21.88
CA TYR S 283 68.56 -12.44 22.67
C TYR S 283 69.74 -11.66 22.07
N GLN S 284 70.84 -11.57 22.83
CA GLN S 284 72.09 -10.96 22.36
C GLN S 284 72.44 -11.45 20.94
N PRO S 285 72.71 -10.54 19.97
CA PRO S 285 73.01 -10.96 18.59
C PRO S 285 74.40 -11.58 18.47
N ASP S 286 74.48 -12.67 17.72
CA ASP S 286 75.59 -13.61 17.77
C ASP S 286 76.58 -13.53 16.59
N GLY S 287 76.29 -12.68 15.59
CA GLY S 287 77.14 -12.47 14.42
C GLY S 287 76.87 -11.14 13.72
N LYS S 288 77.63 -10.84 12.65
CA LYS S 288 77.46 -9.63 11.84
C LYS S 288 76.01 -9.50 11.37
N VAL S 289 75.42 -10.64 10.99
CA VAL S 289 73.99 -10.82 10.87
C VAL S 289 73.60 -11.93 11.86
N THR S 290 72.40 -11.83 12.44
CA THR S 290 71.88 -12.89 13.33
C THR S 290 70.44 -13.21 12.92
N VAL S 291 70.07 -14.49 13.04
CA VAL S 291 68.69 -14.91 12.78
C VAL S 291 67.89 -14.72 14.08
N ILE S 292 66.95 -13.77 14.07
CA ILE S 292 66.17 -13.46 15.27
C ILE S 292 64.80 -14.11 15.28
N GLY S 293 64.30 -14.55 14.12
CA GLY S 293 62.96 -15.14 14.00
C GLY S 293 62.78 -15.93 12.71
N LEU T 1 -16.03 16.97 -4.34
CA LEU T 1 -16.27 15.91 -3.33
C LEU T 1 -15.29 14.75 -3.55
N ALA T 2 -15.06 14.37 -4.81
CA ALA T 2 -14.24 13.19 -5.06
C ALA T 2 -12.92 13.27 -4.30
N GLY T 3 -12.36 14.48 -4.13
CA GLY T 3 -11.12 14.71 -3.40
C GLY T 3 -11.31 14.89 -1.89
N LEU T 4 -12.39 15.57 -1.48
CA LEU T 4 -12.63 15.86 -0.07
C LEU T 4 -12.67 14.57 0.75
N ASP T 5 -13.49 13.59 0.32
CA ASP T 5 -13.58 12.29 0.97
C ASP T 5 -12.26 11.52 0.78
N THR T 6 -11.65 11.66 -0.40
CA THR T 6 -10.38 11.02 -0.74
C THR T 6 -9.26 11.59 0.14
N ALA T 7 -9.42 12.85 0.60
CA ALA T 7 -8.47 13.51 1.47
C ALA T 7 -8.60 13.01 2.92
N ILE T 8 -9.80 12.48 3.26
CA ILE T 8 -10.06 11.90 4.57
C ILE T 8 -9.36 10.54 4.69
N ILE T 9 -9.29 9.78 3.59
CA ILE T 9 -8.68 8.45 3.57
C ILE T 9 -7.16 8.54 3.52
N LEU T 10 -6.63 9.63 2.95
CA LEU T 10 -5.20 9.88 2.92
C LEU T 10 -4.68 10.26 4.31
N ILE T 11 -5.28 11.25 4.98
CA ILE T 11 -4.95 11.63 6.36
C ILE T 11 -4.91 10.39 7.27
N ALA T 12 -5.99 9.60 7.26
CA ALA T 12 -6.13 8.43 8.11
C ALA T 12 -5.09 7.35 7.83
N PHE T 13 -4.82 7.06 6.54
CA PHE T 13 -3.85 6.05 6.15
C PHE T 13 -2.42 6.48 6.47
N ILE T 14 -2.10 7.78 6.38
CA ILE T 14 -0.82 8.33 6.82
C ILE T 14 -0.62 8.04 8.30
N ILE T 15 -1.60 8.40 9.14
CA ILE T 15 -1.56 8.20 10.58
C ILE T 15 -1.37 6.71 10.89
N THR T 16 -2.10 5.84 10.18
CA THR T 16 -2.03 4.40 10.34
C THR T 16 -0.62 3.85 10.04
N ALA T 17 0.01 4.31 8.95
CA ALA T 17 1.38 3.93 8.60
C ALA T 17 2.40 4.51 9.59
N ALA T 18 2.21 5.76 10.03
CA ALA T 18 3.06 6.40 11.03
C ALA T 18 3.04 5.64 12.36
N VAL T 19 1.88 5.10 12.76
CA VAL T 19 1.74 4.24 13.94
C VAL T 19 2.55 2.95 13.78
N LEU T 20 2.53 2.28 12.62
CA LEU T 20 3.41 1.14 12.41
C LEU T 20 4.88 1.55 12.47
N ALA T 21 5.24 2.65 11.80
CA ALA T 21 6.60 3.19 11.84
C ALA T 21 7.09 3.39 13.29
N TYR T 22 6.27 4.05 14.11
CA TYR T 22 6.52 4.30 15.52
C TYR T 22 6.81 2.99 16.28
N VAL T 23 5.94 1.99 16.11
CA VAL T 23 6.05 0.70 16.78
C VAL T 23 7.26 -0.10 16.31
N ALA T 24 7.46 -0.19 14.98
CA ALA T 24 8.54 -0.96 14.39
C ALA T 24 9.91 -0.42 14.77
N VAL T 25 10.09 0.92 14.76
CA VAL T 25 11.35 1.55 15.14
C VAL T 25 11.64 1.34 16.63
N ASN T 26 10.65 1.59 17.50
CA ASN T 26 10.79 1.35 18.92
C ASN T 26 11.17 -0.11 19.21
N MET T 27 10.44 -1.05 18.60
CA MET T 27 10.67 -2.46 18.88
C MET T 27 11.97 -2.99 18.27
N GLY T 28 12.43 -2.42 17.14
CA GLY T 28 13.76 -2.67 16.60
C GLY T 28 14.87 -2.16 17.52
N LEU T 29 14.73 -0.94 18.07
CA LEU T 29 15.65 -0.42 19.07
C LEU T 29 15.71 -1.34 20.30
N PHE T 30 14.55 -1.81 20.76
CA PHE T 30 14.46 -2.76 21.86
C PHE T 30 15.21 -4.07 21.54
N VAL T 31 14.82 -4.78 20.47
CA VAL T 31 15.35 -6.10 20.17
C VAL T 31 16.84 -6.06 19.85
N THR T 32 17.32 -5.04 19.13
CA THR T 32 18.74 -4.91 18.84
C THR T 32 19.56 -4.69 20.11
N GLN T 33 19.01 -4.01 21.11
CA GLN T 33 19.67 -3.88 22.40
C GLN T 33 19.65 -5.18 23.22
N LYS T 34 18.56 -5.96 23.15
CA LYS T 34 18.52 -7.32 23.69
C LYS T 34 19.58 -8.20 23.05
N ALA T 35 19.80 -8.06 21.73
CA ALA T 35 20.86 -8.73 21.00
C ALA T 35 22.25 -8.28 21.50
N LYS T 36 22.50 -6.97 21.62
CA LYS T 36 23.74 -6.43 22.17
C LYS T 36 24.08 -7.06 23.51
N THR T 37 23.12 -7.04 24.45
CA THR T 37 23.25 -7.60 25.79
C THR T 37 23.55 -9.10 25.72
N THR T 38 22.81 -9.84 24.88
CA THR T 38 22.98 -11.27 24.70
C THR T 38 24.38 -11.60 24.17
N ILE T 39 24.87 -10.87 23.16
CA ILE T 39 26.20 -11.05 22.59
C ILE T 39 27.26 -10.87 23.68
N ASN T 40 27.12 -9.83 24.52
CA ASN T 40 28.01 -9.60 25.65
C ASN T 40 27.99 -10.79 26.62
N LYS T 41 26.80 -11.25 27.05
CA LYS T 41 26.67 -12.39 27.97
C LYS T 41 27.20 -13.70 27.37
N GLY T 42 27.10 -13.87 26.04
CA GLY T 42 27.66 -15.01 25.34
C GLY T 42 29.18 -15.03 25.38
N GLU T 43 29.82 -13.88 25.14
CA GLU T 43 31.27 -13.74 25.27
C GLU T 43 31.70 -13.99 26.73
N GLU T 44 31.03 -13.34 27.70
CA GLU T 44 31.32 -13.54 29.12
C GLU T 44 31.22 -15.01 29.51
N THR T 45 30.22 -15.74 28.98
CA THR T 45 30.03 -17.16 29.23
C THR T 45 31.15 -18.01 28.64
N ALA T 46 31.70 -17.59 27.49
CA ALA T 46 32.83 -18.28 26.86
C ALA T 46 34.17 -17.97 27.52
N SER T 47 34.34 -16.74 28.06
CA SER T 47 35.61 -16.31 28.64
C SER T 47 35.73 -16.69 30.12
N THR T 48 34.69 -16.47 30.93
CA THR T 48 34.76 -16.73 32.37
C THR T 48 34.81 -18.23 32.68
N ALA T 49 35.84 -18.64 33.43
CA ALA T 49 36.02 -20.01 33.90
C ALA T 49 37.07 -20.03 35.02
N LEU T 50 37.07 -21.09 35.86
CA LEU T 50 38.08 -21.29 36.89
C LEU T 50 38.95 -22.49 36.52
N SER T 51 40.25 -22.40 36.84
CA SER T 51 41.18 -23.52 36.75
C SER T 51 41.59 -23.94 38.16
N LEU T 52 41.76 -25.24 38.37
CA LEU T 52 42.46 -25.73 39.56
C LEU T 52 43.93 -25.35 39.43
N SER T 53 44.43 -24.52 40.36
CA SER T 53 45.77 -23.94 40.27
C SER T 53 46.62 -24.23 41.51
N GLY T 54 46.41 -25.43 42.06
CA GLY T 54 47.23 -26.01 43.11
C GLY T 54 46.91 -27.50 43.24
N ASN T 55 47.62 -28.19 44.13
CA ASN T 55 47.23 -29.56 44.46
C ASN T 55 45.99 -29.57 45.34
N VAL T 56 45.26 -30.69 45.35
CA VAL T 56 44.15 -30.91 46.25
C VAL T 56 44.67 -31.67 47.47
N LEU T 57 44.52 -31.06 48.64
CA LEU T 57 45.01 -31.58 49.92
C LEU T 57 43.83 -32.12 50.71
N TYR T 58 44.01 -33.29 51.33
CA TYR T 58 42.96 -33.94 52.10
C TYR T 58 43.50 -34.28 53.49
N ALA T 59 42.74 -33.95 54.55
CA ALA T 59 43.16 -34.13 55.94
C ALA T 59 42.24 -35.11 56.68
N VAL T 60 42.85 -35.99 57.49
CA VAL T 60 42.16 -37.07 58.20
C VAL T 60 42.82 -37.30 59.56
N ASN T 61 42.19 -38.07 60.45
CA ASN T 61 42.73 -38.41 61.76
C ASN T 61 43.83 -39.47 61.69
N TYR T 62 44.86 -39.18 60.89
CA TYR T 62 46.00 -40.06 60.65
C TYR T 62 46.76 -40.35 61.94
N PRO T 63 47.31 -41.56 62.17
CA PRO T 63 47.23 -42.70 61.24
C PRO T 63 45.96 -43.54 61.31
N THR T 64 45.08 -43.27 62.28
CA THR T 64 43.93 -44.13 62.58
C THR T 64 42.91 -44.19 61.44
N ASN T 65 42.79 -43.11 60.66
CA ASN T 65 41.97 -43.03 59.44
C ASN T 65 40.50 -43.40 59.64
N THR T 66 39.96 -43.23 60.85
CA THR T 66 38.55 -43.46 61.11
C THR T 66 37.68 -42.24 60.79
N LYS T 67 38.27 -41.04 60.63
CA LYS T 67 37.50 -39.81 60.55
C LYS T 67 38.16 -38.77 59.62
N SER T 68 37.33 -37.98 58.93
CA SER T 68 37.72 -37.09 57.86
C SER T 68 37.54 -35.62 58.26
N TYR T 69 38.55 -34.76 58.00
CA TYR T 69 38.57 -33.42 58.58
C TYR T 69 38.25 -32.32 57.56
N TRP T 70 39.08 -32.18 56.52
CA TRP T 70 38.89 -31.14 55.52
C TRP T 70 39.57 -31.46 54.19
N MET T 71 39.14 -30.77 53.13
CA MET T 71 39.86 -30.71 51.87
C MET T 71 40.18 -29.25 51.56
N TYR T 72 41.36 -29.01 51.00
CA TYR T 72 41.80 -27.68 50.62
C TYR T 72 42.30 -27.76 49.17
N PHE T 73 41.98 -26.75 48.36
CA PHE T 73 42.55 -26.62 47.02
C PHE T 73 42.51 -25.16 46.58
N THR T 74 43.24 -24.83 45.51
CA THR T 74 43.40 -23.46 45.09
C THR T 74 42.82 -23.31 43.67
N VAL T 75 42.10 -22.21 43.40
CA VAL T 75 41.55 -21.94 42.08
C VAL T 75 41.92 -20.53 41.63
N SER T 76 41.93 -20.31 40.31
CA SER T 76 42.16 -18.99 39.73
C SER T 76 41.43 -18.89 38.41
N PRO T 77 40.96 -17.69 37.96
CA PRO T 77 40.37 -17.55 36.64
C PRO T 77 41.29 -18.05 35.52
N SER T 78 40.71 -18.82 34.59
CA SER T 78 41.45 -19.56 33.57
C SER T 78 42.17 -18.63 32.60
N SER T 79 43.47 -18.91 32.36
CA SER T 79 44.24 -18.29 31.28
C SER T 79 44.28 -16.75 31.37
N GLY T 80 43.99 -16.18 32.55
CA GLY T 80 44.02 -14.76 32.82
C GLY T 80 43.04 -13.90 31.99
N VAL T 81 41.93 -14.48 31.50
CA VAL T 81 41.12 -13.76 30.51
C VAL T 81 40.12 -12.77 31.11
N SER T 82 39.44 -13.16 32.21
CA SER T 82 38.38 -12.35 32.81
C SER T 82 38.10 -12.73 34.27
N SER T 83 37.39 -11.87 35.01
CA SER T 83 37.08 -12.03 36.42
C SER T 83 35.91 -12.99 36.67
N VAL T 84 35.84 -13.61 37.86
CA VAL T 84 34.78 -14.54 38.23
C VAL T 84 34.11 -14.09 39.55
N ASP T 85 32.78 -13.95 39.55
CA ASP T 85 32.01 -13.74 40.78
C ASP T 85 31.99 -15.03 41.60
N LEU T 86 32.49 -14.97 42.85
CA LEU T 86 32.49 -16.10 43.76
C LEU T 86 31.61 -15.84 44.99
N SER T 87 30.61 -14.96 44.92
CA SER T 87 29.76 -14.72 46.07
C SER T 87 29.00 -15.98 46.48
N PRO T 88 28.96 -16.37 47.77
CA PRO T 88 28.31 -17.62 48.18
C PRO T 88 26.78 -17.62 48.07
N SER T 89 26.17 -16.46 47.81
CA SER T 89 24.75 -16.37 47.47
C SER T 89 24.48 -16.81 46.02
N THR T 90 25.38 -16.44 45.09
CA THR T 90 25.19 -16.70 43.66
C THR T 90 25.80 -18.04 43.23
N THR T 91 26.99 -18.36 43.77
CA THR T 91 27.78 -19.53 43.39
C THR T 91 27.34 -20.76 44.19
N ALA T 92 27.41 -21.96 43.59
CA ALA T 92 27.28 -23.21 44.33
C ALA T 92 28.60 -23.97 44.32
N ILE T 93 28.92 -24.68 45.40
CA ILE T 93 29.93 -25.72 45.35
C ILE T 93 29.25 -27.04 45.73
N SER T 94 29.21 -28.00 44.81
CA SER T 94 28.67 -29.33 45.11
C SER T 94 29.80 -30.27 45.52
N PHE T 95 29.44 -31.32 46.26
CA PHE T 95 30.38 -32.35 46.68
C PHE T 95 29.71 -33.70 46.57
N THR T 96 30.31 -34.65 45.83
CA THR T 96 29.75 -36.00 45.74
C THR T 96 30.84 -37.06 45.91
N ALA T 97 30.58 -38.04 46.79
CA ALA T 97 31.34 -39.28 46.85
C ALA T 97 30.38 -40.41 46.46
N ALA T 98 30.28 -40.64 45.14
CA ALA T 98 29.19 -41.39 44.52
C ALA T 98 29.10 -42.83 45.05
N SER T 99 30.25 -43.47 45.27
CA SER T 99 30.36 -44.84 45.75
C SER T 99 29.57 -45.08 47.04
N ARG T 100 29.66 -44.13 47.99
CA ARG T 100 28.98 -44.19 49.28
C ARG T 100 27.64 -43.45 49.30
N GLY T 101 27.18 -42.95 48.14
CA GLY T 101 25.89 -42.29 48.01
C GLY T 101 25.81 -40.89 48.61
N VAL T 102 26.96 -40.29 48.98
CA VAL T 102 27.01 -38.91 49.46
C VAL T 102 26.92 -37.96 48.27
N SER T 103 25.95 -37.05 48.33
CA SER T 103 25.76 -36.06 47.29
C SER T 103 25.17 -34.79 47.90
N LEU T 104 25.97 -33.72 47.92
CA LEU T 104 25.57 -32.44 48.47
C LEU T 104 25.54 -31.44 47.33
N SER T 105 24.36 -30.88 47.06
CA SER T 105 24.16 -30.02 45.90
C SER T 105 24.78 -28.64 46.08
N ASN T 106 24.80 -28.11 47.31
CA ASN T 106 25.51 -26.87 47.58
C ASN T 106 25.99 -26.79 49.03
N ILE T 107 27.31 -26.76 49.21
CA ILE T 107 27.96 -26.65 50.52
C ILE T 107 28.61 -25.27 50.72
N TYR T 108 28.59 -24.39 49.72
CA TYR T 108 29.32 -23.12 49.80
C TYR T 108 28.53 -22.09 50.62
N GLN T 109 29.15 -21.56 51.69
CA GLN T 109 28.42 -20.71 52.62
C GLN T 109 29.05 -19.34 52.82
N PHE T 110 30.39 -19.25 52.83
CA PHE T 110 31.07 -18.04 53.29
C PHE T 110 32.29 -17.68 52.43
N SER T 111 32.66 -16.40 52.42
CA SER T 111 33.89 -16.00 51.77
C SER T 111 34.60 -14.90 52.55
N LEU T 112 35.92 -15.03 52.70
CA LEU T 112 36.75 -13.96 53.24
C LEU T 112 37.12 -12.94 52.17
N LEU T 113 36.72 -13.13 50.91
CA LEU T 113 36.86 -12.11 49.87
C LEU T 113 36.03 -10.86 50.20
N SER T 114 34.92 -11.03 50.94
CA SER T 114 34.07 -9.96 51.46
C SER T 114 34.73 -9.14 52.58
N VAL T 115 35.81 -9.65 53.18
CA VAL T 115 36.29 -9.20 54.48
C VAL T 115 37.55 -8.34 54.34
N LEU T 116 37.51 -7.11 54.88
CA LEU T 116 38.67 -6.23 54.91
C LEU T 116 39.62 -6.66 56.04
N PRO T 117 40.96 -6.48 55.90
CA PRO T 117 41.91 -6.84 56.96
C PRO T 117 41.57 -6.25 58.34
N SER T 118 41.09 -5.00 58.38
CA SER T 118 40.70 -4.31 59.60
C SER T 118 39.53 -4.98 60.33
N GLN T 119 38.79 -5.87 59.66
CA GLN T 119 37.69 -6.61 60.28
C GLN T 119 38.16 -7.86 61.02
N VAL T 120 39.42 -8.31 60.80
CA VAL T 120 39.93 -9.56 61.37
C VAL T 120 41.24 -9.39 62.14
N ASN T 121 42.16 -8.53 61.66
CA ASN T 121 43.42 -8.27 62.34
C ASN T 121 43.17 -7.61 63.70
N ASN T 122 43.95 -8.01 64.72
CA ASN T 122 43.84 -7.52 66.10
C ASN T 122 42.48 -7.78 66.75
N LYS T 123 41.69 -8.74 66.24
CA LYS T 123 40.35 -9.02 66.76
C LYS T 123 40.18 -10.43 67.33
N VAL T 124 41.19 -11.30 67.13
CA VAL T 124 41.38 -12.50 67.93
C VAL T 124 42.76 -12.44 68.59
N GLN T 125 42.87 -13.00 69.81
CA GLN T 125 44.03 -12.80 70.65
C GLN T 125 44.29 -14.05 71.52
N VAL T 126 45.56 -14.25 71.88
CA VAL T 126 45.98 -15.38 72.71
C VAL T 126 46.46 -14.87 74.07
N LYS T 127 45.93 -15.47 75.15
CA LYS T 127 46.44 -15.24 76.50
C LYS T 127 47.56 -16.25 76.82
N LEU T 128 48.82 -15.85 76.61
CA LEU T 128 49.98 -16.63 77.06
C LEU T 128 50.38 -16.18 78.47
N GLY T 129 49.85 -16.87 79.49
CA GLY T 129 49.99 -16.45 80.88
C GLY T 129 49.40 -15.06 81.11
N THR T 130 50.22 -14.14 81.64
CA THR T 130 49.87 -12.73 81.85
C THR T 130 49.71 -11.98 80.52
N SER T 131 50.56 -12.30 79.53
CA SER T 131 50.64 -11.58 78.27
C SER T 131 49.46 -11.88 77.35
N ILE T 132 48.98 -10.87 76.61
CA ILE T 132 47.91 -11.05 75.63
C ILE T 132 48.40 -10.55 74.27
N ILE T 133 48.39 -11.43 73.26
CA ILE T 133 48.95 -11.13 71.94
C ILE T 133 47.82 -11.06 70.91
N ASN T 134 47.72 -9.91 70.24
CA ASN T 134 46.83 -9.68 69.10
C ASN T 134 47.37 -10.40 67.85
N LEU T 135 46.53 -11.21 67.19
CA LEU T 135 46.95 -11.89 65.97
C LEU T 135 46.73 -11.02 64.72
N THR T 136 47.67 -11.13 63.76
CA THR T 136 47.49 -10.63 62.40
C THR T 136 47.23 -11.84 61.51
N LEU T 137 46.10 -11.83 60.79
CA LEU T 137 45.62 -13.00 60.05
C LEU T 137 45.58 -12.71 58.55
N ALA T 138 44.99 -11.57 58.17
CA ALA T 138 45.04 -11.08 56.80
C ALA T 138 46.34 -10.30 56.59
N PHE T 139 47.26 -10.84 55.78
CA PHE T 139 48.45 -10.11 55.36
C PHE T 139 48.10 -9.20 54.19
N SER T 140 48.92 -8.17 53.96
CA SER T 140 48.65 -7.19 52.92
C SER T 140 49.94 -6.57 52.36
N SER T 141 49.90 -6.15 51.09
CA SER T 141 51.00 -5.47 50.42
C SER T 141 50.46 -4.52 49.35
N ASN T 142 51.28 -3.55 48.92
CA ASN T 142 50.83 -2.52 47.97
C ASN T 142 51.52 -2.66 46.62
N SER T 143 50.74 -2.49 45.53
CA SER T 143 51.29 -2.24 44.20
C SER T 143 50.38 -1.26 43.45
N ALA T 144 50.96 -0.26 42.77
CA ALA T 144 50.21 0.72 41.96
C ALA T 144 49.03 1.36 42.72
N GLY T 145 49.20 1.57 44.04
CA GLY T 145 48.18 2.22 44.86
C GLY T 145 47.00 1.32 45.26
N GLN T 146 47.04 0.05 44.89
CA GLN T 146 46.08 -0.97 45.35
C GLN T 146 46.66 -1.73 46.55
N THR T 147 45.83 -2.02 47.55
CA THR T 147 46.21 -2.94 48.62
C THR T 147 45.73 -4.35 48.27
N TYR T 148 46.69 -5.27 48.13
CA TYR T 148 46.43 -6.69 47.96
C TYR T 148 46.23 -7.31 49.33
N VAL T 149 45.34 -8.31 49.43
CA VAL T 149 45.02 -8.95 50.70
C VAL T 149 45.09 -10.46 50.50
N TYR T 150 45.65 -11.19 51.47
CA TYR T 150 45.67 -12.64 51.42
C TYR T 150 45.85 -13.25 52.81
N TYR T 151 45.55 -14.55 52.93
CA TYR T 151 45.83 -15.32 54.13
C TYR T 151 46.96 -16.29 53.81
N SER T 152 48.00 -16.28 54.65
CA SER T 152 49.22 -17.01 54.37
C SER T 152 49.01 -18.53 54.46
N ASP T 153 48.05 -18.99 55.29
CA ASP T 153 47.73 -20.40 55.41
C ASP T 153 46.25 -20.63 55.72
N PRO T 154 45.74 -21.88 55.58
CA PRO T 154 44.38 -22.20 55.98
C PRO T 154 44.09 -22.00 57.47
N ASN T 155 45.11 -22.04 58.34
CA ASN T 155 44.91 -21.84 59.77
C ASN T 155 44.50 -20.41 60.10
N TYR T 156 45.21 -19.42 59.55
CA TYR T 156 44.82 -18.03 59.74
C TYR T 156 43.50 -17.72 59.03
N ALA T 157 43.23 -18.36 57.90
CA ALA T 157 41.93 -18.25 57.25
C ALA T 157 40.81 -18.81 58.14
N LEU T 158 41.01 -19.97 58.78
CA LEU T 158 40.03 -20.55 59.71
C LEU T 158 39.75 -19.63 60.89
N LEU T 159 40.79 -19.06 61.51
CA LEU T 159 40.61 -18.15 62.63
C LEU T 159 39.87 -16.88 62.21
N ALA T 160 40.23 -16.31 61.05
CA ALA T 160 39.54 -15.16 60.47
C ALA T 160 38.06 -15.46 60.19
N LEU T 161 37.75 -16.68 59.74
CA LEU T 161 36.38 -17.12 59.55
C LEU T 161 35.64 -17.31 60.88
N ASN T 162 36.23 -18.00 61.86
CA ASN T 162 35.63 -18.13 63.19
C ASN T 162 35.22 -16.76 63.73
N TYR T 163 36.13 -15.79 63.66
CA TYR T 163 35.83 -14.44 64.10
C TYR T 163 34.68 -13.84 63.29
N THR T 164 34.80 -13.84 61.96
CA THR T 164 33.80 -13.25 61.06
C THR T 164 32.40 -13.83 61.30
N LEU T 165 32.27 -15.15 61.41
CA LEU T 165 30.96 -15.79 61.61
C LEU T 165 30.42 -15.56 63.02
N GLY T 166 31.28 -15.62 64.05
CA GLY T 166 30.86 -15.26 65.40
C GLY T 166 30.35 -13.82 65.49
N GLN T 167 31.02 -12.90 64.77
CA GLN T 167 30.65 -11.51 64.68
C GLN T 167 29.33 -11.31 63.92
N GLU T 168 29.08 -12.11 62.86
CA GLU T 168 27.80 -12.10 62.14
C GLU T 168 26.65 -12.68 62.96
N VAL T 169 26.89 -13.71 63.80
CA VAL T 169 25.90 -14.20 64.76
C VAL T 169 25.59 -13.13 65.80
N LYS T 170 26.64 -12.49 66.35
CA LYS T 170 26.52 -11.40 67.32
C LYS T 170 25.73 -10.21 66.74
N GLY T 171 25.94 -9.91 65.45
CA GLY T 171 25.19 -8.90 64.72
C GLY T 171 23.81 -9.33 64.23
N GLY T 172 23.38 -10.57 64.51
CA GLY T 172 22.08 -11.10 64.12
C GLY T 172 21.90 -11.35 62.62
N GLN T 173 22.98 -11.29 61.84
CA GLN T 173 22.95 -11.50 60.38
C GLN T 173 22.91 -12.98 60.02
N LEU T 174 23.33 -13.85 60.95
CA LEU T 174 23.44 -15.29 60.77
C LEU T 174 22.85 -15.98 62.02
N THR T 175 22.12 -17.10 61.85
CA THR T 175 21.42 -17.72 62.97
C THR T 175 22.37 -18.47 63.92
N SER T 176 23.27 -19.28 63.34
CA SER T 176 24.36 -19.96 64.02
C SER T 176 25.57 -20.07 63.09
N SER T 177 26.78 -19.95 63.65
CA SER T 177 27.99 -20.30 62.93
C SER T 177 28.12 -21.83 62.90
N PRO T 178 28.37 -22.47 61.73
CA PRO T 178 28.65 -23.90 61.69
C PRO T 178 30.07 -24.24 62.17
N LEU T 179 30.94 -23.22 62.29
CA LEU T 179 32.31 -23.36 62.75
C LEU T 179 32.46 -22.69 64.12
N TYR T 180 33.10 -23.40 65.07
CA TYR T 180 33.48 -22.81 66.35
C TYR T 180 34.90 -23.23 66.70
N ILE T 181 35.78 -22.26 66.98
CA ILE T 181 37.20 -22.55 67.23
C ILE T 181 37.59 -22.06 68.63
N ILE T 182 38.21 -22.95 69.42
CA ILE T 182 38.65 -22.68 70.78
C ILE T 182 40.03 -23.27 71.03
N SER T 183 40.83 -22.63 71.91
CA SER T 183 42.09 -23.18 72.39
C SER T 183 41.87 -24.01 73.66
N ASN T 184 40.94 -23.52 74.49
CA ASN T 184 40.55 -24.14 75.75
C ASN T 184 39.52 -25.23 75.48
N THR T 185 39.88 -26.50 75.75
CA THR T 185 38.94 -27.60 75.65
C THR T 185 38.03 -27.74 76.88
N SER T 186 38.39 -27.14 78.02
CA SER T 186 37.60 -27.21 79.26
C SER T 186 36.16 -26.72 79.06
N ILE T 187 35.98 -25.77 78.12
CA ILE T 187 34.71 -25.16 77.76
C ILE T 187 33.68 -26.19 77.28
N VAL T 188 34.12 -27.27 76.64
CA VAL T 188 33.28 -28.22 75.91
C VAL T 188 32.23 -28.88 76.80
N ALA T 189 32.57 -29.16 78.07
CA ALA T 189 31.65 -29.75 79.03
C ALA T 189 30.39 -28.89 79.26
N SER T 190 30.52 -27.55 79.13
CA SER T 190 29.42 -26.61 79.30
C SER T 190 28.59 -26.40 78.03
N LYS T 191 29.02 -27.00 76.90
CA LYS T 191 28.45 -26.77 75.56
C LYS T 191 28.22 -28.11 74.86
N PRO T 192 27.25 -28.94 75.33
CA PRO T 192 27.15 -30.33 74.92
C PRO T 192 26.89 -30.58 73.43
N TRP T 193 26.40 -29.58 72.69
CA TRP T 193 26.27 -29.68 71.24
C TRP T 193 27.62 -29.86 70.54
N LEU T 194 28.71 -29.36 71.14
CA LEU T 194 30.07 -29.56 70.63
C LEU T 194 30.59 -30.99 70.84
N LYS T 195 29.92 -31.82 71.65
CA LYS T 195 30.38 -33.18 71.94
C LYS T 195 30.30 -34.08 70.71
N ASN T 196 29.25 -33.91 69.89
CA ASN T 196 28.89 -34.87 68.86
C ASN T 196 29.26 -34.43 67.44
N ASP T 197 29.39 -33.12 67.19
CA ASP T 197 29.80 -32.64 65.87
C ASP T 197 31.29 -32.88 65.60
N ASN T 198 31.74 -32.65 64.35
CA ASN T 198 33.07 -33.08 63.92
C ASN T 198 34.14 -32.14 64.45
N VAL T 199 35.28 -32.68 64.92
CA VAL T 199 36.35 -31.86 65.48
C VAL T 199 37.71 -32.24 64.90
N PHE T 200 38.51 -31.23 64.53
CA PHE T 200 39.90 -31.39 64.17
C PHE T 200 40.74 -30.29 64.84
N THR T 201 42.06 -30.48 64.88
CA THR T 201 42.92 -29.50 65.54
C THR T 201 44.03 -29.02 64.61
N PHE T 202 44.51 -27.80 64.87
CA PHE T 202 45.64 -27.23 64.17
C PHE T 202 46.44 -26.34 65.11
N ASN T 203 47.74 -26.21 64.85
CA ASN T 203 48.62 -25.40 65.68
C ASN T 203 49.03 -24.15 64.90
N ILE T 204 49.09 -23.01 65.60
CA ILE T 204 49.79 -21.81 65.12
C ILE T 204 50.88 -21.46 66.14
N SER T 205 51.87 -20.65 65.76
CA SER T 205 52.89 -20.20 66.70
C SER T 205 52.69 -18.72 67.05
N VAL T 206 52.69 -18.41 68.37
CA VAL T 206 52.51 -17.06 68.89
C VAL T 206 53.55 -16.84 69.98
N ASN T 207 54.30 -15.73 69.90
CA ASN T 207 55.46 -15.51 70.76
C ASN T 207 56.34 -16.78 70.80
N GLY T 208 56.60 -17.36 69.61
CA GLY T 208 57.38 -18.58 69.43
C GLY T 208 56.85 -19.82 70.15
N THR T 209 55.62 -19.77 70.69
CA THR T 209 54.98 -20.84 71.45
C THR T 209 53.87 -21.47 70.58
N GLU T 210 53.82 -22.81 70.52
CA GLU T 210 52.76 -23.51 69.82
C GLU T 210 51.43 -23.38 70.58
N VAL T 211 50.40 -22.87 69.89
CA VAL T 211 49.04 -22.79 70.40
C VAL T 211 48.18 -23.75 69.59
N GLU T 212 47.60 -24.77 70.25
CA GLU T 212 46.67 -25.67 69.56
C GLU T 212 45.25 -25.10 69.62
N TYR T 213 44.60 -25.06 68.46
CA TYR T 213 43.20 -24.75 68.33
C TYR T 213 42.41 -25.97 67.90
N TYR T 214 41.22 -26.10 68.49
CA TYR T 214 40.25 -27.15 68.22
C TYR T 214 39.11 -26.51 67.43
N ALA T 215 38.86 -27.02 66.23
CA ALA T 215 37.81 -26.52 65.34
C ALA T 215 36.65 -27.51 65.33
N TYR T 216 35.48 -27.04 65.76
CA TYR T 216 34.24 -27.80 65.82
C TYR T 216 33.37 -27.41 64.62
N VAL T 217 32.92 -28.42 63.86
CA VAL T 217 32.23 -28.23 62.60
C VAL T 217 30.86 -28.94 62.62
N ASN T 218 29.81 -28.14 62.52
CA ASN T 218 28.41 -28.50 62.72
C ASN T 218 27.86 -29.33 61.54
N LYS T 219 28.30 -28.99 60.32
CA LYS T 219 27.80 -29.54 59.06
C LYS T 219 28.89 -29.40 57.98
N THR T 220 28.84 -30.18 56.90
CA THR T 220 29.81 -30.01 55.83
C THR T 220 29.57 -28.69 55.12
N PHE T 221 30.61 -27.83 55.06
CA PHE T 221 30.50 -26.55 54.38
C PHE T 221 31.83 -26.18 53.71
N ALA T 222 31.76 -25.27 52.73
CA ALA T 222 32.92 -24.75 52.05
C ALA T 222 32.99 -23.24 52.23
N PHE T 223 34.21 -22.72 52.28
CA PHE T 223 34.46 -21.29 52.22
C PHE T 223 35.62 -20.99 51.29
N THR T 224 35.71 -19.73 50.85
CA THR T 224 36.81 -19.29 50.00
C THR T 224 37.55 -18.12 50.67
N TYR T 225 38.83 -17.97 50.32
CA TYR T 225 39.63 -16.87 50.84
C TYR T 225 40.72 -16.48 49.85
N PRO T 226 41.22 -15.23 49.86
CA PRO T 226 42.26 -14.83 48.90
C PRO T 226 43.65 -15.33 49.28
N VAL T 227 44.41 -15.74 48.26
CA VAL T 227 45.75 -16.31 48.41
C VAL T 227 46.81 -15.42 47.75
N SER T 228 46.53 -14.86 46.57
CA SER T 228 47.36 -13.81 45.96
C SER T 228 46.58 -13.04 44.89
N GLY T 229 47.12 -11.89 44.46
CA GLY T 229 46.59 -11.18 43.30
C GLY T 229 45.17 -10.65 43.50
N PHE T 230 44.74 -10.52 44.77
CA PHE T 230 43.40 -10.08 45.11
C PHE T 230 43.41 -8.68 45.73
N PRO T 231 43.24 -7.59 44.94
CA PRO T 231 43.08 -6.25 45.49
C PRO T 231 41.63 -5.87 45.80
N LEU T 232 40.65 -6.68 45.36
CA LEU T 232 39.24 -6.32 45.40
C LEU T 232 38.57 -6.68 46.74
N ALA T 233 39.26 -6.48 47.87
CA ALA T 233 38.72 -6.82 49.19
C ALA T 233 37.39 -6.11 49.44
N GLY T 234 36.38 -6.89 49.87
CA GLY T 234 35.01 -6.43 50.01
C GLY T 234 34.04 -6.98 48.96
N SER T 235 34.55 -7.51 47.81
CA SER T 235 33.72 -7.68 46.61
C SER T 235 33.15 -9.08 46.35
N ASP T 236 33.82 -10.16 46.84
CA ASP T 236 33.60 -11.54 46.38
C ASP T 236 33.97 -11.81 44.90
N ILE T 237 34.68 -10.90 44.23
CA ILE T 237 35.06 -11.15 42.83
C ILE T 237 36.53 -11.55 42.77
N ALA T 238 36.83 -12.68 42.13
CA ALA T 238 38.20 -13.06 41.83
C ALA T 238 38.61 -12.44 40.50
N PRO T 239 39.53 -11.42 40.46
CA PRO T 239 39.95 -10.84 39.19
C PRO T 239 40.92 -11.77 38.47
N ALA T 240 41.08 -11.57 37.16
CA ALA T 240 42.04 -12.35 36.39
C ALA T 240 43.46 -12.18 36.95
N GLY T 241 44.17 -13.30 37.17
CA GLY T 241 45.47 -13.29 37.81
C GLY T 241 45.44 -13.19 39.35
N SER T 242 44.28 -13.43 39.96
CA SER T 242 44.18 -13.70 41.39
C SER T 242 44.21 -15.21 41.66
N VAL T 243 44.49 -15.59 42.91
CA VAL T 243 44.55 -16.98 43.34
C VAL T 243 43.71 -17.09 44.61
N ILE T 244 42.75 -18.03 44.63
CA ILE T 244 41.74 -18.14 45.67
C ILE T 244 41.83 -19.51 46.32
N GLY T 245 41.97 -19.55 47.65
CA GLY T 245 41.89 -20.81 48.37
C GLY T 245 40.44 -21.21 48.57
N VAL T 246 40.13 -22.49 48.33
CA VAL T 246 38.82 -23.09 48.59
C VAL T 246 39.04 -24.16 49.65
N MET T 247 38.26 -24.11 50.74
CA MET T 247 38.41 -25.10 51.78
C MET T 247 37.05 -25.67 52.16
N ILE T 248 36.98 -27.00 52.23
CA ILE T 248 35.79 -27.75 52.61
C ILE T 248 36.06 -28.37 53.97
N LEU T 249 35.23 -28.07 54.97
CA LEU T 249 35.34 -28.70 56.28
C LEU T 249 34.19 -29.69 56.42
N PHE T 250 34.48 -30.94 56.78
CA PHE T 250 33.45 -31.96 56.87
C PHE T 250 32.71 -31.90 58.20
N GLY T 251 31.38 -32.04 58.15
CA GLY T 251 30.55 -32.19 59.34
C GLY T 251 30.46 -33.65 59.79
N PRO T 252 29.75 -33.96 60.90
CA PRO T 252 29.72 -35.30 61.46
C PRO T 252 29.10 -36.37 60.55
N GLY T 253 28.26 -35.96 59.58
CA GLY T 253 27.74 -36.85 58.54
C GLY T 253 28.85 -37.36 57.62
N GLU T 254 29.43 -36.46 56.80
CA GLU T 254 30.41 -36.84 55.80
C GLU T 254 31.76 -37.25 56.42
N ALA T 255 32.04 -36.82 57.66
CA ALA T 255 33.26 -37.17 58.37
C ALA T 255 33.36 -38.65 58.74
N THR T 256 32.24 -39.39 58.76
CA THR T 256 32.03 -40.62 59.53
C THR T 256 33.07 -41.73 59.28
N ASN T 257 33.54 -41.89 58.03
CA ASN T 257 34.73 -42.66 57.74
C ASN T 257 35.47 -42.10 56.51
N VAL T 258 36.78 -42.36 56.44
CA VAL T 258 37.68 -41.76 55.46
C VAL T 258 37.37 -42.24 54.04
N PHE T 259 37.64 -41.39 53.03
CA PHE T 259 37.55 -41.78 51.62
C PHE T 259 38.70 -42.73 51.28
N GLN T 260 38.37 -43.97 50.85
CA GLN T 260 39.37 -44.91 50.34
C GLN T 260 38.78 -45.72 49.20
N TYR T 261 39.55 -45.92 48.11
CA TYR T 261 39.10 -46.71 46.97
C TYR T 261 37.78 -46.15 46.41
N GLU T 262 37.71 -44.80 46.34
CA GLU T 262 36.48 -44.08 46.05
C GLU T 262 36.79 -42.87 45.16
N THR T 263 35.81 -42.45 44.34
CA THR T 263 35.94 -41.23 43.56
C THR T 263 35.18 -40.10 44.25
N VAL T 264 35.88 -38.99 44.52
CA VAL T 264 35.28 -37.78 45.04
C VAL T 264 35.27 -36.72 43.93
N THR T 265 34.10 -36.11 43.73
CA THR T 265 33.91 -35.04 42.76
C THR T 265 33.44 -33.77 43.48
N ILE T 266 34.11 -32.65 43.18
CA ILE T 266 33.71 -31.33 43.64
C ILE T 266 33.39 -30.51 42.39
N GLN T 267 32.32 -29.70 42.43
CA GLN T 267 32.10 -28.81 41.30
C GLN T 267 31.78 -27.40 41.81
N ILE T 268 32.50 -26.40 41.29
CA ILE T 268 32.24 -25.02 41.60
C ILE T 268 31.49 -24.43 40.41
N THR T 269 30.29 -23.90 40.64
CA THR T 269 29.45 -23.36 39.57
C THR T 269 29.12 -21.90 39.86
N PRO T 270 29.91 -20.93 39.34
CA PRO T 270 29.55 -19.52 39.46
C PRO T 270 28.35 -19.18 38.57
N ASN T 271 27.80 -17.99 38.75
CA ASN T 271 26.56 -17.56 38.09
C ASN T 271 26.75 -17.21 36.60
N ILE T 272 28.00 -17.01 36.15
CA ILE T 272 28.35 -16.77 34.75
C ILE T 272 29.55 -17.65 34.42
N GLY T 273 29.56 -18.25 33.22
CA GLY T 273 30.69 -19.05 32.77
C GLY T 273 30.60 -20.53 33.16
N SER T 274 31.51 -21.33 32.59
CA SER T 274 31.54 -22.77 32.79
C SER T 274 31.92 -23.12 34.22
N PRO T 275 31.30 -24.17 34.82
CA PRO T 275 31.72 -24.63 36.14
C PRO T 275 33.07 -25.34 36.07
N LEU T 276 33.76 -25.37 37.21
CA LEU T 276 34.99 -26.14 37.35
C LEU T 276 34.66 -27.45 38.06
N THR T 277 34.90 -28.57 37.36
CA THR T 277 34.65 -29.89 37.91
C THR T 277 35.98 -30.56 38.25
N ILE T 278 36.12 -30.97 39.51
CA ILE T 278 37.34 -31.54 40.08
C ILE T 278 37.00 -32.98 40.47
N SER T 279 37.79 -33.97 40.01
CA SER T 279 37.57 -35.37 40.37
C SER T 279 38.87 -36.08 40.71
N GLN T 280 38.88 -36.81 41.84
CA GLN T 280 40.01 -37.64 42.25
C GLN T 280 39.50 -39.03 42.63
N TYR T 281 40.17 -40.08 42.14
CA TYR T 281 40.08 -41.36 42.83
C TYR T 281 41.07 -41.33 44.00
N ILE T 282 40.56 -41.60 45.21
CA ILE T 282 41.35 -41.48 46.42
C ILE T 282 41.81 -42.86 46.87
N TYR T 283 43.12 -43.07 46.84
CA TYR T 283 43.74 -44.18 47.55
C TYR T 283 43.79 -43.87 49.04
N GLN T 284 44.10 -44.89 49.86
CA GLN T 284 44.30 -44.71 51.31
C GLN T 284 45.18 -43.49 51.59
N PRO T 285 44.77 -42.56 52.49
CA PRO T 285 45.54 -41.35 52.77
C PRO T 285 46.77 -41.66 53.61
N ASP T 286 47.90 -41.04 53.24
CA ASP T 286 49.23 -41.48 53.66
C ASP T 286 49.89 -40.60 54.73
N GLY T 287 49.24 -39.49 55.15
CA GLY T 287 49.73 -38.59 56.18
C GLY T 287 48.62 -37.73 56.78
N LYS T 288 48.96 -36.89 57.78
CA LYS T 288 48.03 -35.96 58.42
C LYS T 288 47.30 -35.12 57.39
N VAL T 289 48.05 -34.67 56.37
CA VAL T 289 47.53 -34.19 55.10
C VAL T 289 48.06 -35.12 54.02
N THR T 290 47.27 -35.36 52.96
CA THR T 290 47.71 -36.14 51.82
C THR T 290 47.37 -35.41 50.53
N VAL T 291 48.24 -35.51 49.51
CA VAL T 291 47.97 -34.94 48.20
C VAL T 291 47.14 -35.95 47.40
N ILE T 292 45.88 -35.61 47.12
CA ILE T 292 44.98 -36.53 46.43
C ILE T 292 44.86 -36.21 44.93
N GLY T 293 45.22 -34.99 44.51
CA GLY T 293 45.09 -34.57 43.12
C GLY T 293 45.93 -33.36 42.78
C1 NAG U . -23.73 -42.11 -33.59
C2 NAG U . -25.23 -42.21 -33.41
C3 NAG U . -25.83 -42.68 -34.73
C4 NAG U . -25.40 -41.80 -35.89
C5 NAG U . -23.87 -41.73 -35.97
C6 NAG U . -23.38 -40.78 -37.05
C7 NAG U . -25.34 -44.41 -32.15
C8 NAG U . -25.93 -44.99 -30.89
N2 NAG U . -25.54 -43.09 -32.29
O3 NAG U . -27.25 -42.62 -34.55
O4 NAG U . -25.93 -42.31 -37.11
O5 NAG U . -23.33 -41.30 -34.72
O6 NAG U . -23.63 -39.42 -36.66
O7 NAG U . -24.75 -45.13 -32.95
C1 NAG U . -26.98 -41.44 -37.57
C2 NAG U . -27.04 -41.48 -39.10
C3 NAG U . -28.19 -40.63 -39.62
C4 NAG U . -29.50 -40.98 -38.89
C5 NAG U . -29.32 -40.93 -37.38
C6 NAG U . -30.57 -41.41 -36.65
C7 NAG U . -24.89 -41.93 -40.17
C8 NAG U . -23.65 -41.30 -40.76
N2 NAG U . -25.77 -41.06 -39.68
O3 NAG U . -28.33 -40.82 -41.03
O4 NAG U . -30.49 -40.06 -39.32
O5 NAG U . -28.24 -41.78 -37.01
O6 NAG U . -30.22 -42.30 -35.58
O7 NAG U . -25.05 -43.14 -40.16
C1 MAN U . -30.84 -43.60 -35.77
C2 MAN U . -30.97 -44.30 -34.42
C3 MAN U . -29.60 -44.70 -33.88
C4 MAN U . -28.76 -45.43 -34.92
C5 MAN U . -28.77 -44.67 -36.25
C6 MAN U . -28.00 -45.40 -37.33
O2 MAN U . -31.75 -45.48 -34.61
O3 MAN U . -29.74 -45.53 -32.73
O4 MAN U . -27.42 -45.56 -34.45
O5 MAN U . -30.11 -44.44 -36.68
O6 MAN U . -27.78 -44.53 -38.43
C1 NAG V . -15.47 -31.59 -39.98
C2 NAG V . -15.56 -33.10 -39.89
C3 NAG V . -15.40 -33.69 -41.28
C4 NAG V . -16.34 -33.02 -42.30
C5 NAG V . -16.22 -31.49 -42.22
C6 NAG V . -17.24 -30.72 -43.04
C7 NAG V . -14.82 -34.63 -38.15
C8 NAG V . -13.68 -35.09 -37.30
N2 NAG V . -14.54 -33.64 -39.00
O3 NAG V . -15.68 -35.09 -41.20
O4 NAG V . -16.01 -33.46 -43.62
O5 NAG V . -16.43 -31.06 -40.88
O6 NAG V . -16.85 -29.34 -43.04
O7 NAG V . -15.93 -35.14 -38.06
C1 NAG V . -17.05 -34.28 -44.17
C2 NAG V . -16.99 -34.20 -45.68
C3 NAG V . -18.03 -35.09 -46.37
C4 NAG V . -18.08 -36.49 -45.72
C5 NAG V . -18.10 -36.42 -44.17
C6 NAG V . -18.05 -37.79 -43.50
C7 NAG V . -16.15 -32.11 -46.54
C8 NAG V . -16.45 -30.65 -46.79
N2 NAG V . -17.17 -32.83 -46.11
O3 NAG V . -17.75 -35.20 -47.77
O4 NAG V . -19.27 -37.14 -46.18
O5 NAG V . -16.98 -35.63 -43.74
O6 NAG V . -17.91 -37.68 -42.06
O7 NAG V . -15.04 -32.58 -46.73
C1 MAN V . -17.82 -38.96 -41.39
C2 MAN V . -17.88 -38.73 -39.87
C3 MAN V . -16.53 -38.30 -39.27
C4 MAN V . -15.38 -39.14 -39.79
C5 MAN V . -15.42 -39.14 -41.31
C6 MAN V . -14.29 -39.94 -41.93
O2 MAN V . -18.29 -39.96 -39.27
O3 MAN V . -16.58 -38.40 -37.84
O4 MAN V . -14.15 -38.63 -39.30
O5 MAN V . -16.65 -39.72 -41.74
O6 MAN V . -14.50 -39.97 -43.34
C1 NAG W . -7.98 -42.97 -45.31
C2 NAG W . -8.60 -44.33 -44.97
C3 NAG W . -8.04 -45.39 -45.91
C4 NAG W . -8.07 -44.96 -47.38
C5 NAG W . -7.45 -43.56 -47.56
C6 NAG W . -7.59 -43.02 -48.97
C7 NAG W . -7.27 -44.96 -42.91
C8 NAG W . -7.47 -45.31 -41.47
N2 NAG W . -8.41 -44.68 -43.57
O3 NAG W . -8.78 -46.58 -45.71
O4 NAG W . -7.35 -45.95 -48.11
O5 NAG W . -8.13 -42.64 -46.69
O6 NAG W . -8.26 -41.75 -48.96
O7 NAG W . -6.15 -44.94 -43.40
C1 NAG W . -8.15 -46.45 -49.19
C2 NAG W . -7.20 -46.71 -50.36
C3 NAG W . -8.00 -47.29 -51.50
C4 NAG W . -8.58 -48.66 -51.11
C5 NAG W . -8.88 -48.84 -49.61
C6 NAG W . -7.85 -49.75 -48.96
C7 NAG W . -5.26 -45.23 -50.38
C8 NAG W . -4.66 -43.99 -50.98
N2 NAG W . -6.51 -45.50 -50.77
O3 NAG W . -7.16 -47.45 -52.65
O4 NAG W . -9.77 -48.86 -51.85
O5 NAG W . -8.97 -47.60 -48.86
O6 NAG W . -8.16 -50.09 -47.60
O7 NAG W . -4.63 -45.92 -49.59
C1 MAN W . -7.38 -49.41 -46.61
C2 MAN W . -5.90 -49.82 -46.69
C3 MAN W . -5.23 -49.91 -45.31
C4 MAN W . -5.99 -49.07 -44.31
C5 MAN W . -7.37 -49.70 -44.14
C6 MAN W . -8.18 -49.02 -43.04
O2 MAN W . -5.19 -48.88 -47.51
O3 MAN W . -3.86 -49.49 -45.36
O4 MAN W . -5.29 -49.02 -43.06
O5 MAN W . -8.09 -49.65 -45.38
O6 MAN W . -8.65 -47.78 -43.53
C1 NAG X . -0.43 -38.63 -31.04
C2 NAG X . 0.76 -39.27 -30.29
C3 NAG X . 1.76 -39.83 -31.30
C4 NAG X . 1.11 -40.69 -32.39
C5 NAG X . -0.10 -39.95 -33.01
C6 NAG X . -0.90 -40.79 -33.99
C7 NAG X . 2.07 -37.23 -29.60
C8 NAG X . 2.59 -36.55 -28.36
N2 NAG X . 1.39 -38.36 -29.36
O3 NAG X . 2.73 -40.59 -30.59
O4 NAG X . 2.10 -40.98 -33.37
O5 NAG X . -0.98 -39.55 -31.97
O6 NAG X . -2.26 -40.92 -33.55
O7 NAG X . 2.26 -36.74 -30.71
C1 NAG X . 2.18 -42.39 -33.59
C2 NAG X . 2.46 -42.58 -35.07
C3 NAG X . 2.61 -44.06 -35.34
C4 NAG X . 3.82 -44.63 -34.60
C5 NAG X . 4.16 -43.91 -33.27
C6 NAG X . 5.42 -43.07 -33.45
C7 NAG X . 1.57 -40.79 -36.48
C8 NAG X . 0.44 -40.41 -37.39
N2 NAG X . 1.44 -42.00 -35.90
O3 NAG X . 2.78 -44.29 -36.74
O4 NAG X . 3.56 -46.00 -34.32
O5 NAG X . 3.10 -43.10 -32.73
O6 NAG X . 5.90 -42.50 -32.22
O7 NAG X . 2.52 -40.07 -36.28
C1 MAN X . 5.63 -41.10 -32.05
C2 MAN X . 6.40 -40.25 -33.09
C3 MAN X . 6.89 -38.92 -32.53
C4 MAN X . 6.07 -38.53 -31.31
C5 MAN X . 6.34 -39.56 -30.23
C6 MAN X . 5.68 -39.20 -28.90
O2 MAN X . 5.55 -40.01 -34.23
O3 MAN X . 6.85 -37.87 -33.51
O4 MAN X . 6.42 -37.21 -30.87
O5 MAN X . 5.90 -40.85 -30.65
O6 MAN X . 4.28 -39.46 -29.02
C1 NAG Y . -12.51 -51.45 -28.18
C2 NAG Y . -13.80 -52.14 -28.58
C3 NAG Y . -13.75 -53.58 -28.08
C4 NAG Y . -12.45 -54.29 -28.46
C5 NAG Y . -11.20 -53.44 -28.17
C6 NAG Y . -9.92 -54.01 -28.76
C7 NAG Y . -15.77 -50.70 -28.74
C8 NAG Y . -17.01 -50.23 -28.03
N2 NAG Y . -14.95 -51.44 -28.01
O3 NAG Y . -14.88 -54.28 -28.60
O4 NAG Y . -12.38 -55.51 -27.71
O5 NAG Y . -11.38 -52.14 -28.73
O6 NAG Y . -8.82 -53.16 -28.40
O7 NAG Y . -15.55 -50.43 -29.90
C1 NAG Y . -12.35 -56.61 -28.60
C2 NAG Y . -12.11 -57.82 -27.74
C3 NAG Y . -12.15 -59.09 -28.59
C4 NAG Y . -13.35 -59.15 -29.52
C5 NAG Y . -13.61 -57.82 -30.25
C6 NAG Y . -15.01 -57.77 -30.88
C7 NAG Y . -10.63 -57.94 -25.79
C8 NAG Y . -9.20 -57.82 -25.34
N2 NAG Y . -10.81 -57.72 -27.08
O3 NAG Y . -12.19 -60.21 -27.69
O4 NAG Y . -13.09 -60.15 -30.49
O5 NAG Y . -13.57 -56.74 -29.34
O6 NAG Y . -16.03 -57.81 -29.87
O7 NAG Y . -11.53 -58.25 -25.03
C1 MAN Y . -16.77 -56.69 -29.49
C2 MAN Y . -17.68 -57.46 -28.55
C3 MAN Y . -18.88 -56.61 -28.21
C4 MAN Y . -18.58 -55.14 -28.51
C5 MAN Y . -18.25 -54.89 -29.98
C6 MAN Y . -17.46 -53.60 -30.15
O2 MAN Y . -16.90 -57.85 -27.42
O3 MAN Y . -19.19 -56.75 -26.83
O4 MAN Y . -19.72 -54.35 -28.16
O5 MAN Y . -17.49 -55.98 -30.50
O6 MAN Y . -18.19 -52.66 -30.95
C1 NAG Z . -11.04 -21.60 -47.29
C2 NAG Z . -11.94 -22.83 -47.24
C3 NAG Z . -11.76 -23.63 -48.50
C4 NAG Z . -11.84 -22.75 -49.76
C5 NAG Z . -10.99 -21.47 -49.66
C6 NAG Z . -11.27 -20.46 -50.77
C7 NAG Z . -10.66 -24.36 -45.66
C8 NAG Z . -10.83 -25.08 -44.36
N2 NAG Z . -11.71 -23.61 -46.02
O3 NAG Z . -12.81 -24.60 -48.51
O4 NAG Z . -11.41 -23.53 -50.89
O5 NAG Z . -11.27 -20.79 -48.43
O6 NAG Z . -12.23 -19.49 -50.35
O7 NAG Z . -9.62 -24.45 -46.29
C1 NAG Z . -12.54 -24.03 -51.59
C2 NAG Z . -12.09 -24.32 -53.03
C3 NAG Z . -13.21 -25.00 -53.82
C4 NAG Z . -13.86 -26.15 -53.05
C5 NAG Z . -14.28 -25.67 -51.66
C6 NAG Z . -14.94 -26.75 -50.83
C7 NAG Z . -10.58 -22.43 -53.55
C8 NAG Z . -10.46 -21.16 -54.34
N2 NAG Z . -11.74 -23.07 -53.70
O3 NAG Z . -12.68 -25.47 -55.06
O4 NAG Z . -14.99 -26.62 -53.77
O5 NAG Z . -13.13 -25.20 -50.98
O6 NAG Z . -13.96 -27.57 -50.19
O7 NAG Z . -9.69 -22.83 -52.80
C1 MAN Z . -14.00 -27.50 -48.76
C2 MAN Z . -13.66 -28.85 -48.14
C3 MAN Z . -13.09 -28.50 -46.77
C4 MAN Z . -13.51 -27.09 -46.35
C5 MAN Z . -14.97 -26.81 -46.75
C6 MAN Z . -15.33 -25.35 -46.52
O2 MAN Z . -12.74 -29.58 -48.92
O3 MAN Z . -11.65 -28.55 -46.80
O4 MAN Z . -13.42 -26.98 -44.93
O5 MAN Z . -15.20 -27.07 -48.14
O6 MAN Z . -16.75 -25.26 -46.55
C1 NAG AA . -67.72 -24.23 -12.40
C2 NAG AA . -69.07 -23.86 -11.79
C3 NAG AA . -70.16 -24.66 -12.49
C4 NAG AA . -70.09 -24.50 -14.00
C5 NAG AA . -68.69 -24.87 -14.52
C6 NAG AA . -68.53 -24.63 -16.02
C7 NAG AA . -68.94 -25.21 -9.64
C8 NAG AA . -69.09 -25.03 -8.16
N2 NAG AA . -69.04 -24.07 -10.35
O3 NAG AA . -71.39 -24.17 -11.98
O4 NAG AA . -71.07 -25.33 -14.62
O5 NAG AA . -67.70 -24.11 -13.83
O6 NAG AA . -68.48 -23.23 -16.29
O7 NAG AA . -68.76 -26.32 -10.12
C1 NAG AA . -72.12 -24.51 -15.15
C2 NAG AA . -72.73 -25.17 -16.38
C3 NAG AA . -73.90 -24.34 -16.92
C4 NAG AA . -74.89 -24.01 -15.79
C5 NAG AA . -74.17 -23.37 -14.59
C6 NAG AA . -75.11 -23.15 -13.42
C7 NAG AA . -71.17 -26.57 -17.64
C8 NAG AA . -70.17 -26.60 -18.77
N2 NAG AA . -71.72 -25.38 -17.40
O3 NAG AA . -74.56 -25.07 -17.96
O4 NAG AA . -75.88 -23.12 -16.32
O5 NAG AA . -73.12 -24.23 -14.17
O6 NAG AA . -74.49 -23.56 -12.20
O7 NAG AA . -71.44 -27.57 -17.00
C1 MAN AA . -75.26 -24.60 -11.55
C2 MAN AA . -74.97 -24.60 -10.06
C3 MAN AA . -73.53 -25.07 -9.79
C4 MAN AA . -73.22 -26.37 -10.53
C5 MAN AA . -73.63 -26.27 -12.00
C6 MAN AA . -73.38 -27.57 -12.74
O2 MAN AA . -75.87 -25.51 -9.43
O3 MAN AA . -73.32 -25.24 -8.39
O4 MAN AA . -71.82 -26.64 -10.43
O5 MAN AA . -75.01 -25.90 -12.10
O6 MAN AA . -73.49 -27.33 -14.14
C1 NAG BA . -61.38 -19.92 -25.09
C2 NAG BA . -61.58 -21.18 -24.26
C3 NAG BA . -62.00 -22.32 -25.16
C4 NAG BA . -63.17 -21.92 -26.07
C5 NAG BA . -62.89 -20.59 -26.78
C6 NAG BA . -64.05 -20.01 -27.55
C7 NAG BA . -60.41 -21.95 -22.27
C8 NAG BA . -59.07 -22.27 -21.67
N2 NAG BA . -60.37 -21.52 -23.54
O3 NAG BA . -62.35 -23.42 -24.34
O4 NAG BA . -63.39 -22.95 -27.04
O5 NAG BA . -62.55 -19.59 -25.83
O6 NAG BA . -63.55 -18.92 -28.34
O7 NAG BA . -61.45 -22.08 -21.65
C1 NAG BA . -64.63 -23.62 -26.81
C2 NAG BA . -65.12 -24.22 -28.13
C3 NAG BA . -66.40 -25.01 -27.97
C4 NAG BA . -66.37 -25.94 -26.74
C5 NAG BA . -65.81 -25.23 -25.50
C6 NAG BA . -65.63 -26.14 -24.28
C7 NAG BA . -64.44 -22.98 -30.09
C8 NAG BA . -64.67 -21.75 -30.92
N2 NAG BA . -65.30 -23.17 -29.10
O3 NAG BA . -66.67 -25.77 -29.17
O4 NAG BA . -67.70 -26.38 -26.49
O5 NAG BA . -64.54 -24.64 -25.82
O6 NAG BA . -64.98 -25.47 -23.18
O7 NAG BA . -63.53 -23.76 -30.32
C1 MAN BA . -64.76 -26.32 -22.03
C2 MAN BA . -64.26 -25.47 -20.86
C3 MAN BA . -62.75 -25.17 -20.94
C4 MAN BA . -61.96 -26.42 -21.27
C5 MAN BA . -62.52 -27.05 -22.54
C6 MAN BA . -61.78 -28.30 -22.97
O2 MAN BA . -64.53 -26.18 -19.66
O3 MAN BA . -62.29 -24.65 -19.70
O4 MAN BA . -60.58 -26.09 -21.46
O5 MAN BA . -63.88 -27.43 -22.28
O6 MAN BA . -62.49 -28.87 -24.07
C1 NAG CA . -57.45 -33.98 -26.01
C2 NAG CA . -58.04 -34.86 -24.90
C3 NAG CA . -57.96 -36.32 -25.32
C4 NAG CA . -58.49 -36.57 -26.74
C5 NAG CA . -57.85 -35.58 -27.73
C6 NAG CA . -58.43 -35.68 -29.14
C7 NAG CA . -56.11 -34.88 -23.25
C8 NAG CA . -55.81 -34.53 -21.83
N2 NAG CA . -57.39 -34.62 -23.62
O3 NAG CA . -58.70 -37.09 -24.37
O4 NAG CA . -58.18 -37.92 -27.07
O5 NAG CA . -58.06 -34.25 -27.27
O6 NAG CA . -58.93 -34.39 -29.55
O7 NAG CA . -55.25 -35.35 -23.98
C1 NAG CA . -59.36 -38.61 -27.49
C2 NAG CA . -58.92 -39.57 -28.60
C3 NAG CA . -60.14 -40.36 -29.04
C4 NAG CA . -60.66 -41.23 -27.90
C5 NAG CA . -60.42 -40.67 -26.48
C6 NAG CA . -59.32 -41.46 -25.78
C7 NAG CA . -56.99 -38.79 -29.87
C8 NAG CA . -56.54 -38.12 -31.14
N2 NAG CA . -58.32 -38.88 -29.72
O3 NAG CA . -59.80 -41.19 -30.15
O4 NAG CA . -62.07 -41.41 -28.08
O5 NAG CA . -60.11 -39.26 -26.44
O6 NAG CA . -59.15 -41.09 -24.41
O7 NAG CA . -56.19 -39.22 -29.05
C1 MAN CA . -58.00 -40.28 -24.12
C2 MAN CA . -56.68 -41.05 -24.39
C3 MAN CA . -55.58 -40.71 -23.40
C4 MAN CA . -55.84 -39.36 -22.76
C5 MAN CA . -57.11 -39.49 -21.94
C6 MAN CA . -57.41 -38.23 -21.13
O2 MAN CA . -56.24 -40.76 -25.74
O3 MAN CA . -54.28 -40.72 -24.02
O4 MAN CA . -54.74 -38.97 -21.94
O5 MAN CA . -58.23 -39.79 -22.79
O6 MAN CA . -57.89 -37.23 -22.02
C1 NAG DA . -44.87 -26.10 -18.34
C2 NAG DA . -43.57 -26.63 -17.74
C3 NAG DA . -43.05 -27.81 -18.57
C4 NAG DA . -44.14 -28.84 -18.87
C5 NAG DA . -45.41 -28.16 -19.42
C6 NAG DA . -46.59 -29.10 -19.59
C7 NAG DA . -41.91 -24.90 -18.52
C8 NAG DA . -40.90 -23.92 -17.98
N2 NAG DA . -42.55 -25.59 -17.58
O3 NAG DA . -41.97 -28.41 -17.88
O4 NAG DA . -43.60 -29.76 -19.82
O5 NAG DA . -45.82 -27.13 -18.52
O6 NAG DA . -47.70 -28.68 -18.79
O7 NAG DA . -42.09 -25.00 -19.73
C1 NAG DA . -43.74 -31.11 -19.33
C2 NAG DA . -44.04 -31.97 -20.56
C3 NAG DA . -44.14 -33.40 -20.10
C4 NAG DA . -42.79 -33.89 -19.54
C5 NAG DA . -41.93 -32.80 -18.88
C6 NAG DA . -40.75 -32.45 -19.79
C7 NAG DA . -45.20 -30.78 -22.34
C8 NAG DA . -46.55 -30.55 -22.98
N2 NAG DA . -45.23 -31.56 -21.25
O3 NAG DA . -44.51 -34.24 -21.20
O4 NAG DA . -43.06 -34.90 -18.57
O5 NAG DA . -42.64 -31.59 -18.53
O6 NAG DA . -39.80 -31.56 -19.17
O7 NAG DA . -44.18 -30.31 -22.80
C1 MAN DA . -39.86 -30.21 -19.63
C2 MAN DA . -39.45 -30.10 -21.12
C3 MAN DA . -38.66 -28.83 -21.45
C4 MAN DA . -38.95 -27.76 -20.39
C5 MAN DA . -38.39 -28.28 -19.08
C6 MAN DA . -38.50 -27.24 -17.96
O2 MAN DA . -40.62 -30.16 -21.94
O3 MAN DA . -38.96 -28.32 -22.75
O4 MAN DA . -38.33 -26.53 -20.76
O5 MAN DA . -39.09 -29.47 -18.67
O6 MAN DA . -39.86 -27.15 -17.54
C1 NAG EA . -56.30 -32.92 -6.42
C2 NAG EA . -57.70 -33.36 -6.06
C3 NAG EA . -57.61 -34.41 -4.97
C4 NAG EA . -56.61 -35.53 -5.29
C5 NAG EA . -55.26 -34.98 -5.81
C6 NAG EA . -54.34 -36.04 -6.36
C7 NAG EA . -59.46 -31.68 -6.36
C8 NAG EA . -60.29 -30.66 -5.66
N2 NAG EA . -58.49 -32.23 -5.61
O3 NAG EA . -58.92 -34.96 -4.76
O4 NAG EA . -56.40 -36.29 -4.10
O5 NAG EA . -55.51 -34.03 -6.86
O6 NAG EA . -53.11 -35.43 -6.75
O7 NAG EA . -59.64 -31.99 -7.52
C1 NAG EA . -56.79 -37.63 -4.32
C2 NAG EA . -56.37 -38.39 -3.06
C3 NAG EA . -56.83 -39.83 -3.14
C4 NAG EA . -58.29 -39.97 -3.58
C5 NAG EA . -58.67 -39.06 -4.75
C6 NAG EA . -60.18 -38.92 -4.93
C7 NAG EA . -54.32 -38.03 -1.79
C8 NAG EA . -52.81 -38.11 -1.86
N2 NAG EA . -54.93 -38.33 -2.93
O3 NAG EA . -56.66 -40.41 -1.85
O4 NAG EA . -58.50 -41.33 -3.96
O5 NAG EA . -58.19 -37.74 -4.54
O6 NAG EA . -60.78 -38.27 -3.80
O7 NAG EA . -54.90 -37.74 -0.76
C1 MAN EA . -61.23 -36.95 -3.82
C2 MAN EA . -61.80 -37.00 -2.42
C3 MAN EA . -62.72 -35.82 -2.22
C4 MAN EA . -62.41 -34.74 -3.26
C5 MAN EA . -62.59 -35.23 -4.69
C6 MAN EA . -61.80 -34.37 -5.66
O2 MAN EA . -60.71 -37.06 -1.49
O3 MAN EA . -62.53 -35.28 -0.92
O4 MAN EA . -63.25 -33.61 -3.03
O5 MAN EA . -62.18 -36.59 -4.81
O6 MAN EA . -62.68 -33.72 -6.59
C1 NAG FA . -58.96 -15.49 -37.22
C2 NAG FA . -59.90 -16.28 -36.33
C3 NAG FA . -60.27 -17.56 -37.04
C4 NAG FA . -60.71 -17.33 -38.50
C5 NAG FA . -59.75 -16.40 -39.27
C6 NAG FA . -60.28 -15.96 -40.62
C7 NAG FA . -58.29 -17.28 -34.63
C8 NAG FA . -58.05 -17.31 -33.15
N2 NAG FA . -59.32 -16.51 -35.00
O3 NAG FA . -61.34 -18.14 -36.28
O4 NAG FA . -60.78 -18.60 -39.15
O5 NAG FA . -59.51 -15.20 -38.50
O6 NAG FA . -60.91 -14.67 -40.51
O7 NAG FA . -57.57 -17.90 -35.39
C1 NAG FA . -62.13 -19.05 -39.20
C2 NAG FA . -62.25 -20.04 -40.37
C3 NAG FA . -63.65 -20.65 -40.39
C4 NAG FA . -64.09 -21.15 -39.02
C5 NAG FA . -63.94 -20.03 -37.99
C6 NAG FA . -64.35 -20.45 -36.59
C7 NAG FA . -60.80 -19.05 -42.10
C8 NAG FA . -60.80 -18.36 -43.43
N2 NAG FA . -62.01 -19.35 -41.62
O3 NAG FA . -63.65 -21.73 -41.33
O4 NAG FA . -65.45 -21.57 -39.09
O5 NAG FA . -62.57 -19.63 -37.97
O6 NAG FA . -63.29 -21.15 -35.93
O7 NAG FA . -59.76 -19.30 -41.52
C1 MAN FA . -62.80 -20.47 -34.77
C2 MAN FA . -62.39 -21.46 -33.69
C3 MAN FA . -61.34 -20.73 -32.88
C4 MAN FA . -61.44 -19.22 -33.09
C5 MAN FA . -62.91 -18.77 -33.17
C6 MAN FA . -63.02 -17.32 -33.58
O2 MAN FA . -61.89 -22.67 -34.24
O3 MAN FA . -60.02 -21.16 -33.24
O4 MAN FA . -60.82 -18.55 -31.99
O5 MAN FA . -63.66 -19.52 -34.13
O6 MAN FA . -64.34 -16.89 -33.26
C1 NAG GA . -6.09 25.29 -64.85
C2 NAG GA . -7.18 25.10 -65.88
C3 NAG GA . -6.89 25.99 -67.07
C4 NAG GA . -6.67 27.44 -66.65
C5 NAG GA . -5.58 27.53 -65.58
C6 NAG GA . -5.38 28.95 -65.05
C7 NAG GA . -6.43 22.90 -66.89
C8 NAG GA . -6.97 21.53 -67.19
N2 NAG GA . -7.30 23.69 -66.24
O3 NAG GA . -8.03 25.88 -67.94
O4 NAG GA . -6.33 28.24 -67.79
O5 NAG GA . -5.87 26.67 -64.48
O6 NAG GA . -6.49 29.30 -64.21
O7 NAG GA . -5.30 23.21 -67.23
C1 NAG GA . -7.43 29.09 -68.12
C2 NAG GA . -6.91 30.38 -68.74
C3 NAG GA . -8.06 31.27 -69.19
C4 NAG GA . -9.07 30.49 -70.03
C5 NAG GA . -9.51 29.20 -69.33
C6 NAG GA . -10.41 28.35 -70.22
C7 NAG GA . -4.70 31.05 -67.95
C8 NAG GA . -3.95 31.86 -66.93
N2 NAG GA . -6.03 31.08 -67.83
O3 NAG GA . -7.55 32.39 -69.92
O4 NAG GA . -10.19 31.33 -70.28
O5 NAG GA . -8.36 28.44 -68.99
O6 NAG GA . -10.01 26.97 -70.14
O7 NAG GA . -4.11 30.42 -68.82
C1 MAN GA . -9.64 26.48 -71.44
C2 MAN GA . -9.81 24.96 -71.49
C3 MAN GA . -8.78 24.28 -70.59
C4 MAN GA . -7.35 24.79 -70.88
C5 MAN GA . -7.33 26.33 -70.89
C6 MAN GA . -5.96 26.86 -71.22
O2 MAN GA . -9.61 24.52 -72.83
O3 MAN GA . -8.82 22.87 -70.75
O4 MAN GA . -6.48 24.30 -69.87
O5 MAN GA . -8.30 26.82 -71.82
O6 MAN GA . -5.92 28.25 -70.93
C1 NAG HA . -3.96 36.09 -54.92
C2 NAG HA . -3.17 35.25 -55.91
C3 NAG HA . -2.22 36.14 -56.69
C4 NAG HA . -2.94 37.36 -57.28
C5 NAG HA . -3.78 38.07 -56.20
C6 NAG HA . -4.68 39.17 -56.72
C7 NAG HA . -2.35 32.96 -55.72
C8 NAG HA . -1.56 31.99 -54.91
N2 NAG HA . -2.43 34.20 -55.22
O3 NAG HA . -1.63 35.35 -57.72
O4 NAG HA . -1.98 38.27 -57.81
O5 NAG HA . -4.66 37.14 -55.57
O6 NAG HA . -5.20 39.88 -55.59
O7 NAG HA . -2.89 32.64 -56.77
C1 NAG HA . -2.07 38.33 -59.24
C2 NAG HA . -1.52 39.68 -59.71
C3 NAG HA . -1.52 39.81 -61.23
C4 NAG HA . -0.99 38.55 -61.92
C5 NAG HA . -1.56 37.25 -61.31
C6 NAG HA . -0.95 35.97 -61.89
C7 NAG HA . -1.83 41.47 -58.13
C8 NAG HA . -2.81 42.43 -57.52
N2 NAG HA . -2.30 40.74 -59.13
O3 NAG HA . -0.77 40.97 -61.62
O4 NAG HA . -1.31 38.62 -63.30
O5 NAG HA . -1.37 37.27 -59.90
O6 NAG HA . -1.43 34.78 -61.20
O7 NAG HA . -0.68 41.38 -57.75
C1 MAN HA . -0.85 33.57 -61.69
C2 MAN HA . -1.57 32.37 -61.04
C3 MAN HA . -1.06 32.06 -59.62
C4 MAN HA . 0.46 32.07 -59.55
C5 MAN HA . 0.98 33.38 -60.12
C6 MAN HA . 2.48 33.50 -60.08
O2 MAN HA . -1.36 31.23 -61.86
O3 MAN HA . -1.54 30.78 -59.19
O4 MAN HA . 0.88 31.89 -58.20
O5 MAN HA . 0.57 33.47 -61.49
O6 MAN HA . 2.85 34.69 -60.76
C1 NAG IA . 10.05 34.79 -58.93
C2 NAG IA . 10.27 33.81 -60.08
C3 NAG IA . 11.63 34.08 -60.71
C4 NAG IA . 11.89 35.56 -61.01
C5 NAG IA . 11.57 36.42 -59.77
C6 NAG IA . 11.66 37.92 -60.04
C7 NAG IA . 10.89 31.71 -58.81
C8 NAG IA . 10.44 30.29 -58.65
N2 NAG IA . 10.13 32.42 -59.67
O3 NAG IA . 11.72 33.30 -61.90
O4 NAG IA . 13.26 35.68 -61.41
O5 NAG IA . 10.25 36.14 -59.33
O6 NAG IA . 10.43 38.55 -59.70
O7 NAG IA . 11.87 32.13 -58.21
C1 NAG IA . 13.34 36.35 -62.67
C2 NAG IA . 14.59 37.22 -62.61
C3 NAG IA . 14.76 37.91 -63.95
C4 NAG IA . 14.99 36.88 -65.06
C5 NAG IA . 14.34 35.51 -64.83
C6 NAG IA . 15.41 34.47 -64.46
C7 NAG IA . 15.15 37.98 -60.36
C8 NAG IA . 15.08 39.12 -59.39
N2 NAG IA . 14.54 38.18 -61.53
O3 NAG IA . 15.86 38.81 -63.90
O4 NAG IA . 14.50 37.42 -66.28
O5 NAG IA . 13.29 35.49 -63.83
O6 NAG IA . 14.89 33.13 -64.39
O7 NAG IA . 15.73 36.94 -60.08
C1 MAN IA . 14.71 32.62 -63.07
C2 MAN IA . 16.07 32.46 -62.32
C3 MAN IA . 16.12 31.23 -61.42
C4 MAN IA . 14.71 30.81 -61.04
C5 MAN IA . 14.02 30.34 -62.32
C6 MAN IA . 12.64 29.76 -62.05
O2 MAN IA . 16.33 33.65 -61.56
O3 MAN IA . 16.90 31.48 -60.24
O4 MAN IA . 14.75 29.75 -60.07
O5 MAN IA . 13.90 31.44 -63.24
O6 MAN IA . 11.75 30.82 -61.76
C1 NAG JA . 7.97 24.67 -45.79
C2 NAG JA . 8.95 23.69 -45.11
C3 NAG JA . 10.36 24.27 -45.14
C4 NAG JA . 10.76 24.76 -46.53
C5 NAG JA . 9.68 25.69 -47.12
C6 NAG JA . 9.93 26.10 -48.57
C7 NAG JA . 8.44 24.12 -42.67
C8 NAG JA . 8.00 23.41 -41.43
N2 NAG JA . 8.54 23.34 -43.76
O3 NAG JA . 11.26 23.26 -44.70
O4 NAG JA . 12.01 25.45 -46.39
O5 NAG JA . 8.42 25.00 -47.08
O6 NAG JA . 8.86 25.66 -49.41
O7 NAG JA . 8.69 25.32 -42.64
C1 NAG JA . 12.96 24.92 -47.31
C2 NAG JA . 13.82 26.10 -47.78
C3 NAG JA . 14.89 25.58 -48.71
C4 NAG JA . 15.83 24.64 -47.96
C5 NAG JA . 15.20 23.87 -46.79
C6 NAG JA . 15.68 24.44 -45.45
C7 NAG JA . 12.61 28.22 -47.78
C8 NAG JA . 11.89 29.23 -48.64
N2 NAG JA . 13.02 27.12 -48.43
O3 NAG JA . 15.63 26.66 -49.26
O4 NAG JA . 16.36 23.70 -48.89
O5 NAG JA . 13.75 23.81 -46.81
O6 NAG JA . 15.26 23.67 -44.32
O7 NAG JA . 12.81 28.42 -46.60
C1 MAN JA . 14.19 24.24 -43.56
C2 MAN JA . 14.60 25.56 -42.89
C3 MAN JA . 13.99 25.74 -41.50
C4 MAN JA . 12.72 24.91 -41.38
C5 MAN JA . 13.15 23.45 -41.44
C6 MAN JA . 11.99 22.49 -41.18
O2 MAN JA . 14.25 26.66 -43.74
O3 MAN JA . 13.69 27.13 -41.23
O4 MAN JA . 12.05 25.19 -40.15
O5 MAN JA . 13.74 23.16 -42.72
O6 MAN JA . 11.17 22.46 -42.35
C1 NAG KA . 5.64 15.76 -61.09
C2 NAG KA . 5.24 15.76 -62.56
C3 NAG KA . 5.94 14.60 -63.25
C4 NAG KA . 7.45 14.56 -62.94
C5 NAG KA . 7.75 14.73 -61.44
C6 NAG KA . 9.23 14.94 -61.14
C7 NAG KA . 3.02 16.66 -63.06
C8 NAG KA . 1.59 16.30 -63.35
N2 NAG KA . 3.80 15.64 -62.70
O3 NAG KA . 5.71 14.70 -64.65
O4 NAG KA . 7.94 13.29 -63.39
O5 NAG KA . 7.06 15.87 -60.95
O6 NAG KA . 9.40 15.04 -59.72
O7 NAG KA . 3.43 17.80 -63.16
C1 NAG KA . 8.93 13.50 -64.39
C2 NAG KA . 9.51 12.12 -64.68
C3 NAG KA . 10.52 12.21 -65.81
C4 NAG KA . 10.00 13.00 -67.02
C5 NAG KA . 9.30 14.30 -66.62
C6 NAG KA . 8.48 14.89 -67.77
C7 NAG KA . 9.97 10.38 -63.02
C8 NAG KA . 10.79 10.06 -61.80
N2 NAG KA . 10.16 11.62 -63.48
O3 NAG KA . 10.83 10.86 -66.21
O4 NAG KA . 11.14 13.31 -67.83
O5 NAG KA . 8.38 14.08 -65.57
O6 NAG KA . 7.39 14.01 -68.13
O7 NAG KA . 9.22 9.58 -63.54
C1 MAN KA . 6.06 14.27 -67.80
C2 MAN KA . 5.52 13.08 -68.56
C3 MAN KA . 4.03 13.22 -68.72
C4 MAN KA . 3.49 14.22 -67.70
C5 MAN KA . 4.12 15.61 -67.85
C6 MAN KA . 3.98 16.41 -66.56
O2 MAN KA . 5.91 11.89 -67.86
O3 MAN KA . 3.40 11.97 -68.53
O4 MAN KA . 2.07 14.33 -67.85
O5 MAN KA . 5.49 15.51 -68.21
O6 MAN KA . 3.19 17.57 -66.76
C1 NAG LA . -3.98 47.45 -48.29
C2 NAG LA . -3.95 46.78 -49.65
C3 NAG LA . -2.90 47.45 -50.51
C4 NAG LA . -3.01 48.99 -50.47
C5 NAG LA . -3.17 49.54 -49.04
C6 NAG LA . -3.51 51.01 -48.99
C7 NAG LA . -2.68 44.63 -49.17
C8 NAG LA . -2.85 43.15 -49.27
N2 NAG LA . -3.76 45.33 -49.54
O3 NAG LA . -3.10 46.97 -51.83
O4 NAG LA . -1.84 49.53 -51.08
O5 NAG LA . -4.22 48.84 -48.35
O6 NAG LA . -4.93 51.19 -48.85
O7 NAG LA . -1.64 45.12 -48.75
C1 NAG LA . -2.11 49.91 -52.42
C2 NAG LA . -1.10 50.98 -52.83
C3 NAG LA . -1.25 51.33 -54.31
C4 NAG LA . -1.34 50.09 -55.20
C5 NAG LA . -2.42 49.15 -54.67
C6 NAG LA . -2.57 47.88 -55.50
C7 NAG LA . -0.84 52.33 -50.78
C8 NAG LA . -1.14 53.66 -50.15
N2 NAG LA . -1.29 52.17 -52.03
O3 NAG LA . -0.15 52.14 -54.71
O4 NAG LA . -1.64 50.49 -56.53
O5 NAG LA . -2.10 48.79 -53.33
O6 NAG LA . -1.59 46.90 -55.11
O7 NAG LA . -0.25 51.46 -50.16
C1 MAN LA . -2.17 45.72 -54.58
C2 MAN LA . -1.35 44.49 -54.95
C3 MAN LA . -1.62 43.49 -53.84
C4 MAN LA . -2.91 43.85 -53.11
C5 MAN LA . -4.00 44.35 -54.06
C6 MAN LA . -5.19 44.89 -53.30
O2 MAN LA . 0.02 44.78 -55.08
O3 MAN LA . -0.54 43.47 -52.91
O4 MAN LA . -3.41 42.68 -52.44
O5 MAN LA . -3.53 45.42 -54.90
O6 MAN LA . -6.28 44.98 -54.23
C1 NAG MA . -6.62 62.96 22.23
C2 NAG MA . -6.78 64.23 21.43
C3 NAG MA . -7.14 65.37 22.36
C4 NAG MA . -8.36 65.02 23.22
C5 NAG MA . -8.11 63.71 23.99
C6 NAG MA . -9.32 63.25 24.79
C7 NAG MA . -4.34 64.81 21.06
C8 NAG MA . -3.39 65.13 19.96
N2 NAG MA . -5.57 64.49 20.65
O3 NAG MA . -7.43 66.49 21.53
O4 NAG MA . -8.61 66.08 24.14
O5 NAG MA . -7.75 62.66 23.08
O6 NAG MA . -10.34 62.78 23.90
O7 NAG MA . -3.97 64.85 22.24
C1 NAG MA . -9.81 66.77 23.75
C2 NAG MA . -10.51 67.33 24.98
C3 NAG MA . -11.74 68.14 24.58
C4 NAG MA . -11.39 69.16 23.49
C5 NAG MA . -10.67 68.50 22.31
C6 NAG MA . -10.20 69.53 21.29
C7 NAG MA . -10.16 66.02 27.01
C8 NAG MA . -10.69 64.90 27.87
N2 NAG MA . -10.86 66.27 25.90
O3 NAG MA . -12.27 68.79 25.73
O4 NAG MA . -12.60 69.77 23.06
O5 NAG MA . -9.53 67.80 22.80
O6 NAG MA . -8.86 69.24 20.88
O7 NAG MA . -9.16 66.65 27.33
C1 MAN MA . -7.98 70.35 21.17
C2 MAN MA . -6.77 70.31 20.24
C3 MAN MA . -5.87 69.12 20.57
C4 MAN MA . -5.55 69.05 22.07
C5 MAN MA . -6.83 69.18 22.89
C6 MAN MA . -6.54 69.16 24.38
O2 MAN MA . -6.02 71.52 20.42
O3 MAN MA . -4.65 69.20 19.83
O4 MAN MA . -4.92 67.80 22.35
O5 MAN MA . -7.53 70.37 22.54
O6 MAN MA . -7.77 68.98 25.10
C1 NAG NA . -16.76 53.72 27.84
C2 NAG NA . -15.47 54.39 28.23
C3 NAG NA . -15.58 54.95 29.64
C4 NAG NA . -16.85 55.80 29.79
C5 NAG NA . -18.09 55.05 29.27
C6 NAG NA . -19.35 55.88 29.21
C7 NAG NA . -13.17 53.81 27.65
C8 NAG NA . -12.12 52.74 27.63
N2 NAG NA . -14.35 53.46 28.14
O3 NAG NA . -14.41 55.72 29.90
O4 NAG NA . -17.02 56.13 31.17
O5 NAG NA . -17.87 54.61 27.94
O6 NAG NA . -20.44 54.98 28.94
O7 NAG NA . -12.95 54.94 27.24
C1 NAG NA . -16.83 57.54 31.40
C2 NAG NA . -17.60 57.95 32.65
C3 NAG NA . -17.40 59.42 33.01
C4 NAG NA . -15.92 59.82 32.91
C5 NAG NA . -15.24 59.29 31.63
C6 NAG NA . -13.73 59.58 31.56
C7 NAG NA . -19.60 56.66 33.06
C8 NAG NA . -21.02 56.41 32.63
N2 NAG NA . -19.00 57.68 32.45
O3 NAG NA . -17.92 59.67 34.32
O4 NAG NA . -15.85 61.25 32.95
O5 NAG NA . -15.45 57.88 31.54
O6 NAG NA . -13.12 58.96 30.42
O7 NAG NA . -19.04 55.97 33.87
C1 MAN NA . -11.69 59.17 30.35
C2 MAN NA . -11.17 58.65 28.99
C3 MAN NA . -10.96 57.13 28.99
C4 MAN NA . -10.23 56.65 30.24
C5 MAN NA . -10.97 57.16 31.47
C6 MAN NA . -10.32 56.73 32.76
O2 MAN NA . -9.93 59.30 28.73
O3 MAN NA . -10.20 56.74 27.84
O4 MAN NA . -10.17 55.22 30.24
O5 MAN NA . -10.95 58.59 31.43
O6 MAN NA . -11.02 57.38 33.84
C1 NAG OA . -7.94 53.68 39.50
C2 NAG OA . -6.77 54.65 39.39
C3 NAG OA . -6.18 54.91 40.77
C4 NAG OA . -7.25 55.24 41.82
C5 NAG OA . -8.39 54.21 41.78
C6 NAG OA . -9.56 54.56 42.70
C7 NAG OA . -4.95 53.10 38.54
C8 NAG OA . -4.00 52.94 37.38
N2 NAG OA . -5.76 54.18 38.46
O3 NAG OA . -5.24 55.96 40.66
O4 NAG OA . -6.60 55.27 43.09
O5 NAG OA . -8.91 54.12 40.45
O6 NAG OA . -10.77 54.62 41.95
O7 NAG OA . -4.95 52.29 39.46
C1 NAG OA . -6.86 56.51 43.76
C2 NAG OA . -6.99 56.18 45.24
C3 NAG OA . -7.21 57.47 45.99
C4 NAG OA . -5.99 58.39 45.86
C5 NAG OA . -5.20 58.24 44.54
C6 NAG OA . -3.87 57.51 44.81
C7 NAG OA . -7.82 53.93 45.67
C8 NAG OA . -9.03 53.12 46.04
N2 NAG OA . -8.05 55.23 45.50
O3 NAG OA . -7.44 57.20 47.37
O4 NAG OA . -6.44 59.74 45.97
O5 NAG OA . -5.91 57.57 43.48
O6 NAG OA . -3.02 57.47 43.66
O7 NAG OA . -6.72 53.42 45.56
C1 MAN OA . -2.95 56.21 42.99
C2 MAN OA . -2.30 55.13 43.89
C3 MAN OA . -1.43 54.15 43.12
C4 MAN OA . -1.84 54.13 41.64
C5 MAN OA . -1.51 55.50 41.07
C6 MAN OA . -1.76 55.57 39.58
O2 MAN OA . -3.35 54.42 44.59
O3 MAN OA . -1.50 52.82 43.66
O4 MAN OA . -1.13 53.11 40.95
O5 MAN OA . -2.31 56.50 41.73
O6 MAN OA . -3.16 55.63 39.34
C1 NAG PA . -3.16 40.81 29.95
C2 NAG PA . -2.00 39.83 30.11
C3 NAG PA . -1.78 39.52 31.60
C4 NAG PA . -1.71 40.79 32.45
C5 NAG PA . -2.90 41.72 32.15
C6 NAG PA . -2.83 43.07 32.85
C7 NAG PA . -3.12 37.65 29.47
C8 NAG PA . -2.99 36.52 28.50
N2 NAG PA . -2.19 38.61 29.33
O3 NAG PA . -0.59 38.77 31.72
O4 NAG PA . -1.71 40.37 33.82
O5 NAG PA . -2.95 41.97 30.75
O6 NAG PA . -2.81 44.14 31.89
O7 NAG PA . -4.01 37.66 30.31
C1 NAG PA . -0.59 40.95 34.50
C2 NAG PA . -1.07 41.27 35.92
C3 NAG PA . 0.09 41.83 36.70
C4 NAG PA . 1.20 40.78 36.85
C5 NAG PA . 1.30 39.77 35.69
C6 NAG PA . 0.77 38.41 36.14
C7 NAG PA . -3.45 41.77 36.05
C8 NAG PA . -4.48 42.87 36.14
N2 NAG PA . -2.20 42.19 35.92
O3 NAG PA . -0.35 42.25 38.00
O4 NAG PA . 2.45 41.47 36.96
O5 NAG PA . 0.63 40.17 34.47
O6 NAG PA . 0.98 37.37 35.17
O7 NAG PA . -3.78 40.60 36.10
C1 MAN PA . -0.19 36.98 34.44
C2 MAN PA . -1.25 36.32 35.36
C3 MAN PA . -2.00 35.18 34.69
C4 MAN PA . -1.94 35.33 33.19
C5 MAN PA . -0.48 35.15 32.77
C6 MAN PA . -0.30 35.14 31.26
O2 MAN PA . -2.17 37.32 35.82
O3 MAN PA . -3.37 35.12 35.12
O4 MAN PA . -2.77 34.35 32.55
O5 MAN PA . 0.32 36.20 33.34
O6 MAN PA . -0.45 36.48 30.78
C1 NAG QA . 6.41 55.42 26.21
C2 NAG QA . 6.52 56.93 26.15
C3 NAG QA . 7.99 57.31 26.25
C4 NAG QA . 8.70 56.61 27.42
C5 NAG QA . 8.40 55.11 27.48
C6 NAG QA . 8.88 54.44 28.76
C7 NAG QA . 4.78 58.09 24.88
C8 NAG QA . 4.44 58.71 23.56
N2 NAG QA . 5.95 57.44 24.92
O3 NAG QA . 8.09 58.73 26.37
O4 NAG QA . 10.12 56.80 27.23
O5 NAG QA . 6.98 54.90 27.41
O6 NAG QA . 8.59 53.04 28.68
O7 NAG QA . 4.04 58.17 25.85
C1 NAG QA . 10.64 57.52 28.34
C2 NAG QA . 12.14 57.51 28.15
C3 NAG QA . 12.81 58.34 29.24
C4 NAG QA . 12.14 59.70 29.46
C5 NAG QA . 10.61 59.62 29.49
C6 NAG QA . 9.95 61.00 29.33
C7 NAG QA . 13.50 55.65 27.31
C8 NAG QA . 13.91 54.24 27.58
N2 NAG QA . 12.64 56.15 28.20
O3 NAG QA . 14.18 58.54 28.88
O4 NAG QA . 12.60 60.20 30.71
O5 NAG QA . 10.13 58.85 28.41
O6 NAG QA . 10.23 61.55 28.04
O7 NAG QA . 13.91 56.30 26.35
C1 MAN QA . 9.30 61.61 27.01
C2 MAN QA . 10.19 62.39 26.07
C3 MAN QA . 9.35 62.95 24.94
C4 MAN QA . 8.03 62.21 24.84
C5 MAN QA . 7.20 62.30 26.13
C6 MAN QA . 6.20 61.16 26.20
O2 MAN QA . 11.24 61.51 25.64
O3 MAN QA . 10.07 62.83 23.72
O4 MAN QA . 7.28 62.75 23.76
O5 MAN QA . 8.05 62.26 27.27
O6 MAN QA . 4.86 61.66 26.20
C1 NAG RA . -27.75 48.27 32.56
C2 NAG RA . -26.90 49.51 32.50
C3 NAG RA . -26.77 50.11 33.88
C4 NAG RA . -28.12 50.22 34.60
C5 NAG RA . -28.96 48.94 34.49
C6 NAG RA . -30.41 49.10 34.98
C7 NAG RA . -24.55 48.53 32.32
C8 NAG RA . -23.36 48.56 31.42
N2 NAG RA . -25.60 49.25 31.87
O3 NAG RA . -26.18 51.40 33.71
O4 NAG RA . -27.88 50.52 35.97
O5 NAG RA . -29.04 48.51 33.12
O6 NAG RA . -31.27 49.38 33.86
O7 NAG RA . -24.54 47.90 33.37
C1 NAG RA . -28.06 51.92 36.20
C2 NAG RA . -28.37 52.12 37.68
C3 NAG RA . -28.44 53.60 38.02
C4 NAG RA . -27.25 54.39 37.47
C5 NAG RA . -27.10 54.10 35.97
C6 NAG RA . -25.93 54.83 35.33
C7 NAG RA . -29.82 50.20 38.22
C8 NAG RA . -31.23 49.78 38.55
N2 NAG RA . -29.65 51.50 38.01
O3 NAG RA . -28.49 53.76 39.45
O4 NAG RA . -27.46 55.79 37.68
O5 NAG RA . -26.91 52.70 35.80
O6 NAG RA . -24.70 54.12 35.55
O7 NAG RA . -28.93 49.37 38.13
C1 MAN RA . -24.10 53.67 34.34
C2 MAN RA . -22.59 53.71 34.43
C3 MAN RA . -22.09 52.64 33.47
C4 MAN RA . -23.19 52.31 32.46
C5 MAN RA . -23.95 53.57 32.02
C6 MAN RA . -25.15 53.21 31.16
O2 MAN RA . -22.12 53.49 35.76
O3 MAN RA . -21.74 51.46 34.18
O4 MAN RA . -22.59 51.72 31.31
O5 MAN RA . -24.44 54.33 33.13
O6 MAN RA . -25.57 54.40 30.49
C1 NAG SA . -56.90 -17.46 25.32
C2 NAG SA . -57.88 -16.54 26.01
C3 NAG SA . -59.21 -17.25 26.14
C4 NAG SA . -59.70 -17.77 24.79
C5 NAG SA . -58.63 -18.68 24.15
C6 NAG SA . -59.02 -19.15 22.75
C7 NAG SA . -57.09 -16.82 28.40
C8 NAG SA . -56.66 -15.99 29.58
N2 NAG SA . -57.34 -16.11 27.29
O3 NAG SA . -60.12 -16.28 26.65
O4 NAG SA . -60.91 -18.50 24.96
O5 NAG SA . -57.38 -17.99 24.07
O6 NAG SA . -58.92 -18.06 21.83
O7 NAG SA . -57.20 -18.04 28.51
C1 NAG SA . -61.99 -17.74 24.40
C2 NAG SA . -63.07 -18.68 23.88
C3 NAG SA . -64.28 -17.89 23.37
C4 NAG SA . -64.74 -16.87 24.41
C5 NAG SA . -63.58 -15.99 24.87
C6 NAG SA . -64.01 -15.05 26.01
C7 NAG SA . -62.23 -20.83 23.09
C8 NAG SA . -61.72 -21.60 21.90
N2 NAG SA . -62.55 -19.56 22.86
O3 NAG SA . -65.33 -18.80 23.06
O4 NAG SA . -65.77 -16.07 23.81
O5 NAG SA . -62.53 -16.83 25.37
O6 NAG SA . -63.02 -15.05 27.04
O7 NAG SA . -62.34 -21.36 24.20
C1 MAN SA . -63.58 -15.47 28.30
C2 MAN SA . -62.76 -14.91 29.46
C3 MAN SA . -61.38 -15.58 29.53
C4 MAN SA . -61.49 -17.10 29.45
C5 MAN SA . -62.39 -17.53 28.30
C6 MAN SA . -62.55 -19.04 28.25
O2 MAN SA . -63.48 -15.18 30.67
O3 MAN SA . -60.72 -15.22 30.74
O4 MAN SA . -60.18 -17.63 29.26
O5 MAN SA . -63.67 -16.90 28.41
O6 MAN SA . -63.15 -19.40 27.01
C1 NAG TA . -55.25 -20.84 10.97
C2 NAG TA . -55.26 -21.51 12.33
C3 NAG TA . -56.08 -22.78 12.26
C4 NAG TA . -57.46 -22.52 11.64
C5 NAG TA . -57.32 -21.75 10.30
C6 NAG TA . -58.63 -21.28 9.71
C7 NAG TA . -53.52 -21.61 14.03
C8 NAG TA . -52.10 -21.96 14.34
N2 NAG TA . -53.90 -21.80 12.77
O3 NAG TA . -56.21 -23.29 13.59
O4 NAG TA . -58.12 -23.78 11.40
O5 NAG TA . -56.57 -20.56 10.51
O6 NAG TA . -58.36 -20.81 8.39
O7 NAG TA . -54.28 -21.19 14.89
C1 NAG TA . -59.25 -23.93 12.26
C2 NAG TA . -60.24 -24.89 11.61
C3 NAG TA . -61.46 -25.16 12.49
C4 NAG TA . -61.05 -25.44 13.94
C5 NAG TA . -60.01 -24.44 14.47
C6 NAG TA . -59.49 -24.76 15.88
C7 NAG TA . -60.21 -24.83 9.20
C8 NAG TA . -60.62 -24.08 7.97
N2 NAG TA . -60.66 -24.35 10.34
O3 NAG TA . -62.21 -26.27 11.95
O4 NAG TA . -62.23 -25.38 14.75
O5 NAG TA . -58.89 -24.41 13.56
O6 NAG TA . -58.42 -23.87 16.27
O7 NAG TA . -59.53 -25.84 9.14
C1 MAN TA . -57.88 -24.17 17.58
C2 MAN TA . -56.90 -23.06 17.99
C3 MAN TA . -55.51 -23.23 17.36
C4 MAN TA . -55.01 -24.67 17.48
C5 MAN TA . -56.06 -25.61 16.91
C6 MAN TA . -55.65 -27.06 16.97
O2 MAN TA . -56.79 -23.08 19.41
O3 MAN TA . -54.57 -22.36 18.00
O4 MAN TA . -53.77 -24.80 16.77
O5 MAN TA . -57.26 -25.47 17.69
O6 MAN TA . -56.77 -27.84 16.54
C1 NAG UA . -53.32 -34.41 16.05
C2 NAG UA . -53.55 -34.54 17.55
C3 NAG UA . -53.76 -36.01 17.91
C4 NAG UA . -54.78 -36.70 17.01
C5 NAG UA . -54.48 -36.44 15.52
C6 NAG UA . -55.53 -36.97 14.58
C7 NAG UA . -51.16 -34.34 18.39
C8 NAG UA . -50.32 -33.50 19.32
N2 NAG UA . -52.45 -33.96 18.32
O3 NAG UA . -54.16 -36.07 19.27
O4 NAG UA . -54.75 -38.09 17.31
O5 NAG UA . -54.37 -35.03 15.32
O6 NAG UA . -56.03 -35.91 13.74
O7 NAG UA . -50.67 -35.29 17.79
C1 NAG UA . -56.06 -38.57 17.63
C2 NAG UA . -56.16 -39.98 17.07
C3 NAG UA . -57.51 -40.55 17.43
C4 NAG UA . -57.66 -40.67 18.95
C5 NAG UA . -56.87 -39.63 19.78
C6 NAG UA . -55.66 -40.30 20.43
C7 NAG UA . -54.76 -40.34 15.11
C8 NAG UA . -54.74 -40.44 13.61
N2 NAG UA . -55.94 -40.01 15.64
O3 NAG UA . -57.68 -41.83 16.84
O4 NAG UA . -59.05 -40.54 19.27
O5 NAG UA . -56.43 -38.48 19.03
O6 NAG UA . -54.96 -39.43 21.35
O7 NAG UA . -53.76 -40.57 15.77
C1 MAN UA . -53.73 -38.92 20.86
C2 MAN UA . -52.68 -40.04 20.64
C3 MAN UA . -51.25 -39.61 21.00
C4 MAN UA . -51.14 -38.09 20.93
C5 MAN UA . -52.03 -37.52 22.03
C6 MAN UA . -51.89 -36.00 22.15
O2 MAN UA . -52.73 -40.48 19.28
O3 MAN UA . -50.29 -40.20 20.14
O4 MAN UA . -49.78 -37.68 21.11
O5 MAN UA . -53.40 -37.85 21.78
O6 MAN UA . -52.58 -35.40 21.06
C1 NAG VA . -38.10 -27.57 15.02
C2 NAG VA . -36.72 -28.12 15.43
C3 NAG VA . -36.67 -29.62 15.17
C4 NAG VA . -37.89 -30.37 15.72
C5 NAG VA . -39.20 -29.68 15.29
C6 NAG VA . -40.45 -30.27 15.93
C7 NAG VA . -35.30 -27.37 13.47
C8 NAG VA . -34.08 -26.56 13.16
N2 NAG VA . -35.62 -27.42 14.77
O3 NAG VA . -35.47 -30.14 15.74
O4 NAG VA . -37.83 -31.71 15.26
O5 NAG VA . -39.14 -28.31 15.65
O6 NAG VA . -41.14 -29.26 16.70
O7 NAG VA . -35.92 -27.93 12.57
C1 NAG VA . -37.91 -32.63 16.35
C2 NAG VA . -38.70 -33.83 15.85
C3 NAG VA . -38.77 -34.85 16.97
C4 NAG VA . -37.36 -35.37 17.30
C5 NAG VA . -36.22 -34.36 17.07
C6 NAG VA . -35.42 -34.77 15.82
C7 NAG VA . -40.33 -33.27 14.13
C8 NAG VA . -41.78 -32.99 13.84
N2 NAG VA . -40.03 -33.45 15.41
O3 NAG VA . -39.60 -35.94 16.57
O4 NAG VA . -37.35 -35.76 18.67
O5 NAG VA . -36.63 -32.98 16.95
O6 NAG VA . -34.24 -33.98 15.63
O7 NAG VA . -39.50 -33.32 13.22
C1 MAN VA . -34.33 -32.99 14.59
C2 MAN VA . -34.49 -33.64 13.20
C3 MAN VA . -33.75 -32.89 12.09
C4 MAN VA . -33.54 -31.44 12.51
C5 MAN VA . -32.59 -31.45 13.70
C6 MAN VA . -32.17 -30.05 14.13
O2 MAN VA . -35.89 -33.75 12.87
O3 MAN VA . -34.46 -32.94 10.85
O4 MAN VA . -32.99 -30.69 11.43
O5 MAN VA . -33.20 -32.13 14.82
O6 MAN VA . -33.28 -29.44 14.81
C1 NAG WA . -44.94 -25.39 31.36
C2 NAG WA . -46.17 -25.26 32.26
C3 NAG WA . -45.77 -25.71 33.66
C4 NAG WA . -45.08 -27.08 33.66
C5 NAG WA . -43.98 -27.17 32.60
C6 NAG WA . -43.43 -28.58 32.41
C7 NAG WA . -47.73 -23.48 31.67
C8 NAG WA . -48.15 -22.07 31.96
N2 NAG WA . -46.63 -23.88 32.28
O3 NAG WA . -46.96 -25.76 34.46
O4 NAG WA . -44.51 -27.28 34.96
O5 NAG WA . -44.48 -26.75 31.33
O6 NAG WA . -42.38 -28.55 31.44
O7 NAG WA . -48.36 -24.20 30.91
C1 NAG WA . -45.10 -28.43 35.55
C2 NAG WA . -44.32 -28.65 36.84
C3 NAG WA . -44.91 -29.81 37.61
C4 NAG WA . -46.43 -29.74 37.74
C5 NAG WA . -47.13 -29.36 36.43
C6 NAG WA . -48.58 -28.92 36.64
C7 NAG WA . -41.90 -28.35 37.14
C8 NAG WA . -40.56 -28.83 36.71
N2 NAG WA . -42.93 -28.93 36.53
O3 NAG WA . -44.33 -29.83 38.92
O4 NAG WA . -46.89 -31.02 38.14
O5 NAG WA . -46.48 -28.26 35.81
O6 NAG WA . -48.64 -27.71 37.42
O7 NAG WA . -42.05 -27.50 38.01
C1 MAN WA . -48.94 -26.46 36.87
C2 MAN WA . -48.95 -25.74 38.19
C3 MAN WA . -49.60 -24.39 38.01
C4 MAN WA . -49.60 -24.00 36.54
C5 MAN WA . -50.37 -25.00 35.66
C6 MAN WA . -49.91 -24.89 34.21
O2 MAN WA . -47.61 -25.68 38.67
O3 MAN WA . -48.89 -23.41 38.75
O4 MAN WA . -50.21 -22.71 36.40
O5 MAN WA . -50.16 -26.33 36.13
O6 MAN WA . -50.99 -24.50 33.37
C1 NAG XA . -57.04 -22.84 -1.89
C2 NAG XA . -57.65 -22.91 -0.51
C3 NAG XA . -58.39 -24.23 -0.36
C4 NAG XA . -59.30 -24.51 -1.55
C5 NAG XA . -58.62 -24.27 -2.91
C6 NAG XA . -59.59 -24.29 -4.09
C7 NAG XA . -55.64 -23.44 0.95
C8 NAG XA . -54.88 -22.90 2.12
N2 NAG XA . -56.66 -22.68 0.54
O3 NAG XA . -59.14 -24.13 0.84
O4 NAG XA . -59.75 -25.88 -1.47
O5 NAG XA . -58.00 -22.99 -2.93
O6 NAG XA . -60.01 -22.96 -4.42
O7 NAG XA . -55.31 -24.50 0.42
C1 NAG XA . -61.05 -25.93 -0.90
C2 NAG XA . -61.70 -27.24 -1.36
C3 NAG XA . -63.04 -27.44 -0.67
C4 NAG XA . -62.99 -27.18 0.83
C5 NAG XA . -62.36 -25.81 1.08
C6 NAG XA . -62.27 -25.46 2.56
C7 NAG XA . -60.95 -27.46 -3.70
C8 NAG XA . -61.42 -27.36 -5.13
N2 NAG XA . -61.90 -27.22 -2.79
O3 NAG XA . -63.50 -28.78 -0.93
O4 NAG XA . -64.31 -27.23 1.37
O5 NAG XA . -61.05 -25.82 0.53
O6 NAG XA . -61.11 -26.06 3.16
O7 NAG XA . -59.79 -27.72 -3.41
C1 MAN XA . -60.17 -25.10 3.66
C2 MAN XA . -59.48 -25.60 4.91
C3 MAN XA . -58.14 -24.89 4.93
C4 MAN XA . -58.19 -23.65 4.04
C5 MAN XA . -59.52 -22.91 4.16
C6 MAN XA . -59.64 -21.81 3.13
O2 MAN XA . -59.34 -27.01 4.91
O3 MAN XA . -57.11 -25.77 4.46
O4 MAN XA . -57.15 -22.76 4.44
O5 MAN XA . -60.64 -23.79 3.94
O6 MAN XA . -60.71 -20.95 3.54
C1 NAG YA . -14.35 -13.27 -59.41
C2 NAG YA . -15.76 -13.60 -59.85
C3 NAG YA . -15.86 -13.42 -61.36
C4 NAG YA . -15.36 -12.03 -61.78
C5 NAG YA . -13.94 -11.79 -61.26
C6 NAG YA . -13.43 -10.38 -61.57
C7 NAG YA . -15.65 -16.14 -59.81
C8 NAG YA . -16.39 -17.31 -59.23
N2 NAG YA . -16.13 -14.94 -59.42
O3 NAG YA . -17.23 -13.59 -61.69
O4 NAG YA . -15.39 -11.93 -63.21
O5 NAG YA . -13.89 -11.99 -59.84
O6 NAG YA . -14.12 -9.44 -60.75
O7 NAG YA . -14.70 -16.30 -60.56
C1 NAG YA . -16.45 -11.04 -63.59
C2 NAG YA . -16.08 -10.33 -64.89
C3 NAG YA . -17.23 -9.45 -65.36
C4 NAG YA . -18.55 -10.23 -65.40
C5 NAG YA . -18.80 -10.92 -64.06
C6 NAG YA . -20.04 -11.80 -64.13
C7 NAG YA . -13.67 -9.98 -65.19
C8 NAG YA . -12.53 -9.03 -64.95
N2 NAG YA . -14.86 -9.56 -64.72
O3 NAG YA . -16.92 -8.92 -66.67
O4 NAG YA . -19.59 -9.30 -65.71
O5 NAG YA . -17.69 -11.74 -63.73
O6 NAG YA . -19.78 -13.07 -63.50
O7 NAG YA . -13.52 -11.04 -65.76
C1 MAN YA . -19.97 -14.16 -64.43
C2 MAN YA . -20.28 -15.45 -63.67
C3 MAN YA . -19.05 -15.94 -62.90
C4 MAN YA . -17.81 -15.96 -63.78
C5 MAN YA . -17.64 -14.65 -64.54
C6 MAN YA . -16.45 -14.69 -65.47
O2 MAN YA . -20.66 -16.44 -64.63
O3 MAN YA . -19.28 -17.24 -62.37
O4 MAN YA . -16.66 -16.19 -62.95
O5 MAN YA . -18.83 -14.36 -65.29
O6 MAN YA . -16.17 -13.37 -65.92
C1 NAG ZA . -7.70 -0.22 -57.13
C2 NAG ZA . -7.42 -1.58 -57.74
C3 NAG ZA . -6.73 -1.39 -59.08
C4 NAG ZA . -7.50 -0.39 -59.97
C5 NAG ZA . -7.81 0.90 -59.20
C6 NAG ZA . -8.72 1.87 -59.92
C7 NAG ZA . -6.82 -3.68 -56.68
C8 NAG ZA . -5.89 -4.39 -55.75
N2 NAG ZA . -6.59 -2.38 -56.86
O3 NAG ZA . -6.65 -2.67 -59.71
O4 NAG ZA . -6.72 -0.10 -61.13
O5 NAG ZA . -8.48 0.60 -57.99
O6 NAG ZA . -8.72 3.09 -59.20
O7 NAG ZA . -7.74 -4.28 -57.24
C1 NAG ZA . -7.32 -0.63 -62.31
C2 NAG ZA . -6.86 0.19 -63.52
C3 NAG ZA . -7.42 -0.35 -64.83
C4 NAG ZA . -7.29 -1.87 -64.92
C5 NAG ZA . -7.72 -2.58 -63.62
C6 NAG ZA . -7.51 -4.10 -63.63
C7 NAG ZA . -6.39 2.50 -63.01
C8 NAG ZA . -6.97 3.85 -62.71
N2 NAG ZA . -7.26 1.56 -63.34
O3 NAG ZA . -6.75 0.29 -65.94
O4 NAG ZA . -8.09 -2.33 -66.02
O5 NAG ZA . -7.03 -2.01 -62.52
O6 NAG ZA . -7.81 -4.70 -62.36
O7 NAG ZA . -5.19 2.28 -62.97
C1 MAN ZA . -7.57 -6.12 -62.31
C2 MAN ZA . -8.11 -6.68 -60.99
C3 MAN ZA . -7.14 -6.47 -59.81
C4 MAN ZA . -5.71 -6.83 -60.18
C5 MAN ZA . -5.31 -6.08 -61.44
C6 MAN ZA . -3.90 -6.37 -61.89
O2 MAN ZA . -8.32 -8.08 -61.17
O3 MAN ZA . -7.54 -7.27 -58.69
O4 MAN ZA . -4.84 -6.50 -59.10
O5 MAN ZA . -6.19 -6.49 -62.50
O6 MAN ZA . -3.70 -5.71 -63.13
C1 NAG AB . 3.65 -6.71 -63.67
C2 NAG AB . 3.34 -8.10 -64.20
C3 NAG AB . 4.41 -8.50 -65.23
C4 NAG AB . 4.67 -7.41 -66.27
C5 NAG AB . 4.91 -6.05 -65.59
C6 NAG AB . 5.04 -4.89 -66.57
C7 NAG AB . 4.18 -9.53 -62.29
C8 NAG AB . 3.69 -10.57 -61.32
N2 NAG AB . 3.23 -9.08 -63.13
O3 NAG AB . 3.98 -9.70 -65.85
O4 NAG AB . 5.80 -7.84 -67.03
O5 NAG AB . 3.82 -5.76 -64.72
O6 NAG AB . 4.08 -3.88 -66.27
O7 NAG AB . 5.35 -9.16 -62.26
C1 NAG AB . 5.49 -7.82 -68.43
C2 NAG AB . 6.75 -7.37 -69.16
C3 NAG AB . 6.49 -7.39 -70.64
C4 NAG AB . 6.20 -8.83 -71.12
C5 NAG AB . 5.54 -9.74 -70.06
C6 NAG AB . 6.56 -10.76 -69.54
C7 NAG AB . 8.16 -5.89 -67.82
C8 NAG AB . 8.55 -4.47 -67.57
N2 NAG AB . 7.19 -6.06 -68.72
O3 NAG AB . 7.62 -6.88 -71.35
O4 NAG AB . 5.34 -8.75 -72.26
O5 NAG AB . 4.93 -9.05 -68.95
O6 NAG AB . 5.98 -11.76 -68.69
O7 NAG AB . 8.70 -6.81 -67.24
C1 MAN AB . 6.25 -11.57 -67.29
C2 MAN AB . 7.76 -11.74 -66.98
C3 MAN AB . 8.03 -12.43 -65.64
C4 MAN AB . 6.82 -12.26 -64.73
C5 MAN AB . 5.67 -13.05 -65.36
C6 MAN AB . 4.43 -13.08 -64.47
O2 MAN AB . 8.39 -10.45 -67.00
O3 MAN AB . 9.20 -11.92 -65.00
O4 MAN AB . 7.12 -12.77 -63.42
O5 MAN AB . 5.33 -12.46 -66.63
O6 MAN AB . 3.82 -11.80 -64.51
C1 NAG BB . 5.58 -9.27 -47.26
C2 NAG BB . 6.65 -10.07 -46.49
C3 NAG BB . 7.99 -9.96 -47.19
C4 NAG BB . 7.91 -10.24 -48.69
C5 NAG BB . 6.77 -9.41 -49.34
C6 NAG BB . 6.52 -9.74 -50.79
C7 NAG BB . 7.13 -8.51 -44.56
C8 NAG BB . 7.11 -8.48 -43.06
N2 NAG BB . 6.73 -9.69 -45.08
O3 NAG BB . 8.90 -10.87 -46.58
O4 NAG BB . 9.17 -9.90 -49.25
O5 NAG BB . 5.56 -9.66 -48.62
O6 NAG BB . 5.16 -10.20 -50.99
O7 NAG BB . 7.49 -7.54 -45.20
C1 NAG BB . 9.68 -11.01 -50.02
C2 NAG BB . 10.40 -10.42 -51.22
C3 NAG BB . 11.00 -11.55 -52.03
C4 NAG BB . 12.06 -12.29 -51.20
C5 NAG BB . 11.83 -12.29 -49.68
C6 NAG BB . 12.82 -11.34 -49.00
C7 NAG BB . 9.48 -8.28 -51.95
C8 NAG BB . 8.59 -7.59 -52.95
N2 NAG BB . 9.52 -9.61 -52.04
O3 NAG BB . 11.59 -11.04 -53.22
O4 NAG BB . 12.12 -13.64 -51.66
O5 NAG BB . 10.48 -11.96 -49.27
O6 NAG BB . 12.77 -11.41 -47.57
O7 NAG BB . 10.13 -7.64 -51.12
C1 MAN BB . 12.11 -10.32 -46.92
C2 MAN BB . 12.88 -8.99 -47.14
C3 MAN BB . 12.84 -8.07 -45.93
C4 MAN BB . 11.64 -8.41 -45.06
C5 MAN BB . 11.86 -9.81 -44.50
C6 MAN BB . 10.78 -10.22 -43.50
O2 MAN BB . 12.34 -8.31 -48.29
O3 MAN BB . 12.78 -6.68 -46.29
O4 MAN BB . 11.49 -7.45 -44.00
O5 MAN BB . 11.90 -10.76 -45.57
O6 MAN BB . 9.59 -10.53 -44.22
C1 NAG CB . -3.05 -22.94 -54.85
C2 NAG CB . -3.95 -23.46 -55.95
C3 NAG CB . -3.66 -24.95 -56.15
C4 NAG CB . -2.17 -25.25 -56.28
C5 NAG CB . -1.32 -24.54 -55.22
C6 NAG CB . 0.18 -24.60 -55.48
C7 NAG CB . -6.10 -22.33 -56.20
C8 NAG CB . -7.56 -22.39 -55.87
N2 NAG CB . -5.34 -23.25 -55.61
O3 NAG CB . -4.38 -25.40 -57.29
O4 NAG CB . -2.00 -26.66 -56.17
O5 NAG CB . -1.67 -23.14 -55.18
O6 NAG CB . 0.87 -23.96 -54.41
O7 NAG CB . -5.64 -21.49 -56.96
C1 NAG CB . -1.42 -27.17 -57.37
C2 NAG CB . -1.11 -28.62 -57.09
C3 NAG CB . -0.59 -29.31 -58.34
C4 NAG CB . -1.43 -28.99 -59.58
C5 NAG CB . -1.81 -27.53 -59.71
C6 NAG CB . -2.94 -27.29 -60.73
C7 NAG CB . -0.26 -29.56 -54.98
C8 NAG CB . 0.91 -29.54 -54.04
N2 NAG CB . -0.14 -28.73 -56.02
O3 NAG CB . -0.57 -30.72 -58.11
O4 NAG CB . -0.65 -29.37 -60.72
O5 NAG CB . -2.31 -27.03 -58.47
O6 NAG CB . -4.16 -27.93 -60.29
O7 NAG CB . -1.24 -30.28 -54.82
C1 MAN CB . -5.24 -27.22 -59.77
C2 MAN CB . -6.14 -28.43 -59.68
C3 MAN CB . -7.56 -27.99 -59.46
C4 MAN CB . -7.59 -26.55 -58.96
C5 MAN CB . -6.93 -25.57 -59.94
C6 MAN CB . -6.51 -24.30 -59.23
O2 MAN CB . -5.63 -29.27 -58.62
O3 MAN CB . -8.20 -28.83 -58.51
O4 MAN CB . -8.95 -26.15 -58.74
O5 MAN CB . -5.80 -26.17 -60.57
O6 MAN CB . -7.21 -23.16 -59.76
C1 NAG DB . -4.20 12.45 -57.25
C2 NAG DB . -4.73 11.27 -58.05
C3 NAG DB . -4.00 11.22 -59.38
C4 NAG DB . -3.96 12.60 -60.07
C5 NAG DB . -3.55 13.73 -59.11
C6 NAG DB . -3.76 15.12 -59.71
C7 NAG DB . -3.59 9.30 -56.93
C8 NAG DB . -3.92 8.01 -56.24
N2 NAG DB . -4.65 10.02 -57.31
O3 NAG DB . -4.72 10.28 -60.17
O4 NAG DB . -3.05 12.51 -61.17
O5 NAG DB . -4.33 13.69 -57.91
O6 NAG DB . -5.02 15.66 -59.30
O7 NAG DB . -2.43 9.63 -57.12
C1 NAG DB . -3.77 12.33 -62.39
C2 NAG DB . -2.89 12.83 -63.53
C3 NAG DB . -3.52 12.52 -64.88
C4 NAG DB . -4.03 11.09 -64.97
C5 NAG DB . -4.93 10.78 -63.78
C6 NAG DB . -5.49 9.37 -63.79
C7 NAG DB . -1.83 14.86 -62.59
C8 NAG DB . -1.85 16.37 -62.65
N2 NAG DB . -2.70 14.27 -63.42
O3 NAG DB . -2.56 12.78 -65.91
O4 NAG DB . -4.76 10.93 -66.20
O5 NAG DB . -4.17 10.96 -62.59
O6 NAG DB . -4.54 8.43 -63.27
O7 NAG DB . -1.11 14.24 -61.81
C1 MAN DB . -4.99 7.78 -62.08
C2 MAN DB . -4.49 6.35 -62.01
C3 MAN DB . -4.43 6.03 -60.53
C4 MAN DB . -5.32 6.99 -59.74
C5 MAN DB . -6.62 7.30 -60.48
C6 MAN DB . -7.40 8.41 -59.79
O2 MAN DB . -3.24 6.20 -62.64
O3 MAN DB . -3.09 6.13 -60.05
O4 MAN DB . -5.64 6.40 -58.48
O5 MAN DB . -6.39 7.73 -61.82
O6 MAN DB . -8.74 8.37 -60.30
C1 NAG EB . 20.76 56.87 -6.03
C2 NAG EB . 20.43 57.66 -7.29
C3 NAG EB . 20.54 59.14 -6.98
C4 NAG EB . 19.71 59.53 -5.76
C5 NAG EB . 20.09 58.65 -4.55
C6 NAG EB . 19.22 58.93 -3.32
C7 NAG EB . 22.62 57.39 -8.54
C8 NAG EB . 23.13 56.94 -9.88
N2 NAG EB . 21.29 57.24 -8.38
O3 NAG EB . 20.08 59.83 -8.14
O4 NAG EB . 19.90 60.91 -5.45
O5 NAG EB . 19.99 57.27 -4.89
O6 NAG EB . 17.91 58.40 -3.54
O7 NAG EB . 23.39 57.84 -7.70
C1 NAG EB . 18.71 61.63 -5.79
C2 NAG EB . 18.56 62.83 -4.86
C3 NAG EB . 17.34 63.67 -5.24
C4 NAG EB . 17.37 63.99 -6.74
C5 NAG EB . 17.55 62.73 -7.58
C6 NAG EB . 17.70 63.05 -9.06
C7 NAG EB . 19.51 62.49 -2.63
C8 NAG EB . 19.23 62.03 -1.23
N2 NAG EB . 18.48 62.40 -3.47
O3 NAG EB . 17.33 64.87 -4.47
O4 NAG EB . 16.14 64.65 -7.07
O5 NAG EB . 18.72 62.05 -7.15
O6 NAG EB . 18.77 62.29 -9.63
O7 NAG EB . 20.61 62.92 -2.96
C1 MAN EB . 19.78 63.14 -10.19
C2 MAN EB . 20.56 62.40 -11.27
C3 MAN EB . 21.41 61.28 -10.66
C4 MAN EB . 22.24 61.79 -9.48
C5 MAN EB . 21.37 62.58 -8.50
C6 MAN EB . 22.18 63.14 -7.36
O2 MAN EB . 21.42 63.32 -11.92
O3 MAN EB . 22.27 60.71 -11.63
O4 MAN EB . 22.83 60.68 -8.80
O5 MAN EB . 20.69 63.64 -9.20
O6 MAN EB . 21.30 63.61 -6.34
C1 NAG FB . 12.53 53.94 5.95
C2 NAG FB . 13.94 54.35 5.58
C3 NAG FB . 14.40 55.46 6.49
C4 NAG FB . 13.37 56.60 6.55
C5 NAG FB . 11.96 56.06 6.84
C6 NAG FB . 10.84 57.07 6.73
C7 NAG FB . 15.79 53.00 4.76
C8 NAG FB . 16.66 51.80 4.99
N2 NAG FB . 14.85 53.21 5.67
O3 NAG FB . 15.65 55.94 6.00
O4 NAG FB . 13.74 57.53 7.58
O5 NAG FB . 11.63 55.05 5.89
O6 NAG FB . 9.65 56.48 7.24
O7 NAG FB . 15.97 53.74 3.80
C1 NAG FB . 14.15 58.79 7.02
C2 NAG FB . 13.93 59.88 8.06
C3 NAG FB . 14.39 61.25 7.57
C4 NAG FB . 15.77 61.18 6.89
C5 NAG FB . 15.86 59.99 5.91
C6 NAG FB . 17.26 59.83 5.29
C7 NAG FB . 12.10 59.45 9.58
C8 NAG FB . 10.62 59.43 9.74
N2 NAG FB . 12.54 59.93 8.41
O3 NAG FB . 14.41 62.18 8.68
O4 NAG FB . 15.98 62.41 6.20
O5 NAG FB . 15.50 58.79 6.58
O6 NAG FB . 17.35 58.63 4.49
O7 NAG FB . 12.86 59.07 10.44
C1 MAN FB . 18.67 58.41 3.92
C2 MAN FB . 18.60 57.24 2.93
C3 MAN FB . 18.64 55.87 3.61
C4 MAN FB . 19.74 55.80 4.68
C5 MAN FB . 19.55 56.97 5.64
C6 MAN FB . 20.58 56.99 6.75
O2 MAN FB . 19.70 57.37 2.04
O3 MAN FB . 18.89 54.85 2.64
O4 MAN FB . 19.67 54.57 5.37
O5 MAN FB . 19.69 58.18 4.90
O6 MAN FB . 20.39 58.19 7.51
C1 NAG GB . 24.97 56.64 13.15
C2 NAG GB . 26.10 57.12 12.25
C3 NAG GB . 27.17 57.79 13.11
C4 NAG GB . 26.61 58.81 14.10
C5 NAG GB . 25.43 58.19 14.90
C6 NAG GB . 24.72 59.20 15.79
C7 NAG GB . 27.32 54.94 11.83
C8 NAG GB . 27.77 54.06 10.69
N2 NAG GB . 26.66 56.04 11.44
O3 NAG GB . 28.11 58.40 12.24
O4 NAG GB . 27.67 59.20 14.96
O5 NAG GB . 24.46 57.68 13.98
O6 NAG GB . 23.32 59.24 15.48
O7 NAG GB . 27.58 54.65 12.98
C1 NAG GB . 27.80 60.63 14.97
C2 NAG GB . 28.19 61.01 16.40
C3 NAG GB . 28.39 62.52 16.44
C4 NAG GB . 29.55 62.92 15.54
C5 NAG GB . 29.79 62.03 14.31
C6 NAG GB . 31.04 61.16 14.52
C7 NAG GB . 27.35 59.48 18.09
C8 NAG GB . 26.28 59.24 19.12
N2 NAG GB . 27.21 60.58 17.36
O3 NAG GB . 28.65 62.92 17.78
O4 NAG GB . 29.31 64.26 15.09
O5 NAG GB . 28.67 61.18 13.96
O6 NAG GB . 31.42 60.42 13.36
O7 NAG GB . 28.28 58.70 17.94
C1 MAN GB . 31.12 59.02 13.41
C2 MAN GB . 31.93 58.31 14.51
C3 MAN GB . 32.36 56.89 14.11
C4 MAN GB . 31.44 56.36 13.02
C5 MAN GB . 31.66 57.22 11.78
C6 MAN GB . 30.90 56.69 10.58
O2 MAN GB . 31.15 58.26 15.72
O3 MAN GB . 32.37 56.00 15.24
O4 MAN GB . 31.74 54.99 12.75
O5 MAN GB . 31.26 58.58 12.05
O6 MAN GB . 29.52 57.00 10.75
C1 NAG HB . 24.66 40.16 10.30
C2 NAG HB . 25.69 39.07 10.60
C3 NAG HB . 26.42 39.39 11.91
C4 NAG HB . 26.91 40.84 11.97
C5 NAG HB . 25.79 41.82 11.59
C6 NAG HB . 26.25 43.27 11.49
C7 NAG HB . 24.21 37.22 11.47
C8 NAG HB . 23.85 35.79 11.19
N2 NAG HB . 25.11 37.73 10.62
O3 NAG HB . 27.50 38.49 12.06
O4 NAG HB . 27.37 41.07 13.31
O5 NAG HB . 25.27 41.45 10.33
O6 NAG HB . 26.01 43.78 10.16
O7 NAG HB . 23.70 37.82 12.41
C1 NAG HB . 28.72 41.57 13.29
C2 NAG HB . 28.81 42.58 14.43
C3 NAG HB . 30.24 43.09 14.48
C4 NAG HB . 31.21 41.96 14.82
C5 NAG HB . 30.78 40.57 14.33
C6 NAG HB . 30.32 39.72 15.53
C7 NAG HB . 26.70 43.69 14.94
C8 NAG HB . 25.90 44.94 14.75
N2 NAG HB . 27.87 43.66 14.29
O3 NAG HB . 30.34 44.13 15.47
O4 NAG HB . 32.48 42.28 14.23
O5 NAG HB . 29.76 40.56 13.31
O6 NAG HB . 30.07 38.35 15.18
O7 NAG HB . 26.31 42.77 15.65
C1 MAN HB . 28.68 38.00 15.09
C2 MAN HB . 27.98 38.10 16.46
C3 MAN HB . 26.92 37.02 16.68
C4 MAN HB . 26.44 36.49 15.35
C5 MAN HB . 27.62 35.78 14.69
C6 MAN HB . 27.23 35.08 13.40
O2 MAN HB . 27.38 39.41 16.59
O3 MAN HB . 25.81 37.51 17.44
O4 MAN HB . 25.34 35.58 15.53
O5 MAN HB . 28.67 36.72 14.42
O6 MAN HB . 27.05 36.07 12.39
C1 NAG IB . 33.54 48.68 -2.65
C2 NAG IB . 33.78 49.94 -3.47
C3 NAG IB . 35.21 49.93 -3.98
C4 NAG IB . 36.22 49.64 -2.86
C5 NAG IB . 35.81 48.44 -1.98
C6 NAG IB . 36.66 48.28 -0.73
C7 NAG IB . 31.81 50.84 -4.61
C8 NAG IB . 31.07 50.91 -5.90
N2 NAG IB . 32.84 50.00 -4.57
O3 NAG IB . 35.48 51.19 -4.59
O4 NAG IB . 37.48 49.36 -3.50
O5 NAG IB . 34.46 48.60 -1.55
O6 NAG IB . 36.24 47.11 -0.03
O7 NAG IB . 31.48 51.52 -3.64
C1 NAG IB . 38.44 50.32 -3.07
C2 NAG IB . 39.77 49.85 -3.64
C3 NAG IB . 40.86 50.86 -3.33
C4 NAG IB . 40.45 52.30 -3.62
C5 NAG IB . 39.03 52.64 -3.13
C6 NAG IB . 38.50 53.94 -3.75
C7 NAG IB . 40.53 47.53 -3.81
C8 NAG IB . 40.89 46.31 -3.01
N2 NAG IB . 40.11 48.56 -3.07
O3 NAG IB . 42.01 50.52 -4.11
O4 NAG IB . 41.38 53.16 -2.95
O5 NAG IB . 38.12 51.63 -3.51
O6 NAG IB . 38.35 53.80 -5.18
O7 NAG IB . 40.63 47.57 -5.03
C1 MAN IB . 37.11 53.65 -5.80
C2 MAN IB . 37.67 53.70 -7.20
C3 MAN IB . 36.55 53.92 -8.18
C4 MAN IB . 35.22 53.57 -7.54
C5 MAN IB . 34.91 54.41 -6.30
C6 MAN IB . 33.90 53.71 -5.41
O2 MAN IB . 38.41 52.49 -7.42
O3 MAN IB . 36.76 53.11 -9.34
O4 MAN IB . 34.17 53.75 -8.50
O5 MAN IB . 36.11 54.65 -5.56
O6 MAN IB . 32.71 54.48 -5.29
C1 NAG JB . 3.57 54.12 15.56
C2 NAG JB . 4.47 54.95 14.66
C3 NAG JB . 5.14 56.02 15.48
C4 NAG JB . 4.15 56.78 16.36
C5 NAG JB . 3.20 55.85 17.13
C6 NAG JB . 2.04 56.58 17.81
C7 NAG JB . 6.47 53.40 14.34
C8 NAG JB . 7.25 52.73 13.26
N2 NAG JB . 5.41 54.10 13.91
O3 NAG JB . 5.76 56.90 14.55
O4 NAG JB . 4.89 57.58 17.29
O5 NAG JB . 2.60 54.90 16.24
O6 NAG JB . 0.87 56.57 16.97
O7 NAG JB . 6.80 53.30 15.51
C1 NAG JB . 4.97 58.93 16.83
C2 NAG JB . 5.20 59.83 18.04
C3 NAG JB . 5.44 61.27 17.61
C4 NAG JB . 6.42 61.38 16.44
C5 NAG JB . 5.99 60.45 15.31
C6 NAG JB . 6.90 60.50 14.10
C7 NAG JB . 3.81 58.80 19.80
C8 NAG JB . 2.55 58.98 20.60
N2 NAG JB . 4.07 59.78 18.93
O3 NAG JB . 5.91 62.02 18.73
O4 NAG JB . 6.45 62.73 15.99
O5 NAG JB . 5.96 59.12 15.81
O6 NAG JB . 8.05 59.67 14.29
O7 NAG JB . 4.53 57.81 19.93
C1 MAN JB . 8.13 58.60 13.35
C2 MAN JB . 9.56 58.29 12.98
C3 MAN JB . 9.56 56.83 12.60
C4 MAN JB . 8.15 56.38 12.23
C5 MAN JB . 7.40 57.46 11.44
C6 MAN JB . 5.95 57.11 11.26
O2 MAN JB . 10.46 58.54 14.07
O3 MAN JB . 10.05 56.01 13.66
O4 MAN JB . 8.22 55.21 11.41
O5 MAN JB . 7.42 58.73 12.11
O6 MAN JB . 5.43 57.95 10.23
C1 NAG KB . -32.36 1.81 50.07
C2 NAG KB . -32.93 3.16 50.45
C3 NAG KB . -34.19 2.95 51.28
C4 NAG KB . -35.17 2.03 50.56
C5 NAG KB . -34.51 0.71 50.18
C6 NAG KB . -35.42 -0.21 49.39
C7 NAG KB . -31.35 3.75 52.36
C8 NAG KB . -30.45 4.87 52.79
N2 NAG KB . -31.92 3.95 51.15
O3 NAG KB . -34.75 4.24 51.48
O4 NAG KB . -36.31 1.80 51.40
O5 NAG KB . -33.32 0.95 49.43
O6 NAG KB . -35.58 0.31 48.06
O7 NAG KB . -31.52 2.78 53.07
C1 NAG KB . -37.45 2.50 50.87
C2 NAG KB . -38.72 1.75 51.20
C3 NAG KB . -39.95 2.51 50.71
C4 NAG KB . -39.90 3.97 51.19
C5 NAG KB . -38.57 4.63 50.83
C6 NAG KB . -38.46 6.03 51.41
C7 NAG KB . -38.44 -0.68 51.39
C8 NAG KB . -38.48 -1.99 50.65
N2 NAG KB . -38.69 0.41 50.64
O3 NAG KB . -41.13 1.87 51.19
O4 NAG KB . -40.99 4.66 50.58
O5 NAG KB . -37.50 3.84 51.35
O6 NAG KB . -37.16 6.23 51.98
O7 NAG KB . -38.18 -0.63 52.58
C1 MAN KB . -37.27 6.55 53.39
C2 MAN KB . -36.03 7.33 53.83
C3 MAN KB . -34.80 6.41 53.81
C4 MAN KB . -35.06 5.10 54.56
C5 MAN KB . -36.36 4.47 54.08
C6 MAN KB . -36.68 3.19 54.83
O2 MAN KB . -36.23 7.79 55.17
O3 MAN KB . -33.69 7.08 54.38
O4 MAN KB . -33.97 4.21 54.32
O5 MAN KB . -37.44 5.39 54.22
O6 MAN KB . -37.71 2.49 54.15
C1 NAG LB . -36.43 -7.70 39.46
C2 NAG LB . -36.00 -7.70 40.92
C3 NAG LB . -36.91 -8.61 41.71
C4 NAG LB . -38.40 -8.30 41.45
C5 NAG LB . -38.68 -8.24 39.94
C6 NAG LB . -40.07 -7.75 39.58
C7 NAG LB . -33.79 -7.52 41.89
C8 NAG LB . -32.39 -8.07 41.93
N2 NAG LB . -34.62 -8.12 41.05
O3 NAG LB . -36.60 -8.44 43.09
O4 NAG LB . -39.20 -9.31 42.05
O5 NAG LB . -37.79 -7.32 39.31
O6 NAG LB . -40.25 -7.97 38.18
O7 NAG LB . -34.12 -6.58 42.60
C1 NAG LB . -39.95 -8.78 43.16
C2 NAG LB . -41.20 -9.64 43.36
C3 NAG LB . -42.03 -9.19 44.56
C4 NAG LB . -41.15 -8.91 45.78
C5 NAG LB . -39.89 -8.09 45.44
C6 NAG LB . -38.94 -7.88 46.61
C7 NAG LB . -42.06 -10.63 41.33
C8 NAG LB . -42.81 -10.39 40.06
N2 NAG LB . -42.01 -9.60 42.16
O3 NAG LB . -43.03 -10.18 44.86
O4 NAG LB . -41.94 -8.21 46.75
O5 NAG LB . -39.20 -8.73 44.37
O6 NAG LB . -37.71 -7.22 46.21
O7 NAG LB . -41.54 -11.70 41.60
C1 MAN LB . -36.76 -7.06 47.28
C2 MAN LB . -35.60 -6.18 46.79
C3 MAN LB . -34.56 -6.96 45.99
C4 MAN LB . -34.20 -8.28 46.65
C5 MAN LB . -35.48 -9.06 46.94
C6 MAN LB . -35.22 -10.40 47.59
O2 MAN LB . -34.98 -5.61 47.95
O3 MAN LB . -33.37 -6.18 45.82
O4 MAN LB . -33.33 -9.02 45.81
O5 MAN LB . -36.28 -8.28 47.83
O6 MAN LB . -36.48 -10.98 47.93
C1 NAG MB . -34.09 -17.76 49.82
C2 NAG MB . -33.75 -17.16 51.18
C3 NAG MB . -33.97 -18.22 52.27
C4 NAG MB . -35.31 -18.94 52.14
C5 NAG MB . -35.53 -19.43 50.70
C6 NAG MB . -36.92 -20.03 50.47
C7 NAG MB . -31.22 -17.25 51.12
C8 NAG MB . -30.03 -16.35 51.24
N2 NAG MB . -32.41 -16.61 51.23
O3 NAG MB . -33.85 -17.58 53.53
O4 NAG MB . -35.30 -20.02 53.08
O5 NAG MB . -35.39 -18.33 49.80
O6 NAG MB . -37.57 -19.34 49.40
O7 NAG MB . -31.08 -18.45 50.96
C1 NAG MB . -36.45 -19.95 53.93
C2 NAG MB . -36.87 -21.39 54.19
C3 NAG MB . -38.05 -21.36 55.14
C4 NAG MB . -37.64 -20.77 56.50
C5 NAG MB . -36.50 -19.73 56.44
C6 NAG MB . -35.22 -20.34 56.99
C7 NAG MB . -36.35 -22.91 52.37
C8 NAG MB . -36.88 -23.64 51.17
N2 NAG MB . -37.20 -22.09 52.97
O3 NAG MB . -38.55 -22.69 55.33
O4 NAG MB . -38.80 -20.17 57.09
O5 NAG MB . -36.27 -19.16 55.14
O6 NAG MB . -34.16 -19.38 57.12
O7 NAG MB . -35.20 -23.08 52.75
C1 MAN MB . -33.14 -19.46 56.12
C2 MAN MB . -32.36 -20.79 56.21
C3 MAN MB . -30.87 -20.64 55.91
C4 MAN MB . -30.64 -19.40 55.07
C5 MAN MB . -31.00 -18.20 55.92
C6 MAN MB . -30.68 -16.87 55.25
O2 MAN MB . -32.95 -21.75 55.32
O3 MAN MB . -30.34 -21.80 55.23
O4 MAN MB . -29.27 -19.33 54.63
O5 MAN MB . -32.39 -18.23 56.27
O6 MAN MB . -31.66 -16.64 54.23
C1 NAG NB . -19.73 -16.25 41.39
C2 NAG NB . -18.36 -16.91 41.62
C3 NAG NB . -18.55 -18.34 42.14
C4 NAG NB . -19.54 -18.42 43.29
C5 NAG NB . -20.85 -17.67 42.96
C6 NAG NB . -21.82 -17.58 44.11
C7 NAG NB . -17.68 -17.48 39.25
C8 NAG NB . -16.60 -17.22 38.25
N2 NAG NB . -17.51 -16.87 40.43
O3 NAG NB . -17.28 -18.85 42.52
O4 NAG NB . -19.78 -19.80 43.54
O5 NAG NB . -20.52 -16.34 42.56
O6 NAG NB . -22.09 -16.20 44.45
O7 NAG NB . -18.65 -18.19 38.95
C1 NAG NB . -19.55 -20.10 44.93
C2 NAG NB . -20.59 -21.14 45.33
C3 NAG NB . -20.33 -21.54 46.77
C4 NAG NB . -18.97 -22.21 46.92
C5 NAG NB . -17.90 -21.74 45.91
C6 NAG NB . -17.65 -22.83 44.87
C7 NAG NB . -22.67 -20.98 44.07
C8 NAG NB . -24.09 -20.48 44.10
N2 NAG NB . -21.94 -20.66 45.15
O3 NAG NB . -21.36 -22.42 47.22
O4 NAG NB . -18.49 -21.96 48.24
O5 NAG NB . -18.19 -20.48 45.25
O6 NAG NB . -16.55 -22.53 43.99
O7 NAG NB . -22.23 -21.62 43.13
C1 MAN NB . -16.93 -22.11 42.67
C2 MAN NB . -17.64 -23.23 41.89
C3 MAN NB . -17.29 -23.25 40.40
C4 MAN NB . -16.79 -21.87 39.98
C5 MAN NB . -15.48 -21.62 40.70
C6 MAN NB . -14.81 -20.33 40.25
O2 MAN NB . -19.06 -23.09 42.06
O3 MAN NB . -18.40 -23.63 39.59
O4 MAN NB . -16.62 -21.82 38.56
O5 MAN NB . -15.71 -21.56 42.12
O6 MAN NB . -15.52 -19.23 40.82
C1 NAG OB . -19.85 -5.55 55.68
C2 NAG OB . -20.62 -4.72 56.69
C3 NAG OB . -19.80 -4.62 57.97
C4 NAG OB . -19.28 -5.98 58.45
C5 NAG OB . -18.66 -6.81 57.31
C6 NAG OB . -18.37 -8.26 57.70
C7 NAG OB . -22.11 -3.02 55.75
C8 NAG OB . -22.26 -1.57 55.42
N2 NAG OB . -20.90 -3.40 56.16
O3 NAG OB . -20.59 -3.99 58.97
O4 NAG OB . -18.30 -5.74 59.46
O5 NAG OB . -19.56 -6.85 56.20
O6 NAG OB . -17.75 -8.93 56.59
O7 NAG OB . -23.04 -3.80 55.66
C1 NAG OB . -18.73 -6.32 60.69
C2 NAG OB . -17.56 -6.18 61.63
C3 NAG OB . -17.94 -6.69 63.01
C4 NAG OB . -19.30 -6.18 63.49
C5 NAG OB . -20.38 -6.23 62.42
C6 NAG OB . -21.61 -5.39 62.77
C7 NAG OB . -15.18 -6.40 61.06
C8 NAG OB . -14.15 -7.36 60.56
N2 NAG OB . -16.41 -6.91 61.13
O3 NAG OB . -16.92 -6.28 63.94
O4 NAG OB . -19.69 -6.99 64.60
O5 NAG OB . -19.90 -5.70 61.20
O6 NAG OB . -21.27 -3.99 62.84
O7 NAG OB . -14.91 -5.26 61.41
C1 MAN OB . -21.62 -3.07 61.85
C2 MAN OB . -21.09 -1.87 62.61
C3 MAN OB . -21.63 -0.61 61.98
C4 MAN OB . -22.11 -0.90 60.56
C5 MAN OB . -23.23 -1.94 60.53
C6 MAN OB . -23.33 -2.57 59.15
O2 MAN OB . -19.66 -1.96 62.62
O3 MAN OB . -20.59 0.37 61.94
O4 MAN OB . -22.59 0.31 59.98
O5 MAN OB . -23.01 -2.95 61.50
O6 MAN OB . -24.60 -2.32 58.55
C1 NAG PB . -43.00 -14.50 30.33
C2 NAG PB . -43.08 -13.81 31.68
C3 NAG PB . -43.82 -14.70 32.66
C4 NAG PB . -45.13 -15.22 32.07
C5 NAG PB . -44.97 -15.78 30.64
C6 NAG PB . -46.30 -16.05 29.95
C7 NAG PB . -40.72 -14.18 32.58
C8 NAG PB . -39.53 -13.40 33.07
N2 NAG PB . -41.73 -13.42 32.16
O3 NAG PB . -44.06 -13.89 33.80
O4 NAG PB . -45.63 -16.24 32.93
O5 NAG PB . -44.28 -14.83 29.81
O6 NAG PB . -46.70 -14.94 29.14
O7 NAG PB . -40.71 -15.40 32.58
C1 NAG PB . -46.64 -15.71 33.80
C2 NAG PB . -47.52 -16.87 34.24
C3 NAG PB . -48.54 -16.40 35.27
C4 NAG PB . -47.92 -15.54 36.37
C5 NAG PB . -47.11 -14.40 35.73
C6 NAG PB . -46.46 -13.49 36.75
C7 NAG PB . -47.72 -18.28 32.22
C8 NAG PB . -48.67 -18.68 31.12
N2 NAG PB . -48.24 -17.43 33.10
O3 NAG PB . -49.19 -17.54 35.85
O4 NAG PB . -48.95 -15.01 37.19
O5 NAG PB . -46.10 -14.98 34.92
O6 NAG PB . -45.22 -14.04 37.21
O7 NAG PB . -46.56 -18.66 32.26
C1 MAN PB . -44.08 -13.25 36.88
C2 MAN PB . -43.03 -13.32 37.98
C3 MAN PB . -41.71 -13.06 37.28
C4 MAN PB . -41.96 -12.36 35.94
C5 MAN PB . -43.09 -11.32 36.04
C6 MAN PB . -43.46 -10.77 34.68
O2 MAN PB . -43.03 -14.57 38.65
O3 MAN PB . -41.01 -14.28 37.04
O4 MAN PB . -40.76 -11.68 35.54
O5 MAN PB . -44.28 -11.87 36.61
O6 MAN PB . -44.21 -9.58 34.90
C1 NAG QB . 35.12 32.31 -33.91
C2 NAG QB . 34.44 32.54 -35.24
C3 NAG QB . 34.79 33.92 -35.74
C4 NAG QB . 34.50 35.00 -34.70
C5 NAG QB . 35.22 34.67 -33.38
C6 NAG QB . 34.88 35.66 -32.28
C7 NAG QB . 35.97 31.19 -36.74
C8 NAG QB . 35.92 30.09 -37.76
N2 NAG QB . 34.79 31.47 -36.17
O3 NAG QB . 34.01 34.13 -36.92
O4 NAG QB . 34.93 36.27 -35.19
O5 NAG QB . 34.86 33.35 -32.95
O6 NAG QB . 33.53 35.45 -31.83
O7 NAG QB . 37.03 31.74 -36.47
C1 NAG QB . 33.78 37.06 -35.50
C2 NAG QB . 34.09 38.54 -35.29
C3 NAG QB . 32.91 39.41 -35.70
C4 NAG QB . 32.42 39.04 -37.10
C5 NAG QB . 32.15 37.54 -37.21
C6 NAG QB . 31.79 37.15 -38.64
C7 NAG QB . 35.75 38.97 -33.54
C8 NAG QB . 35.96 39.24 -32.08
N2 NAG QB . 34.48 38.79 -33.90
O3 NAG QB . 33.30 40.80 -35.64
O4 NAG QB . 31.23 39.79 -37.35
O5 NAG QB . 33.33 36.83 -36.83
O6 NAG QB . 32.49 35.95 -39.01
O7 NAG QB . 36.69 38.90 -34.32
C1 MAN QB . 33.32 36.19 -40.17
C2 MAN QB . 33.58 34.87 -40.92
C3 MAN QB . 34.48 33.96 -40.10
C4 MAN QB . 35.72 34.68 -39.59
C5 MAN QB . 35.35 36.02 -38.94
C6 MAN QB . 36.57 36.78 -38.49
O2 MAN QB . 34.21 35.19 -42.15
O3 MAN QB . 34.90 32.84 -40.88
O4 MAN QB . 36.39 33.86 -38.63
O5 MAN QB . 34.57 36.81 -39.84
O6 MAN QB . 36.17 37.86 -37.64
C1 NAG RB . 31.62 37.07 -20.31
C2 NAG RB . 32.84 36.89 -21.20
C3 NAG RB . 33.70 38.13 -21.12
C4 NAG RB . 32.88 39.41 -21.36
C5 NAG RB . 31.62 39.43 -20.46
C6 NAG RB . 30.65 40.55 -20.75
C7 NAG RB . 34.13 34.89 -21.72
C8 NAG RB . 34.91 33.74 -21.16
N2 NAG RB . 33.60 35.72 -20.81
O3 NAG RB . 34.73 38.00 -22.10
O4 NAG RB . 33.69 40.55 -21.06
O5 NAG RB . 30.87 38.23 -20.66
O6 NAG RB . 29.68 40.56 -19.70
O7 NAG RB . 34.00 35.07 -22.92
C1 NAG RB . 33.98 41.30 -22.26
C2 NAG RB . 34.26 42.75 -21.88
C3 NAG RB . 34.64 43.60 -23.08
C4 NAG RB . 35.66 42.89 -23.99
C5 NAG RB . 35.28 41.42 -24.25
C6 NAG RB . 36.32 40.63 -25.07
C7 NAG RB . 33.09 43.51 -19.91
C8 NAG RB . 31.77 43.95 -19.34
N2 NAG RB . 33.11 43.31 -21.23
O3 NAG RB . 35.16 44.87 -22.64
O4 NAG RB . 35.72 43.60 -25.22
O5 NAG RB . 35.07 40.75 -23.00
O6 NAG RB . 35.98 39.23 -25.16
O7 NAG RB . 34.07 43.35 -19.22
C1 MAN RB . 36.98 38.46 -25.88
C2 MAN RB . 36.43 37.04 -26.10
C3 MAN RB . 36.61 36.14 -24.88
C4 MAN RB . 38.01 36.26 -24.27
C5 MAN RB . 38.30 37.73 -24.01
C6 MAN RB . 39.67 37.96 -23.39
O2 MAN RB . 37.14 36.48 -27.20
O3 MAN RB . 36.39 34.76 -25.22
O4 MAN RB . 38.08 35.50 -23.07
O5 MAN RB . 38.27 38.42 -25.26
O6 MAN RB . 39.89 39.37 -23.33
C1 NAG SB . 46.03 39.26 -19.12
C2 NAG SB . 46.80 38.99 -20.41
C3 NAG SB . 48.17 39.66 -20.33
C4 NAG SB . 48.10 41.11 -19.86
C5 NAG SB . 47.26 41.24 -18.58
C6 NAG SB . 47.02 42.67 -18.13
C7 NAG SB . 47.56 36.61 -20.03
C8 NAG SB . 47.46 35.25 -20.65
N2 NAG SB . 46.91 37.57 -20.70
O3 NAG SB . 48.78 39.57 -21.62
O4 NAG SB . 49.46 41.54 -19.64
O5 NAG SB . 45.97 40.64 -18.82
O6 NAG SB . 45.63 42.94 -18.03
O7 NAG SB . 48.20 36.77 -19.00
C1 NAG SB . 49.71 42.75 -20.37
C2 NAG SB . 50.63 43.59 -19.50
C3 NAG SB . 50.98 44.86 -20.25
C4 NAG SB . 51.76 44.52 -21.53
C5 NAG SB . 51.45 43.15 -22.16
C6 NAG SB . 52.59 42.18 -21.90
C7 NAG SB . 50.33 43.21 -17.11
C8 NAG SB . 49.71 43.72 -15.84
N2 NAG SB . 50.04 43.90 -18.21
O3 NAG SB . 51.76 45.72 -19.43
O4 NAG SB . 51.50 45.54 -22.49
O5 NAG SB . 50.20 42.56 -21.72
O6 NAG SB . 52.44 40.94 -22.60
O7 NAG SB . 51.06 42.23 -17.10
C1 MAN SB . 52.04 39.83 -21.79
C2 MAN SB . 53.13 39.47 -20.75
C3 MAN SB . 53.25 37.96 -20.50
C4 MAN SB . 51.96 37.27 -20.88
C5 MAN SB . 51.78 37.42 -22.39
C6 MAN SB . 50.58 36.65 -22.91
O2 MAN SB . 52.85 40.14 -19.51
O3 MAN SB . 53.58 37.66 -19.14
O4 MAN SB . 52.00 35.88 -20.51
O5 MAN SB . 51.65 38.81 -22.73
O6 MAN SB . 49.40 37.35 -22.55
C1 NAG TB . 43.11 23.87 -13.26
C2 NAG TB . 44.07 22.79 -12.76
C3 NAG TB . 45.26 23.45 -12.03
C4 NAG TB . 45.88 24.59 -12.83
C5 NAG TB . 44.79 25.57 -13.31
C6 NAG TB . 45.32 26.66 -14.24
C7 NAG TB . 42.84 21.92 -10.74
C8 NAG TB . 42.28 20.65 -10.18
N2 NAG TB . 43.43 21.78 -11.94
O3 NAG TB . 46.23 22.43 -11.76
O4 NAG TB . 46.82 25.24 -11.97
O5 NAG TB . 43.80 24.85 -14.03
O6 NAG TB . 44.66 26.58 -15.52
O7 NAG TB . 42.76 22.97 -10.12
C1 NAG TB . 48.10 25.32 -12.62
C2 NAG TB . 48.71 26.65 -12.20
C3 NAG TB . 50.09 26.75 -12.80
C4 NAG TB . 51.01 25.66 -12.24
C5 NAG TB . 50.30 24.35 -11.83
C6 NAG TB . 50.24 24.25 -10.30
C7 NAG TB . 47.06 28.38 -11.74
C8 NAG TB . 46.36 29.59 -12.28
N2 NAG TB . 47.89 27.77 -12.59
O3 NAG TB . 50.65 28.03 -12.54
O4 NAG TB . 51.99 25.34 -13.23
O5 NAG TB . 48.97 24.18 -12.38
O6 NAG TB . 49.73 22.99 -9.85
O7 NAG TB . 46.87 28.00 -10.59
C1 MAN TB . 48.38 23.01 -9.36
C2 MAN TB . 48.26 23.88 -8.08
C3 MAN TB . 47.26 23.31 -7.07
C4 MAN TB . 46.27 22.39 -7.77
C5 MAN TB . 47.05 21.20 -8.30
C6 MAN TB . 46.14 20.14 -8.91
O2 MAN TB . 47.88 25.21 -8.45
O3 MAN TB . 46.56 24.34 -6.37
O4 MAN TB . 45.23 21.98 -6.89
O5 MAN TB . 48.01 21.62 -9.28
O6 MAN TB . 45.71 20.60 -10.19
C1 NAG UB . 47.41 23.37 -30.58
C2 NAG UB . 47.44 24.03 -31.93
C3 NAG UB . 48.57 23.43 -32.75
C4 NAG UB . 49.89 23.39 -31.97
C5 NAG UB . 49.72 22.84 -30.54
C6 NAG UB . 50.96 23.02 -29.68
C7 NAG UB . 45.29 24.85 -32.78
C8 NAG UB . 44.13 24.54 -33.68
N2 NAG UB . 46.17 23.86 -32.63
O3 NAG UB . 48.72 24.18 -33.95
O4 NAG UB . 50.80 22.56 -32.70
O5 NAG UB . 48.65 23.53 -29.89
O6 NAG UB . 50.71 22.45 -28.39
O7 NAG UB . 45.40 25.93 -32.23
C1 NAG UB . 51.93 23.32 -33.09
C2 NAG UB . 52.91 22.32 -33.69
C3 NAG UB . 54.13 23.05 -34.23
C4 NAG UB . 53.77 24.27 -35.08
C5 NAG UB . 52.68 25.15 -34.46
C6 NAG UB . 52.07 26.12 -35.47
C7 NAG UB . 53.33 20.04 -32.90
C8 NAG UB . 53.84 19.24 -31.74
N2 NAG UB . 53.30 21.35 -32.69
O3 NAG UB . 54.88 22.12 -35.03
O4 NAG UB . 54.96 25.06 -35.21
O5 NAG UB . 51.60 24.34 -34.02
O6 NAG UB . 51.41 25.42 -36.53
O7 NAG UB . 52.98 19.54 -33.96
C1 MAN UB . 50.01 25.35 -36.62
C2 MAN UB . 50.01 24.63 -37.95
C3 MAN UB . 48.64 24.69 -38.55
C4 MAN UB . 47.61 25.03 -37.49
C5 MAN UB . 47.88 26.37 -36.80
C6 MAN UB . 47.20 26.42 -35.44
O2 MAN UB . 50.49 23.30 -37.72
O3 MAN UB . 48.31 23.43 -39.14
O4 MAN UB . 46.31 25.06 -38.08
O5 MAN UB . 49.28 26.58 -36.65
O6 MAN UB . 46.22 27.46 -35.39
C1 NAG VB . 26.89 43.69 -9.98
C2 NAG VB . 27.46 43.79 -11.39
C3 NAG VB . 28.49 44.90 -11.43
C4 NAG VB . 27.97 46.19 -10.80
C5 NAG VB . 27.28 45.96 -9.43
C6 NAG VB . 26.53 47.18 -8.93
C7 NAG VB . 29.05 41.81 -11.44
C8 NAG VB . 29.31 40.55 -12.21
N2 NAG VB . 27.98 42.50 -11.85
O3 NAG VB . 28.79 45.09 -12.81
O4 NAG VB . 29.07 47.09 -10.64
O5 NAG VB . 26.31 44.91 -9.54
O6 NAG VB . 25.15 47.11 -9.28
O7 NAG VB . 29.78 42.12 -10.51
C1 NAG VB . 29.09 48.04 -11.71
C2 NAG VB . 29.85 49.27 -11.22
C3 NAG VB . 30.04 50.27 -12.35
C4 NAG VB . 30.54 49.61 -13.64
C5 NAG VB . 29.63 48.43 -14.00
C6 NAG VB . 30.05 47.72 -15.27
C7 NAG VB . 29.11 49.50 -8.87
C8 NAG VB . 28.26 50.34 -7.95
N2 NAG VB . 29.12 49.91 -10.13
O3 NAG VB . 30.96 51.29 -11.93
O4 NAG VB . 30.53 50.57 -14.69
O5 NAG VB . 29.66 47.50 -12.92
O6 NAG VB . 31.09 46.78 -15.02
O7 NAG VB . 29.73 48.53 -8.48
C1 MAN VB . 30.71 45.43 -15.28
C2 MAN VB . 31.89 44.63 -15.81
C3 MAN VB . 31.59 43.19 -15.42
C4 MAN VB . 30.11 43.01 -15.12
C5 MAN VB . 29.23 43.82 -16.10
C6 MAN VB . 27.78 43.81 -15.67
O2 MAN VB . 33.12 45.08 -15.29
O3 MAN VB . 32.36 42.82 -14.26
O4 MAN VB . 29.77 41.64 -15.24
O5 MAN VB . 29.62 45.19 -16.16
O6 MAN VB . 27.00 44.23 -16.79
C1 NAG WB . 1.31 22.70 54.21
C2 NAG WB . 1.06 24.18 54.02
C3 NAG WB . 0.17 24.69 55.14
C4 NAG WB . -1.10 23.85 55.27
C5 NAG WB . -0.75 22.36 55.45
C6 NAG WB . -1.98 21.47 55.48
C7 NAG WB . 3.26 25.10 54.86
C8 NAG WB . 4.37 26.01 54.42
N2 NAG WB . 2.32 24.89 53.92
O3 NAG WB . -0.14 26.04 54.82
O4 NAG WB . -1.87 24.30 56.39
O5 NAG WB . 0.10 21.93 54.38
O6 NAG WB . -2.56 21.38 54.17
O7 NAG WB . 3.27 24.61 55.98
C1 NAG WB . -3.04 24.98 55.91
C2 NAG WB . -4.18 24.81 56.92
C3 NAG WB . -5.41 25.58 56.47
C4 NAG WB . -5.05 27.03 56.13
C5 NAG WB . -3.89 27.09 55.13
C6 NAG WB . -3.44 28.53 54.88
C7 NAG WB . -4.08 22.73 58.19
C8 NAG WB . -4.52 21.28 58.23
N2 NAG WB . -4.49 23.40 57.11
O3 NAG WB . -6.40 25.54 57.50
O4 NAG WB . -6.22 27.65 55.58
O5 NAG WB . -2.78 26.35 55.67
O6 NAG WB . -2.00 28.61 54.91
O7 NAG WB . -3.40 23.21 59.08
C1 MAN WB . -1.55 29.52 55.93
C2 MAN WB . -0.17 30.05 55.58
C3 MAN WB . 0.89 28.95 55.70
C4 MAN WB . 0.78 28.18 57.02
C5 MAN WB . -0.67 27.78 57.29
C6 MAN WB . -0.81 27.08 58.63
O2 MAN WB . 0.15 31.09 56.51
O3 MAN WB . 2.20 29.50 55.58
O4 MAN WB . 1.61 27.03 56.96
O5 MAN WB . -1.53 28.92 57.24
O6 MAN WB . -2.10 26.46 58.71
C1 NAG XB . -7.28 10.99 51.28
C2 NAG XB . -6.34 11.50 52.35
C3 NAG XB . -6.99 11.30 53.71
C4 NAG XB . -8.42 11.84 53.75
C5 NAG XB . -9.25 11.32 52.56
C6 NAG XB . -10.61 11.95 52.40
C7 NAG XB . -3.92 11.46 52.47
C8 NAG XB . -2.68 10.61 52.42
N2 NAG XB . -5.07 10.82 52.29
O3 NAG XB . -6.18 11.94 54.68
O4 NAG XB . -9.06 11.43 54.97
O5 NAG XB . -8.56 11.61 51.34
O6 NAG XB . -11.32 11.21 51.40
O7 NAG XB . -3.86 12.66 52.68
C1 NAG XB . -9.29 12.55 55.83
C2 NAG XB . -10.45 12.23 56.76
C3 NAG XB . -10.73 13.35 57.77
C4 NAG XB . -9.44 13.88 58.39
C5 NAG XB . -8.33 14.13 57.34
C6 NAG XB . -6.99 14.57 57.95
C7 NAG XB . -12.08 10.72 55.82
C8 NAG XB . -13.22 10.57 54.86
N2 NAG XB . -11.63 11.96 55.98
O3 NAG XB . -11.64 12.88 58.78
O4 NAG XB . -9.74 15.11 59.06
O5 NAG XB . -8.13 12.93 56.59
O6 NAG XB . -5.94 14.63 56.95
O7 NAG XB . -11.60 9.77 56.42
C1 MAN XB . -4.65 14.99 57.49
C2 MAN XB . -3.66 15.23 56.34
C3 MAN XB . -3.08 13.93 55.77
C4 MAN XB . -2.63 13.00 56.89
C5 MAN XB . -3.78 12.78 57.85
C6 MAN XB . -3.43 11.84 58.99
O2 MAN XB . -2.61 16.05 56.82
O3 MAN XB . -1.96 14.22 54.93
O4 MAN XB . -2.20 11.75 56.32
O5 MAN XB . -4.12 14.04 58.42
O6 MAN XB . -4.54 11.82 59.90
C1 NAG YB . -2.29 6.13 64.13
C2 NAG YB . -1.41 7.14 64.87
C3 NAG YB . -1.32 6.75 66.35
C4 NAG YB . -2.68 6.43 66.97
C5 NAG YB . -3.46 5.44 66.09
C6 NAG YB . -4.88 5.19 66.57
C7 NAG YB . 0.90 6.37 64.17
C8 NAG YB . 2.13 6.89 63.48
N2 NAG YB . -0.09 7.28 64.26
O3 NAG YB . -0.67 7.81 67.04
O4 NAG YB . -2.42 5.89 68.27
O5 NAG YB . -3.54 5.96 64.76
O6 NAG YB . -5.82 5.48 65.54
O7 NAG YB . 0.85 5.22 64.59
C1 NAG YB . -3.16 6.63 69.26
C2 NAG YB . -3.60 5.60 70.31
C3 NAG YB . -4.34 6.33 71.40
C4 NAG YB . -3.41 7.32 72.11
C5 NAG YB . -2.28 7.91 71.24
C6 NAG YB . -0.94 7.28 71.63
C7 NAG YB . -3.93 3.36 69.41
C8 NAG YB . -4.93 2.35 68.93
N2 NAG YB . -4.42 4.56 69.74
O3 NAG YB . -4.86 5.40 72.35
O4 NAG YB . -4.20 8.39 72.61
O5 NAG YB . -2.48 7.77 69.82
O6 NAG YB . 0.18 7.88 70.98
O7 NAG YB . -2.74 3.07 69.49
C1 MAN YB . 0.75 7.12 69.91
C2 MAN YB . 1.38 5.80 70.43
C3 MAN YB . 2.66 5.40 69.68
C4 MAN YB . 2.68 6.06 68.31
C5 MAN YB . 2.78 7.56 68.54
C6 MAN YB . 2.96 8.33 67.23
O2 MAN YB . 0.41 4.75 70.33
O3 MAN YB . 2.78 3.99 69.55
O4 MAN YB . 3.79 5.58 67.55
O5 MAN YB . 1.62 8.04 69.22
O6 MAN YB . 1.70 8.35 66.55
C1 NAG ZB . 8.06 0.07 52.47
C2 NAG ZB . 9.34 -0.77 52.60
C3 NAG ZB . 9.21 -1.73 53.79
C4 NAG ZB . 8.72 -1.04 55.06
C5 NAG ZB . 7.46 -0.19 54.77
C6 NAG ZB . 6.99 0.64 55.96
C7 NAG ZB . 9.02 -2.46 50.75
C8 NAG ZB . 9.70 -2.95 49.50
N2 NAG ZB . 9.68 -1.47 51.37
O3 NAG ZB . 10.49 -2.33 54.00
O4 NAG ZB . 8.45 -2.06 56.02
O5 NAG ZB . 7.74 0.70 53.70
O6 NAG ZB . 7.00 2.04 55.62
O7 NAG ZB . 7.96 -2.95 51.13
C1 NAG ZB . 9.15 -1.79 57.24
C2 NAG ZB . 8.24 -2.24 58.38
C3 NAG ZB . 8.96 -2.02 59.69
C4 NAG ZB . 10.22 -2.90 59.76
C5 NAG ZB . 10.88 -3.21 58.40
C6 NAG ZB . 10.62 -4.67 58.01
C7 NAG ZB . 5.87 -2.10 57.84
C8 NAG ZB . 4.61 -1.28 58.00
N2 NAG ZB . 6.97 -1.55 58.36
O3 NAG ZB . 8.10 -2.33 60.77
O4 NAG ZB . 11.17 -2.24 60.59
O5 NAG ZB . 10.49 -2.33 57.32
O6 NAG ZB . 11.34 -5.08 56.84
O7 NAG ZB . 5.85 -3.17 57.26
C1 MAN ZB . 10.56 -5.17 55.65
C2 MAN ZB . 9.49 -6.29 55.75
C3 MAN ZB . 9.27 -7.03 54.44
C4 MAN ZB . 9.70 -6.17 53.27
C5 MAN ZB . 11.20 -5.98 53.38
C6 MAN ZB . 11.79 -5.23 52.19
O2 MAN ZB . 8.26 -5.74 56.22
O3 MAN ZB . 7.90 -7.44 54.28
O4 MAN ZB . 9.36 -6.79 52.03
O5 MAN ZB . 11.53 -5.26 54.59
O6 MAN ZB . 11.44 -3.85 52.31
C1 NAG AC . 14.23 15.49 59.02
C2 NAG AC . 13.95 16.84 59.66
C3 NAG AC . 15.19 17.26 60.42
C4 NAG AC . 15.72 16.16 61.36
C5 NAG AC . 15.79 14.79 60.66
C6 NAG AC . 16.06 13.63 61.61
C7 NAG AC . 12.39 18.29 58.47
C8 NAG AC . 12.27 19.44 57.51
N2 NAG AC . 13.63 17.83 58.64
O3 NAG AC . 14.89 18.44 61.18
O4 NAG AC . 17.02 16.55 61.80
O5 NAG AC . 14.55 14.51 60.01
O6 NAG AC . 16.16 12.42 60.85
O7 NAG AC . 11.42 17.82 59.03
C1 NAG AC . 17.01 16.68 63.21
C2 NAG AC . 18.45 16.91 63.61
C3 NAG AC . 18.56 17.15 65.11
C4 NAG AC . 17.53 18.15 65.62
C5 NAG AC . 16.12 17.93 65.06
C6 NAG AC . 15.20 19.13 65.27
C7 NAG AC . 20.42 15.86 62.60
C8 NAG AC . 21.13 14.54 62.38
N2 NAG AC . 19.26 15.75 63.24
O3 NAG AC . 19.87 17.64 65.39
O4 NAG AC . 17.48 18.02 67.04
O5 NAG AC . 16.17 17.73 63.66
O6 NAG AC . 15.68 20.27 64.55
O7 NAG AC . 20.90 16.93 62.24
C1 MAN AC . 15.08 20.74 63.37
C2 MAN AC . 15.96 21.96 63.27
C3 MAN AC . 15.36 22.92 62.27
C4 MAN AC . 14.35 22.19 61.38
C5 MAN AC . 13.21 21.57 62.18
C6 MAN AC . 12.55 20.45 61.39
O2 MAN AC . 17.28 21.52 62.92
O3 MAN AC . 16.38 23.49 61.47
O4 MAN AC . 13.82 23.11 60.43
O5 MAN AC . 13.68 21.06 63.42
O6 MAN AC . 11.18 20.75 61.11
C1 NAG BC . -17.38 2.89 48.91
C2 NAG BC . -16.87 4.09 49.70
C3 NAG BC . -17.29 3.93 51.15
C4 NAG BC . -18.78 3.57 51.29
C5 NAG BC . -19.21 2.43 50.34
C6 NAG BC . -20.72 2.24 50.28
C7 NAG BC . -14.40 3.55 49.98
C8 NAG BC . -13.06 4.12 49.66
N2 NAG BC . -15.44 4.29 49.53
O3 NAG BC . -17.02 5.19 51.76
O4 NAG BC . -19.02 3.19 52.64
O5 NAG BC . -18.78 2.71 49.01
O6 NAG BC . -21.27 2.94 49.17
O7 NAG BC . -14.51 2.49 50.56
C1 NAG BC . -19.59 4.28 53.37
C2 NAG BC . -20.35 3.71 54.56
C3 NAG BC . -20.87 4.83 55.46
C4 NAG BC . -19.80 5.87 55.77
C5 NAG BC . -19.18 6.37 54.46
C6 NAG BC . -18.11 7.43 54.65
C7 NAG BC . -21.42 1.67 53.63
C8 NAG BC . -22.73 1.10 53.19
N2 NAG BC . -21.49 2.92 54.09
O3 NAG BC . -21.36 4.26 56.68
O4 NAG BC . -20.41 6.97 56.46
O5 NAG BC . -18.61 5.26 53.78
O6 NAG BC . -16.85 6.82 54.98
O7 NAG BC . -20.36 1.05 53.56
C1 MAN BC . -15.84 7.07 54.00
C2 MAN BC . -14.48 7.20 54.65
C3 MAN BC . -13.48 6.79 53.57
C4 MAN BC . -14.13 6.89 52.19
C5 MAN BC . -15.05 8.12 52.08
C6 MAN BC . -15.84 8.10 50.79
O2 MAN BC . -14.35 6.40 55.81
O3 MAN BC . -13.05 5.44 53.79
O4 MAN BC . -13.12 6.98 51.20
O5 MAN BC . -16.00 8.19 53.14
O6 MAN BC . -16.34 9.43 50.59
C1 NAG CC . -25.65 -53.49 4.53
C2 NAG CC . -26.98 -53.12 5.15
C3 NAG CC . -28.08 -53.92 4.46
C4 NAG CC . -28.02 -53.78 2.95
C5 NAG CC . -26.62 -54.15 2.42
C6 NAG CC . -26.48 -53.92 0.92
C7 NAG CC . -26.85 -54.46 7.30
C8 NAG CC . -26.97 -54.27 8.78
N2 NAG CC . -26.94 -53.32 6.58
O3 NAG CC . -29.31 -53.42 4.97
O4 NAG CC . -29.01 -54.60 2.34
O5 NAG CC . -25.62 -53.38 3.10
O6 NAG CC . -26.41 -52.52 0.65
O7 NAG CC . -26.66 -55.57 6.82
C1 NAG CC . -30.06 -53.77 1.81
C2 NAG CC . -30.68 -54.44 0.59
C3 NAG CC . -31.84 -53.62 0.06
C4 NAG CC . -32.82 -53.28 1.18
C5 NAG CC . -32.10 -52.63 2.37
C6 NAG CC . -33.04 -52.41 3.55
C7 NAG CC . -29.13 -55.86 -0.68
C8 NAG CC . -28.14 -55.89 -1.80
N2 NAG CC . -29.68 -54.67 -0.44
O3 NAG CC . -32.51 -54.35 -0.98
O4 NAG CC . -33.81 -52.39 0.65
O5 NAG CC . -31.05 -53.49 2.80
O6 NAG CC . -32.41 -52.81 4.78
O7 NAG CC . -29.40 -56.85 -0.02
C1 MAN CC . -33.17 -53.84 5.43
C2 MAN CC . -32.87 -53.84 6.93
C3 MAN CC . -31.44 -54.31 7.19
C4 MAN CC . -31.13 -55.62 6.45
C5 MAN CC . -31.54 -55.52 4.99
C6 MAN CC . -31.31 -56.82 4.26
O2 MAN CC . -33.78 -54.73 7.57
O3 MAN CC . -31.22 -54.49 8.59
O4 MAN CC . -29.73 -55.87 6.54
O5 MAN CC . -32.92 -55.15 4.89
O6 MAN CC . -31.42 -56.59 2.85
C1 NAG DC . -19.37 -49.29 -8.21
C2 NAG DC . -19.56 -50.55 -7.37
C3 NAG DC . -19.99 -51.68 -8.27
C4 NAG DC . -21.17 -51.29 -9.17
C5 NAG DC . -20.88 -49.97 -9.89
C6 NAG DC . -22.06 -49.39 -10.66
C7 NAG DC . -18.35 -51.32 -5.41
C8 NAG DC . -17.02 -51.67 -4.83
N2 NAG DC . -18.34 -50.88 -6.66
O3 NAG DC . -20.33 -52.79 -7.43
O4 NAG DC . -21.38 -52.33 -10.14
O5 NAG DC . -20.55 -48.96 -8.94
O6 NAG DC . -21.56 -48.31 -11.46
O7 NAG DC . -19.39 -51.44 -4.76
C1 NAG DC . -22.63 -52.99 -9.90
C2 NAG DC . -23.11 -53.61 -11.21
C3 NAG DC . -24.40 -54.40 -11.04
C4 NAG DC . -24.37 -55.31 -9.81
C5 NAG DC . -23.79 -54.59 -8.57
C6 NAG DC . -23.63 -55.50 -7.35
C7 NAG DC . -22.45 -52.38 -13.18
C8 NAG DC . -22.68 -51.16 -14.02
N2 NAG DC . -23.31 -52.56 -12.18
O3 NAG DC . -24.68 -55.16 -12.23
O4 NAG DC . -25.69 -55.76 -9.54
O5 NAG DC . -22.52 -54.01 -8.90
O6 NAG DC . -22.96 -54.81 -6.25
O7 NAG DC . -21.54 -53.16 -13.40
C1 MAN DC . -22.74 -55.66 -5.10
C2 MAN DC . -22.22 -54.80 -3.94
C3 MAN DC . -20.72 -54.51 -4.03
C4 MAN DC . -19.93 -55.78 -4.36
C5 MAN DC . -20.51 -56.41 -5.61
C6 MAN DC . -19.78 -57.67 -6.04
O2 MAN DC . -22.50 -55.50 -2.72
O3 MAN DC . -20.24 -53.98 -2.79
O4 MAN DC . -18.56 -55.45 -4.55
O5 MAN DC . -21.87 -56.77 -5.34
O6 MAN DC . -20.50 -58.23 -7.13
C1 NAG EC . -15.47 -63.37 -9.06
C2 NAG EC . -16.05 -64.23 -7.95
C3 NAG EC . -15.98 -65.70 -8.35
C4 NAG EC . -16.51 -65.95 -9.77
C5 NAG EC . -15.88 -64.98 -10.77
C6 NAG EC . -16.47 -65.08 -12.18
C7 NAG EC . -14.12 -64.25 -6.31
C8 NAG EC . -13.81 -63.88 -4.89
N2 NAG EC . -15.40 -63.99 -6.67
O3 NAG EC . -16.71 -66.46 -7.39
O4 NAG EC . -16.20 -67.32 -10.09
O5 NAG EC . -16.09 -63.64 -10.32
O6 NAG EC . -16.96 -63.81 -12.60
O7 NAG EC . -13.26 -64.72 -7.03
C1 NAG EC . -17.39 -68.00 -10.50
C2 NAG EC . -16.96 -68.97 -11.60
C3 NAG EC . -18.18 -69.77 -12.04
C4 NAG EC . -18.70 -70.62 -10.87
C5 NAG EC . -18.45 -70.05 -9.47
C6 NAG EC . -17.34 -70.84 -8.76
C7 NAG EC . -15.04 -68.20 -12.89
C8 NAG EC . -14.58 -67.54 -14.16
N2 NAG EC . -16.35 -68.28 -12.73
O3 NAG EC . -17.84 -70.61 -13.14
O4 NAG EC . -20.10 -70.81 -11.06
O5 NAG EC . -18.14 -68.64 -9.43
O6 NAG EC . -17.17 -70.46 -7.39
O7 NAG EC . -14.23 -68.62 -12.07
C1 MAN EC . -16.02 -69.65 -7.13
C2 MAN EC . -14.70 -70.42 -7.41
C3 MAN EC . -13.59 -70.08 -6.41
C4 MAN EC . -13.84 -68.72 -5.79
C5 MAN EC . -15.11 -68.85 -4.95
C6 MAN EC . -15.41 -67.58 -4.15
O2 MAN EC . -14.27 -70.15 -8.75
O3 MAN EC . -12.30 -70.09 -7.03
O4 MAN EC . -12.74 -68.33 -4.97
O5 MAN EC . -16.23 -69.15 -5.79
O6 MAN EC . -15.90 -66.59 -5.05
C1 NAG FC . -2.83 -55.45 -1.51
C2 NAG FC . -1.52 -55.98 -0.92
C3 NAG FC . -1.02 -57.17 -1.75
C4 NAG FC . -2.11 -58.19 -2.03
C5 NAG FC . -3.38 -57.51 -2.58
C6 NAG FC . -4.56 -58.46 -2.75
C7 NAG FC . 0.14 -54.26 -1.73
C8 NAG FC . 1.15 -53.28 -1.21
N2 NAG FC . -0.51 -54.95 -0.77
O3 NAG FC . 0.07 -57.77 -1.06
O4 NAG FC . -1.57 -59.12 -2.98
O5 NAG FC . -3.78 -56.49 -1.67
O6 NAG FC . -5.67 -58.02 -1.94
O7 NAG FC . -0.05 -54.38 -2.93
C1 NAG FC . -1.72 -60.47 -2.49
C2 NAG FC . -2.02 -61.34 -3.70
C3 NAG FC . -2.11 -62.77 -3.23
C4 NAG FC . -0.78 -63.26 -2.67
C5 NAG FC . 0.09 -62.16 -2.02
C6 NAG FC . 1.27 -61.82 -2.94
C7 NAG FC . -3.20 -60.16 -5.48
C8 NAG FC . -4.54 -59.93 -6.12
N2 NAG FC . -3.22 -60.93 -4.39
O3 NAG FC . -2.51 -63.61 -4.32
O4 NAG FC . -1.05 -64.26 -1.69
O5 NAG FC . -0.61 -60.95 -1.68
O6 NAG FC . 2.22 -60.93 -2.33
O7 NAG FC . -2.17 -59.70 -5.95
C1 MAN FC . 2.17 -59.58 -2.81
C2 MAN FC . 2.57 -59.49 -4.31
C3 MAN FC . 3.36 -58.22 -4.63
C4 MAN FC . 3.08 -57.15 -3.60
C5 MAN FC . 3.64 -57.65 -2.27
C6 MAN FC . 3.54 -56.60 -1.16
O2 MAN FC . 1.39 -59.56 -5.12
O3 MAN FC . 3.06 -57.73 -5.95
O4 MAN FC . 3.70 -55.92 -3.98
O5 MAN FC . 2.95 -58.84 -1.86
O6 MAN FC . 2.18 -56.51 -0.75
C1 NAG GC . -14.20 -62.17 10.52
C2 NAG GC . -15.61 -62.60 10.88
C3 NAG GC . -15.51 -63.64 11.99
C4 NAG GC . -14.52 -64.76 11.66
C5 NAG GC . -13.17 -64.21 11.13
C6 NAG GC . -12.25 -65.29 10.57
C7 NAG GC . -17.36 -60.92 10.58
C8 NAG GC . -18.19 -59.88 11.27
N2 NAG GC . -16.40 -61.46 11.32
O3 NAG GC . -16.81 -64.18 12.21
O4 NAG GC . -14.29 -65.50 12.86
O5 NAG GC . -13.41 -63.28 10.08
O6 NAG GC . -11.03 -64.69 10.14
O7 NAG GC . -17.55 -61.24 9.42
C1 NAG GC . -14.69 -66.85 12.65
C2 NAG GC . -14.26 -67.60 13.90
C3 NAG GC . -14.73 -69.04 13.84
C4 NAG GC . -16.19 -69.18 13.42
C5 NAG GC . -16.58 -68.28 12.24
C6 NAG GC . -18.09 -68.15 12.06
C7 NAG GC . -12.20 -67.24 15.17
C8 NAG GC . -10.70 -67.31 15.09
N2 NAG GC . -12.82 -67.55 14.03
O3 NAG GC . -14.55 -69.63 15.14
O4 NAG GC . -16.40 -70.54 13.04
O5 NAG GC . -16.10 -66.97 12.44
O6 NAG GC . -18.67 -67.49 13.20
O7 NAG GC . -12.79 -66.93 16.19
C1 MAN GC . -19.12 -66.17 13.17
C2 MAN GC . -19.69 -66.20 14.57
C3 MAN GC . -20.60 -65.01 14.77
C4 MAN GC . -20.29 -63.95 13.72
C5 MAN GC . -20.49 -64.44 12.29
C6 MAN GC . -19.70 -63.59 11.30
O2 MAN GC . -18.60 -66.26 15.49
O3 MAN GC . -20.41 -64.48 16.07
O4 MAN GC . -21.13 -62.81 13.94
O5 MAN GC . -20.08 -65.81 12.17
O6 MAN GC . -20.58 -62.94 10.39
C1 NAG HC . -16.99 -44.95 -20.40
C2 NAG HC . -17.93 -45.75 -19.50
C3 NAG HC . -18.30 -47.03 -20.20
C4 NAG HC . -18.76 -46.80 -21.64
C5 NAG HC . -17.81 -45.85 -22.43
C6 NAG HC . -18.39 -45.40 -23.76
C7 NAG HC . -16.31 -46.71 -17.79
C8 NAG HC . -16.07 -46.73 -16.32
N2 NAG HC . -17.34 -45.96 -18.17
O3 NAG HC . -19.36 -47.60 -19.43
O4 NAG HC . -18.85 -48.06 -22.31
O5 NAG HC . -17.56 -44.67 -21.67
O6 NAG HC . -19.02 -44.12 -23.63
O7 NAG HC . -15.59 -47.34 -18.55
C1 NAG HC . -20.20 -48.51 -22.33
C2 NAG HC . -20.34 -49.49 -23.50
C3 NAG HC . -21.73 -50.12 -23.50
C4 NAG HC . -22.15 -50.62 -22.12
C5 NAG HC . -21.98 -49.50 -21.10
C6 NAG HC . -22.39 -49.90 -19.69
C7 NAG HC . -18.95 -48.47 -25.27
C8 NAG HC . -19.03 -47.74 -26.59
N2 NAG HC . -20.14 -48.79 -24.75
O3 NAG HC . -21.74 -51.20 -24.44
O4 NAG HC . -23.52 -51.04 -22.17
O5 NAG HC . -20.61 -49.10 -21.09
O6 NAG HC . -21.33 -50.59 -19.03
O7 NAG HC . -17.89 -48.73 -24.72
C1 MAN HC . -20.84 -49.91 -17.88
C2 MAN HC . -20.42 -50.89 -16.80
C3 MAN HC . -19.36 -50.16 -15.99
C4 MAN HC . -19.46 -48.65 -16.23
C5 MAN HC . -20.93 -48.19 -16.30
C6 MAN HC . -21.04 -46.75 -16.72
O2 MAN HC . -19.92 -52.11 -17.33
O3 MAN HC . -18.04 -50.59 -16.38
O4 MAN HC . -18.84 -47.97 -15.15
O5 MAN HC . -21.68 -48.95 -17.25
O6 MAN HC . -22.36 -46.32 -16.40
C1 NAG IC . 35.81 -4.65 -48.71
C2 NAG IC . 34.70 -4.85 -49.73
C3 NAG IC . 34.98 -3.97 -50.94
C4 NAG IC . 35.20 -2.52 -50.52
C5 NAG IC . 36.31 -2.42 -49.47
C6 NAG IC . 36.51 -1.00 -48.94
C7 NAG IC . 35.44 -7.06 -50.72
C8 NAG IC . 34.91 -8.43 -51.01
N2 NAG IC . 34.57 -6.26 -50.08
O3 NAG IC . 33.85 -4.08 -51.78
O4 NAG IC . 35.54 -1.73 -51.67
O5 NAG IC . 36.01 -3.28 -48.35
O6 NAG IC . 35.41 -0.63 -48.11
O7 NAG IC . 36.57 -6.75 -51.08
C1 NAG IC . 34.44 -0.88 -52.01
C2 NAG IC . 34.95 0.40 -52.64
C3 NAG IC . 33.80 1.30 -53.08
C4 NAG IC . 32.79 0.51 -53.92
C5 NAG IC . 32.35 -0.78 -53.20
C6 NAG IC . 31.46 -1.63 -54.09
C7 NAG IC . 37.17 1.09 -51.87
C8 NAG IC . 37.93 1.90 -50.86
N2 NAG IC . 35.85 1.11 -51.74
O3 NAG IC . 34.31 2.41 -53.82
O4 NAG IC . 31.66 1.35 -54.17
O5 NAG IC . 33.51 -1.54 -52.87
O6 NAG IC . 31.85 -3.01 -54.00
O7 NAG IC . 37.76 0.45 -52.74
C1 MAN IC . 32.21 -3.51 -55.30
C2 MAN IC . 32.03 -5.03 -55.32
C3 MAN IC . 33.09 -5.71 -54.43
C4 MAN IC . 34.49 -5.20 -54.72
C5 MAN IC . 34.53 -3.67 -54.75
C6 MAN IC . 35.89 -3.14 -55.10
O2 MAN IC . 32.23 -5.50 -56.66
O3 MAN IC . 33.03 -7.12 -54.58
O4 MAN IC . 35.39 -5.68 -53.72
O5 MAN IC . 33.55 -3.18 -55.68
O6 MAN IC . 35.93 -1.74 -54.81
C1 NAG JC . 38.01 6.21 -38.90
C2 NAG JC . 38.79 5.36 -39.89
C3 NAG JC . 39.74 6.25 -40.67
C4 NAG JC . 39.02 7.47 -41.27
C5 NAG JC . 38.18 8.19 -40.20
C6 NAG JC . 37.28 9.29 -40.72
C7 NAG JC . 39.64 3.09 -39.66
C8 NAG JC . 40.48 2.15 -38.84
N2 NAG JC . 39.54 4.33 -39.18
O3 NAG JC . 40.33 5.45 -41.69
O4 NAG JC . 39.98 8.37 -41.81
O5 NAG JC . 37.30 7.26 -39.56
O6 NAG JC . 36.77 10.00 -39.59
O7 NAG JC . 39.09 2.74 -40.70
C1 NAG JC . 39.89 8.42 -43.24
C2 NAG JC . 40.44 9.77 -43.72
C3 NAG JC . 40.44 9.88 -45.24
C4 NAG JC . 40.97 8.61 -45.91
C5 NAG JC . 40.39 7.33 -45.30
C6 NAG JC . 40.98 6.03 -45.87
C7 NAG JC . 40.13 11.57 -42.16
C8 NAG JC . 39.17 12.53 -41.55
N2 NAG JC . 39.66 10.83 -43.14
O3 NAG JC . 41.19 11.04 -45.64
O4 NAG JC . 40.65 8.67 -47.30
O5 NAG JC . 40.59 7.34 -43.88
O6 NAG JC . 40.49 4.86 -45.17
O7 NAG JC . 41.29 11.48 -41.77
C1 MAN JC . 41.08 3.63 -45.65
C2 MAN JC . 40.36 2.44 -44.98
C3 MAN JC . 40.89 2.15 -43.57
C4 MAN JC . 42.41 2.15 -43.52
C5 MAN JC . 42.91 3.46 -44.10
C6 MAN JC . 44.43 3.57 -44.08
O2 MAN JC . 40.56 1.30 -45.80
O3 MAN JC . 40.42 0.87 -43.12
O4 MAN JC . 42.86 1.98 -42.18
O5 MAN JC . 42.49 3.53 -45.47
O6 MAN JC . 44.79 4.77 -44.78
C1 NAG KC . 51.99 4.86 -42.97
C2 NAG KC . 52.20 3.88 -44.12
C3 NAG KC . 53.56 4.13 -44.75
C4 NAG KC . 53.82 5.61 -45.06
C5 NAG KC . 53.51 6.48 -43.83
C6 NAG KC . 53.60 7.97 -44.11
C7 NAG KC . 52.82 1.78 -42.83
C8 NAG KC . 52.37 0.36 -42.65
N2 NAG KC . 52.06 2.49 -43.68
O3 NAG KC . 53.64 3.34 -45.94
O4 NAG KC . 55.19 5.72 -45.46
O5 NAG KC . 52.18 6.21 -43.38
O6 NAG KC . 52.38 8.61 -43.75
O7 NAG KC . 53.81 2.20 -42.24
C1 NAG KC . 55.27 6.38 -46.74
C2 NAG KC . 56.52 7.24 -46.69
C3 NAG KC . 56.69 7.92 -48.03
C4 NAG KC . 56.91 6.88 -49.13
C5 NAG KC . 56.25 5.51 -48.90
C6 NAG KC . 57.32 4.48 -48.52
C7 NAG KC . 57.09 8.02 -44.45
C8 NAG KC . 57.02 9.18 -43.49
N2 NAG KC . 56.48 8.21 -45.62
O3 NAG KC . 57.79 8.82 -47.99
O4 NAG KC . 56.41 7.42 -50.36
O5 NAG KC . 55.20 5.51 -47.89
O6 NAG KC . 56.80 3.14 -48.44
O7 NAG KC . 57.67 6.98 -44.16
C1 MAN KC . 56.62 2.64 -47.11
C2 MAN KC . 57.98 2.49 -46.37
C3 MAN KC . 58.04 1.27 -45.46
C4 MAN KC . 56.63 0.84 -45.07
C5 MAN KC . 55.93 0.37 -46.34
C6 MAN KC . 54.55 -0.21 -46.06
O2 MAN KC . 58.25 3.68 -45.62
O3 MAN KC . 58.83 1.51 -44.29
O4 MAN KC . 56.68 -0.20 -44.10
O5 MAN KC . 55.81 1.46 -47.27
O6 MAN KC . 53.66 0.86 -45.78
C1 NAG LC . 49.97 -5.15 -29.73
C2 NAG LC . 50.94 -6.13 -29.04
C3 NAG LC . 52.36 -5.55 -29.10
C4 NAG LC . 52.75 -5.07 -30.49
C5 NAG LC . 51.66 -4.15 -31.08
C6 NAG LC . 51.91 -3.74 -32.52
C7 NAG LC . 50.46 -5.67 -26.61
C8 NAG LC . 50.02 -6.38 -25.36
N2 NAG LC . 50.54 -6.47 -27.69
O3 NAG LC . 53.26 -6.56 -28.65
O4 NAG LC . 54.00 -4.38 -30.36
O5 NAG LC . 50.40 -4.83 -31.03
O6 NAG LC . 50.83 -4.19 -33.36
O7 NAG LC . 50.71 -4.47 -26.59
C1 NAG LC . 54.96 -4.93 -31.29
C2 NAG LC . 55.80 -3.75 -31.77
C3 NAG LC . 56.86 -4.29 -32.70
C4 NAG LC . 57.81 -5.23 -31.95
C5 NAG LC . 57.18 -5.99 -30.78
C6 NAG LC . 57.68 -5.40 -29.45
C7 NAG LC . 54.60 -1.63 -31.79
C8 NAG LC . 53.87 -0.63 -32.65
N2 NAG LC . 55.00 -2.73 -32.42
O3 NAG LC . 57.61 -3.21 -33.26
O4 NAG LC . 58.33 -6.17 -32.89
O5 NAG LC . 55.74 -6.04 -30.78
O6 NAG LC . 57.26 -6.17 -28.30
O7 NAG LC . 54.81 -1.42 -30.60
C1 MAN LC . 56.20 -5.59 -27.54
C2 MAN LC . 56.63 -4.25 -26.88
C3 MAN LC . 56.02 -4.05 -25.50
C4 MAN LC . 54.75 -4.88 -25.35
C5 MAN LC . 55.17 -6.35 -25.41
C6 MAN LC . 54.01 -7.30 -25.13
O2 MAN LC . 56.27 -3.16 -27.74
O3 MAN LC . 55.72 -2.67 -25.23
O4 MAN LC . 54.09 -4.59 -24.13
O5 MAN LC . 55.75 -6.65 -26.68
O6 MAN LC . 53.17 -7.33 -26.30
C1 NAG MC . 47.52 -14.17 -44.94
C2 NAG MC . 47.12 -14.19 -46.41
C3 NAG MC . 47.81 -15.36 -47.09
C4 NAG MC . 49.31 -15.40 -46.79
C5 NAG MC . 49.63 -15.21 -45.30
C6 NAG MC . 51.11 -15.00 -45.01
C7 NAG MC . 44.89 -13.29 -46.91
C8 NAG MC . 43.46 -13.65 -47.17
N2 NAG MC . 45.68 -14.31 -46.54
O3 NAG MC . 47.58 -15.26 -48.50
O4 NAG MC . 49.81 -16.68 -47.23
O5 NAG MC . 48.94 -14.06 -44.81
O6 NAG MC . 51.30 -14.87 -43.60
O7 NAG MC . 45.31 -12.15 -47.03
C1 NAG MC . 50.78 -16.48 -48.25
C2 NAG MC . 51.36 -17.85 -48.52
C3 NAG MC . 52.37 -17.78 -49.66
C4 NAG MC . 51.85 -16.99 -50.87
C5 NAG MC . 51.15 -15.69 -50.49
C6 NAG MC . 50.32 -15.11 -51.63
C7 NAG MC . 51.83 -19.58 -46.85
C8 NAG MC . 52.65 -19.91 -45.64
N2 NAG MC . 52.02 -18.36 -47.32
O3 NAG MC . 52.68 -19.12 -50.06
O4 NAG MC . 52.98 -16.69 -51.69
O5 NAG MC . 50.23 -15.91 -49.43
O6 NAG MC . 49.24 -15.99 -51.98
O7 NAG MC . 51.07 -20.39 -47.36
C1 MAN MC . 47.91 -15.74 -51.64
C2 MAN MC . 47.36 -16.92 -52.39
C3 MAN MC . 45.86 -16.77 -52.55
C4 MAN MC . 45.34 -15.76 -51.52
C5 MAN MC . 45.96 -14.38 -51.70
C6 MAN MC . 45.84 -13.58 -50.41
O2 MAN MC . 47.76 -18.11 -51.69
O3 MAN MC . 45.23 -18.04 -52.33
O4 MAN MC . 43.92 -15.66 -51.67
O5 MAN MC . 47.34 -14.49 -52.05
O6 MAN MC . 45.05 -12.41 -50.61
C1 NAG NC . 38.07 17.63 -32.35
C2 NAG NC . 38.09 16.95 -33.71
C3 NAG NC . 39.14 17.62 -34.58
C4 NAG NC . 39.01 19.15 -34.55
C5 NAG NC . 38.84 19.73 -33.13
C6 NAG NC . 38.45 21.19 -33.11
C7 NAG NC . 39.35 14.80 -33.21
C8 NAG NC . 39.18 13.32 -33.30
N2 NAG NC . 38.28 15.50 -33.59
O3 NAG NC . 38.92 17.12 -35.89
O4 NAG NC . 40.17 19.70 -35.16
O5 NAG NC . 37.80 19.02 -32.43
O6 NAG NC . 37.03 21.34 -32.99
O7 NAG NC . 40.39 15.29 -32.80
C1 NAG NC . 39.90 20.06 -36.52
C2 NAG NC . 40.89 21.13 -36.94
C3 NAG NC . 40.76 21.45 -38.42
C4 NAG NC . 40.68 20.20 -39.29
C5 NAG NC . 39.59 19.26 -38.75
C6 NAG NC . 39.43 18.00 -39.57
C7 NAG NC . 41.10 22.54 -34.92
C8 NAG NC . 40.72 23.88 -34.34
N2 NAG NC . 40.67 22.34 -36.17
O3 NAG NC . 41.86 22.28 -38.82
O4 NAG NC . 40.38 20.58 -40.63
O5 NAG NC . 39.93 18.92 -37.42
O6 NAG NC . 40.41 17.02 -39.18
O7 NAG NC . 41.71 21.70 -34.28
C1 MAN NC . 39.83 15.84 -38.63
C2 MAN NC . 40.64 14.60 -39.00
C3 MAN NC . 40.37 13.61 -37.89
C4 MAN NC . 39.09 13.99 -37.13
C5 MAN NC . 38.00 14.49 -38.09
C6 MAN NC . 36.81 15.04 -37.34
O2 MAN NC . 42.01 14.89 -39.14
O3 MAN NC . 41.46 13.59 -36.96
O4 MAN NC . 38.60 12.83 -36.45
O5 MAN NC . 38.47 15.54 -38.94
O6 MAN NC . 35.73 15.12 -38.26
C1 NAG OC . 35.95 33.77 38.02
C2 NAG OC . 35.79 35.04 37.19
C3 NAG OC . 35.43 36.18 38.12
C4 NAG OC . 34.23 35.84 38.99
C5 NAG OC . 34.47 34.54 39.76
C6 NAG OC . 33.26 34.10 40.58
C7 NAG OC . 38.24 35.61 36.83
C8 NAG OC . 39.18 35.92 35.70
N2 NAG OC . 37.00 35.28 36.41
O3 NAG OC . 35.15 37.30 37.28
O4 NAG OC . 33.98 36.91 39.90
O5 NAG OC . 34.82 33.49 38.85
O6 NAG OC . 32.23 33.62 39.69
O7 NAG OC . 38.61 35.66 37.99
C1 NAG OC . 32.79 37.60 39.50
C2 NAG OC . 32.09 38.18 40.74
C3 NAG OC . 30.86 38.99 40.33
C4 NAG OC . 31.21 40.00 39.24
C5 NAG OC . 31.93 39.33 38.06
C6 NAG OC . 32.40 40.35 37.03
C7 NAG OC . 32.43 36.89 42.78
C8 NAG OC . 31.90 35.78 43.65
N2 NAG OC . 31.74 37.13 41.67
O3 NAG OC . 30.33 39.64 41.48
O4 NAG OC . 30.00 40.62 38.80
O5 NAG OC . 33.07 38.63 38.55
O6 NAG OC . 33.73 40.05 36.62
O7 NAG OC . 33.44 37.52 43.08
C1 MAN OC . 34.62 41.16 36.89
C2 MAN OC . 35.82 41.11 35.95
C3 MAN OC . 36.73 39.92 36.29
C4 MAN OC . 37.04 39.86 37.79
C5 MAN OC . 35.77 40.00 38.62
C6 MAN OC . 36.06 39.99 40.10
O2 MAN OC . 36.57 42.32 36.13
O3 MAN OC . 37.95 40.00 35.56
O4 MAN OC . 37.67 38.61 38.08
O5 MAN OC . 35.06 41.19 38.26
O6 MAN OC . 34.84 39.82 40.83
C1 NAG PC . 25.81 24.64 43.74
C2 NAG PC . 27.12 25.29 44.12
C3 NAG PC . 27.01 25.86 45.52
C4 NAG PC . 25.75 26.73 45.68
C5 NAG PC . 24.51 25.98 45.17
C6 NAG PC . 23.24 26.81 45.10
C7 NAG PC . 29.42 24.67 43.58
C8 NAG PC . 30.45 23.58 43.62
N2 NAG PC . 28.21 24.34 44.06
O3 NAG PC . 28.19 26.62 45.78
O4 NAG PC . 25.57 27.06 47.06
O5 NAG PC . 24.72 25.53 43.84
O6 NAG PC . 22.14 25.92 44.85
O7 NAG PC . 29.65 25.77 43.14
C1 NAG PC . 25.79 28.46 47.28
C2 NAG PC . 25.02 28.88 48.53
C3 NAG PC . 25.23 30.35 48.88
C4 NAG PC . 26.71 30.75 48.78
C5 NAG PC . 27.38 30.22 47.50
C6 NAG PC . 28.88 30.50 47.41
C7 NAG PC . 23.01 27.60 48.94
C8 NAG PC . 21.59 27.36 48.54
N2 NAG PC . 23.61 28.63 48.34
O3 NAG PC . 24.71 30.63 50.19
O4 NAG PC . 26.79 32.18 48.80
O5 NAG PC . 27.17 28.81 47.41
O6 NAG PC . 29.49 29.86 46.27
O7 NAG PC . 23.58 26.92 49.77
C1 MAN PC . 30.92 30.07 46.18
C2 MAN PC . 31.43 29.52 44.84
C3 MAN PC . 31.64 28.01 44.84
C4 MAN PC . 32.37 27.55 46.11
C5 MAN PC . 31.64 28.08 47.32
C6 MAN PC . 32.29 27.66 48.63
O2 MAN PC . 32.67 30.17 44.55
O3 MAN PC . 32.40 27.60 43.70
O4 MAN PC . 32.45 26.12 46.13
O5 MAN PC . 31.66 29.51 47.28
O6 MAN PC . 31.61 28.33 49.70
C1 NAG QC . 34.69 24.65 55.36
C2 NAG QC . 35.86 25.61 55.23
C3 NAG QC . 36.46 25.87 56.61
C4 NAG QC . 35.40 26.22 57.66
C5 NAG QC . 34.26 25.19 57.64
C6 NAG QC . 33.09 25.55 58.56
C7 NAG QC . 37.67 24.04 54.38
C8 NAG QC . 38.61 23.88 53.23
N2 NAG QC . 36.87 25.13 54.29
O3 NAG QC . 37.41 26.92 56.48
O4 NAG QC . 36.06 26.26 58.93
O5 NAG QC . 33.73 25.10 56.31
O6 NAG QC . 31.87 25.60 57.81
O7 NAG QC . 37.67 23.24 55.31
C1 NAG QC . 35.81 27.50 59.59
C2 NAG QC . 35.68 27.18 61.07
C3 NAG QC . 35.48 28.48 61.83
C4 NAG QC . 36.69 29.40 61.66
C5 NAG QC . 37.48 29.23 60.34
C6 NAG QC . 38.80 28.50 60.61
C7 NAG QC . 34.84 24.94 61.53
C8 NAG QC . 33.64 24.13 61.91
N2 NAG QC . 34.62 26.24 61.35
O3 NAG QC . 35.26 28.21 63.21
O4 NAG QC . 36.25 30.74 61.77
O5 NAG QC . 36.75 28.55 59.29
O6 NAG QC . 39.65 28.46 59.46
O7 NAG QC . 35.95 24.42 61.41
C1 MAN QC . 39.71 27.19 58.80
C2 MAN QC . 40.36 26.11 59.71
C3 MAN QC . 41.23 25.12 58.93
C4 MAN QC . 40.81 25.09 57.47
C5 MAN QC . 41.13 26.46 56.89
C6 MAN QC . 40.89 26.52 55.38
O2 MAN QC . 39.33 25.40 60.41
O3 MAN QC . 41.16 23.80 59.48
O4 MAN QC . 41.51 24.06 56.77
O5 MAN QC . 40.34 27.47 57.54
O6 MAN QC . 39.48 26.57 55.16
C1 NAG RC . 39.39 11.68 45.88
C2 NAG RC . 40.55 10.70 46.05
C3 NAG RC . 40.78 10.40 47.53
C4 NAG RC . 40.85 11.67 48.38
C5 NAG RC . 39.66 12.60 48.08
C6 NAG RC . 39.73 13.96 48.77
C7 NAG RC . 39.42 8.52 45.43
C8 NAG RC . 39.55 7.39 44.46
N2 NAG RC . 40.36 9.47 45.28
O3 NAG RC . 41.97 9.65 47.66
O4 NAG RC . 40.86 11.27 49.75
O5 NAG RC . 39.60 12.84 46.67
O6 NAG RC . 39.75 15.02 47.80
O7 NAG RC . 38.53 8.53 46.28
C1 NAG RC . 41.97 11.86 50.43
C2 NAG RC . 41.51 12.19 51.84
C3 NAG RC . 42.68 12.75 52.61
C4 NAG RC . 43.78 11.71 52.76
C5 NAG RC . 43.87 10.68 51.61
C6 NAG RC . 43.34 9.32 52.08
C7 NAG RC . 39.13 12.71 51.98
C8 NAG RC . 38.11 13.80 52.07
N2 NAG RC . 40.39 13.11 51.84
O3 NAG RC . 42.25 13.18 53.90
O4 NAG RC . 45.04 12.39 52.86
O5 NAG RC . 43.19 11.07 50.39
O6 NAG RC . 43.54 8.28 51.11
O7 NAG RC . 38.80 11.52 52.04
C1 MAN RC . 42.37 7.88 50.40
C2 MAN RC . 41.32 7.23 51.33
C3 MAN RC . 40.56 6.09 50.67
C4 MAN RC . 40.61 6.22 49.17
C5 MAN RC . 42.07 6.04 48.75
C6 MAN RC . 42.24 6.01 47.23
O2 MAN RC . 40.40 8.24 51.78
O3 MAN RC . 39.20 6.03 51.11
O4 MAN RC . 39.77 5.24 48.54
O5 MAN RC . 42.87 7.10 49.29
O6 MAN RC . 42.09 7.36 46.74
C1 NAG SC . 48.98 26.22 41.98
C2 NAG SC . 49.09 27.74 41.91
C3 NAG SC . 50.57 28.11 41.99
C4 NAG SC . 51.29 27.42 43.16
C5 NAG SC . 50.96 25.92 43.24
C6 NAG SC . 51.45 25.26 44.53
C7 NAG SC . 47.35 28.88 40.64
C8 NAG SC . 46.99 29.50 39.32
N2 NAG SC . 48.51 28.24 40.67
O3 NAG SC . 50.67 29.53 42.10
O4 NAG SC . 52.69 27.60 42.97
O5 NAG SC . 49.55 25.72 43.19
O6 NAG SC . 51.15 23.86 44.48
O7 NAG SC . 46.61 28.98 41.61
C1 NAG SC . 53.22 28.33 44.07
C2 NAG SC . 54.73 28.32 43.88
C3 NAG SC . 55.40 29.16 44.96
C4 NAG SC . 54.73 30.51 45.17
C5 NAG SC . 53.20 30.44 45.21
C6 NAG SC . 52.55 31.82 45.03
C7 NAG SC . 56.07 26.46 43.03
C8 NAG SC . 56.50 25.04 43.32
N2 NAG SC . 55.22 26.96 43.93
O3 NAG SC . 56.76 29.34 44.58
O4 NAG SC . 55.20 31.03 46.42
O5 NAG SC . 52.71 29.66 44.14
O6 NAG SC . 52.83 32.37 43.74
O7 NAG SC . 56.48 27.09 42.07
C1 MAN SC . 51.88 32.42 42.71
C2 MAN SC . 52.78 33.19 41.76
C3 MAN SC . 51.95 33.75 40.64
C4 MAN SC . 50.61 33.00 40.55
C5 MAN SC . 49.80 33.10 41.83
C6 MAN SC . 48.78 31.97 41.92
O2 MAN SC . 53.83 32.30 41.33
O3 MAN SC . 52.65 33.60 39.41
O4 MAN SC . 49.85 33.52 39.46
O5 MAN SC . 50.64 33.08 42.97
O6 MAN SC . 47.44 32.47 41.92
C1 NAG TC . 14.83 19.24 48.59
C2 NAG TC . 15.70 20.49 48.50
C3 NAG TC . 15.83 21.09 49.89
C4 NAG TC . 14.46 21.23 50.59
C5 NAG TC . 13.60 19.95 50.48
C6 NAG TC . 12.16 20.15 50.93
C7 NAG TC . 18.03 19.49 48.32
C8 NAG TC . 19.22 19.50 47.42
N2 NAG TC . 16.98 20.20 47.87
O3 NAG TC . 16.42 22.37 49.70
O4 NAG TC . 14.70 21.54 51.96
O5 NAG TC . 13.54 19.51 49.12
O6 NAG TC . 11.32 20.43 49.81
O7 NAG TC . 18.05 18.87 49.36
C1 NAG TC . 14.56 22.94 52.18
C2 NAG TC . 14.22 23.15 53.65
C3 NAG TC . 14.19 24.65 53.99
C4 NAG TC . 15.39 25.40 53.42
C5 NAG TC . 15.53 25.11 51.94
C6 NAG TC . 16.70 25.82 51.28
C7 NAG TC . 12.70 21.28 54.18
C8 NAG TC . 11.26 20.93 54.47
N2 NAG TC . 12.93 22.57 53.96
O3 NAG TC . 14.12 24.80 55.41
O4 NAG TC . 15.19 26.80 53.64
O5 NAG TC . 15.71 23.70 51.78
O6 NAG TC . 17.92 25.11 51.49
O7 NAG TC . 13.58 20.43 54.12
C1 MAN TC . 18.52 24.63 50.29
C2 MAN TC . 20.03 24.68 50.37
C3 MAN TC . 20.52 23.60 49.41
C4 MAN TC . 19.41 23.26 48.41
C5 MAN TC . 18.65 24.52 47.96
C6 MAN TC . 17.44 24.15 47.12
O2 MAN TC . 20.50 24.46 51.70
O3 MAN TC . 20.88 22.42 50.13
O4 MAN TC . 20.00 22.65 47.26
O5 MAN TC . 18.17 25.28 49.07
O6 MAN TC . 17.02 25.34 46.45
C1 NAG UC . -14.55 -46.41 42.13
C2 NAG UC . -15.52 -45.48 42.82
C3 NAG UC . -16.86 -46.18 42.96
C4 NAG UC . -17.35 -46.72 41.61
C5 NAG UC . -16.30 -47.63 40.98
C6 NAG UC . -16.69 -48.11 39.59
C7 NAG UC . -14.72 -45.74 45.21
C8 NAG UC . -14.28 -44.91 46.38
N2 NAG UC . -14.98 -45.03 44.10
O3 NAG UC . -17.77 -45.21 43.47
O4 NAG UC . -18.58 -47.44 41.80
O5 NAG UC . -15.04 -46.94 40.88
O6 NAG UC . -16.60 -47.03 38.65
O7 NAG UC . -14.83 -46.96 45.32
C1 NAG UC . -19.66 -46.68 41.25
C2 NAG UC . -20.74 -47.62 40.74
C3 NAG UC . -21.95 -46.84 40.24
C4 NAG UC . -22.41 -45.80 41.28
C5 NAG UC . -21.24 -44.92 41.73
C6 NAG UC . -21.65 -43.98 42.85
C7 NAG UC . -19.91 -49.78 39.96
C8 NAG UC . -19.42 -50.55 38.77
N2 NAG UC . -20.23 -48.50 39.73
O3 NAG UC . -23.01 -47.74 39.93
O4 NAG UC . -23.43 -45.00 40.68
O5 NAG UC . -20.18 -45.76 42.21
O6 NAG UC . -20.65 -43.96 43.88
O7 NAG UC . -20.01 -50.30 41.07
C1 MAN UC . -21.20 -44.38 45.14
C2 MAN UC . -20.37 -43.82 46.29
C3 MAN UC . -19.00 -44.49 46.36
C4 MAN UC . -19.10 -46.00 46.28
C5 MAN UC . -20.02 -46.44 45.15
C6 MAN UC . -20.19 -47.94 45.11
O2 MAN UC . -21.08 -44.08 47.51
O3 MAN UC . -18.32 -44.12 47.56
O4 MAN UC . -17.80 -46.56 46.09
O5 MAN UC . -21.30 -45.81 45.27
O6 MAN UC . -20.79 -48.32 43.87
C1 NAG VC . -13.03 -49.91 27.82
C2 NAG VC . -13.01 -50.58 29.18
C3 NAG VC . -13.84 -51.83 29.12
C4 NAG VC . -15.23 -51.58 28.51
C5 NAG VC . -15.10 -50.81 27.19
C6 NAG VC . -16.42 -50.36 26.59
C7 NAG VC . -11.23 -50.72 30.85
C8 NAG VC . -9.82 -51.13 31.12
N2 NAG VC . -11.65 -50.88 29.59
O3 NAG VC . -13.95 -52.35 30.45
O4 NAG VC . -15.88 -52.84 28.28
O5 NAG VC . -14.34 -49.62 27.37
O6 NAG VC . -16.15 -49.88 25.26
O7 NAG VC . -11.97 -50.28 31.72
C1 NAG VC . -17.00 -52.99 29.16
C2 NAG VC . -18.00 -53.95 28.51
C3 NAG VC . -19.21 -54.23 29.40
C4 NAG VC . -18.80 -54.50 30.85
C5 NAG VC . -17.75 -53.48 31.36
C6 NAG VC . -17.23 -53.79 32.78
C7 NAG VC . -18.00 -53.92 26.09
C8 NAG VC . -18.40 -53.17 24.87
N2 NAG VC . -18.43 -53.42 27.24
O3 NAG VC . -19.97 -55.33 28.87
O4 NAG VC . -19.97 -54.43 31.67
O5 NAG VC . -16.64 -53.46 30.45
O6 NAG VC . -16.15 -52.89 33.15
O7 NAG VC . -17.31 -54.92 26.04
C1 MAN VC . -15.61 -53.18 34.45
C2 MAN VC . -14.62 -52.07 34.84
C3 MAN VC . -13.23 -52.27 34.21
C4 MAN VC . -12.75 -53.71 34.34
C5 MAN VC . -13.81 -54.64 33.79
C6 MAN VC . -13.42 -56.11 33.87
O2 MAN VC . -14.48 -52.09 36.26
O3 MAN VC . -12.27 -51.41 34.84
O4 MAN VC . -11.52 -53.87 33.64
O5 MAN VC . -14.99 -54.48 34.57
O6 MAN VC . -14.54 -56.89 33.46
C1 NAG WC . -11.08 -63.45 32.99
C2 NAG WC . -11.29 -63.56 34.49
C3 NAG WC . -11.51 -65.03 34.86
C4 NAG WC . -12.54 -65.73 33.96
C5 NAG WC . -12.24 -65.48 32.48
C6 NAG WC . -13.30 -66.02 31.54
C7 NAG WC . -8.90 -63.37 35.31
C8 NAG WC . -8.05 -62.52 36.21
N2 NAG WC . -10.19 -62.98 35.24
O3 NAG WC . -11.90 -65.08 36.22
O4 NAG WC . -12.50 -67.12 34.29
O5 NAG WC . -12.13 -64.07 32.25
O6 NAG WC . -13.80 -64.97 30.70
O7 NAG WC . -8.41 -64.32 34.71
C1 NAG WC . -13.82 -67.59 34.62
C2 NAG WC . -13.92 -69.01 34.06
C3 NAG WC . -15.28 -69.56 34.44
C4 NAG WC . -15.42 -69.67 35.96
C5 NAG WC . -14.62 -68.62 36.77
C6 NAG WC . -13.41 -69.29 37.43
C7 NAG WC . -12.54 -69.39 32.09
C8 NAG WC . -12.53 -69.49 30.60
N2 NAG WC . -13.71 -69.05 32.64
O3 NAG WC . -15.45 -70.85 33.86
O4 NAG WC . -16.80 -69.54 36.30
O5 NAG WC . -14.18 -67.47 36.01
O6 NAG WC . -12.71 -68.43 38.33
O7 NAG WC . -11.53 -69.61 32.75
C1 MAN WC . -11.46 -67.90 37.84
C2 MAN WC . -10.43 -69.03 37.62
C3 MAN WC . -9.00 -68.60 37.96
C4 MAN WC . -8.88 -67.09 37.87
C5 MAN WC . -9.76 -66.51 38.98
C6 MAN WC . -9.61 -64.99 39.09
O2 MAN WC . -10.49 -69.49 36.26
O3 MAN WC . -8.03 -69.22 37.10
O4 MAN WC . -7.51 -66.68 38.04
O5 MAN WC . -11.13 -66.84 38.73
O6 MAN WC . -10.30 -64.39 37.99
C1 NAG XC . 4.15 -56.66 31.80
C2 NAG XC . 5.53 -57.21 32.20
C3 NAG XC . 5.58 -58.71 31.95
C4 NAG XC . 4.36 -59.46 32.53
C5 NAG XC . 3.06 -58.76 32.09
C6 NAG XC . 1.81 -59.33 32.75
C7 NAG XC . 6.95 -56.48 30.24
C8 NAG XC . 8.17 -55.67 29.93
N2 NAG XC . 6.64 -56.52 31.55
O3 NAG XC . 6.78 -59.23 32.52
O4 NAG XC . 4.43 -60.80 32.07
O5 NAG XC . 3.12 -57.38 32.44
O6 NAG XC . 1.12 -58.33 33.49
O7 NAG XC . 6.32 -57.05 29.35
C1 NAG XC . 4.34 -61.70 33.18
C2 NAG XC . 3.54 -62.90 32.70
C3 NAG XC . 3.47 -63.91 33.82
C4 NAG XC . 4.88 -64.44 34.14
C5 NAG XC . 6.03 -63.44 33.89
C6 NAG XC . 6.82 -63.85 32.65
C7 NAG XC . 1.90 -62.35 30.97
C8 NAG XC . 0.45 -62.08 30.69
N2 NAG XC . 2.21 -62.53 32.26
O3 NAG XC . 2.64 -65.01 33.45
O4 NAG XC . 4.90 -64.82 35.51
O5 NAG XC . 5.62 -62.06 33.77
O6 NAG XC . 7.99 -63.07 32.44
O7 NAG XC . 2.73 -62.42 30.06
C1 MAN XC . 7.91 -62.10 31.40
C2 MAN XC . 7.74 -62.76 30.02
C3 MAN XC . 8.47 -62.02 28.90
C4 MAN XC . 8.70 -60.57 29.29
C5 MAN XC . 9.66 -60.58 30.48
C6 MAN XC . 10.07 -59.17 30.90
O2 MAN XC . 6.34 -62.86 29.69
O3 MAN XC . 7.75 -62.07 27.65
O4 MAN XC . 9.23 -59.82 28.21
O5 MAN XC . 9.04 -61.24 31.60
O6 MAN XC . 8.98 -58.55 31.58
C1 NAG YC . -2.58 -54.34 48.16
C2 NAG YC . -3.80 -54.19 49.06
C3 NAG YC . -3.40 -54.63 50.47
C4 NAG YC . -2.71 -56.00 50.48
C5 NAG YC . -1.61 -56.11 49.40
C6 NAG YC . -1.07 -57.53 49.22
C7 NAG YC . -5.36 -52.41 48.47
C8 NAG YC . -5.79 -51.00 48.75
N2 NAG YC . -4.25 -52.81 49.08
O3 NAG YC . -4.58 -54.66 51.28
O4 NAG YC . -2.14 -56.19 51.78
O5 NAG YC . -2.13 -55.69 48.14
O6 NAG YC . -0.03 -57.50 48.23
O7 NAG YC . -6.00 -53.14 47.72
C1 NAG YC . -2.71 -57.34 52.38
C2 NAG YC . -1.93 -57.56 53.66
C3 NAG YC . -2.53 -58.70 54.45
C4 NAG YC . -4.05 -58.62 54.58
C5 NAG YC . -4.75 -58.26 53.27
C6 NAG YC . -6.19 -57.80 53.49
C7 NAG YC . 0.49 -57.25 53.96
C8 NAG YC . 1.83 -57.75 53.51
N2 NAG YC . -0.54 -57.84 53.34
O3 NAG YC . -1.93 -58.70 55.76
O4 NAG YC . -4.51 -59.91 55.00
O5 NAG YC . -4.11 -57.16 52.65
O6 NAG YC . -6.24 -56.58 54.26
O7 NAG YC . 0.35 -56.39 54.81
C1 MAN YC . -6.54 -55.34 53.70
C2 MAN YC . -6.55 -54.61 55.02
C3 MAN YC . -7.20 -53.26 54.83
C4 MAN YC . -7.21 -52.88 53.36
C5 MAN YC . -7.97 -53.89 52.50
C6 MAN YC . -7.53 -53.79 51.04
O2 MAN YC . -5.19 -54.55 55.49
O3 MAN YC . -6.46 -52.28 55.56
O4 MAN YC . -7.81 -51.59 53.21
O5 MAN YC . -7.77 -55.21 52.97
O6 MAN YC . -8.61 -53.40 50.20
C1 NAG ZC . -14.89 -52.02 14.97
C2 NAG ZC . -15.50 -52.08 16.36
C3 NAG ZC . -16.24 -53.39 16.53
C4 NAG ZC . -17.16 -53.68 15.33
C5 NAG ZC . -16.49 -53.45 13.97
C6 NAG ZC . -17.47 -53.48 12.80
C7 NAG ZC . -13.47 -52.62 17.80
C8 NAG ZC . -12.70 -52.07 18.96
N2 NAG ZC . -14.49 -51.85 17.39
O3 NAG ZC . -16.98 -53.27 17.73
O4 NAG ZC . -17.60 -55.04 15.44
O5 NAG ZC . -15.85 -52.16 13.94
O6 NAG ZC . -17.88 -52.15 12.46
O7 NAG ZC . -13.15 -53.68 17.27
C1 NAG ZC . -18.90 -55.09 16.02
C2 NAG ZC . -19.56 -56.41 15.57
C3 NAG ZC . -20.89 -56.60 16.27
C4 NAG ZC . -20.83 -56.33 17.77
C5 NAG ZC . -20.20 -54.96 18.01
C6 NAG ZC . -20.09 -54.60 19.49
C7 NAG ZC . -18.82 -56.64 13.22
C8 NAG ZC . -19.31 -56.55 11.80
N2 NAG ZC . -19.77 -56.40 14.14
O3 NAG ZC . -21.35 -57.94 16.03
O4 NAG ZC . -22.15 -56.37 18.32
O5 NAG ZC . -18.88 -54.97 17.45
O6 NAG ZC . -18.93 -55.19 20.08
O7 NAG ZC . -17.67 -56.89 13.51
C1 MAN ZC . -17.98 -54.23 20.55
C2 MAN ZC . -17.30 -54.71 21.81
C3 MAN ZC . -15.95 -54.00 21.82
C4 MAN ZC . -16.00 -52.77 20.92
C5 MAN ZC . -17.33 -52.03 21.04
C6 MAN ZC . -17.45 -50.94 20.01
O2 MAN ZC . -17.15 -56.13 21.83
O3 MAN ZC . -14.91 -54.88 21.36
O4 MAN ZC . -14.95 -51.88 21.30
O5 MAN ZC . -18.45 -52.91 20.84
O6 MAN ZC . -18.51 -50.08 20.40
C1 NAG AD . 27.47 -43.15 -42.86
C2 NAG AD . 26.05 -43.46 -43.30
C3 NAG AD . 25.95 -43.29 -44.81
C4 NAG AD . 26.45 -41.92 -45.24
C5 NAG AD . 27.87 -41.67 -44.74
C6 NAG AD . 28.38 -40.27 -45.06
C7 NAG AD . 26.16 -46.01 -43.23
C8 NAG AD . 25.43 -47.17 -42.64
N2 NAG AD . 25.68 -44.80 -42.85
O3 NAG AD . 24.57 -43.46 -45.13
O4 NAG AD . 26.41 -41.82 -46.67
O5 NAG AD . 27.93 -41.86 -43.31
O6 NAG AD . 27.70 -39.31 -44.24
O7 NAG AD . 27.11 -46.18 -43.98
C1 NAG AD . 25.35 -40.94 -47.05
C2 NAG AD . 25.71 -40.24 -48.37
C3 NAG AD . 24.57 -39.36 -48.84
C4 NAG AD . 23.25 -40.14 -48.86
C5 NAG AD . 22.99 -40.82 -47.52
C6 NAG AD . 21.75 -41.71 -47.56
C7 NAG AD . 28.11 -39.89 -48.67
C8 NAG AD . 29.27 -38.95 -48.45
N2 NAG AD . 26.93 -39.47 -48.21
O3 NAG AD . 24.88 -38.85 -50.14
O4 NAG AD . 22.20 -39.22 -49.17
O5 NAG AD . 24.11 -41.64 -47.18
O6 NAG AD . 22.02 -42.97 -46.92
O7 NAG AD . 28.27 -40.97 -49.24
C1 MAN AD . 21.83 -44.07 -47.84
C2 MAN AD . 21.51 -45.34 -47.07
C3 MAN AD . 22.74 -45.83 -46.31
C4 MAN AD . 23.99 -45.86 -47.19
C5 MAN AD . 24.15 -44.56 -47.97
C6 MAN AD . 25.34 -44.60 -48.90
O2 MAN AD . 21.13 -46.34 -48.02
O3 MAN AD . 22.51 -47.13 -45.77
O4 MAN AD . 25.13 -46.08 -46.37
O5 MAN AD . 22.96 -44.28 -48.70
O6 MAN AD . 25.62 -43.28 -49.36
C1 NAG BD . 34.15 -30.10 -40.75
C2 NAG BD . 34.43 -31.46 -41.35
C3 NAG BD . 35.10 -31.28 -42.70
C4 NAG BD . 34.33 -30.30 -43.60
C5 NAG BD . 34.02 -29.00 -42.84
C6 NAG BD . 33.11 -28.04 -43.57
C7 NAG BD . 35.08 -33.55 -40.29
C8 NAG BD . 36.07 -34.23 -39.38
N2 NAG BD . 35.28 -32.25 -40.47
O3 NAG BD . 35.20 -32.56 -43.31
O4 NAG BD . 35.12 -30.01 -44.75
O5 NAG BD . 33.35 -29.30 -41.62
O6 NAG BD . 33.11 -26.81 -42.85
O7 NAG BD . 34.17 -34.15 -40.82
C1 NAG BD . 34.52 -30.56 -45.94
C2 NAG BD . 34.98 -29.74 -47.14
C3 NAG BD . 34.43 -30.29 -48.46
C4 NAG BD . 34.55 -31.82 -48.53
C5 NAG BD . 34.11 -32.51 -47.23
C6 NAG BD . 34.31 -34.03 -47.22
C7 NAG BD . 35.45 -27.42 -46.66
C8 NAG BD . 34.86 -26.08 -46.37
N2 NAG BD . 34.57 -28.37 -46.99
O3 NAG BD . 35.09 -29.67 -49.56
O4 NAG BD . 33.76 -32.29 -49.62
O5 NAG BD . 34.82 -31.94 -46.13
O6 NAG BD . 34.02 -34.62 -45.93
O7 NAG BD . 36.65 -27.64 -46.62
C1 MAN BD . 34.26 -36.04 -45.88
C2 MAN BD . 33.73 -36.59 -44.54
C3 MAN BD . 34.71 -36.37 -43.38
C4 MAN BD . 36.14 -36.75 -43.77
C5 MAN BD . 36.51 -36.00 -45.03
C6 MAN BD . 37.92 -36.30 -45.50
O2 MAN BD . 33.50 -37.99 -44.70
O3 MAN BD . 34.32 -37.16 -42.25
O4 MAN BD . 37.02 -36.43 -42.70
O5 MAN BD . 35.63 -36.41 -46.08
O6 MAN BD . 38.12 -35.67 -46.77
C1 NAG CD . 45.48 -36.66 -47.28
C2 NAG CD . 45.15 -38.06 -47.80
C3 NAG CD . 46.21 -38.47 -48.83
C4 NAG CD . 46.47 -37.39 -49.88
C5 NAG CD . 46.72 -36.02 -49.21
C6 NAG CD . 46.85 -34.88 -50.20
C7 NAG CD . 45.99 -39.48 -45.87
C8 NAG CD . 45.51 -40.50 -44.89
N2 NAG CD . 45.05 -39.03 -46.71
O3 NAG CD . 45.76 -39.68 -49.43
O4 NAG CD . 47.59 -37.82 -50.65
O5 NAG CD . 45.63 -35.73 -48.34
O6 NAG CD . 45.89 -33.86 -49.90
O7 NAG CD . 47.16 -39.11 -45.86
C1 NAG CD . 47.27 -37.82 -52.04
C2 NAG CD . 48.53 -37.37 -52.77
C3 NAG CD . 48.26 -37.42 -54.26
C4 NAG CD . 47.96 -38.85 -54.72
C5 NAG CD . 47.30 -39.76 -53.66
C6 NAG CD . 48.33 -40.77 -53.14
C7 NAG CD . 49.95 -35.89 -51.46
C8 NAG CD . 50.36 -34.47 -51.23
N2 NAG CD . 48.97 -36.07 -52.35
O3 NAG CD . 49.39 -36.91 -54.98
O4 NAG CD . 47.10 -38.77 -55.86
O5 NAG CD . 46.70 -39.05 -52.54
O6 NAG CD . 47.76 -41.75 -52.26
O7 NAG CD . 50.50 -36.81 -50.87
C1 MAN CD . 48.03 -41.56 -50.87
C2 MAN CD . 49.54 -41.74 -50.57
C3 MAN CD . 49.81 -42.41 -49.23
C4 MAN CD . 48.61 -42.24 -48.31
C5 MAN CD . 47.46 -43.02 -48.93
C6 MAN CD . 46.22 -43.04 -48.03
O2 MAN CD . 50.18 -40.45 -50.60
O3 MAN CD . 50.99 -41.90 -48.60
O4 MAN CD . 48.91 -42.73 -47.00
O5 MAN CD . 47.10 -42.45 -50.20
O6 MAN CD . 45.61 -41.76 -48.08
C1 NAG DD . 47.49 -39.09 -30.85
C2 NAG DD . 48.55 -39.89 -30.08
C3 NAG DD . 49.89 -39.79 -30.79
C4 NAG DD . 49.79 -40.07 -32.30
C5 NAG DD . 48.65 -39.25 -32.93
C6 NAG DD . 48.39 -39.59 -34.40
C7 NAG DD . 49.05 -38.32 -28.17
C8 NAG DD . 49.04 -38.27 -26.66
N2 NAG DD . 48.64 -39.49 -28.68
O3 NAG DD . 50.79 -40.70 -30.18
O4 NAG DD . 51.06 -39.76 -32.88
O5 NAG DD . 47.45 -39.49 -32.21
O6 NAG DD . 47.04 -40.04 -34.57
O7 NAG DD . 49.40 -37.34 -28.82
C1 NAG DD . 51.55 -40.87 -33.63
C2 NAG DD . 52.27 -40.29 -34.84
C3 NAG DD . 52.86 -41.43 -35.64
C4 NAG DD . 53.92 -42.16 -34.82
C5 NAG DD . 53.70 -42.15 -33.29
C6 NAG DD . 54.70 -41.20 -32.62
C7 NAG DD . 51.36 -38.15 -35.57
C8 NAG DD . 50.46 -37.47 -36.57
N2 NAG DD . 51.39 -39.48 -35.66
O3 NAG DD . 53.44 -40.93 -36.84
O4 NAG DD . 53.97 -43.51 -35.25
O5 NAG DD . 52.36 -41.81 -32.87
O6 NAG DD . 54.66 -41.26 -31.19
O7 NAG DD . 52.00 -37.51 -34.76
C1 MAN DD . 54.01 -40.15 -30.55
C2 MAN DD . 54.77 -38.83 -30.79
C3 MAN DD . 54.74 -37.90 -29.58
C4 MAN DD . 53.55 -38.22 -28.70
C5 MAN DD . 53.77 -39.62 -28.14
C6 MAN DD . 52.71 -40.02 -27.12
O2 MAN DD . 54.24 -38.16 -31.93
O3 MAN DD . 54.69 -36.51 -29.96
O4 MAN DD . 53.42 -37.27 -27.64
O5 MAN DD . 53.81 -40.59 -29.19
O6 MAN DD . 51.50 -40.33 -27.84
C1 NAG ED . 38.78 -52.80 -38.28
C2 NAG ED . 37.87 -53.33 -39.38
C3 NAG ED . 38.14 -54.81 -39.56
C4 NAG ED . 39.65 -55.12 -39.71
C5 NAG ED . 40.50 -54.40 -38.65
C6 NAG ED . 41.99 -54.48 -38.92
C7 NAG ED . 35.71 -52.19 -39.63
C8 NAG ED . 34.25 -52.24 -39.28
N2 NAG ED . 36.47 -53.12 -39.03
O3 NAG ED . 37.43 -55.28 -40.70
O4 NAG ED . 39.81 -56.54 -39.58
O5 NAG ED . 40.15 -53.01 -38.63
O6 NAG ED . 42.69 -53.82 -37.87
O7 NAG ED . 36.17 -51.37 -40.40
C1 NAG ED . 40.37 -57.05 -40.79
C2 NAG ED . 40.68 -58.50 -40.49
C3 NAG ED . 41.19 -59.20 -41.75
C4 NAG ED . 40.35 -58.90 -42.98
C5 NAG ED . 39.96 -57.43 -43.12
C6 NAG ED . 38.83 -57.20 -44.12
C7 NAG ED . 41.54 -59.42 -38.39
C8 NAG ED . 42.72 -59.41 -37.46
N2 NAG ED . 41.66 -58.61 -39.43
O3 NAG ED . 41.20 -60.61 -41.51
O4 NAG ED . 41.12 -59.28 -44.12
O5 NAG ED . 39.48 -56.92 -41.88
O6 NAG ED . 37.62 -57.83 -43.68
O7 NAG ED . 40.57 -60.14 -38.21
C1 MAN ED . 36.54 -57.11 -43.15
C2 MAN ED . 35.64 -58.32 -43.05
C3 MAN ED . 34.21 -57.87 -42.84
C4 MAN ED . 34.19 -56.43 -42.35
C5 MAN ED . 34.85 -55.46 -43.35
C6 MAN ED . 35.28 -54.19 -42.64
O2 MAN ED . 36.15 -59.16 -41.99
O3 MAN ED . 33.58 -58.71 -41.87
O4 MAN ED . 32.84 -56.03 -42.13
O5 MAN ED . 35.98 -56.07 -43.96
O6 MAN ED . 34.59 -53.05 -43.16
C1 NAG FD . 37.68 -17.43 -40.99
C2 NAG FD . 37.14 -18.60 -41.78
C3 NAG FD . 37.86 -18.67 -43.12
C4 NAG FD . 37.90 -17.31 -43.83
C5 NAG FD . 38.31 -16.15 -42.88
C6 NAG FD . 38.10 -14.77 -43.50
C7 NAG FD . 38.30 -20.58 -40.66
C8 NAG FD . 37.98 -21.85 -39.96
N2 NAG FD . 37.23 -19.86 -41.03
O3 NAG FD . 37.15 -19.62 -43.90
O4 NAG FD . 38.82 -17.39 -44.92
O5 NAG FD . 37.55 -16.19 -41.67
O6 NAG FD . 36.84 -14.23 -43.07
O7 NAG FD . 39.47 -20.25 -40.86
C1 NAG FD . 38.10 -17.61 -46.14
C2 NAG FD . 38.99 -17.11 -47.28
C3 NAG FD . 38.35 -17.44 -48.63
C4 NAG FD . 37.84 -18.88 -48.71
C5 NAG FD . 36.93 -19.17 -47.51
C6 NAG FD . 36.37 -20.58 -47.51
C7 NAG FD . 40.03 -15.06 -46.37
C8 NAG FD . 40.01 -13.57 -46.45
N2 NAG FD . 39.17 -15.68 -47.19
O3 NAG FD . 39.30 -17.19 -49.66
O4 NAG FD . 37.11 -19.05 -49.93
O5 NAG FD . 37.70 -18.97 -46.33
O6 NAG FD . 37.32 -21.50 -46.97
O7 NAG FD . 40.75 -15.68 -45.58
C1 MAN FD . 36.88 -22.14 -45.77
C2 MAN FD . 37.36 -23.57 -45.70
C3 MAN FD . 37.43 -23.88 -44.21
C4 MAN FD . 36.55 -22.91 -43.43
C5 MAN FD . 35.24 -22.60 -44.17
C6 MAN FD . 34.47 -21.49 -43.49
O2 MAN FD . 38.63 -23.75 -46.32
O3 MAN FD . 38.77 -23.79 -43.74
O4 MAN FD . 36.22 -23.49 -42.16
O5 MAN FD . 35.47 -22.18 -45.52
O6 MAN FD . 33.14 -21.52 -44.00
C1 NAG GD . 63.13 27.33 9.64
C2 NAG GD . 62.80 28.10 8.39
C3 NAG GD . 62.91 29.58 8.68
C4 NAG GD . 62.09 29.98 9.91
C5 NAG GD . 62.47 29.12 11.11
C6 NAG GD . 61.61 29.41 12.33
C7 NAG GD . 64.98 27.81 7.12
C8 NAG GD . 65.48 27.35 5.79
N2 NAG GD . 63.66 27.67 7.28
O3 NAG GD . 62.45 30.26 7.52
O4 NAG GD . 62.29 31.36 10.19
O5 NAG GD . 62.36 27.74 10.79
O6 NAG GD . 60.30 28.88 12.13
O7 NAG GD . 65.75 28.26 7.96
C1 NAG GD . 61.10 32.10 9.85
C2 NAG GD . 60.96 33.30 10.78
C3 NAG GD . 59.75 34.14 10.38
C4 NAG GD . 59.77 34.46 8.88
C5 NAG GD . 59.93 33.19 8.06
C6 NAG GD . 60.09 33.50 6.57
C7 NAG GD . 61.92 32.98 13.01
C8 NAG GD . 61.64 32.53 14.40
N2 NAG GD . 60.88 32.88 12.17
O3 NAG GD . 59.74 35.35 11.15
O4 NAG GD . 58.54 35.12 8.56
O5 NAG GD . 61.11 32.50 8.48
O6 NAG GD . 61.15 32.72 6.00
O7 NAG GD . 63.02 33.40 12.67
C1 MAN GD . 62.17 33.56 5.44
C2 MAN GD . 62.93 32.81 4.36
C3 MAN GD . 63.79 31.70 4.97
C4 MAN GD . 64.62 32.21 6.15
C5 MAN GD . 63.75 33.01 7.12
C6 MAN GD . 64.57 33.58 8.25
O2 MAN GD . 63.79 33.74 3.69
O3 MAN GD . 64.65 31.13 3.99
O4 MAN GD . 65.19 31.09 6.83
O5 MAN GD . 63.08 34.07 6.43
O6 MAN GD . 63.70 34.05 9.27
C1 NAG HD . 54.97 24.55 21.67
C2 NAG HD . 56.38 24.94 21.30
C3 NAG HD . 56.84 26.07 22.20
C4 NAG HD . 55.82 27.22 22.24
C5 NAG HD . 54.41 26.68 22.54
C6 NAG HD . 53.30 27.71 22.43
C7 NAG HD . 58.25 23.57 20.54
C8 NAG HD . 59.10 22.38 20.82
N2 NAG HD . 57.28 23.81 21.42
O3 NAG HD . 58.10 26.53 21.73
O4 NAG HD . 56.20 28.14 23.28
O5 NAG HD . 54.08 25.67 21.60
O6 NAG HD . 52.11 27.11 22.95
O7 NAG HD . 58.41 24.29 19.56
C1 NAG HD . 56.61 29.39 22.72
C2 NAG HD . 56.41 30.49 23.76
C3 NAG HD . 56.89 31.85 23.27
C4 NAG HD . 58.26 31.77 22.57
C5 NAG HD . 58.34 30.58 21.59
C6 NAG HD . 59.73 30.40 20.97
C7 NAG HD . 54.58 30.09 25.27
C8 NAG HD . 53.09 30.06 25.45
N2 NAG HD . 55.02 30.56 24.12
O3 NAG HD . 56.92 32.79 24.36
O4 NAG HD . 58.47 33.00 21.88
O5 NAG HD . 57.98 29.38 22.28
O6 NAG HD . 59.80 29.20 20.17
O7 NAG HD . 55.34 29.70 26.14
C1 MAN HD . 61.11 28.96 19.60
C2 MAN HD . 61.04 27.79 18.61
C3 MAN HD . 61.09 26.42 19.31
C4 MAN HD . 62.18 26.37 20.37
C5 MAN HD . 62.01 27.54 21.32
C6 MAN HD . 63.06 27.58 22.42
O2 MAN HD . 62.14 27.89 17.72
O3 MAN HD . 61.33 25.38 18.36
O4 MAN HD . 62.13 25.13 21.07
O5 MAN HD . 62.15 28.75 20.57
O6 MAN HD . 62.87 28.78 23.16
C1 NAG ID . 67.45 27.23 28.80
C2 NAG ID . 68.58 27.70 27.89
C3 NAG ID . 69.66 28.37 28.74
C4 NAG ID . 69.10 29.40 29.72
C5 NAG ID . 67.93 28.80 30.53
C6 NAG ID . 67.23 29.81 31.42
C7 NAG ID . 69.79 25.51 27.47
C8 NAG ID . 70.22 24.62 26.34
N2 NAG ID . 69.13 26.62 27.08
O3 NAG ID . 70.60 28.98 27.86
O4 NAG ID . 70.18 29.80 30.58
O5 NAG ID . 66.96 28.28 29.63
O6 NAG ID . 65.83 29.85 31.13
O7 NAG ID . 70.06 25.22 28.64
C1 NAG ID . 70.31 31.22 30.57
C2 NAG ID . 70.71 31.62 31.99
C3 NAG ID . 70.92 33.12 32.02
C4 NAG ID . 72.07 33.52 31.11
C5 NAG ID . 72.30 32.61 29.89
C6 NAG ID . 73.55 31.75 30.09
C7 NAG ID . 69.88 30.10 33.70
C8 NAG ID . 68.82 29.88 34.75
N2 NAG ID . 69.73 31.21 32.97
O3 NAG ID . 71.20 33.55 33.36
O4 NAG ID . 71.84 34.85 30.64
O5 NAG ID . 71.18 31.76 29.55
O6 NAG ID . 73.91 30.99 28.93
O7 NAG ID . 70.81 29.31 33.55
C1 MAN ID . 73.61 29.60 29.00
C2 MAN ID . 74.42 28.89 30.10
C3 MAN ID . 74.86 27.47 29.71
C4 MAN ID . 73.93 26.92 28.64
C5 MAN ID . 74.14 27.78 27.39
C6 MAN ID . 73.37 27.24 26.19
O2 MAN ID . 73.66 28.85 31.32
O3 MAN ID . 74.86 26.59 30.85
O4 MAN ID . 74.22 25.54 28.37
O5 MAN ID . 73.76 29.14 27.65
O6 MAN ID . 71.99 27.56 26.36
C1 NAG JD . 67.07 10.73 26.09
C2 NAG JD . 68.10 9.64 26.39
C3 NAG JD . 68.83 9.97 27.69
C4 NAG JD . 69.33 11.41 27.75
C5 NAG JD . 68.21 12.40 27.36
C6 NAG JD . 68.68 13.84 27.24
C7 NAG JD . 66.62 7.79 27.30
C8 NAG JD . 66.25 6.37 27.04
N2 NAG JD . 67.51 8.30 26.43
O3 NAG JD . 69.91 9.05 27.85
O4 NAG JD . 69.80 11.65 29.08
O5 NAG JD . 67.66 12.02 26.10
O6 NAG JD . 68.42 14.34 25.92
O7 NAG JD . 66.11 8.41 28.23
C1 NAG JD . 71.15 12.15 29.04
C2 NAG JD . 71.25 13.17 30.17
C3 NAG JD . 72.69 13.68 30.20
C4 NAG JD . 73.65 12.54 30.54
C5 NAG JD . 73.22 11.15 30.08
C6 NAG JD . 72.77 10.32 31.28
C7 NAG JD . 69.16 14.30 30.68
C8 NAG JD . 68.35 15.55 30.48
N2 NAG JD . 70.32 14.25 30.02
O3 NAG JD . 72.80 14.72 31.18
O4 NAG JD . 74.91 12.86 29.94
O5 NAG JD . 72.19 11.14 29.07
O6 NAG JD . 72.49 8.95 30.94
O7 NAG JD . 68.77 13.38 31.40
C1 MAN JD . 71.11 8.59 30.87
C2 MAN JD . 70.42 8.71 32.25
C3 MAN JD . 69.36 7.64 32.49
C4 MAN JD . 68.87 7.10 31.16
C5 MAN JD . 70.04 6.38 30.50
C6 MAN JD . 69.65 5.66 29.21
O2 MAN JD . 69.83 10.02 32.37
O3 MAN JD . 68.25 8.14 33.25
O4 MAN JD . 67.78 6.19 31.37
O5 MAN JD . 71.09 7.32 30.21
O6 MAN JD . 69.46 6.64 28.19
C1 NAG KD . 75.91 19.12 13.02
C2 NAG KD . 76.14 20.37 12.20
C3 NAG KD . 77.56 20.34 11.67
C4 NAG KD . 78.60 20.06 12.78
C5 NAG KD . 78.19 18.88 13.67
C6 NAG KD . 79.05 18.73 14.92
C7 NAG KD . 74.17 21.27 11.06
C8 NAG KD . 73.42 21.33 9.76
N2 NAG KD . 75.20 20.43 11.09
O3 NAG KD . 77.84 21.60 11.05
O4 NAG KD . 79.84 19.78 12.15
O5 NAG KD . 76.84 19.05 14.11
O6 NAG KD . 78.61 17.58 15.65
O7 NAG KD . 73.85 21.96 12.02
C1 NAG KD . 80.81 20.74 12.55
C2 NAG KD . 82.13 20.25 11.98
C3 NAG KD . 83.22 21.26 12.28
C4 NAG KD . 82.81 22.71 11.97
C5 NAG KD . 81.41 23.06 12.46
C6 NAG KD . 80.87 24.34 11.84
C7 NAG KD . 82.89 17.93 11.82
C8 NAG KD . 83.25 16.72 12.63
N2 NAG KD . 82.47 18.97 12.55
O3 NAG KD . 84.37 20.92 11.49
O4 NAG KD . 83.76 23.56 12.62
O5 NAG KD . 80.49 22.05 12.10
O6 NAG KD . 80.71 24.20 10.42
O7 NAG KD . 82.97 17.97 10.60
C1 MAN KD . 79.47 24.05 9.80
C2 MAN KD . 80.03 24.09 8.40
C3 MAN KD . 78.90 24.31 7.43
C4 MAN KD . 77.57 23.96 8.07
C5 MAN KD . 77.27 24.80 9.31
C6 MAN KD . 76.26 24.12 10.21
O2 MAN KD . 80.76 22.86 8.18
O3 MAN KD . 79.10 23.48 6.28
O4 MAN KD . 76.52 24.14 7.12
O5 MAN KD . 78.48 25.05 10.04
O6 MAN KD . 75.08 24.90 10.34
C1 NAG LD . 46.05 24.85 31.35
C2 NAG LD . 46.95 25.66 30.43
C3 NAG LD . 47.63 26.74 31.24
C4 NAG LD . 46.64 27.52 32.12
C5 NAG LD . 45.68 26.60 32.89
C6 NAG LD . 44.53 27.34 33.56
C7 NAG LD . 48.95 24.12 30.14
C8 NAG LD . 49.73 23.42 29.06
N2 NAG LD . 47.89 24.80 29.70
O3 NAG LD . 48.24 27.61 30.29
O4 NAG LD . 47.40 28.30 33.04
O5 NAG LD . 45.08 25.64 32.01
O6 NAG LD . 43.37 27.33 32.73
O7 NAG LD . 49.28 24.01 31.31
C1 NAG LD . 47.49 29.66 32.56
C2 NAG LD . 47.74 30.56 33.77
C3 NAG LD . 47.98 31.99 33.34
C4 NAG LD . 48.96 32.09 32.16
C5 NAG LD . 48.51 31.16 31.03
C6 NAG LD . 49.43 31.20 29.82
C7 NAG LD . 46.34 29.55 35.56
C8 NAG LD . 45.08 29.76 36.35
N2 NAG LD . 46.60 30.52 34.67
O3 NAG LD . 48.46 32.75 34.45
O4 NAG LD . 49.00 33.44 31.70
O5 NAG LD . 48.48 29.84 31.55
O6 NAG LD . 50.56 30.35 30.02
O7 NAG LD . 47.04 28.56 35.67
C1 MAN LD . 50.64 29.28 29.09
C2 MAN LD . 52.06 28.95 28.72
C3 MAN LD . 52.05 27.49 28.32
C4 MAN LD . 50.63 27.05 27.97
C5 MAN LD . 49.89 28.14 27.19
C6 MAN LD . 48.42 27.77 27.01
O2 MAN LD . 52.97 29.21 29.78
O3 MAN LD . 52.54 26.68 29.40
O4 MAN LD . 50.70 25.87 27.16
O5 MAN LD . 49.92 29.40 27.86
O6 MAN LD . 47.90 28.62 25.98
C1 NAG MD . 10.20 -27.02 66.54
C2 NAG MD . 9.64 -25.66 66.91
C3 NAG MD . 8.39 -25.85 67.75
C4 NAG MD . 7.39 -26.78 67.04
C5 NAG MD . 8.04 -28.11 66.68
C6 NAG MD . 7.13 -29.02 65.88
C7 NAG MD . 11.23 -25.05 68.80
C8 NAG MD . 12.14 -23.94 69.22
N2 NAG MD . 10.65 -24.86 67.60
O3 NAG MD . 7.82 -24.56 67.94
O4 NAG MD . 6.25 -27.00 67.89
O5 NAG MD . 9.24 -27.87 65.91
O6 NAG MD . 6.97 -28.52 64.55
O7 NAG MD . 11.05 -26.03 69.52
C1 NAG MD . 5.12 -26.30 67.35
C2 NAG MD . 3.84 -27.05 67.71
C3 NAG MD . 2.61 -26.28 67.23
C4 NAG MD . 2.67 -24.82 67.70
C5 NAG MD . 4.00 -24.17 67.31
C6 NAG MD . 4.12 -22.77 67.89
C7 NAG MD . 4.12 -29.47 67.91
C8 NAG MD . 4.07 -30.78 67.18
N2 NAG MD . 3.87 -28.39 67.16
O3 NAG MD . 1.43 -26.91 67.72
O4 NAG MD . 1.58 -24.12 67.08
O5 NAG MD . 5.07 -24.95 67.83
O6 NAG MD . 5.42 -22.56 68.46
O7 NAG MD . 4.39 -29.41 69.10
C1 MAN MD . 5.32 -22.24 69.85
C2 MAN MD . 6.56 -21.46 70.28
C3 MAN MD . 7.80 -22.37 70.26
C4 MAN MD . 7.54 -23.68 71.01
C5 MAN MD . 6.23 -24.32 70.55
C6 MAN MD . 5.92 -25.59 71.31
O2 MAN MD . 6.37 -20.99 71.61
O3 MAN MD . 8.91 -21.70 70.84
O4 MAN MD . 8.62 -24.58 70.78
O5 MAN MD . 5.16 -23.38 70.69
O6 MAN MD . 4.88 -26.29 70.65
C1 NAG ND . 6.01 -36.58 56.06
C2 NAG ND . 6.46 -36.58 57.52
C3 NAG ND . 5.54 -37.48 58.33
C4 NAG ND . 4.06 -37.16 58.07
C5 NAG ND . 3.76 -37.09 56.57
C6 NAG ND . 2.37 -36.60 56.22
C7 NAG ND . 8.69 -36.44 58.48
C8 NAG ND . 10.07 -37.03 58.51
N2 NAG ND . 7.83 -37.02 57.63
O3 NAG ND . 5.88 -37.32 59.70
O4 NAG ND . 3.25 -38.17 58.68
O5 NAG ND . 4.65 -36.18 55.93
O6 NAG ND . 2.18 -36.83 54.81
O7 NAG ND . 8.37 -35.49 59.17
C1 NAG ND . 2.52 -37.64 59.80
C2 NAG ND . 1.27 -38.50 60.01
C3 NAG ND . 0.46 -38.04 61.21
C4 NAG ND . 1.34 -37.76 62.44
C5 NAG ND . 2.60 -36.93 62.06
C6 NAG ND . 3.56 -36.72 63.23
C7 NAG ND . 0.40 -39.50 57.99
C8 NAG ND . -0.35 -39.26 56.72
N2 NAG ND . 0.45 -38.46 58.82
O3 NAG ND . -0.55 -39.03 61.52
O4 NAG ND . 0.57 -37.06 63.39
O5 NAG ND . 3.29 -37.59 60.99
O6 NAG ND . 4.79 -36.08 62.81
O7 NAG ND . 0.92 -40.56 58.25
C1 MAN ND . 5.74 -35.90 63.88
C2 MAN ND . 6.91 -35.03 63.37
C3 MAN ND . 7.94 -35.82 62.57
C4 MAN ND . 8.30 -37.14 63.25
C5 MAN ND . 7.03 -37.91 63.55
C6 MAN ND . 7.29 -39.23 64.21
O2 MAN ND . 7.54 -34.46 64.52
O3 MAN ND . 9.13 -35.04 62.39
O4 MAN ND . 9.18 -37.88 62.42
O5 MAN ND . 6.23 -37.12 64.44
O6 MAN ND . 6.03 -39.81 64.56
C1 NAG OD . 8.41 -46.58 66.46
C2 NAG OD . 8.77 -45.96 67.82
C3 NAG OD . 8.56 -47.02 68.91
C4 NAG OD . 7.20 -47.74 68.80
C5 NAG OD . 6.97 -48.25 67.36
C6 NAG OD . 5.58 -48.83 67.15
C7 NAG OD . 11.29 -46.07 67.74
C8 NAG OD . 12.49 -45.17 67.84
N2 NAG OD . 10.12 -45.42 67.85
O3 NAG OD . 8.69 -46.37 70.17
O4 NAG OD . 7.22 -48.80 69.74
O5 NAG OD . 7.11 -47.15 66.46
O6 NAG OD . 4.93 -48.17 66.07
O7 NAG OD . 11.43 -47.27 67.59
C1 NAG OD . 6.08 -48.72 70.61
C2 NAG OD . 5.65 -50.15 70.88
C3 NAG OD . 4.47 -50.12 71.84
C4 NAG OD . 4.89 -49.52 73.19
C5 NAG OD . 6.03 -48.49 73.12
C6 NAG OD . 7.33 -49.09 73.66
C7 NAG OD . 6.17 -51.70 69.07
C8 NAG OD . 5.61 -52.44 67.89
N2 NAG OD . 5.31 -50.87 69.67
O3 NAG OD . 3.97 -51.44 72.04
O4 NAG OD . 3.75 -48.91 73.77
O5 NAG OD . 6.26 -47.93 71.81
O6 NAG OD . 8.39 -48.14 73.78
O7 NAG OD . 7.32 -51.87 69.45
C1 MAN OD . 9.41 -48.22 72.77
C2 MAN OD . 10.18 -49.56 72.87
C3 MAN OD . 11.67 -49.42 72.54
C4 MAN OD . 11.90 -48.18 71.70
C5 MAN OD . 11.55 -46.98 72.56
C6 MAN OD . 11.86 -45.65 71.87
O2 MAN OD . 9.57 -50.53 71.99
O3 MAN OD . 12.18 -50.58 71.88
O4 MAN OD . 13.26 -48.12 71.26
O5 MAN OD . 10.15 -47.01 72.90
O6 MAN OD . 10.88 -45.43 70.85
C1 NAG PD . 22.74 -45.19 57.92
C2 NAG PD . 24.10 -45.85 58.14
C3 NAG PD . 23.91 -47.27 58.69
C4 NAG PD . 22.92 -47.33 59.85
C5 NAG PD . 21.62 -46.59 59.50
C6 NAG PD . 20.65 -46.48 60.68
C7 NAG PD . 24.75 -46.45 55.77
C8 NAG PD . 25.84 -46.22 54.77
N2 NAG PD . 24.94 -45.83 56.96
O3 NAG PD . 25.17 -47.77 59.07
O4 NAG PD . 22.68 -48.72 60.11
O5 NAG PD . 21.94 -45.26 59.09
O6 NAG PD . 20.38 -45.10 60.99
O7 NAG PD . 23.79 -47.16 55.50
C1 NAG PD . 22.92 -49.00 61.50
C2 NAG PD . 21.89 -50.03 61.92
C3 NAG PD . 22.14 -50.41 63.35
C4 NAG PD . 23.51 -51.09 63.51
C5 NAG PD . 24.57 -50.64 62.49
C6 NAG PD . 24.81 -51.73 61.45
C7 NAG PD . 19.79 -49.88 60.67
C8 NAG PD . 18.38 -49.38 60.71
N2 NAG PD . 20.53 -49.55 61.74
O3 NAG PD . 21.12 -51.29 63.83
O4 NAG PD . 24.00 -50.83 64.82
O5 NAG PD . 24.28 -49.39 61.81
O6 NAG PD . 25.90 -51.45 60.56
O7 NAG PD . 20.22 -50.54 59.74
C1 MAN PD . 25.53 -51.04 59.25
C2 MAN PD . 24.80 -52.17 58.48
C3 MAN PD . 25.14 -52.19 56.99
C4 MAN PD . 25.64 -50.83 56.55
C5 MAN PD . 26.95 -50.58 57.26
C6 MAN PD . 27.63 -49.29 56.79
O2 MAN PD . 23.38 -52.02 58.66
O3 MAN PD . 24.01 -52.58 56.19
O4 MAN PD . 25.81 -50.80 55.12
O5 MAN PD . 26.73 -50.51 58.68
O6 MAN PD . 26.92 -48.18 57.36
C1 NAG QD . 22.72 -34.36 72.14
C2 NAG QD . 21.96 -33.53 73.14
C3 NAG QD . 22.79 -33.41 74.41
C4 NAG QD . 23.31 -34.77 74.90
C5 NAG QD . 23.92 -35.61 73.78
C6 NAG QD . 24.21 -37.05 74.17
C7 NAG QD . 20.46 -31.83 72.20
C8 NAG QD . 20.31 -30.38 71.85
N2 NAG QD . 21.68 -32.21 72.60
O3 NAG QD . 22.00 -32.78 75.42
O4 NAG QD . 24.30 -34.52 75.91
O5 NAG QD . 23.01 -35.66 72.67
O6 NAG QD . 24.81 -37.74 73.07
O7 NAG QD . 19.53 -32.61 72.12
C1 NAG QD . 23.88 -35.09 77.14
C2 NAG QD . 25.05 -34.94 78.09
C3 NAG QD . 24.68 -35.44 79.47
C4 NAG QD . 23.32 -34.91 79.95
C5 NAG QD . 22.23 -34.98 78.88
C6 NAG QD . 21.01 -34.14 79.24
C7 NAG QD . 27.42 -35.18 77.51
C8 NAG QD . 28.45 -36.15 77.02
N2 NAG QD . 26.19 -35.68 77.58
O3 NAG QD . 25.71 -35.02 80.38
O4 NAG QD . 22.93 -35.72 81.06
O5 NAG QD . 22.71 -34.46 77.65
O6 NAG QD . 21.35 -32.74 79.29
O7 NAG QD . 27.70 -34.03 77.83
C1 MAN QD . 20.99 -31.82 78.29
C2 MAN QD . 21.53 -30.62 79.05
C3 MAN QD . 21.00 -29.36 78.40
C4 MAN QD . 20.50 -29.66 77.00
C5 MAN QD . 19.38 -30.70 76.97
C6 MAN QD . 19.27 -31.34 75.60
O2 MAN QD . 22.96 -30.72 79.04
O3 MAN QD . 22.03 -28.38 78.35
O4 MAN QD . 20.03 -28.45 76.41
O5 MAN QD . 19.61 -31.70 77.96
O6 MAN QD . 18.00 -31.07 75.01
C1 NAG RD . -0.64 -43.44 47.02
C2 NAG RD . -0.70 -42.74 48.37
C3 NAG RD . -1.45 -43.60 49.35
C4 NAG RD . -2.78 -44.13 48.77
C5 NAG RD . -2.64 -44.68 47.35
C6 NAG RD . -3.98 -44.96 46.67
C7 NAG RD . 1.65 -43.14 49.27
C8 NAG RD . 2.84 -42.38 49.74
N2 NAG RD . 0.64 -42.37 48.84
O3 NAG RD . -1.68 -42.79 50.49
O4 NAG RD . -3.27 -45.15 49.64
O5 NAG RD . -1.94 -43.75 46.51
O6 NAG RD . -4.35 -43.85 45.86
O7 NAG RD . 1.65 -44.36 49.27
C1 NAG RD . -4.26 -44.61 50.52
C2 NAG RD . -5.15 -45.77 50.99
C3 NAG RD . -6.15 -45.29 52.03
C4 NAG RD . -5.51 -44.43 53.11
C5 NAG RD . -4.71 -43.30 52.46
C6 NAG RD . -4.03 -42.38 53.47
C7 NAG RD . -5.37 -47.17 48.96
C8 NAG RD . -6.33 -47.59 47.88
N2 NAG RD . -5.87 -46.33 49.85
O3 NAG RD . -6.80 -46.43 52.62
O4 NAG RD . -6.54 -43.88 53.94
O5 NAG RD . -3.71 -43.89 51.63
O6 NAG RD . -2.79 -42.94 53.92
O7 NAG RD . -4.21 -47.57 48.99
C1 MAN RD . -1.66 -42.15 53.58
C2 MAN RD . -0.60 -42.21 54.66
C3 MAN RD . 0.71 -41.94 53.95
C4 MAN RD . 0.45 -41.26 52.61
C5 MAN RD . -0.68 -40.22 52.71
C6 MAN RD . -1.04 -39.68 51.35
O2 MAN RD . -0.60 -43.45 55.35
O3 MAN RD . 1.41 -43.18 53.72
O4 MAN RD . 1.65 -40.59 52.19
O5 MAN RD . -1.86 -40.77 53.30
O6 MAN RD . -1.80 -38.50 51.55
C1 NAG SD . 18.15 -71.71 -16.72
C2 NAG SD . 16.65 -71.81 -16.53
C3 NAG SD . 16.02 -72.28 -17.83
C4 NAG SD . 16.45 -71.41 -19.01
C5 NAG SD . 17.98 -71.35 -19.10
C6 NAG SD . 18.47 -70.40 -20.19
C7 NAG SD . 16.53 -73.99 -15.24
C8 NAG SD . 15.95 -74.55 -13.98
N2 NAG SD . 16.33 -72.67 -15.40
O3 NAG SD . 14.61 -72.22 -17.64
O4 NAG SD . 15.91 -71.94 -20.23
O5 NAG SD . 18.53 -70.91 -17.85
O6 NAG SD . 18.23 -69.05 -19.81
O7 NAG SD . 17.11 -74.72 -16.04
C1 NAG SD . 14.86 -71.06 -20.68
C2 NAG SD . 14.80 -71.12 -22.21
C3 NAG SD . 13.64 -70.27 -22.73
C4 NAG SD . 12.34 -70.62 -22.00
C5 NAG SD . 12.52 -70.56 -20.48
C6 NAG SD . 11.27 -71.02 -19.75
C7 NAG SD . 16.94 -71.57 -23.30
C8 NAG SD . 18.17 -70.96 -23.90
N2 NAG SD . 16.06 -70.70 -22.80
O3 NAG SD . 13.49 -70.47 -24.14
O4 NAG SD . 11.34 -69.69 -22.42
O5 NAG SD . 13.61 -71.41 -20.11
O6 NAG SD . 11.63 -71.91 -18.67
O7 NAG SD . 16.77 -72.78 -23.27
C1 MAN SD . 11.01 -73.20 -18.83
C2 MAN SD . 10.89 -73.89 -17.48
C3 MAN SD . 12.26 -74.28 -16.94
C4 MAN SD . 13.10 -75.03 -17.99
C5 MAN SD . 13.07 -74.27 -19.33
C6 MAN SD . 13.83 -75.03 -20.40
O2 MAN SD . 10.10 -75.07 -17.67
O3 MAN SD . 12.12 -75.11 -15.79
O4 MAN SD . 14.43 -75.15 -17.52
O5 MAN SD . 11.73 -74.05 -19.74
O6 MAN SD . 14.05 -74.15 -21.51
C1 NAG TD . 26.36 -61.29 -23.26
C2 NAG TD . 26.28 -62.80 -23.17
C3 NAG TD . 26.41 -63.39 -24.56
C4 NAG TD . 25.46 -62.73 -25.56
C5 NAG TD . 25.57 -61.21 -25.49
C6 NAG TD . 24.55 -60.45 -26.31
C7 NAG TD . 27.05 -64.32 -21.43
C8 NAG TD . 28.21 -64.77 -20.61
N2 NAG TD . 27.30 -63.32 -22.29
O3 NAG TD . 26.15 -64.79 -24.46
O4 NAG TD . 25.79 -63.18 -26.88
O5 NAG TD . 25.38 -60.76 -24.15
O6 NAG TD . 24.94 -59.07 -26.33
O7 NAG TD . 25.95 -64.82 -21.33
C1 NAG TD . 24.75 -64.01 -27.42
C2 NAG TD . 24.82 -63.94 -28.94
C3 NAG TD . 23.78 -64.84 -29.60
C4 NAG TD . 23.71 -66.22 -28.95
C5 NAG TD . 23.72 -66.15 -27.41
C6 NAG TD . 23.76 -67.51 -26.71
C7 NAG TD . 25.65 -61.85 -29.82
C8 NAG TD . 25.34 -60.41 -30.07
N2 NAG TD . 24.62 -62.58 -29.38
O3 NAG TD . 24.05 -64.94 -31.01
O4 NAG TD . 22.53 -66.88 -29.40
O5 NAG TD . 24.83 -65.36 -26.98
O6 NAG TD . 23.91 -67.38 -25.29
O7 NAG TD . 26.75 -62.32 -30.00
C1 MAN TD . 24.01 -68.65 -24.61
C2 MAN TD . 23.95 -68.42 -23.08
C3 MAN TD . 25.31 -67.99 -22.50
C4 MAN TD . 26.45 -68.84 -23.03
C5 MAN TD . 26.41 -68.85 -24.55
C6 MAN TD . 27.53 -69.66 -25.16
O2 MAN TD . 23.55 -69.64 -22.47
O3 MAN TD . 25.28 -68.08 -21.06
O4 MAN TD . 27.69 -68.33 -22.55
O5 MAN TD . 25.17 -69.42 -24.95
O6 MAN TD . 27.29 -69.72 -26.58
C1 NAG UD . 33.81 -72.70 -28.53
C2 NAG UD . 33.19 -74.05 -28.18
C3 NAG UD . 33.75 -75.12 -29.11
C4 NAG UD . 33.71 -74.71 -30.58
C5 NAG UD . 34.32 -73.32 -30.78
C6 NAG UD . 34.18 -72.79 -32.20
C7 NAG UD . 34.54 -74.68 -26.12
C8 NAG UD . 34.34 -75.02 -24.67
N2 NAG UD . 33.39 -74.40 -26.78
O3 NAG UD . 33.00 -76.32 -28.89
O4 NAG UD . 34.42 -75.71 -31.32
O5 NAG UD . 33.65 -72.39 -29.90
O6 NAG UD . 33.51 -71.51 -32.18
O7 NAG UD . 35.65 -74.66 -26.61
C1 NAG UD . 33.61 -76.22 -32.38
C2 NAG UD . 34.55 -76.49 -33.55
C3 NAG UD . 33.74 -77.09 -34.68
C4 NAG UD . 33.15 -78.44 -34.27
C5 NAG UD . 32.86 -78.60 -32.77
C6 NAG UD . 33.89 -79.52 -32.12
C7 NAG UD . 36.49 -75.01 -33.60
C8 NAG UD . 37.09 -73.78 -34.22
N2 NAG UD . 35.24 -75.29 -33.98
O3 NAG UD . 34.56 -77.25 -35.83
O4 NAG UD . 31.95 -78.65 -35.01
O5 NAG UD . 32.78 -77.36 -32.03
O6 NAG UD . 33.59 -79.85 -30.76
O7 NAG UD . 37.12 -75.70 -32.80
C1 MAN UD . 34.38 -79.17 -29.78
C2 MAN UD . 35.86 -79.57 -29.87
C3 MAN UD . 36.55 -79.65 -28.50
C4 MAN UD . 35.79 -78.80 -27.49
C5 MAN UD . 34.41 -79.43 -27.31
C6 MAN UD . 33.61 -78.74 -26.21
O2 MAN UD . 36.56 -78.64 -30.70
O3 MAN UD . 37.91 -79.24 -28.55
O4 MAN UD . 36.50 -78.75 -26.25
O5 MAN UD . 33.69 -79.39 -28.53
O6 MAN UD . 33.14 -77.49 -26.71
C1 NAG VD . 41.48 -68.27 -14.34
C2 NAG VD . 42.67 -68.90 -13.60
C3 NAG VD . 43.66 -69.48 -14.61
C4 NAG VD . 42.98 -70.34 -15.68
C5 NAG VD . 41.79 -69.60 -16.30
C6 NAG VD . 40.97 -70.45 -17.27
C7 NAG VD . 43.99 -66.85 -12.93
C8 NAG VD . 44.54 -66.17 -11.72
N2 NAG VD . 43.31 -67.98 -12.68
O3 NAG VD . 44.63 -70.24 -13.90
O4 NAG VD . 43.97 -70.64 -16.67
O5 NAG VD . 40.91 -69.18 -15.27
O6 NAG VD . 39.61 -70.56 -16.82
O7 NAG VD . 44.18 -66.38 -14.05
C1 NAG VD . 44.05 -72.06 -16.88
C2 NAG VD . 44.32 -72.26 -18.36
C3 NAG VD . 44.46 -73.74 -18.61
C4 NAG VD . 45.67 -74.30 -17.88
C5 NAG VD . 46.04 -73.59 -16.56
C6 NAG VD . 47.29 -72.74 -16.76
C7 NAG VD . 43.41 -70.49 -19.78
C8 NAG VD . 42.29 -70.10 -20.69
N2 NAG VD . 43.29 -71.68 -19.19
O3 NAG VD . 44.61 -73.99 -20.02
O4 NAG VD . 45.42 -75.68 -17.59
O5 NAG VD . 44.98 -72.76 -16.01
O6 NAG VD . 47.78 -72.16 -15.53
O7 NAG VD . 44.39 -69.76 -19.60
C1 MAN VD . 47.51 -70.77 -15.37
C2 MAN VD . 48.28 -69.92 -16.43
C3 MAN VD . 48.78 -68.59 -15.88
C4 MAN VD . 47.97 -68.18 -14.67
C5 MAN VD . 48.25 -69.21 -13.57
C6 MAN VD . 47.60 -68.84 -12.25
O2 MAN VD . 47.42 -69.70 -17.56
O3 MAN VD . 48.72 -67.55 -16.87
O4 MAN VD . 48.33 -66.87 -14.24
O5 MAN VD . 47.79 -70.50 -13.99
O6 MAN VD . 46.19 -69.10 -12.34
C1 NAG WD . 29.36 -81.03 -11.30
C2 NAG WD . 28.06 -81.72 -11.68
C3 NAG WD . 28.11 -83.15 -11.16
C4 NAG WD . 29.42 -83.87 -11.53
C5 NAG WD . 30.66 -83.02 -11.27
C6 NAG WD . 31.94 -83.62 -11.84
C7 NAG WD . 26.10 -80.28 -11.85
C8 NAG WD . 24.87 -79.78 -11.14
N2 NAG WD . 26.92 -81.01 -11.11
O3 NAG WD . 26.98 -83.86 -11.67
O4 NAG WD . 29.47 -85.08 -10.77
O5 NAG WD . 30.48 -81.73 -11.85
O6 NAG WD . 33.04 -82.76 -11.53
O7 NAG WD . 26.31 -80.01 -13.02
C1 NAG WD . 29.51 -86.20 -11.65
C2 NAG WD . 29.75 -87.41 -10.79
C3 NAG WD . 29.72 -88.67 -11.63
C4 NAG WD . 28.52 -88.73 -12.56
C5 NAG WD . 28.24 -87.42 -13.29
C6 NAG WD . 26.85 -87.36 -13.92
C7 NAG WD . 31.16 -87.50 -8.78
C8 NAG WD . 32.55 -87.34 -8.25
N2 NAG WD . 31.02 -87.29 -10.09
O3 NAG WD . 29.70 -89.80 -10.75
O4 NAG WD . 28.77 -89.75 -13.53
O5 NAG WD . 28.30 -86.33 -12.39
O6 NAG WD . 25.82 -87.40 -12.91
O7 NAG WD . 30.22 -87.83 -8.06
C1 MAN WD . 25.08 -86.27 -12.54
C2 MAN WD . 24.18 -87.04 -11.60
C3 MAN WD . 22.99 -86.19 -11.26
C4 MAN WD . 23.28 -84.72 -11.57
C5 MAN WD . 23.62 -84.49 -13.04
C6 MAN WD . 24.39 -83.19 -13.21
O2 MAN WD . 24.96 -87.43 -10.46
O3 MAN WD . 22.67 -86.33 -9.87
O4 MAN WD . 22.13 -83.93 -11.22
O5 MAN WD . 24.37 -85.57 -13.56
O6 MAN WD . 23.67 -82.26 -14.02
C1 NAG XD . 30.77 -51.36 -30.70
C2 NAG XD . 29.86 -52.57 -30.62
C3 NAG XD . 30.01 -53.39 -31.89
C4 NAG XD . 29.92 -52.51 -33.16
C5 NAG XD . 30.76 -51.22 -33.06
C6 NAG XD . 30.47 -50.24 -34.18
C7 NAG XD . 31.17 -54.11 -29.07
C8 NAG XD . 31.01 -54.83 -27.76
N2 NAG XD . 30.11 -53.36 -29.41
O3 NAG XD . 28.97 -54.35 -31.87
O4 NAG XD . 30.36 -53.30 -34.26
O5 NAG XD . 30.50 -50.54 -31.83
O6 NAG XD . 29.53 -49.26 -33.75
O7 NAG XD . 32.20 -54.21 -29.72
C1 NAG XD . 29.23 -53.83 -34.97
C2 NAG XD . 29.67 -54.12 -36.41
C3 NAG XD . 28.55 -54.81 -37.17
C4 NAG XD . 27.92 -55.96 -36.39
C5 NAG XD . 27.50 -55.46 -35.01
C6 NAG XD . 26.85 -56.54 -34.15
C7 NAG XD . 31.18 -52.24 -36.95
C8 NAG XD . 31.28 -50.98 -37.75
N2 NAG XD . 30.02 -52.89 -37.08
O3 NAG XD . 29.07 -55.29 -38.42
O4 NAG XD . 26.77 -56.44 -37.11
O5 NAG XD . 28.67 -54.99 -34.34
O6 NAG XD . 27.84 -57.35 -33.51
O7 NAG XD . 32.07 -52.61 -36.20
C1 MAN XD . 27.80 -57.27 -32.09
C2 MAN XD . 28.14 -58.60 -31.45
C3 MAN XD . 28.71 -58.25 -30.09
C4 MAN XD . 28.29 -56.84 -29.68
C5 MAN XD . 26.83 -56.55 -30.09
C6 MAN XD . 26.48 -55.10 -29.85
O2 MAN XD . 29.06 -59.35 -32.24
O3 MAN XD . 30.15 -58.33 -30.12
O4 MAN XD . 28.40 -56.70 -28.27
O5 MAN XD . 26.59 -56.83 -31.47
O6 MAN XD . 25.06 -55.00 -29.89
C1 NAG YD . 77.22 2.49 -18.11
C2 NAG YD . 76.52 2.70 -19.43
C3 NAG YD . 76.88 4.08 -19.96
C4 NAG YD . 76.60 5.17 -18.92
C5 NAG YD . 77.33 4.85 -17.61
C6 NAG YD . 76.99 5.84 -16.50
C7 NAG YD . 78.04 1.33 -20.93
C8 NAG YD . 77.97 0.24 -21.94
N2 NAG YD . 76.86 1.63 -20.36
O3 NAG YD . 76.09 4.28 -21.13
O4 NAG YD . 77.03 6.43 -19.42
O5 NAG YD . 76.97 3.54 -17.16
O6 NAG YD . 75.65 5.64 -16.05
O7 NAG YD . 79.11 1.88 -20.69
C1 NAG YD . 75.88 7.23 -19.74
C2 NAG YD . 76.20 8.71 -19.54
C3 NAG YD . 75.01 9.58 -19.94
C4 NAG YD . 74.52 9.20 -21.34
C5 NAG YD . 74.24 7.70 -21.44
C6 NAG YD . 73.87 7.29 -22.87
C7 NAG YD . 77.87 9.14 -17.80
C8 NAG YD . 78.08 9.43 -16.34
N2 NAG YD . 76.59 8.96 -18.16
O3 NAG YD . 75.41 10.96 -19.91
O4 NAG YD . 73.33 9.95 -21.60
O5 NAG YD . 75.42 6.98 -21.07
O6 NAG YD . 74.56 6.10 -23.24
O7 NAG YD . 78.80 9.06 -18.58
C1 MAN YD . 75.39 6.31 -24.39
C2 MAN YD . 75.63 5.00 -25.13
C3 MAN YD . 76.54 4.08 -24.31
C4 MAN YD . 77.79 4.81 -23.81
C5 MAN YD . 77.42 6.14 -23.17
C6 MAN YD . 78.65 6.92 -22.74
O2 MAN YD . 76.27 5.30 -26.37
O3 MAN YD . 76.95 2.96 -25.09
O4 MAN YD . 78.46 3.99 -22.85
O5 MAN YD . 76.65 6.94 -24.09
O6 MAN YD . 78.26 8.00 -21.89
C1 NAG ZD . 73.82 7.38 -4.57
C2 NAG ZD . 75.04 7.20 -5.45
C3 NAG ZD . 75.90 8.44 -5.39
C4 NAG ZD . 75.08 9.72 -5.64
C5 NAG ZD . 73.83 9.74 -4.75
C6 NAG ZD . 72.85 10.87 -5.04
C7 NAG ZD . 76.34 5.20 -5.94
C8 NAG ZD . 77.13 4.05 -5.36
N2 NAG ZD . 75.80 6.04 -5.05
O3 NAG ZD . 76.93 8.30 -6.36
O4 NAG ZD . 75.90 10.86 -5.35
O5 NAG ZD . 73.08 8.54 -4.93
O6 NAG ZD . 71.90 10.89 -3.98
O7 NAG ZD . 76.21 5.35 -7.14
C1 NAG ZD . 76.20 11.59 -6.54
C2 NAG ZD . 76.50 13.04 -6.17
C3 NAG ZD . 76.87 13.88 -7.38
C4 NAG ZD . 77.88 13.16 -8.28
C5 NAG ZD . 77.49 11.69 -8.54
C6 NAG ZD . 78.52 10.90 -9.36
C7 NAG ZD . 75.32 13.81 -4.21
C8 NAG ZD . 74.00 14.26 -3.64
N2 NAG ZD . 75.34 13.61 -5.52
O3 NAG ZD . 77.40 15.15 -6.94
O4 NAG ZD . 77.95 13.86 -9.53
O5 NAG ZD . 77.29 11.04 -7.28
O6 NAG ZD . 78.18 9.49 -9.44
O7 NAG ZD . 76.31 13.65 -3.51
C1 MAN ZD . 79.16 8.71 -10.16
C2 MAN ZD . 78.62 7.30 -10.36
C3 MAN ZD . 78.81 6.40 -9.13
C4 MAN ZD . 80.20 6.53 -8.53
C5 MAN ZD . 80.50 8.01 -8.29
C6 MAN ZD . 81.87 8.24 -7.69
O2 MAN ZD . 79.32 6.72 -11.46
O3 MAN ZD . 78.58 5.02 -9.46
O4 MAN ZD . 80.29 5.79 -7.32
O5 MAN ZD . 80.46 8.68 -9.54
O6 MAN ZD . 82.11 9.65 -7.64
C1 NAG AE . 88.24 9.51 -3.44
C2 NAG AE . 89.00 9.24 -4.74
C3 NAG AE . 90.37 9.89 -4.67
C4 NAG AE . 90.32 11.35 -4.21
C5 NAG AE . 89.48 11.49 -2.93
C6 NAG AE . 89.25 12.93 -2.49
C7 NAG AE . 89.75 6.86 -4.34
C8 NAG AE . 89.65 5.49 -4.95
N2 NAG AE . 89.09 7.81 -5.01
O3 NAG AE . 90.97 9.80 -5.96
O4 NAG AE . 91.66 11.79 -4.00
O5 NAG AE . 88.19 10.91 -3.15
O6 NAG AE . 87.85 13.20 -2.37
O7 NAG AE . 90.39 7.03 -3.31
C1 NAG AE . 91.91 12.99 -4.75
C2 NAG AE . 92.84 13.83 -3.88
C3 NAG AE . 93.19 15.09 -4.65
C4 NAG AE . 93.96 14.74 -5.93
C5 NAG AE . 93.64 13.36 -6.55
C6 NAG AE . 94.79 12.39 -6.30
C7 NAG AE . 92.56 13.47 -1.49
C8 NAG AE . 91.94 14.00 -0.22
N2 NAG AE . 92.26 14.15 -2.60
O3 NAG AE . 93.98 15.96 -3.84
O4 NAG AE . 93.70 15.76 -6.89
O5 NAG AE . 92.39 12.78 -6.10
O6 NAG AE . 94.63 11.15 -6.98
O7 NAG AE . 93.29 12.49 -1.48
C1 MAN AE . 94.23 10.05 -6.15
C2 MAN AE . 95.33 9.69 -5.12
C3 MAN AE . 95.44 8.19 -4.86
C4 MAN AE . 94.14 7.49 -5.22
C5 MAN AE . 93.96 7.64 -6.73
C6 MAN AE . 92.76 6.86 -7.25
O2 MAN AE . 95.06 10.38 -3.89
O3 MAN AE . 95.78 7.90 -3.50
O4 MAN AE . 94.18 6.11 -4.84
O5 MAN AE . 93.83 9.02 -7.08
O6 MAN AE . 91.57 7.57 -6.87
C1 NAG BE . 85.31 -5.82 2.58
C2 NAG BE . 86.28 -6.90 3.07
C3 NAG BE . 87.47 -6.24 3.79
C4 NAG BE . 88.08 -5.10 2.98
C5 NAG BE . 86.99 -4.12 2.48
C6 NAG BE . 87.52 -3.04 1.55
C7 NAG BE . 85.05 -7.74 5.12
C8 NAG BE . 84.50 -9.00 5.71
N2 NAG BE . 85.62 -7.90 3.92
O3 NAG BE . 88.43 -7.25 4.05
O4 NAG BE . 89.03 -4.45 3.82
O5 NAG BE . 86.00 -4.85 1.79
O6 NAG BE . 86.84 -3.12 0.28
O7 NAG BE . 84.98 -6.69 5.74
C1 NAG BE . 90.30 -4.38 3.16
C2 NAG BE . 90.93 -3.05 3.56
C3 NAG BE . 92.30 -2.96 2.95
C4 NAG BE . 93.22 -4.04 3.51
C5 NAG BE . 92.51 -5.34 3.94
C6 NAG BE . 92.45 -5.43 5.47
C7 NAG BE . 89.28 -1.31 4.02
C8 NAG BE . 88.59 -0.09 3.47
N2 NAG BE . 90.10 -1.92 3.17
O3 NAG BE . 92.87 -1.67 3.21
O4 NAG BE . 94.20 -4.37 2.52
O5 NAG BE . 91.18 -5.51 3.40
O6 NAG BE . 91.95 -6.68 5.95
O7 NAG BE . 89.09 -1.68 5.17
C1 MAN BE . 90.61 -6.66 6.44
C2 MAN BE . 90.49 -5.78 7.71
C3 MAN BE . 89.50 -6.34 8.73
C4 MAN BE . 88.50 -7.26 8.04
C5 MAN BE . 89.28 -8.46 7.53
C6 MAN BE . 88.36 -9.53 6.92
O2 MAN BE . 90.11 -4.46 7.34
O3 MAN BE . 88.80 -5.30 9.43
O4 MAN BE . 87.47 -7.66 8.95
O5 MAN BE . 90.24 -8.04 6.54
O6 MAN BE . 87.92 -9.08 5.65
C1 NAG CE . 89.49 -6.48 -14.79
C2 NAG CE . 89.51 -5.82 -16.16
C3 NAG CE . 90.63 -6.44 -16.97
C4 NAG CE . 91.96 -6.49 -16.20
C5 NAG CE . 91.80 -7.03 -14.77
C6 NAG CE . 93.05 -6.86 -13.92
C7 NAG CE . 87.35 -5.01 -16.99
C8 NAG CE . 86.18 -5.31 -17.87
N2 NAG CE . 88.24 -6.00 -16.83
O3 NAG CE . 90.77 -5.70 -18.18
O4 NAG CE . 92.85 -7.34 -16.93
O5 NAG CE . 90.74 -6.31 -14.12
O6 NAG CE . 92.81 -7.40 -12.61
O7 NAG CE . 87.48 -3.93 -16.44
C1 NAG CE . 93.99 -6.58 -17.33
C2 NAG CE . 94.96 -7.59 -17.94
C3 NAG CE . 96.19 -6.87 -18.46
C4 NAG CE . 95.84 -5.65 -19.31
C5 NAG CE . 94.75 -4.77 -18.70
C6 NAG CE . 94.15 -3.79 -19.71
C7 NAG CE . 95.31 -9.90 -17.21
C8 NAG CE . 95.74 -10.78 -16.07
N2 NAG CE . 95.33 -8.58 -16.96
O3 NAG CE . 96.94 -7.79 -19.26
O4 NAG CE . 97.02 -4.86 -19.46
O5 NAG CE . 93.66 -5.56 -18.26
O6 NAG CE . 93.46 -4.48 -20.77
O7 NAG CE . 94.97 -10.36 -18.29
C1 MAN CE . 92.06 -4.54 -20.86
C2 MAN CE . 92.07 -5.27 -22.19
C3 MAN CE . 90.68 -5.21 -22.80
C4 MAN CE . 89.67 -4.86 -21.72
C5 MAN CE . 89.94 -3.52 -21.04
C6 MAN CE . 89.26 -3.46 -19.67
O2 MAN CE . 92.54 -6.60 -21.96
O3 MAN CE . 90.35 -6.46 -23.37
O4 MAN CE . 88.36 -4.82 -22.31
O5 MAN CE . 91.34 -3.32 -20.89
O6 MAN CE . 88.29 -2.42 -19.63
C1 NAG DE . 69.16 14.11 5.74
C2 NAG DE . 69.73 14.19 4.33
C3 NAG DE . 70.75 15.30 4.28
C4 NAG DE . 70.23 16.61 4.90
C5 NAG DE . 69.54 16.39 6.25
C6 NAG DE . 68.79 17.64 6.75
C7 NAG DE . 71.34 12.22 4.31
C8 NAG DE . 71.61 10.96 3.56
N2 NAG DE . 70.26 12.90 3.90
O3 NAG DE . 71.05 15.49 2.89
O4 NAG DE . 71.34 17.50 5.05
O5 NAG DE . 68.57 15.34 6.16
O6 NAG DE . 67.40 17.55 6.40
O7 NAG DE . 72.07 12.58 5.24
C1 NAG DE . 71.38 18.43 3.97
C2 NAG DE . 72.14 19.67 4.45
C3 NAG DE . 72.33 20.65 3.31
C4 NAG DE . 72.82 19.99 2.03
C5 NAG DE . 71.91 18.81 1.68
C6 NAG DE . 72.33 18.09 0.41
C7 NAG DE . 71.40 19.93 6.80
C8 NAG DE . 70.55 20.78 7.70
N2 NAG DE . 71.42 20.33 5.52
O3 NAG DE . 73.25 21.68 3.72
O4 NAG DE . 72.81 20.94 0.97
O5 NAG DE . 71.95 17.89 2.77
O6 NAG DE . 73.37 17.13 0.68
O7 NAG DE . 72.00 18.94 7.20
C1 MAN DE . 72.98 15.78 0.42
C2 MAN DE . 74.15 14.98 -0.11
C3 MAN DE . 73.85 13.54 0.29
C4 MAN DE . 72.36 13.37 0.60
C5 MAN DE . 71.48 14.17 -0.37
C6 MAN DE . 70.04 14.16 0.06
O2 MAN DE . 75.39 15.43 0.40
O3 MAN DE . 74.61 13.18 1.44
O4 MAN DE . 72.01 12.01 0.50
O5 MAN DE . 71.88 15.55 -0.45
O6 MAN DE . 69.25 14.60 -1.05
C1 NAG EE . 43.96 -6.18 70.26
C2 NAG EE . 43.71 -4.71 70.05
C3 NAG EE . 42.83 -4.19 71.18
C4 NAG EE . 41.57 -5.03 71.32
C5 NAG EE . 41.91 -6.50 71.51
C6 NAG EE . 40.68 -7.40 71.56
C7 NAG EE . 45.93 -3.79 70.87
C8 NAG EE . 47.04 -2.90 70.42
N2 NAG EE . 44.98 -3.99 69.95
O3 NAG EE . 42.52 -2.84 70.85
O4 NAG EE . 40.81 -4.55 72.44
O5 NAG EE . 42.75 -6.95 70.44
O6 NAG EE . 40.09 -7.49 70.27
O7 NAG EE . 45.94 -4.26 72.00
C1 NAG EE . 39.64 -3.88 71.97
C2 NAG EE . 38.50 -4.03 72.98
C3 NAG EE . 37.27 -3.26 72.54
C4 NAG EE . 37.63 -1.81 72.18
C5 NAG EE . 38.78 -1.76 71.17
C6 NAG EE . 39.24 -0.34 70.91
C7 NAG EE . 38.60 -6.11 74.27
C8 NAG EE . 38.16 -7.54 74.33
N2 NAG EE . 38.19 -5.44 73.20
O3 NAG EE . 36.29 -3.29 73.58
O4 NAG EE . 36.46 -1.19 71.63
O5 NAG EE . 39.89 -2.51 71.70
O6 NAG EE . 40.68 -0.26 70.92
O7 NAG EE . 39.28 -5.61 75.15
C1 MAN EE . 41.13 0.66 71.93
C2 MAN EE . 42.52 1.18 71.57
C3 MAN EE . 43.57 0.08 71.70
C4 MAN EE . 43.47 -0.68 73.02
C5 MAN EE . 42.02 -1.08 73.30
C6 MAN EE . 41.89 -1.76 74.65
O2 MAN EE . 42.84 2.23 72.49
O3 MAN EE . 44.88 0.63 71.57
O4 MAN EE . 44.30 -1.83 72.96
O5 MAN EE . 41.16 0.07 73.25
O6 MAN EE . 40.61 -2.38 74.74
C1 NAG FE . 35.31 -17.86 67.51
C2 NAG FE . 36.25 -17.36 68.59
C3 NAG FE . 35.61 -17.55 69.95
C4 NAG FE . 34.18 -16.99 69.99
C5 NAG FE . 33.35 -17.49 68.80
C6 NAG FE . 31.98 -16.86 68.66
C7 NAG FE . 38.68 -17.42 68.71
C8 NAG FE . 39.91 -18.27 68.65
N2 NAG FE . 37.53 -18.05 68.54
O3 NAG FE . 36.45 -16.91 70.92
O4 NAG FE . 33.56 -17.39 71.22
O5 NAG FE . 34.04 -17.22 67.58
O6 NAG FE . 31.27 -17.61 67.66
O7 NAG FE . 38.74 -16.21 68.89
C1 NAG FE . 33.34 -16.28 72.08
C2 NAG FE . 32.19 -16.60 73.02
C3 NAG FE . 31.91 -15.47 74.02
C4 NAG FE . 33.21 -14.93 74.64
C5 NAG FE . 34.31 -14.69 73.58
C6 NAG FE . 35.65 -14.25 74.16
C7 NAG FE . 30.54 -18.09 72.10
C8 NAG FE . 29.40 -18.25 71.13
N2 NAG FE . 30.99 -16.86 72.26
O3 NAG FE . 31.01 -15.93 75.04
O4 NAG FE . 32.90 -13.70 75.30
O5 NAG FE . 34.50 -15.90 72.83
O6 NAG FE . 36.70 -14.19 73.15
O7 NAG FE . 31.02 -19.05 72.68
C1 MAN FE . 37.98 -13.83 73.68
C2 MAN FE . 38.96 -13.60 72.51
C3 MAN FE . 39.55 -14.91 71.97
C4 MAN FE . 40.00 -15.83 73.08
C5 MAN FE . 38.86 -16.04 74.06
C6 MAN FE . 39.22 -16.95 75.20
O2 MAN FE . 40.02 -12.78 72.99
O3 MAN FE . 40.67 -14.64 71.11
O4 MAN FE . 40.43 -17.08 72.53
O5 MAN FE . 38.53 -14.76 74.62
O6 MAN FE . 38.13 -16.95 76.14
C1 NAG GE . 40.38 -22.66 80.35
C2 NAG GE . 41.27 -21.64 81.08
C3 NAG GE . 41.37 -22.02 82.55
C4 NAG GE . 40.01 -22.33 83.19
C5 NAG GE . 39.21 -23.33 82.32
C6 NAG GE . 37.80 -23.56 82.82
C7 NAG GE . 43.57 -22.42 80.36
C8 NAG GE . 44.79 -21.93 79.67
N2 NAG GE . 42.57 -21.52 80.46
O3 NAG GE . 42.01 -20.95 83.23
O4 NAG GE . 40.28 -22.85 84.50
O5 NAG GE . 39.12 -22.81 80.99
O6 NAG GE . 36.85 -23.28 81.78
O7 NAG GE . 43.52 -23.57 80.80
C1 NAG GE . 39.54 -22.12 85.48
C2 NAG GE . 39.10 -23.12 86.53
C3 NAG GE . 38.37 -22.37 87.62
C4 NAG GE . 39.31 -21.38 88.33
C5 NAG GE . 40.44 -20.81 87.45
C6 NAG GE . 41.78 -21.45 87.83
C7 NAG GE . 38.77 -25.37 85.66
C8 NAG GE . 37.75 -26.38 85.19
N2 NAG GE . 38.28 -24.17 85.98
O3 NAG GE . 37.86 -23.30 88.59
O4 NAG GE . 38.53 -20.31 88.82
O5 NAG GE . 40.23 -20.97 86.02
O6 NAG GE . 42.90 -20.85 87.16
O7 NAG GE . 39.96 -25.65 85.74
C1 MAN GE . 43.45 -21.62 86.10
C2 MAN GE . 44.08 -22.94 86.63
C3 MAN GE . 45.36 -23.35 85.88
C4 MAN GE . 45.37 -22.70 84.50
C5 MAN GE . 45.47 -21.20 84.71
C6 MAN GE . 45.64 -20.44 83.40
O2 MAN GE . 43.11 -24.00 86.55
O3 MAN GE . 45.47 -24.77 85.76
O4 MAN GE . 46.47 -23.20 83.74
O5 MAN GE . 44.31 -20.71 85.39
O6 MAN GE . 44.39 -20.43 82.73
C1 NAG HE . 50.62 -28.88 68.68
C2 NAG HE . 51.90 -29.71 68.81
C3 NAG HE . 51.78 -30.65 70.01
C4 NAG HE . 51.30 -29.95 71.28
C5 NAG HE . 50.04 -29.11 70.98
C6 NAG HE . 49.59 -28.26 72.17
C7 NAG HE . 51.58 -31.42 66.97
C8 NAG HE . 52.23 -31.94 65.73
N2 NAG HE . 52.24 -30.42 67.59
O3 NAG HE . 53.05 -31.26 70.23
O4 NAG HE . 51.04 -30.97 72.25
O5 NAG HE . 50.31 -28.23 69.90
O6 NAG HE . 49.58 -26.87 71.81
O7 NAG HE . 50.52 -31.91 67.37
C1 NAG HE . 51.75 -30.68 73.46
C2 NAG HE . 50.85 -31.12 74.61
C3 NAG HE . 51.58 -30.89 75.90
C4 NAG HE . 52.83 -31.77 75.98
C5 NAG HE . 53.48 -32.09 74.62
C6 NAG HE . 53.22 -33.55 74.25
C7 NAG HE . 48.47 -30.97 74.07
C8 NAG HE . 47.22 -30.16 74.25
N2 NAG HE . 49.57 -30.43 74.59
O3 NAG HE . 50.72 -31.18 77.01
O4 NAG HE . 53.79 -31.11 76.81
O5 NAG HE . 53.09 -31.23 73.53
O6 NAG HE . 53.92 -33.97 73.08
O7 NAG HE . 48.45 -32.06 73.52
C1 MAN HE . 53.14 -34.08 71.89
C2 MAN HE . 52.07 -35.20 72.02
C3 MAN HE . 51.83 -35.96 70.71
C4 MAN HE . 52.26 -35.10 69.53
C5 MAN HE . 53.77 -34.91 69.64
C6 MAN HE . 54.35 -34.18 68.43
O2 MAN HE . 50.84 -34.64 72.48
O3 MAN HE . 50.46 -36.36 70.56
O4 MAN HE . 51.91 -35.74 68.29
O5 MAN HE . 54.10 -34.19 70.83
O6 MAN HE . 54.01 -32.80 68.53
C1 NAG IE . 56.88 -13.39 75.05
C2 NAG IE . 56.62 -12.03 75.66
C3 NAG IE . 57.87 -11.60 76.42
C4 NAG IE . 58.41 -12.70 77.34
C5 NAG IE . 58.48 -14.08 76.65
C6 NAG IE . 58.78 -15.22 77.62
C7 NAG IE . 55.05 -10.59 74.47
C8 NAG IE . 54.92 -9.44 73.51
N2 NAG IE . 56.28 -11.05 74.65
O3 NAG IE . 57.57 -10.42 77.16
O4 NAG IE . 59.72 -12.31 77.78
O5 NAG IE . 57.22 -14.36 76.05
O6 NAG IE . 58.84 -16.44 76.89
O7 NAG IE . 54.08 -11.05 75.05
C1 NAG IE . 59.73 -12.18 79.19
C2 NAG IE . 61.17 -11.94 79.58
C3 NAG IE . 61.28 -11.71 81.07
C4 NAG IE . 60.26 -10.71 81.59
C5 NAG IE . 58.85 -10.93 81.04
C6 NAG IE . 57.93 -9.72 81.25
C7 NAG IE . 63.15 -12.91 78.50
C8 NAG IE . 63.86 -14.20 78.18
N2 NAG IE . 61.99 -13.06 79.17
O3 NAG IE . 62.61 -11.23 81.35
O4 NAG IE . 60.21 -10.83 83.02
O5 NAG IE . 58.89 -11.11 79.63
O6 NAG IE . 58.39 -8.58 80.53
O7 NAG IE . 63.60 -11.82 78.18
C1 MAN IE . 57.78 -8.11 79.35
C2 MAN IE . 58.66 -6.89 79.23
C3 MAN IE . 58.06 -5.93 78.25
C4 MAN IE . 57.05 -6.66 77.36
C5 MAN IE . 55.91 -7.28 78.16
C6 MAN IE . 55.25 -8.40 77.37
O2 MAN IE . 59.98 -7.33 78.89
O3 MAN IE . 59.09 -5.37 77.43
O4 MAN IE . 56.51 -5.74 76.41
O5 MAN IE . 56.39 -7.80 79.40
O6 MAN IE . 53.88 -8.09 77.11
C1 NAG JE . 25.16 -25.95 65.28
C2 NAG JE . 25.67 -24.75 66.05
C3 NAG JE . 25.25 -24.88 67.50
C4 NAG JE . 23.76 -25.23 67.65
C5 NAG JE . 23.31 -26.36 66.71
C6 NAG JE . 21.80 -26.54 66.66
C7 NAG JE . 28.14 -25.33 66.37
C8 NAG JE . 29.49 -24.78 66.06
N2 NAG JE . 27.12 -24.58 65.90
O3 NAG JE . 25.53 -23.61 68.11
O4 NAG JE . 23.53 -25.60 69.01
O5 NAG JE . 23.75 -26.10 65.36
O6 NAG JE . 21.26 -25.85 65.53
O7 NAG JE . 28.00 -26.38 66.98
C1 NAG JE . 22.97 -24.50 69.74
C2 NAG JE . 22.21 -25.07 70.93
C3 NAG JE . 21.71 -23.94 71.83
C4 NAG JE . 22.80 -22.90 72.12
C5 NAG JE . 23.41 -22.42 70.81
C6 NAG JE . 24.49 -21.38 71.01
C7 NAG JE . 21.13 -27.11 70.02
C8 NAG JE . 19.81 -27.66 69.60
N2 NAG JE . 21.08 -25.84 70.48
O3 NAG JE . 21.23 -24.51 73.06
O4 NAG JE . 22.20 -21.81 72.83
O5 NAG JE . 23.97 -23.54 70.14
O6 NAG JE . 25.75 -21.99 71.32
O7 NAG JE . 22.18 -27.73 69.93
C1 MAN JE . 26.75 -21.75 70.33
C2 MAN JE . 28.12 -21.61 70.97
C3 MAN JE . 29.11 -22.04 69.89
C4 MAN JE . 28.44 -21.95 68.51
C5 MAN JE . 27.54 -20.71 68.39
C6 MAN JE . 26.76 -20.74 67.10
O2 MAN JE . 28.25 -22.40 72.14
O3 MAN JE . 29.54 -23.37 70.11
O4 MAN JE . 29.45 -21.87 67.51
O5 MAN JE . 26.60 -20.62 69.46
O6 MAN JE . 26.24 -19.43 66.89
#